data_7Z4A
#
_entry.id   7Z4A
#
loop_
_entity.id
_entity.type
_entity.pdbx_description
1 polymer 'Adaptor protein'
2 polymer 'Surface protein'
3 polymer 'Putative tail fiber'
4 polymer 'Portal protein'
5 polymer 'Major head protein'
#
loop_
_entity_poly.entity_id
_entity_poly.type
_entity_poly.pdbx_seq_one_letter_code
_entity_poly.pdbx_strand_id
1 'polypeptide(L)'
;MAMPDVQYPINTYGWLKKAVALWADRDDDEFVNQIPNFINFAEKEIYRNLRIPPLEKEVYLDIKDGVAYIPPDYLEAQWM
MRAKDGTIFQVTSPEEISYRRQHGTINPSHWNNQPVNFARFGSRFIFYPSIEADTPYYPDDGSPLIPAENSVILSYYADP
PEFHEDTDTSTILTIAPELLLYFTLRHACLFVQDDNGVQKWSALGKAILDEMVEQNKKQEYSGSPIAIPNNMTRLQSSLP
DIYGIRTSRV
;
A,N
2 'polypeptide(L)'
;MALYPIKSLGAVGVIADQAPTDLAPNAFTNAINARFVEQRVFKTGGNAPLSYVDEDKDLTPLSFVSMPFDYYSAGNSFLV
VGTNKKLYKLTDESLTDISRKVATVTKKASASIKIYPVVSQIVPKESTISMNFNQTKNLEVSLLPADANNTNLIWEVSNS
SYGSITVDPSDSKLATLTSFEKEGNLVVTISTANESVVAQIAVNIIDGDSGIFLSQDTVTIRKGGTTTLTAVTGKTPVTW
SSNNASIVSVTPNANSLTAVITANGEGNVTITADNGTKTASCEIVSIPQIDSISLSQSDVTVSRGSQYILTATLSPANAP
NQNITWTSSNPNIATVSGTSTQGTINALLAGFTEITATTEEGNRVAVCTVRVDLAGRTMRTSAMAFAAPVSESVETQEEE
VVTPPESEETVYFAEPTSGIDTSGMYEGNNFYDYSNVNDIEGFARASLLATPLSSVTLDIVSASLDVGEEIVITATASPE
GEYSYQWSVDKTGYVSTTSVTGKSIKLVALRKGEINVTCTVSQMTQKDYDAFDDYPWYHAVISNCAVATTHYETPQVKEF
ESEYFVDLPGWGEQTVVDNDGNPSVKKFNWKCERVRSFNNRLFALNMREANASGVTTNYPLRLRWSNFANENKAPTLWDD
FAYDRVVSSDLASNIVGQTQALENGYAGYIDLADSNGSLIDILPLKDYLFVYTEFETYIGSPTNNTYQPLMFKKLFNDSG
ILAPECVVEVEGSHFVVTQNDVILHNGATKKSIASNRVKNMLINEVCLVNPLATRVHLHQDKKEVWVLYVGPGEPKESFA
CTKAAVWNYEFDTWSFRTIPYAQCIGLVDPPVLERGPIWSDFQEITWDDPSIKELVWRKDATNFRQRVTIVGSFLKGFYQ
VDVGALDYFYDRLNDVVIEKPLEMRLERTGIDFDNVTNEWNQKHINRFRPQTTGSGTYIFEAGGSQFSNEYGHPHTSKTY
TIGVDRHVSVRLNHPYLFYNVIDNDVNSNAAINGLTIEFAVGGRR
;
V
3 'polypeptide(L)'
;MIVYNNQAPDAVNNVGQFGATEGSIGAYKQAAEYAADSKYWALLAESKFGTIDDLIAEVERLYQQGVLMKQDIEDLKQDF
KDQDARLMSLIAQTNAAVSDANNAVALINQKLIEVQNQLDVLLGMSVDVTTLPPGTPATGSFNPNTGVISLGIPEGEPGK
DGSVKDLDTAPTGVPELGDLGFYVDKDDNTVHKTTLENIANLTPSVRSVSVNGGPALDGEVALTINKETVGLGNVLNVAQ
YSRQEINDKFDKTTKTYQSKAEAYADAQYRQVGEKVLVWEATKYEFYTVAANKTLTPVKTEGRILTVNSRSPDSSGNIDI
TIPTGNPSLYLGEMVMFPYDPSKNISYPGVLPADGRLVSKESASDLGPSLVSGQLPVVSETEWQSGAKQYFSWGKLADGI
TDADSTNFINIRLPDWTGGEAIRAPDSDKDSQYNGSVQAQKPYVVTVNNQAPDEITGNVNISRSILGAASSGANSDITSL
SGLTTPLSISQGGTGAKDAASARSNLGLGSVSTLDNVPIASGGTGAGDAAGARFNLGLGNSATMNTGTNSDNVLKVGDFG
IGRPDGALVFDTTSQDQLLAGLDTYGLCVFRNNQQIAAPWDIWNYSSNLFFRAGDTYSMISIPFESAGKIKVFGGASGSG
WKTSRTVYDTVNTTVDVNGFIKAASPIVKVFHDGSFETNEQSDGVSVKKISTGVYLISGCLGLNSDAGWGGVDGGFEIPI
DRNKQPRVWLDYEVKEDGSLLIKTYHRTHSTSPAFARNELEGFSDGDPVDIPKDAFISVRVEMPSK
;
O,R,S
4 'polypeptide(L)'
;MAKQKYSEEVLDELRVDLQRRFNYAQGYVDMAVKGYAREAWEYFYGNLPAPVTAGSSSWVDRTVWESVNGTLQDIINVFC
SGDEAVTFVADNQQDSDAADVATKLVNQILLRDNPGYNIISSAAQECLVTRNSFIKYYWDEQTSTQTEEAEGVPPEALAA
YVQGLEAGGLKNLEVFTEENEDGTVDVKVTYEQTVKRVKVEYVPSEQIFVDEHATSFADAQYFCHRVRRSKEDLVAMGFP
KDEIEAFNDWTDTMDTTQSTVAWSRTDWRQDIDADIGTDTEDIASMVWVYEHYIRTGVLDKNKESKLYQVIQAGEHILHT
EEVTHIPFVTFCPYPIPGSFYGQSVYDITKDIQDLRTALVRGYIDNVNNANYGRYKALVGAYDRRSLLDNRPGGVVEMER
QDAIDLFPYHNLPQGIDGLLGMSEELKETRTGVTKLGMGINPDVFKNDNAYATVGLMMNAAQNRLRMVCRNIAHNGMVEL
MRGIYNLIRENGEVPIEVQTPRGMIQVNPKQLPARHNLQVVVAISPNEKAERAQKLISLKQLIAADAQLAPLFGLEQDRY
MTAQIFELMGIKDTHKYLLPLEQYQPPEPSPMEILQLEMTKAQVENVQASSQKMIADAFDQRERTTFEQQKAADELSLRQ
EELQFKQENAADAMTLENRKEDNNATLEQAKHKLALMQQQVRQYESVLKELQMVMSHQVDQEKIVQQARVQDKTLELQKK
EANVTKKEQQASLKDSRIPGKRLGSKK
;
J,K
5 'polypeptide(L)'
;MANPTLFVSYDQNGKKLSFANWISVLSPQDTPFVSMTGKESINQTIFSWQTDALASVDGNNAHVEGSRAEDGEMKPTVIK
SNVTQILRKVVRVSDTANTTANYGRGRELMYQLEKKGKEIKRDLEKILLSGQARTDVLADQYLTNSAADPAVAGLNDTHA
ARKTGAFQFLCAHGGLAGGVVDKTKNGPADPDTGAVTVKVAQNASNPTTNIGFDEADIFDMTLQLYTAGSEADIIMINPA
HAKIFAGLQENTQGSRKRIFENTKQFIYEVNSITDPLGQSYKIIVNRWMPTDAVYFFRSADWTQMVLRAPKRTELAKDGS
YEKWMIEMEVGLRHRNPYASGVLFTAAGKAAA
;
B,C,G,D,E,F,H,I,L,M,P,Q,T,U,X,Y,b
#
# COMPACT_ATOMS: atom_id res chain seq x y z
N MET A 3 -61.42 -112.08 -47.26
CA MET A 3 -61.75 -110.71 -47.62
C MET A 3 -60.73 -109.75 -47.03
N PRO A 4 -59.46 -109.81 -47.45
CA PRO A 4 -58.47 -108.84 -46.96
C PRO A 4 -58.91 -107.41 -47.25
N ASP A 5 -59.18 -106.65 -46.20
CA ASP A 5 -59.69 -105.29 -46.34
C ASP A 5 -58.60 -104.29 -45.96
N VAL A 6 -58.34 -103.34 -46.85
CA VAL A 6 -57.37 -102.29 -46.63
C VAL A 6 -58.11 -100.98 -46.41
N GLN A 7 -57.40 -99.98 -45.92
CA GLN A 7 -57.97 -98.68 -45.64
C GLN A 7 -57.79 -97.76 -46.85
N TYR A 8 -58.59 -96.68 -46.86
CA TYR A 8 -58.48 -95.72 -47.97
C TYR A 8 -57.14 -95.00 -47.95
N PRO A 9 -56.74 -94.35 -46.85
CA PRO A 9 -55.42 -93.69 -46.83
C PRO A 9 -54.28 -94.68 -46.61
N ILE A 10 -53.83 -95.29 -47.71
CA ILE A 10 -52.72 -96.23 -47.64
C ILE A 10 -51.48 -95.45 -47.19
N ASN A 11 -51.04 -95.71 -45.96
CA ASN A 11 -49.96 -94.94 -45.36
C ASN A 11 -48.94 -95.78 -44.61
N THR A 12 -49.10 -97.10 -44.57
CA THR A 12 -48.23 -97.97 -43.80
C THR A 12 -47.75 -99.14 -44.64
N TYR A 13 -46.92 -99.99 -44.02
CA TYR A 13 -46.39 -101.16 -44.69
C TYR A 13 -47.36 -102.32 -44.66
N GLY A 14 -48.09 -102.49 -43.56
CA GLY A 14 -49.05 -103.59 -43.48
C GLY A 14 -50.21 -103.41 -44.45
N TRP A 15 -50.75 -102.21 -44.52
CA TRP A 15 -51.85 -101.97 -45.46
C TRP A 15 -51.37 -102.08 -46.90
N LEU A 16 -50.13 -101.67 -47.17
CA LEU A 16 -49.57 -101.86 -48.51
C LEU A 16 -49.44 -103.34 -48.85
N LYS A 17 -48.96 -104.13 -47.90
CA LYS A 17 -48.85 -105.57 -48.11
C LYS A 17 -50.21 -106.19 -48.39
N LYS A 18 -51.21 -105.81 -47.59
CA LYS A 18 -52.55 -106.35 -47.79
C LYS A 18 -53.13 -105.92 -49.14
N ALA A 19 -52.85 -104.68 -49.56
CA ALA A 19 -53.34 -104.24 -50.86
C ALA A 19 -52.65 -104.96 -52.00
N VAL A 20 -51.36 -105.27 -51.85
CA VAL A 20 -50.66 -106.05 -52.87
C VAL A 20 -51.28 -107.45 -52.96
N ALA A 21 -51.53 -108.06 -51.81
CA ALA A 21 -52.18 -109.37 -51.81
C ALA A 21 -53.61 -109.30 -52.30
N LEU A 22 -54.22 -108.11 -52.27
CA LEU A 22 -55.59 -107.96 -52.76
C LEU A 22 -55.63 -107.83 -54.27
N TRP A 23 -54.84 -106.90 -54.82
CA TRP A 23 -54.79 -106.73 -56.27
C TRP A 23 -54.26 -107.97 -56.97
N ALA A 24 -53.66 -108.89 -56.24
CA ALA A 24 -53.32 -110.23 -56.72
C ALA A 24 -54.13 -111.20 -55.86
N ASP A 25 -55.36 -111.47 -56.30
CA ASP A 25 -56.35 -112.09 -55.44
C ASP A 25 -55.89 -113.40 -54.81
N ARG A 26 -54.86 -114.04 -55.36
CA ARG A 26 -54.43 -115.31 -54.82
C ARG A 26 -54.05 -115.19 -53.35
N ASP A 27 -54.71 -115.97 -52.51
CA ASP A 27 -54.47 -116.00 -51.08
C ASP A 27 -53.83 -117.35 -50.75
N ASP A 28 -52.51 -117.39 -50.83
CA ASP A 28 -51.75 -118.61 -50.59
C ASP A 28 -50.42 -118.26 -49.95
N ASP A 29 -49.97 -119.12 -49.02
CA ASP A 29 -48.74 -118.84 -48.30
C ASP A 29 -47.55 -118.79 -49.25
N GLU A 30 -47.54 -119.64 -50.28
CA GLU A 30 -46.44 -119.63 -51.24
C GLU A 30 -46.25 -118.24 -51.85
N PHE A 31 -47.31 -117.44 -51.93
CA PHE A 31 -47.27 -116.13 -52.55
C PHE A 31 -47.23 -114.99 -51.54
N VAL A 32 -48.00 -115.11 -50.45
CA VAL A 32 -48.06 -114.02 -49.48
C VAL A 32 -46.72 -113.87 -48.76
N ASN A 33 -46.05 -114.98 -48.45
CA ASN A 33 -44.81 -114.91 -47.70
C ASN A 33 -43.68 -114.22 -48.46
N GLN A 34 -43.86 -113.96 -49.75
CA GLN A 34 -42.84 -113.32 -50.56
C GLN A 34 -43.19 -111.88 -50.94
N ILE A 35 -44.34 -111.39 -50.51
CA ILE A 35 -44.73 -110.00 -50.76
C ILE A 35 -43.64 -109.08 -50.21
N PRO A 36 -43.09 -109.35 -49.02
CA PRO A 36 -41.98 -108.51 -48.54
C PRO A 36 -40.81 -108.48 -49.50
N ASN A 37 -40.46 -109.62 -50.10
CA ASN A 37 -39.35 -109.63 -51.06
C ASN A 37 -39.68 -108.80 -52.28
N PHE A 38 -40.91 -108.87 -52.76
CA PHE A 38 -41.31 -108.07 -53.91
C PHE A 38 -41.24 -106.58 -53.60
N ILE A 39 -41.71 -106.19 -52.42
CA ILE A 39 -41.65 -104.77 -52.04
C ILE A 39 -40.21 -104.33 -51.87
N ASN A 40 -39.35 -105.22 -51.37
CA ASN A 40 -37.94 -104.91 -51.26
C ASN A 40 -37.34 -104.66 -52.64
N PHE A 41 -37.61 -105.54 -53.59
CA PHE A 41 -37.12 -105.35 -54.95
C PHE A 41 -37.64 -104.05 -55.54
N ALA A 42 -38.91 -103.73 -55.29
CA ALA A 42 -39.49 -102.51 -55.85
C ALA A 42 -38.80 -101.28 -55.28
N GLU A 43 -38.68 -101.20 -53.94
CA GLU A 43 -38.05 -100.04 -53.34
C GLU A 43 -36.58 -99.94 -53.72
N LYS A 44 -35.92 -101.07 -53.97
CA LYS A 44 -34.53 -101.01 -54.42
C LYS A 44 -34.44 -100.60 -55.88
N GLU A 45 -35.51 -100.83 -56.65
CA GLU A 45 -35.53 -100.39 -58.04
C GLU A 45 -35.85 -98.90 -58.15
N ILE A 46 -36.67 -98.37 -57.25
CA ILE A 46 -37.07 -96.97 -57.32
C ILE A 46 -35.94 -96.07 -56.83
N TYR A 47 -35.54 -96.24 -55.57
CA TYR A 47 -34.54 -95.36 -54.98
C TYR A 47 -33.18 -95.43 -55.66
N ARG A 48 -32.93 -96.47 -56.45
CA ARG A 48 -31.62 -96.62 -57.07
C ARG A 48 -31.34 -95.52 -58.09
N ASN A 49 -32.37 -94.91 -58.67
CA ASN A 49 -32.19 -93.85 -59.64
C ASN A 49 -33.15 -92.68 -59.44
N LEU A 50 -33.96 -92.68 -58.39
CA LEU A 50 -34.85 -91.57 -58.10
C LEU A 50 -34.10 -90.48 -57.34
N ARG A 51 -34.24 -89.24 -57.80
CA ARG A 51 -33.57 -88.10 -57.17
C ARG A 51 -34.60 -87.00 -57.00
N ILE A 52 -34.98 -86.72 -55.76
CA ILE A 52 -35.96 -85.69 -55.46
C ILE A 52 -35.62 -85.06 -54.12
N PRO A 53 -36.21 -83.91 -53.78
CA PRO A 53 -35.86 -83.23 -52.53
C PRO A 53 -36.13 -84.09 -51.31
N PRO A 54 -37.36 -84.61 -51.14
CA PRO A 54 -37.74 -85.17 -49.84
C PRO A 54 -36.79 -86.21 -49.29
N LEU A 55 -36.11 -86.96 -50.16
CA LEU A 55 -35.14 -87.95 -49.72
C LEU A 55 -33.74 -87.38 -49.59
N GLU A 56 -33.59 -86.05 -49.65
CA GLU A 56 -32.31 -85.41 -49.43
C GLU A 56 -32.01 -85.37 -47.93
N LYS A 57 -30.81 -84.89 -47.59
CA LYS A 57 -30.39 -84.79 -46.20
C LYS A 57 -29.26 -83.79 -46.10
N GLU A 58 -29.18 -83.09 -44.97
CA GLU A 58 -28.11 -82.17 -44.68
C GLU A 58 -27.32 -82.67 -43.48
N VAL A 59 -26.01 -82.53 -43.53
CA VAL A 59 -25.14 -83.04 -42.47
C VAL A 59 -23.86 -82.23 -42.49
N TYR A 60 -23.29 -82.00 -41.31
CA TYR A 60 -22.03 -81.29 -41.17
C TYR A 60 -20.87 -82.27 -41.26
N LEU A 61 -19.83 -81.89 -42.00
CA LEU A 61 -18.65 -82.72 -42.14
C LEU A 61 -17.69 -82.45 -40.99
N ASP A 62 -16.63 -83.26 -40.90
CA ASP A 62 -15.66 -83.20 -39.81
C ASP A 62 -14.25 -83.19 -40.38
N ILE A 63 -14.01 -82.30 -41.35
CA ILE A 63 -12.69 -82.17 -41.98
C ILE A 63 -11.61 -82.03 -40.92
N LYS A 64 -10.59 -82.88 -40.99
CA LYS A 64 -9.42 -82.75 -40.13
C LYS A 64 -8.33 -81.92 -40.81
N ASP A 65 -7.83 -82.41 -41.95
CA ASP A 65 -6.83 -81.68 -42.73
C ASP A 65 -7.01 -82.10 -44.18
N GLY A 66 -7.80 -81.32 -44.92
CA GLY A 66 -8.04 -81.58 -46.33
C GLY A 66 -8.46 -83.00 -46.64
N VAL A 67 -9.09 -83.67 -45.68
CA VAL A 67 -9.58 -85.03 -45.84
C VAL A 67 -10.99 -85.12 -45.27
N ALA A 68 -11.63 -86.25 -45.50
CA ALA A 68 -13.00 -86.49 -45.05
C ALA A 68 -13.34 -87.95 -45.31
N TYR A 69 -14.58 -88.31 -44.99
CA TYR A 69 -15.09 -89.65 -45.25
C TYR A 69 -16.55 -89.54 -45.64
N ILE A 70 -16.93 -90.25 -46.69
CA ILE A 70 -18.30 -90.15 -47.20
C ILE A 70 -19.24 -90.90 -46.27
N PRO A 71 -20.46 -90.42 -46.03
CA PRO A 71 -21.37 -91.15 -45.16
C PRO A 71 -21.77 -92.47 -45.78
N PRO A 72 -22.16 -93.45 -44.96
CA PRO A 72 -22.62 -94.74 -45.51
C PRO A 72 -23.96 -94.66 -46.22
N ASP A 73 -24.61 -93.50 -46.24
CA ASP A 73 -25.91 -93.36 -46.90
C ASP A 73 -25.82 -92.34 -48.02
N TYR A 74 -24.75 -92.43 -48.82
CA TYR A 74 -24.47 -91.46 -49.87
C TYR A 74 -24.79 -92.07 -51.23
N LEU A 75 -25.60 -91.36 -52.01
CA LEU A 75 -25.92 -91.74 -53.37
C LEU A 75 -25.49 -90.71 -54.39
N GLU A 76 -25.80 -89.44 -54.16
CA GLU A 76 -25.38 -88.36 -55.04
C GLU A 76 -25.29 -87.08 -54.23
N ALA A 77 -24.28 -86.27 -54.52
CA ALA A 77 -24.06 -85.01 -53.82
C ALA A 77 -24.50 -83.84 -54.69
N GLN A 78 -25.07 -82.84 -54.06
CA GLN A 78 -25.38 -81.57 -54.71
C GLN A 78 -24.76 -80.45 -53.89
N TRP A 79 -25.20 -79.21 -54.13
CA TRP A 79 -24.53 -78.02 -53.62
C TRP A 79 -23.98 -78.22 -52.21
N MET A 80 -22.71 -77.87 -52.04
CA MET A 80 -22.06 -77.81 -50.74
C MET A 80 -21.56 -76.39 -50.50
N MET A 81 -21.56 -75.97 -49.24
CA MET A 81 -21.12 -74.63 -48.89
C MET A 81 -20.82 -74.59 -47.40
N ARG A 82 -20.46 -73.40 -46.93
CA ARG A 82 -20.18 -73.15 -45.53
C ARG A 82 -21.36 -72.44 -44.87
N ALA A 83 -21.38 -72.49 -43.54
CA ALA A 83 -22.46 -71.86 -42.78
C ALA A 83 -22.45 -70.35 -42.91
N LYS A 84 -21.39 -69.75 -43.44
CA LYS A 84 -21.28 -68.30 -43.53
C LYS A 84 -20.71 -67.90 -44.89
N ASP A 85 -21.30 -66.86 -45.48
CA ASP A 85 -20.78 -66.26 -46.69
C ASP A 85 -21.06 -67.10 -47.94
N GLY A 86 -21.58 -68.32 -47.75
CA GLY A 86 -21.87 -69.17 -48.89
C GLY A 86 -20.63 -69.90 -49.38
N THR A 87 -20.06 -69.42 -50.48
CA THR A 87 -18.86 -70.01 -51.07
C THR A 87 -19.12 -71.45 -51.49
N ILE A 88 -20.06 -71.60 -52.43
CA ILE A 88 -20.38 -72.91 -52.96
C ILE A 88 -19.12 -73.56 -53.51
N PHE A 89 -18.94 -74.83 -53.20
CA PHE A 89 -17.80 -75.58 -53.72
C PHE A 89 -18.16 -76.21 -55.06
N GLN A 90 -17.13 -76.47 -55.86
CA GLN A 90 -17.29 -77.05 -57.18
C GLN A 90 -16.42 -78.30 -57.29
N VAL A 91 -17.00 -79.36 -57.85
CA VAL A 91 -16.30 -80.64 -57.94
C VAL A 91 -15.26 -80.57 -59.04
N THR A 92 -14.18 -81.33 -58.85
CA THR A 92 -13.09 -81.41 -59.82
C THR A 92 -12.62 -82.86 -59.89
N SER A 93 -11.49 -83.07 -60.53
CA SER A 93 -10.89 -84.38 -60.69
C SER A 93 -9.58 -84.47 -59.93
N PRO A 94 -9.09 -85.69 -59.66
CA PRO A 94 -7.82 -85.82 -58.95
C PRO A 94 -6.66 -85.14 -59.65
N GLU A 95 -6.56 -85.31 -60.97
CA GLU A 95 -5.42 -84.78 -61.72
C GLU A 95 -5.35 -83.26 -61.67
N GLU A 96 -6.43 -82.58 -61.28
CA GLU A 96 -6.44 -81.13 -61.16
C GLU A 96 -6.23 -80.67 -59.71
N ILE A 97 -6.84 -81.38 -58.75
CA ILE A 97 -6.73 -81.00 -57.35
C ILE A 97 -5.36 -81.42 -56.83
N SER A 98 -4.64 -82.22 -57.62
CA SER A 98 -3.24 -82.52 -57.31
C SER A 98 -2.28 -81.62 -58.06
N TYR A 99 -2.67 -81.02 -59.18
CA TYR A 99 -1.87 -80.01 -59.85
C TYR A 99 -1.96 -78.65 -59.17
N ARG A 100 -3.11 -78.33 -58.57
CA ARG A 100 -3.22 -77.07 -57.83
C ARG A 100 -2.17 -76.98 -56.74
N ARG A 101 -1.90 -78.09 -56.05
CA ARG A 101 -0.92 -78.07 -54.96
C ARG A 101 0.47 -77.74 -55.50
N GLN A 102 0.86 -78.38 -56.60
CA GLN A 102 2.16 -78.07 -57.20
C GLN A 102 2.20 -76.62 -57.67
N HIS A 103 1.32 -76.25 -58.59
CA HIS A 103 1.28 -74.89 -59.14
C HIS A 103 0.19 -74.08 -58.44
N GLY A 104 0.40 -73.84 -57.15
CA GLY A 104 -0.56 -73.08 -56.36
C GLY A 104 -0.16 -72.96 -54.90
N ASN A 113 -11.64 -64.64 -53.52
CA ASN A 113 -10.20 -64.57 -53.73
C ASN A 113 -9.59 -65.97 -53.76
N GLN A 114 -10.20 -66.89 -53.03
CA GLN A 114 -9.71 -68.28 -52.93
C GLN A 114 -10.85 -69.24 -53.21
N PRO A 115 -11.01 -69.69 -54.46
CA PRO A 115 -12.04 -70.70 -54.74
C PRO A 115 -11.70 -72.04 -54.13
N VAL A 116 -12.69 -72.93 -54.02
CA VAL A 116 -12.51 -74.22 -53.37
C VAL A 116 -12.81 -75.32 -54.37
N ASN A 117 -12.14 -76.46 -54.20
CA ASN A 117 -12.32 -77.62 -55.05
C ASN A 117 -12.26 -78.87 -54.19
N PHE A 118 -13.02 -79.90 -54.60
CA PHE A 118 -13.04 -81.17 -53.90
C PHE A 118 -13.20 -82.31 -54.89
N ALA A 119 -12.65 -83.47 -54.52
CA ALA A 119 -12.72 -84.66 -55.35
C ALA A 119 -13.21 -85.85 -54.53
N ARG A 120 -13.18 -87.04 -55.12
CA ARG A 120 -13.63 -88.26 -54.46
C ARG A 120 -12.58 -89.35 -54.69
N PHE A 121 -11.77 -89.62 -53.66
CA PHE A 121 -10.70 -90.61 -53.75
C PHE A 121 -11.20 -91.93 -53.16
N GLY A 122 -12.18 -92.52 -53.86
CA GLY A 122 -12.76 -93.76 -53.41
C GLY A 122 -13.83 -93.57 -52.37
N SER A 123 -13.42 -93.21 -51.15
CA SER A 123 -14.35 -92.99 -50.06
C SER A 123 -13.92 -91.79 -49.20
N ARG A 124 -13.25 -90.82 -49.81
CA ARG A 124 -12.73 -89.68 -49.06
C ARG A 124 -12.82 -88.43 -49.93
N PHE A 125 -13.48 -87.40 -49.43
CA PHE A 125 -13.45 -86.10 -50.08
C PHE A 125 -12.14 -85.41 -49.75
N ILE A 126 -11.48 -84.90 -50.79
CA ILE A 126 -10.16 -84.27 -50.65
C ILE A 126 -10.30 -82.83 -51.13
N PHE A 127 -10.22 -81.89 -50.19
CA PHE A 127 -10.24 -80.47 -50.52
C PHE A 127 -8.81 -79.95 -50.62
N TYR A 128 -8.55 -79.12 -51.65
CA TYR A 128 -7.20 -78.59 -51.82
C TYR A 128 -6.82 -77.62 -50.72
N PRO A 129 -7.54 -76.52 -50.52
CA PRO A 129 -7.08 -75.48 -49.58
C PRO A 129 -6.80 -76.00 -48.17
N SER A 130 -7.14 -77.25 -47.86
CA SER A 130 -6.93 -77.80 -46.54
C SER A 130 -7.87 -77.16 -45.52
N ILE A 131 -9.13 -76.98 -45.93
CA ILE A 131 -10.11 -76.34 -45.05
C ILE A 131 -10.27 -77.17 -43.78
N GLU A 132 -10.75 -76.49 -42.73
CA GLU A 132 -11.00 -77.12 -41.44
C GLU A 132 -12.48 -76.99 -41.11
N ALA A 133 -13.07 -78.08 -40.62
CA ALA A 133 -14.46 -78.10 -40.24
C ALA A 133 -14.60 -78.72 -38.85
N ASP A 134 -15.73 -78.44 -38.21
CA ASP A 134 -16.01 -78.93 -36.88
C ASP A 134 -17.47 -79.34 -36.78
N THR A 135 -17.74 -80.27 -35.89
CA THR A 135 -19.10 -80.74 -35.65
C THR A 135 -19.75 -79.96 -34.53
N PRO A 136 -21.07 -79.91 -34.48
CA PRO A 136 -21.77 -79.12 -33.48
C PRO A 136 -21.79 -79.83 -32.12
N TYR A 137 -22.41 -79.17 -31.15
CA TYR A 137 -22.55 -79.71 -29.80
C TYR A 137 -23.48 -80.91 -29.84
N TYR A 138 -22.97 -82.06 -29.41
CA TYR A 138 -23.70 -83.32 -29.45
C TYR A 138 -24.82 -83.42 -28.41
N PRO A 139 -24.67 -82.84 -27.20
CA PRO A 139 -25.62 -83.17 -26.12
C PRO A 139 -27.10 -83.41 -26.39
N ASP A 140 -27.60 -84.55 -25.89
CA ASP A 140 -28.98 -84.93 -26.12
C ASP A 140 -29.91 -84.49 -24.99
N ASP A 141 -29.42 -83.68 -24.05
CA ASP A 141 -30.23 -83.23 -22.93
C ASP A 141 -31.24 -82.17 -23.35
N GLY A 142 -32.10 -82.52 -24.31
CA GLY A 142 -33.12 -81.61 -24.80
C GLY A 142 -32.60 -80.21 -25.05
N SER A 143 -31.40 -80.09 -25.59
CA SER A 143 -30.77 -78.82 -25.88
C SER A 143 -30.46 -78.71 -27.36
N PRO A 144 -30.41 -77.48 -27.89
CA PRO A 144 -30.11 -77.31 -29.32
C PRO A 144 -28.70 -77.78 -29.66
N LEU A 145 -28.49 -78.01 -30.97
CA LEU A 145 -27.20 -78.51 -31.42
C LEU A 145 -26.11 -77.45 -31.34
N ILE A 146 -26.50 -76.17 -31.32
CA ILE A 146 -25.53 -75.08 -31.24
C ILE A 146 -24.50 -75.25 -32.35
N PRO A 147 -24.86 -74.99 -33.61
CA PRO A 147 -23.91 -75.19 -34.71
C PRO A 147 -22.57 -74.51 -34.43
N ALA A 148 -21.53 -75.04 -35.07
CA ALA A 148 -20.16 -74.64 -34.82
C ALA A 148 -19.67 -73.70 -35.92
N GLU A 149 -18.68 -72.88 -35.57
CA GLU A 149 -18.07 -71.97 -36.52
C GLU A 149 -17.17 -72.74 -37.49
N ASN A 150 -16.92 -72.13 -38.64
CA ASN A 150 -16.11 -72.76 -39.68
C ASN A 150 -16.69 -74.10 -40.10
N SER A 151 -18.00 -74.11 -40.37
CA SER A 151 -18.72 -75.32 -40.71
C SER A 151 -18.91 -75.41 -42.23
N VAL A 152 -19.12 -76.64 -42.69
CA VAL A 152 -19.37 -76.92 -44.10
C VAL A 152 -20.63 -77.78 -44.18
N ILE A 153 -21.57 -77.37 -45.02
CA ILE A 153 -22.85 -78.06 -45.18
C ILE A 153 -22.81 -78.84 -46.48
N LEU A 154 -23.40 -80.04 -46.45
CA LEU A 154 -23.48 -80.90 -47.61
C LEU A 154 -24.91 -81.41 -47.75
N SER A 155 -25.45 -81.32 -48.97
CA SER A 155 -26.79 -81.77 -49.27
C SER A 155 -26.70 -82.92 -50.27
N TYR A 156 -27.07 -84.12 -49.81
CA TYR A 156 -27.00 -85.32 -50.64
C TYR A 156 -28.34 -86.03 -50.64
N TYR A 157 -28.51 -86.92 -51.61
CA TYR A 157 -29.71 -87.73 -51.73
C TYR A 157 -29.52 -89.00 -50.91
N ALA A 158 -29.98 -88.96 -49.66
CA ALA A 158 -29.81 -90.09 -48.77
C ALA A 158 -30.71 -91.25 -49.19
N ASP A 159 -30.19 -92.46 -49.01
CA ASP A 159 -30.99 -93.65 -49.27
C ASP A 159 -31.87 -93.96 -48.06
N PRO A 160 -33.15 -94.26 -48.26
CA PRO A 160 -34.03 -94.49 -47.12
C PRO A 160 -33.82 -95.87 -46.54
N PRO A 161 -34.22 -96.09 -45.29
CA PRO A 161 -34.05 -97.41 -44.68
C PRO A 161 -35.17 -98.36 -45.06
N GLU A 162 -34.83 -99.65 -45.02
CA GLU A 162 -35.83 -100.68 -45.29
C GLU A 162 -36.91 -100.66 -44.22
N PHE A 163 -38.13 -101.03 -44.62
CA PHE A 163 -39.27 -100.97 -43.71
C PHE A 163 -39.04 -101.86 -42.49
N HIS A 164 -38.98 -103.18 -42.70
CA HIS A 164 -38.75 -104.14 -41.63
C HIS A 164 -39.76 -103.95 -40.49
N GLU A 165 -40.96 -103.50 -40.82
CA GLU A 165 -42.00 -103.30 -39.81
C GLU A 165 -43.30 -102.93 -40.51
N ASP A 166 -44.42 -103.28 -39.87
CA ASP A 166 -45.73 -103.01 -40.46
C ASP A 166 -46.09 -101.53 -40.34
N THR A 167 -46.09 -101.00 -39.11
CA THR A 167 -46.49 -99.62 -38.89
C THR A 167 -45.54 -98.62 -39.55
N ASP A 168 -44.35 -99.05 -39.97
CA ASP A 168 -43.43 -98.14 -40.61
C ASP A 168 -44.04 -97.56 -41.89
N THR A 169 -43.51 -96.43 -42.32
CA THR A 169 -44.02 -95.74 -43.49
C THR A 169 -42.89 -94.96 -44.16
N SER A 170 -43.25 -94.16 -45.17
CA SER A 170 -42.30 -93.35 -45.91
C SER A 170 -43.07 -92.29 -46.66
N THR A 171 -42.34 -91.29 -47.16
CA THR A 171 -42.98 -90.22 -47.91
C THR A 171 -43.64 -90.74 -49.18
N ILE A 172 -43.13 -91.84 -49.73
CA ILE A 172 -43.69 -92.37 -50.97
C ILE A 172 -45.10 -92.93 -50.74
N LEU A 173 -45.27 -93.66 -49.63
CA LEU A 173 -46.60 -94.22 -49.33
C LEU A 173 -47.67 -93.14 -49.30
N THR A 174 -47.31 -91.93 -48.91
CA THR A 174 -48.25 -90.82 -48.87
C THR A 174 -48.33 -90.10 -50.21
N ILE A 175 -47.22 -89.99 -50.92
CA ILE A 175 -47.19 -89.27 -52.18
C ILE A 175 -47.64 -90.18 -53.33
N ALA A 176 -46.94 -91.29 -53.53
CA ALA A 176 -47.19 -92.19 -54.65
C ALA A 176 -47.15 -93.63 -54.18
N PRO A 177 -48.18 -94.08 -53.47
CA PRO A 177 -48.25 -95.51 -53.13
C PRO A 177 -48.50 -96.38 -54.36
N GLU A 178 -49.24 -95.87 -55.34
CA GLU A 178 -49.43 -96.61 -56.58
C GLU A 178 -48.10 -96.96 -57.23
N LEU A 179 -47.09 -96.10 -57.07
CA LEU A 179 -45.78 -96.38 -57.64
C LEU A 179 -45.24 -97.71 -57.12
N LEU A 180 -45.05 -97.80 -55.80
CA LEU A 180 -44.53 -99.04 -55.21
C LEU A 180 -45.47 -100.21 -55.47
N LEU A 181 -46.77 -99.96 -55.42
CA LEU A 181 -47.74 -101.03 -55.67
C LEU A 181 -47.51 -101.66 -57.04
N TYR A 182 -47.44 -100.84 -58.09
CA TYR A 182 -47.27 -101.37 -59.43
C TYR A 182 -45.87 -101.97 -59.60
N PHE A 183 -44.84 -101.34 -59.05
CA PHE A 183 -43.49 -101.85 -59.27
C PHE A 183 -43.25 -103.15 -58.52
N THR A 184 -43.99 -103.40 -57.43
CA THR A 184 -43.86 -104.69 -56.75
C THR A 184 -44.76 -105.74 -57.37
N LEU A 185 -45.94 -105.34 -57.86
CA LEU A 185 -46.75 -106.28 -58.62
C LEU A 185 -46.05 -106.71 -59.89
N ARG A 186 -45.16 -105.86 -60.42
CA ARG A 186 -44.33 -106.27 -61.55
C ARG A 186 -43.49 -107.49 -61.20
N HIS A 187 -42.72 -107.41 -60.12
CA HIS A 187 -41.88 -108.54 -59.74
C HIS A 187 -42.73 -109.73 -59.30
N ALA A 188 -43.92 -109.47 -58.76
CA ALA A 188 -44.82 -110.57 -58.42
C ALA A 188 -45.25 -111.33 -59.67
N CYS A 189 -45.77 -110.62 -60.67
CA CYS A 189 -46.16 -111.23 -61.93
C CYS A 189 -44.96 -111.71 -62.74
N LEU A 190 -43.74 -111.38 -62.31
CA LEU A 190 -42.57 -112.05 -62.86
C LEU A 190 -42.32 -113.39 -62.17
N PHE A 191 -42.47 -113.44 -60.84
CA PHE A 191 -42.33 -114.68 -60.12
C PHE A 191 -43.21 -115.77 -60.73
N VAL A 192 -44.51 -115.52 -60.76
CA VAL A 192 -45.44 -116.34 -61.53
C VAL A 192 -45.37 -115.90 -62.99
N GLN A 193 -45.45 -116.85 -63.91
CA GLN A 193 -45.29 -116.56 -65.33
C GLN A 193 -46.54 -115.87 -65.85
N ASP A 194 -46.55 -114.54 -65.71
CA ASP A 194 -47.63 -113.69 -66.22
C ASP A 194 -46.97 -112.52 -66.95
N ASP A 195 -47.05 -112.52 -68.27
CA ASP A 195 -46.32 -111.53 -69.08
C ASP A 195 -47.12 -110.24 -69.26
N ASN A 196 -48.38 -110.36 -69.68
CA ASN A 196 -49.20 -109.18 -69.92
C ASN A 196 -49.30 -108.32 -68.67
N GLY A 197 -49.48 -108.95 -67.51
CA GLY A 197 -49.50 -108.20 -66.26
C GLY A 197 -48.20 -107.48 -66.01
N VAL A 198 -47.08 -108.15 -66.26
CA VAL A 198 -45.78 -107.51 -66.10
C VAL A 198 -45.71 -106.26 -66.97
N GLN A 199 -46.12 -106.38 -68.24
CA GLN A 199 -46.05 -105.25 -69.15
C GLN A 199 -46.92 -104.10 -68.65
N LYS A 200 -48.15 -104.40 -68.24
CA LYS A 200 -49.06 -103.35 -67.79
C LYS A 200 -48.51 -102.65 -66.56
N TRP A 201 -48.09 -103.41 -65.55
CA TRP A 201 -47.60 -102.81 -64.32
C TRP A 201 -46.34 -101.99 -64.58
N SER A 202 -45.44 -102.50 -65.43
CA SER A 202 -44.23 -101.75 -65.73
C SER A 202 -44.54 -100.45 -66.45
N ALA A 203 -45.46 -100.49 -67.42
CA ALA A 203 -45.84 -99.27 -68.12
C ALA A 203 -46.44 -98.25 -67.15
N LEU A 204 -47.30 -98.71 -66.25
CA LEU A 204 -47.93 -97.79 -65.30
C LEU A 204 -46.90 -97.18 -64.35
N GLY A 205 -46.00 -98.01 -63.82
CA GLY A 205 -44.94 -97.49 -62.97
C GLY A 205 -44.05 -96.51 -63.68
N LYS A 206 -43.71 -96.80 -64.94
CA LYS A 206 -42.88 -95.88 -65.72
C LYS A 206 -43.60 -94.55 -65.93
N ALA A 207 -44.90 -94.60 -66.22
CA ALA A 207 -45.65 -93.36 -66.38
C ALA A 207 -45.68 -92.55 -65.10
N ILE A 208 -45.86 -93.23 -63.96
CA ILE A 208 -45.89 -92.53 -62.68
C ILE A 208 -44.55 -91.88 -62.40
N LEU A 209 -43.47 -92.61 -62.63
CA LEU A 209 -42.13 -92.06 -62.38
C LEU A 209 -41.86 -90.88 -63.32
N ASP A 210 -42.33 -90.98 -64.56
CA ASP A 210 -42.18 -89.87 -65.50
C ASP A 210 -42.92 -88.64 -65.01
N GLU A 211 -44.16 -88.83 -64.54
CA GLU A 211 -44.92 -87.70 -63.99
C GLU A 211 -44.17 -87.08 -62.81
N MET A 212 -43.62 -87.92 -61.93
CA MET A 212 -42.92 -87.38 -60.76
C MET A 212 -41.70 -86.57 -61.18
N VAL A 213 -40.86 -87.13 -62.05
CA VAL A 213 -39.65 -86.41 -62.47
C VAL A 213 -40.00 -85.14 -63.21
N GLU A 214 -41.10 -85.16 -63.97
CA GLU A 214 -41.52 -83.94 -64.65
C GLU A 214 -41.99 -82.89 -63.66
N GLN A 215 -42.69 -83.33 -62.60
CA GLN A 215 -43.09 -82.40 -61.55
C GLN A 215 -41.88 -81.78 -60.88
N ASN A 216 -40.83 -82.58 -60.64
CA ASN A 216 -39.62 -82.05 -60.04
C ASN A 216 -38.90 -81.06 -60.97
N LYS A 217 -39.19 -81.10 -62.27
CA LYS A 217 -38.53 -80.19 -63.20
C LYS A 217 -39.28 -78.87 -63.33
N LYS A 218 -40.61 -78.88 -63.20
CA LYS A 218 -41.40 -77.66 -63.33
C LYS A 218 -41.39 -76.80 -62.08
N GLN A 219 -40.65 -77.20 -61.04
CA GLN A 219 -40.46 -76.36 -59.86
C GLN A 219 -39.05 -75.79 -59.82
N GLU A 220 -38.25 -76.01 -60.86
CA GLU A 220 -36.87 -75.53 -60.95
C GLU A 220 -36.85 -74.07 -61.36
N TYR A 221 -35.68 -73.59 -61.79
CA TYR A 221 -35.46 -72.17 -62.08
C TYR A 221 -36.22 -71.80 -63.36
N SER A 222 -37.55 -71.79 -63.24
CA SER A 222 -38.42 -71.58 -64.38
C SER A 222 -38.98 -70.16 -64.44
N GLY A 223 -39.35 -69.61 -63.29
CA GLY A 223 -40.05 -68.34 -63.25
C GLY A 223 -39.20 -67.14 -63.63
N SER A 224 -38.64 -67.16 -64.85
CA SER A 224 -37.82 -66.05 -65.32
C SER A 224 -37.41 -66.26 -66.78
N PRO A 225 -37.11 -65.19 -67.51
CA PRO A 225 -36.63 -65.35 -68.89
C PRO A 225 -35.29 -66.07 -68.94
N ILE A 226 -35.04 -66.75 -70.06
CA ILE A 226 -33.78 -67.44 -70.28
C ILE A 226 -32.77 -66.58 -71.04
N ALA A 227 -33.10 -65.32 -71.32
CA ALA A 227 -32.25 -64.43 -72.08
C ALA A 227 -31.42 -63.57 -71.14
N ILE A 228 -30.67 -62.63 -71.72
CA ILE A 228 -29.78 -61.75 -70.97
C ILE A 228 -28.81 -62.60 -70.17
N PRO A 229 -27.91 -63.35 -70.82
CA PRO A 229 -26.94 -64.17 -70.07
C PRO A 229 -26.23 -63.39 -68.98
N ASN A 230 -26.12 -63.97 -67.78
CA ASN A 230 -25.46 -63.30 -66.68
C ASN A 230 -24.06 -62.75 -66.92
N ASN A 231 -23.63 -61.80 -66.09
CA ASN A 231 -22.37 -61.09 -66.31
C ASN A 231 -21.48 -61.21 -65.07
N MET A 232 -21.33 -62.43 -64.56
CA MET A 232 -20.49 -62.67 -63.40
C MET A 232 -19.02 -62.68 -63.80
N THR A 233 -18.57 -61.59 -64.43
CA THR A 233 -17.24 -61.61 -65.01
C THR A 233 -16.14 -61.57 -63.95
N ARG A 234 -16.00 -60.43 -63.25
CA ARG A 234 -14.87 -60.21 -62.36
C ARG A 234 -15.09 -58.93 -61.55
N LEU A 235 -14.13 -58.60 -60.69
CA LEU A 235 -14.10 -57.29 -60.06
C LEU A 235 -13.49 -56.22 -60.95
N GLN A 236 -12.93 -56.61 -62.09
CA GLN A 236 -12.29 -55.66 -62.99
C GLN A 236 -13.26 -55.25 -64.09
N SER A 237 -13.90 -54.09 -63.91
CA SER A 237 -14.82 -53.58 -64.93
C SER A 237 -14.32 -53.02 -66.26
N MET B 3 -76.00 -100.57 -60.62
CA MET B 3 -76.92 -100.81 -59.51
C MET B 3 -77.37 -99.51 -58.86
N PRO B 4 -76.42 -98.74 -58.31
CA PRO B 4 -76.80 -97.51 -57.60
C PRO B 4 -77.35 -96.45 -58.53
N ASP B 5 -78.00 -95.43 -57.95
CA ASP B 5 -78.57 -94.33 -58.70
C ASP B 5 -77.67 -93.10 -58.54
N VAL B 6 -77.96 -92.05 -59.31
CA VAL B 6 -77.18 -90.83 -59.28
C VAL B 6 -77.93 -89.71 -59.97
N GLN B 7 -77.67 -88.47 -59.57
CA GLN B 7 -78.32 -87.31 -60.15
C GLN B 7 -77.48 -86.80 -61.30
N TYR B 8 -78.12 -86.00 -62.17
CA TYR B 8 -77.46 -85.47 -63.37
C TYR B 8 -76.11 -84.83 -63.07
N PRO B 9 -75.99 -83.88 -62.15
CA PRO B 9 -74.68 -83.28 -61.86
C PRO B 9 -73.89 -84.10 -60.84
N ILE B 10 -72.65 -84.45 -61.17
CA ILE B 10 -71.76 -85.14 -60.25
C ILE B 10 -71.01 -84.04 -59.48
N ASN B 11 -71.61 -83.57 -58.39
CA ASN B 11 -71.08 -82.42 -57.66
C ASN B 11 -70.14 -82.78 -56.52
N THR B 12 -70.30 -83.95 -55.90
CA THR B 12 -69.59 -84.27 -54.68
C THR B 12 -68.95 -85.65 -54.77
N TYR B 13 -68.11 -85.94 -53.78
CA TYR B 13 -67.45 -87.24 -53.68
C TYR B 13 -68.48 -88.36 -53.52
N GLY B 14 -69.53 -88.11 -52.73
CA GLY B 14 -70.51 -89.14 -52.47
C GLY B 14 -71.17 -89.66 -53.73
N TRP B 15 -71.51 -88.76 -54.65
CA TRP B 15 -72.11 -89.17 -55.91
C TRP B 15 -71.10 -89.63 -56.94
N LEU B 16 -69.86 -89.14 -56.85
CA LEU B 16 -68.83 -89.61 -57.78
C LEU B 16 -68.47 -91.06 -57.52
N LYS B 17 -68.33 -91.44 -56.24
CA LYS B 17 -67.98 -92.83 -55.93
C LYS B 17 -69.09 -93.80 -56.32
N LYS B 18 -70.31 -93.31 -56.53
CA LYS B 18 -71.40 -94.15 -57.01
C LYS B 18 -71.49 -94.14 -58.53
N ALA B 19 -71.24 -92.99 -59.16
CA ALA B 19 -71.19 -92.95 -60.62
C ALA B 19 -70.05 -93.81 -61.15
N VAL B 20 -68.97 -93.94 -60.39
CA VAL B 20 -67.88 -94.82 -60.80
C VAL B 20 -68.36 -96.25 -60.89
N ALA B 21 -69.01 -96.74 -59.83
CA ALA B 21 -69.54 -98.10 -59.84
C ALA B 21 -70.65 -98.26 -60.87
N LEU B 22 -71.36 -97.19 -61.20
CA LEU B 22 -72.40 -97.28 -62.23
C LEU B 22 -71.79 -97.46 -63.61
N TRP B 23 -70.91 -96.55 -64.00
CA TRP B 23 -70.29 -96.60 -65.32
C TRP B 23 -69.47 -97.87 -65.52
N ALA B 24 -69.21 -98.63 -64.48
CA ALA B 24 -68.53 -99.92 -64.57
C ALA B 24 -69.36 -100.94 -63.82
N ASP B 25 -70.05 -101.82 -64.56
CA ASP B 25 -70.89 -102.83 -63.95
C ASP B 25 -70.13 -103.71 -62.97
N ARG B 26 -68.80 -103.64 -62.97
CA ARG B 26 -67.98 -104.38 -62.01
C ARG B 26 -68.11 -103.73 -60.64
N ASP B 27 -69.26 -103.91 -60.00
CA ASP B 27 -69.55 -103.30 -58.71
C ASP B 27 -69.93 -104.38 -57.70
N ASP B 28 -69.27 -104.36 -56.55
CA ASP B 28 -69.57 -105.31 -55.48
C ASP B 28 -68.85 -104.90 -54.20
N ASP B 29 -68.98 -105.72 -53.16
CA ASP B 29 -68.36 -105.40 -51.87
C ASP B 29 -66.85 -105.21 -52.03
N GLU B 30 -66.16 -106.23 -52.54
CA GLU B 30 -64.71 -106.17 -52.66
C GLU B 30 -64.22 -105.09 -53.60
N PHE B 31 -65.11 -104.45 -54.35
CA PHE B 31 -64.75 -103.44 -55.33
C PHE B 31 -65.06 -102.02 -54.85
N VAL B 32 -66.27 -101.79 -54.34
CA VAL B 32 -66.65 -100.45 -53.91
C VAL B 32 -65.77 -99.95 -52.78
N ASN B 33 -65.29 -100.87 -51.94
CA ASN B 33 -64.48 -100.47 -50.79
C ASN B 33 -63.16 -99.83 -51.20
N GLN B 34 -62.69 -100.08 -52.42
CA GLN B 34 -61.42 -99.55 -52.89
C GLN B 34 -61.58 -98.39 -53.86
N ILE B 35 -62.82 -98.03 -54.22
CA ILE B 35 -63.07 -96.90 -55.10
C ILE B 35 -62.38 -95.66 -54.53
N PRO B 36 -62.39 -95.44 -53.23
CA PRO B 36 -61.61 -94.32 -52.68
C PRO B 36 -60.14 -94.38 -53.06
N ASN B 37 -59.54 -95.58 -53.07
CA ASN B 37 -58.13 -95.69 -53.43
C ASN B 37 -57.92 -95.38 -54.91
N PHE B 38 -58.83 -95.83 -55.77
CA PHE B 38 -58.73 -95.51 -57.18
C PHE B 38 -58.84 -94.01 -57.41
N ILE B 39 -59.76 -93.36 -56.70
CA ILE B 39 -59.91 -91.91 -56.84
C ILE B 39 -58.67 -91.20 -56.32
N ASN B 40 -58.08 -91.71 -55.23
CA ASN B 40 -56.85 -91.15 -54.71
C ASN B 40 -55.74 -91.22 -55.76
N PHE B 41 -55.58 -92.39 -56.37
CA PHE B 41 -54.55 -92.56 -57.39
C PHE B 41 -54.81 -91.64 -58.58
N ALA B 42 -56.07 -91.51 -58.98
CA ALA B 42 -56.40 -90.64 -60.11
C ALA B 42 -56.08 -89.19 -59.82
N GLU B 43 -56.51 -88.70 -58.65
CA GLU B 43 -56.23 -87.31 -58.31
C GLU B 43 -54.74 -87.06 -58.15
N LYS B 44 -53.99 -88.04 -57.65
CA LYS B 44 -52.54 -87.89 -57.58
C LYS B 44 -51.94 -87.80 -58.98
N GLU B 45 -52.37 -88.68 -59.88
CA GLU B 45 -51.87 -88.64 -61.25
C GLU B 45 -52.24 -87.33 -61.94
N ILE B 46 -53.35 -86.72 -61.52
CA ILE B 46 -53.78 -85.46 -62.12
C ILE B 46 -52.93 -84.31 -61.61
N TYR B 47 -52.96 -84.07 -60.30
CA TYR B 47 -52.28 -82.93 -59.72
C TYR B 47 -50.76 -83.01 -59.83
N ARG B 48 -50.22 -84.17 -60.22
CA ARG B 48 -48.78 -84.28 -60.34
C ARG B 48 -48.23 -83.37 -61.42
N ASN B 49 -49.02 -83.09 -62.46
CA ASN B 49 -48.59 -82.24 -63.55
C ASN B 49 -49.60 -81.18 -63.96
N LEU B 50 -50.82 -81.23 -63.43
CA LEU B 50 -51.81 -80.22 -63.78
C LEU B 50 -51.48 -78.89 -63.10
N ARG B 51 -51.43 -77.83 -63.90
CA ARG B 51 -51.13 -76.48 -63.40
C ARG B 51 -52.17 -75.53 -63.97
N ILE B 52 -53.05 -75.03 -63.10
CA ILE B 52 -54.12 -74.12 -63.52
C ILE B 52 -54.40 -73.14 -62.40
N PRO B 53 -55.11 -72.04 -62.66
CA PRO B 53 -55.38 -71.06 -61.62
C PRO B 53 -56.10 -71.64 -60.43
N PRO B 54 -57.24 -72.32 -60.61
CA PRO B 54 -58.09 -72.65 -59.47
C PRO B 54 -57.38 -73.40 -58.34
N LEU B 55 -56.21 -73.97 -58.60
CA LEU B 55 -55.43 -74.62 -57.55
C LEU B 55 -54.24 -73.77 -57.11
N GLU B 56 -54.22 -72.50 -57.48
CA GLU B 56 -53.15 -71.61 -57.07
C GLU B 56 -53.41 -71.09 -55.66
N LYS B 57 -52.44 -70.34 -55.13
CA LYS B 57 -52.57 -69.75 -53.80
C LYS B 57 -51.52 -68.69 -53.58
N GLU B 58 -51.95 -67.49 -53.20
CA GLU B 58 -51.05 -66.39 -52.86
C GLU B 58 -50.94 -66.28 -51.36
N VAL B 59 -49.75 -65.90 -50.88
CA VAL B 59 -49.50 -65.81 -49.45
C VAL B 59 -48.25 -64.99 -49.24
N TYR B 60 -48.19 -64.27 -48.12
CA TYR B 60 -47.00 -63.55 -47.73
C TYR B 60 -45.98 -64.52 -47.14
N LEU B 61 -44.71 -64.10 -47.18
CA LEU B 61 -43.60 -64.91 -46.69
C LEU B 61 -42.86 -64.17 -45.59
N ASP B 62 -42.01 -64.92 -44.90
CA ASP B 62 -41.09 -64.38 -43.88
C ASP B 62 -39.69 -64.77 -44.30
N ILE B 63 -38.92 -63.80 -44.79
CA ILE B 63 -37.62 -64.11 -45.38
C ILE B 63 -36.59 -64.38 -44.29
N LYS B 64 -36.47 -63.48 -43.33
CA LYS B 64 -35.45 -63.58 -42.29
C LYS B 64 -34.05 -63.65 -42.90
N ASP B 65 -33.85 -62.97 -44.03
CA ASP B 65 -32.54 -62.82 -44.67
C ASP B 65 -31.82 -64.17 -44.77
N GLY B 66 -32.36 -65.03 -45.63
CA GLY B 66 -31.84 -66.38 -45.71
C GLY B 66 -32.84 -67.46 -45.35
N VAL B 67 -32.77 -67.96 -44.11
CA VAL B 67 -33.34 -69.23 -43.68
C VAL B 67 -34.76 -69.47 -44.18
N ALA B 68 -35.41 -68.43 -44.71
CA ALA B 68 -36.78 -68.54 -45.22
C ALA B 68 -37.06 -69.91 -45.82
N TYR B 69 -38.15 -70.54 -45.39
CA TYR B 69 -38.44 -71.93 -45.72
C TYR B 69 -39.59 -72.02 -46.73
N ILE B 70 -39.59 -73.11 -47.46
CA ILE B 70 -40.60 -73.37 -48.49
C ILE B 70 -41.84 -73.93 -47.81
N PRO B 71 -43.04 -73.42 -48.09
CA PRO B 71 -44.24 -73.96 -47.45
C PRO B 71 -44.48 -75.40 -47.87
N PRO B 72 -45.29 -76.15 -47.11
CA PRO B 72 -45.48 -77.57 -47.45
C PRO B 72 -46.18 -77.77 -48.78
N ASP B 73 -47.11 -76.90 -49.14
CA ASP B 73 -47.91 -77.05 -50.35
C ASP B 73 -47.20 -76.55 -51.61
N TYR B 74 -45.88 -76.37 -51.56
CA TYR B 74 -45.16 -75.83 -52.70
C TYR B 74 -45.02 -76.87 -53.79
N LEU B 75 -45.51 -76.55 -54.99
CA LEU B 75 -45.35 -77.38 -56.18
C LEU B 75 -44.68 -76.65 -57.32
N GLU B 76 -45.04 -75.39 -57.55
CA GLU B 76 -44.45 -74.59 -58.61
C GLU B 76 -44.75 -73.13 -58.32
N ALA B 77 -43.74 -72.28 -58.50
CA ALA B 77 -43.83 -70.87 -58.14
C ALA B 77 -44.25 -70.03 -59.34
N GLN B 78 -45.29 -69.23 -59.17
CA GLN B 78 -45.67 -68.22 -60.14
C GLN B 78 -44.93 -66.92 -59.82
N TRP B 79 -45.37 -65.82 -60.43
CA TRP B 79 -44.78 -64.53 -60.16
C TRP B 79 -44.58 -64.31 -58.67
N MET B 80 -43.44 -63.73 -58.32
CA MET B 80 -43.09 -63.40 -56.94
C MET B 80 -42.72 -61.92 -56.89
N MET B 81 -43.29 -61.20 -55.93
CA MET B 81 -43.15 -59.75 -55.88
C MET B 81 -43.47 -59.26 -54.48
N ARG B 82 -43.55 -57.94 -54.33
CA ARG B 82 -43.89 -57.27 -53.09
C ARG B 82 -45.24 -56.58 -53.24
N ALA B 83 -45.66 -55.92 -52.16
CA ALA B 83 -46.89 -55.14 -52.14
C ALA B 83 -46.62 -53.65 -52.00
N LYS B 84 -45.43 -53.20 -52.39
CA LYS B 84 -45.00 -51.80 -52.23
C LYS B 84 -44.30 -51.37 -53.51
N ASP B 85 -45.02 -50.63 -54.35
CA ASP B 85 -44.48 -50.04 -55.58
C ASP B 85 -44.19 -51.09 -56.65
N GLY B 86 -44.31 -52.37 -56.31
CA GLY B 86 -44.15 -53.41 -57.31
C GLY B 86 -42.70 -53.73 -57.60
N THR B 87 -42.36 -55.02 -57.59
CA THR B 87 -41.04 -55.48 -57.97
C THR B 87 -41.04 -56.98 -58.16
N ILE B 88 -40.54 -57.47 -59.29
CA ILE B 88 -40.57 -58.88 -59.64
C ILE B 88 -39.18 -59.46 -59.45
N PHE B 89 -39.09 -60.56 -58.72
CA PHE B 89 -37.84 -61.27 -58.51
C PHE B 89 -37.57 -62.22 -59.67
N GLN B 90 -36.30 -62.57 -59.82
CA GLN B 90 -35.88 -63.57 -60.81
C GLN B 90 -35.05 -64.63 -60.12
N VAL B 91 -35.26 -65.87 -60.52
CA VAL B 91 -34.64 -67.03 -59.89
C VAL B 91 -33.31 -67.33 -60.58
N THR B 92 -32.29 -67.60 -59.78
CA THR B 92 -30.97 -67.94 -60.28
C THR B 92 -30.44 -69.14 -59.49
N SER B 93 -29.22 -69.56 -59.82
CA SER B 93 -28.64 -70.73 -59.23
C SER B 93 -27.87 -70.39 -57.96
N PRO B 94 -27.57 -71.40 -57.14
CA PRO B 94 -26.80 -71.12 -55.91
C PRO B 94 -25.47 -70.44 -56.17
N GLU B 95 -24.77 -70.83 -57.24
CA GLU B 95 -23.45 -70.26 -57.51
C GLU B 95 -23.55 -68.77 -57.79
N GLU B 96 -24.58 -68.34 -58.51
CA GLU B 96 -24.74 -66.92 -58.78
C GLU B 96 -24.89 -66.12 -57.49
N ILE B 97 -25.68 -66.64 -56.55
CA ILE B 97 -25.89 -65.94 -55.29
C ILE B 97 -24.61 -65.94 -54.46
N SER B 98 -23.89 -67.06 -54.45
CA SER B 98 -22.62 -67.11 -53.72
C SER B 98 -21.63 -66.11 -54.29
N TYR B 99 -21.67 -65.91 -55.62
CA TYR B 99 -20.80 -64.91 -56.24
C TYR B 99 -21.25 -63.51 -55.88
N ARG B 100 -22.56 -63.25 -55.89
CA ARG B 100 -23.08 -61.94 -55.55
C ARG B 100 -22.71 -61.56 -54.12
N ARG B 101 -22.72 -62.55 -53.22
CA ARG B 101 -22.44 -62.29 -51.81
C ARG B 101 -21.12 -61.53 -51.63
N GLN B 102 -20.05 -62.08 -52.18
CA GLN B 102 -18.73 -61.47 -52.04
C GLN B 102 -18.60 -60.27 -52.98
N HIS B 103 -18.76 -60.51 -54.28
CA HIS B 103 -18.64 -59.45 -55.26
C HIS B 103 -19.79 -58.46 -55.12
N GLY B 104 -19.46 -57.21 -54.81
CA GLY B 104 -20.47 -56.18 -54.64
C GLY B 104 -19.91 -54.86 -54.15
N ASN B 113 -28.98 -51.73 -55.63
CA ASN B 113 -29.68 -52.95 -55.25
C ASN B 113 -31.05 -53.02 -55.92
N GLN B 114 -31.10 -52.59 -57.19
CA GLN B 114 -32.38 -52.59 -57.90
C GLN B 114 -32.91 -54.00 -58.10
N PRO B 115 -32.19 -54.90 -58.76
CA PRO B 115 -32.68 -56.28 -58.92
C PRO B 115 -32.50 -57.09 -57.64
N VAL B 116 -33.36 -58.10 -57.52
CA VAL B 116 -33.33 -59.01 -56.37
C VAL B 116 -33.51 -60.42 -56.90
N ASN B 117 -32.59 -61.31 -56.53
CA ASN B 117 -32.60 -62.70 -56.98
C ASN B 117 -32.96 -63.62 -55.81
N PHE B 118 -33.12 -64.90 -56.14
CA PHE B 118 -33.39 -65.91 -55.13
C PHE B 118 -33.15 -67.29 -55.74
N ALA B 119 -32.97 -68.26 -54.87
CA ALA B 119 -32.67 -69.63 -55.28
C ALA B 119 -33.44 -70.59 -54.38
N ARG B 120 -33.12 -71.87 -54.47
CA ARG B 120 -33.79 -72.93 -53.72
C ARG B 120 -32.72 -73.84 -53.13
N PHE B 121 -32.41 -73.63 -51.85
CA PHE B 121 -31.42 -74.44 -51.13
C PHE B 121 -32.19 -75.50 -50.35
N GLY B 122 -32.34 -76.68 -50.93
CA GLY B 122 -33.11 -77.73 -50.29
C GLY B 122 -34.55 -77.31 -50.09
N SER B 123 -34.92 -77.03 -48.84
CA SER B 123 -36.26 -76.57 -48.49
C SER B 123 -36.23 -75.13 -47.99
N ARG B 124 -35.43 -74.29 -48.64
CA ARG B 124 -35.34 -72.88 -48.28
C ARG B 124 -35.33 -72.03 -49.54
N PHE B 125 -35.61 -70.73 -49.35
CA PHE B 125 -35.53 -69.73 -50.40
C PHE B 125 -34.53 -68.67 -49.96
N ILE B 126 -33.35 -68.70 -50.56
CA ILE B 126 -32.27 -67.79 -50.20
C ILE B 126 -32.38 -66.52 -51.02
N PHE B 127 -31.93 -65.41 -50.44
CA PHE B 127 -31.91 -64.12 -51.10
C PHE B 127 -30.58 -63.44 -50.80
N TYR B 128 -29.95 -62.87 -51.83
CA TYR B 128 -28.66 -62.24 -51.61
C TYR B 128 -28.76 -61.05 -50.66
N PRO B 129 -29.63 -60.08 -50.88
CA PRO B 129 -29.74 -58.97 -49.92
C PRO B 129 -30.34 -59.44 -48.60
N SER B 130 -29.94 -58.76 -47.52
CA SER B 130 -30.44 -59.07 -46.18
C SER B 130 -31.87 -58.53 -46.07
N ILE B 131 -32.81 -59.32 -46.59
CA ILE B 131 -34.22 -58.94 -46.54
C ILE B 131 -34.73 -59.07 -45.11
N GLU B 132 -35.68 -58.22 -44.76
CA GLU B 132 -36.26 -58.16 -43.42
C GLU B 132 -37.78 -58.16 -43.50
N ALA B 133 -38.33 -59.07 -44.31
CA ALA B 133 -39.78 -59.20 -44.39
C ALA B 133 -40.35 -59.64 -43.06
N ASP B 134 -41.52 -59.10 -42.72
CA ASP B 134 -42.15 -59.32 -41.44
C ASP B 134 -43.54 -59.91 -41.65
N THR B 135 -43.92 -60.84 -40.77
CA THR B 135 -45.23 -61.46 -40.79
C THR B 135 -45.63 -61.79 -39.36
N PRO B 136 -46.93 -61.88 -39.08
CA PRO B 136 -47.36 -62.24 -37.72
C PRO B 136 -46.97 -63.66 -37.39
N TYR B 137 -46.69 -63.89 -36.10
CA TYR B 137 -46.23 -65.19 -35.64
C TYR B 137 -47.35 -66.22 -35.75
N TYR B 138 -47.02 -67.46 -35.39
CA TYR B 138 -47.97 -68.56 -35.61
C TYR B 138 -49.23 -68.42 -34.77
N PRO B 139 -49.17 -68.33 -33.44
CA PRO B 139 -50.40 -68.43 -32.65
C PRO B 139 -51.25 -67.17 -32.67
N ASP B 140 -50.92 -66.23 -33.56
CA ASP B 140 -51.70 -65.00 -33.66
C ASP B 140 -53.15 -65.31 -33.95
N ASP B 141 -54.05 -64.61 -33.24
CA ASP B 141 -55.48 -64.77 -33.41
C ASP B 141 -55.99 -63.72 -34.37
N GLY B 142 -56.58 -64.15 -35.49
CA GLY B 142 -57.04 -63.24 -36.52
C GLY B 142 -56.01 -62.19 -36.86
N SER B 143 -56.33 -60.92 -36.59
CA SER B 143 -55.37 -59.83 -36.73
C SER B 143 -54.74 -59.84 -38.12
N PRO B 144 -55.47 -59.43 -39.16
CA PRO B 144 -54.87 -59.34 -40.49
C PRO B 144 -53.54 -58.60 -40.49
N LEU B 145 -53.37 -57.70 -39.52
CA LEU B 145 -52.15 -56.97 -39.22
C LEU B 145 -51.93 -55.79 -40.16
N ILE B 146 -52.79 -55.56 -41.15
CA ILE B 146 -52.59 -54.47 -42.09
C ILE B 146 -51.19 -54.60 -42.67
N PRO B 147 -50.97 -55.55 -43.59
CA PRO B 147 -49.60 -55.91 -44.00
C PRO B 147 -48.64 -54.74 -44.11
N ALA B 148 -47.54 -54.82 -43.35
CA ALA B 148 -46.56 -53.76 -43.33
C ALA B 148 -45.78 -53.72 -44.64
N GLU B 149 -44.82 -52.81 -44.71
CA GLU B 149 -43.97 -52.71 -45.89
C GLU B 149 -43.04 -53.91 -45.97
N ASN B 150 -42.17 -53.91 -46.97
CA ASN B 150 -41.22 -54.99 -47.21
C ASN B 150 -41.87 -56.35 -47.04
N SER B 151 -43.13 -56.46 -47.47
CA SER B 151 -43.90 -57.69 -47.34
C SER B 151 -44.00 -58.35 -48.71
N VAL B 152 -43.18 -59.37 -48.94
CA VAL B 152 -43.20 -60.07 -50.21
C VAL B 152 -44.43 -60.97 -50.29
N ILE B 153 -45.02 -61.06 -51.47
CA ILE B 153 -46.20 -61.87 -51.71
C ILE B 153 -45.83 -62.92 -52.77
N LEU B 154 -45.96 -64.19 -52.40
CA LEU B 154 -45.60 -65.29 -53.28
C LEU B 154 -46.87 -65.92 -53.86
N SER B 155 -46.81 -66.25 -55.14
CA SER B 155 -47.89 -66.93 -55.84
C SER B 155 -47.35 -68.24 -56.39
N TYR B 156 -47.96 -69.36 -55.99
CA TYR B 156 -47.50 -70.67 -56.39
C TYR B 156 -48.71 -71.57 -56.61
N TYR B 157 -48.43 -72.82 -56.97
CA TYR B 157 -49.47 -73.83 -57.15
C TYR B 157 -49.47 -74.75 -55.94
N ALA B 158 -50.58 -74.75 -55.21
CA ALA B 158 -50.70 -75.51 -53.97
C ALA B 158 -51.36 -76.86 -54.24
N ASP B 159 -50.91 -77.87 -53.50
CA ASP B 159 -51.46 -79.21 -53.64
C ASP B 159 -52.87 -79.24 -53.03
N PRO B 160 -53.90 -79.57 -53.79
CA PRO B 160 -55.26 -79.52 -53.25
C PRO B 160 -55.48 -80.61 -52.21
N PRO B 161 -56.56 -80.52 -51.44
CA PRO B 161 -56.82 -81.52 -50.40
C PRO B 161 -57.42 -82.79 -50.96
N GLU B 162 -57.25 -83.87 -50.20
CA GLU B 162 -57.82 -85.16 -50.54
C GLU B 162 -59.21 -85.29 -49.95
N PHE B 163 -60.11 -85.91 -50.70
CA PHE B 163 -61.48 -86.09 -50.23
C PHE B 163 -61.51 -86.98 -48.99
N HIS B 164 -62.27 -86.56 -47.99
CA HIS B 164 -62.42 -87.32 -46.77
C HIS B 164 -63.87 -87.44 -46.30
N GLU B 165 -64.81 -86.76 -46.96
CA GLU B 165 -66.22 -86.84 -46.61
C GLU B 165 -67.05 -86.77 -47.88
N ASP B 166 -68.18 -87.49 -47.87
CA ASP B 166 -69.03 -87.52 -49.04
C ASP B 166 -69.51 -86.12 -49.43
N THR B 167 -69.73 -85.26 -48.44
CA THR B 167 -70.12 -83.89 -48.71
C THR B 167 -68.97 -83.03 -49.21
N ASP B 168 -67.73 -83.53 -49.13
CA ASP B 168 -66.59 -82.75 -49.58
C ASP B 168 -66.60 -82.64 -51.10
N THR B 169 -66.54 -81.40 -51.60
CA THR B 169 -66.55 -81.12 -53.02
C THR B 169 -65.27 -80.39 -53.39
N SER B 170 -65.06 -80.22 -54.69
CA SER B 170 -63.88 -79.53 -55.19
C SER B 170 -64.21 -78.95 -56.56
N THR B 171 -63.44 -77.93 -56.94
CA THR B 171 -63.67 -77.27 -58.22
C THR B 171 -63.60 -78.25 -59.37
N ILE B 172 -62.81 -79.31 -59.24
CA ILE B 172 -62.68 -80.29 -60.33
C ILE B 172 -64.02 -80.96 -60.59
N LEU B 173 -64.78 -81.22 -59.53
CA LEU B 173 -66.08 -81.87 -59.69
C LEU B 173 -67.06 -80.95 -60.43
N THR B 174 -67.03 -79.65 -60.11
CA THR B 174 -67.95 -78.71 -60.72
C THR B 174 -67.50 -78.22 -62.09
N ILE B 175 -66.25 -78.49 -62.47
CA ILE B 175 -65.69 -78.01 -63.73
C ILE B 175 -65.48 -79.15 -64.72
N ALA B 176 -65.10 -80.33 -64.23
CA ALA B 176 -64.80 -81.45 -65.11
C ALA B 176 -64.83 -82.77 -64.34
N PRO B 177 -66.01 -83.32 -64.08
CA PRO B 177 -66.06 -84.60 -63.34
C PRO B 177 -65.67 -85.79 -64.21
N GLU B 178 -65.93 -85.74 -65.51
CA GLU B 178 -65.58 -86.85 -66.38
C GLU B 178 -64.08 -87.14 -66.32
N LEU B 179 -63.26 -86.12 -66.09
CA LEU B 179 -61.82 -86.33 -65.98
C LEU B 179 -61.50 -87.29 -64.84
N LEU B 180 -61.97 -86.96 -63.63
CA LEU B 180 -61.74 -87.84 -62.49
C LEU B 180 -62.37 -89.21 -62.72
N LEU B 181 -63.58 -89.24 -63.28
CA LEU B 181 -64.26 -90.50 -63.48
C LEU B 181 -63.47 -91.42 -64.39
N TYR B 182 -62.90 -90.87 -65.47
CA TYR B 182 -62.12 -91.70 -66.38
C TYR B 182 -60.78 -92.09 -65.77
N PHE B 183 -60.08 -91.14 -65.15
CA PHE B 183 -58.78 -91.45 -64.56
C PHE B 183 -58.90 -92.43 -63.40
N THR B 184 -60.08 -92.57 -62.80
CA THR B 184 -60.27 -93.57 -61.76
C THR B 184 -60.84 -94.88 -62.28
N LEU B 185 -61.65 -94.83 -63.35
CA LEU B 185 -62.03 -96.07 -64.01
C LEU B 185 -60.81 -96.76 -64.60
N ARG B 186 -59.78 -95.99 -64.96
CA ARG B 186 -58.52 -96.59 -65.38
C ARG B 186 -57.98 -97.54 -64.31
N HIS B 187 -57.76 -97.01 -63.11
CA HIS B 187 -57.22 -97.84 -62.04
C HIS B 187 -58.21 -98.90 -61.59
N ALA B 188 -59.51 -98.65 -61.78
CA ALA B 188 -60.50 -99.69 -61.47
C ALA B 188 -60.36 -100.88 -62.41
N CYS B 189 -60.39 -100.63 -63.72
CA CYS B 189 -60.20 -101.68 -64.70
C CYS B 189 -58.81 -102.30 -64.61
N LEU B 190 -57.85 -101.61 -63.96
CA LEU B 190 -56.58 -102.25 -63.67
C LEU B 190 -56.70 -103.20 -62.48
N PHE B 191 -57.38 -102.76 -61.42
CA PHE B 191 -57.61 -103.62 -60.27
C PHE B 191 -58.18 -104.97 -60.69
N VAL B 192 -59.29 -104.94 -61.43
CA VAL B 192 -59.79 -106.13 -62.10
C VAL B 192 -58.99 -106.29 -63.39
N GLN B 193 -59.15 -107.43 -64.05
CA GLN B 193 -58.39 -107.73 -65.27
C GLN B 193 -59.17 -107.20 -66.46
N ASP B 194 -58.71 -106.10 -67.04
CA ASP B 194 -59.33 -105.51 -68.21
C ASP B 194 -58.37 -104.50 -68.81
N ASP B 195 -58.17 -104.55 -70.13
CA ASP B 195 -57.21 -103.71 -70.82
C ASP B 195 -57.85 -102.75 -71.81
N ASN B 196 -58.87 -103.18 -72.54
CA ASN B 196 -59.52 -102.30 -73.49
C ASN B 196 -60.10 -101.08 -72.79
N GLY B 197 -60.83 -101.31 -71.70
CA GLY B 197 -61.36 -100.20 -70.93
C GLY B 197 -60.25 -99.32 -70.39
N VAL B 198 -59.18 -99.92 -69.90
CA VAL B 198 -58.04 -99.14 -69.40
C VAL B 198 -57.56 -98.18 -70.48
N GLN B 199 -57.29 -98.71 -71.67
CA GLN B 199 -56.76 -97.88 -72.74
C GLN B 199 -57.74 -96.79 -73.14
N LYS B 200 -59.03 -97.13 -73.27
CA LYS B 200 -60.01 -96.13 -73.69
C LYS B 200 -60.14 -95.02 -72.66
N TRP B 201 -60.28 -95.39 -71.38
CA TRP B 201 -60.41 -94.40 -70.33
C TRP B 201 -59.16 -93.53 -70.23
N SER B 202 -57.99 -94.13 -70.38
CA SER B 202 -56.75 -93.35 -70.33
C SER B 202 -56.70 -92.34 -71.48
N ALA B 203 -57.06 -92.79 -72.69
CA ALA B 203 -57.06 -91.88 -73.83
C ALA B 203 -58.04 -90.73 -73.61
N LEU B 204 -59.24 -91.03 -73.11
CA LEU B 204 -60.24 -89.98 -72.91
C LEU B 204 -59.78 -89.00 -71.83
N GLY B 205 -59.23 -89.50 -70.73
CA GLY B 205 -58.73 -88.62 -69.69
C GLY B 205 -57.60 -87.74 -70.19
N LYS B 206 -56.69 -88.31 -70.98
CA LYS B 206 -55.59 -87.51 -71.52
C LYS B 206 -56.12 -86.46 -72.47
N ALA B 207 -57.13 -86.78 -73.27
CA ALA B 207 -57.72 -85.79 -74.16
C ALA B 207 -58.36 -84.66 -73.38
N ILE B 208 -59.08 -84.99 -72.31
CA ILE B 208 -59.70 -83.95 -71.49
C ILE B 208 -58.65 -83.05 -70.87
N LEU B 209 -57.57 -83.66 -70.35
CA LEU B 209 -56.52 -82.86 -69.74
C LEU B 209 -55.83 -81.97 -70.77
N ASP B 210 -55.62 -82.49 -71.98
CA ASP B 210 -55.04 -81.67 -73.03
C ASP B 210 -55.94 -80.50 -73.37
N GLU B 211 -57.26 -80.74 -73.45
CA GLU B 211 -58.19 -79.65 -73.70
C GLU B 211 -58.10 -78.59 -72.61
N MET B 212 -58.02 -79.02 -71.36
CA MET B 212 -57.99 -78.07 -70.25
C MET B 212 -56.70 -77.25 -70.26
N VAL B 213 -55.56 -77.90 -70.50
CA VAL B 213 -54.30 -77.16 -70.52
C VAL B 213 -54.23 -76.23 -71.73
N GLU B 214 -54.82 -76.65 -72.85
CA GLU B 214 -54.86 -75.77 -74.02
C GLU B 214 -55.75 -74.56 -73.77
N GLN B 215 -56.86 -74.76 -73.03
CA GLN B 215 -57.68 -73.63 -72.62
C GLN B 215 -56.88 -72.68 -71.74
N ASN B 216 -56.17 -73.22 -70.76
CA ASN B 216 -55.34 -72.37 -69.91
C ASN B 216 -54.31 -71.60 -70.74
N LYS B 217 -53.74 -72.24 -71.75
CA LYS B 217 -52.75 -71.58 -72.60
C LYS B 217 -53.39 -70.44 -73.38
N LYS B 218 -54.48 -70.73 -74.09
CA LYS B 218 -55.17 -69.68 -74.85
C LYS B 218 -55.74 -68.60 -73.94
N GLN B 219 -55.81 -68.85 -72.63
CA GLN B 219 -56.28 -67.81 -71.71
C GLN B 219 -55.20 -66.80 -71.39
N GLU B 220 -53.94 -67.21 -71.35
CA GLU B 220 -52.86 -66.31 -70.97
C GLU B 220 -52.38 -65.51 -72.19
N TYR B 221 -52.16 -64.21 -71.97
CA TYR B 221 -51.75 -63.32 -73.04
C TYR B 221 -52.70 -63.42 -74.22
N SER B 222 -53.99 -63.18 -73.98
CA SER B 222 -55.04 -63.37 -74.97
C SER B 222 -55.97 -62.17 -75.01
N GLY B 223 -55.40 -60.96 -75.08
CA GLY B 223 -56.19 -59.76 -75.19
C GLY B 223 -55.68 -58.80 -76.25
N SER B 224 -54.54 -59.12 -76.84
CA SER B 224 -53.94 -58.27 -77.86
C SER B 224 -52.66 -58.91 -78.39
N PRO B 225 -52.16 -58.50 -79.56
CA PRO B 225 -50.88 -59.04 -80.02
C PRO B 225 -49.72 -58.44 -79.26
N ILE B 226 -48.49 -58.79 -79.65
CA ILE B 226 -47.29 -58.28 -78.98
C ILE B 226 -46.27 -57.90 -80.04
N ALA B 227 -45.53 -56.82 -79.78
CA ALA B 227 -44.44 -56.39 -80.65
C ALA B 227 -43.43 -55.64 -79.77
N ILE B 228 -42.30 -56.27 -79.50
CA ILE B 228 -41.28 -55.67 -78.64
C ILE B 228 -40.88 -54.31 -79.21
N PRO B 229 -41.04 -53.23 -78.46
CA PRO B 229 -40.71 -51.90 -79.00
C PRO B 229 -39.22 -51.59 -78.90
N ASN B 230 -38.39 -52.45 -79.51
CA ASN B 230 -36.94 -52.32 -79.49
C ASN B 230 -36.33 -51.83 -78.18
N ASN B 231 -36.74 -52.44 -77.07
CA ASN B 231 -36.27 -52.04 -75.74
C ASN B 231 -34.75 -52.09 -75.67
N MET B 232 -34.13 -50.93 -75.48
CA MET B 232 -32.70 -50.80 -75.29
C MET B 232 -32.45 -49.94 -74.07
N THR B 233 -33.13 -50.28 -72.96
CA THR B 233 -33.03 -49.59 -71.68
C THR B 233 -33.00 -48.07 -71.70
N ARG B 234 -34.09 -47.46 -72.20
CA ARG B 234 -34.22 -46.01 -72.25
C ARG B 234 -33.80 -45.36 -70.93
N LEU B 235 -34.05 -46.06 -69.82
CA LEU B 235 -33.69 -45.56 -68.49
C LEU B 235 -32.30 -46.09 -68.14
N GLN B 236 -31.31 -45.21 -68.21
CA GLN B 236 -29.94 -45.54 -67.84
C GLN B 236 -29.37 -44.62 -66.78
N SER B 237 -29.84 -43.38 -66.70
CA SER B 237 -29.31 -42.41 -65.74
C SER B 237 -29.49 -42.91 -64.31
N SER B 238 -30.74 -43.22 -63.93
CA SER B 238 -31.03 -43.67 -62.58
C SER B 238 -30.71 -42.57 -61.56
N ALA C 2 -62.28 -118.55 -80.31
CA ALA C 2 -62.73 -119.60 -79.39
C ALA C 2 -64.06 -119.22 -78.76
N LEU C 3 -64.72 -120.20 -78.15
CA LEU C 3 -66.02 -119.97 -77.52
C LEU C 3 -66.10 -120.83 -76.27
N TYR C 4 -66.78 -120.29 -75.26
CA TYR C 4 -66.95 -120.96 -73.97
C TYR C 4 -68.39 -120.83 -73.50
N PRO C 5 -69.34 -121.45 -74.20
CA PRO C 5 -70.73 -121.40 -73.74
C PRO C 5 -71.01 -122.47 -72.69
N ILE C 6 -71.97 -122.16 -71.82
CA ILE C 6 -72.43 -123.10 -70.80
C ILE C 6 -73.96 -123.14 -70.92
N LYS C 7 -74.47 -124.09 -71.69
CA LYS C 7 -75.89 -124.21 -71.96
C LYS C 7 -76.41 -125.55 -71.43
N SER C 8 -77.72 -125.71 -71.52
CA SER C 8 -78.40 -126.95 -71.12
C SER C 8 -77.97 -127.38 -69.73
N LEU C 9 -78.18 -126.46 -68.77
CA LEU C 9 -77.80 -126.72 -67.39
C LEU C 9 -78.57 -127.90 -66.79
N GLY C 10 -79.70 -128.26 -67.38
CA GLY C 10 -80.51 -129.37 -66.91
C GLY C 10 -80.42 -130.63 -67.73
N ALA C 11 -79.59 -130.66 -68.76
CA ALA C 11 -79.45 -131.87 -69.57
C ALA C 11 -78.98 -133.04 -68.72
N VAL C 12 -78.05 -132.79 -67.81
CA VAL C 12 -77.56 -133.80 -66.87
C VAL C 12 -77.46 -133.14 -65.50
N GLY C 13 -77.83 -133.89 -64.47
CA GLY C 13 -77.91 -133.34 -63.14
C GLY C 13 -76.69 -133.63 -62.29
N VAL C 14 -76.89 -134.34 -61.18
CA VAL C 14 -75.82 -134.62 -60.24
C VAL C 14 -74.97 -135.77 -60.75
N ILE C 15 -73.66 -135.57 -60.74
CA ILE C 15 -72.69 -136.61 -61.09
C ILE C 15 -71.64 -136.61 -59.98
N ALA C 16 -71.83 -137.45 -58.98
CA ALA C 16 -70.86 -137.62 -57.91
C ALA C 16 -70.04 -138.87 -58.18
N ASP C 17 -69.21 -139.26 -57.21
CA ASP C 17 -68.37 -140.46 -57.33
C ASP C 17 -67.46 -140.39 -58.54
N GLN C 18 -67.23 -139.18 -59.06
CA GLN C 18 -66.45 -138.98 -60.27
C GLN C 18 -65.61 -137.73 -60.10
N ALA C 19 -64.44 -137.74 -60.73
CA ALA C 19 -63.52 -136.62 -60.61
C ALA C 19 -64.20 -135.33 -61.03
N PRO C 20 -64.50 -134.43 -60.09
CA PRO C 20 -65.21 -133.19 -60.47
C PRO C 20 -64.44 -132.35 -61.47
N THR C 21 -63.13 -132.51 -61.56
CA THR C 21 -62.31 -131.80 -62.53
C THR C 21 -62.24 -132.52 -63.87
N ASP C 22 -63.14 -133.49 -64.11
CA ASP C 22 -63.20 -134.20 -65.37
C ASP C 22 -64.63 -134.39 -65.84
N LEU C 23 -65.53 -133.49 -65.45
CA LEU C 23 -66.93 -133.53 -65.83
C LEU C 23 -67.22 -132.42 -66.83
N ALA C 24 -68.48 -132.27 -67.19
CA ALA C 24 -68.92 -131.22 -68.09
C ALA C 24 -69.37 -130.01 -67.31
N PRO C 25 -69.42 -128.84 -67.96
CA PRO C 25 -69.86 -127.63 -67.25
C PRO C 25 -71.32 -127.67 -66.84
N ASN C 26 -72.13 -128.52 -67.45
CA ASN C 26 -73.56 -128.61 -67.15
C ASN C 26 -73.86 -129.73 -66.14
N ALA C 27 -72.94 -129.97 -65.22
CA ALA C 27 -73.10 -131.00 -64.20
C ALA C 27 -72.88 -130.39 -62.83
N PHE C 28 -73.24 -131.15 -61.80
CA PHE C 28 -73.11 -130.72 -60.42
C PHE C 28 -72.63 -131.87 -59.54
N THR C 29 -71.78 -131.55 -58.58
CA THR C 29 -71.28 -132.55 -57.64
C THR C 29 -72.24 -132.80 -56.48
N ASN C 30 -73.30 -132.00 -56.35
CA ASN C 30 -74.27 -132.17 -55.29
C ASN C 30 -75.45 -131.24 -55.56
N ALA C 31 -76.64 -131.73 -55.23
CA ALA C 31 -77.85 -130.96 -55.44
C ALA C 31 -78.92 -131.46 -54.48
N ILE C 32 -79.90 -130.60 -54.22
CA ILE C 32 -81.01 -130.96 -53.34
C ILE C 32 -82.18 -130.03 -53.62
N ASN C 33 -83.39 -130.59 -53.67
CA ASN C 33 -84.60 -129.80 -53.91
C ASN C 33 -84.53 -129.08 -55.26
N ALA C 34 -84.04 -129.78 -56.28
CA ALA C 34 -83.91 -129.24 -57.61
C ALA C 34 -84.69 -130.09 -58.61
N ARG C 35 -85.03 -129.47 -59.74
CA ARG C 35 -85.81 -130.12 -60.77
C ARG C 35 -85.32 -129.66 -62.13
N PHE C 36 -84.97 -130.61 -63.00
CA PHE C 36 -84.41 -130.32 -64.31
C PHE C 36 -85.32 -130.87 -65.40
N VAL C 37 -85.56 -130.08 -66.44
CA VAL C 37 -86.15 -130.64 -67.65
C VAL C 37 -85.33 -130.22 -68.86
N GLU C 38 -84.25 -130.95 -69.12
CA GLU C 38 -83.54 -130.99 -70.40
C GLU C 38 -82.94 -129.66 -70.85
N GLN C 39 -83.33 -128.54 -70.24
CA GLN C 39 -82.70 -127.27 -70.57
C GLN C 39 -82.66 -126.30 -69.41
N ARG C 40 -83.12 -126.66 -68.22
CA ARG C 40 -83.43 -125.66 -67.21
C ARG C 40 -83.34 -126.29 -65.83
N VAL C 41 -83.21 -125.43 -64.83
CA VAL C 41 -83.15 -125.82 -63.43
C VAL C 41 -83.96 -124.83 -62.61
N PHE C 42 -84.72 -125.34 -61.65
CA PHE C 42 -85.51 -124.47 -60.79
C PHE C 42 -85.81 -125.21 -59.50
N LYS C 43 -86.16 -124.44 -58.47
CA LYS C 43 -86.42 -125.01 -57.16
C LYS C 43 -87.59 -126.00 -57.22
N THR C 44 -87.43 -127.11 -56.52
CA THR C 44 -88.48 -128.12 -56.43
C THR C 44 -89.59 -127.65 -55.51
N GLY C 45 -90.82 -128.06 -55.83
CA GLY C 45 -91.95 -127.72 -55.01
C GLY C 45 -91.78 -128.23 -53.58
N GLY C 46 -92.05 -127.37 -52.61
CA GLY C 46 -91.87 -127.72 -51.21
C GLY C 46 -92.97 -128.63 -50.71
N ASN C 47 -93.21 -128.56 -49.40
CA ASN C 47 -94.21 -129.38 -48.73
C ASN C 47 -95.21 -128.49 -48.01
N ALA C 48 -96.29 -129.11 -47.55
CA ALA C 48 -97.32 -128.40 -46.81
C ALA C 48 -98.31 -129.39 -46.22
N PRO C 49 -98.98 -129.04 -45.11
CA PRO C 49 -99.93 -129.98 -44.51
C PRO C 49 -101.18 -130.16 -45.35
N LEU C 50 -102.07 -131.05 -44.92
CA LEU C 50 -103.30 -131.32 -45.63
C LEU C 50 -104.26 -132.07 -44.72
N SER C 51 -105.50 -131.62 -44.65
CA SER C 51 -106.47 -132.22 -43.72
C SER C 51 -107.85 -132.20 -44.36
N TYR C 52 -108.38 -133.39 -44.67
CA TYR C 52 -109.77 -133.46 -45.11
C TYR C 52 -110.72 -133.02 -44.00
N VAL C 53 -110.45 -133.45 -42.76
CA VAL C 53 -111.22 -133.07 -41.60
C VAL C 53 -110.26 -132.72 -40.47
N ASP C 54 -110.80 -132.08 -39.43
CA ASP C 54 -109.97 -131.67 -38.31
C ASP C 54 -109.58 -132.83 -37.40
N GLU C 55 -110.08 -134.04 -37.66
CA GLU C 55 -109.75 -135.19 -36.83
C GLU C 55 -108.52 -135.94 -37.30
N ASP C 56 -108.11 -135.76 -38.56
CA ASP C 56 -106.95 -136.47 -39.08
C ASP C 56 -105.64 -135.80 -38.68
N LYS C 57 -105.67 -134.55 -38.23
CA LYS C 57 -104.46 -133.85 -37.83
C LYS C 57 -103.85 -134.41 -36.55
N ASP C 58 -104.44 -135.45 -35.96
CA ASP C 58 -103.91 -136.10 -34.77
C ASP C 58 -103.79 -137.60 -35.02
N LEU C 59 -103.24 -137.96 -36.18
CA LEU C 59 -103.17 -139.34 -36.61
C LEU C 59 -101.84 -139.61 -37.30
N THR C 60 -101.27 -140.78 -37.05
CA THR C 60 -100.01 -141.21 -37.67
C THR C 60 -100.32 -142.35 -38.62
N PRO C 61 -100.61 -142.07 -39.90
CA PRO C 61 -100.96 -143.15 -40.83
C PRO C 61 -99.73 -143.90 -41.31
N LEU C 62 -99.93 -145.19 -41.57
CA LEU C 62 -98.87 -146.05 -42.08
C LEU C 62 -99.01 -146.38 -43.55
N SER C 63 -100.22 -146.26 -44.12
CA SER C 63 -100.44 -146.54 -45.52
C SER C 63 -101.87 -146.19 -45.87
N PHE C 64 -102.13 -146.03 -47.16
CA PHE C 64 -103.47 -145.68 -47.62
C PHE C 64 -103.55 -145.88 -49.12
N VAL C 65 -104.80 -145.91 -49.61
CA VAL C 65 -105.07 -146.05 -51.04
C VAL C 65 -106.33 -145.26 -51.36
N SER C 66 -106.35 -144.65 -52.54
CA SER C 66 -107.47 -143.82 -52.98
C SER C 66 -108.48 -144.70 -53.71
N MET C 67 -109.45 -145.21 -52.97
CA MET C 67 -110.54 -145.97 -53.59
C MET C 67 -111.44 -145.02 -54.35
N PRO C 68 -111.67 -145.21 -55.65
CA PRO C 68 -112.45 -144.24 -56.41
C PRO C 68 -113.95 -144.36 -56.20
N PHE C 69 -114.44 -145.58 -56.01
CA PHE C 69 -115.87 -145.85 -55.93
C PHE C 69 -116.17 -146.79 -54.77
N ASP C 70 -117.46 -146.92 -54.48
CA ASP C 70 -117.96 -147.84 -53.47
C ASP C 70 -119.48 -147.84 -53.58
N TYR C 71 -120.08 -149.02 -53.36
CA TYR C 71 -121.53 -149.15 -53.53
C TYR C 71 -122.27 -148.10 -52.72
N TYR C 72 -121.95 -147.98 -51.43
CA TYR C 72 -122.63 -147.00 -50.59
C TYR C 72 -122.27 -145.58 -50.98
N SER C 73 -121.00 -145.33 -51.30
CA SER C 73 -120.58 -144.01 -51.70
C SER C 73 -121.13 -143.67 -53.08
N ALA C 74 -121.30 -142.37 -53.33
CA ALA C 74 -121.72 -141.89 -54.63
C ALA C 74 -120.52 -141.86 -55.57
N GLY C 75 -120.66 -141.20 -56.71
CA GLY C 75 -119.57 -141.08 -57.65
C GLY C 75 -118.49 -140.14 -57.16
N ASN C 76 -117.94 -140.44 -55.98
CA ASN C 76 -116.88 -139.64 -55.38
C ASN C 76 -115.85 -140.57 -54.76
N SER C 77 -114.59 -140.19 -54.85
CA SER C 77 -113.51 -141.01 -54.33
C SER C 77 -113.33 -140.78 -52.83
N PHE C 78 -112.66 -141.72 -52.19
CA PHE C 78 -112.37 -141.65 -50.76
C PHE C 78 -111.01 -142.29 -50.51
N LEU C 79 -110.65 -142.43 -49.24
CA LEU C 79 -109.38 -142.99 -48.84
C LEU C 79 -109.60 -144.13 -47.85
N VAL C 80 -108.70 -145.10 -47.90
CA VAL C 80 -108.69 -146.22 -46.96
C VAL C 80 -107.31 -146.19 -46.29
N VAL C 81 -107.23 -145.48 -45.17
CA VAL C 81 -105.97 -145.28 -44.47
C VAL C 81 -105.92 -146.20 -43.26
N GLY C 82 -104.72 -146.70 -42.95
CA GLY C 82 -104.53 -147.56 -41.80
C GLY C 82 -103.60 -146.95 -40.78
N THR C 83 -103.70 -147.40 -39.53
CA THR C 83 -102.86 -146.91 -38.45
C THR C 83 -102.29 -148.12 -37.73
N ASN C 84 -101.61 -147.86 -36.61
CA ASN C 84 -100.96 -148.94 -35.87
C ASN C 84 -101.95 -149.99 -35.37
N LYS C 85 -103.21 -149.62 -35.20
CA LYS C 85 -104.18 -150.52 -34.58
C LYS C 85 -105.48 -150.61 -35.36
N LYS C 86 -105.82 -149.57 -36.11
CA LYS C 86 -107.13 -149.48 -36.74
C LYS C 86 -107.00 -149.05 -38.19
N LEU C 87 -108.10 -149.24 -38.92
CA LEU C 87 -108.22 -148.80 -40.31
C LEU C 87 -109.34 -147.78 -40.40
N TYR C 88 -109.04 -146.62 -40.99
CA TYR C 88 -109.98 -145.52 -41.07
C TYR C 88 -110.31 -145.20 -42.52
N LYS C 89 -111.45 -144.55 -42.71
CA LYS C 89 -111.90 -144.08 -44.01
C LYS C 89 -112.35 -142.63 -43.88
N LEU C 90 -111.98 -141.82 -44.86
CA LEU C 90 -112.36 -140.41 -44.88
C LEU C 90 -112.76 -140.02 -46.30
N THR C 91 -113.79 -139.20 -46.42
CA THR C 91 -114.32 -138.78 -47.71
C THR C 91 -114.63 -137.29 -47.70
N ASP C 92 -113.78 -136.50 -47.04
CA ASP C 92 -113.87 -135.05 -46.98
C ASP C 92 -115.05 -134.55 -46.15
N GLU C 93 -115.81 -135.43 -45.52
CA GLU C 93 -116.98 -135.05 -44.73
C GLU C 93 -116.94 -135.55 -43.30
N SER C 94 -116.36 -136.72 -43.05
CA SER C 94 -116.30 -137.27 -41.71
C SER C 94 -115.36 -138.46 -41.71
N LEU C 95 -114.88 -138.80 -40.51
CA LEU C 95 -113.99 -139.93 -40.30
C LEU C 95 -114.77 -141.10 -39.74
N THR C 96 -114.41 -142.31 -40.17
CA THR C 96 -115.10 -143.52 -39.74
C THR C 96 -114.09 -144.64 -39.58
N ASP C 97 -114.26 -145.44 -38.52
CA ASP C 97 -113.43 -146.60 -38.27
C ASP C 97 -114.14 -147.83 -38.82
N ILE C 98 -113.61 -148.38 -39.91
CA ILE C 98 -114.22 -149.53 -40.55
C ILE C 98 -113.37 -150.77 -40.28
N SER C 99 -112.63 -150.75 -39.18
CA SER C 99 -111.82 -151.90 -38.81
C SER C 99 -112.71 -153.11 -38.58
N ARG C 100 -112.27 -154.25 -39.09
CA ARG C 100 -113.03 -155.49 -38.93
C ARG C 100 -113.31 -155.75 -37.45
N LYS C 101 -114.57 -156.00 -37.13
CA LYS C 101 -114.97 -156.33 -35.77
C LYS C 101 -115.06 -157.84 -35.59
N VAL C 102 -114.75 -158.29 -34.38
CA VAL C 102 -114.75 -159.71 -34.04
C VAL C 102 -116.10 -160.06 -33.43
N ALA C 103 -116.57 -161.28 -33.72
CA ALA C 103 -117.84 -161.77 -33.22
C ALA C 103 -117.59 -162.61 -31.97
N THR C 104 -118.02 -162.10 -30.81
CA THR C 104 -117.83 -162.83 -29.57
C THR C 104 -118.82 -163.98 -29.42
N VAL C 105 -120.06 -163.77 -29.88
CA VAL C 105 -121.12 -164.76 -29.77
C VAL C 105 -121.80 -164.88 -31.12
N THR C 106 -122.24 -166.10 -31.45
CA THR C 106 -122.92 -166.37 -32.71
C THR C 106 -124.01 -167.41 -32.48
N LYS C 107 -125.14 -167.23 -33.16
CA LYS C 107 -126.26 -168.14 -33.06
C LYS C 107 -126.81 -168.39 -34.45
N LYS C 108 -127.07 -169.66 -34.77
CA LYS C 108 -127.57 -170.06 -36.07
C LYS C 108 -129.07 -170.29 -36.02
N ALA C 109 -129.70 -170.26 -37.20
CA ALA C 109 -131.13 -170.48 -37.33
C ALA C 109 -131.38 -171.38 -38.52
N SER C 110 -132.03 -172.52 -38.28
CA SER C 110 -132.36 -173.46 -39.33
C SER C 110 -133.64 -173.04 -40.04
N ALA C 111 -133.66 -173.25 -41.35
CA ALA C 111 -134.83 -172.88 -42.16
C ALA C 111 -134.77 -173.67 -43.46
N SER C 112 -135.75 -174.56 -43.65
CA SER C 112 -135.83 -175.36 -44.86
C SER C 112 -136.79 -174.74 -45.87
N ILE C 113 -136.58 -175.06 -47.13
CA ILE C 113 -137.40 -174.57 -48.22
C ILE C 113 -137.57 -175.68 -49.26
N LYS C 114 -138.74 -175.74 -49.87
CA LYS C 114 -139.06 -176.74 -50.87
C LYS C 114 -139.51 -176.03 -52.14
N ILE C 115 -138.81 -176.29 -53.24
CA ILE C 115 -139.13 -175.71 -54.54
C ILE C 115 -139.73 -176.82 -55.39
N TYR C 116 -141.03 -176.73 -55.67
CA TYR C 116 -141.69 -177.73 -56.48
C TYR C 116 -141.07 -177.77 -57.87
N PRO C 117 -141.12 -178.93 -58.53
CA PRO C 117 -140.46 -179.05 -59.84
C PRO C 117 -141.04 -178.08 -60.86
N VAL C 118 -140.16 -177.53 -61.69
CA VAL C 118 -140.56 -176.65 -62.78
C VAL C 118 -140.58 -177.39 -64.11
N VAL C 119 -140.13 -178.64 -64.14
CA VAL C 119 -140.17 -179.43 -65.37
C VAL C 119 -141.61 -179.79 -65.70
N SER C 120 -141.94 -179.75 -66.98
CA SER C 120 -143.26 -180.06 -67.53
C SER C 120 -144.22 -178.89 -67.34
N GLN C 121 -143.83 -177.83 -66.62
CA GLN C 121 -144.66 -176.63 -66.54
C GLN C 121 -144.49 -175.73 -67.77
N ILE C 122 -143.51 -176.02 -68.61
CA ILE C 122 -143.27 -175.25 -69.82
C ILE C 122 -144.39 -175.54 -70.81
N VAL C 123 -144.45 -174.78 -71.90
CA VAL C 123 -145.51 -174.90 -72.91
C VAL C 123 -145.86 -176.36 -73.14
N PRO C 124 -147.14 -176.73 -73.13
CA PRO C 124 -147.53 -178.12 -73.32
C PRO C 124 -147.59 -178.47 -74.80
N LYS C 125 -147.95 -179.72 -75.07
CA LYS C 125 -148.15 -180.21 -76.43
C LYS C 125 -149.58 -180.73 -76.56
N GLU C 126 -150.11 -180.62 -77.77
CA GLU C 126 -151.51 -180.92 -78.04
C GLU C 126 -151.62 -182.15 -78.94
N SER C 127 -152.51 -183.06 -78.57
CA SER C 127 -152.75 -184.23 -79.41
C SER C 127 -153.70 -183.88 -80.57
N THR C 128 -154.81 -183.22 -80.27
CA THR C 128 -155.78 -182.79 -81.29
C THR C 128 -155.50 -181.33 -81.60
N ILE C 129 -154.44 -181.10 -82.38
CA ILE C 129 -154.06 -179.74 -82.74
C ILE C 129 -155.21 -179.03 -83.46
N SER C 130 -155.99 -179.77 -84.24
CA SER C 130 -157.13 -179.21 -84.96
C SER C 130 -158.25 -180.23 -84.99
N MET C 131 -159.48 -179.74 -85.00
CA MET C 131 -160.66 -180.61 -85.01
C MET C 131 -161.80 -179.85 -85.67
N ASN C 132 -162.23 -180.32 -86.84
CA ASN C 132 -163.32 -179.73 -87.58
C ASN C 132 -164.59 -180.51 -87.31
N PHE C 133 -165.70 -179.79 -87.12
CA PHE C 133 -167.00 -180.40 -86.86
C PHE C 133 -168.02 -179.78 -87.80
N ASN C 134 -169.27 -180.22 -87.68
CA ASN C 134 -170.34 -179.78 -88.55
C ASN C 134 -170.84 -178.41 -88.10
N GLN C 135 -171.99 -178.00 -88.65
CA GLN C 135 -172.51 -176.67 -88.37
C GLN C 135 -172.72 -176.45 -86.88
N THR C 136 -173.59 -177.26 -86.26
CA THR C 136 -174.01 -177.07 -84.88
C THR C 136 -173.72 -178.32 -84.06
N LYS C 137 -172.51 -178.86 -84.21
CA LYS C 137 -172.05 -179.98 -83.41
C LYS C 137 -171.34 -179.49 -82.16
N ASN C 138 -171.43 -180.28 -81.10
CA ASN C 138 -170.86 -179.95 -79.80
C ASN C 138 -169.94 -181.07 -79.32
N LEU C 139 -169.06 -181.53 -80.22
CA LEU C 139 -168.13 -182.58 -79.88
C LEU C 139 -167.25 -182.16 -78.72
N GLU C 140 -167.17 -183.02 -77.70
CA GLU C 140 -166.33 -182.75 -76.55
C GLU C 140 -164.85 -182.72 -76.98
N VAL C 141 -164.02 -182.13 -76.12
CA VAL C 141 -162.61 -181.96 -76.40
C VAL C 141 -161.80 -182.83 -75.44
N SER C 142 -160.76 -183.47 -75.97
CA SER C 142 -159.89 -184.35 -75.19
C SER C 142 -158.45 -183.93 -75.42
N LEU C 143 -157.76 -183.59 -74.33
CA LEU C 143 -156.37 -183.14 -74.42
C LEU C 143 -155.79 -183.15 -73.01
N LEU C 144 -154.46 -183.12 -72.94
CA LEU C 144 -153.76 -183.04 -71.68
C LEU C 144 -152.53 -182.17 -71.85
N PRO C 145 -152.22 -181.29 -70.88
CA PRO C 145 -150.96 -180.55 -70.95
C PRO C 145 -149.78 -181.45 -70.64
N ALA C 146 -148.58 -180.87 -70.50
CA ALA C 146 -147.38 -181.67 -70.29
C ALA C 146 -147.43 -182.27 -68.89
N ASP C 147 -147.97 -183.49 -68.79
CA ASP C 147 -148.03 -184.25 -67.55
C ASP C 147 -149.07 -183.70 -66.58
N ALA C 148 -149.68 -182.56 -66.91
CA ALA C 148 -150.70 -181.93 -66.08
C ALA C 148 -150.36 -182.04 -64.59
N ASN C 149 -149.17 -181.53 -64.26
CA ASN C 149 -148.59 -181.70 -62.93
C ASN C 149 -148.29 -180.35 -62.32
N ASN C 150 -148.72 -180.16 -61.07
CA ASN C 150 -148.38 -179.06 -60.18
C ASN C 150 -149.10 -177.76 -60.53
N THR C 151 -149.87 -177.70 -61.63
CA THR C 151 -150.53 -176.46 -62.02
C THR C 151 -151.80 -176.77 -62.78
N ASN C 152 -152.66 -175.77 -62.87
CA ASN C 152 -153.90 -175.82 -63.63
C ASN C 152 -153.77 -174.89 -64.84
N LEU C 153 -154.82 -174.87 -65.66
CA LEU C 153 -154.84 -174.05 -66.86
C LEU C 153 -156.20 -173.36 -66.98
N ILE C 154 -156.30 -172.48 -67.95
CA ILE C 154 -157.52 -171.74 -68.23
C ILE C 154 -157.80 -171.80 -69.72
N TRP C 155 -158.97 -172.32 -70.09
CA TRP C 155 -159.35 -172.48 -71.48
C TRP C 155 -160.04 -171.21 -71.95
N GLU C 156 -159.49 -170.58 -72.99
CA GLU C 156 -160.05 -169.38 -73.57
C GLU C 156 -160.23 -169.57 -75.07
N VAL C 157 -161.22 -168.89 -75.62
CA VAL C 157 -161.54 -168.95 -77.04
C VAL C 157 -161.78 -167.54 -77.56
N SER C 158 -161.20 -167.23 -78.70
CA SER C 158 -161.38 -165.92 -79.31
C SER C 158 -162.73 -165.86 -80.01
N ASN C 159 -163.32 -164.66 -80.00
CA ASN C 159 -164.63 -164.43 -80.59
C ASN C 159 -165.67 -165.40 -80.00
N SER C 160 -165.91 -165.23 -78.69
CA SER C 160 -166.82 -166.11 -77.96
C SER C 160 -168.27 -165.78 -78.34
N SER C 161 -168.59 -166.04 -79.60
CA SER C 161 -169.92 -165.84 -80.15
C SER C 161 -170.40 -167.04 -80.96
N TYR C 162 -169.66 -168.15 -80.93
CA TYR C 162 -170.02 -169.35 -81.67
C TYR C 162 -170.84 -170.33 -80.84
N GLY C 163 -171.62 -169.84 -79.89
CA GLY C 163 -172.44 -170.68 -79.06
C GLY C 163 -172.97 -169.95 -77.84
N SER C 164 -174.18 -170.29 -77.40
CA SER C 164 -174.74 -169.66 -76.21
C SER C 164 -173.74 -169.73 -75.05
N ILE C 165 -173.10 -170.88 -74.86
CA ILE C 165 -171.99 -171.03 -73.92
C ILE C 165 -170.89 -171.77 -74.68
N THR C 166 -169.94 -171.01 -75.24
CA THR C 166 -168.92 -171.61 -76.09
C THR C 166 -168.10 -172.64 -75.32
N VAL C 167 -167.39 -172.20 -74.29
CA VAL C 167 -166.61 -173.08 -73.43
C VAL C 167 -166.90 -172.70 -71.99
N ASP C 168 -167.51 -173.61 -71.24
CA ASP C 168 -167.84 -173.35 -69.85
C ASP C 168 -166.61 -173.59 -68.98
N PRO C 169 -166.61 -173.07 -67.75
CA PRO C 169 -165.47 -173.30 -66.85
C PRO C 169 -165.18 -174.78 -66.66
N SER C 170 -163.95 -175.20 -66.94
CA SER C 170 -163.58 -176.59 -66.78
C SER C 170 -163.91 -177.07 -65.37
N ASP C 171 -164.59 -178.22 -65.29
CA ASP C 171 -164.97 -178.77 -63.99
C ASP C 171 -163.75 -178.95 -63.11
N SER C 172 -162.82 -179.82 -63.52
CA SER C 172 -161.57 -180.02 -62.81
C SER C 172 -160.37 -179.57 -63.63
N LYS C 173 -160.23 -180.06 -64.85
CA LYS C 173 -159.12 -179.69 -65.73
C LYS C 173 -159.58 -179.30 -67.13
N LEU C 174 -160.62 -179.95 -67.65
CA LEU C 174 -161.08 -179.73 -69.02
C LEU C 174 -162.53 -179.26 -69.04
N ALA C 175 -162.93 -178.70 -70.18
CA ALA C 175 -164.29 -178.25 -70.38
C ALA C 175 -164.83 -178.82 -71.69
N THR C 176 -166.06 -178.46 -72.04
CA THR C 176 -166.72 -178.95 -73.24
C THR C 176 -166.72 -177.87 -74.30
N LEU C 177 -167.12 -178.27 -75.51
CA LEU C 177 -167.19 -177.38 -76.65
C LEU C 177 -168.57 -177.47 -77.31
N THR C 178 -168.95 -176.40 -78.00
CA THR C 178 -170.22 -176.33 -78.72
C THR C 178 -169.97 -175.64 -80.05
N SER C 179 -171.05 -175.26 -80.72
CA SER C 179 -170.96 -174.61 -82.02
C SER C 179 -172.20 -173.76 -82.24
N PHE C 180 -172.21 -173.06 -83.37
CA PHE C 180 -173.33 -172.20 -83.75
C PHE C 180 -173.52 -172.31 -85.26
N GLU C 181 -174.64 -171.79 -85.74
CA GLU C 181 -174.98 -171.86 -87.16
C GLU C 181 -174.30 -170.73 -87.93
N LYS C 182 -172.98 -170.81 -88.00
CA LYS C 182 -172.19 -169.87 -88.78
C LYS C 182 -170.80 -170.45 -88.97
N GLU C 183 -170.10 -169.96 -89.98
CA GLU C 183 -168.76 -170.42 -90.33
C GLU C 183 -167.74 -169.34 -89.98
N GLY C 184 -166.49 -169.62 -90.33
CA GLY C 184 -165.39 -168.71 -90.07
C GLY C 184 -164.24 -169.41 -89.36
N ASN C 185 -163.14 -168.67 -89.26
CA ASN C 185 -161.93 -169.14 -88.61
C ASN C 185 -161.79 -168.48 -87.24
N LEU C 186 -161.37 -169.28 -86.26
CA LEU C 186 -161.16 -168.79 -84.90
C LEU C 186 -159.96 -169.51 -84.31
N VAL C 187 -159.63 -169.14 -83.07
CA VAL C 187 -158.49 -169.72 -82.35
C VAL C 187 -158.91 -169.95 -80.91
N VAL C 188 -158.46 -171.07 -80.34
CA VAL C 188 -158.76 -171.44 -78.96
C VAL C 188 -157.44 -171.40 -78.20
N THR C 189 -157.26 -170.37 -77.37
CA THR C 189 -156.03 -170.20 -76.61
C THR C 189 -156.19 -170.85 -75.24
N ILE C 190 -155.39 -171.88 -74.97
CA ILE C 190 -155.38 -172.56 -73.67
C ILE C 190 -154.24 -171.92 -72.88
N SER C 191 -154.57 -170.87 -72.13
CA SER C 191 -153.60 -170.11 -71.36
C SER C 191 -153.52 -170.66 -69.95
N THR C 192 -152.32 -170.62 -69.37
CA THR C 192 -152.11 -171.04 -68.00
C THR C 192 -152.65 -169.96 -67.06
N ALA C 193 -152.40 -170.13 -65.76
CA ALA C 193 -152.91 -169.19 -64.78
C ALA C 193 -152.38 -167.78 -65.05
N ASN C 194 -151.07 -167.59 -64.92
CA ASN C 194 -150.43 -166.31 -65.18
C ASN C 194 -149.14 -166.40 -65.98
N GLU C 195 -148.46 -167.55 -65.99
CA GLU C 195 -147.19 -167.65 -66.69
C GLU C 195 -147.38 -167.42 -68.19
N SER C 196 -146.28 -167.05 -68.84
CA SER C 196 -146.29 -166.74 -70.28
C SER C 196 -146.32 -168.06 -71.06
N VAL C 197 -147.48 -168.70 -71.04
CA VAL C 197 -147.72 -169.94 -71.76
C VAL C 197 -149.10 -169.81 -72.41
N VAL C 198 -149.11 -169.55 -73.72
CA VAL C 198 -150.35 -169.35 -74.47
C VAL C 198 -150.28 -170.25 -75.70
N ALA C 199 -151.04 -171.33 -75.67
CA ALA C 199 -151.11 -172.26 -76.79
C ALA C 199 -152.13 -171.74 -77.81
N GLN C 200 -152.44 -172.57 -78.80
CA GLN C 200 -153.40 -172.19 -79.83
C GLN C 200 -153.91 -173.44 -80.53
N ILE C 201 -155.21 -173.48 -80.77
CA ILE C 201 -155.85 -174.58 -81.49
C ILE C 201 -156.70 -173.98 -82.59
N ALA C 202 -156.49 -174.44 -83.82
CA ALA C 202 -157.19 -173.92 -84.99
C ALA C 202 -158.30 -174.88 -85.38
N VAL C 203 -159.54 -174.39 -85.37
CA VAL C 203 -160.70 -175.16 -85.77
C VAL C 203 -161.43 -174.38 -86.86
N ASN C 204 -162.03 -175.10 -87.79
CA ASN C 204 -162.74 -174.51 -88.92
C ASN C 204 -164.12 -175.12 -89.02
N ILE C 205 -165.15 -174.29 -88.96
CA ILE C 205 -166.52 -174.75 -89.15
C ILE C 205 -166.78 -174.86 -90.65
N ILE C 206 -166.96 -176.10 -91.12
CA ILE C 206 -167.11 -176.34 -92.56
C ILE C 206 -168.43 -175.85 -93.11
N ASP C 207 -169.34 -175.36 -92.26
CA ASP C 207 -170.63 -174.83 -92.68
C ASP C 207 -171.57 -175.90 -93.21
N GLY C 208 -171.37 -177.16 -92.81
CA GLY C 208 -172.22 -178.24 -93.26
C GLY C 208 -171.50 -179.57 -93.28
N ASP C 209 -171.63 -180.30 -94.39
CA ASP C 209 -170.96 -181.58 -94.58
C ASP C 209 -169.73 -181.47 -95.45
N SER C 210 -169.83 -180.78 -96.59
CA SER C 210 -168.70 -180.55 -97.47
C SER C 210 -168.68 -179.12 -98.00
N GLY C 211 -169.21 -178.18 -97.21
CA GLY C 211 -169.26 -176.80 -97.63
C GLY C 211 -167.90 -176.19 -97.88
N ILE C 212 -167.86 -174.91 -98.22
CA ILE C 212 -166.61 -174.24 -98.54
C ILE C 212 -166.77 -172.76 -98.24
N PHE C 213 -165.73 -172.15 -97.70
CA PHE C 213 -165.71 -170.72 -97.45
C PHE C 213 -164.27 -170.23 -97.59
N LEU C 214 -164.09 -169.13 -98.32
CA LEU C 214 -162.78 -168.59 -98.60
C LEU C 214 -162.34 -167.65 -97.48
N SER C 215 -161.04 -167.61 -97.24
CA SER C 215 -160.50 -166.74 -96.20
C SER C 215 -160.72 -165.27 -96.53
N GLN C 216 -160.20 -164.83 -97.67
CA GLN C 216 -160.34 -163.45 -98.11
C GLN C 216 -161.53 -163.33 -99.05
N ASP C 217 -162.47 -162.44 -98.72
CA ASP C 217 -163.66 -162.23 -99.53
C ASP C 217 -163.45 -161.14 -100.57
N THR C 218 -162.87 -160.01 -100.17
CA THR C 218 -162.59 -158.90 -101.06
C THR C 218 -161.10 -158.61 -101.04
N VAL C 219 -160.52 -158.41 -102.23
CA VAL C 219 -159.09 -158.19 -102.37
C VAL C 219 -158.86 -157.03 -103.33
N THR C 220 -157.77 -156.31 -103.11
CA THR C 220 -157.36 -155.19 -103.97
C THR C 220 -155.88 -155.39 -104.32
N ILE C 221 -155.62 -155.76 -105.57
CA ILE C 221 -154.27 -156.05 -106.03
C ILE C 221 -153.86 -155.01 -107.05
N ARG C 222 -152.56 -154.69 -107.06
CA ARG C 222 -151.98 -153.82 -108.06
C ARG C 222 -151.49 -154.66 -109.24
N LYS C 223 -151.46 -154.03 -110.42
CA LYS C 223 -151.04 -154.73 -111.62
C LYS C 223 -149.66 -155.36 -111.41
N GLY C 224 -149.52 -156.60 -111.88
CA GLY C 224 -148.30 -157.35 -111.73
C GLY C 224 -148.14 -158.07 -110.40
N GLY C 225 -148.92 -157.70 -109.39
CA GLY C 225 -148.86 -158.33 -108.10
C GLY C 225 -149.41 -159.74 -108.13
N THR C 226 -149.59 -160.30 -106.93
CA THR C 226 -150.12 -161.64 -106.79
C THR C 226 -150.58 -161.84 -105.35
N THR C 227 -151.53 -162.75 -105.18
CA THR C 227 -152.08 -163.09 -103.87
C THR C 227 -152.33 -164.59 -103.83
N THR C 228 -152.95 -165.04 -102.74
CA THR C 228 -153.27 -166.45 -102.55
C THR C 228 -154.67 -166.56 -101.98
N LEU C 229 -155.24 -167.76 -102.10
CA LEU C 229 -156.57 -168.06 -101.60
C LEU C 229 -156.52 -169.35 -100.80
N THR C 230 -157.40 -169.45 -99.80
CA THR C 230 -157.46 -170.62 -98.93
C THR C 230 -158.91 -171.05 -98.79
N ALA C 231 -159.15 -172.36 -98.94
CA ALA C 231 -160.48 -172.94 -98.82
C ALA C 231 -160.50 -173.97 -97.71
N VAL C 232 -161.71 -174.40 -97.35
CA VAL C 232 -161.91 -175.39 -96.29
C VAL C 232 -163.03 -176.31 -96.73
N THR C 233 -162.72 -177.60 -96.89
CA THR C 233 -163.70 -178.58 -97.33
C THR C 233 -163.37 -179.92 -96.69
N GLY C 234 -164.26 -180.89 -96.90
CA GLY C 234 -164.03 -182.24 -96.44
C GLY C 234 -163.57 -183.13 -97.57
N LYS C 235 -163.99 -182.80 -98.79
CA LYS C 235 -163.61 -183.54 -99.99
C LYS C 235 -162.32 -182.96 -100.55
N THR C 236 -161.36 -183.83 -100.84
CA THR C 236 -160.07 -183.41 -101.37
C THR C 236 -160.24 -182.78 -102.75
N PRO C 237 -161.00 -183.38 -103.66
CA PRO C 237 -161.19 -182.77 -104.97
C PRO C 237 -161.82 -181.39 -104.87
N VAL C 238 -161.06 -180.38 -105.28
CA VAL C 238 -161.51 -178.99 -105.24
C VAL C 238 -161.22 -178.40 -106.61
N THR C 239 -162.24 -178.37 -107.48
CA THR C 239 -162.11 -177.82 -108.82
C THR C 239 -162.51 -176.36 -108.79
N TRP C 240 -161.64 -175.50 -109.31
CA TRP C 240 -161.87 -174.06 -109.34
C TRP C 240 -162.56 -173.67 -110.65
N SER C 241 -163.21 -172.51 -110.63
CA SER C 241 -163.88 -171.99 -111.82
C SER C 241 -164.10 -170.50 -111.67
N SER C 242 -163.46 -169.71 -112.53
CA SER C 242 -163.52 -168.26 -112.47
C SER C 242 -164.10 -167.69 -113.76
N ASN C 243 -165.19 -166.95 -113.63
CA ASN C 243 -165.75 -166.26 -114.77
C ASN C 243 -164.77 -165.22 -115.28
N ASN C 244 -164.89 -164.88 -116.57
CA ASN C 244 -163.93 -163.99 -117.23
C ASN C 244 -162.51 -164.52 -117.05
N ALA C 245 -162.32 -165.80 -117.36
CA ALA C 245 -161.06 -166.49 -117.09
C ALA C 245 -159.85 -165.69 -117.58
N SER C 246 -159.87 -165.28 -118.84
CA SER C 246 -158.69 -164.64 -119.44
C SER C 246 -158.58 -163.16 -119.12
N ILE C 247 -158.71 -162.79 -117.84
CA ILE C 247 -158.35 -161.46 -117.37
C ILE C 247 -157.43 -161.61 -116.17
N VAL C 248 -157.53 -162.74 -115.47
CA VAL C 248 -156.71 -163.05 -114.33
C VAL C 248 -156.56 -164.56 -114.24
N SER C 249 -155.33 -165.04 -114.09
CA SER C 249 -155.04 -166.47 -114.08
C SER C 249 -155.06 -167.00 -112.65
N VAL C 250 -155.21 -168.32 -112.56
CA VAL C 250 -155.21 -169.03 -111.28
C VAL C 250 -154.48 -170.35 -111.46
N THR C 251 -153.82 -170.80 -110.39
CA THR C 251 -152.99 -172.01 -110.43
C THR C 251 -153.15 -172.76 -109.11
N PRO C 252 -154.16 -173.61 -109.00
CA PRO C 252 -154.33 -174.40 -107.77
C PRO C 252 -153.10 -175.23 -107.45
N ASN C 253 -152.70 -175.24 -106.18
CA ASN C 253 -151.54 -176.00 -105.75
C ASN C 253 -151.87 -177.48 -105.69
N ALA C 254 -150.89 -178.28 -105.24
CA ALA C 254 -151.07 -179.72 -105.16
C ALA C 254 -152.26 -180.08 -104.28
N ASN C 255 -152.29 -179.52 -103.07
CA ASN C 255 -153.37 -179.83 -102.14
C ASN C 255 -154.73 -179.50 -102.74
N SER C 256 -154.78 -178.57 -103.70
CA SER C 256 -156.00 -178.15 -104.36
C SER C 256 -156.86 -177.30 -103.43
N LEU C 257 -156.41 -177.08 -102.20
CA LEU C 257 -157.09 -176.21 -101.26
C LEU C 257 -156.49 -174.81 -101.24
N THR C 258 -155.48 -174.56 -102.07
CA THR C 258 -154.83 -173.25 -102.15
C THR C 258 -154.54 -172.95 -103.62
N ALA C 259 -154.70 -171.68 -103.99
CA ALA C 259 -154.51 -171.28 -105.36
C ALA C 259 -153.83 -169.92 -105.39
N VAL C 260 -152.96 -169.74 -106.38
CA VAL C 260 -152.20 -168.51 -106.55
C VAL C 260 -152.87 -167.67 -107.61
N ILE C 261 -152.92 -166.36 -107.38
CA ILE C 261 -153.52 -165.41 -108.30
C ILE C 261 -152.41 -164.57 -108.94
N THR C 262 -152.65 -164.17 -110.18
CA THR C 262 -151.69 -163.35 -110.92
C THR C 262 -152.45 -162.32 -111.73
N ALA C 263 -152.28 -161.05 -111.38
CA ALA C 263 -152.99 -159.99 -112.09
C ALA C 263 -152.26 -159.65 -113.39
N ASN C 264 -153.03 -159.58 -114.48
CA ASN C 264 -152.50 -159.23 -115.79
C ASN C 264 -152.85 -157.80 -116.18
N GLY C 265 -154.12 -157.42 -116.06
CA GLY C 265 -154.53 -156.06 -116.36
C GLY C 265 -155.68 -155.65 -115.46
N GLU C 266 -155.95 -154.35 -115.47
CA GLU C 266 -157.03 -153.80 -114.66
C GLU C 266 -158.37 -154.41 -115.07
N GLY C 267 -159.28 -154.53 -114.11
CA GLY C 267 -160.60 -155.11 -114.40
C GLY C 267 -161.05 -156.01 -113.28
N ASN C 268 -162.30 -155.80 -112.85
CA ASN C 268 -162.89 -156.58 -111.78
C ASN C 268 -162.99 -158.06 -112.15
N VAL C 269 -162.79 -158.94 -111.17
CA VAL C 269 -162.93 -160.37 -111.39
C VAL C 269 -163.59 -160.97 -110.15
N THR C 270 -164.31 -162.07 -110.34
CA THR C 270 -165.10 -162.70 -109.29
C THR C 270 -164.71 -164.19 -109.21
N ILE C 271 -163.40 -164.44 -109.15
CA ILE C 271 -162.87 -165.80 -109.04
C ILE C 271 -163.66 -166.58 -107.98
N THR C 272 -164.05 -167.81 -108.32
CA THR C 272 -164.85 -168.64 -107.41
C THR C 272 -164.40 -170.09 -107.54
N ALA C 273 -164.86 -170.91 -106.60
CA ALA C 273 -164.59 -172.33 -106.57
C ALA C 273 -165.91 -173.10 -106.70
N ASP C 274 -165.82 -174.43 -106.74
CA ASP C 274 -167.00 -175.27 -106.83
C ASP C 274 -166.74 -176.65 -106.27
N ASN C 275 -167.22 -176.91 -105.04
CA ASN C 275 -167.05 -178.23 -104.44
C ASN C 275 -168.00 -179.29 -104.97
N GLY C 276 -169.12 -178.88 -105.58
CA GLY C 276 -170.12 -179.78 -106.10
C GLY C 276 -171.49 -179.60 -105.49
N THR C 277 -171.57 -179.17 -104.23
CA THR C 277 -172.84 -178.92 -103.58
C THR C 277 -172.98 -177.44 -103.25
N LYS C 278 -171.96 -176.88 -102.60
CA LYS C 278 -171.92 -175.47 -102.26
C LYS C 278 -170.89 -174.75 -103.11
N THR C 279 -170.83 -173.43 -102.97
CA THR C 279 -169.91 -172.61 -103.74
C THR C 279 -169.66 -171.30 -103.01
N ALA C 280 -168.42 -170.83 -103.08
CA ALA C 280 -168.00 -169.58 -102.48
C ALA C 280 -167.58 -168.60 -103.57
N SER C 281 -167.27 -167.38 -103.17
CA SER C 281 -166.86 -166.33 -104.09
C SER C 281 -165.79 -165.47 -103.44
N CYS C 282 -165.04 -164.76 -104.28
CA CYS C 282 -163.99 -163.85 -103.82
C CYS C 282 -163.84 -162.68 -104.77
N GLU C 283 -164.50 -161.57 -104.47
CA GLU C 283 -164.42 -160.38 -105.31
C GLU C 283 -162.99 -159.85 -105.35
N ILE C 284 -162.56 -159.45 -106.54
CA ILE C 284 -161.23 -158.89 -106.76
C ILE C 284 -161.36 -157.62 -107.59
N VAL C 285 -160.63 -156.58 -107.20
CA VAL C 285 -160.65 -155.29 -107.88
C VAL C 285 -159.20 -154.93 -108.19
N SER C 286 -158.80 -155.10 -109.44
CA SER C 286 -157.45 -154.76 -109.85
C SER C 286 -157.31 -153.24 -109.96
N ILE C 287 -156.27 -152.71 -109.33
CA ILE C 287 -156.03 -151.26 -109.30
C ILE C 287 -154.72 -150.99 -110.02
N PRO C 288 -154.60 -149.90 -110.79
CA PRO C 288 -153.33 -149.59 -111.42
C PRO C 288 -152.22 -149.39 -110.40
N GLN C 289 -150.98 -149.46 -110.89
CA GLN C 289 -149.83 -149.27 -110.01
C GLN C 289 -149.74 -147.86 -109.45
N ILE C 290 -150.47 -146.91 -110.02
CA ILE C 290 -150.42 -145.52 -109.61
C ILE C 290 -151.81 -145.05 -109.23
N ASP C 291 -151.87 -144.10 -108.30
CA ASP C 291 -153.10 -143.45 -107.91
C ASP C 291 -153.15 -141.97 -108.24
N SER C 292 -151.99 -141.32 -108.31
CA SER C 292 -151.91 -139.90 -108.66
C SER C 292 -150.45 -139.55 -108.88
N ILE C 293 -150.22 -138.32 -109.34
CA ILE C 293 -148.88 -137.79 -109.57
C ILE C 293 -148.86 -136.33 -109.11
N SER C 294 -147.70 -135.71 -109.23
CA SER C 294 -147.54 -134.31 -108.82
C SER C 294 -146.27 -133.75 -109.45
N LEU C 295 -146.26 -132.45 -109.64
CA LEU C 295 -145.13 -131.73 -110.21
C LEU C 295 -144.58 -130.75 -109.18
N SER C 296 -143.45 -130.13 -109.53
CA SER C 296 -142.80 -129.18 -108.64
C SER C 296 -143.20 -127.73 -108.92
N GLN C 297 -143.69 -127.44 -110.12
CA GLN C 297 -144.08 -126.08 -110.48
C GLN C 297 -145.31 -126.14 -111.38
N SER C 298 -146.12 -125.08 -111.30
CA SER C 298 -147.33 -124.97 -112.12
C SER C 298 -147.42 -123.60 -112.80
N ASP C 299 -146.65 -122.63 -112.29
CA ASP C 299 -146.68 -121.27 -112.82
C ASP C 299 -145.29 -120.87 -113.31
N VAL C 300 -144.63 -121.75 -114.04
CA VAL C 300 -143.28 -121.46 -114.51
C VAL C 300 -143.28 -120.25 -115.44
N THR C 301 -142.10 -119.67 -115.61
CA THR C 301 -141.91 -118.53 -116.50
C THR C 301 -140.52 -118.61 -117.11
N VAL C 302 -140.47 -118.57 -118.44
CA VAL C 302 -139.21 -118.69 -119.17
C VAL C 302 -139.08 -117.53 -120.15
N SER C 303 -137.99 -117.53 -120.93
CA SER C 303 -137.75 -116.48 -121.91
C SER C 303 -137.25 -117.15 -123.20
N ARG C 304 -136.81 -116.33 -124.14
CA ARG C 304 -136.35 -116.84 -125.43
C ARG C 304 -135.15 -117.77 -125.23
N GLY C 305 -135.30 -119.02 -125.69
CA GLY C 305 -134.24 -119.99 -125.66
C GLY C 305 -134.10 -120.74 -124.34
N SER C 306 -134.35 -120.07 -123.23
CA SER C 306 -134.23 -120.72 -121.93
C SER C 306 -135.15 -121.93 -121.84
N GLN C 307 -134.61 -123.03 -121.32
CA GLN C 307 -135.36 -124.28 -121.17
C GLN C 307 -135.20 -124.76 -119.74
N TYR C 308 -136.27 -124.64 -118.95
CA TYR C 308 -136.24 -125.06 -117.56
C TYR C 308 -136.68 -126.51 -117.44
N ILE C 309 -136.05 -127.23 -116.52
CA ILE C 309 -136.30 -128.65 -116.34
C ILE C 309 -137.36 -128.83 -115.26
N LEU C 310 -138.36 -129.64 -115.54
CA LEU C 310 -139.41 -129.98 -114.59
C LEU C 310 -139.26 -131.44 -114.17
N THR C 311 -139.66 -131.73 -112.94
CA THR C 311 -139.61 -133.07 -112.38
C THR C 311 -141.02 -133.52 -112.00
N ALA C 312 -141.26 -134.82 -112.16
CA ALA C 312 -142.57 -135.42 -111.84
C ALA C 312 -142.33 -136.58 -110.87
N THR C 313 -142.64 -136.36 -109.60
CA THR C 313 -142.47 -137.38 -108.57
C THR C 313 -143.77 -138.16 -108.45
N LEU C 314 -143.75 -139.42 -108.87
CA LEU C 314 -144.93 -140.27 -108.79
C LEU C 314 -145.38 -140.40 -107.33
N SER C 315 -146.68 -140.69 -107.16
CA SER C 315 -147.23 -140.84 -105.82
C SER C 315 -146.51 -141.95 -105.05
N PRO C 316 -146.51 -143.20 -105.51
CA PRO C 316 -145.73 -144.23 -104.81
C PRO C 316 -144.24 -144.03 -105.00
N ALA C 317 -143.48 -144.40 -103.96
CA ALA C 317 -142.04 -144.20 -104.00
C ALA C 317 -141.39 -144.94 -105.17
N ASN C 318 -142.04 -146.01 -105.64
CA ASN C 318 -141.49 -146.79 -106.74
C ASN C 318 -142.65 -147.34 -107.58
N ALA C 319 -142.34 -147.63 -108.84
CA ALA C 319 -143.33 -148.20 -109.75
C ALA C 319 -142.62 -149.07 -110.79
N PRO C 320 -142.84 -150.38 -110.79
CA PRO C 320 -142.13 -151.24 -111.74
C PRO C 320 -142.70 -151.12 -113.15
N ASN C 321 -141.79 -151.25 -114.12
CA ASN C 321 -142.16 -151.18 -115.54
C ASN C 321 -142.79 -149.83 -115.88
N GLN C 322 -142.52 -148.81 -115.07
CA GLN C 322 -143.12 -147.50 -115.29
C GLN C 322 -142.42 -146.77 -116.42
N ASN C 323 -143.17 -145.93 -117.12
CA ASN C 323 -142.64 -145.12 -118.22
C ASN C 323 -143.58 -143.95 -118.45
N ILE C 324 -143.02 -142.82 -118.86
CA ILE C 324 -143.78 -141.61 -119.11
C ILE C 324 -143.55 -141.18 -120.55
N THR C 325 -144.63 -140.74 -121.20
CA THR C 325 -144.59 -140.23 -122.57
C THR C 325 -145.26 -138.86 -122.56
N TRP C 326 -144.49 -137.83 -122.27
CA TRP C 326 -145.04 -136.49 -122.14
C TRP C 326 -145.72 -136.06 -123.42
N THR C 327 -146.85 -135.37 -123.28
CA THR C 327 -147.64 -134.89 -124.40
C THR C 327 -147.99 -133.43 -124.19
N SER C 328 -148.10 -132.70 -125.30
CA SER C 328 -148.48 -131.30 -125.27
C SER C 328 -149.13 -130.95 -126.61
N SER C 329 -150.38 -130.49 -126.56
CA SER C 329 -151.10 -130.17 -127.78
C SER C 329 -150.29 -129.20 -128.64
N ASN C 330 -150.27 -129.45 -129.93
CA ASN C 330 -149.50 -128.64 -130.88
C ASN C 330 -148.03 -128.67 -130.46
N PRO C 331 -147.35 -129.80 -130.60
CA PRO C 331 -145.94 -129.87 -130.18
C PRO C 331 -145.02 -128.93 -130.94
N ASN C 332 -145.51 -128.24 -131.96
CA ASN C 332 -144.67 -127.28 -132.69
C ASN C 332 -144.15 -126.17 -131.79
N ILE C 333 -144.81 -125.91 -130.67
CA ILE C 333 -144.34 -124.89 -129.74
C ILE C 333 -143.22 -125.45 -128.87
N ALA C 334 -143.29 -126.72 -128.52
CA ALA C 334 -142.28 -127.36 -127.68
C ALA C 334 -142.53 -128.86 -127.69
N THR C 335 -141.51 -129.62 -127.30
CA THR C 335 -141.60 -131.08 -127.29
C THR C 335 -140.87 -131.60 -126.06
N VAL C 336 -141.47 -132.59 -125.41
CA VAL C 336 -140.90 -133.20 -124.21
C VAL C 336 -141.28 -134.67 -124.20
N SER C 337 -140.41 -135.49 -123.63
CA SER C 337 -140.63 -136.93 -123.54
C SER C 337 -139.53 -137.53 -122.66
N GLY C 338 -139.59 -138.84 -122.48
CA GLY C 338 -138.60 -139.53 -121.69
C GLY C 338 -139.14 -140.09 -120.39
N THR C 339 -138.77 -139.46 -119.28
CA THR C 339 -139.13 -139.94 -117.95
C THR C 339 -139.51 -138.72 -117.11
N SER C 340 -139.57 -138.92 -115.79
CA SER C 340 -139.97 -137.86 -114.87
C SER C 340 -139.30 -136.53 -115.18
N THR C 341 -138.06 -136.58 -115.67
CA THR C 341 -137.36 -135.37 -116.09
C THR C 341 -137.94 -134.90 -117.42
N GLN C 342 -138.44 -133.66 -117.43
CA GLN C 342 -139.12 -133.13 -118.61
C GLN C 342 -138.18 -132.36 -119.52
N GLY C 343 -137.54 -131.31 -119.00
CA GLY C 343 -136.68 -130.48 -119.82
C GLY C 343 -137.47 -129.71 -120.86
N THR C 344 -138.42 -128.89 -120.40
CA THR C 344 -139.26 -128.14 -121.33
C THR C 344 -138.42 -127.13 -122.10
N ILE C 345 -138.61 -127.10 -123.42
CA ILE C 345 -137.92 -126.18 -124.30
C ILE C 345 -138.90 -125.11 -124.76
N ASN C 346 -138.41 -123.88 -124.88
CA ASN C 346 -139.22 -122.75 -125.31
C ASN C 346 -138.75 -122.29 -126.69
N ALA C 347 -139.71 -122.00 -127.57
CA ALA C 347 -139.43 -121.55 -128.93
C ALA C 347 -139.81 -120.10 -129.15
N LEU C 348 -141.02 -119.71 -128.75
CA LEU C 348 -141.49 -118.34 -128.93
C LEU C 348 -141.31 -117.55 -127.65
N LEU C 349 -141.56 -116.24 -127.75
CA LEU C 349 -141.48 -115.33 -126.63
C LEU C 349 -142.83 -115.05 -125.99
N ALA C 350 -143.91 -115.56 -126.57
CA ALA C 350 -145.25 -115.34 -126.03
C ALA C 350 -146.09 -116.58 -126.36
N GLY C 351 -147.32 -116.60 -125.86
CA GLY C 351 -148.21 -117.71 -126.09
C GLY C 351 -148.15 -118.74 -124.98
N PHE C 352 -149.24 -118.89 -124.23
CA PHE C 352 -149.29 -119.84 -123.13
C PHE C 352 -149.28 -121.25 -123.68
N THR C 353 -149.08 -122.23 -122.79
CA THR C 353 -149.03 -123.63 -123.19
C THR C 353 -149.57 -124.47 -122.03
N GLU C 354 -149.95 -125.71 -122.34
CA GLU C 354 -150.53 -126.61 -121.34
C GLU C 354 -149.69 -127.88 -121.34
N ILE C 355 -148.70 -127.93 -120.46
CA ILE C 355 -147.84 -129.10 -120.29
C ILE C 355 -148.56 -130.08 -119.38
N THR C 356 -148.99 -131.21 -119.95
CA THR C 356 -149.73 -132.23 -119.21
C THR C 356 -148.99 -133.55 -119.32
N ALA C 357 -149.00 -134.33 -118.25
CA ALA C 357 -148.33 -135.62 -118.20
C ALA C 357 -149.22 -136.70 -118.79
N THR C 358 -148.59 -137.77 -119.25
CA THR C 358 -149.30 -138.94 -119.75
C THR C 358 -148.56 -140.18 -119.28
N THR C 359 -148.90 -140.68 -118.09
CA THR C 359 -148.27 -141.88 -117.57
C THR C 359 -148.65 -143.08 -118.42
N GLU C 360 -147.64 -143.76 -118.97
CA GLU C 360 -147.87 -144.95 -119.76
C GLU C 360 -148.67 -145.97 -118.96
N GLU C 361 -148.13 -146.40 -117.82
CA GLU C 361 -148.83 -147.29 -116.92
C GLU C 361 -149.58 -146.45 -115.88
N GLY C 362 -150.14 -147.11 -114.87
CA GLY C 362 -150.88 -146.41 -113.85
C GLY C 362 -152.17 -145.80 -114.38
N ASN C 363 -152.88 -145.09 -113.52
CA ASN C 363 -154.15 -144.45 -113.90
C ASN C 363 -153.86 -143.37 -114.93
N ARG C 364 -154.70 -143.28 -115.95
CA ARG C 364 -154.54 -142.27 -116.99
C ARG C 364 -154.57 -140.86 -116.39
N VAL C 365 -155.14 -140.72 -115.20
CA VAL C 365 -155.22 -139.44 -114.51
C VAL C 365 -153.85 -138.79 -114.50
N ALA C 366 -153.77 -137.55 -114.97
CA ALA C 366 -152.53 -136.80 -115.05
C ALA C 366 -152.75 -135.40 -114.47
N VAL C 367 -151.75 -134.54 -114.62
CA VAL C 367 -151.78 -133.16 -114.14
C VAL C 367 -151.66 -132.23 -115.33
N CYS C 368 -151.72 -130.93 -115.04
CA CYS C 368 -151.64 -129.90 -116.06
C CYS C 368 -150.88 -128.71 -115.52
N THR C 369 -150.02 -128.12 -116.35
CA THR C 369 -149.25 -126.95 -115.99
C THR C 369 -149.39 -125.90 -117.08
N VAL C 370 -149.41 -124.63 -116.66
CA VAL C 370 -149.62 -123.52 -117.57
C VAL C 370 -148.34 -122.69 -117.68
N ARG C 371 -147.62 -122.86 -118.78
CA ARG C 371 -146.43 -122.06 -119.01
C ARG C 371 -146.80 -120.60 -119.27
N VAL C 372 -145.91 -119.70 -118.85
CA VAL C 372 -146.13 -118.27 -119.01
C VAL C 372 -144.84 -117.63 -119.54
N ASP C 373 -144.79 -117.37 -120.85
CA ASP C 373 -143.63 -116.76 -121.45
C ASP C 373 -143.64 -115.25 -121.26
N LEU C 374 -144.72 -114.73 -120.68
CA LEU C 374 -144.83 -113.29 -120.43
C LEU C 374 -145.78 -113.02 -119.27
N THR C 451 -127.25 -157.39 -21.74
CA THR C 451 -127.14 -158.84 -21.75
C THR C 451 -126.64 -159.35 -23.10
N PRO C 452 -125.81 -160.39 -23.11
CA PRO C 452 -125.32 -160.94 -24.37
C PRO C 452 -126.43 -161.66 -25.13
N LEU C 453 -126.10 -162.04 -26.36
CA LEU C 453 -127.05 -162.77 -27.20
C LEU C 453 -127.40 -164.10 -26.56
N SER C 454 -128.58 -164.62 -26.93
CA SER C 454 -129.08 -165.88 -26.40
C SER C 454 -129.63 -166.69 -27.56
N SER C 455 -130.35 -167.77 -27.23
CA SER C 455 -130.89 -168.65 -28.26
C SER C 455 -131.74 -167.85 -29.25
N VAL C 456 -131.67 -168.24 -30.51
CA VAL C 456 -132.40 -167.60 -31.59
C VAL C 456 -133.38 -168.62 -32.17
N THR C 457 -134.55 -168.14 -32.60
CA THR C 457 -135.58 -168.99 -33.16
C THR C 457 -136.26 -168.26 -34.31
N LEU C 458 -136.85 -169.05 -35.22
CA LEU C 458 -137.58 -168.54 -36.36
C LEU C 458 -138.96 -169.16 -36.39
N ASP C 459 -139.96 -168.34 -36.73
CA ASP C 459 -141.33 -168.82 -36.85
C ASP C 459 -141.56 -169.60 -38.14
N ILE C 460 -140.60 -169.58 -39.06
CA ILE C 460 -140.71 -170.25 -40.36
C ILE C 460 -139.67 -171.35 -40.42
N VAL C 461 -140.10 -172.55 -40.79
CA VAL C 461 -139.20 -173.69 -40.93
C VAL C 461 -139.35 -174.42 -42.25
N SER C 462 -140.44 -174.24 -42.99
CA SER C 462 -140.63 -174.91 -44.27
C SER C 462 -141.50 -174.03 -45.15
N ALA C 463 -141.37 -174.20 -46.46
CA ALA C 463 -142.14 -173.42 -47.41
C ALA C 463 -142.14 -174.13 -48.75
N SER C 464 -143.21 -173.93 -49.50
CA SER C 464 -143.37 -174.50 -50.84
C SER C 464 -143.47 -173.35 -51.84
N LEU C 465 -142.56 -173.36 -52.82
CA LEU C 465 -142.48 -172.29 -53.80
C LEU C 465 -142.50 -172.86 -55.21
N ASP C 466 -142.73 -171.98 -56.17
CA ASP C 466 -142.65 -172.29 -57.59
C ASP C 466 -141.72 -171.29 -58.25
N VAL C 467 -141.03 -171.73 -59.30
CA VAL C 467 -140.10 -170.86 -60.01
C VAL C 467 -140.86 -169.63 -60.47
N GLY C 468 -140.39 -168.45 -60.05
CA GLY C 468 -141.02 -167.19 -60.37
C GLY C 468 -141.74 -166.54 -59.19
N GLU C 469 -142.03 -167.30 -58.14
CA GLU C 469 -142.68 -166.76 -56.96
C GLU C 469 -141.65 -166.23 -55.97
N GLU C 470 -142.09 -165.28 -55.15
CA GLU C 470 -141.22 -164.62 -54.18
C GLU C 470 -141.64 -164.99 -52.77
N ILE C 471 -140.75 -164.68 -51.82
CA ILE C 471 -141.02 -164.90 -50.40
C ILE C 471 -140.02 -164.08 -49.61
N VAL C 472 -140.40 -163.70 -48.39
CA VAL C 472 -139.56 -162.89 -47.52
C VAL C 472 -139.59 -163.50 -46.13
N ILE C 473 -138.41 -163.69 -45.54
CA ILE C 473 -138.28 -164.23 -44.19
C ILE C 473 -137.67 -163.14 -43.31
N THR C 474 -138.03 -163.19 -42.03
CA THR C 474 -137.56 -162.21 -41.05
C THR C 474 -136.90 -162.94 -39.89
N ALA C 475 -135.74 -162.44 -39.47
CA ALA C 475 -134.99 -163.01 -38.36
C ALA C 475 -135.19 -162.16 -37.12
N THR C 476 -135.37 -162.81 -35.97
CA THR C 476 -135.60 -162.11 -34.72
C THR C 476 -134.96 -162.91 -33.60
N ALA C 477 -133.94 -162.34 -32.96
CA ALA C 477 -133.30 -163.01 -31.83
C ALA C 477 -134.14 -162.83 -30.56
N SER C 478 -133.79 -163.61 -29.55
CA SER C 478 -134.49 -163.51 -28.27
C SER C 478 -134.34 -162.13 -27.64
N PRO C 479 -133.13 -161.64 -27.39
CA PRO C 479 -132.98 -160.27 -26.89
C PRO C 479 -133.23 -159.24 -27.98
N GLU C 480 -133.54 -158.02 -27.54
CA GLU C 480 -133.83 -156.92 -28.44
C GLU C 480 -132.60 -156.11 -28.81
N GLY C 481 -131.41 -156.59 -28.48
CA GLY C 481 -130.19 -155.86 -28.76
C GLY C 481 -129.95 -155.69 -30.25
N GLU C 482 -128.83 -155.05 -30.56
CA GLU C 482 -128.41 -154.80 -31.93
C GLU C 482 -127.28 -155.76 -32.27
N TYR C 483 -127.47 -156.51 -33.37
CA TYR C 483 -126.48 -157.49 -33.81
C TYR C 483 -126.39 -157.43 -35.33
N SER C 484 -125.40 -158.14 -35.86
CA SER C 484 -125.17 -158.22 -37.29
C SER C 484 -125.67 -159.56 -37.82
N TYR C 485 -126.12 -159.54 -39.07
CA TYR C 485 -126.68 -160.72 -39.71
C TYR C 485 -125.92 -161.05 -41.00
N GLN C 486 -125.83 -162.34 -41.29
CA GLN C 486 -125.16 -162.81 -42.51
C GLN C 486 -125.86 -164.09 -42.94
N TRP C 487 -126.66 -164.01 -44.00
CA TRP C 487 -127.38 -165.18 -44.47
C TRP C 487 -126.47 -166.09 -45.28
N SER C 488 -126.78 -167.39 -45.23
CA SER C 488 -126.01 -168.40 -45.93
C SER C 488 -126.96 -169.33 -46.67
N VAL C 489 -126.40 -170.08 -47.61
CA VAL C 489 -127.14 -171.03 -48.42
C VAL C 489 -126.32 -172.29 -48.59
N ASP C 490 -126.96 -173.46 -48.47
CA ASP C 490 -126.23 -174.71 -48.53
C ASP C 490 -125.84 -175.05 -49.97
N LYS C 491 -126.78 -174.93 -50.90
CA LYS C 491 -126.55 -175.24 -52.31
C LYS C 491 -126.61 -173.95 -53.11
N THR C 492 -125.50 -173.61 -53.76
CA THR C 492 -125.43 -172.38 -54.52
C THR C 492 -126.53 -172.33 -55.58
N GLY C 493 -127.01 -171.12 -55.84
CA GLY C 493 -128.06 -170.94 -56.83
C GLY C 493 -129.43 -171.28 -56.28
N TYR C 494 -130.38 -171.39 -57.23
CA TYR C 494 -131.76 -171.75 -56.93
C TYR C 494 -132.52 -170.60 -56.27
N VAL C 495 -131.83 -169.51 -55.94
CA VAL C 495 -132.44 -168.39 -55.23
C VAL C 495 -131.61 -167.14 -55.51
N SER C 496 -132.22 -165.98 -55.29
CA SER C 496 -131.55 -164.69 -55.43
C SER C 496 -131.80 -163.88 -54.17
N THR C 497 -130.74 -163.31 -53.61
CA THR C 497 -130.80 -162.57 -52.37
C THR C 497 -130.49 -161.10 -52.59
N THR C 498 -130.95 -160.26 -51.67
CA THR C 498 -130.71 -158.83 -51.72
C THR C 498 -130.59 -158.30 -50.30
N SER C 499 -129.53 -157.52 -50.04
CA SER C 499 -129.29 -156.94 -48.73
C SER C 499 -129.21 -158.03 -47.66
N VAL C 500 -128.22 -158.91 -47.82
CA VAL C 500 -128.02 -160.01 -46.90
C VAL C 500 -127.78 -159.55 -45.47
N THR C 501 -127.33 -158.30 -45.29
CA THR C 501 -127.05 -157.77 -43.97
C THR C 501 -128.29 -157.22 -43.28
N GLY C 502 -129.48 -157.43 -43.84
CA GLY C 502 -130.72 -156.95 -43.26
C GLY C 502 -131.53 -158.10 -42.69
N LYS C 503 -132.25 -157.81 -41.60
CA LYS C 503 -133.04 -158.82 -40.92
C LYS C 503 -134.19 -159.35 -41.77
N SER C 504 -134.45 -158.77 -42.94
CA SER C 504 -135.52 -159.21 -43.83
C SER C 504 -134.93 -159.42 -45.22
N ILE C 505 -134.87 -160.68 -45.65
CA ILE C 505 -134.30 -161.05 -46.95
C ILE C 505 -135.43 -161.44 -47.88
N LYS C 506 -135.25 -161.12 -49.16
CA LYS C 506 -136.22 -161.46 -50.20
C LYS C 506 -135.60 -162.51 -51.11
N LEU C 507 -136.29 -163.63 -51.29
CA LEU C 507 -135.82 -164.73 -52.11
C LEU C 507 -136.71 -164.88 -53.34
N VAL C 508 -136.13 -165.44 -54.40
CA VAL C 508 -136.83 -165.64 -55.67
C VAL C 508 -136.44 -167.01 -56.20
N ALA C 509 -137.40 -167.93 -56.24
CA ALA C 509 -137.14 -169.25 -56.79
C ALA C 509 -136.67 -169.14 -58.23
N LEU C 510 -135.63 -169.89 -58.56
CA LEU C 510 -135.02 -169.84 -59.89
C LEU C 510 -134.88 -171.20 -60.55
N ARG C 511 -134.75 -172.27 -59.77
CA ARG C 511 -134.56 -173.60 -60.33
C ARG C 511 -135.12 -174.64 -59.37
N LYS C 512 -135.22 -175.87 -59.88
CA LYS C 512 -135.76 -176.96 -59.09
C LYS C 512 -134.71 -177.49 -58.11
N GLY C 513 -135.18 -178.05 -57.01
CA GLY C 513 -134.31 -178.65 -56.02
C GLY C 513 -134.59 -178.19 -54.61
N GLU C 514 -134.27 -179.03 -53.63
CA GLU C 514 -134.44 -178.68 -52.23
C GLU C 514 -133.33 -177.72 -51.80
N ILE C 515 -133.51 -177.13 -50.61
CA ILE C 515 -132.56 -176.14 -50.11
C ILE C 515 -132.82 -175.92 -48.62
N ASN C 516 -131.78 -175.51 -47.89
CA ASN C 516 -131.88 -175.23 -46.47
C ASN C 516 -131.15 -173.93 -46.18
N VAL C 517 -131.91 -172.86 -45.96
CA VAL C 517 -131.35 -171.54 -45.71
C VAL C 517 -131.09 -171.39 -44.22
N THR C 518 -130.09 -170.56 -43.89
CA THR C 518 -129.74 -170.28 -42.51
C THR C 518 -129.36 -168.81 -42.38
N CYS C 519 -129.51 -168.29 -41.17
CA CYS C 519 -129.17 -166.90 -40.86
C CYS C 519 -128.26 -166.90 -39.65
N THR C 520 -127.06 -166.35 -39.80
CA THR C 520 -126.05 -166.34 -38.76
C THR C 520 -126.05 -164.95 -38.10
N VAL C 521 -126.50 -164.90 -36.85
CA VAL C 521 -126.48 -163.67 -36.07
C VAL C 521 -125.17 -163.60 -35.32
N SER C 522 -124.60 -162.40 -35.24
CA SER C 522 -123.30 -162.21 -34.61
C SER C 522 -123.30 -160.90 -33.84
N GLN C 523 -122.72 -160.93 -32.65
CA GLN C 523 -122.59 -159.75 -31.79
C GLN C 523 -121.17 -159.20 -31.99
N MET C 524 -121.01 -158.37 -33.02
CA MET C 524 -119.72 -157.79 -33.33
C MET C 524 -119.24 -156.91 -32.18
N THR C 525 -117.93 -156.91 -31.95
CA THR C 525 -117.31 -156.13 -30.90
C THR C 525 -116.01 -155.53 -31.42
N GLN C 526 -115.46 -154.60 -30.65
CA GLN C 526 -114.23 -153.93 -31.04
C GLN C 526 -113.04 -154.88 -30.88
N LYS C 527 -112.03 -154.66 -31.73
CA LYS C 527 -110.82 -155.47 -31.69
C LYS C 527 -109.67 -154.63 -32.22
N ASP C 528 -108.56 -154.61 -31.49
CA ASP C 528 -107.39 -153.82 -31.84
C ASP C 528 -106.34 -154.72 -32.50
N TYR C 529 -105.71 -154.20 -33.55
CA TYR C 529 -104.67 -154.93 -34.26
C TYR C 529 -103.31 -154.62 -33.64
N ASP C 530 -102.26 -155.17 -34.26
CA ASP C 530 -100.90 -154.99 -33.79
C ASP C 530 -99.97 -154.72 -34.96
N ALA C 531 -100.39 -153.87 -35.89
CA ALA C 531 -99.60 -153.51 -37.05
C ALA C 531 -98.62 -152.42 -36.65
N PHE C 532 -97.43 -152.83 -36.22
CA PHE C 532 -96.43 -151.87 -35.78
C PHE C 532 -95.88 -151.11 -36.99
N ASP C 533 -94.94 -150.20 -36.72
CA ASP C 533 -94.37 -149.39 -37.78
C ASP C 533 -93.50 -150.23 -38.72
N ASP C 534 -92.80 -151.22 -38.19
CA ASP C 534 -91.96 -152.09 -39.00
C ASP C 534 -92.76 -153.15 -39.75
N TYR C 535 -94.07 -153.22 -39.55
CA TYR C 535 -94.94 -154.16 -40.26
C TYR C 535 -96.21 -153.43 -40.67
N PRO C 536 -96.09 -152.44 -41.55
CA PRO C 536 -97.26 -151.62 -41.91
C PRO C 536 -98.18 -152.32 -42.91
N TRP C 537 -99.21 -151.60 -43.35
CA TRP C 537 -100.14 -152.10 -44.34
C TRP C 537 -99.59 -151.85 -45.74
N TYR C 538 -100.08 -152.63 -46.70
CA TYR C 538 -99.62 -152.55 -48.09
C TYR C 538 -100.71 -152.20 -49.08
N HIS C 539 -101.97 -152.57 -48.82
CA HIS C 539 -103.13 -152.02 -49.50
C HIS C 539 -103.06 -152.24 -51.01
N ALA C 540 -103.12 -153.53 -51.38
CA ALA C 540 -103.33 -153.89 -52.77
C ALA C 540 -104.74 -153.49 -53.20
N VAL C 541 -105.05 -153.72 -54.48
CA VAL C 541 -106.35 -153.37 -55.03
C VAL C 541 -106.77 -154.45 -56.03
N ILE C 542 -108.04 -154.85 -55.95
CA ILE C 542 -108.61 -155.85 -56.85
C ILE C 542 -110.11 -155.61 -56.94
N SER C 543 -110.62 -155.56 -58.17
CA SER C 543 -112.06 -155.42 -58.42
C SER C 543 -112.65 -154.29 -57.57
N ASN C 544 -111.93 -153.18 -57.49
CA ASN C 544 -112.27 -152.01 -56.70
C ASN C 544 -112.27 -152.29 -55.20
N CYS C 545 -111.89 -153.50 -54.77
CA CYS C 545 -111.83 -153.85 -53.36
C CYS C 545 -110.39 -153.70 -52.85
N ALA C 546 -110.27 -153.27 -51.61
CA ALA C 546 -108.98 -153.05 -50.98
C ALA C 546 -108.64 -154.18 -50.01
N VAL C 547 -107.37 -154.24 -49.62
CA VAL C 547 -106.86 -155.28 -48.73
C VAL C 547 -105.93 -154.63 -47.72
N ALA C 548 -105.75 -155.29 -46.58
CA ALA C 548 -104.92 -154.74 -45.51
C ALA C 548 -103.52 -155.37 -45.49
N THR C 549 -103.45 -156.68 -45.30
CA THR C 549 -102.21 -157.46 -45.47
C THR C 549 -101.08 -156.92 -44.60
N THR C 550 -101.26 -157.05 -43.29
CA THR C 550 -100.18 -156.81 -42.33
C THR C 550 -99.67 -158.13 -41.77
N HIS C 551 -98.56 -158.04 -41.05
CA HIS C 551 -97.98 -159.19 -40.38
C HIS C 551 -98.73 -159.47 -39.07
N TYR C 552 -98.78 -160.75 -38.69
CA TYR C 552 -99.44 -161.27 -37.51
C TYR C 552 -100.96 -161.32 -37.69
N GLU C 553 -101.50 -160.82 -38.80
CA GLU C 553 -102.94 -160.78 -39.01
C GLU C 553 -103.25 -161.20 -40.44
N THR C 554 -104.54 -161.34 -40.73
CA THR C 554 -104.98 -161.75 -42.04
C THR C 554 -105.10 -160.55 -42.97
N PRO C 555 -105.15 -160.80 -44.29
CA PRO C 555 -105.21 -159.66 -45.23
C PRO C 555 -106.40 -158.73 -45.01
N GLN C 556 -107.53 -159.25 -44.56
CA GLN C 556 -108.69 -158.42 -44.20
C GLN C 556 -109.13 -157.55 -45.38
N VAL C 557 -109.65 -158.23 -46.40
CA VAL C 557 -110.16 -157.54 -47.57
C VAL C 557 -111.42 -156.76 -47.21
N LYS C 558 -111.72 -155.75 -48.04
CA LYS C 558 -112.94 -154.97 -47.92
C LYS C 558 -113.71 -155.09 -49.23
N GLU C 559 -114.86 -155.74 -49.19
CA GLU C 559 -115.65 -155.95 -50.40
C GLU C 559 -116.09 -154.60 -50.98
N PHE C 560 -116.50 -154.66 -52.26
CA PHE C 560 -116.96 -153.44 -52.93
C PHE C 560 -118.35 -153.04 -52.46
N GLU C 561 -119.22 -154.02 -52.20
CA GLU C 561 -120.57 -153.76 -51.74
C GLU C 561 -120.69 -153.83 -50.22
N SER C 562 -119.60 -153.50 -49.51
CA SER C 562 -119.58 -153.56 -48.05
C SER C 562 -119.01 -152.26 -47.51
N GLU C 563 -119.29 -152.01 -46.23
CA GLU C 563 -118.81 -150.82 -45.53
C GLU C 563 -117.94 -151.17 -44.33
N TYR C 564 -117.53 -152.42 -44.20
CA TYR C 564 -116.68 -152.86 -43.10
C TYR C 564 -115.64 -153.83 -43.63
N PHE C 565 -114.52 -153.92 -42.93
CA PHE C 565 -113.47 -154.84 -43.30
C PHE C 565 -113.78 -156.24 -42.76
N VAL C 566 -113.39 -157.25 -43.54
CA VAL C 566 -113.65 -158.64 -43.18
C VAL C 566 -112.52 -159.49 -43.73
N ASP C 567 -112.24 -160.60 -43.05
CA ASP C 567 -111.21 -161.52 -43.51
C ASP C 567 -111.55 -162.03 -44.90
N LEU C 568 -110.52 -162.48 -45.61
CA LEU C 568 -110.72 -162.98 -46.97
C LEU C 568 -111.54 -164.26 -46.93
N PRO C 569 -112.41 -164.48 -47.92
CA PRO C 569 -113.15 -165.75 -47.98
C PRO C 569 -112.26 -166.88 -48.50
N GLY C 570 -112.39 -168.04 -47.88
CA GLY C 570 -111.59 -169.19 -48.24
C GLY C 570 -110.18 -169.17 -47.71
N TRP C 571 -109.76 -168.09 -47.05
CA TRP C 571 -108.42 -168.01 -46.49
C TRP C 571 -108.21 -169.11 -45.45
N GLY C 572 -107.35 -170.07 -45.76
CA GLY C 572 -107.10 -171.19 -44.89
C GLY C 572 -107.82 -172.47 -45.29
N GLU C 573 -108.74 -172.39 -46.24
CA GLU C 573 -109.48 -173.56 -46.67
C GLU C 573 -108.54 -174.58 -47.31
N GLN C 574 -108.66 -175.83 -46.90
CA GLN C 574 -107.88 -176.92 -47.48
C GLN C 574 -108.77 -178.16 -47.54
N THR C 575 -108.82 -178.79 -48.71
CA THR C 575 -109.67 -179.95 -48.92
C THR C 575 -109.00 -181.19 -48.35
N VAL C 576 -109.73 -181.93 -47.51
CA VAL C 576 -109.25 -183.17 -46.92
C VAL C 576 -110.17 -184.30 -47.36
N VAL C 577 -109.58 -185.44 -47.67
CA VAL C 577 -110.33 -186.63 -48.10
C VAL C 577 -110.09 -187.73 -47.07
N ASP C 578 -111.16 -188.20 -46.44
CA ASP C 578 -111.06 -189.21 -45.40
C ASP C 578 -111.08 -190.60 -46.05
N ASN C 579 -111.20 -191.64 -45.22
CA ASN C 579 -111.23 -193.00 -45.73
C ASN C 579 -112.37 -193.19 -46.72
N ASP C 580 -112.12 -194.01 -47.73
CA ASP C 580 -113.05 -194.34 -48.81
C ASP C 580 -113.24 -193.18 -49.78
N GLY C 581 -112.50 -192.09 -49.63
CA GLY C 581 -112.64 -190.95 -50.52
C GLY C 581 -113.80 -190.05 -50.16
N ASN C 582 -113.89 -189.69 -48.88
CA ASN C 582 -114.94 -188.79 -48.41
C ASN C 582 -114.36 -187.40 -48.26
N PRO C 583 -114.66 -186.45 -49.14
CA PRO C 583 -114.05 -185.13 -49.04
C PRO C 583 -114.67 -184.28 -47.94
N SER C 584 -113.88 -183.30 -47.51
CA SER C 584 -114.30 -182.34 -46.50
C SER C 584 -113.31 -181.18 -46.52
N VAL C 585 -113.74 -180.04 -45.97
CA VAL C 585 -112.95 -178.82 -45.97
C VAL C 585 -112.69 -178.40 -44.54
N LYS C 586 -111.52 -177.79 -44.30
CA LYS C 586 -111.16 -177.29 -42.99
C LYS C 586 -110.31 -176.05 -43.16
N LYS C 587 -110.44 -175.13 -42.20
CA LYS C 587 -109.72 -173.87 -42.22
C LYS C 587 -108.58 -173.90 -41.21
N PHE C 588 -107.40 -173.48 -41.64
CA PHE C 588 -106.20 -173.44 -40.81
C PHE C 588 -105.70 -172.01 -40.69
N ASN C 589 -104.88 -171.78 -39.66
CA ASN C 589 -104.37 -170.44 -39.40
C ASN C 589 -103.29 -170.07 -40.41
N TRP C 590 -103.68 -169.38 -41.47
CA TRP C 590 -102.75 -168.89 -42.48
C TRP C 590 -102.43 -167.43 -42.22
N LYS C 591 -101.13 -167.10 -42.24
CA LYS C 591 -100.67 -165.73 -42.05
C LYS C 591 -99.69 -165.40 -43.15
N CYS C 592 -99.85 -164.23 -43.75
CA CYS C 592 -99.05 -163.79 -44.89
C CYS C 592 -98.29 -162.53 -44.52
N GLU C 593 -97.45 -162.09 -45.46
CA GLU C 593 -96.66 -160.88 -45.30
C GLU C 593 -96.94 -159.83 -46.37
N ARG C 594 -97.37 -160.25 -47.56
CA ARG C 594 -97.66 -159.31 -48.64
C ARG C 594 -98.62 -159.97 -49.61
N VAL C 595 -99.51 -159.16 -50.18
CA VAL C 595 -100.54 -159.64 -51.10
C VAL C 595 -100.71 -158.61 -52.20
N ARG C 596 -100.78 -159.09 -53.45
CA ARG C 596 -100.92 -158.21 -54.60
C ARG C 596 -101.89 -158.86 -55.58
N SER C 597 -102.20 -158.14 -56.65
CA SER C 597 -103.14 -158.58 -57.67
C SER C 597 -102.41 -158.76 -58.99
N PHE C 598 -102.81 -159.79 -59.74
CA PHE C 598 -102.19 -160.06 -61.04
C PHE C 598 -103.03 -161.10 -61.77
N ASN C 599 -103.27 -160.85 -63.06
CA ASN C 599 -104.03 -161.77 -63.90
C ASN C 599 -105.36 -162.14 -63.24
N ASN C 600 -106.05 -161.13 -62.71
CA ASN C 600 -107.34 -161.31 -62.05
C ASN C 600 -107.24 -162.24 -60.86
N ARG C 601 -106.04 -162.44 -60.32
CA ARG C 601 -105.79 -163.33 -59.20
C ARG C 601 -105.17 -162.55 -58.05
N LEU C 602 -105.05 -163.21 -56.91
CA LEU C 602 -104.38 -162.67 -55.74
C LEU C 602 -103.26 -163.62 -55.33
N PHE C 603 -102.18 -163.05 -54.82
CA PHE C 603 -100.98 -163.79 -54.48
C PHE C 603 -100.66 -163.64 -52.99
N ALA C 604 -99.62 -164.33 -52.56
CA ALA C 604 -99.17 -164.29 -51.17
C ALA C 604 -97.70 -164.65 -51.12
N LEU C 605 -97.00 -164.07 -50.14
CA LEU C 605 -95.57 -164.26 -49.97
C LEU C 605 -95.24 -164.60 -48.53
N ASN C 606 -94.31 -165.53 -48.35
CA ASN C 606 -93.84 -165.95 -47.02
C ASN C 606 -95.03 -166.36 -46.15
N MET C 607 -95.74 -167.38 -46.62
CA MET C 607 -96.92 -167.86 -45.92
C MET C 607 -96.52 -168.66 -44.69
N ARG C 608 -97.16 -168.36 -43.55
CA ARG C 608 -96.97 -169.14 -42.32
C ARG C 608 -98.11 -170.15 -42.25
N GLU C 609 -98.04 -171.14 -43.13
CA GLU C 609 -99.11 -172.12 -43.29
C GLU C 609 -99.07 -173.08 -42.11
N ALA C 610 -100.15 -173.10 -41.33
CA ALA C 610 -100.30 -174.03 -40.23
C ALA C 610 -101.05 -175.27 -40.70
N ASN C 611 -101.39 -176.13 -39.73
CA ASN C 611 -102.05 -177.40 -40.04
C ASN C 611 -102.51 -178.01 -38.71
N ALA C 612 -103.18 -179.17 -38.81
CA ALA C 612 -103.45 -179.95 -37.61
C ALA C 612 -102.15 -180.21 -36.88
N SER C 613 -102.22 -180.28 -35.55
CA SER C 613 -101.01 -180.24 -34.72
C SER C 613 -100.26 -178.94 -35.00
N GLY C 614 -100.89 -177.85 -34.57
CA GLY C 614 -100.64 -176.54 -35.15
C GLY C 614 -99.33 -175.89 -34.78
N VAL C 615 -98.28 -176.68 -34.59
CA VAL C 615 -96.94 -176.11 -34.52
C VAL C 615 -96.59 -175.59 -35.91
N THR C 616 -96.58 -174.27 -36.06
CA THR C 616 -96.49 -173.68 -37.39
C THR C 616 -95.14 -173.95 -38.01
N THR C 617 -95.15 -174.24 -39.32
CA THR C 617 -93.94 -174.42 -40.11
C THR C 617 -93.87 -173.32 -41.15
N ASN C 618 -92.87 -172.45 -41.04
CA ASN C 618 -92.73 -171.34 -41.96
C ASN C 618 -92.17 -171.82 -43.29
N TYR C 619 -92.80 -171.39 -44.38
CA TYR C 619 -92.37 -171.71 -45.74
C TYR C 619 -92.08 -170.40 -46.45
N PRO C 620 -90.90 -169.82 -46.22
CA PRO C 620 -90.60 -168.49 -46.80
C PRO C 620 -90.54 -168.47 -48.32
N LEU C 621 -90.60 -169.63 -48.98
CA LEU C 621 -90.59 -169.69 -50.43
C LEU C 621 -91.95 -170.10 -51.00
N ARG C 622 -92.96 -170.31 -50.15
CA ARG C 622 -94.29 -170.65 -50.64
C ARG C 622 -94.95 -169.43 -51.25
N LEU C 623 -95.78 -169.68 -52.26
CA LEU C 623 -96.44 -168.61 -53.00
C LEU C 623 -97.72 -169.19 -53.58
N ARG C 624 -98.86 -168.80 -53.01
CA ARG C 624 -100.16 -169.28 -53.45
C ARG C 624 -100.83 -168.24 -54.34
N TRP C 625 -101.72 -168.73 -55.21
CA TRP C 625 -102.50 -167.86 -56.08
C TRP C 625 -103.93 -168.36 -56.09
N SER C 626 -104.88 -167.42 -56.11
CA SER C 626 -106.28 -167.72 -56.00
C SER C 626 -106.91 -167.85 -57.38
N ASN C 627 -108.22 -168.07 -57.41
CA ASN C 627 -108.96 -168.17 -58.66
C ASN C 627 -109.15 -166.79 -59.26
N PHE C 628 -109.91 -166.72 -60.35
CA PHE C 628 -110.16 -165.44 -61.00
C PHE C 628 -111.20 -164.63 -60.22
N ALA C 629 -111.27 -163.35 -60.54
CA ALA C 629 -112.17 -162.44 -59.86
C ALA C 629 -113.61 -162.71 -60.28
N ASN C 630 -114.52 -161.91 -59.74
CA ASN C 630 -115.94 -162.01 -60.03
C ASN C 630 -116.47 -160.61 -60.28
N GLU C 631 -117.79 -160.47 -60.36
CA GLU C 631 -118.41 -159.18 -60.59
C GLU C 631 -118.41 -158.37 -59.30
N ASN C 632 -117.49 -157.41 -59.21
CA ASN C 632 -117.43 -156.49 -58.08
C ASN C 632 -117.23 -157.25 -56.77
N LYS C 633 -116.43 -158.31 -56.83
CA LYS C 633 -116.10 -159.10 -55.64
C LYS C 633 -114.68 -159.60 -55.75
N ALA C 634 -114.16 -160.09 -54.63
CA ALA C 634 -112.82 -160.64 -54.57
C ALA C 634 -112.84 -162.14 -54.73
N PRO C 635 -111.70 -162.77 -55.01
CA PRO C 635 -111.65 -164.23 -55.14
C PRO C 635 -112.26 -164.93 -53.93
N THR C 636 -112.67 -166.19 -54.12
CA THR C 636 -113.36 -166.94 -53.07
C THR C 636 -112.78 -168.34 -52.86
N LEU C 637 -111.62 -168.64 -53.43
CA LEU C 637 -111.02 -169.96 -53.27
C LEU C 637 -109.50 -169.83 -53.25
N TRP C 638 -108.88 -170.31 -52.17
CA TRP C 638 -107.45 -170.36 -52.04
C TRP C 638 -106.90 -171.78 -51.92
N ASP C 639 -107.77 -172.78 -51.82
CA ASP C 639 -107.33 -174.15 -51.57
C ASP C 639 -106.68 -174.74 -52.82
N ASP C 640 -105.49 -175.34 -52.65
CA ASP C 640 -104.82 -176.00 -53.77
C ASP C 640 -105.34 -177.41 -54.02
N PHE C 641 -106.01 -178.01 -53.03
CA PHE C 641 -106.41 -179.41 -53.11
C PHE C 641 -107.87 -179.56 -53.53
N ALA C 642 -108.36 -178.66 -54.37
CA ALA C 642 -109.70 -178.75 -54.91
C ALA C 642 -109.73 -179.86 -55.96
N TYR C 643 -110.84 -179.98 -56.68
CA TYR C 643 -111.04 -181.01 -57.69
C TYR C 643 -110.66 -182.39 -57.17
N ASP C 644 -110.73 -182.59 -55.85
CA ASP C 644 -110.42 -183.87 -55.24
C ASP C 644 -111.66 -184.53 -54.65
N ARG C 645 -112.84 -183.93 -54.87
CA ARG C 645 -114.09 -184.47 -54.36
C ARG C 645 -114.69 -185.53 -55.29
N VAL C 646 -114.09 -185.76 -56.44
CA VAL C 646 -114.57 -186.77 -57.37
C VAL C 646 -116.02 -186.51 -57.74
N GLU C 663 -113.94 -177.28 -64.30
CA GLU C 663 -112.69 -177.61 -64.99
C GLU C 663 -111.66 -176.50 -64.79
N ASN C 664 -112.14 -175.26 -64.74
CA ASN C 664 -111.27 -174.10 -64.61
C ASN C 664 -111.29 -173.56 -63.18
N GLY C 665 -110.42 -172.60 -62.92
CA GLY C 665 -110.34 -171.99 -61.60
C GLY C 665 -109.39 -172.71 -60.68
N TYR C 666 -108.13 -172.86 -61.10
CA TYR C 666 -107.14 -173.62 -60.36
C TYR C 666 -106.28 -172.71 -59.51
N ALA C 667 -106.00 -173.15 -58.28
CA ALA C 667 -105.13 -172.46 -57.36
C ALA C 667 -103.99 -173.37 -56.94
N GLY C 668 -102.82 -172.81 -56.73
CA GLY C 668 -101.69 -173.62 -56.32
C GLY C 668 -100.48 -172.80 -55.99
N TYR C 669 -99.34 -173.48 -55.94
CA TYR C 669 -98.08 -172.90 -55.52
C TYR C 669 -96.94 -173.66 -56.20
N ILE C 670 -95.73 -173.13 -56.06
CA ILE C 670 -94.55 -173.72 -56.69
C ILE C 670 -93.44 -174.03 -55.70
N ASP C 671 -93.35 -173.33 -54.57
CA ASP C 671 -92.31 -173.58 -53.57
C ASP C 671 -90.92 -173.42 -54.19
N LEU C 672 -90.64 -172.17 -54.58
CA LEU C 672 -89.39 -171.84 -55.26
C LEU C 672 -88.17 -172.31 -54.49
N ALA C 673 -87.03 -172.36 -55.16
CA ALA C 673 -85.76 -172.77 -54.56
C ALA C 673 -84.72 -171.72 -54.93
N ASP C 674 -84.30 -170.91 -53.96
CA ASP C 674 -83.38 -169.82 -54.20
C ASP C 674 -82.53 -169.60 -52.95
N SER C 675 -81.75 -168.53 -52.94
CA SER C 675 -80.82 -168.23 -51.87
C SER C 675 -81.34 -167.07 -51.02
N ASN C 676 -81.19 -167.22 -49.70
CA ASN C 676 -81.56 -166.20 -48.72
C ASN C 676 -83.08 -166.06 -48.59
N GLY C 677 -83.83 -166.75 -49.45
CA GLY C 677 -85.28 -166.79 -49.36
C GLY C 677 -85.96 -165.49 -48.97
N SER C 678 -86.98 -165.62 -48.13
CA SER C 678 -87.74 -164.51 -47.58
C SER C 678 -88.70 -163.90 -48.59
N LEU C 679 -88.59 -164.27 -49.86
CA LEU C 679 -89.62 -164.01 -50.88
C LEU C 679 -90.32 -162.69 -50.64
N ILE C 680 -89.55 -161.61 -50.44
CA ILE C 680 -90.11 -160.40 -49.85
C ILE C 680 -91.14 -159.76 -50.76
N ASP C 681 -90.78 -159.49 -52.01
CA ASP C 681 -91.56 -158.62 -52.86
C ASP C 681 -92.08 -159.38 -54.08
N ILE C 682 -92.96 -158.69 -54.82
CA ILE C 682 -93.55 -159.22 -56.04
C ILE C 682 -94.16 -158.05 -56.79
N LEU C 683 -94.15 -158.13 -58.12
CA LEU C 683 -94.74 -157.08 -58.93
C LEU C 683 -94.94 -157.58 -60.35
N PRO C 684 -96.04 -157.23 -61.00
CA PRO C 684 -96.25 -157.65 -62.39
C PRO C 684 -95.64 -156.68 -63.40
N LEU C 685 -95.49 -157.17 -64.62
CA LEU C 685 -94.95 -156.36 -65.72
C LEU C 685 -95.44 -156.96 -67.03
N LYS C 686 -96.45 -156.34 -67.62
CA LYS C 686 -96.91 -156.69 -68.97
C LYS C 686 -97.23 -158.18 -69.07
N ASP C 687 -98.08 -158.65 -68.17
CA ASP C 687 -98.57 -160.03 -68.08
C ASP C 687 -97.51 -160.97 -67.51
N TYR C 688 -96.29 -160.51 -67.24
CA TYR C 688 -95.22 -161.36 -66.73
C TYR C 688 -94.87 -160.88 -65.33
N LEU C 689 -95.06 -161.74 -64.34
CA LEU C 689 -94.66 -161.43 -62.98
C LEU C 689 -93.15 -161.32 -62.89
N PHE C 690 -92.68 -160.71 -61.80
CA PHE C 690 -91.25 -160.56 -61.53
C PHE C 690 -91.06 -160.64 -60.02
N VAL C 691 -90.77 -161.83 -59.53
CA VAL C 691 -90.57 -162.06 -58.11
C VAL C 691 -89.18 -161.62 -57.71
N TYR C 692 -89.07 -160.99 -56.54
CA TYR C 692 -87.80 -160.55 -55.99
C TYR C 692 -87.68 -161.04 -54.56
N THR C 693 -86.51 -161.58 -54.22
CA THR C 693 -86.24 -162.05 -52.87
C THR C 693 -84.82 -161.69 -52.44
N GLU C 694 -84.33 -160.54 -52.89
CA GLU C 694 -83.00 -160.04 -52.53
C GLU C 694 -81.91 -160.77 -53.29
N PHE C 695 -82.28 -161.82 -54.02
CA PHE C 695 -81.37 -162.61 -54.85
C PHE C 695 -82.20 -163.56 -55.69
N GLU C 696 -81.69 -163.88 -56.88
CA GLU C 696 -82.30 -164.91 -57.73
C GLU C 696 -83.75 -164.55 -58.06
N THR C 697 -83.89 -163.46 -58.81
CA THR C 697 -85.20 -163.05 -59.29
C THR C 697 -85.80 -164.13 -60.19
N TYR C 698 -87.08 -163.96 -60.53
CA TYR C 698 -87.82 -164.94 -61.31
C TYR C 698 -88.75 -164.21 -62.28
N ILE C 699 -89.46 -164.99 -63.08
CA ILE C 699 -90.44 -164.48 -64.03
C ILE C 699 -91.65 -165.41 -64.01
N GLY C 700 -92.83 -164.82 -64.15
CA GLY C 700 -94.06 -165.59 -64.16
C GLY C 700 -94.72 -165.63 -65.53
N SER C 701 -94.91 -166.84 -66.04
CA SER C 701 -95.53 -167.03 -67.35
C SER C 701 -96.90 -167.68 -67.17
N PRO C 702 -98.00 -166.90 -67.19
CA PRO C 702 -99.32 -167.50 -67.00
C PRO C 702 -99.86 -168.09 -68.31
N THR C 703 -100.35 -169.33 -68.22
CA THR C 703 -100.98 -169.99 -69.35
C THR C 703 -102.49 -169.85 -69.24
N ASN C 704 -103.18 -170.18 -70.34
CA ASN C 704 -104.64 -170.09 -70.36
C ASN C 704 -105.25 -170.97 -69.29
N ASN C 705 -105.11 -172.29 -69.44
CA ASN C 705 -105.59 -173.23 -68.44
C ASN C 705 -105.03 -174.62 -68.71
N THR C 706 -104.38 -175.21 -67.71
CA THR C 706 -103.75 -176.52 -67.86
C THR C 706 -103.25 -176.94 -66.49
N TYR C 707 -102.55 -178.08 -66.43
CA TYR C 707 -102.02 -178.57 -65.17
C TYR C 707 -101.10 -177.55 -64.52
N GLN C 708 -100.21 -176.95 -65.31
CA GLN C 708 -99.26 -175.94 -64.84
C GLN C 708 -99.70 -174.58 -65.33
N PRO C 709 -100.56 -173.87 -64.58
CA PRO C 709 -101.02 -172.56 -65.06
C PRO C 709 -99.92 -171.52 -65.12
N LEU C 710 -98.96 -171.56 -64.21
CA LEU C 710 -97.85 -170.63 -64.18
C LEU C 710 -96.54 -171.41 -64.08
N MET C 711 -95.62 -171.14 -65.00
CA MET C 711 -94.30 -171.77 -65.01
C MET C 711 -93.26 -170.69 -64.76
N PHE C 712 -92.59 -170.77 -63.62
CA PHE C 712 -91.60 -169.77 -63.22
C PHE C 712 -90.21 -170.21 -63.68
N LYS C 713 -89.52 -169.31 -64.37
CA LYS C 713 -88.18 -169.56 -64.88
C LYS C 713 -87.21 -168.57 -64.27
N LYS C 714 -86.05 -169.07 -63.84
CA LYS C 714 -85.02 -168.22 -63.28
C LYS C 714 -84.58 -167.18 -64.30
N LEU C 715 -84.27 -165.98 -63.82
CA LEU C 715 -83.84 -164.89 -64.67
C LEU C 715 -82.42 -164.43 -64.36
N PHE C 716 -82.11 -164.14 -63.10
CA PHE C 716 -80.83 -163.62 -62.71
C PHE C 716 -80.28 -164.40 -61.53
N ASN C 717 -78.99 -164.22 -61.26
CA ASN C 717 -78.33 -164.86 -60.14
C ASN C 717 -77.85 -163.86 -59.09
N ASP C 718 -77.65 -162.60 -59.45
CA ASP C 718 -77.23 -161.56 -58.53
C ASP C 718 -78.29 -160.50 -58.28
N SER C 719 -79.21 -160.30 -59.22
CA SER C 719 -80.26 -159.30 -59.05
C SER C 719 -81.18 -159.66 -57.89
N GLY C 720 -81.75 -158.64 -57.26
CA GLY C 720 -82.69 -158.86 -56.18
C GLY C 720 -83.07 -157.58 -55.46
N ILE C 721 -84.36 -157.41 -55.16
CA ILE C 721 -84.84 -156.17 -54.59
C ILE C 721 -84.30 -156.00 -53.18
N LEU C 722 -84.23 -154.75 -52.73
CA LEU C 722 -83.75 -154.46 -51.39
C LEU C 722 -84.85 -154.64 -50.34
N ALA C 723 -85.91 -153.85 -50.45
CA ALA C 723 -87.01 -153.88 -49.48
C ALA C 723 -88.30 -154.31 -50.16
N PRO C 724 -89.35 -154.58 -49.40
CA PRO C 724 -90.59 -155.11 -50.01
C PRO C 724 -91.29 -154.14 -50.94
N GLU C 725 -90.91 -152.87 -50.97
CA GLU C 725 -91.57 -151.88 -51.82
C GLU C 725 -90.54 -150.94 -52.44
N CYS C 726 -89.46 -151.50 -52.98
CA CYS C 726 -88.43 -150.74 -53.68
C CYS C 726 -88.46 -151.00 -55.18
N VAL C 727 -89.64 -151.27 -55.74
CA VAL C 727 -89.77 -151.56 -57.16
C VAL C 727 -91.08 -150.97 -57.64
N VAL C 728 -91.09 -150.50 -58.89
CA VAL C 728 -92.28 -149.90 -59.48
C VAL C 728 -92.07 -149.82 -60.98
N GLU C 729 -93.16 -150.01 -61.72
CA GLU C 729 -93.11 -149.95 -63.18
C GLU C 729 -93.17 -148.51 -63.64
N VAL C 730 -92.35 -148.17 -64.63
CA VAL C 730 -92.28 -146.82 -65.19
C VAL C 730 -92.61 -146.83 -66.68
N GLU C 731 -91.88 -147.61 -67.47
CA GLU C 731 -92.15 -147.73 -68.90
C GLU C 731 -91.74 -149.13 -69.33
N GLY C 732 -92.71 -150.04 -69.34
CA GLY C 732 -92.45 -151.42 -69.71
C GLY C 732 -91.20 -152.00 -69.09
N SER C 733 -90.87 -151.56 -67.88
CA SER C 733 -89.67 -151.99 -67.20
C SER C 733 -89.89 -151.87 -65.70
N HIS C 734 -88.85 -152.16 -64.92
CA HIS C 734 -88.91 -152.13 -63.48
C HIS C 734 -87.74 -151.32 -62.93
N PHE C 735 -87.99 -150.59 -61.86
CA PHE C 735 -86.99 -149.74 -61.20
C PHE C 735 -86.62 -150.41 -59.88
N VAL C 736 -85.56 -151.21 -59.90
CA VAL C 736 -85.20 -152.07 -58.78
C VAL C 736 -83.87 -151.62 -58.19
N VAL C 737 -83.66 -152.00 -56.93
CA VAL C 737 -82.44 -151.69 -56.19
C VAL C 737 -81.79 -153.03 -55.85
N THR C 738 -80.72 -153.37 -56.55
CA THR C 738 -80.11 -154.70 -56.42
C THR C 738 -79.01 -154.73 -55.36
N GLN C 739 -79.31 -154.20 -54.18
CA GLN C 739 -78.41 -154.25 -53.03
C GLN C 739 -77.12 -153.46 -53.25
N ASN C 740 -76.88 -152.98 -54.46
CA ASN C 740 -75.67 -152.24 -54.77
C ASN C 740 -75.90 -151.01 -55.63
N ASP C 741 -76.98 -150.94 -56.40
CA ASP C 741 -77.25 -149.81 -57.28
C ASP C 741 -78.67 -149.96 -57.81
N VAL C 742 -79.04 -149.07 -58.70
CA VAL C 742 -80.35 -149.08 -59.35
C VAL C 742 -80.22 -149.79 -60.69
N ILE C 743 -81.25 -150.56 -61.04
CA ILE C 743 -81.28 -151.27 -62.32
C ILE C 743 -82.63 -151.00 -62.98
N LEU C 744 -82.63 -151.03 -64.30
CA LEU C 744 -83.83 -150.76 -65.10
C LEU C 744 -83.85 -151.77 -66.23
N HIS C 745 -84.57 -152.88 -66.02
CA HIS C 745 -84.61 -153.99 -66.96
C HIS C 745 -85.98 -154.06 -67.62
N ASN C 746 -85.99 -154.14 -68.95
CA ASN C 746 -87.21 -154.34 -69.71
C ASN C 746 -87.63 -155.81 -69.77
N GLY C 747 -86.77 -156.72 -69.32
CA GLY C 747 -87.00 -158.13 -69.44
C GLY C 747 -85.90 -158.82 -70.23
N ALA C 748 -85.18 -159.72 -69.58
CA ALA C 748 -84.05 -160.47 -70.09
C ALA C 748 -82.78 -159.63 -70.19
N THR C 749 -82.84 -158.32 -69.93
CA THR C 749 -81.66 -157.47 -69.95
C THR C 749 -81.83 -156.37 -68.93
N LYS C 750 -80.79 -156.15 -68.13
CA LYS C 750 -80.81 -155.13 -67.08
C LYS C 750 -79.65 -154.16 -67.30
N LYS C 751 -79.82 -152.96 -66.74
CA LYS C 751 -78.84 -151.89 -66.85
C LYS C 751 -78.55 -151.35 -65.46
N SER C 752 -77.78 -150.26 -65.41
CA SER C 752 -77.43 -149.60 -64.16
C SER C 752 -77.64 -148.10 -64.35
N ILE C 753 -78.65 -147.56 -63.67
CA ILE C 753 -78.95 -146.14 -63.78
C ILE C 753 -78.00 -145.29 -62.93
N ALA C 754 -77.31 -145.89 -61.98
CA ALA C 754 -76.39 -145.20 -61.08
C ALA C 754 -75.06 -145.93 -61.03
N SER C 755 -74.52 -146.24 -62.21
CA SER C 755 -73.30 -147.03 -62.29
C SER C 755 -72.15 -146.36 -61.54
N ASN C 756 -71.73 -145.19 -62.00
CA ASN C 756 -70.61 -144.48 -61.42
C ASN C 756 -70.95 -143.01 -61.24
N ARG C 757 -72.19 -142.71 -60.85
CA ARG C 757 -72.62 -141.35 -60.61
C ARG C 757 -73.04 -141.12 -59.16
N VAL C 758 -73.94 -141.94 -58.62
CA VAL C 758 -74.43 -141.73 -57.26
C VAL C 758 -74.41 -143.02 -56.46
N LYS C 759 -73.80 -144.06 -57.01
CA LYS C 759 -73.79 -145.36 -56.33
C LYS C 759 -73.19 -145.25 -54.93
N ASN C 760 -71.93 -144.79 -54.85
CA ASN C 760 -71.26 -144.69 -53.56
C ASN C 760 -71.93 -143.68 -52.63
N MET C 761 -72.78 -142.80 -53.17
CA MET C 761 -73.52 -141.86 -52.34
C MET C 761 -74.78 -142.49 -51.77
N LEU C 762 -75.58 -143.15 -52.60
CA LEU C 762 -76.81 -143.77 -52.11
C LEU C 762 -76.49 -144.93 -51.17
N ILE C 763 -75.53 -145.79 -51.53
CA ILE C 763 -75.21 -146.90 -50.65
C ILE C 763 -74.77 -146.37 -49.29
N ASN C 764 -73.97 -145.31 -49.27
CA ASN C 764 -73.50 -144.74 -48.01
C ASN C 764 -74.65 -144.14 -47.22
N GLU C 765 -75.51 -143.36 -47.87
CA GLU C 765 -76.58 -142.67 -47.16
C GLU C 765 -77.67 -143.62 -46.67
N VAL C 766 -77.84 -144.77 -47.31
CA VAL C 766 -78.92 -145.67 -46.94
C VAL C 766 -78.41 -146.76 -46.01
N CYS C 767 -77.13 -147.08 -46.08
CA CYS C 767 -76.55 -148.15 -45.27
C CYS C 767 -76.26 -147.73 -43.84
N LEU C 768 -76.61 -146.51 -43.44
CA LEU C 768 -76.23 -146.02 -42.12
C LEU C 768 -77.31 -146.29 -41.08
N VAL C 769 -78.53 -145.81 -41.32
CA VAL C 769 -79.56 -145.80 -40.30
C VAL C 769 -80.50 -146.99 -40.46
N ASN C 770 -81.19 -147.06 -41.59
CA ASN C 770 -82.19 -148.10 -41.79
C ASN C 770 -82.45 -148.31 -43.28
N PRO C 771 -81.75 -149.26 -43.91
CA PRO C 771 -81.99 -149.49 -45.34
C PRO C 771 -83.34 -150.10 -45.65
N LEU C 772 -83.87 -150.96 -44.77
CA LEU C 772 -85.13 -151.63 -45.05
C LEU C 772 -86.29 -150.66 -45.18
N ALA C 773 -86.14 -149.43 -44.70
CA ALA C 773 -87.20 -148.43 -44.83
C ALA C 773 -87.22 -147.78 -46.20
N THR C 774 -86.31 -148.15 -47.09
CA THR C 774 -86.28 -147.56 -48.42
C THR C 774 -87.57 -147.86 -49.17
N ARG C 775 -88.06 -146.87 -49.91
CA ARG C 775 -89.31 -146.99 -50.66
C ARG C 775 -89.13 -146.32 -52.01
N VAL C 776 -90.18 -146.40 -52.84
CA VAL C 776 -90.20 -145.77 -54.15
C VAL C 776 -91.61 -145.30 -54.44
N HIS C 777 -91.72 -144.40 -55.42
CA HIS C 777 -93.01 -143.90 -55.86
C HIS C 777 -92.88 -143.38 -57.28
N LEU C 778 -93.87 -143.71 -58.11
CA LEU C 778 -93.88 -143.29 -59.51
C LEU C 778 -94.54 -141.93 -59.61
N HIS C 779 -93.73 -140.88 -59.67
CA HIS C 779 -94.26 -139.51 -59.79
C HIS C 779 -94.55 -139.23 -61.27
N GLN C 780 -95.50 -139.99 -61.80
CA GLN C 780 -95.85 -139.87 -63.21
C GLN C 780 -96.35 -138.47 -63.54
N ASP C 781 -96.80 -137.71 -62.53
CA ASP C 781 -97.27 -136.36 -62.79
C ASP C 781 -96.19 -135.49 -63.43
N LYS C 782 -94.92 -135.82 -63.18
CA LYS C 782 -93.83 -135.03 -63.74
C LYS C 782 -92.67 -135.91 -64.25
N LYS C 783 -92.92 -137.19 -64.49
CA LYS C 783 -91.90 -138.09 -65.04
C LYS C 783 -90.68 -138.17 -64.12
N GLU C 784 -90.93 -138.64 -62.89
CA GLU C 784 -89.90 -138.76 -61.89
C GLU C 784 -90.18 -139.96 -61.02
N VAL C 785 -89.13 -140.72 -60.70
CA VAL C 785 -89.22 -141.91 -59.86
C VAL C 785 -88.16 -141.78 -58.79
N TRP C 786 -88.56 -141.35 -57.60
CA TRP C 786 -87.63 -141.18 -56.49
C TRP C 786 -87.65 -142.40 -55.59
N VAL C 787 -86.55 -142.60 -54.87
CA VAL C 787 -86.37 -143.73 -53.98
C VAL C 787 -86.22 -143.15 -52.57
N LEU C 788 -87.32 -143.15 -51.82
CA LEU C 788 -87.30 -142.60 -50.47
C LEU C 788 -86.41 -143.44 -49.56
N TYR C 789 -85.76 -142.77 -48.61
CA TYR C 789 -84.96 -143.46 -47.61
C TYR C 789 -84.78 -142.55 -46.41
N VAL C 790 -84.37 -143.15 -45.30
CA VAL C 790 -84.20 -142.42 -44.05
C VAL C 790 -82.96 -141.54 -44.14
N GLY C 791 -83.03 -140.36 -43.56
CA GLY C 791 -81.94 -139.42 -43.57
C GLY C 791 -80.70 -139.98 -42.90
N PRO C 792 -79.58 -139.26 -43.02
CA PRO C 792 -78.34 -139.74 -42.42
C PRO C 792 -78.38 -139.75 -40.91
N GLY C 793 -78.81 -138.65 -40.30
CA GLY C 793 -78.89 -138.57 -38.86
C GLY C 793 -80.31 -138.74 -38.34
N GLU C 794 -80.61 -139.93 -37.85
CA GLU C 794 -81.93 -140.24 -37.31
C GLU C 794 -81.79 -141.44 -36.39
N PRO C 795 -82.79 -141.72 -35.56
CA PRO C 795 -82.73 -142.90 -34.70
C PRO C 795 -82.74 -144.18 -35.52
N LYS C 796 -82.03 -145.20 -35.02
CA LYS C 796 -81.99 -146.49 -35.70
C LYS C 796 -83.33 -147.20 -35.66
N GLU C 797 -84.27 -146.73 -34.85
CA GLU C 797 -85.60 -147.34 -34.76
C GLU C 797 -86.65 -146.57 -35.56
N SER C 798 -86.23 -145.59 -36.35
CA SER C 798 -87.15 -144.76 -37.10
C SER C 798 -87.33 -145.33 -38.51
N PHE C 799 -88.54 -145.18 -39.04
CA PHE C 799 -88.86 -145.62 -40.40
C PHE C 799 -89.40 -144.49 -41.25
N ALA C 800 -89.40 -143.26 -40.73
CA ALA C 800 -89.90 -142.10 -41.46
C ALA C 800 -88.85 -141.62 -42.44
N CYS C 801 -89.05 -141.95 -43.72
CA CYS C 801 -88.12 -141.50 -44.75
C CYS C 801 -88.05 -139.98 -44.75
N THR C 802 -86.82 -139.46 -44.82
CA THR C 802 -86.57 -138.02 -44.77
C THR C 802 -86.08 -137.44 -46.09
N LYS C 803 -85.15 -138.13 -46.75
CA LYS C 803 -84.59 -137.67 -48.01
C LYS C 803 -85.07 -138.56 -49.15
N ALA C 804 -84.85 -138.08 -50.37
CA ALA C 804 -85.29 -138.81 -51.56
C ALA C 804 -84.37 -138.48 -52.72
N ALA C 805 -84.05 -139.50 -53.52
CA ALA C 805 -83.22 -139.36 -54.71
C ALA C 805 -84.12 -139.53 -55.92
N VAL C 806 -84.46 -138.42 -56.57
CA VAL C 806 -85.41 -138.41 -57.67
C VAL C 806 -84.66 -138.55 -58.98
N TRP C 807 -85.20 -139.40 -59.86
CA TRP C 807 -84.61 -139.66 -61.17
C TRP C 807 -85.66 -139.44 -62.24
N ASN C 808 -85.29 -138.70 -63.29
CA ASN C 808 -86.19 -138.41 -64.41
C ASN C 808 -85.90 -139.42 -65.52
N TYR C 809 -86.88 -140.27 -65.81
CA TYR C 809 -86.72 -141.29 -66.83
C TYR C 809 -86.87 -140.75 -68.25
N GLU C 810 -87.10 -139.44 -68.40
CA GLU C 810 -87.21 -138.84 -69.73
C GLU C 810 -85.91 -138.26 -70.21
N PHE C 811 -85.02 -137.85 -69.30
CA PHE C 811 -83.74 -137.28 -69.67
C PHE C 811 -82.57 -137.88 -68.89
N ASP C 812 -82.81 -138.87 -68.03
CA ASP C 812 -81.75 -139.59 -67.34
C ASP C 812 -80.87 -138.63 -66.53
N THR C 813 -81.47 -138.02 -65.53
CA THR C 813 -80.78 -137.11 -64.63
C THR C 813 -81.15 -137.45 -63.19
N TRP C 814 -80.19 -137.30 -62.28
CA TRP C 814 -80.37 -137.63 -60.88
C TRP C 814 -80.43 -136.34 -60.06
N SER C 815 -81.29 -136.32 -59.05
CA SER C 815 -81.40 -135.20 -58.14
C SER C 815 -81.97 -135.70 -56.82
N PHE C 816 -81.76 -134.90 -55.78
CA PHE C 816 -82.20 -135.23 -54.44
C PHE C 816 -83.12 -134.15 -53.90
N ARG C 817 -83.77 -134.45 -52.78
CA ARG C 817 -84.67 -133.50 -52.13
C ARG C 817 -84.99 -134.02 -50.74
N THR C 818 -85.85 -133.29 -50.04
CA THR C 818 -86.27 -133.63 -48.69
C THR C 818 -87.78 -133.82 -48.64
N ILE C 819 -88.21 -134.71 -47.76
CA ILE C 819 -89.65 -134.97 -47.58
C ILE C 819 -89.98 -134.82 -46.10
N PRO C 820 -91.25 -134.60 -45.78
CA PRO C 820 -91.65 -134.36 -44.38
C PRO C 820 -91.94 -135.64 -43.61
N TYR C 821 -90.90 -136.48 -43.47
CA TYR C 821 -90.97 -137.67 -42.63
C TYR C 821 -92.11 -138.59 -43.08
N ALA C 822 -91.98 -139.09 -44.30
CA ALA C 822 -93.03 -139.89 -44.93
C ALA C 822 -92.93 -141.34 -44.46
N GLN C 823 -93.98 -141.82 -43.79
CA GLN C 823 -94.10 -143.25 -43.52
C GLN C 823 -94.68 -143.99 -44.71
N CYS C 824 -95.48 -143.29 -45.52
CA CYS C 824 -96.05 -143.85 -46.73
C CYS C 824 -96.20 -142.74 -47.75
N ILE C 825 -96.78 -143.07 -48.91
CA ILE C 825 -96.99 -142.10 -49.97
C ILE C 825 -98.04 -142.65 -50.91
N GLY C 826 -98.69 -141.76 -51.64
CA GLY C 826 -99.72 -142.16 -52.59
C GLY C 826 -100.31 -140.94 -53.26
N LEU C 827 -101.16 -141.23 -54.25
CA LEU C 827 -101.86 -140.21 -55.01
C LEU C 827 -103.34 -140.24 -54.68
N VAL C 828 -103.95 -139.07 -54.56
CA VAL C 828 -105.37 -138.96 -54.22
C VAL C 828 -105.84 -137.56 -54.58
N ASP C 829 -107.15 -137.42 -54.78
CA ASP C 829 -107.72 -136.11 -55.04
C ASP C 829 -107.70 -135.27 -53.76
N PRO C 830 -107.66 -133.95 -53.89
CA PRO C 830 -107.55 -133.10 -52.72
C PRO C 830 -108.90 -132.81 -52.11
N PRO C 831 -108.93 -132.11 -50.96
CA PRO C 831 -110.22 -131.74 -50.37
C PRO C 831 -111.04 -130.87 -51.29
N VAL C 832 -112.29 -130.64 -50.89
CA VAL C 832 -113.20 -129.84 -51.72
C VAL C 832 -112.67 -128.42 -51.86
N LEU C 833 -112.00 -127.90 -50.83
CA LEU C 833 -111.46 -126.55 -50.90
C LEU C 833 -110.31 -126.45 -51.89
N GLU C 834 -109.71 -127.57 -52.29
CA GLU C 834 -108.64 -127.58 -53.27
C GLU C 834 -108.98 -128.41 -54.50
N ARG C 835 -110.08 -129.16 -54.48
CA ARG C 835 -110.55 -129.89 -55.64
C ARG C 835 -111.31 -129.00 -56.62
N GLY C 836 -111.25 -127.69 -56.42
CA GLY C 836 -112.03 -126.75 -57.20
C GLY C 836 -113.24 -126.28 -56.40
N PRO C 837 -113.11 -125.13 -55.75
CA PRO C 837 -114.22 -124.63 -54.94
C PRO C 837 -115.14 -123.70 -55.73
N ILE C 838 -116.20 -123.22 -55.10
CA ILE C 838 -117.19 -122.36 -55.74
C ILE C 838 -117.49 -121.19 -54.82
N TRP C 839 -117.78 -120.04 -55.42
CA TRP C 839 -118.10 -118.85 -54.63
C TRP C 839 -119.19 -119.16 -53.61
N SER C 840 -120.28 -119.80 -54.04
CA SER C 840 -121.37 -120.13 -53.15
C SER C 840 -121.10 -121.43 -52.41
N ASP C 841 -119.92 -121.55 -51.81
CA ASP C 841 -119.59 -122.67 -50.93
C ASP C 841 -119.04 -122.13 -49.62
N PHE C 842 -118.42 -120.96 -49.68
CA PHE C 842 -117.86 -120.32 -48.49
C PHE C 842 -118.93 -119.50 -47.76
N GLN C 843 -120.04 -120.18 -47.46
CA GLN C 843 -121.12 -119.58 -46.70
C GLN C 843 -120.80 -119.48 -45.22
N GLU C 844 -119.87 -120.29 -44.72
CA GLU C 844 -119.43 -120.24 -43.34
C GLU C 844 -118.00 -119.73 -43.18
N ILE C 845 -117.27 -119.54 -44.28
CA ILE C 845 -115.89 -119.08 -44.23
C ILE C 845 -115.86 -117.58 -44.43
N THR C 846 -114.85 -116.94 -43.85
CA THR C 846 -114.70 -115.50 -43.92
C THR C 846 -113.23 -115.16 -44.16
N TRP C 847 -112.94 -113.86 -44.29
CA TRP C 847 -111.58 -113.40 -44.57
C TRP C 847 -110.67 -113.49 -43.35
N ASP C 848 -111.16 -113.97 -42.21
CA ASP C 848 -110.37 -114.10 -41.00
C ASP C 848 -109.62 -115.42 -40.94
N ASP C 849 -109.35 -116.04 -42.10
CA ASP C 849 -108.56 -117.26 -42.25
C ASP C 849 -108.76 -118.21 -41.07
N PRO C 850 -109.97 -118.72 -40.86
CA PRO C 850 -110.19 -119.61 -39.72
C PRO C 850 -109.46 -120.95 -39.86
N SER C 851 -108.15 -120.93 -39.63
CA SER C 851 -107.28 -122.11 -39.70
C SER C 851 -106.97 -122.49 -41.14
N ILE C 852 -107.18 -121.60 -42.11
CA ILE C 852 -106.92 -121.87 -43.51
C ILE C 852 -106.39 -120.59 -44.14
N LYS C 853 -105.11 -120.59 -44.52
CA LYS C 853 -104.48 -119.43 -45.12
C LYS C 853 -103.83 -119.78 -46.45
N GLU C 854 -103.31 -121.01 -46.55
CA GLU C 854 -102.58 -121.45 -47.74
C GLU C 854 -103.58 -121.81 -48.84
N LEU C 855 -104.27 -120.77 -49.33
CA LEU C 855 -105.23 -120.89 -50.41
C LEU C 855 -104.81 -119.99 -51.56
N VAL C 856 -105.02 -120.46 -52.77
CA VAL C 856 -104.63 -119.73 -53.98
C VAL C 856 -105.75 -119.83 -55.00
N TRP C 857 -105.87 -118.78 -55.82
CA TRP C 857 -106.90 -118.76 -56.85
C TRP C 857 -106.74 -119.94 -57.81
N ARG C 858 -105.60 -120.00 -58.51
CA ARG C 858 -105.34 -121.05 -59.49
C ARG C 858 -103.94 -121.57 -59.23
N LYS C 859 -103.85 -122.74 -58.59
CA LYS C 859 -102.56 -123.37 -58.35
C LYS C 859 -102.15 -124.21 -59.54
N ASP C 860 -100.86 -124.25 -59.81
CA ASP C 860 -100.35 -125.01 -60.95
C ASP C 860 -100.74 -126.48 -60.81
N ALA C 861 -101.19 -127.06 -61.92
CA ALA C 861 -101.68 -128.42 -61.95
C ALA C 861 -100.75 -129.31 -62.77
N THR C 862 -100.70 -130.59 -62.39
CA THR C 862 -99.89 -131.58 -63.09
C THR C 862 -100.75 -132.73 -63.62
N ASN C 863 -102.06 -132.55 -63.71
CA ASN C 863 -102.96 -133.60 -64.14
C ASN C 863 -104.28 -132.97 -64.57
N PHE C 864 -104.99 -133.65 -65.48
CA PHE C 864 -106.27 -133.14 -65.94
C PHE C 864 -107.31 -133.20 -64.83
N ARG C 865 -107.33 -134.28 -64.07
CA ARG C 865 -108.25 -134.43 -62.95
C ARG C 865 -107.79 -133.67 -61.71
N GLN C 866 -106.64 -133.01 -61.77
CA GLN C 866 -106.10 -132.24 -60.65
C GLN C 866 -105.98 -133.11 -59.40
N ARG C 867 -105.15 -134.14 -59.50
CA ARG C 867 -104.84 -135.02 -58.38
C ARG C 867 -103.54 -134.57 -57.74
N VAL C 868 -103.48 -134.70 -56.42
CA VAL C 868 -102.35 -134.25 -55.62
C VAL C 868 -101.72 -135.44 -54.92
N THR C 869 -100.40 -135.43 -54.81
CA THR C 869 -99.66 -136.45 -54.09
C THR C 869 -99.62 -136.10 -52.62
N ILE C 870 -100.10 -137.01 -51.78
CA ILE C 870 -100.17 -136.78 -50.34
C ILE C 870 -99.23 -137.75 -49.64
N VAL C 871 -98.87 -137.40 -48.40
CA VAL C 871 -97.90 -138.14 -47.62
C VAL C 871 -98.49 -138.42 -46.24
N GLY C 872 -98.26 -139.63 -45.74
CA GLY C 872 -98.57 -139.95 -44.37
C GLY C 872 -97.39 -139.68 -43.47
N SER C 873 -97.39 -138.53 -42.81
CA SER C 873 -96.21 -138.07 -42.10
C SER C 873 -96.14 -138.63 -40.69
N PHE C 874 -94.91 -138.65 -40.15
CA PHE C 874 -94.66 -139.02 -38.77
C PHE C 874 -95.04 -137.91 -37.80
N LEU C 875 -95.38 -136.71 -38.31
CA LEU C 875 -95.71 -135.56 -37.48
C LEU C 875 -97.20 -135.49 -37.16
N LYS C 876 -97.88 -136.63 -37.12
CA LYS C 876 -99.29 -136.69 -36.76
C LYS C 876 -100.14 -135.87 -37.73
N GLY C 877 -100.15 -136.30 -38.98
CA GLY C 877 -100.97 -135.67 -40.00
C GLY C 877 -100.46 -135.98 -41.38
N PHE C 878 -101.23 -135.54 -42.36
CA PHE C 878 -100.87 -135.68 -43.76
C PHE C 878 -100.07 -134.47 -44.22
N TYR C 879 -99.42 -134.62 -45.37
CA TYR C 879 -98.60 -133.55 -45.93
C TYR C 879 -98.51 -133.73 -47.44
N GLN C 880 -98.54 -132.60 -48.14
CA GLN C 880 -98.31 -132.58 -49.58
C GLN C 880 -96.82 -132.50 -49.85
N VAL C 881 -96.37 -133.18 -50.90
CA VAL C 881 -94.95 -133.36 -51.15
C VAL C 881 -94.42 -132.34 -52.16
N ASP C 882 -95.24 -131.94 -53.12
CA ASP C 882 -94.83 -131.02 -54.19
C ASP C 882 -95.81 -129.85 -54.19
N VAL C 883 -95.45 -128.78 -53.48
CA VAL C 883 -96.28 -127.60 -53.34
C VAL C 883 -95.36 -126.39 -53.22
N GLY C 884 -95.97 -125.22 -52.99
CA GLY C 884 -95.23 -123.98 -52.86
C GLY C 884 -94.07 -124.06 -51.89
N ALA C 885 -93.16 -123.09 -51.97
CA ALA C 885 -91.92 -123.13 -51.19
C ALA C 885 -92.21 -123.09 -49.69
N LEU C 886 -92.06 -124.25 -49.04
CA LEU C 886 -92.20 -124.37 -47.59
C LEU C 886 -91.72 -125.74 -47.18
N ASP C 887 -90.94 -125.80 -46.11
CA ASP C 887 -90.37 -127.04 -45.63
C ASP C 887 -90.61 -127.13 -44.12
N TYR C 888 -91.12 -128.28 -43.68
CA TYR C 888 -91.47 -128.50 -42.28
C TYR C 888 -90.40 -129.40 -41.66
N PHE C 889 -89.49 -128.80 -40.90
CA PHE C 889 -88.40 -129.51 -40.26
C PHE C 889 -88.74 -129.72 -38.78
N TYR C 890 -88.58 -130.95 -38.31
CA TYR C 890 -88.94 -131.29 -36.94
C TYR C 890 -87.74 -131.11 -36.02
N ASP C 891 -88.01 -130.71 -34.78
CA ASP C 891 -86.99 -130.48 -33.77
C ASP C 891 -87.32 -131.32 -32.55
N ARG C 892 -86.33 -132.10 -32.10
CA ARG C 892 -86.51 -132.95 -30.92
C ARG C 892 -86.32 -132.21 -29.61
N LEU C 893 -85.67 -131.04 -29.64
CA LEU C 893 -85.43 -130.30 -28.41
C LEU C 893 -86.74 -129.91 -27.74
N ASN C 894 -87.54 -129.10 -28.42
CA ASN C 894 -88.81 -128.62 -27.88
C ASN C 894 -89.99 -129.47 -28.31
N ASP C 895 -89.76 -130.50 -29.12
CA ASP C 895 -90.84 -131.38 -29.59
C ASP C 895 -91.95 -130.57 -30.26
N VAL C 896 -91.56 -129.80 -31.28
CA VAL C 896 -92.49 -128.94 -32.00
C VAL C 896 -92.14 -128.96 -33.47
N VAL C 897 -93.15 -128.81 -34.31
CA VAL C 897 -92.95 -128.72 -35.76
C VAL C 897 -92.59 -127.29 -36.13
N ILE C 898 -91.66 -127.16 -37.07
CA ILE C 898 -91.15 -125.85 -37.49
C ILE C 898 -91.23 -125.78 -39.01
N GLU C 899 -91.77 -124.68 -39.52
CA GLU C 899 -91.85 -124.43 -40.96
C GLU C 899 -90.88 -123.34 -41.34
N LYS C 900 -90.16 -123.55 -42.44
CA LYS C 900 -89.18 -122.59 -42.92
C LYS C 900 -89.13 -122.68 -44.44
N PRO C 901 -88.57 -121.66 -45.10
CA PRO C 901 -88.49 -121.70 -46.56
C PRO C 901 -87.70 -122.91 -47.04
N LEU C 902 -88.04 -123.37 -48.24
CA LEU C 902 -87.35 -124.50 -48.86
C LEU C 902 -86.00 -124.03 -49.37
N GLU C 903 -84.93 -124.70 -48.94
CA GLU C 903 -83.57 -124.30 -49.24
C GLU C 903 -83.02 -125.20 -50.34
N MET C 904 -82.81 -124.64 -51.52
CA MET C 904 -82.15 -125.33 -52.61
C MET C 904 -80.65 -125.03 -52.57
N ARG C 905 -79.86 -125.99 -53.05
CA ARG C 905 -78.41 -125.82 -53.11
C ARG C 905 -77.87 -126.59 -54.30
N LEU C 906 -77.21 -125.88 -55.20
CA LEU C 906 -76.45 -126.49 -56.28
C LEU C 906 -74.96 -126.32 -55.96
N GLU C 907 -74.17 -127.30 -56.40
CA GLU C 907 -72.75 -127.31 -56.05
C GLU C 907 -71.98 -128.07 -57.13
N ARG C 908 -70.97 -127.41 -57.70
CA ARG C 908 -70.04 -128.06 -58.60
C ARG C 908 -68.64 -127.58 -58.28
N THR C 909 -67.72 -128.51 -58.09
CA THR C 909 -66.34 -128.21 -57.74
C THR C 909 -65.42 -128.57 -58.91
N GLY C 910 -64.18 -128.14 -58.79
CA GLY C 910 -63.18 -128.47 -59.78
C GLY C 910 -63.54 -128.05 -61.18
N ILE C 911 -63.63 -126.75 -61.41
CA ILE C 911 -63.85 -126.18 -62.75
C ILE C 911 -62.48 -125.75 -63.25
N ASP C 912 -61.80 -126.65 -63.96
CA ASP C 912 -60.43 -126.43 -64.40
C ASP C 912 -60.32 -125.76 -65.76
N PHE C 913 -61.44 -125.62 -66.48
CA PHE C 913 -61.42 -125.03 -67.82
C PHE C 913 -60.49 -125.79 -68.75
N ASP C 914 -60.27 -127.08 -68.47
CA ASP C 914 -59.37 -127.88 -69.29
C ASP C 914 -59.79 -127.88 -70.76
N ASN C 915 -61.08 -127.72 -71.03
CA ASN C 915 -61.58 -127.68 -72.39
C ASN C 915 -61.32 -126.35 -73.07
N VAL C 916 -60.75 -125.38 -72.37
CA VAL C 916 -60.48 -124.06 -72.94
C VAL C 916 -59.00 -123.76 -72.79
N THR C 917 -58.51 -123.73 -71.56
CA THR C 917 -57.10 -123.48 -71.28
C THR C 917 -56.53 -124.53 -70.34
N ASN C 918 -55.29 -124.34 -69.90
CA ASN C 918 -54.64 -125.32 -69.04
C ASN C 918 -55.18 -125.24 -67.62
N GLU C 919 -55.21 -126.40 -66.96
CA GLU C 919 -55.76 -126.48 -65.61
C GLU C 919 -54.92 -125.67 -64.63
N TRP C 920 -53.64 -126.02 -64.52
CA TRP C 920 -52.77 -125.39 -63.52
C TRP C 920 -52.69 -123.88 -63.67
N ASN C 921 -53.09 -123.34 -64.82
CA ASN C 921 -53.00 -121.90 -65.02
C ASN C 921 -54.04 -121.18 -64.18
N GLN C 922 -53.61 -120.10 -63.52
CA GLN C 922 -54.52 -119.30 -62.72
C GLN C 922 -55.45 -118.50 -63.61
N LYS C 923 -56.70 -118.36 -63.18
CA LYS C 923 -57.75 -117.75 -64.00
C LYS C 923 -58.51 -116.76 -63.15
N HIS C 924 -58.46 -115.48 -63.54
CA HIS C 924 -59.16 -114.43 -62.82
C HIS C 924 -60.63 -114.44 -63.18
N ILE C 925 -61.48 -114.72 -62.21
CA ILE C 925 -62.93 -114.80 -62.41
C ILE C 925 -63.53 -113.43 -62.08
N ASN C 926 -64.39 -112.93 -62.97
CA ASN C 926 -64.99 -111.61 -62.80
C ASN C 926 -66.51 -111.64 -62.73
N ARG C 927 -67.17 -112.37 -63.63
CA ARG C 927 -68.62 -112.28 -63.74
C ARG C 927 -69.21 -113.62 -64.14
N PHE C 928 -70.47 -113.81 -63.77
CA PHE C 928 -71.32 -114.87 -64.30
C PHE C 928 -72.53 -114.21 -64.95
N ARG C 929 -72.77 -114.52 -66.22
CA ARG C 929 -73.87 -113.91 -66.96
C ARG C 929 -74.95 -114.95 -67.23
N PRO C 930 -75.84 -115.21 -66.28
CA PRO C 930 -76.87 -116.22 -66.47
C PRO C 930 -78.02 -115.72 -67.34
N GLN C 931 -78.86 -116.66 -67.74
CA GLN C 931 -80.07 -116.40 -68.52
C GLN C 931 -81.22 -117.10 -67.81
N THR C 932 -81.82 -116.42 -66.84
CA THR C 932 -82.85 -117.00 -66.01
C THR C 932 -84.23 -116.79 -66.64
N THR C 933 -85.25 -117.34 -65.99
CA THR C 933 -86.63 -117.21 -66.42
C THR C 933 -87.53 -117.15 -65.21
N GLY C 934 -88.53 -116.27 -65.27
CA GLY C 934 -89.43 -116.08 -64.14
C GLY C 934 -88.91 -115.05 -63.16
N SER C 935 -89.61 -114.98 -62.03
CA SER C 935 -89.27 -114.07 -60.95
C SER C 935 -88.69 -114.83 -59.78
N GLY C 936 -87.78 -114.18 -59.06
CA GLY C 936 -87.16 -114.79 -57.91
C GLY C 936 -86.01 -113.96 -57.41
N THR C 937 -85.27 -114.54 -56.47
CA THR C 937 -84.11 -113.87 -55.88
C THR C 937 -83.14 -114.95 -55.40
N TYR C 938 -82.12 -115.22 -56.21
CA TYR C 938 -81.13 -116.23 -55.87
C TYR C 938 -80.06 -115.63 -54.96
N ILE C 939 -79.23 -116.52 -54.40
CA ILE C 939 -78.11 -116.15 -53.55
C ILE C 939 -76.91 -116.92 -54.06
N PHE C 940 -76.11 -116.29 -54.92
CA PHE C 940 -74.96 -116.95 -55.52
C PHE C 940 -73.79 -116.96 -54.54
N GLU C 941 -73.03 -118.05 -54.57
CA GLU C 941 -71.81 -118.18 -53.81
C GLU C 941 -70.72 -118.75 -54.71
N ALA C 942 -69.48 -118.35 -54.45
CA ALA C 942 -68.36 -118.77 -55.28
C ALA C 942 -67.09 -118.79 -54.45
N GLY C 943 -66.13 -119.57 -54.91
CA GLY C 943 -64.85 -119.69 -54.25
C GLY C 943 -63.84 -120.44 -55.10
N GLY C 944 -62.89 -121.10 -54.46
CA GLY C 944 -61.90 -121.84 -55.21
C GLY C 944 -60.82 -122.36 -54.29
N SER C 945 -59.76 -122.89 -54.92
CA SER C 945 -58.61 -123.38 -54.18
C SER C 945 -57.45 -123.52 -55.16
N GLN C 946 -56.23 -123.37 -54.61
CA GLN C 946 -55.03 -123.50 -55.42
C GLN C 946 -54.74 -124.94 -55.83
N PHE C 947 -55.54 -125.89 -55.36
CA PHE C 947 -55.36 -127.30 -55.66
C PHE C 947 -56.60 -127.84 -56.37
N SER C 948 -56.59 -129.13 -56.65
CA SER C 948 -57.69 -129.79 -57.34
C SER C 948 -58.46 -130.77 -56.46
N ASN C 949 -57.88 -131.20 -55.34
CA ASN C 949 -58.53 -132.19 -54.49
C ASN C 949 -59.45 -131.58 -53.44
N GLU C 950 -59.16 -130.36 -53.01
CA GLU C 950 -59.88 -129.74 -51.91
C GLU C 950 -61.14 -129.04 -52.40
N TYR C 951 -62.21 -129.16 -51.61
CA TYR C 951 -63.42 -128.36 -51.82
C TYR C 951 -63.12 -126.93 -51.41
N GLY C 952 -62.91 -126.06 -52.39
CA GLY C 952 -62.44 -124.72 -52.12
C GLY C 952 -63.23 -123.96 -51.09
N HIS C 953 -62.60 -122.98 -50.46
CA HIS C 953 -63.27 -122.15 -49.47
C HIS C 953 -64.00 -120.99 -50.15
N PRO C 954 -65.13 -120.55 -49.63
CA PRO C 954 -65.85 -119.44 -50.27
C PRO C 954 -65.03 -118.16 -50.25
N HIS C 955 -65.36 -117.26 -51.18
CA HIS C 955 -64.72 -115.96 -51.28
C HIS C 955 -65.68 -114.79 -51.24
N THR C 956 -66.95 -114.99 -51.61
CA THR C 956 -67.92 -113.91 -51.63
C THR C 956 -69.32 -114.53 -51.78
N SER C 957 -70.31 -113.67 -51.92
CA SER C 957 -71.69 -114.09 -52.12
C SER C 957 -72.51 -112.89 -52.54
N LYS C 958 -73.39 -113.10 -53.52
CA LYS C 958 -74.21 -112.02 -54.06
C LYS C 958 -75.60 -112.55 -54.37
N THR C 959 -76.57 -111.66 -54.34
CA THR C 959 -77.96 -111.97 -54.66
C THR C 959 -78.29 -111.45 -56.05
N TYR C 960 -78.79 -112.34 -56.89
CA TYR C 960 -79.17 -112.00 -58.27
C TYR C 960 -80.69 -111.93 -58.34
N THR C 961 -81.24 -110.77 -58.02
CA THR C 961 -82.66 -110.54 -58.15
C THR C 961 -83.01 -110.31 -59.62
N ILE C 962 -84.01 -111.03 -60.10
CA ILE C 962 -84.37 -110.97 -61.52
C ILE C 962 -85.24 -109.75 -61.77
N GLY C 963 -85.06 -109.16 -62.95
CA GLY C 963 -85.75 -107.93 -63.31
C GLY C 963 -84.98 -106.67 -63.01
N VAL C 964 -83.86 -106.77 -62.29
CA VAL C 964 -83.05 -105.60 -61.95
C VAL C 964 -81.62 -105.85 -62.39
N ASP C 965 -81.02 -106.92 -61.90
CA ASP C 965 -79.64 -107.26 -62.19
C ASP C 965 -79.54 -108.15 -63.41
N ARG C 966 -78.47 -107.96 -64.17
CA ARG C 966 -78.18 -108.78 -65.35
C ARG C 966 -76.97 -109.67 -65.17
N HIS C 967 -76.38 -109.71 -63.97
CA HIS C 967 -75.21 -110.54 -63.74
C HIS C 967 -74.81 -110.51 -62.26
N VAL C 968 -73.78 -111.27 -61.91
CA VAL C 968 -73.23 -111.27 -60.56
C VAL C 968 -71.73 -111.03 -60.67
N SER C 969 -71.21 -110.14 -59.83
CA SER C 969 -69.82 -109.73 -59.88
C SER C 969 -69.07 -110.41 -58.74
N VAL C 970 -68.08 -111.24 -59.09
CA VAL C 970 -67.22 -111.92 -58.12
C VAL C 970 -65.78 -111.78 -58.58
N ARG C 971 -64.86 -111.72 -57.62
CA ARG C 971 -63.44 -111.52 -57.90
C ARG C 971 -62.65 -112.68 -57.31
N LEU C 972 -62.14 -113.55 -58.19
CA LEU C 972 -61.31 -114.68 -57.79
C LEU C 972 -60.17 -114.79 -58.79
N ASN C 973 -59.08 -115.45 -58.35
CA ASN C 973 -58.02 -115.84 -59.28
C ASN C 973 -57.49 -117.24 -58.99
N HIS C 974 -58.16 -118.03 -58.16
CA HIS C 974 -57.74 -119.40 -57.97
C HIS C 974 -57.93 -120.19 -59.25
N PRO C 975 -57.06 -121.17 -59.52
CA PRO C 975 -57.17 -121.93 -60.77
C PRO C 975 -58.35 -122.88 -60.82
N TYR C 976 -58.82 -123.35 -59.66
CA TYR C 976 -59.92 -124.31 -59.59
C TYR C 976 -61.11 -123.62 -58.92
N LEU C 977 -62.08 -123.22 -59.72
CA LEU C 977 -63.24 -122.49 -59.26
C LEU C 977 -64.37 -123.44 -58.89
N PHE C 978 -65.24 -122.97 -58.00
CA PHE C 978 -66.47 -123.68 -57.67
C PHE C 978 -67.54 -122.66 -57.36
N TYR C 979 -68.74 -122.88 -57.87
CA TYR C 979 -69.86 -121.98 -57.67
C TYR C 979 -71.05 -122.75 -57.09
N ASN C 980 -71.79 -122.08 -56.21
CA ASN C 980 -72.98 -122.64 -55.60
C ASN C 980 -74.14 -121.68 -55.78
N VAL C 981 -75.35 -122.25 -55.87
CA VAL C 981 -76.58 -121.49 -56.05
C VAL C 981 -77.54 -121.86 -54.94
N ILE C 982 -78.12 -120.86 -54.30
CA ILE C 982 -79.04 -121.05 -53.20
C ILE C 982 -80.29 -120.21 -53.45
N ASP C 983 -81.45 -120.76 -53.10
CA ASP C 983 -82.73 -120.07 -53.25
C ASP C 983 -83.56 -120.36 -52.02
N ASN C 984 -83.50 -119.46 -51.04
CA ASN C 984 -84.22 -119.60 -49.78
C ASN C 984 -85.47 -118.74 -49.73
N ASP C 985 -85.79 -118.02 -50.80
CA ASP C 985 -86.97 -117.16 -50.81
C ASP C 985 -88.24 -117.99 -50.91
N VAL C 986 -89.33 -117.42 -50.41
CA VAL C 986 -90.62 -118.11 -50.36
C VAL C 986 -91.45 -117.71 -51.57
N ASN C 987 -91.25 -116.49 -52.06
CA ASN C 987 -92.03 -115.94 -53.18
C ASN C 987 -91.23 -115.94 -54.47
N SER C 988 -90.44 -116.98 -54.72
CA SER C 988 -89.59 -117.07 -55.90
C SER C 988 -89.93 -118.33 -56.67
N ASN C 989 -90.13 -118.20 -57.98
CA ASN C 989 -90.34 -119.31 -58.90
C ASN C 989 -89.48 -119.13 -60.14
N ALA C 990 -88.22 -118.79 -59.92
CA ALA C 990 -87.30 -118.49 -61.03
C ALA C 990 -86.78 -119.78 -61.63
N ALA C 991 -85.81 -119.65 -62.53
CA ALA C 991 -85.18 -120.81 -63.16
C ALA C 991 -83.87 -120.36 -63.79
N ILE C 992 -83.02 -121.33 -64.08
CA ILE C 992 -81.67 -121.08 -64.59
C ILE C 992 -81.46 -121.98 -65.79
N ASN C 993 -81.41 -121.37 -66.98
CA ASN C 993 -81.19 -122.14 -68.19
C ASN C 993 -79.71 -122.39 -68.45
N GLY C 994 -78.87 -121.37 -68.23
CA GLY C 994 -77.45 -121.50 -68.47
C GLY C 994 -76.71 -120.27 -68.00
N LEU C 995 -75.38 -120.41 -67.93
CA LEU C 995 -74.49 -119.36 -67.49
C LEU C 995 -73.49 -119.03 -68.57
N THR C 996 -72.71 -117.98 -68.32
CA THR C 996 -71.62 -117.58 -69.20
C THR C 996 -70.60 -116.81 -68.36
N ILE C 997 -69.53 -117.50 -67.98
CA ILE C 997 -68.53 -116.95 -67.07
C ILE C 997 -67.52 -116.13 -67.87
N GLU C 998 -67.22 -114.93 -67.38
CA GLU C 998 -66.15 -114.11 -67.93
C GLU C 998 -64.90 -114.30 -67.09
N PHE C 999 -63.79 -114.64 -67.75
CA PHE C 999 -62.56 -114.96 -67.03
C PHE C 999 -61.36 -114.66 -67.91
N ALA C 1000 -60.23 -114.42 -67.26
CA ALA C 1000 -58.95 -114.21 -67.91
C ALA C 1000 -57.99 -115.33 -67.47
N VAL C 1001 -56.73 -115.19 -67.86
CA VAL C 1001 -55.71 -116.18 -67.57
C VAL C 1001 -54.47 -115.48 -67.05
N GLY C 1002 -54.01 -115.85 -65.86
CA GLY C 1002 -52.81 -115.30 -65.30
C GLY C 1002 -51.59 -116.15 -65.63
N GLY C 1003 -50.99 -116.74 -64.61
CA GLY C 1003 -49.82 -117.58 -64.81
C GLY C 1003 -49.83 -118.84 -63.97
N ARG C 1004 -48.65 -119.38 -63.68
CA ARG C 1004 -48.53 -120.58 -62.89
C ARG C 1004 -47.19 -120.56 -62.15
N ARG C 1005 -47.18 -121.15 -60.96
CA ARG C 1005 -45.96 -121.24 -60.17
C ARG C 1005 -45.39 -119.85 -59.88
N ILE D 2 -52.42 -62.17 -49.71
CA ILE D 2 -53.84 -62.11 -49.45
C ILE D 2 -54.16 -62.81 -48.13
N VAL D 3 -53.35 -63.81 -47.78
CA VAL D 3 -53.52 -64.59 -46.56
C VAL D 3 -52.14 -64.86 -45.95
N TYR D 4 -52.14 -65.48 -44.77
CA TYR D 4 -50.92 -65.89 -44.10
C TYR D 4 -50.99 -67.38 -43.78
N ASN D 5 -49.82 -67.99 -43.67
CA ASN D 5 -49.71 -69.41 -43.32
C ASN D 5 -49.50 -69.56 -41.81
N ASN D 6 -50.56 -69.25 -41.07
CA ASN D 6 -50.54 -69.32 -39.61
C ASN D 6 -51.43 -70.41 -39.05
N GLN D 7 -52.29 -71.02 -39.86
CA GLN D 7 -53.15 -72.09 -39.37
C GLN D 7 -52.30 -73.27 -38.90
N ALA D 8 -52.96 -74.23 -38.28
CA ALA D 8 -52.28 -75.37 -37.69
C ALA D 8 -52.25 -76.55 -38.65
N PRO D 9 -51.31 -77.48 -38.48
CA PRO D 9 -51.27 -78.66 -39.35
C PRO D 9 -52.47 -79.56 -39.10
N ASP D 10 -53.10 -80.00 -40.19
CA ASP D 10 -54.27 -80.86 -40.11
C ASP D 10 -54.15 -82.12 -40.95
N ALA D 11 -53.43 -82.08 -42.07
CA ALA D 11 -53.30 -83.22 -42.96
C ALA D 11 -51.87 -83.30 -43.46
N VAL D 12 -51.60 -84.30 -44.29
CA VAL D 12 -50.29 -84.53 -44.87
C VAL D 12 -50.35 -84.27 -46.37
N ASN D 13 -49.18 -84.08 -46.96
CA ASN D 13 -49.07 -83.80 -48.39
C ASN D 13 -49.18 -85.12 -49.14
N ASN D 14 -50.43 -85.52 -49.43
CA ASN D 14 -50.65 -86.70 -50.26
C ASN D 14 -50.14 -86.50 -51.67
N VAL D 15 -49.90 -85.25 -52.08
CA VAL D 15 -49.28 -84.92 -53.35
C VAL D 15 -48.41 -83.69 -53.13
N GLY D 16 -47.12 -83.81 -53.42
CA GLY D 16 -46.18 -82.73 -53.15
C GLY D 16 -44.89 -83.24 -52.56
N GLN D 17 -43.76 -82.82 -53.12
CA GLN D 17 -42.45 -83.32 -52.72
C GLN D 17 -41.88 -82.56 -51.53
N PHE D 18 -42.56 -81.53 -51.04
CA PHE D 18 -42.14 -80.79 -49.85
C PHE D 18 -43.25 -80.85 -48.81
N GLY D 19 -42.87 -80.67 -47.55
CA GLY D 19 -43.84 -80.60 -46.48
C GLY D 19 -43.71 -81.71 -45.46
N ALA D 20 -44.84 -82.31 -45.12
CA ALA D 20 -44.92 -83.30 -44.06
C ALA D 20 -45.31 -84.66 -44.64
N THR D 21 -45.28 -85.67 -43.78
CA THR D 21 -45.65 -87.03 -44.14
C THR D 21 -46.39 -87.66 -42.97
N GLU D 22 -46.93 -88.85 -43.21
CA GLU D 22 -47.65 -89.56 -42.15
C GLU D 22 -46.74 -89.86 -40.97
N GLY D 23 -45.44 -89.99 -41.21
CA GLY D 23 -44.47 -90.21 -40.17
C GLY D 23 -43.84 -88.96 -39.61
N SER D 24 -44.33 -87.78 -40.00
CA SER D 24 -43.78 -86.52 -39.53
C SER D 24 -44.83 -85.51 -39.09
N ILE D 25 -46.12 -85.75 -39.39
CA ILE D 25 -47.16 -84.79 -39.01
C ILE D 25 -47.18 -84.62 -37.49
N GLY D 26 -46.94 -85.71 -36.76
CA GLY D 26 -46.91 -85.60 -35.31
C GLY D 26 -45.89 -84.59 -34.83
N ALA D 27 -44.74 -84.52 -35.50
CA ALA D 27 -43.72 -83.54 -35.13
C ALA D 27 -44.22 -82.12 -35.35
N TYR D 28 -44.86 -81.88 -36.49
CA TYR D 28 -45.43 -80.56 -36.75
C TYR D 28 -46.43 -80.17 -35.66
N LYS D 29 -47.34 -81.09 -35.33
CA LYS D 29 -48.37 -80.78 -34.35
C LYS D 29 -47.77 -80.54 -32.96
N GLN D 30 -46.79 -81.36 -32.58
CA GLN D 30 -46.16 -81.16 -31.27
C GLN D 30 -45.41 -79.84 -31.23
N VAL E 12 -72.25 -70.64 -59.96
CA VAL E 12 -71.35 -71.73 -60.32
C VAL E 12 -70.77 -71.49 -61.69
N ASN E 13 -69.57 -72.07 -61.93
CA ASN E 13 -68.94 -72.09 -63.26
C ASN E 13 -69.10 -73.46 -63.91
N ASN E 14 -69.23 -73.46 -65.24
CA ASN E 14 -69.32 -74.71 -65.98
C ASN E 14 -67.93 -75.21 -66.35
N VAL E 15 -67.16 -74.38 -67.07
CA VAL E 15 -65.79 -74.71 -67.43
C VAL E 15 -64.87 -73.58 -66.99
N GLY E 16 -65.45 -72.48 -66.54
CA GLY E 16 -64.67 -71.35 -66.08
C GLY E 16 -63.68 -71.71 -64.98
N GLN E 17 -62.42 -71.33 -65.17
CA GLN E 17 -61.38 -71.63 -64.20
C GLN E 17 -61.29 -70.60 -63.08
N PHE E 18 -61.77 -69.38 -63.31
CA PHE E 18 -61.75 -68.33 -62.30
C PHE E 18 -62.99 -68.34 -61.42
N GLY E 19 -63.99 -69.16 -61.73
CA GLY E 19 -65.21 -69.21 -60.96
C GLY E 19 -65.05 -69.70 -59.54
N ALA E 20 -63.86 -70.12 -59.13
CA ALA E 20 -63.63 -70.63 -57.79
C ALA E 20 -62.13 -70.89 -57.63
N THR E 21 -61.76 -71.35 -56.44
CA THR E 21 -60.35 -71.64 -56.14
C THR E 21 -60.31 -72.64 -55.00
N GLU E 22 -59.94 -73.88 -55.29
CA GLU E 22 -59.91 -74.91 -54.27
C GLU E 22 -58.78 -74.66 -53.28
N GLY E 23 -59.09 -74.77 -52.00
CA GLY E 23 -58.11 -74.58 -50.96
C GLY E 23 -56.94 -75.53 -51.07
N SER E 24 -55.97 -75.40 -50.19
CA SER E 24 -54.79 -76.24 -50.15
C SER E 24 -54.93 -77.29 -49.05
N ILE E 25 -53.86 -78.07 -48.85
CA ILE E 25 -53.84 -79.04 -47.76
C ILE E 25 -54.09 -78.33 -46.44
N GLY E 26 -53.23 -77.37 -46.10
CA GLY E 26 -53.35 -76.60 -44.89
C GLY E 26 -52.33 -75.49 -44.85
N ALA E 27 -52.75 -74.30 -44.41
CA ALA E 27 -51.86 -73.14 -44.35
C ALA E 27 -51.02 -73.20 -43.07
N TYR E 28 -50.21 -74.26 -42.98
CA TYR E 28 -49.34 -74.50 -41.84
C TYR E 28 -47.88 -74.43 -42.29
N LYS E 29 -47.03 -73.91 -41.40
CA LYS E 29 -45.62 -73.72 -41.71
C LYS E 29 -44.86 -75.04 -41.46
N GLN E 30 -43.55 -74.98 -41.56
CA GLN E 30 -42.70 -76.11 -41.23
C GLN E 30 -42.39 -76.11 -39.73
N ALA E 31 -41.78 -77.21 -39.28
CA ALA E 31 -41.40 -77.30 -37.88
C ALA E 31 -40.36 -76.24 -37.51
N ALA E 32 -39.54 -75.83 -38.48
CA ALA E 32 -38.50 -74.83 -38.19
C ALA E 32 -39.11 -73.49 -37.81
N GLU E 33 -40.18 -73.09 -38.50
CA GLU E 33 -40.81 -71.81 -38.18
C GLU E 33 -41.47 -71.86 -36.80
N TYR E 34 -42.10 -72.98 -36.45
CA TYR E 34 -42.67 -73.13 -35.13
C TYR E 34 -41.60 -73.09 -34.06
N ALA E 35 -40.47 -73.75 -34.31
CA ALA E 35 -39.36 -73.72 -33.36
C ALA E 35 -38.83 -72.29 -33.19
N ALA E 36 -38.71 -71.56 -34.30
CA ALA E 36 -38.23 -70.18 -34.21
C ALA E 36 -39.19 -69.30 -33.43
N SER F 24 -23.89 -67.26 -41.07
CA SER F 24 -24.92 -67.52 -40.08
C SER F 24 -26.09 -68.28 -40.70
N ILE F 25 -25.82 -69.51 -41.13
CA ILE F 25 -26.82 -70.36 -41.76
C ILE F 25 -26.63 -71.78 -41.24
N GLY F 26 -27.73 -72.43 -40.85
CA GLY F 26 -27.70 -73.77 -40.33
C GLY F 26 -28.30 -74.78 -41.30
N ALA F 27 -28.20 -76.04 -40.90
CA ALA F 27 -28.74 -77.14 -41.69
C ALA F 27 -30.23 -77.32 -41.40
N TYR F 28 -30.87 -78.20 -42.16
CA TYR F 28 -32.28 -78.48 -42.04
C TYR F 28 -32.44 -79.81 -41.31
N LYS F 29 -32.73 -79.74 -40.02
CA LYS F 29 -32.95 -80.94 -39.23
C LYS F 29 -34.31 -81.54 -39.55
N GLN F 30 -34.52 -82.77 -39.10
CA GLN F 30 -35.81 -83.41 -39.27
C GLN F 30 -36.84 -82.80 -38.33
N ALA F 31 -38.12 -83.06 -38.63
CA ALA F 31 -39.19 -82.44 -37.87
C ALA F 31 -39.11 -82.81 -36.40
N LYS G 5 13.21 -12.71 -26.16
CA LYS G 5 12.30 -12.74 -25.01
C LYS G 5 11.11 -13.64 -25.31
N TYR G 6 11.34 -14.71 -26.08
CA TYR G 6 10.28 -15.65 -26.41
C TYR G 6 9.93 -16.50 -25.20
N SER G 7 8.66 -16.50 -24.82
CA SER G 7 8.23 -17.27 -23.67
C SER G 7 8.09 -18.75 -24.03
N GLU G 8 8.29 -19.60 -23.03
CA GLU G 8 8.14 -21.04 -23.24
C GLU G 8 6.68 -21.42 -23.38
N GLU G 9 5.77 -20.69 -22.74
CA GLU G 9 4.34 -20.95 -22.92
C GLU G 9 3.92 -20.67 -24.36
N VAL G 10 4.46 -19.59 -24.93
CA VAL G 10 4.18 -19.29 -26.34
C VAL G 10 4.65 -20.45 -27.22
N LEU G 11 5.84 -20.98 -26.94
CA LEU G 11 6.36 -22.08 -27.74
C LEU G 11 5.53 -23.34 -27.55
N ASP G 12 5.02 -23.57 -26.35
CA ASP G 12 4.16 -24.74 -26.13
C ASP G 12 2.86 -24.61 -26.89
N GLU G 13 2.23 -23.42 -26.83
CA GLU G 13 1.01 -23.20 -27.61
C GLU G 13 1.27 -23.38 -29.09
N LEU G 14 2.42 -22.87 -29.57
CA LEU G 14 2.77 -23.04 -30.97
C LEU G 14 2.95 -24.51 -31.32
N ARG G 15 3.59 -25.27 -30.44
CA ARG G 15 3.79 -26.70 -30.67
C ARG G 15 2.43 -27.40 -30.77
N VAL G 16 1.50 -27.07 -29.88
CA VAL G 16 0.19 -27.71 -29.90
C VAL G 16 -0.53 -27.38 -31.21
N ASP G 17 -0.56 -26.10 -31.57
CA ASP G 17 -1.24 -25.69 -32.79
C ASP G 17 -0.62 -26.37 -34.00
N LEU G 18 0.70 -26.40 -34.07
CA LEU G 18 1.39 -27.00 -35.21
C LEU G 18 1.15 -28.50 -35.26
N GLN G 19 1.10 -29.15 -34.09
CA GLN G 19 0.85 -30.59 -34.07
C GLN G 19 -0.55 -30.90 -34.61
N ARG G 20 -1.56 -30.15 -34.16
CA ARG G 20 -2.90 -30.41 -34.66
C ARG G 20 -3.01 -30.08 -36.15
N ARG G 21 -2.33 -29.02 -36.59
CA ARG G 21 -2.35 -28.68 -38.01
C ARG G 21 -1.71 -29.78 -38.83
N PHE G 22 -0.58 -30.31 -38.37
CA PHE G 22 0.08 -31.41 -39.08
C PHE G 22 -0.80 -32.65 -39.09
N ASN G 23 -1.50 -32.91 -38.00
CA ASN G 23 -2.40 -34.05 -37.96
C ASN G 23 -3.50 -33.92 -39.02
N TYR G 24 -4.14 -32.76 -39.08
CA TYR G 24 -5.17 -32.54 -40.08
C TYR G 24 -4.61 -32.63 -41.49
N ALA G 25 -3.45 -32.00 -41.71
CA ALA G 25 -2.85 -32.01 -43.05
C ALA G 25 -2.51 -33.42 -43.49
N GLN G 26 -2.00 -34.24 -42.57
CA GLN G 26 -1.69 -35.63 -42.91
C GLN G 26 -2.97 -36.41 -43.20
N GLY G 27 -3.96 -36.31 -42.31
CA GLY G 27 -5.21 -37.00 -42.54
C GLY G 27 -5.83 -36.66 -43.89
N TYR G 28 -5.67 -35.42 -44.33
CA TYR G 28 -6.17 -35.05 -45.65
C TYR G 28 -5.27 -35.59 -46.76
N VAL G 29 -4.01 -35.17 -46.77
CA VAL G 29 -3.09 -35.47 -47.86
C VAL G 29 -2.99 -36.95 -48.12
N ASP G 30 -3.08 -37.78 -47.08
CA ASP G 30 -2.95 -39.22 -47.30
C ASP G 30 -3.96 -39.69 -48.32
N MET G 31 -5.24 -39.60 -47.97
CA MET G 31 -6.29 -40.05 -48.88
C MET G 31 -6.41 -39.16 -50.11
N ALA G 32 -5.85 -37.96 -50.07
CA ALA G 32 -5.96 -37.07 -51.23
C ALA G 32 -4.99 -37.46 -52.33
N VAL G 33 -3.76 -37.84 -51.97
CA VAL G 33 -2.69 -38.02 -52.94
C VAL G 33 -2.07 -39.40 -52.84
N LYS G 34 -1.66 -39.80 -51.63
CA LYS G 34 -0.76 -40.94 -51.51
C LYS G 34 -1.49 -42.25 -51.80
N GLY G 35 -2.76 -42.35 -51.41
CA GLY G 35 -3.53 -43.53 -51.72
C GLY G 35 -3.56 -43.83 -53.21
N TYR G 36 -3.49 -42.80 -54.04
CA TYR G 36 -3.43 -42.97 -55.49
C TYR G 36 -1.99 -43.13 -55.97
N ALA G 37 -1.05 -42.42 -55.34
CA ALA G 37 0.34 -42.46 -55.79
C ALA G 37 0.94 -43.84 -55.59
N ARG G 38 0.58 -44.50 -54.50
CA ARG G 38 1.11 -45.84 -54.24
C ARG G 38 0.70 -46.80 -55.36
N GLU G 39 -0.60 -46.85 -55.67
CA GLU G 39 -1.07 -47.75 -56.73
C GLU G 39 -0.54 -47.31 -58.09
N ALA G 40 -0.34 -46.01 -58.30
CA ALA G 40 0.24 -45.57 -59.56
C ALA G 40 1.67 -46.08 -59.72
N TRP G 41 2.47 -45.99 -58.65
CA TRP G 41 3.82 -46.53 -58.70
C TRP G 41 3.78 -48.04 -58.90
N GLU G 42 2.82 -48.72 -58.27
CA GLU G 42 2.71 -50.16 -58.46
C GLU G 42 2.40 -50.50 -59.91
N TYR G 43 1.51 -49.73 -60.54
CA TYR G 43 1.22 -49.94 -61.95
C TYR G 43 2.42 -49.58 -62.83
N PHE G 44 3.27 -48.67 -62.36
CA PHE G 44 4.46 -48.29 -63.12
C PHE G 44 5.26 -49.52 -63.53
N TYR G 45 5.45 -50.45 -62.59
CA TYR G 45 6.16 -51.69 -62.85
C TYR G 45 5.23 -52.85 -63.13
N GLY G 46 3.92 -52.63 -63.13
CA GLY G 46 2.99 -53.70 -63.40
C GLY G 46 2.88 -54.73 -62.28
N ASN G 47 3.03 -54.29 -61.03
CA ASN G 47 2.99 -55.21 -59.90
C ASN G 47 1.64 -55.23 -59.19
N LEU G 48 0.71 -54.35 -59.56
CA LEU G 48 -0.56 -54.29 -58.86
C LEU G 48 -1.49 -55.41 -59.33
N PRO G 49 -1.66 -55.61 -60.63
CA PRO G 49 -2.51 -56.73 -61.09
C PRO G 49 -1.90 -58.06 -60.68
N ALA G 50 -2.56 -58.76 -59.78
CA ALA G 50 -2.00 -59.95 -59.17
C ALA G 50 -2.33 -61.19 -59.98
N PRO G 51 -1.56 -62.27 -59.80
CA PRO G 51 -1.88 -63.53 -60.48
C PRO G 51 -3.05 -64.24 -59.84
N VAL G 52 -4.26 -63.86 -60.24
CA VAL G 52 -5.47 -64.42 -59.63
C VAL G 52 -5.41 -65.94 -59.59
N THR G 53 -4.83 -66.55 -60.62
CA THR G 53 -4.74 -68.00 -60.70
C THR G 53 -3.49 -68.38 -61.49
N ALA G 54 -2.98 -69.57 -61.21
CA ALA G 54 -1.77 -70.04 -61.89
C ALA G 54 -2.05 -70.28 -63.37
N GLY G 55 -3.14 -70.97 -63.69
CA GLY G 55 -3.45 -71.26 -65.07
C GLY G 55 -3.76 -70.03 -65.91
N SER G 56 -4.01 -68.89 -65.26
CA SER G 56 -4.36 -67.69 -66.01
C SER G 56 -3.16 -67.13 -66.75
N SER G 57 -1.97 -67.18 -66.13
CA SER G 57 -0.77 -66.59 -66.70
C SER G 57 -1.02 -65.13 -67.11
N SER G 58 -1.31 -64.32 -66.09
CA SER G 58 -1.72 -62.93 -66.29
C SER G 58 -0.50 -62.11 -66.67
N TRP G 59 -0.19 -62.11 -67.97
CA TRP G 59 0.86 -61.28 -68.50
C TRP G 59 0.43 -59.82 -68.46
N VAL G 60 1.14 -59.01 -67.68
CA VAL G 60 0.78 -57.61 -67.51
C VAL G 60 1.20 -56.82 -68.74
N ASP G 61 0.47 -55.73 -69.00
CA ASP G 61 0.75 -54.84 -70.11
C ASP G 61 1.28 -53.53 -69.54
N ARG G 62 2.60 -53.34 -69.62
CA ARG G 62 3.23 -52.13 -69.11
C ARG G 62 2.92 -50.98 -70.07
N THR G 63 1.88 -50.23 -69.75
CA THR G 63 1.45 -49.11 -70.57
C THR G 63 1.72 -47.76 -69.95
N VAL G 64 1.56 -47.63 -68.63
CA VAL G 64 1.82 -46.36 -67.96
C VAL G 64 3.30 -45.99 -68.11
N TRP G 65 4.17 -46.96 -67.85
CA TRP G 65 5.61 -46.74 -68.01
C TRP G 65 5.92 -46.22 -69.41
N GLU G 66 5.25 -46.77 -70.43
CA GLU G 66 5.52 -46.37 -71.80
C GLU G 66 5.21 -44.89 -72.02
N SER G 67 4.01 -44.45 -71.64
CA SER G 67 3.64 -43.05 -71.80
C SER G 67 4.51 -42.14 -70.95
N VAL G 68 4.86 -42.60 -69.74
CA VAL G 68 5.74 -41.83 -68.88
C VAL G 68 7.06 -41.54 -69.59
N ASN G 69 7.65 -42.57 -70.18
CA ASN G 69 8.91 -42.37 -70.90
C ASN G 69 8.71 -41.51 -72.13
N GLY G 70 7.61 -41.73 -72.86
CA GLY G 70 7.35 -40.95 -74.06
C GLY G 70 7.22 -39.46 -73.77
N THR G 71 6.70 -39.12 -72.59
CA THR G 71 6.62 -37.73 -72.19
C THR G 71 7.92 -37.21 -71.62
N LEU G 72 8.64 -38.04 -70.85
CA LEU G 72 9.87 -37.60 -70.20
C LEU G 72 10.94 -37.31 -71.24
N GLN G 73 11.01 -38.11 -72.30
CA GLN G 73 12.01 -37.87 -73.33
C GLN G 73 11.83 -36.49 -73.96
N ASP G 74 10.58 -36.16 -74.31
CA ASP G 74 10.32 -34.84 -74.88
C ASP G 74 10.58 -33.74 -73.86
N ILE G 75 10.21 -33.97 -72.60
CA ILE G 75 10.45 -32.98 -71.56
C ILE G 75 11.94 -32.64 -71.48
N ILE G 76 12.79 -33.67 -71.38
CA ILE G 76 14.22 -33.42 -71.29
C ILE G 76 14.75 -32.82 -72.59
N ASN G 77 14.18 -33.20 -73.73
CA ASN G 77 14.59 -32.59 -74.99
C ASN G 77 14.16 -31.14 -75.10
N VAL G 78 13.25 -30.69 -74.24
CA VAL G 78 12.80 -29.30 -74.26
C VAL G 78 13.73 -28.47 -73.38
N PHE G 79 13.84 -28.83 -72.11
CA PHE G 79 14.58 -28.01 -71.16
C PHE G 79 16.07 -28.34 -71.18
N CYS G 80 16.42 -29.59 -70.89
CA CYS G 80 17.81 -29.99 -70.73
C CYS G 80 18.54 -30.23 -72.04
N SER G 81 17.90 -29.93 -73.18
CA SER G 81 18.56 -30.13 -74.46
C SER G 81 19.74 -29.18 -74.63
N GLY G 82 19.57 -27.93 -74.21
CA GLY G 82 20.63 -26.95 -74.37
C GLY G 82 21.73 -27.10 -73.35
N ASP G 83 22.93 -26.69 -73.74
CA ASP G 83 24.06 -26.72 -72.82
C ASP G 83 23.81 -25.85 -71.60
N GLU G 84 22.99 -24.82 -71.76
CA GLU G 84 22.59 -23.96 -70.67
C GLU G 84 21.14 -24.24 -70.29
N ALA G 85 20.74 -23.71 -69.12
CA ALA G 85 19.38 -23.91 -68.64
C ALA G 85 18.47 -22.76 -69.04
N VAL G 86 18.82 -21.54 -68.64
CA VAL G 86 18.03 -20.35 -68.93
C VAL G 86 19.00 -19.19 -69.20
N THR G 87 18.43 -18.03 -69.51
CA THR G 87 19.22 -16.83 -69.73
C THR G 87 18.31 -15.62 -69.53
N PHE G 88 18.60 -14.83 -68.51
CA PHE G 88 17.78 -13.66 -68.21
C PHE G 88 17.91 -12.63 -69.32
N VAL G 89 16.83 -11.87 -69.54
CA VAL G 89 16.80 -10.81 -70.53
C VAL G 89 16.14 -9.60 -69.91
N ALA G 90 16.69 -8.42 -70.19
CA ALA G 90 16.20 -7.17 -69.65
C ALA G 90 15.44 -6.41 -70.73
N ASP G 91 14.92 -5.23 -70.34
CA ASP G 91 14.19 -4.37 -71.25
C ASP G 91 14.89 -3.04 -71.52
N ASN G 92 15.94 -2.70 -70.78
CA ASN G 92 16.67 -1.47 -70.97
C ASN G 92 18.16 -1.76 -70.93
N GLN G 93 18.95 -0.79 -71.40
CA GLN G 93 20.40 -0.93 -71.37
C GLN G 93 20.98 -0.61 -70.00
N GLN G 94 20.25 0.15 -69.18
CA GLN G 94 20.75 0.50 -67.85
C GLN G 94 20.86 -0.70 -66.93
N ASP G 95 20.26 -1.84 -67.29
CA ASP G 95 20.29 -3.03 -66.45
C ASP G 95 20.70 -4.27 -67.25
N SER G 96 21.30 -4.09 -68.42
CA SER G 96 21.75 -5.23 -69.21
C SER G 96 23.07 -5.80 -68.69
N ASP G 97 23.90 -4.95 -68.06
CA ASP G 97 25.17 -5.43 -67.54
C ASP G 97 24.98 -6.49 -66.47
N ALA G 98 23.81 -6.53 -65.84
CA ALA G 98 23.53 -7.51 -64.79
C ALA G 98 22.90 -8.78 -65.33
N ALA G 99 22.29 -8.73 -66.52
CA ALA G 99 21.63 -9.91 -67.07
C ALA G 99 22.62 -11.05 -67.26
N ASP G 100 23.71 -10.79 -67.99
CA ASP G 100 24.69 -11.84 -68.25
C ASP G 100 25.29 -12.38 -66.96
N VAL G 101 25.53 -11.50 -65.99
CA VAL G 101 26.13 -11.95 -64.73
C VAL G 101 25.19 -12.89 -64.00
N ALA G 102 23.92 -12.50 -63.87
CA ALA G 102 22.95 -13.36 -63.21
C ALA G 102 22.80 -14.67 -63.96
N THR G 103 22.80 -14.63 -65.28
CA THR G 103 22.67 -15.85 -66.08
C THR G 103 23.83 -16.79 -65.79
N LYS G 104 25.06 -16.29 -65.88
CA LYS G 104 26.23 -17.12 -65.60
C LYS G 104 26.17 -17.68 -64.19
N LEU G 105 25.78 -16.85 -63.23
CA LEU G 105 25.74 -17.29 -61.84
C LEU G 105 24.74 -18.43 -61.66
N VAL G 106 23.53 -18.27 -62.16
CA VAL G 106 22.51 -19.29 -61.97
C VAL G 106 22.90 -20.57 -62.72
N ASN G 107 23.45 -20.43 -63.92
CA ASN G 107 23.86 -21.62 -64.67
C ASN G 107 24.95 -22.38 -63.92
N GLN G 108 25.94 -21.67 -63.39
CA GLN G 108 27.00 -22.32 -62.62
C GLN G 108 26.43 -23.00 -61.39
N ILE G 109 25.56 -22.29 -60.66
CA ILE G 109 25.00 -22.82 -59.42
C ILE G 109 24.15 -24.05 -59.70
N LEU G 110 23.51 -24.10 -60.86
CA LEU G 110 22.55 -25.17 -61.14
C LEU G 110 23.24 -26.39 -61.73
N LEU G 111 24.18 -26.18 -62.65
CA LEU G 111 24.82 -27.26 -63.38
C LEU G 111 26.23 -27.56 -62.89
N ARG G 112 27.11 -26.55 -62.88
CA ARG G 112 28.49 -26.74 -62.47
C ARG G 112 28.65 -26.94 -60.97
N ASP G 113 27.59 -26.76 -60.19
CA ASP G 113 27.64 -26.96 -58.75
C ASP G 113 26.69 -28.05 -58.29
N ASN G 114 25.47 -28.09 -58.82
CA ASN G 114 24.48 -29.09 -58.48
C ASN G 114 24.16 -29.96 -59.69
N PRO G 115 23.62 -31.17 -59.46
CA PRO G 115 23.27 -32.06 -60.58
C PRO G 115 21.89 -31.73 -61.17
N GLY G 116 21.76 -30.50 -61.67
CA GLY G 116 20.48 -30.03 -62.18
C GLY G 116 19.80 -31.02 -63.11
N TYR G 117 20.58 -31.75 -63.90
CA TYR G 117 20.00 -32.75 -64.80
C TYR G 117 19.26 -33.82 -64.00
N ASN G 118 19.91 -34.38 -62.98
CA ASN G 118 19.27 -35.40 -62.17
C ASN G 118 18.08 -34.82 -61.41
N ILE G 119 18.21 -33.58 -60.91
CA ILE G 119 17.11 -32.97 -60.19
C ILE G 119 15.89 -32.84 -61.07
N ILE G 120 16.08 -32.37 -62.31
CA ILE G 120 14.96 -32.18 -63.21
C ILE G 120 14.37 -33.53 -63.61
N SER G 121 15.23 -34.50 -63.90
CA SER G 121 14.73 -35.83 -64.27
C SER G 121 13.89 -36.43 -63.15
N SER G 122 14.33 -36.27 -61.91
CA SER G 122 13.59 -36.80 -60.78
C SER G 122 12.27 -36.05 -60.58
N ALA G 123 12.33 -34.72 -60.64
CA ALA G 123 11.12 -33.93 -60.48
C ALA G 123 10.10 -34.21 -61.57
N ALA G 124 10.56 -34.66 -62.74
CA ALA G 124 9.65 -34.97 -63.84
C ALA G 124 9.09 -36.38 -63.72
N GLN G 125 9.97 -37.39 -63.69
CA GLN G 125 9.49 -38.78 -63.67
C GLN G 125 8.58 -39.04 -62.49
N GLU G 126 8.86 -38.42 -61.35
CA GLU G 126 8.07 -38.66 -60.15
C GLU G 126 6.79 -37.85 -60.11
N CYS G 127 6.68 -36.81 -60.93
CA CYS G 127 5.52 -35.92 -60.92
C CYS G 127 4.34 -36.51 -61.70
N LEU G 128 4.62 -37.17 -62.82
CA LEU G 128 3.58 -37.66 -63.71
C LEU G 128 2.88 -38.90 -63.14
N VAL G 129 3.33 -39.37 -61.98
CA VAL G 129 2.78 -40.57 -61.37
C VAL G 129 2.32 -40.27 -59.94
N THR G 130 2.91 -39.24 -59.34
CA THR G 130 2.55 -38.83 -57.99
C THR G 130 1.62 -37.62 -57.98
N ARG G 131 1.23 -37.12 -59.15
CA ARG G 131 0.35 -35.97 -59.35
C ARG G 131 1.09 -34.66 -59.10
N ASN G 132 2.32 -34.68 -58.60
CA ASN G 132 3.08 -33.47 -58.32
C ASN G 132 4.50 -33.88 -57.96
N SER G 133 5.38 -32.89 -57.98
CA SER G 133 6.76 -33.06 -57.53
C SER G 133 7.30 -31.71 -57.12
N PHE G 134 8.28 -31.72 -56.22
CA PHE G 134 8.76 -30.51 -55.58
C PHE G 134 10.28 -30.38 -55.68
N ILE G 135 10.73 -29.13 -55.78
CA ILE G 135 12.13 -28.77 -55.77
C ILE G 135 12.33 -27.69 -54.73
N LYS G 136 13.51 -27.68 -54.12
CA LYS G 136 13.76 -26.79 -52.99
C LYS G 136 15.20 -26.29 -53.05
N TYR G 137 15.42 -25.09 -52.50
CA TYR G 137 16.74 -24.48 -52.43
C TYR G 137 16.91 -23.77 -51.10
N TYR G 138 18.07 -23.99 -50.47
CA TYR G 138 18.41 -23.40 -49.18
C TYR G 138 19.79 -22.78 -49.26
N TRP G 139 20.19 -22.13 -48.17
CA TRP G 139 21.53 -21.55 -48.04
C TRP G 139 22.40 -22.50 -47.22
N ASP G 140 23.28 -23.22 -47.90
CA ASP G 140 24.21 -24.12 -47.21
C ASP G 140 25.33 -23.32 -46.58
N GLU G 141 25.57 -23.57 -45.29
CA GLU G 141 26.55 -22.82 -44.51
C GLU G 141 27.50 -23.78 -43.80
N GLN G 142 27.96 -24.79 -44.53
CA GLN G 142 28.85 -25.79 -43.93
C GLN G 142 30.15 -25.14 -43.48
N THR G 143 30.80 -25.78 -42.50
CA THR G 143 32.08 -25.31 -41.98
C THR G 143 32.80 -26.50 -41.38
N SER G 144 34.13 -26.49 -41.49
CA SER G 144 34.95 -27.57 -40.97
C SER G 144 34.88 -27.63 -39.45
N TYR G 191 42.57 -23.99 -40.63
CA TYR G 191 41.70 -24.74 -41.53
C TYR G 191 40.28 -24.78 -41.00
N GLU G 192 39.61 -23.62 -41.01
CA GLU G 192 38.22 -23.49 -40.60
C GLU G 192 37.38 -22.90 -41.73
N GLN G 193 37.66 -23.32 -42.96
CA GLN G 193 36.99 -22.76 -44.12
C GLN G 193 35.47 -22.89 -43.98
N THR G 194 34.76 -21.83 -44.33
CA THR G 194 33.31 -21.79 -44.31
C THR G 194 32.81 -21.32 -45.68
N VAL G 195 31.77 -21.98 -46.18
CA VAL G 195 31.23 -21.69 -47.49
C VAL G 195 29.75 -21.32 -47.36
N LYS G 196 29.27 -20.61 -48.38
CA LYS G 196 27.86 -20.23 -48.48
C LYS G 196 27.38 -20.62 -49.87
N ARG G 197 26.76 -21.80 -49.97
CA ARG G 197 26.35 -22.35 -51.26
C ARG G 197 24.83 -22.33 -51.37
N VAL G 198 24.35 -22.61 -52.58
CA VAL G 198 22.91 -22.68 -52.86
C VAL G 198 22.57 -24.16 -52.94
N LYS G 199 22.13 -24.72 -51.80
CA LYS G 199 21.77 -26.13 -51.73
C LYS G 199 20.45 -26.35 -52.44
N VAL G 200 20.50 -26.74 -53.70
CA VAL G 200 19.32 -27.08 -54.47
C VAL G 200 19.19 -28.59 -54.50
N GLU G 201 17.96 -29.07 -54.35
CA GLU G 201 17.75 -30.51 -54.28
C GLU G 201 16.30 -30.84 -54.59
N TYR G 202 16.10 -31.99 -55.23
CA TYR G 202 14.78 -32.55 -55.45
C TYR G 202 14.13 -32.89 -54.11
N VAL G 203 12.81 -33.02 -54.08
CA VAL G 203 12.10 -33.40 -52.85
C VAL G 203 10.89 -34.24 -53.24
N PRO G 204 10.81 -35.50 -52.81
CA PRO G 204 9.63 -36.30 -53.16
C PRO G 204 8.36 -35.73 -52.58
N SER G 205 7.21 -36.26 -53.02
CA SER G 205 5.92 -35.88 -52.46
C SER G 205 5.53 -36.68 -51.23
N GLU G 206 6.27 -37.75 -50.94
CA GLU G 206 5.97 -38.57 -49.78
C GLU G 206 6.43 -37.92 -48.48
N GLN G 207 7.29 -36.89 -48.56
CA GLN G 207 7.81 -36.19 -47.41
C GLN G 207 7.29 -34.75 -47.38
N ILE G 208 6.01 -34.58 -47.72
CA ILE G 208 5.38 -33.27 -47.76
C ILE G 208 4.01 -33.38 -47.13
N PHE G 209 3.61 -32.32 -46.42
CA PHE G 209 2.31 -32.27 -45.76
C PHE G 209 1.79 -30.85 -45.82
N VAL G 210 0.62 -30.67 -46.42
CA VAL G 210 0.03 -29.36 -46.64
C VAL G 210 -1.44 -29.39 -46.24
N ASP G 211 -1.99 -28.20 -46.02
CA ASP G 211 -3.40 -28.08 -45.68
C ASP G 211 -4.28 -28.35 -46.90
N GLU G 212 -5.59 -28.42 -46.65
CA GLU G 212 -6.56 -28.70 -47.70
C GLU G 212 -7.12 -27.42 -48.32
N HIS G 213 -7.30 -26.37 -47.51
CA HIS G 213 -7.91 -25.13 -47.98
C HIS G 213 -6.97 -24.30 -48.86
N ALA G 214 -5.78 -24.79 -49.16
CA ALA G 214 -4.82 -24.06 -49.97
C ALA G 214 -4.84 -24.55 -51.41
N THR G 215 -4.51 -23.65 -52.33
CA THR G 215 -4.44 -23.96 -53.75
C THR G 215 -3.11 -23.59 -54.39
N SER G 216 -2.25 -22.87 -53.68
CA SER G 216 -0.95 -22.49 -54.20
C SER G 216 -0.06 -22.07 -53.04
N PHE G 217 1.25 -22.02 -53.31
CA PHE G 217 2.20 -21.62 -52.27
C PHE G 217 1.88 -20.24 -51.72
N ALA G 218 1.27 -19.37 -52.54
CA ALA G 218 0.97 -18.01 -52.10
C ALA G 218 0.00 -18.03 -50.92
N ASP G 219 -1.21 -18.54 -51.15
CA ASP G 219 -2.24 -18.55 -50.11
C ASP G 219 -2.09 -19.71 -49.14
N ALA G 220 -1.05 -20.52 -49.27
CA ALA G 220 -0.85 -21.63 -48.35
C ALA G 220 -0.65 -21.13 -46.94
N GLN G 221 -1.44 -21.65 -46.01
CA GLN G 221 -1.38 -21.24 -44.61
C GLN G 221 -0.40 -22.07 -43.81
N TYR G 222 -0.30 -23.37 -44.11
CA TYR G 222 0.59 -24.27 -43.40
C TYR G 222 1.22 -25.24 -44.41
N PHE G 223 2.52 -25.46 -44.25
CA PHE G 223 3.26 -26.29 -45.19
C PHE G 223 4.42 -26.94 -44.46
N CYS G 224 4.37 -28.27 -44.32
CA CYS G 224 5.39 -29.02 -43.60
C CYS G 224 6.20 -29.87 -44.57
N HIS G 225 7.43 -30.15 -44.16
CA HIS G 225 8.35 -30.95 -44.99
C HIS G 225 9.31 -31.67 -44.06
N ARG G 226 9.04 -32.94 -43.79
CA ARG G 226 9.94 -33.76 -42.99
C ARG G 226 11.27 -33.90 -43.73
N VAL G 227 12.37 -33.83 -42.98
CA VAL G 227 13.70 -33.93 -43.56
C VAL G 227 14.54 -34.88 -42.72
N ARG G 228 15.60 -35.41 -43.33
CA ARG G 228 16.52 -36.31 -42.65
C ARG G 228 17.87 -35.61 -42.57
N ARG G 229 18.13 -34.99 -41.42
CA ARG G 229 19.35 -34.22 -41.20
C ARG G 229 20.16 -34.85 -40.06
N SER G 230 21.48 -34.78 -40.20
CA SER G 230 22.38 -35.35 -39.22
C SER G 230 22.23 -34.64 -37.89
N LYS G 231 22.85 -35.20 -36.85
CA LYS G 231 22.79 -34.60 -35.52
C LYS G 231 23.70 -33.39 -35.42
N GLU G 232 24.63 -33.22 -36.36
CA GLU G 232 25.54 -32.09 -36.33
C GLU G 232 24.78 -30.77 -36.41
N ASP G 233 23.96 -30.61 -37.46
CA ASP G 233 23.21 -29.38 -37.63
C ASP G 233 22.31 -29.09 -36.44
N LEU G 234 21.77 -30.14 -35.82
CA LEU G 234 20.91 -29.93 -34.66
C LEU G 234 21.72 -29.47 -33.46
N VAL G 235 22.89 -30.07 -33.24
CA VAL G 235 23.76 -29.64 -32.15
C VAL G 235 24.19 -28.20 -32.37
N ALA G 236 24.26 -27.76 -33.63
CA ALA G 236 24.61 -26.38 -33.93
C ALA G 236 23.55 -25.40 -33.47
N MET G 237 22.40 -25.88 -33.02
CA MET G 237 21.31 -24.99 -32.64
C MET G 237 20.61 -25.36 -31.33
N GLY G 238 20.86 -26.53 -30.76
CA GLY G 238 20.17 -26.89 -29.53
C GLY G 238 20.77 -28.12 -28.90
N PHE G 239 20.44 -28.32 -27.62
CA PHE G 239 20.85 -29.46 -26.80
C PHE G 239 22.28 -29.88 -27.10
N PRO G 240 23.27 -29.07 -26.74
CA PRO G 240 24.66 -29.51 -26.91
C PRO G 240 25.06 -30.61 -25.94
N LYS G 241 24.47 -30.65 -24.74
CA LYS G 241 24.81 -31.67 -23.77
C LYS G 241 24.15 -33.00 -24.06
N ASP G 242 23.08 -33.02 -24.87
CA ASP G 242 22.35 -34.23 -25.19
C ASP G 242 22.39 -34.44 -26.70
N GLU G 243 22.93 -35.57 -27.13
CA GLU G 243 23.03 -35.92 -28.55
C GLU G 243 22.39 -37.26 -28.84
N ILE G 244 21.57 -37.76 -27.92
CA ILE G 244 20.90 -39.04 -28.08
C ILE G 244 19.41 -38.85 -28.36
N GLU G 245 19.03 -37.71 -28.94
CA GLU G 245 17.63 -37.45 -29.25
C GLU G 245 17.21 -38.25 -30.47
N ALA G 246 16.86 -39.52 -30.26
CA ALA G 246 16.39 -40.36 -31.34
C ALA G 246 14.93 -40.06 -31.66
N PHE G 247 14.41 -40.73 -32.67
CA PHE G 247 13.02 -40.54 -33.09
C PHE G 247 12.07 -40.89 -31.95
N GLN G 258 3.29 -44.21 -43.81
CA GLN G 258 2.84 -43.88 -45.17
C GLN G 258 3.95 -43.21 -45.97
N SER G 259 4.66 -42.26 -45.35
CA SER G 259 5.76 -41.60 -46.05
C SER G 259 6.86 -42.62 -46.39
N THR G 260 7.02 -43.64 -45.55
CA THR G 260 7.96 -44.70 -45.82
C THR G 260 7.38 -45.76 -46.75
N VAL G 261 6.09 -46.05 -46.62
CA VAL G 261 5.47 -47.09 -47.46
C VAL G 261 5.47 -46.66 -48.92
N ALA G 262 4.99 -45.45 -49.20
CA ALA G 262 4.94 -44.98 -50.57
C ALA G 262 6.33 -44.98 -51.20
N TRP G 263 7.36 -44.66 -50.42
CA TRP G 263 8.72 -44.62 -50.95
C TRP G 263 9.25 -46.02 -51.21
N SER G 264 9.13 -46.91 -50.22
CA SER G 264 9.57 -48.28 -50.40
C SER G 264 8.74 -49.03 -51.42
N ARG G 265 7.63 -48.45 -51.88
CA ARG G 265 6.82 -49.06 -52.93
C ARG G 265 6.98 -48.37 -54.28
N THR G 266 7.52 -47.16 -54.32
CA THR G 266 7.98 -46.61 -55.59
C THR G 266 8.90 -47.60 -56.28
N ASP G 267 9.72 -48.29 -55.49
CA ASP G 267 10.52 -49.42 -55.92
C ASP G 267 10.20 -50.59 -54.99
N TRP G 268 11.02 -51.65 -55.07
CA TRP G 268 10.92 -52.77 -54.16
C TRP G 268 12.30 -53.18 -53.62
N ARG G 269 13.22 -52.22 -53.53
CA ARG G 269 14.58 -52.48 -53.10
C ARG G 269 14.91 -51.75 -51.80
N GLN G 270 14.46 -50.52 -51.65
CA GLN G 270 14.84 -49.69 -50.52
C GLN G 270 13.84 -49.84 -49.37
N ASP G 271 14.35 -49.56 -48.16
CA ASP G 271 13.52 -49.56 -46.95
C ASP G 271 14.06 -48.46 -46.05
N ILE G 272 13.44 -47.28 -46.12
CA ILE G 272 13.95 -46.11 -45.44
C ILE G 272 14.02 -46.28 -43.92
N ASP G 273 13.22 -47.17 -43.36
CA ASP G 273 13.17 -47.37 -41.92
C ASP G 273 14.14 -48.45 -41.44
N ALA G 274 15.22 -48.70 -42.18
CA ALA G 274 16.21 -49.68 -41.81
C ALA G 274 17.50 -49.00 -41.37
N ASP G 275 18.48 -49.82 -41.02
CA ASP G 275 19.80 -49.34 -40.60
C ASP G 275 20.80 -49.65 -41.69
N ILE G 276 21.37 -48.61 -42.30
CA ILE G 276 22.39 -48.81 -43.31
C ILE G 276 23.77 -49.02 -42.69
N GLY G 277 23.88 -48.96 -41.37
CA GLY G 277 25.12 -49.19 -40.67
C GLY G 277 25.55 -48.05 -39.77
N THR G 278 24.82 -46.94 -39.77
CA THR G 278 25.21 -45.79 -38.97
C THR G 278 24.91 -46.02 -37.49
N ASP G 279 25.92 -45.81 -36.64
CA ASP G 279 25.71 -45.92 -35.21
C ASP G 279 24.83 -44.79 -34.72
N THR G 280 23.94 -45.10 -33.77
CA THR G 280 23.00 -44.10 -33.29
C THR G 280 23.68 -42.95 -32.60
N GLU G 281 24.78 -43.21 -31.89
CA GLU G 281 25.51 -42.15 -31.20
C GLU G 281 26.37 -41.32 -32.13
N ASP G 282 26.71 -41.83 -33.31
CA ASP G 282 27.53 -41.08 -34.24
C ASP G 282 26.84 -39.79 -34.64
N ILE G 283 27.55 -38.67 -34.51
CA ILE G 283 26.96 -37.37 -34.76
C ILE G 283 26.35 -37.29 -36.16
N ALA G 284 26.97 -37.96 -37.13
CA ALA G 284 26.45 -37.94 -38.49
C ALA G 284 25.20 -38.80 -38.66
N SER G 285 24.77 -39.49 -37.61
CA SER G 285 23.55 -40.29 -37.69
C SER G 285 22.38 -39.42 -38.12
N MET G 286 21.76 -39.78 -39.24
CA MET G 286 20.64 -39.00 -39.76
C MET G 286 19.41 -39.17 -38.88
N VAL G 287 18.69 -38.07 -38.69
CA VAL G 287 17.51 -38.04 -37.82
C VAL G 287 16.42 -37.24 -38.52
N TRP G 288 15.17 -37.61 -38.25
CA TRP G 288 14.04 -36.92 -38.86
C TRP G 288 13.70 -35.64 -38.09
N VAL G 289 13.67 -34.53 -38.81
CA VAL G 289 13.30 -33.24 -38.25
C VAL G 289 12.10 -32.72 -39.03
N TYR G 290 11.33 -31.84 -38.37
CA TYR G 290 10.10 -31.30 -38.93
C TYR G 290 10.33 -29.82 -39.22
N GLU G 291 10.27 -29.46 -40.50
CA GLU G 291 10.32 -28.08 -40.92
C GLU G 291 8.92 -27.63 -41.35
N HIS G 292 8.56 -26.41 -40.97
CA HIS G 292 7.22 -25.91 -41.21
C HIS G 292 7.27 -24.44 -41.60
N TYR G 293 6.38 -24.06 -42.51
CA TYR G 293 6.10 -22.68 -42.85
C TYR G 293 4.63 -22.41 -42.52
N ILE G 294 4.38 -21.45 -41.65
CA ILE G 294 3.02 -21.19 -41.17
C ILE G 294 2.74 -19.70 -41.22
N ARG G 295 1.57 -19.36 -41.75
CA ARG G 295 1.04 -18.01 -41.71
C ARG G 295 0.04 -17.95 -40.56
N THR G 296 0.41 -17.29 -39.47
CA THR G 296 -0.45 -17.21 -38.30
C THR G 296 0.05 -16.11 -37.39
N GLY G 297 -0.89 -15.55 -36.64
CA GLY G 297 -0.54 -14.58 -35.62
C GLY G 297 -0.26 -15.26 -34.29
N VAL G 298 0.85 -16.00 -34.22
CA VAL G 298 1.24 -16.62 -32.96
C VAL G 298 1.35 -15.57 -31.87
N LEU G 299 1.68 -14.33 -32.25
CA LEU G 299 1.66 -13.20 -31.34
C LEU G 299 0.21 -12.75 -31.16
N ASP G 300 0.02 -11.59 -30.56
CA ASP G 300 -1.32 -11.01 -30.46
C ASP G 300 -1.97 -10.98 -31.84
N LYS G 301 -3.12 -11.65 -31.95
CA LYS G 301 -3.81 -11.73 -33.24
C LYS G 301 -4.01 -10.37 -33.88
N ASN G 302 -4.06 -9.29 -33.10
CA ASN G 302 -4.17 -7.96 -33.68
C ASN G 302 -3.03 -7.66 -34.64
N LYS G 303 -1.89 -8.32 -34.47
CA LYS G 303 -0.77 -8.13 -35.36
C LYS G 303 -1.04 -8.80 -36.71
N GLU G 304 -0.31 -8.33 -37.73
CA GLU G 304 -0.49 -8.87 -39.07
C GLU G 304 -0.25 -10.37 -39.08
N SER G 305 -0.88 -11.05 -40.04
CA SER G 305 -0.72 -12.49 -40.20
C SER G 305 0.66 -12.73 -40.80
N LYS G 306 1.67 -12.77 -39.94
CA LYS G 306 3.04 -12.94 -40.37
C LYS G 306 3.33 -14.40 -40.67
N LEU G 307 4.16 -14.62 -41.69
CA LEU G 307 4.64 -15.94 -42.01
C LEU G 307 5.91 -16.24 -41.22
N TYR G 308 6.07 -17.49 -40.82
CA TYR G 308 7.19 -17.90 -39.99
C TYR G 308 7.66 -19.29 -40.39
N GLN G 309 8.98 -19.44 -40.50
CA GLN G 309 9.60 -20.73 -40.67
C GLN G 309 10.05 -21.26 -39.31
N VAL G 310 9.67 -22.50 -39.01
CA VAL G 310 10.06 -23.18 -37.78
C VAL G 310 10.76 -24.47 -38.17
N ILE G 311 11.77 -24.84 -37.39
CA ILE G 311 12.52 -26.08 -37.58
C ILE G 311 12.64 -26.73 -36.21
N GLN G 312 12.05 -27.91 -36.04
CA GLN G 312 11.98 -28.56 -34.75
C GLN G 312 12.36 -30.03 -34.87
N ALA G 313 12.64 -30.62 -33.72
CA ALA G 313 12.88 -32.04 -33.55
C ALA G 313 11.83 -32.61 -32.61
N GLY G 314 12.00 -33.87 -32.23
CA GLY G 314 11.05 -34.51 -31.35
C GLY G 314 10.88 -33.78 -30.03
N GLU G 315 9.73 -33.13 -29.87
CA GLU G 315 9.40 -32.40 -28.64
C GLU G 315 10.44 -31.33 -28.33
N HIS G 316 11.07 -30.77 -29.37
CA HIS G 316 12.05 -29.71 -29.19
C HIS G 316 12.10 -28.87 -30.44
N ILE G 317 12.08 -27.55 -30.26
CA ILE G 317 12.21 -26.59 -31.34
C ILE G 317 13.65 -26.11 -31.40
N LEU G 318 14.18 -26.00 -32.61
CA LEU G 318 15.58 -25.64 -32.83
C LEU G 318 15.74 -24.24 -33.42
N HIS G 319 14.86 -23.86 -34.35
CA HIS G 319 15.03 -22.57 -35.02
C HIS G 319 13.67 -22.00 -35.37
N THR G 320 13.58 -20.67 -35.33
CA THR G 320 12.40 -19.95 -35.74
C THR G 320 12.83 -18.62 -36.35
N GLU G 321 12.15 -18.23 -37.43
CA GLU G 321 12.50 -16.98 -38.09
C GLU G 321 11.35 -16.55 -38.99
N GLU G 322 11.46 -15.33 -39.49
CA GLU G 322 10.49 -14.81 -40.44
C GLU G 322 10.97 -14.98 -41.87
N VAL G 323 10.02 -15.14 -42.79
CA VAL G 323 10.33 -15.28 -44.20
C VAL G 323 9.06 -15.00 -44.99
N THR G 324 9.21 -14.29 -46.11
CA THR G 324 8.09 -13.84 -46.91
C THR G 324 7.98 -14.60 -48.23
N HIS G 325 8.58 -15.80 -48.32
CA HIS G 325 8.55 -16.55 -49.57
C HIS G 325 8.97 -17.98 -49.28
N ILE G 326 8.23 -18.93 -49.83
CA ILE G 326 8.53 -20.35 -49.66
C ILE G 326 9.55 -20.77 -50.72
N PRO G 327 10.71 -21.32 -50.34
CA PRO G 327 11.71 -21.67 -51.34
C PRO G 327 11.34 -22.90 -52.16
N PHE G 328 10.18 -23.47 -51.91
CA PHE G 328 9.75 -24.66 -52.63
C PHE G 328 9.02 -24.28 -53.92
N VAL G 329 9.17 -25.13 -54.92
CA VAL G 329 8.49 -24.98 -56.20
C VAL G 329 7.90 -26.33 -56.57
N THR G 330 6.74 -26.31 -57.22
CA THR G 330 6.01 -27.53 -57.55
C THR G 330 5.75 -27.60 -59.05
N PHE G 331 5.79 -28.80 -59.59
CA PHE G 331 5.43 -29.07 -60.97
C PHE G 331 3.99 -29.58 -61.03
N CYS G 332 3.24 -29.07 -62.01
CA CYS G 332 1.80 -29.35 -62.10
C CYS G 332 1.43 -29.57 -63.56
N PRO G 333 1.75 -30.74 -64.10
CA PRO G 333 1.28 -31.08 -65.45
C PRO G 333 -0.20 -31.40 -65.43
N TYR G 334 -0.92 -30.90 -66.44
CA TYR G 334 -2.37 -31.00 -66.49
C TYR G 334 -2.96 -30.41 -65.21
N PRO G 335 -2.67 -29.15 -64.90
CA PRO G 335 -3.09 -28.59 -63.62
C PRO G 335 -4.61 -28.56 -63.49
N ILE G 336 -5.05 -28.47 -62.24
CA ILE G 336 -6.48 -28.44 -61.91
C ILE G 336 -6.78 -27.10 -61.24
N PRO G 337 -7.50 -26.20 -61.91
CA PRO G 337 -7.76 -24.88 -61.31
C PRO G 337 -8.44 -25.01 -59.95
N GLY G 338 -8.21 -24.00 -59.12
CA GLY G 338 -8.78 -23.98 -57.78
C GLY G 338 -8.26 -25.04 -56.85
N SER G 339 -7.11 -25.66 -57.17
CA SER G 339 -6.54 -26.70 -56.34
C SER G 339 -5.02 -26.60 -56.36
N PHE G 340 -4.40 -27.21 -55.34
CA PHE G 340 -2.95 -27.20 -55.24
C PHE G 340 -2.31 -28.35 -55.99
N TYR G 341 -3.08 -29.37 -56.36
CA TYR G 341 -2.56 -30.55 -57.04
C TYR G 341 -3.22 -30.68 -58.41
N GLY G 342 -2.41 -31.00 -59.42
CA GLY G 342 -2.92 -31.19 -60.76
C GLY G 342 -3.39 -32.61 -60.99
N GLN G 343 -3.31 -33.08 -62.24
CA GLN G 343 -3.66 -34.45 -62.57
C GLN G 343 -2.42 -35.33 -62.63
N SER G 344 -2.58 -36.57 -63.08
CA SER G 344 -1.45 -37.47 -63.25
C SER G 344 -1.74 -38.47 -64.36
N VAL G 345 -0.69 -39.02 -64.97
CA VAL G 345 -0.88 -39.95 -66.07
C VAL G 345 -1.62 -41.20 -65.59
N TYR G 346 -1.34 -41.64 -64.37
CA TYR G 346 -2.02 -42.80 -63.83
C TYR G 346 -3.53 -42.68 -63.97
N ASP G 347 -4.10 -41.61 -63.38
CA ASP G 347 -5.54 -41.41 -63.42
C ASP G 347 -6.09 -41.32 -64.83
N ILE G 348 -5.23 -41.18 -65.84
CA ILE G 348 -5.69 -41.02 -67.22
C ILE G 348 -5.61 -42.35 -67.94
N THR G 349 -4.73 -43.24 -67.48
CA THR G 349 -4.42 -44.47 -68.21
C THR G 349 -4.67 -45.74 -67.42
N LYS G 350 -4.78 -45.67 -66.10
CA LYS G 350 -4.88 -46.88 -65.30
C LYS G 350 -5.87 -47.88 -65.91
N ASP G 351 -7.13 -47.49 -66.03
CA ASP G 351 -8.14 -48.39 -66.58
C ASP G 351 -7.64 -49.04 -67.86
N ILE G 352 -7.20 -48.22 -68.82
CA ILE G 352 -6.72 -48.75 -70.09
C ILE G 352 -5.79 -49.93 -69.83
N GLN G 353 -4.72 -49.69 -69.06
CA GLN G 353 -3.79 -50.77 -68.74
C GLN G 353 -4.56 -52.02 -68.33
N ASP G 354 -5.31 -51.94 -67.23
CA ASP G 354 -6.10 -53.08 -66.79
C ASP G 354 -6.86 -53.67 -67.96
N LEU G 355 -7.69 -52.86 -68.62
CA LEU G 355 -8.44 -53.34 -69.76
C LEU G 355 -7.57 -54.17 -70.68
N ARG G 356 -6.50 -53.55 -71.21
CA ARG G 356 -5.63 -54.28 -72.13
C ARG G 356 -5.22 -55.62 -71.55
N THR G 357 -4.68 -55.61 -70.32
CA THR G 357 -4.30 -56.85 -69.67
C THR G 357 -5.39 -57.90 -69.83
N ALA G 358 -6.60 -57.58 -69.35
CA ALA G 358 -7.71 -58.52 -69.50
C ALA G 358 -7.77 -59.06 -70.91
N LEU G 359 -7.95 -58.19 -71.89
CA LEU G 359 -8.00 -58.64 -73.28
C LEU G 359 -6.82 -59.54 -73.57
N VAL G 360 -5.60 -59.06 -73.35
CA VAL G 360 -4.42 -59.87 -73.57
C VAL G 360 -4.58 -61.23 -72.90
N ARG G 361 -4.86 -61.22 -71.59
CA ARG G 361 -5.07 -62.48 -70.88
C ARG G 361 -5.99 -63.40 -71.67
N GLY G 362 -7.17 -62.90 -72.03
CA GLY G 362 -8.06 -63.70 -72.86
C GLY G 362 -7.31 -64.35 -74.00
N TYR G 363 -6.81 -63.52 -74.93
CA TYR G 363 -6.03 -64.05 -76.04
C TYR G 363 -5.08 -65.14 -75.56
N ILE G 364 -4.22 -64.81 -74.60
CA ILE G 364 -3.22 -65.76 -74.14
C ILE G 364 -3.88 -67.09 -73.81
N ASP G 365 -4.85 -67.10 -72.90
CA ASP G 365 -5.40 -68.37 -72.46
C ASP G 365 -5.94 -69.15 -73.64
N ASN G 366 -6.60 -68.48 -74.58
CA ASN G 366 -7.07 -69.17 -75.78
C ASN G 366 -5.93 -69.95 -76.41
N VAL G 367 -4.85 -69.27 -76.78
CA VAL G 367 -3.69 -69.96 -77.31
C VAL G 367 -3.20 -70.99 -76.31
N ASN G 368 -3.12 -70.61 -75.03
CA ASN G 368 -2.63 -71.53 -74.00
C ASN G 368 -3.42 -72.82 -73.95
N ASN G 369 -4.59 -72.87 -74.59
CA ASN G 369 -5.36 -74.11 -74.71
C ASN G 369 -5.17 -74.74 -76.09
N ALA G 370 -5.19 -73.91 -77.14
CA ALA G 370 -5.12 -74.44 -78.50
C ALA G 370 -3.84 -75.21 -78.73
N ASN G 371 -2.76 -74.83 -78.04
CA ASN G 371 -1.49 -75.52 -78.23
C ASN G 371 -1.49 -76.93 -77.65
N TYR G 372 -2.41 -77.23 -76.72
CA TYR G 372 -2.47 -78.57 -76.16
C TYR G 372 -2.86 -79.59 -77.23
N GLY G 373 -3.80 -79.23 -78.09
CA GLY G 373 -4.21 -80.09 -79.17
C GLY G 373 -4.73 -81.44 -78.71
N ARG G 374 -5.67 -81.42 -77.77
CA ARG G 374 -6.29 -82.65 -77.31
C ARG G 374 -7.14 -83.25 -78.41
N TYR G 375 -7.20 -84.58 -78.44
CA TYR G 375 -7.92 -85.31 -79.48
C TYR G 375 -9.13 -86.00 -78.86
N LYS G 376 -10.29 -85.84 -79.50
CA LYS G 376 -11.50 -86.53 -79.09
C LYS G 376 -11.56 -87.87 -79.80
N ALA G 377 -12.04 -88.90 -79.09
CA ALA G 377 -12.05 -90.24 -79.64
C ALA G 377 -13.13 -91.06 -78.93
N LEU G 378 -13.45 -92.19 -79.54
CA LEU G 378 -14.43 -93.12 -79.00
C LEU G 378 -13.71 -94.16 -78.13
N VAL G 379 -14.42 -95.22 -77.78
CA VAL G 379 -13.88 -96.22 -76.86
C VAL G 379 -13.15 -97.33 -77.60
N GLY G 380 -13.71 -97.83 -78.70
CA GLY G 380 -13.14 -98.96 -79.40
C GLY G 380 -12.09 -98.58 -80.43
N ALA G 381 -11.32 -97.53 -80.14
CA ALA G 381 -10.27 -97.10 -81.06
C ALA G 381 -9.01 -96.64 -80.34
N TYR G 382 -8.83 -97.00 -79.07
CA TYR G 382 -7.67 -96.55 -78.31
C TYR G 382 -6.38 -97.03 -78.95
N ASP G 383 -6.18 -98.34 -79.00
CA ASP G 383 -4.96 -98.92 -79.54
C ASP G 383 -3.73 -98.22 -78.98
N ARG G 384 -3.59 -98.31 -77.66
CA ARG G 384 -2.57 -97.52 -76.96
C ARG G 384 -1.20 -97.70 -77.58
N ARG G 385 -0.82 -98.95 -77.90
CA ARG G 385 0.49 -99.19 -78.48
C ARG G 385 0.71 -98.32 -79.71
N SER G 386 -0.31 -98.21 -80.56
CA SER G 386 -0.19 -97.44 -81.79
C SER G 386 -0.36 -95.96 -81.55
N LEU G 387 -1.30 -95.58 -80.70
CA LEU G 387 -1.59 -94.17 -80.47
C LEU G 387 -0.42 -93.48 -79.77
N LEU G 388 -0.03 -93.97 -78.60
CA LEU G 388 1.08 -93.38 -77.87
C LEU G 388 2.31 -93.27 -78.75
N ASP G 389 2.55 -94.26 -79.61
CA ASP G 389 3.67 -94.20 -80.53
C ASP G 389 3.49 -93.03 -81.48
N ASN G 390 4.33 -92.01 -81.32
CA ASN G 390 4.26 -90.80 -82.15
C ASN G 390 5.43 -90.83 -83.11
N ARG G 391 5.22 -91.46 -84.26
CA ARG G 391 6.21 -91.55 -85.31
C ARG G 391 5.54 -91.24 -86.65
N PRO G 392 6.26 -90.65 -87.61
CA PRO G 392 5.64 -90.35 -88.90
C PRO G 392 5.33 -91.60 -89.69
N GLY G 393 4.28 -92.31 -89.28
CA GLY G 393 3.85 -93.52 -89.96
C GLY G 393 3.67 -94.70 -89.03
N GLY G 394 2.49 -95.29 -89.05
CA GLY G 394 2.22 -96.45 -88.21
C GLY G 394 1.00 -96.26 -87.33
N VAL G 395 0.38 -95.08 -87.41
CA VAL G 395 -0.78 -94.80 -86.59
C VAL G 395 -1.97 -95.65 -87.07
N VAL G 396 -2.92 -95.88 -86.17
CA VAL G 396 -4.06 -96.74 -86.45
C VAL G 396 -5.32 -95.99 -86.03
N GLU G 397 -5.98 -95.35 -86.98
CA GLU G 397 -7.26 -94.67 -86.77
C GLU G 397 -8.36 -95.64 -87.18
N MET G 398 -8.50 -96.72 -86.42
CA MET G 398 -9.38 -97.82 -86.80
C MET G 398 -10.81 -97.52 -86.37
N GLU G 399 -11.67 -98.54 -86.45
CA GLU G 399 -13.06 -98.45 -86.04
C GLU G 399 -13.80 -97.35 -86.81
N ARG G 400 -13.96 -97.60 -88.11
CA ARG G 400 -14.71 -96.77 -89.04
C ARG G 400 -13.95 -95.56 -89.57
N GLN G 401 -12.70 -95.36 -89.14
CA GLN G 401 -11.84 -94.28 -89.64
C GLN G 401 -12.31 -92.90 -89.19
N ASP G 402 -13.42 -92.81 -88.47
CA ASP G 402 -13.92 -91.53 -87.98
C ASP G 402 -14.03 -91.53 -86.46
N ALA G 403 -13.46 -92.52 -85.79
CA ALA G 403 -13.55 -92.62 -84.34
C ALA G 403 -12.65 -91.63 -83.61
N ILE G 404 -11.92 -90.79 -84.33
CA ILE G 404 -10.96 -89.86 -83.72
C ILE G 404 -10.98 -88.56 -84.51
N ASP G 405 -10.84 -87.44 -83.80
CA ASP G 405 -10.82 -86.13 -84.43
C ASP G 405 -10.14 -85.15 -83.48
N LEU G 406 -9.89 -83.95 -83.98
CA LEU G 406 -9.29 -82.91 -83.16
C LEU G 406 -10.36 -82.25 -82.29
N PHE G 407 -9.99 -81.90 -81.07
CA PHE G 407 -10.95 -81.34 -80.13
C PHE G 407 -11.45 -80.00 -80.65
N PRO G 408 -12.77 -79.77 -80.66
CA PRO G 408 -13.29 -78.51 -81.21
C PRO G 408 -13.16 -77.35 -80.24
N TYR G 409 -12.00 -76.72 -80.21
CA TYR G 409 -11.78 -75.59 -79.32
C TYR G 409 -12.51 -74.36 -79.85
N HIS G 410 -12.90 -73.48 -78.92
CA HIS G 410 -13.60 -72.27 -79.30
C HIS G 410 -12.72 -71.41 -80.20
N ASN G 411 -13.36 -70.70 -81.12
CA ASN G 411 -12.64 -69.79 -82.00
C ASN G 411 -12.39 -68.47 -81.28
N LEU G 412 -11.39 -67.74 -81.76
CA LEU G 412 -11.02 -66.49 -81.11
C LEU G 412 -12.11 -65.45 -81.33
N PRO G 413 -12.39 -64.60 -80.33
CA PRO G 413 -13.38 -63.54 -80.51
C PRO G 413 -13.05 -62.65 -81.69
N GLN G 414 -14.02 -62.47 -82.58
CA GLN G 414 -13.79 -61.72 -83.81
C GLN G 414 -13.65 -60.21 -83.55
N GLY G 415 -14.10 -59.73 -82.40
CA GLY G 415 -14.11 -58.30 -82.14
C GLY G 415 -13.00 -57.82 -81.24
N ILE G 416 -12.11 -58.72 -80.83
CA ILE G 416 -11.06 -58.36 -79.88
C ILE G 416 -10.10 -57.35 -80.51
N ASP G 417 -9.71 -57.58 -81.76
CA ASP G 417 -8.77 -56.69 -82.42
C ASP G 417 -9.33 -55.28 -82.53
N GLY G 418 -10.63 -55.15 -82.74
CA GLY G 418 -11.24 -53.82 -82.74
C GLY G 418 -11.03 -53.10 -81.42
N LEU G 419 -11.23 -53.81 -80.32
CA LEU G 419 -11.01 -53.21 -79.01
C LEU G 419 -9.54 -52.87 -78.79
N LEU G 420 -8.64 -53.73 -79.27
CA LEU G 420 -7.21 -53.41 -79.15
C LEU G 420 -6.88 -52.13 -79.89
N GLY G 421 -7.35 -52.01 -81.13
CA GLY G 421 -7.10 -50.80 -81.89
C GLY G 421 -7.72 -49.57 -81.26
N MET G 422 -8.93 -49.72 -80.71
CA MET G 422 -9.57 -48.60 -80.03
C MET G 422 -8.74 -48.15 -78.84
N SER G 423 -8.28 -49.10 -78.03
CA SER G 423 -7.45 -48.76 -76.87
C SER G 423 -6.16 -48.09 -77.32
N GLU G 424 -5.55 -48.59 -78.39
CA GLU G 424 -4.30 -48.01 -78.87
C GLU G 424 -4.51 -46.56 -79.31
N GLU G 425 -5.50 -46.33 -80.17
CA GLU G 425 -5.74 -44.96 -80.63
C GLU G 425 -6.17 -44.06 -79.50
N LEU G 426 -6.86 -44.60 -78.49
CA LEU G 426 -7.24 -43.79 -77.34
C LEU G 426 -6.03 -43.39 -76.52
N LYS G 427 -5.11 -44.33 -76.31
CA LYS G 427 -3.86 -43.98 -75.63
C LYS G 427 -3.08 -42.94 -76.42
N GLU G 428 -3.12 -43.04 -77.75
CA GLU G 428 -2.35 -42.14 -78.59
C GLU G 428 -2.92 -40.72 -78.56
N THR G 429 -4.24 -40.59 -78.70
CA THR G 429 -4.86 -39.28 -78.78
C THR G 429 -5.14 -38.65 -77.43
N ARG G 430 -5.37 -39.46 -76.40
CA ARG G 430 -5.70 -38.93 -75.08
C ARG G 430 -4.50 -38.25 -74.45
N THR G 431 -3.30 -38.68 -74.81
CA THR G 431 -2.06 -38.11 -74.32
C THR G 431 -1.17 -37.73 -75.51
N GLY G 432 0.01 -37.20 -75.19
CA GLY G 432 0.94 -36.76 -76.20
C GLY G 432 1.87 -37.83 -76.74
N VAL G 433 1.57 -39.10 -76.48
CA VAL G 433 2.45 -40.19 -76.89
C VAL G 433 2.05 -40.68 -78.27
N THR G 434 3.03 -41.21 -78.99
CA THR G 434 2.79 -41.78 -80.31
C THR G 434 3.92 -42.75 -80.63
N LYS G 435 3.58 -43.80 -81.37
CA LYS G 435 4.57 -44.81 -81.73
C LYS G 435 5.72 -44.19 -82.51
N LEU G 436 5.41 -43.53 -83.62
CA LEU G 436 6.40 -42.93 -84.50
C LEU G 436 6.33 -41.40 -84.49
N GLY G 437 5.71 -40.84 -83.47
CA GLY G 437 5.59 -39.39 -83.35
C GLY G 437 6.94 -38.71 -83.31
N MET G 438 7.04 -37.57 -83.98
CA MET G 438 8.30 -36.82 -84.01
C MET G 438 8.46 -36.03 -82.72
N GLY G 439 9.63 -36.18 -82.09
CA GLY G 439 9.88 -35.48 -80.85
C GLY G 439 9.93 -33.98 -81.04
N ILE G 440 9.46 -33.25 -80.02
CA ILE G 440 9.43 -31.80 -80.06
C ILE G 440 10.81 -31.26 -79.68
N ASN G 441 11.01 -29.96 -79.92
CA ASN G 441 12.27 -29.28 -79.66
C ASN G 441 11.96 -27.91 -79.08
N PRO G 442 12.93 -27.30 -78.38
CA PRO G 442 12.67 -25.98 -77.81
C PRO G 442 12.29 -24.93 -78.84
N ASP G 443 12.90 -24.99 -80.03
CA ASP G 443 12.61 -23.98 -81.05
C ASP G 443 11.14 -24.01 -81.42
N VAL G 444 10.59 -25.20 -81.66
CA VAL G 444 9.18 -25.29 -82.01
C VAL G 444 8.29 -24.97 -80.82
N PHE G 445 8.74 -25.30 -79.61
CA PHE G 445 7.97 -24.94 -78.43
C PHE G 445 7.86 -23.43 -78.29
N LYS G 446 8.88 -22.70 -78.72
CA LYS G 446 8.82 -21.25 -78.73
C LYS G 446 8.02 -20.72 -79.92
N ASN G 447 8.08 -21.42 -81.05
CA ASN G 447 7.36 -21.00 -82.26
C ASN G 447 7.06 -22.25 -83.08
N ASP G 448 5.81 -22.70 -83.03
CA ASP G 448 5.43 -23.93 -83.72
C ASP G 448 5.75 -23.86 -85.21
N ASN G 449 5.74 -22.66 -85.79
CA ASN G 449 6.00 -22.48 -87.21
C ASN G 449 7.48 -22.39 -87.54
N ALA G 450 8.37 -22.79 -86.63
CA ALA G 450 9.79 -22.73 -86.90
C ALA G 450 10.16 -23.60 -88.10
N TYR G 451 9.44 -24.71 -88.29
CA TYR G 451 9.63 -25.59 -89.44
C TYR G 451 8.33 -25.68 -90.23
N ALA G 452 7.68 -24.54 -90.44
CA ALA G 452 6.40 -24.50 -91.14
C ALA G 452 6.49 -25.05 -92.56
N THR G 453 7.70 -25.25 -93.09
CA THR G 453 7.86 -25.83 -94.41
C THR G 453 7.21 -27.22 -94.45
N VAL G 454 7.71 -28.13 -93.62
CA VAL G 454 7.14 -29.47 -93.53
C VAL G 454 6.79 -29.86 -92.10
N GLY G 455 7.43 -29.30 -91.08
CA GLY G 455 7.14 -29.65 -89.71
C GLY G 455 6.09 -28.76 -89.07
N LEU G 456 4.87 -28.80 -89.61
CA LEU G 456 3.79 -28.00 -89.05
C LEU G 456 3.56 -28.31 -87.57
N MET G 457 3.74 -29.58 -87.18
CA MET G 457 3.64 -29.98 -85.78
C MET G 457 2.20 -29.95 -85.30
N MET G 458 1.26 -29.59 -86.16
CA MET G 458 -0.15 -29.47 -85.76
C MET G 458 -0.77 -30.86 -85.67
N ASN G 459 -0.30 -31.62 -84.69
CA ASN G 459 -0.85 -32.92 -84.35
C ASN G 459 -1.44 -32.87 -82.95
N ALA G 460 -2.56 -33.58 -82.78
CA ALA G 460 -3.26 -33.57 -81.49
C ALA G 460 -2.33 -33.93 -80.35
N ALA G 461 -1.56 -35.01 -80.52
CA ALA G 461 -0.65 -35.44 -79.45
C ALA G 461 0.45 -34.40 -79.23
N GLN G 462 1.00 -33.85 -80.31
CA GLN G 462 2.09 -32.88 -80.17
C GLN G 462 1.63 -31.65 -79.39
N ASN G 463 0.44 -31.15 -79.70
CA ASN G 463 -0.06 -29.98 -78.99
C ASN G 463 -0.47 -30.33 -77.56
N ARG G 464 -1.07 -31.51 -77.35
CA ARG G 464 -1.39 -31.94 -76.00
C ARG G 464 -0.13 -32.01 -75.14
N LEU G 465 0.99 -32.37 -75.75
CA LEU G 465 2.25 -32.43 -75.02
C LEU G 465 2.86 -31.05 -74.83
N ARG G 466 2.77 -30.18 -75.85
CA ARG G 466 3.31 -28.85 -75.74
C ARG G 466 2.57 -28.05 -74.67
N MET G 467 1.28 -28.33 -74.50
CA MET G 467 0.52 -27.64 -73.46
C MET G 467 1.06 -27.98 -72.08
N VAL G 468 1.35 -29.25 -71.83
CA VAL G 468 1.84 -29.64 -70.50
C VAL G 468 3.25 -29.11 -70.30
N CYS G 469 4.07 -29.09 -71.35
CA CYS G 469 5.42 -28.56 -71.18
C CYS G 469 5.38 -27.06 -70.89
N ARG G 470 4.48 -26.34 -71.57
CA ARG G 470 4.33 -24.92 -71.29
C ARG G 470 3.83 -24.70 -69.87
N ASN G 471 2.90 -25.53 -69.41
CA ASN G 471 2.44 -25.43 -68.02
C ASN G 471 3.60 -25.63 -67.06
N ILE G 472 4.42 -26.66 -67.29
CA ILE G 472 5.56 -26.93 -66.44
C ILE G 472 6.50 -25.72 -66.42
N ALA G 473 6.76 -25.17 -67.60
CA ALA G 473 7.70 -24.05 -67.70
C ALA G 473 7.18 -22.84 -66.93
N HIS G 474 5.92 -22.46 -67.17
CA HIS G 474 5.37 -21.26 -66.55
C HIS G 474 5.11 -21.42 -65.07
N ASN G 475 4.85 -22.64 -64.60
CA ASN G 475 4.63 -22.89 -63.18
C ASN G 475 5.85 -23.52 -62.51
N GLY G 476 6.87 -23.88 -63.27
CA GLY G 476 8.05 -24.52 -62.73
C GLY G 476 9.31 -23.67 -62.82
N MET G 477 10.12 -23.95 -63.83
CA MET G 477 11.45 -23.35 -63.95
C MET G 477 11.44 -21.86 -63.68
N VAL G 478 10.46 -21.13 -64.23
CA VAL G 478 10.46 -19.68 -64.12
C VAL G 478 10.33 -19.26 -62.66
N GLU G 479 9.44 -19.92 -61.91
CA GLU G 479 9.30 -19.62 -60.50
C GLU G 479 10.58 -19.94 -59.74
N LEU G 480 11.24 -21.05 -60.10
CA LEU G 480 12.50 -21.40 -59.45
C LEU G 480 13.55 -20.32 -59.67
N MET G 481 13.66 -19.83 -60.91
CA MET G 481 14.65 -18.82 -61.20
C MET G 481 14.33 -17.51 -60.50
N ARG G 482 13.05 -17.12 -60.49
CA ARG G 482 12.67 -15.90 -59.78
C ARG G 482 12.99 -16.02 -58.29
N GLY G 483 12.73 -17.18 -57.70
CA GLY G 483 13.04 -17.37 -56.30
C GLY G 483 14.54 -17.32 -56.04
N ILE G 484 15.33 -17.95 -56.91
CA ILE G 484 16.78 -17.92 -56.74
C ILE G 484 17.28 -16.49 -56.85
N TYR G 485 16.71 -15.71 -57.77
CA TYR G 485 17.14 -14.33 -57.93
C TYR G 485 16.80 -13.50 -56.70
N ASN G 486 15.57 -13.65 -56.20
CA ASN G 486 15.18 -12.94 -54.99
C ASN G 486 16.02 -13.37 -53.80
N LEU G 487 16.49 -14.62 -53.80
CA LEU G 487 17.31 -15.12 -52.70
C LEU G 487 18.71 -14.52 -52.75
N ILE G 488 19.42 -14.74 -53.86
CA ILE G 488 20.78 -14.22 -54.00
C ILE G 488 20.79 -12.70 -53.89
N ARG G 489 19.69 -12.05 -54.25
CA ARG G 489 19.61 -10.59 -54.19
C ARG G 489 19.33 -10.07 -52.78
N GLU G 490 19.01 -10.95 -51.84
CA GLU G 490 18.64 -10.56 -50.49
C GLU G 490 19.55 -11.14 -49.43
N ASN G 491 20.73 -11.63 -49.79
CA ASN G 491 21.64 -12.20 -48.81
C ASN G 491 23.00 -12.40 -49.46
N GLY G 492 24.03 -12.38 -48.62
CA GLY G 492 25.38 -12.69 -49.05
C GLY G 492 26.07 -11.54 -49.76
N GLU G 493 27.39 -11.61 -49.78
CA GLU G 493 28.23 -10.65 -50.50
C GLU G 493 29.29 -11.46 -51.24
N VAL G 494 29.22 -11.44 -52.57
CA VAL G 494 29.99 -12.35 -53.40
C VAL G 494 30.91 -11.52 -54.30
N VAL G 507 30.25 -8.03 -56.34
CA VAL G 507 28.89 -7.88 -56.84
C VAL G 507 27.98 -7.57 -55.66
N ASN G 508 27.51 -6.33 -55.59
CA ASN G 508 26.65 -5.93 -54.48
C ASN G 508 25.21 -6.39 -54.75
N PRO G 509 24.56 -7.05 -53.79
CA PRO G 509 23.16 -7.46 -54.04
C PRO G 509 22.22 -6.29 -54.22
N LYS G 510 22.41 -5.20 -53.46
CA LYS G 510 21.58 -4.02 -53.64
C LYS G 510 21.74 -3.43 -55.03
N GLN G 511 22.88 -3.66 -55.67
CA GLN G 511 23.14 -3.11 -57.00
C GLN G 511 22.32 -3.79 -58.08
N LEU G 512 21.73 -4.96 -57.80
CA LEU G 512 20.98 -5.66 -58.81
C LEU G 512 19.56 -5.12 -58.92
N PRO G 513 18.91 -5.29 -60.08
CA PRO G 513 17.53 -4.83 -60.22
C PRO G 513 16.52 -5.82 -59.65
N ALA G 514 15.24 -5.55 -59.85
CA ALA G 514 14.16 -6.40 -59.38
C ALA G 514 13.54 -7.16 -60.54
N ARG G 515 12.68 -8.11 -60.19
CA ARG G 515 12.02 -8.91 -61.21
C ARG G 515 11.11 -8.09 -62.10
N HIS G 516 10.61 -6.95 -61.61
CA HIS G 516 9.73 -6.11 -62.41
C HIS G 516 10.36 -5.74 -63.74
N ASN G 517 11.70 -5.66 -63.80
CA ASN G 517 12.40 -5.24 -64.99
C ASN G 517 13.31 -6.35 -65.54
N LEU G 518 13.00 -7.61 -65.22
CA LEU G 518 13.81 -8.75 -65.66
C LEU G 518 12.87 -9.81 -66.25
N GLN G 519 12.81 -9.87 -67.57
CA GLN G 519 12.10 -10.94 -68.23
C GLN G 519 12.96 -12.19 -68.27
N VAL G 520 12.31 -13.34 -68.25
CA VAL G 520 13.00 -14.63 -68.22
C VAL G 520 12.56 -15.45 -69.43
N VAL G 521 13.47 -16.30 -69.90
CA VAL G 521 13.22 -17.18 -71.03
C VAL G 521 13.84 -18.53 -70.72
N VAL G 522 13.23 -19.58 -71.26
CA VAL G 522 13.65 -20.96 -71.03
C VAL G 522 13.58 -21.70 -72.36
N ALA G 523 14.02 -22.97 -72.34
CA ALA G 523 13.98 -23.81 -73.53
C ALA G 523 14.80 -23.19 -74.65
N ILE G 524 16.11 -23.09 -74.43
CA ILE G 524 17.01 -22.52 -75.42
C ILE G 524 17.74 -23.64 -76.15
N SER G 525 17.70 -23.60 -77.49
CA SER G 525 18.36 -24.62 -78.28
C SER G 525 19.87 -24.47 -78.17
N PRO G 526 20.63 -25.56 -78.37
CA PRO G 526 22.10 -25.44 -78.30
C PRO G 526 22.67 -24.53 -79.38
N ASN G 527 22.17 -24.63 -80.60
CA ASN G 527 22.68 -23.89 -81.75
C ASN G 527 22.37 -22.40 -81.68
N GLU G 528 21.51 -21.98 -80.75
CA GLU G 528 21.14 -20.57 -80.65
C GLU G 528 22.36 -19.66 -80.68
N LYS G 529 23.43 -20.03 -79.97
CA LYS G 529 24.66 -19.24 -80.02
C LYS G 529 25.04 -18.93 -81.46
N ALA G 530 25.28 -19.97 -82.26
CA ALA G 530 25.58 -19.76 -83.67
C ALA G 530 24.56 -18.82 -84.31
N GLU G 531 23.27 -19.08 -84.07
CA GLU G 531 22.23 -18.19 -84.60
C GLU G 531 22.56 -16.74 -84.28
N ARG G 532 22.73 -16.44 -82.99
CA ARG G 532 23.11 -15.08 -82.60
C ARG G 532 24.28 -14.59 -83.44
N ALA G 533 25.35 -15.38 -83.51
CA ALA G 533 26.50 -14.99 -84.32
C ALA G 533 26.06 -14.54 -85.70
N GLN G 534 25.30 -15.37 -86.41
CA GLN G 534 24.79 -14.97 -87.70
C GLN G 534 24.14 -13.59 -87.63
N LYS G 535 23.12 -13.46 -86.78
CA LYS G 535 22.50 -12.14 -86.59
C LYS G 535 23.56 -11.06 -86.46
N LEU G 536 24.50 -11.25 -85.53
CA LEU G 536 25.54 -10.25 -85.33
C LEU G 536 26.19 -9.87 -86.65
N ILE G 537 26.74 -10.84 -87.37
CA ILE G 537 27.45 -10.50 -88.58
C ILE G 537 26.51 -9.79 -89.55
N SER G 538 25.25 -10.23 -89.62
CA SER G 538 24.29 -9.49 -90.43
C SER G 538 24.26 -8.03 -90.01
N LEU G 539 23.99 -7.77 -88.73
CA LEU G 539 24.03 -6.41 -88.22
C LEU G 539 25.31 -5.72 -88.62
N LYS G 540 26.44 -6.42 -88.54
CA LYS G 540 27.71 -5.82 -88.94
C LYS G 540 27.60 -5.21 -90.33
N GLN G 541 27.22 -6.04 -91.31
CA GLN G 541 27.06 -5.52 -92.66
C GLN G 541 26.19 -4.26 -92.66
N LEU G 542 25.06 -4.31 -91.94
CA LEU G 542 24.18 -3.15 -91.88
C LEU G 542 24.93 -1.92 -91.40
N ILE G 543 25.62 -2.04 -90.26
CA ILE G 543 26.30 -0.88 -89.70
C ILE G 543 27.47 -0.47 -90.59
N ALA G 544 27.90 -1.37 -91.48
CA ALA G 544 28.94 -0.99 -92.42
C ALA G 544 28.39 -0.16 -93.57
N ALA G 545 27.10 -0.32 -93.88
CA ALA G 545 26.51 0.41 -94.99
C ALA G 545 26.14 1.85 -94.63
N ASP G 546 25.90 2.12 -93.35
CA ASP G 546 25.51 3.44 -92.88
C ASP G 546 26.69 4.08 -92.19
N ALA G 547 27.08 5.27 -92.66
CA ALA G 547 28.23 5.99 -92.12
C ALA G 547 27.85 6.98 -91.04
N GLN G 548 26.58 7.35 -90.93
CA GLN G 548 26.17 8.30 -89.89
C GLN G 548 26.46 7.78 -88.49
N LEU G 549 26.61 6.46 -88.33
CA LEU G 549 26.89 5.85 -87.04
C LEU G 549 28.34 5.41 -86.90
N ALA G 550 29.12 5.46 -87.99
CA ALA G 550 30.53 5.09 -87.89
C ALA G 550 31.30 5.92 -86.89
N PRO G 551 31.09 7.23 -86.76
CA PRO G 551 31.86 8.00 -85.76
C PRO G 551 31.77 7.43 -84.35
N LEU G 552 30.68 6.76 -84.00
CA LEU G 552 30.59 6.09 -82.71
C LEU G 552 31.09 4.65 -82.76
N PHE G 553 30.91 3.96 -83.89
CA PHE G 553 31.37 2.59 -84.04
C PHE G 553 32.88 2.62 -84.29
N GLY G 554 33.62 2.94 -83.24
CA GLY G 554 35.06 3.02 -83.33
C GLY G 554 35.70 1.66 -83.48
N LEU G 555 36.95 1.54 -83.02
CA LEU G 555 37.68 0.28 -83.13
C LEU G 555 37.32 -0.69 -82.02
N GLU G 556 37.19 -0.18 -80.80
CA GLU G 556 36.95 -1.07 -79.67
C GLU G 556 35.59 -1.75 -79.75
N GLN G 557 34.58 -1.04 -80.27
CA GLN G 557 33.26 -1.66 -80.41
C GLN G 557 33.29 -2.78 -81.45
N ASP G 558 33.97 -2.54 -82.58
CA ASP G 558 34.11 -3.60 -83.58
C ASP G 558 34.89 -4.78 -83.01
N ARG G 559 35.93 -4.49 -82.22
CA ARG G 559 36.72 -5.57 -81.63
C ARG G 559 35.88 -6.39 -80.66
N TYR G 560 35.06 -5.71 -79.85
CA TYR G 560 34.19 -6.45 -78.93
C TYR G 560 33.16 -7.27 -79.68
N MET G 561 32.62 -6.74 -80.78
CA MET G 561 31.67 -7.52 -81.57
C MET G 561 32.32 -8.77 -82.14
N THR G 562 33.48 -8.62 -82.77
CA THR G 562 34.19 -9.76 -83.32
C THR G 562 34.57 -10.76 -82.23
N ALA G 563 34.96 -10.26 -81.06
CA ALA G 563 35.32 -11.15 -79.96
C ALA G 563 34.12 -11.94 -79.47
N GLN G 564 32.96 -11.28 -79.37
CA GLN G 564 31.75 -11.98 -78.99
C GLN G 564 31.41 -13.06 -80.02
N ILE G 565 31.50 -12.73 -81.30
CA ILE G 565 31.26 -13.72 -82.34
C ILE G 565 32.19 -14.92 -82.15
N PHE G 566 33.48 -14.64 -81.93
CA PHE G 566 34.43 -15.72 -81.74
C PHE G 566 34.05 -16.57 -80.53
N GLU G 567 33.83 -15.94 -79.37
CA GLU G 567 33.38 -16.68 -78.20
C GLU G 567 32.21 -17.59 -78.55
N LEU G 568 31.27 -17.09 -79.36
CA LEU G 568 30.17 -17.92 -79.80
C LEU G 568 30.66 -19.09 -80.65
N MET G 569 31.74 -18.90 -81.40
CA MET G 569 32.27 -19.94 -82.27
C MET G 569 33.64 -20.43 -81.83
N GLY G 570 34.61 -19.54 -81.70
CA GLY G 570 35.95 -19.92 -81.26
C GLY G 570 36.40 -19.09 -80.06
N ILE G 571 36.64 -19.74 -78.93
CA ILE G 571 36.82 -19.03 -77.67
C ILE G 571 38.11 -18.23 -77.69
N LYS G 572 39.25 -18.91 -77.82
CA LYS G 572 40.56 -18.26 -77.67
C LYS G 572 40.85 -17.41 -78.90
N ASP G 573 40.69 -16.09 -78.72
CA ASP G 573 40.97 -15.14 -79.80
C ASP G 573 42.37 -14.54 -79.69
N THR G 574 42.95 -14.55 -78.49
CA THR G 574 44.28 -13.94 -78.31
C THR G 574 45.37 -14.86 -78.84
N HIS G 575 45.03 -16.12 -79.12
CA HIS G 575 46.03 -17.10 -79.51
C HIS G 575 46.82 -16.65 -80.75
N LYS G 576 46.26 -15.73 -81.52
CA LYS G 576 46.86 -15.39 -82.81
C LYS G 576 46.85 -13.89 -83.04
N TYR G 577 47.07 -13.47 -84.28
CA TYR G 577 47.42 -12.10 -84.64
C TYR G 577 46.64 -11.05 -83.85
N LEU G 578 45.35 -11.26 -83.63
CA LEU G 578 44.53 -10.29 -82.93
C LEU G 578 45.06 -10.06 -81.53
N LEU G 579 45.24 -8.79 -81.20
CA LEU G 579 45.90 -8.37 -79.98
C LEU G 579 44.91 -7.66 -79.04
N PRO G 580 45.00 -7.89 -77.73
CA PRO G 580 44.14 -7.15 -76.81
C PRO G 580 44.39 -5.65 -76.92
N LEU G 581 43.31 -4.89 -77.07
CA LEU G 581 43.43 -3.46 -77.34
C LEU G 581 44.32 -2.75 -76.34
N GLU G 582 44.46 -3.30 -75.13
CA GLU G 582 45.27 -2.65 -74.11
C GLU G 582 46.71 -2.44 -74.57
N GLN G 583 47.25 -3.38 -75.35
CA GLN G 583 48.64 -3.33 -75.81
C GLN G 583 48.74 -3.06 -77.30
N TYR G 584 47.70 -2.48 -77.91
CA TYR G 584 47.71 -2.14 -79.33
C TYR G 584 48.19 -0.70 -79.47
N GLN G 585 49.46 -0.54 -79.86
CA GLN G 585 49.97 0.80 -80.13
C GLN G 585 49.48 1.26 -81.50
N PRO G 586 49.34 2.57 -81.69
CA PRO G 586 48.82 3.08 -82.97
C PRO G 586 49.79 2.81 -84.10
N PRO G 587 49.32 2.81 -85.34
CA PRO G 587 50.21 2.51 -86.47
C PRO G 587 51.18 3.66 -86.73
N GLU G 588 52.35 3.29 -87.24
CA GLU G 588 53.39 4.27 -87.55
C GLU G 588 53.13 4.83 -88.95
N PRO G 589 52.83 6.12 -89.10
CA PRO G 589 52.60 6.66 -90.44
C PRO G 589 53.80 6.46 -91.35
N SER G 590 53.52 6.37 -92.64
CA SER G 590 54.56 6.11 -93.65
C SER G 590 55.07 7.41 -94.23
N PRO G 591 56.22 7.38 -94.91
CA PRO G 591 56.76 8.61 -95.52
C PRO G 591 55.94 9.12 -96.68
N MET G 592 55.01 8.33 -97.22
CA MET G 592 54.26 8.74 -98.40
C MET G 592 53.38 9.95 -98.11
N GLU G 593 52.53 9.85 -97.09
CA GLU G 593 51.68 10.98 -96.74
C GLU G 593 52.52 12.17 -96.28
N ILE G 594 53.67 11.89 -95.66
CA ILE G 594 54.54 12.98 -95.20
C ILE G 594 55.06 13.78 -96.39
N LEU G 595 55.62 13.09 -97.38
CA LEU G 595 56.13 13.79 -98.56
C LEU G 595 55.01 14.41 -99.38
N GLN G 596 53.82 13.81 -99.35
CA GLN G 596 52.69 14.43 -100.04
C GLN G 596 52.29 15.75 -99.38
N LEU G 597 52.24 15.75 -98.05
CA LEU G 597 51.98 17.00 -97.33
C LEU G 597 53.08 18.02 -97.62
N GLU G 598 54.33 17.58 -97.67
CA GLU G 598 55.42 18.50 -97.98
C GLU G 598 55.26 19.09 -99.37
N MET G 599 54.88 18.28 -100.34
CA MET G 599 54.69 18.78 -101.69
C MET G 599 53.53 19.78 -101.75
N THR G 600 52.42 19.46 -101.07
CA THR G 600 51.31 20.41 -101.04
C THR G 600 51.71 21.71 -100.39
N LYS G 601 52.50 21.64 -99.31
CA LYS G 601 52.97 22.86 -98.65
C LYS G 601 53.85 23.67 -99.58
N ALA G 602 54.77 23.01 -100.29
CA ALA G 602 55.63 23.71 -101.23
C ALA G 602 54.81 24.37 -102.33
N GLN G 603 53.77 23.68 -102.81
CA GLN G 603 52.96 24.22 -103.89
C GLN G 603 52.19 25.46 -103.42
N VAL G 604 51.56 25.38 -102.26
CA VAL G 604 50.83 26.53 -101.75
C VAL G 604 51.80 27.68 -101.45
N GLU G 605 53.01 27.37 -100.98
CA GLU G 605 53.98 28.42 -100.73
C GLU G 605 54.41 29.09 -102.02
N ASN G 606 54.59 28.32 -103.09
CA ASN G 606 54.89 28.92 -104.39
C ASN G 606 53.74 29.79 -104.87
N VAL G 607 52.50 29.35 -104.62
CA VAL G 607 51.34 30.15 -105.00
C VAL G 607 51.38 31.50 -104.28
N GLN G 608 51.61 31.48 -102.96
CA GLN G 608 51.68 32.72 -102.21
C GLN G 608 52.86 33.57 -102.68
N ALA G 609 53.97 32.92 -103.06
CA ALA G 609 55.12 33.66 -103.54
C ALA G 609 54.79 34.39 -104.83
N SER G 610 54.08 33.74 -105.75
CA SER G 610 53.67 34.41 -106.98
C SER G 610 52.69 35.54 -106.68
N SER G 611 51.76 35.30 -105.76
CA SER G 611 50.82 36.34 -105.38
C SER G 611 51.54 37.58 -104.86
N GLN G 612 52.57 37.38 -104.04
CA GLN G 612 53.32 38.51 -103.51
C GLN G 612 54.20 39.15 -104.59
N LYS G 613 54.75 38.34 -105.49
CA LYS G 613 55.57 38.88 -106.57
C LYS G 613 54.74 39.79 -107.47
N MET G 614 53.46 39.49 -107.64
CA MET G 614 52.59 40.37 -108.41
C MET G 614 52.61 41.78 -107.86
N ILE G 615 52.27 41.93 -106.58
CA ILE G 615 52.25 43.26 -105.96
C ILE G 615 53.65 43.84 -105.90
N ALA G 616 54.68 43.00 -105.79
CA ALA G 616 56.04 43.50 -105.78
C ALA G 616 56.38 44.20 -107.09
N ASP G 617 56.10 43.53 -108.22
CA ASP G 617 56.37 44.15 -109.51
C ASP G 617 55.46 45.34 -109.75
N ALA G 618 54.24 45.31 -109.21
CA ALA G 618 53.37 46.49 -109.32
C ALA G 618 54.00 47.70 -108.65
N PHE G 619 54.46 47.52 -107.41
CA PHE G 619 55.13 48.60 -106.71
C PHE G 619 56.40 49.02 -107.43
N ASP G 620 57.10 48.07 -108.05
CA ASP G 620 58.28 48.41 -108.82
C ASP G 620 57.93 49.33 -109.99
N GLN G 621 56.87 49.00 -110.72
CA GLN G 621 56.45 49.86 -111.82
C GLN G 621 56.02 51.23 -111.32
N ARG G 622 55.34 51.28 -110.18
CA ARG G 622 54.96 52.56 -109.61
C ARG G 622 56.19 53.40 -109.29
N GLU G 623 57.19 52.80 -108.66
CA GLU G 623 58.41 53.52 -108.34
C GLU G 623 59.14 53.95 -109.60
N ARG G 624 59.10 53.13 -110.65
CA ARG G 624 59.75 53.50 -111.91
C ARG G 624 59.06 54.70 -112.54
N THR G 625 57.72 54.74 -112.50
CA THR G 625 57.01 55.91 -113.01
C THR G 625 57.34 57.15 -112.18
N THR G 626 57.45 57.00 -110.87
CA THR G 626 57.84 58.12 -110.03
C THR G 626 59.23 58.62 -110.40
N PHE G 627 60.17 57.69 -110.63
CA PHE G 627 61.52 58.07 -111.03
C PHE G 627 61.50 58.77 -112.39
N GLU G 628 60.63 58.33 -113.29
CA GLU G 628 60.52 58.99 -114.59
C GLU G 628 60.02 60.42 -114.44
N GLN G 629 59.03 60.62 -113.57
CA GLN G 629 58.57 61.99 -113.29
C GLN G 629 59.70 62.82 -112.70
N GLN G 630 60.50 62.21 -111.82
CA GLN G 630 61.65 62.92 -111.26
C GLN G 630 62.63 63.33 -112.36
N LYS G 631 62.91 62.43 -113.30
CA LYS G 631 63.82 62.75 -114.39
C LYS G 631 63.24 63.85 -115.27
N ALA G 632 61.92 63.85 -115.48
CA ALA G 632 61.29 64.92 -116.23
C ALA G 632 61.47 66.26 -115.54
N ALA G 633 61.29 66.29 -114.21
CA ALA G 633 61.50 67.52 -113.47
C ALA G 633 62.95 67.97 -113.57
N ASP G 634 63.89 67.03 -113.48
CA ASP G 634 65.30 67.38 -113.61
C ASP G 634 65.60 67.95 -114.99
N GLU G 635 64.99 67.38 -116.02
CA GLU G 635 65.19 67.89 -117.38
C GLU G 635 64.59 69.28 -117.54
N LEU G 636 63.46 69.54 -116.89
CA LEU G 636 62.89 70.89 -116.92
C LEU G 636 63.83 71.88 -116.23
N SER G 637 64.42 71.48 -115.10
CA SER G 637 65.37 72.35 -114.42
C SER G 637 66.58 72.62 -115.30
N LEU G 638 67.07 71.59 -115.99
CA LEU G 638 68.20 71.78 -116.91
C LEU G 638 67.81 72.68 -118.07
N ARG G 639 66.56 72.60 -118.52
CA ARG G 639 66.09 73.50 -119.57
C ARG G 639 66.12 74.94 -119.07
N GLN G 640 65.65 75.17 -117.85
CA GLN G 640 65.72 76.53 -117.29
C GLN G 640 67.16 76.99 -117.16
N GLU G 641 68.07 76.10 -116.78
CA GLU G 641 69.49 76.47 -116.67
C GLU G 641 70.04 76.85 -118.04
N GLU G 642 69.69 76.09 -119.08
CA GLU G 642 70.15 76.42 -120.42
C GLU G 642 69.55 77.73 -120.90
N LEU G 643 68.31 78.03 -120.51
CA LEU G 643 67.72 79.32 -120.84
C LEU G 643 68.49 80.45 -120.18
N GLN G 644 68.83 80.28 -118.89
CA GLN G 644 69.67 81.27 -118.22
C GLN G 644 70.99 81.46 -118.95
N PHE G 645 71.62 80.36 -119.35
CA PHE G 645 72.90 80.45 -120.05
C PHE G 645 72.74 81.23 -121.35
N LYS G 646 71.72 80.89 -122.14
CA LYS G 646 71.53 81.56 -123.43
C LYS G 646 71.24 83.04 -123.24
N GLN G 647 70.43 83.39 -122.23
CA GLN G 647 70.10 84.79 -122.01
C GLN G 647 71.31 85.57 -121.55
N GLU G 648 72.15 84.98 -120.68
CA GLU G 648 73.38 85.66 -120.28
C GLU G 648 74.30 85.86 -121.48
N ASN G 649 74.41 84.82 -122.33
CA ASN G 649 75.24 84.94 -123.52
C ASN G 649 74.76 86.07 -124.42
N ALA G 650 73.46 86.09 -124.72
CA ALA G 650 72.92 87.13 -125.59
C ALA G 650 73.09 88.50 -124.97
N ALA G 651 72.88 88.62 -123.66
CA ALA G 651 73.01 89.91 -123.00
C ALA G 651 74.43 90.44 -123.09
N ASP G 652 75.41 89.59 -122.78
CA ASP G 652 76.79 90.05 -122.85
C ASP G 652 77.19 90.36 -124.29
N ALA G 653 76.72 89.55 -125.25
CA ALA G 653 77.05 89.79 -126.65
C ALA G 653 76.51 91.13 -127.13
N MET G 654 75.23 91.40 -126.88
CA MET G 654 74.65 92.66 -127.31
C MET G 654 75.24 93.85 -126.56
N THR G 655 75.54 93.70 -125.27
CA THR G 655 76.19 94.78 -124.54
C THR G 655 77.57 95.08 -125.10
N LEU G 656 78.32 94.05 -125.49
CA LEU G 656 79.62 94.28 -126.13
C LEU G 656 79.45 94.98 -127.47
N GLU G 657 78.52 94.49 -128.29
CA GLU G 657 78.31 95.09 -129.59
C GLU G 657 77.87 96.55 -129.48
N ASN G 658 77.13 96.89 -128.43
CA ASN G 658 76.67 98.27 -128.26
C ASN G 658 77.77 99.16 -127.69
N ARG G 659 78.32 98.79 -126.54
CA ARG G 659 79.29 99.64 -125.86
C ARG G 659 80.68 99.54 -126.48
N LYS G 660 81.19 98.33 -126.72
CA LYS G 660 82.53 98.17 -127.27
C LYS G 660 82.61 98.53 -128.74
N GLU G 661 81.49 98.67 -129.43
CA GLU G 661 81.48 99.03 -130.84
C GLU G 661 80.43 100.09 -131.12
N LYS H 5 -22.50 10.59 -42.14
CA LYS H 5 -23.80 10.73 -41.48
C LYS H 5 -24.75 9.62 -41.92
N TYR H 6 -24.19 8.43 -42.15
CA TYR H 6 -25.01 7.29 -42.55
C TYR H 6 -25.79 6.77 -41.37
N SER H 7 -27.11 6.70 -41.52
CA SER H 7 -27.96 6.21 -40.44
C SER H 7 -27.90 4.69 -40.35
N GLU H 8 -28.11 4.19 -39.13
CA GLU H 8 -28.13 2.75 -38.93
C GLU H 8 -29.40 2.12 -39.48
N GLU H 9 -30.50 2.86 -39.50
CA GLU H 9 -31.73 2.35 -40.12
C GLU H 9 -31.54 2.17 -41.61
N VAL H 10 -30.84 3.11 -42.26
CA VAL H 10 -30.52 2.96 -43.68
C VAL H 10 -29.72 1.68 -43.90
N LEU H 11 -28.73 1.43 -43.04
CA LEU H 11 -27.90 0.24 -43.19
C LEU H 11 -28.71 -1.02 -42.96
N ASP H 12 -29.67 -0.99 -42.03
CA ASP H 12 -30.50 -2.16 -41.79
C ASP H 12 -31.40 -2.43 -42.99
N GLU H 13 -32.01 -1.39 -43.56
CA GLU H 13 -32.81 -1.57 -44.76
C GLU H 13 -31.96 -2.12 -45.90
N LEU H 14 -30.74 -1.60 -46.04
CA LEU H 14 -29.83 -2.09 -47.08
C LEU H 14 -29.50 -3.56 -46.85
N ARG H 15 -29.26 -3.94 -45.59
CA ARG H 15 -28.96 -5.33 -45.28
C ARG H 15 -30.12 -6.23 -45.66
N VAL H 16 -31.35 -5.80 -45.34
CA VAL H 16 -32.52 -6.61 -45.66
C VAL H 16 -32.65 -6.77 -47.18
N ASP H 17 -32.57 -5.65 -47.90
CA ASP H 17 -32.70 -5.70 -49.35
C ASP H 17 -31.63 -6.60 -49.96
N LEU H 18 -30.38 -6.45 -49.51
CA LEU H 18 -29.28 -7.23 -50.04
C LEU H 18 -29.45 -8.71 -49.70
N GLN H 19 -29.95 -9.01 -48.51
CA GLN H 19 -30.17 -10.40 -48.13
C GLN H 19 -31.21 -11.05 -49.04
N ARG H 20 -32.33 -10.37 -49.26
CA ARG H 20 -33.35 -10.95 -50.13
C ARG H 20 -32.84 -11.07 -51.57
N ARG H 21 -32.08 -10.08 -52.03
CA ARG H 21 -31.52 -10.15 -53.38
C ARG H 21 -30.57 -11.33 -53.51
N PHE H 22 -29.72 -11.55 -52.50
CA PHE H 22 -28.81 -12.67 -52.53
C PHE H 22 -29.57 -13.99 -52.50
N ASN H 23 -30.66 -14.05 -51.73
CA ASN H 23 -31.46 -15.26 -51.68
C ASN H 23 -32.02 -15.58 -53.06
N TYR H 24 -32.62 -14.58 -53.72
CA TYR H 24 -33.17 -14.81 -55.05
C TYR H 24 -32.07 -15.20 -56.03
N ALA H 25 -30.93 -14.50 -55.98
CA ALA H 25 -29.84 -14.79 -56.91
C ALA H 25 -29.32 -16.20 -56.73
N GLN H 26 -29.21 -16.65 -55.48
CA GLN H 26 -28.76 -18.01 -55.22
C GLN H 26 -29.79 -19.02 -55.72
N GLY H 27 -31.05 -18.83 -55.35
CA GLY H 27 -32.09 -19.73 -55.81
C GLY H 27 -32.12 -19.87 -57.31
N TYR H 28 -31.81 -18.80 -58.04
CA TYR H 28 -31.74 -18.88 -59.49
C TYR H 28 -30.46 -19.58 -59.94
N VAL H 29 -29.31 -18.99 -59.60
CA VAL H 29 -28.02 -19.44 -60.11
C VAL H 29 -27.80 -20.91 -59.84
N ASP H 30 -28.28 -21.42 -58.69
CA ASP H 30 -28.04 -22.81 -58.38
C ASP H 30 -28.53 -23.69 -59.52
N MET H 31 -29.85 -23.71 -59.73
CA MET H 31 -30.42 -24.55 -60.77
C MET H 31 -30.05 -24.07 -62.17
N ALA H 32 -29.58 -22.83 -62.30
CA ALA H 32 -29.23 -22.32 -63.63
C ALA H 32 -27.88 -22.85 -64.09
N VAL H 33 -26.91 -22.93 -63.18
CA VAL H 33 -25.53 -23.22 -63.57
C VAL H 33 -24.97 -24.41 -62.82
N LYS H 34 -25.08 -24.39 -61.48
CA LYS H 34 -24.29 -25.31 -60.68
C LYS H 34 -24.80 -26.73 -60.79
N GLY H 35 -26.12 -26.90 -60.92
CA GLY H 35 -26.67 -28.24 -61.11
C GLY H 35 -26.09 -28.93 -62.32
N TYR H 36 -25.70 -28.17 -63.34
CA TYR H 36 -25.05 -28.73 -64.52
C TYR H 36 -23.54 -28.80 -64.35
N ALA H 37 -22.96 -27.81 -63.66
CA ALA H 37 -21.50 -27.77 -63.51
C ALA H 37 -21.00 -28.94 -62.67
N ARG H 38 -21.76 -29.32 -61.65
CA ARG H 38 -21.36 -30.45 -60.81
C ARG H 38 -21.25 -31.72 -61.64
N GLU H 39 -22.31 -32.05 -62.38
CA GLU H 39 -22.28 -33.26 -63.20
C GLU H 39 -21.26 -33.15 -64.33
N ALA H 40 -21.02 -31.94 -64.83
CA ALA H 40 -19.98 -31.79 -65.85
C ALA H 40 -18.61 -32.10 -65.29
N TRP H 41 -18.31 -31.60 -64.08
CA TRP H 41 -17.05 -31.94 -63.44
C TRP H 41 -16.97 -33.43 -63.15
N GLU H 42 -18.09 -34.04 -62.76
CA GLU H 42 -18.08 -35.49 -62.51
C GLU H 42 -17.76 -36.25 -63.79
N TYR H 43 -18.33 -35.82 -64.92
CA TYR H 43 -18.02 -36.45 -66.19
C TYR H 43 -16.57 -36.19 -66.61
N PHE H 44 -16.01 -35.06 -66.15
CA PHE H 44 -14.63 -34.74 -66.48
C PHE H 44 -13.70 -35.90 -66.15
N TYR H 45 -13.89 -36.49 -64.98
CA TYR H 45 -13.10 -37.64 -64.53
C TYR H 45 -13.81 -38.96 -64.77
N GLY H 46 -15.01 -38.94 -65.34
CA GLY H 46 -15.73 -40.17 -65.60
C GLY H 46 -16.26 -40.84 -64.34
N ASN H 47 -16.65 -40.07 -63.34
CA ASN H 47 -17.13 -40.63 -62.08
C ASN H 47 -18.64 -40.65 -61.98
N LEU H 48 -19.36 -40.05 -62.92
CA LEU H 48 -20.81 -39.99 -62.83
C LEU H 48 -21.45 -41.32 -63.23
N PRO H 49 -21.06 -41.90 -64.36
CA PRO H 49 -21.63 -43.22 -64.73
C PRO H 49 -21.20 -44.27 -63.73
N ALA H 50 -22.16 -44.78 -62.98
CA ALA H 50 -21.88 -45.66 -61.86
C ALA H 50 -21.81 -47.12 -62.31
N PRO H 51 -21.16 -47.97 -61.52
CA PRO H 51 -21.14 -49.41 -61.84
C PRO H 51 -22.46 -50.07 -61.50
N VAL H 52 -23.41 -50.00 -62.43
CA VAL H 52 -24.75 -50.54 -62.18
C VAL H 52 -24.67 -51.97 -61.65
N THR H 53 -23.72 -52.74 -62.13
CA THR H 53 -23.57 -54.13 -61.71
C THR H 53 -22.11 -54.53 -61.81
N ALA H 54 -21.72 -55.50 -60.98
CA ALA H 54 -20.33 -55.96 -60.98
C ALA H 54 -19.97 -56.64 -62.30
N GLY H 55 -20.83 -57.54 -62.78
CA GLY H 55 -20.54 -58.25 -64.01
C GLY H 55 -20.51 -57.37 -65.24
N SER H 56 -21.02 -56.14 -65.13
CA SER H 56 -21.07 -55.25 -66.30
C SER H 56 -19.67 -54.75 -66.65
N SER H 57 -18.85 -54.45 -65.65
CA SER H 57 -17.52 -53.87 -65.85
C SER H 57 -17.62 -52.64 -66.77
N SER H 58 -18.33 -51.64 -66.25
CA SER H 58 -18.65 -50.43 -67.01
C SER H 58 -17.39 -49.57 -67.14
N TRP H 59 -16.59 -49.90 -68.15
CA TRP H 59 -15.42 -49.09 -68.46
C TRP H 59 -15.86 -47.76 -69.06
N VAL H 60 -15.55 -46.67 -68.36
CA VAL H 60 -15.98 -45.34 -68.79
C VAL H 60 -15.11 -44.88 -69.95
N ASP H 61 -15.70 -44.03 -70.79
CA ASP H 61 -15.01 -43.44 -71.94
C ASP H 61 -14.79 -41.96 -71.64
N ARG H 62 -13.56 -41.61 -71.27
CA ARG H 62 -13.21 -40.22 -70.97
C ARG H 62 -13.12 -39.45 -72.27
N THR H 63 -14.23 -38.80 -72.64
CA THR H 63 -14.32 -38.02 -73.86
C THR H 63 -14.35 -36.52 -73.63
N VAL H 64 -15.04 -36.06 -72.59
CA VAL H 64 -15.10 -34.63 -72.30
C VAL H 64 -13.71 -34.11 -71.98
N TRP H 65 -12.98 -34.82 -71.12
CA TRP H 65 -11.61 -34.46 -70.79
C TRP H 65 -10.76 -34.30 -72.05
N GLU H 66 -10.95 -35.20 -73.01
CA GLU H 66 -10.15 -35.16 -74.23
C GLU H 66 -10.38 -33.87 -75.00
N SER H 67 -11.64 -33.52 -75.28
CA SER H 67 -11.95 -32.28 -75.98
C SER H 67 -11.52 -31.06 -75.19
N VAL H 68 -11.68 -31.11 -73.87
CA VAL H 68 -11.25 -30.00 -73.02
C VAL H 68 -9.77 -29.73 -73.23
N ASN H 69 -8.95 -30.79 -73.21
CA ASN H 69 -7.52 -30.62 -73.40
C ASN H 69 -7.22 -30.17 -74.83
N GLY H 70 -7.91 -30.75 -75.82
CA GLY H 70 -7.68 -30.37 -77.20
C GLY H 70 -7.96 -28.91 -77.46
N THR H 71 -8.91 -28.33 -76.74
CA THR H 71 -9.19 -26.91 -76.86
C THR H 71 -8.23 -26.06 -76.02
N LEU H 72 -7.89 -26.54 -74.82
CA LEU H 72 -7.03 -25.76 -73.93
C LEU H 72 -5.63 -25.61 -74.51
N GLN H 73 -5.12 -26.65 -75.16
CA GLN H 73 -3.80 -26.56 -75.75
C GLN H 73 -3.74 -25.45 -76.80
N ASP H 74 -4.73 -25.42 -77.69
CA ASP H 74 -4.77 -24.37 -78.69
C ASP H 74 -4.98 -23.00 -78.05
N ILE H 75 -5.82 -22.93 -77.02
CA ILE H 75 -6.04 -21.66 -76.33
C ILE H 75 -4.72 -21.10 -75.81
N ILE H 76 -3.97 -21.93 -75.08
CA ILE H 76 -2.71 -21.45 -74.53
C ILE H 76 -1.71 -21.16 -75.63
N ASN H 77 -1.76 -21.92 -76.74
CA ASN H 77 -0.88 -21.64 -77.87
C ASN H 77 -1.25 -20.35 -78.57
N VAL H 78 -2.45 -19.82 -78.32
CA VAL H 78 -2.88 -18.57 -78.93
C VAL H 78 -2.41 -17.40 -78.09
N PHE H 79 -2.82 -17.38 -76.82
CA PHE H 79 -2.55 -16.23 -75.97
C PHE H 79 -1.17 -16.33 -75.31
N CYS H 80 -0.95 -17.38 -74.53
CA CYS H 80 0.26 -17.50 -73.74
C CYS H 80 1.47 -17.99 -74.54
N SER H 81 1.35 -18.12 -75.86
CA SER H 81 2.48 -18.57 -76.65
C SER H 81 3.60 -17.54 -76.64
N GLY H 82 3.25 -16.26 -76.74
CA GLY H 82 4.26 -15.22 -76.79
C GLY H 82 4.84 -14.91 -75.43
N ASP H 83 6.10 -14.47 -75.45
CA ASP H 83 6.76 -14.07 -74.20
C ASP H 83 6.00 -12.95 -73.51
N GLU H 84 5.29 -12.12 -74.29
CA GLU H 84 4.46 -11.06 -73.75
C GLU H 84 2.99 -11.43 -73.89
N ALA H 85 2.15 -10.67 -73.20
CA ALA H 85 0.71 -10.92 -73.23
C ALA H 85 0.02 -10.08 -74.28
N VAL H 86 0.15 -8.75 -74.20
CA VAL H 86 -0.47 -7.82 -75.11
C VAL H 86 0.49 -6.66 -75.35
N THR H 87 0.06 -5.73 -76.19
CA THR H 87 0.85 -4.53 -76.46
C THR H 87 -0.09 -3.46 -77.01
N PHE H 88 -0.27 -2.38 -76.25
CA PHE H 88 -1.16 -1.31 -76.68
C PHE H 88 -0.60 -0.63 -77.93
N VAL H 89 -1.51 -0.13 -78.75
CA VAL H 89 -1.16 0.60 -79.96
C VAL H 89 -2.04 1.84 -80.05
N ALA H 90 -1.45 2.96 -80.46
CA ALA H 90 -2.15 4.22 -80.57
C ALA H 90 -2.42 4.54 -82.03
N ASP H 91 -3.07 5.67 -82.26
CA ASP H 91 -3.39 6.14 -83.60
C ASP H 91 -2.68 7.43 -83.98
N ASN H 92 -2.03 8.11 -83.04
CA ASN H 92 -1.30 9.33 -83.32
C ASN H 92 0.04 9.28 -82.62
N GLN H 93 0.94 10.18 -83.03
CA GLN H 93 2.25 10.28 -82.41
C GLN H 93 2.21 11.06 -81.10
N GLN H 94 1.19 11.90 -80.90
CA GLN H 94 1.09 12.67 -79.67
C GLN H 94 0.85 11.79 -78.44
N ASP H 95 0.47 10.53 -78.63
CA ASP H 95 0.18 9.63 -77.52
C ASP H 95 0.90 8.29 -77.67
N SER H 96 1.94 8.23 -78.51
CA SER H 96 2.69 7.00 -78.67
C SER H 96 3.70 6.80 -77.54
N ASP H 97 4.18 7.89 -76.95
CA ASP H 97 5.14 7.78 -75.85
C ASP H 97 4.55 7.03 -74.67
N ALA H 98 3.22 7.00 -74.55
CA ALA H 98 2.56 6.32 -73.44
C ALA H 98 2.24 4.87 -73.76
N ALA H 99 2.16 4.50 -75.03
CA ALA H 99 1.82 3.13 -75.39
C ALA H 99 2.82 2.14 -74.82
N ASP H 100 4.10 2.35 -75.12
CA ASP H 100 5.13 1.42 -74.65
C ASP H 100 5.17 1.35 -73.13
N VAL H 101 4.97 2.50 -72.46
CA VAL H 101 5.02 2.52 -71.00
C VAL H 101 3.88 1.68 -70.43
N ALA H 102 2.66 1.90 -70.92
CA ALA H 102 1.53 1.12 -70.44
C ALA H 102 1.71 -0.36 -70.74
N THR H 103 2.26 -0.68 -71.92
CA THR H 103 2.49 -2.08 -72.27
C THR H 103 3.45 -2.72 -71.29
N LYS H 104 4.60 -2.09 -71.05
CA LYS H 104 5.57 -2.63 -70.11
C LYS H 104 4.95 -2.79 -68.72
N LEU H 105 4.18 -1.78 -68.29
CA LEU H 105 3.59 -1.82 -66.96
C LEU H 105 2.64 -3.00 -66.83
N VAL H 106 1.73 -3.16 -67.79
CA VAL H 106 0.75 -4.23 -67.68
C VAL H 106 1.43 -5.59 -67.78
N ASN H 107 2.43 -5.72 -68.66
CA ASN H 107 3.13 -6.99 -68.78
C ASN H 107 3.83 -7.35 -67.49
N GLN H 108 4.51 -6.38 -66.87
CA GLN H 108 5.18 -6.63 -65.60
C GLN H 108 4.16 -7.02 -64.52
N ILE H 109 3.06 -6.27 -64.43
CA ILE H 109 2.05 -6.52 -63.41
C ILE H 109 1.42 -7.88 -63.59
N LEU H 110 1.30 -8.35 -64.84
CA LEU H 110 0.57 -9.58 -65.11
C LEU H 110 1.47 -10.80 -64.97
N LEU H 111 2.70 -10.71 -65.48
CA LEU H 111 3.60 -11.86 -65.53
C LEU H 111 4.70 -11.79 -64.48
N ARG H 112 5.46 -10.70 -64.44
CA ARG H 112 6.57 -10.57 -63.50
C ARG H 112 6.11 -10.32 -62.08
N ASP H 113 4.82 -10.08 -61.86
CA ASP H 113 4.27 -9.87 -60.53
C ASP H 113 3.25 -10.92 -60.15
N ASN H 114 2.36 -11.28 -61.07
CA ASN H 114 1.33 -12.28 -60.83
C ASN H 114 1.56 -13.50 -61.73
N PRO H 115 1.00 -14.65 -61.36
CA PRO H 115 1.14 -15.86 -62.19
C PRO H 115 0.13 -15.91 -63.32
N GLY H 116 0.19 -14.90 -64.20
CA GLY H 116 -0.79 -14.80 -65.28
C GLY H 116 -1.00 -16.08 -66.03
N TYR H 117 0.05 -16.89 -66.20
CA TYR H 117 -0.10 -18.16 -66.88
C TYR H 117 -1.08 -19.06 -66.14
N ASN H 118 -0.87 -19.22 -64.83
CA ASN H 118 -1.78 -20.05 -64.04
C ASN H 118 -3.18 -19.47 -64.02
N ILE H 119 -3.29 -18.15 -63.92
CA ILE H 119 -4.61 -17.52 -63.90
C ILE H 119 -5.36 -17.82 -65.18
N ILE H 120 -4.70 -17.68 -66.33
CA ILE H 120 -5.35 -17.92 -67.61
C ILE H 120 -5.70 -19.40 -67.75
N SER H 121 -4.78 -20.29 -67.38
CA SER H 121 -5.06 -21.72 -67.48
C SER H 121 -6.26 -22.10 -66.63
N SER H 122 -6.37 -21.53 -65.43
CA SER H 122 -7.50 -21.84 -64.57
C SER H 122 -8.80 -21.27 -65.14
N ALA H 123 -8.75 -20.01 -65.58
CA ALA H 123 -9.94 -19.39 -66.15
C ALA H 123 -10.41 -20.12 -67.40
N ALA H 124 -9.51 -20.79 -68.10
CA ALA H 124 -9.89 -21.53 -69.30
C ALA H 124 -10.42 -22.92 -68.97
N GLN H 125 -9.60 -23.74 -68.30
CA GLN H 125 -10.01 -25.12 -68.04
C GLN H 125 -11.32 -25.18 -67.26
N GLU H 126 -11.55 -24.23 -66.36
CA GLU H 126 -12.75 -24.24 -65.54
C GLU H 126 -13.95 -23.65 -66.24
N CYS H 127 -13.74 -22.90 -67.32
CA CYS H 127 -14.83 -22.23 -68.04
C CYS H 127 -15.57 -23.17 -68.98
N LEU H 128 -14.85 -24.08 -69.63
CA LEU H 128 -15.43 -24.94 -70.66
C LEU H 128 -16.26 -26.05 -70.04
N VAL H 129 -16.31 -26.12 -68.71
CA VAL H 129 -17.04 -27.17 -68.02
C VAL H 129 -18.04 -26.55 -67.06
N THR H 130 -17.78 -25.32 -66.62
CA THR H 130 -18.67 -24.61 -65.72
C THR H 130 -19.55 -23.59 -66.45
N ARG H 131 -19.44 -23.50 -67.77
CA ARG H 131 -20.18 -22.60 -68.63
C ARG H 131 -19.64 -21.18 -68.54
N ASN H 132 -18.72 -20.88 -67.64
CA ASN H 132 -18.18 -19.54 -67.48
C ASN H 132 -17.01 -19.61 -66.49
N SER H 133 -16.21 -18.55 -66.48
CA SER H 133 -15.14 -18.39 -65.52
C SER H 133 -14.83 -16.91 -65.38
N PHE H 134 -14.31 -16.53 -64.21
CA PHE H 134 -14.16 -15.13 -63.85
C PHE H 134 -12.74 -14.81 -63.41
N ILE H 135 -12.32 -13.59 -63.72
CA ILE H 135 -11.05 -13.04 -63.28
C ILE H 135 -11.33 -11.70 -62.63
N LYS H 136 -10.49 -11.34 -61.66
CA LYS H 136 -10.73 -10.14 -60.86
C LYS H 136 -9.41 -9.48 -60.51
N TYR H 137 -9.47 -8.16 -60.32
CA TYR H 137 -8.30 -7.36 -59.96
C TYR H 137 -8.70 -6.29 -58.96
N TYR H 138 -7.90 -6.16 -57.91
CA TYR H 138 -8.13 -5.19 -56.84
C TYR H 138 -6.85 -4.42 -56.57
N TRP H 139 -6.94 -3.43 -55.67
CA TRP H 139 -5.79 -2.66 -55.23
C TRP H 139 -5.30 -3.21 -53.89
N ASP H 140 -4.20 -3.95 -53.92
CA ASP H 140 -3.62 -4.47 -52.69
C ASP H 140 -2.87 -3.37 -51.95
N GLU H 141 -3.18 -3.22 -50.67
CA GLU H 141 -2.61 -2.14 -49.85
C GLU H 141 -2.03 -2.72 -48.57
N GLN H 142 -1.28 -3.82 -48.71
CA GLN H 142 -0.69 -4.46 -47.53
C GLN H 142 0.30 -3.53 -46.86
N THR H 143 0.50 -3.77 -45.56
CA THR H 143 1.46 -3.01 -44.76
C THR H 143 1.90 -3.85 -43.58
N SER H 144 3.15 -3.68 -43.19
CA SER H 144 3.71 -4.45 -42.08
C SER H 144 3.03 -4.09 -40.77
N TYR H 191 10.45 0.17 -40.00
CA TYR H 191 10.04 -0.92 -40.88
C TYR H 191 8.52 -1.01 -40.95
N GLU H 192 7.90 -0.02 -41.57
CA GLU H 192 6.46 0.01 -41.78
C GLU H 192 6.14 0.14 -43.28
N GLN H 193 6.90 -0.57 -44.11
CA GLN H 193 6.75 -0.46 -45.55
C GLN H 193 5.32 -0.76 -45.97
N THR H 194 4.79 0.05 -46.88
CA THR H 194 3.45 -0.12 -47.43
C THR H 194 3.54 -0.12 -48.94
N VAL H 195 2.80 -1.04 -49.58
CA VAL H 195 2.84 -1.22 -51.02
C VAL H 195 1.44 -1.05 -51.58
N LYS H 196 1.39 -0.73 -52.88
CA LYS H 196 0.14 -0.61 -53.61
C LYS H 196 0.27 -1.43 -54.88
N ARG H 197 -0.22 -2.66 -54.84
CA ARG H 197 -0.06 -3.61 -55.94
C ARG H 197 -1.40 -3.83 -56.63
N VAL H 198 -1.33 -4.50 -57.78
CA VAL H 198 -2.53 -4.86 -58.54
C VAL H 198 -2.78 -6.34 -58.28
N LYS H 199 -3.62 -6.62 -57.29
CA LYS H 199 -3.95 -7.99 -56.91
C LYS H 199 -4.87 -8.59 -57.97
N VAL H 200 -4.30 -9.31 -58.93
CA VAL H 200 -5.05 -10.02 -59.94
C VAL H 200 -5.13 -11.49 -59.55
N GLU H 201 -6.30 -12.07 -59.72
CA GLU H 201 -6.49 -13.46 -59.30
C GLU H 201 -7.69 -14.06 -60.02
N TYR H 202 -7.58 -15.35 -60.29
CA TYR H 202 -8.68 -16.15 -60.81
C TYR H 202 -9.81 -16.19 -59.78
N VAL H 203 -11.02 -16.51 -60.21
CA VAL H 203 -12.15 -16.62 -59.31
C VAL H 203 -13.09 -17.71 -59.83
N PRO H 204 -13.31 -18.80 -59.10
CA PRO H 204 -14.23 -19.83 -59.61
C PRO H 204 -15.65 -19.32 -59.77
N SER H 205 -16.50 -20.10 -60.41
CA SER H 205 -17.91 -19.78 -60.54
C SER H 205 -18.74 -20.26 -59.37
N GLU H 206 -18.17 -21.09 -58.49
CA GLU H 206 -18.90 -21.59 -57.34
C GLU H 206 -19.02 -20.54 -56.25
N GLN H 207 -18.23 -19.46 -56.31
CA GLN H 207 -18.24 -18.39 -55.34
C GLN H 207 -18.76 -17.11 -55.95
N ILE H 208 -19.78 -17.23 -56.80
CA ILE H 208 -20.38 -16.09 -57.48
C ILE H 208 -21.89 -16.20 -57.41
N PHE H 209 -22.56 -15.07 -57.28
CA PHE H 209 -24.02 -15.03 -57.22
C PHE H 209 -24.50 -13.77 -57.91
N VAL H 210 -25.33 -13.94 -58.94
CA VAL H 210 -25.81 -12.83 -59.76
C VAL H 210 -27.31 -12.97 -59.97
N ASP H 211 -27.94 -11.87 -60.37
CA ASP H 211 -29.36 -11.86 -60.64
C ASP H 211 -29.65 -12.58 -61.95
N GLU H 212 -30.95 -12.78 -62.21
CA GLU H 212 -31.40 -13.47 -63.41
C GLU H 212 -31.69 -12.51 -64.56
N HIS H 213 -32.21 -11.32 -64.25
CA HIS H 213 -32.60 -10.36 -65.27
C HIS H 213 -31.41 -9.68 -65.95
N ALA H 214 -30.18 -10.06 -65.60
CA ALA H 214 -28.99 -9.45 -66.18
C ALA H 214 -28.42 -10.32 -67.28
N THR H 215 -27.76 -9.67 -68.24
CA THR H 215 -27.11 -10.35 -69.35
C THR H 215 -25.65 -9.97 -69.51
N SER H 216 -25.16 -8.96 -68.79
CA SER H 216 -23.77 -8.56 -68.87
C SER H 216 -23.44 -7.71 -67.65
N PHE H 217 -22.14 -7.54 -67.40
CA PHE H 217 -21.71 -6.74 -66.26
C PHE H 217 -22.25 -5.32 -66.34
N ALA H 218 -22.49 -4.81 -67.55
CA ALA H 218 -22.97 -3.44 -67.70
C ALA H 218 -24.33 -3.28 -67.05
N ASP H 219 -25.34 -4.00 -67.54
CA ASP H 219 -26.70 -3.88 -67.03
C ASP H 219 -26.94 -4.69 -65.77
N ALA H 220 -25.90 -5.34 -65.22
CA ALA H 220 -26.08 -6.12 -64.02
C ALA H 220 -26.49 -5.20 -62.86
N GLN H 221 -27.58 -5.56 -62.19
CA GLN H 221 -28.10 -4.78 -61.08
C GLN H 221 -27.51 -5.20 -59.74
N TYR H 222 -27.28 -6.50 -59.56
CA TYR H 222 -26.72 -7.04 -58.34
C TYR H 222 -25.72 -8.14 -58.66
N PHE H 223 -24.59 -8.11 -57.95
CA PHE H 223 -23.52 -9.05 -58.23
C PHE H 223 -22.74 -9.31 -56.95
N CYS H 224 -22.82 -10.52 -56.44
CA CYS H 224 -22.17 -10.89 -55.19
C CYS H 224 -21.01 -11.84 -55.46
N HIS H 225 -20.04 -11.82 -54.54
CA HIS H 225 -18.86 -12.67 -54.66
C HIS H 225 -18.34 -12.96 -53.26
N ARG H 226 -18.67 -14.13 -52.73
CA ARG H 226 -18.16 -14.54 -51.44
C ARG H 226 -16.64 -14.70 -51.52
N VAL H 227 -15.94 -14.26 -50.47
CA VAL H 227 -14.48 -14.32 -50.45
C VAL H 227 -14.05 -14.86 -49.10
N ARG H 228 -12.82 -15.37 -49.05
CA ARG H 228 -12.23 -15.91 -47.84
C ARG H 228 -11.04 -15.03 -47.46
N ARG H 229 -11.28 -14.08 -46.56
CA ARG H 229 -10.29 -13.12 -46.14
C ARG H 229 -9.99 -13.28 -44.65
N SER H 230 -8.73 -13.06 -44.30
CA SER H 230 -8.29 -13.20 -42.92
C SER H 230 -9.01 -12.16 -42.03
N LYS H 231 -8.84 -12.32 -40.72
CA LYS H 231 -9.46 -11.39 -39.78
C LYS H 231 -8.70 -10.08 -39.71
N GLU H 232 -7.46 -10.04 -40.23
CA GLU H 232 -6.67 -8.82 -40.22
C GLU H 232 -7.36 -7.70 -40.99
N ASP H 233 -7.68 -7.97 -42.26
CA ASP H 233 -8.32 -6.96 -43.08
C ASP H 233 -9.63 -6.48 -42.47
N LEU H 234 -10.37 -7.38 -41.82
CA LEU H 234 -11.63 -7.00 -41.19
C LEU H 234 -11.39 -6.10 -39.99
N VAL H 235 -10.39 -6.45 -39.17
CA VAL H 235 -10.05 -5.61 -38.03
C VAL H 235 -9.60 -4.23 -38.50
N ALA H 236 -9.03 -4.16 -39.71
CA ALA H 236 -8.62 -2.88 -40.26
C ALA H 236 -9.80 -1.98 -40.59
N MET H 237 -11.04 -2.48 -40.48
CA MET H 237 -12.20 -1.68 -40.84
C MET H 237 -13.36 -1.78 -39.86
N GLY H 238 -13.35 -2.69 -38.89
CA GLY H 238 -14.46 -2.80 -37.98
C GLY H 238 -14.14 -3.71 -36.82
N PHE H 239 -14.97 -3.58 -35.77
CA PHE H 239 -14.90 -4.37 -34.54
C PHE H 239 -13.47 -4.65 -34.12
N PRO H 240 -12.73 -3.64 -33.68
CA PRO H 240 -11.37 -3.90 -33.17
C PRO H 240 -11.38 -4.62 -31.83
N LYS H 241 -12.41 -4.40 -31.00
CA LYS H 241 -12.47 -5.05 -29.70
C LYS H 241 -12.92 -6.50 -29.80
N ASP H 242 -13.56 -6.89 -30.90
CA ASP H 242 -14.07 -8.25 -31.09
C ASP H 242 -13.42 -8.84 -32.32
N GLU H 243 -12.73 -9.97 -32.12
CA GLU H 243 -12.05 -10.67 -33.20
C GLU H 243 -12.48 -12.12 -33.29
N ILE H 244 -13.60 -12.46 -32.64
CA ILE H 244 -14.12 -13.82 -32.63
C ILE H 244 -15.36 -13.95 -33.51
N GLU H 245 -15.51 -13.07 -34.51
CA GLU H 245 -16.66 -13.11 -35.40
C GLU H 245 -16.53 -14.28 -36.37
N ALA H 246 -16.91 -15.47 -35.92
CA ALA H 246 -16.87 -16.65 -36.78
C ALA H 246 -18.09 -16.65 -37.71
N PHE H 247 -18.14 -17.65 -38.58
CA PHE H 247 -19.24 -17.79 -39.52
C PHE H 247 -20.56 -17.94 -38.79
N GLN H 258 -23.66 -25.68 -51.42
CA GLN H 258 -23.52 -25.81 -52.87
C GLN H 258 -22.19 -25.23 -53.35
N SER H 259 -21.83 -24.05 -52.85
CA SER H 259 -20.54 -23.47 -53.22
C SER H 259 -19.39 -24.36 -52.80
N THR H 260 -19.56 -25.07 -51.69
CA THR H 260 -18.56 -26.02 -51.22
C THR H 260 -18.69 -27.37 -51.91
N VAL H 261 -19.91 -27.80 -52.22
CA VAL H 261 -20.12 -29.10 -52.85
C VAL H 261 -19.53 -29.10 -54.25
N ALA H 262 -19.89 -28.10 -55.05
CA ALA H 262 -19.37 -28.05 -56.42
C ALA H 262 -17.85 -28.01 -56.44
N TRP H 263 -17.24 -27.35 -55.46
CA TRP H 263 -15.78 -27.25 -55.42
C TRP H 263 -15.16 -28.58 -55.00
N SER H 264 -15.65 -29.16 -53.91
CA SER H 264 -15.15 -30.45 -53.47
C SER H 264 -15.48 -31.56 -54.44
N ARG H 265 -16.31 -31.31 -55.45
CA ARG H 265 -16.61 -32.29 -56.49
C ARG H 265 -15.92 -31.99 -57.81
N THR H 266 -15.44 -30.76 -58.03
CA THR H 266 -14.52 -30.53 -59.13
C THR H 266 -13.37 -31.54 -59.06
N ASP H 267 -12.94 -31.85 -57.85
CA ASP H 267 -12.00 -32.92 -57.56
C ASP H 267 -12.64 -33.82 -56.50
N TRP H 268 -11.85 -34.73 -55.93
CA TRP H 268 -12.28 -35.56 -54.82
C TRP H 268 -11.24 -35.59 -53.70
N ARG H 269 -10.45 -34.52 -53.58
CA ARG H 269 -9.37 -34.45 -52.60
C ARG H 269 -9.62 -33.36 -51.57
N GLN H 270 -10.13 -32.20 -52.00
CA GLN H 270 -10.26 -31.04 -51.13
C GLN H 270 -11.63 -31.01 -50.47
N ASP H 271 -11.67 -30.34 -49.30
CA ASP H 271 -12.92 -30.13 -48.57
C ASP H 271 -12.82 -28.76 -47.92
N ILE H 272 -13.38 -27.75 -48.58
CA ILE H 272 -13.22 -26.37 -48.17
C ILE H 272 -13.76 -26.10 -46.77
N ASP H 273 -14.71 -26.91 -46.30
CA ASP H 273 -15.35 -26.70 -45.00
C ASP H 273 -14.63 -27.45 -43.88
N ALA H 274 -13.34 -27.74 -44.05
CA ALA H 274 -12.56 -28.44 -43.03
C ALA H 274 -11.58 -27.46 -42.38
N ASP H 275 -10.80 -28.00 -41.44
CA ASP H 275 -9.79 -27.22 -40.72
C ASP H 275 -8.42 -27.69 -41.18
N ILE H 276 -7.68 -26.78 -41.83
CA ILE H 276 -6.32 -27.09 -42.26
C ILE H 276 -5.32 -26.93 -41.13
N GLY H 277 -5.76 -26.50 -39.94
CA GLY H 277 -4.91 -26.33 -38.79
C GLY H 277 -4.90 -24.94 -38.20
N THR H 278 -5.60 -23.99 -38.83
CA THR H 278 -5.59 -22.61 -38.34
C THR H 278 -6.46 -22.48 -37.11
N ASP H 279 -5.89 -21.89 -36.05
CA ASP H 279 -6.66 -21.63 -34.85
C ASP H 279 -7.70 -20.53 -35.11
N THR H 280 -8.88 -20.71 -34.52
CA THR H 280 -9.97 -19.77 -34.78
C THR H 280 -9.65 -18.37 -34.28
N GLU H 281 -8.93 -18.27 -33.16
CA GLU H 281 -8.57 -16.96 -32.61
C GLU H 281 -7.42 -16.30 -33.36
N ASP H 282 -6.62 -17.07 -34.10
CA ASP H 282 -5.50 -16.49 -34.82
C ASP H 282 -6.00 -15.49 -35.84
N ILE H 283 -5.43 -14.28 -35.81
CA ILE H 283 -5.90 -13.20 -36.66
C ILE H 283 -5.87 -13.61 -38.13
N ALA H 284 -4.91 -14.43 -38.53
CA ALA H 284 -4.83 -14.84 -39.93
C ALA H 284 -5.88 -15.89 -40.28
N SER H 285 -6.69 -16.33 -39.31
CA SER H 285 -7.74 -17.28 -39.60
C SER H 285 -8.66 -16.74 -40.69
N MET H 286 -8.77 -17.49 -41.78
CA MET H 286 -9.59 -17.06 -42.91
C MET H 286 -11.07 -17.15 -42.55
N VAL H 287 -11.84 -16.17 -43.01
CA VAL H 287 -13.26 -16.07 -42.72
C VAL H 287 -13.99 -15.67 -43.98
N TRP H 288 -15.23 -16.12 -44.11
CA TRP H 288 -16.03 -15.80 -45.29
C TRP H 288 -16.69 -14.43 -45.14
N VAL H 289 -16.43 -13.57 -46.13
CA VAL H 289 -17.03 -12.25 -46.20
C VAL H 289 -17.82 -12.14 -47.49
N TYR H 290 -18.81 -11.25 -47.49
CA TYR H 290 -19.71 -11.07 -48.61
C TYR H 290 -19.43 -9.71 -49.24
N GLU H 291 -18.97 -9.73 -50.49
CA GLU H 291 -18.78 -8.53 -51.27
C GLU H 291 -19.88 -8.42 -52.31
N HIS H 292 -20.39 -7.21 -52.51
CA HIS H 292 -21.53 -7.00 -53.38
C HIS H 292 -21.37 -5.70 -54.17
N TYR H 293 -21.81 -5.74 -55.42
CA TYR H 293 -21.97 -4.55 -56.24
C TYR H 293 -23.44 -4.44 -56.61
N ILE H 294 -24.05 -3.30 -56.24
CA ILE H 294 -25.48 -3.14 -56.43
C ILE H 294 -25.76 -1.78 -57.04
N ARG H 295 -26.62 -1.76 -58.06
CA ARG H 295 -27.15 -0.55 -58.64
C ARG H 295 -28.53 -0.33 -58.04
N THR H 296 -28.64 0.67 -57.17
CA THR H 296 -29.91 0.93 -56.50
C THR H 296 -29.86 2.30 -55.86
N GLY H 297 -31.03 2.91 -55.73
CA GLY H 297 -31.15 4.16 -55.02
C GLY H 297 -31.42 3.92 -53.56
N VAL H 298 -30.42 3.40 -52.83
CA VAL H 298 -30.56 3.23 -51.39
C VAL H 298 -30.93 4.55 -50.73
N LEU H 299 -30.50 5.65 -51.32
CA LEU H 299 -30.92 6.98 -50.88
C LEU H 299 -32.32 7.25 -51.44
N ASP H 300 -32.77 8.49 -51.35
CA ASP H 300 -34.05 8.87 -51.95
C ASP H 300 -34.09 8.42 -53.41
N LYS H 301 -35.07 7.58 -53.74
CA LYS H 301 -35.18 7.05 -55.09
C LYS H 301 -35.12 8.13 -56.16
N ASN H 302 -35.50 9.37 -55.82
CA ASN H 302 -35.41 10.45 -56.79
C ASN H 302 -33.98 10.64 -57.28
N LYS H 303 -32.99 10.23 -56.49
CA LYS H 303 -31.60 10.32 -56.91
C LYS H 303 -31.29 9.28 -57.98
N GLU H 304 -30.22 9.54 -58.72
CA GLU H 304 -29.83 8.64 -59.79
C GLU H 304 -29.56 7.24 -59.24
N SER H 305 -29.73 6.25 -60.10
CA SER H 305 -29.49 4.85 -59.73
C SER H 305 -27.99 4.66 -59.65
N LYS H 306 -27.42 5.00 -58.51
CA LYS H 306 -25.98 4.94 -58.30
C LYS H 306 -25.56 3.51 -58.00
N LEU H 307 -24.39 3.13 -58.49
CA LEU H 307 -23.79 1.85 -58.18
C LEU H 307 -22.95 1.99 -56.92
N TYR H 308 -22.93 0.93 -56.11
CA TYR H 308 -22.23 0.94 -54.84
C TYR H 308 -21.62 -0.43 -54.58
N GLN H 309 -20.37 -0.40 -54.12
CA GLN H 309 -19.69 -1.59 -53.62
C GLN H 309 -19.84 -1.65 -52.10
N VAL H 310 -20.28 -2.79 -51.59
CA VAL H 310 -20.40 -3.05 -50.17
C VAL H 310 -19.57 -4.27 -49.83
N ILE H 311 -18.97 -4.27 -48.65
CA ILE H 311 -18.18 -5.38 -48.15
C ILE H 311 -18.60 -5.59 -46.70
N GLN H 312 -19.18 -6.75 -46.42
CA GLN H 312 -19.77 -7.03 -45.11
C GLN H 312 -19.33 -8.40 -44.61
N ALA H 313 -19.55 -8.60 -43.32
CA ALA H 313 -19.35 -9.87 -42.64
C ALA H 313 -20.69 -10.30 -42.05
N GLY H 314 -20.67 -11.38 -41.26
CA GLY H 314 -21.87 -11.88 -40.65
C GLY H 314 -22.57 -10.84 -39.81
N GLU H 315 -23.71 -10.35 -40.30
CA GLU H 315 -24.53 -9.36 -39.59
C GLU H 315 -23.73 -8.11 -39.25
N HIS H 316 -22.75 -7.77 -40.09
CA HIS H 316 -21.95 -6.57 -39.89
C HIS H 316 -21.40 -6.10 -41.23
N ILE H 317 -21.53 -4.81 -41.49
CA ILE H 317 -21.00 -4.19 -42.69
C ILE H 317 -19.67 -3.53 -42.33
N LEU H 318 -18.68 -3.69 -43.22
CA LEU H 318 -17.34 -3.20 -42.99
C LEU H 318 -16.98 -2.02 -43.88
N HIS H 319 -17.40 -2.03 -45.14
CA HIS H 319 -17.00 -0.97 -46.05
C HIS H 319 -18.12 -0.73 -47.07
N THR H 320 -18.24 0.54 -47.48
CA THR H 320 -19.18 0.93 -48.52
C THR H 320 -18.57 2.09 -49.30
N GLU H 321 -18.75 2.06 -50.61
CA GLU H 321 -18.19 3.10 -51.45
C GLU H 321 -18.88 3.10 -52.81
N GLU H 322 -18.60 4.13 -53.59
CA GLU H 322 -19.12 4.24 -54.94
C GLU H 322 -18.08 3.74 -55.95
N VAL H 323 -18.57 3.20 -57.05
CA VAL H 323 -17.71 2.71 -58.12
C VAL H 323 -18.55 2.58 -59.38
N THR H 324 -17.97 2.96 -60.52
CA THR H 324 -18.68 2.99 -61.79
C THR H 324 -18.23 1.89 -62.73
N HIS H 325 -17.62 0.82 -62.22
CA HIS H 325 -17.11 -0.24 -63.07
C HIS H 325 -16.82 -1.46 -62.22
N ILE H 326 -17.24 -2.63 -62.68
CA ILE H 326 -17.01 -3.88 -61.98
C ILE H 326 -15.65 -4.42 -62.37
N PRO H 327 -14.73 -4.66 -61.42
CA PRO H 327 -13.38 -5.13 -61.80
C PRO H 327 -13.37 -6.58 -62.28
N PHE H 328 -14.53 -7.23 -62.32
CA PHE H 328 -14.60 -8.62 -62.74
C PHE H 328 -14.75 -8.72 -64.25
N VAL H 329 -14.17 -9.78 -64.80
CA VAL H 329 -14.27 -10.10 -66.23
C VAL H 329 -14.65 -11.56 -66.35
N THR H 330 -15.43 -11.90 -67.37
CA THR H 330 -15.93 -13.25 -67.55
C THR H 330 -15.56 -13.77 -68.93
N PHE H 331 -15.28 -15.06 -69.01
CA PHE H 331 -15.04 -15.75 -70.26
C PHE H 331 -16.31 -16.46 -70.71
N CYS H 332 -16.62 -16.36 -72.00
CA CYS H 332 -17.88 -16.86 -72.54
C CYS H 332 -17.63 -17.53 -73.88
N PRO H 333 -17.08 -18.75 -73.87
CA PRO H 333 -16.96 -19.51 -75.12
C PRO H 333 -18.31 -20.03 -75.56
N TYR H 334 -18.56 -19.93 -76.86
CA TYR H 334 -19.86 -20.26 -77.43
C TYR H 334 -20.94 -19.44 -76.73
N PRO H 335 -20.82 -18.11 -76.74
CA PRO H 335 -21.74 -17.28 -75.97
C PRO H 335 -23.19 -17.45 -76.44
N ILE H 336 -24.10 -17.07 -75.55
CA ILE H 336 -25.53 -17.16 -75.82
C ILE H 336 -26.11 -15.75 -75.77
N PRO H 337 -26.52 -15.18 -76.91
CA PRO H 337 -27.03 -13.81 -76.89
C PRO H 337 -28.20 -13.65 -75.93
N GLY H 338 -28.35 -12.42 -75.44
CA GLY H 338 -29.42 -12.13 -74.50
C GLY H 338 -29.30 -12.79 -73.15
N SER H 339 -28.11 -13.29 -72.80
CA SER H 339 -27.91 -13.98 -71.54
C SER H 339 -26.52 -13.66 -71.00
N PHE H 340 -26.35 -13.86 -69.70
CA PHE H 340 -25.07 -13.62 -69.06
C PHE H 340 -24.15 -14.83 -69.10
N TYR H 341 -24.68 -16.01 -69.40
CA TYR H 341 -23.90 -17.24 -69.44
C TYR H 341 -23.94 -17.84 -70.83
N GLY H 342 -22.79 -18.30 -71.30
CA GLY H 342 -22.70 -18.93 -72.60
C GLY H 342 -23.00 -20.41 -72.54
N GLN H 343 -22.40 -21.19 -73.44
CA GLN H 343 -22.57 -22.63 -73.43
C GLN H 343 -21.39 -23.30 -72.74
N SER H 344 -21.32 -24.63 -72.81
CA SER H 344 -20.21 -25.37 -72.23
C SER H 344 -19.99 -26.66 -73.01
N VAL H 345 -18.77 -27.21 -72.96
CA VAL H 345 -18.47 -28.42 -73.69
C VAL H 345 -19.32 -29.58 -73.18
N TYR H 346 -19.55 -29.62 -71.87
CA TYR H 346 -20.37 -30.67 -71.29
C TYR H 346 -21.69 -30.81 -72.03
N ASP H 347 -22.47 -29.73 -72.06
CA ASP H 347 -23.78 -29.75 -72.71
C ASP H 347 -23.71 -30.14 -74.18
N ILE H 348 -22.52 -30.16 -74.78
CA ILE H 348 -22.37 -30.45 -76.19
C ILE H 348 -21.97 -31.92 -76.38
N THR H 349 -21.34 -32.51 -75.36
CA THR H 349 -20.74 -33.82 -75.50
C THR H 349 -21.25 -34.86 -74.51
N LYS H 350 -21.91 -34.44 -73.42
CA LYS H 350 -22.29 -35.38 -72.38
C LYS H 350 -22.92 -36.64 -72.98
N ASP H 351 -24.04 -36.48 -73.69
CA ASP H 351 -24.71 -37.64 -74.26
C ASP H 351 -23.72 -38.54 -74.99
N ILE H 352 -22.94 -37.96 -75.91
CA ILE H 352 -21.96 -38.75 -76.66
C ILE H 352 -21.20 -39.66 -75.72
N GLN H 353 -20.55 -39.07 -74.72
CA GLN H 353 -19.81 -39.86 -73.74
C GLN H 353 -20.65 -41.05 -73.28
N ASP H 354 -21.78 -40.77 -72.64
CA ASP H 354 -22.66 -41.85 -72.20
C ASP H 354 -22.87 -42.86 -73.33
N LEU H 355 -23.36 -42.38 -74.47
CA LEU H 355 -23.58 -43.27 -75.61
C LEU H 355 -22.38 -44.18 -75.81
N ARG H 356 -21.20 -43.59 -76.05
CA ARG H 356 -20.02 -44.41 -76.30
C ARG H 356 -19.86 -45.45 -75.21
N THR H 357 -19.87 -45.02 -73.94
CA THR H 357 -19.75 -45.97 -72.85
C THR H 357 -20.66 -47.16 -73.07
N ALA H 358 -21.97 -46.91 -73.22
CA ALA H 358 -22.91 -48.00 -73.47
C ALA H 358 -22.37 -48.93 -74.55
N LEU H 359 -22.15 -48.39 -75.75
CA LEU H 359 -21.62 -49.21 -76.83
C LEU H 359 -20.40 -49.99 -76.35
N VAL H 360 -19.39 -49.27 -75.85
CA VAL H 360 -18.21 -49.93 -75.33
C VAL H 360 -18.60 -51.07 -74.39
N ARG H 361 -19.38 -50.73 -73.36
CA ARG H 361 -19.84 -51.76 -72.42
C ARG H 361 -20.33 -52.99 -73.18
N GLY H 362 -21.28 -52.79 -74.10
CA GLY H 362 -21.74 -53.90 -74.91
C GLY H 362 -20.58 -54.73 -75.42
N TYR H 363 -19.75 -54.13 -76.28
CA TYR H 363 -18.58 -54.82 -76.79
C TYR H 363 -17.88 -55.59 -75.68
N ILE H 364 -17.49 -54.88 -74.61
CA ILE H 364 -16.75 -55.51 -73.53
C ILE H 364 -17.45 -56.78 -73.08
N ASP H 365 -18.71 -56.68 -72.65
CA ASP H 365 -19.37 -57.84 -72.08
C ASP H 365 -19.36 -59.00 -73.07
N ASN H 366 -19.59 -58.71 -74.36
CA ASN H 366 -19.52 -59.76 -75.36
C ASN H 366 -18.20 -60.53 -75.22
N VAL H 367 -17.09 -59.81 -75.35
CA VAL H 367 -15.79 -60.45 -75.16
C VAL H 367 -15.72 -61.08 -73.77
N ASN H 368 -16.19 -60.36 -72.74
CA ASN H 368 -16.14 -60.86 -71.38
C ASN H 368 -16.85 -62.19 -71.23
N ASN H 369 -17.66 -62.59 -72.21
CA ASN H 369 -18.28 -63.91 -72.23
C ASN H 369 -17.54 -64.86 -73.16
N ALA H 370 -17.15 -64.36 -74.35
CA ALA H 370 -16.53 -65.23 -75.33
C ALA H 370 -15.23 -65.84 -74.81
N ASN H 371 -14.53 -65.14 -73.90
CA ASN H 371 -13.28 -65.66 -73.37
C ASN H 371 -13.50 -66.83 -72.43
N TYR H 372 -14.70 -66.99 -71.88
CA TYR H 372 -14.96 -68.13 -71.00
C TYR H 372 -14.86 -69.44 -71.75
N GLY H 373 -15.37 -69.47 -72.98
CA GLY H 373 -15.28 -70.66 -73.80
C GLY H 373 -15.92 -71.89 -73.18
N ARG H 374 -17.16 -71.74 -72.72
CA ARG H 374 -17.89 -72.87 -72.17
C ARG H 374 -18.19 -73.87 -73.27
N TYR H 375 -18.22 -75.15 -72.91
CA TYR H 375 -18.43 -76.24 -73.84
C TYR H 375 -19.77 -76.91 -73.56
N LYS H 376 -20.57 -77.09 -74.60
CA LYS H 376 -21.83 -77.81 -74.50
C LYS H 376 -21.56 -79.30 -74.70
N ALA H 377 -22.27 -80.14 -73.96
CA ALA H 377 -22.03 -81.57 -74.01
C ALA H 377 -23.27 -82.32 -73.55
N LEU H 378 -23.30 -83.61 -73.86
CA LEU H 378 -24.40 -84.48 -73.46
C LEU H 378 -24.07 -85.12 -72.11
N VAL H 379 -24.84 -86.14 -71.74
CA VAL H 379 -24.69 -86.76 -70.43
C VAL H 379 -23.70 -87.91 -70.45
N GLY H 380 -23.76 -88.77 -71.46
CA GLY H 380 -22.92 -89.95 -71.50
C GLY H 380 -21.56 -89.71 -72.11
N ALA H 381 -20.98 -88.52 -71.89
CA ALA H 381 -19.67 -88.21 -72.42
C ALA H 381 -18.83 -87.39 -71.46
N TYR H 382 -19.17 -87.36 -70.18
CA TYR H 382 -18.43 -86.56 -69.22
C TYR H 382 -16.98 -86.99 -69.13
N ASP H 383 -16.74 -88.22 -68.68
CA ASP H 383 -15.40 -88.76 -68.51
C ASP H 383 -14.52 -87.74 -67.78
N ARG H 384 -14.93 -87.44 -66.54
CA ARG H 384 -14.31 -86.35 -65.79
C ARG H 384 -12.79 -86.50 -65.75
N ARG H 385 -12.29 -87.71 -65.49
CA ARG H 385 -10.85 -87.90 -65.42
C ARG H 385 -10.17 -87.40 -66.69
N SER H 386 -10.76 -87.67 -67.85
CA SER H 386 -10.15 -87.27 -69.11
C SER H 386 -10.45 -85.81 -69.44
N LEU H 387 -11.66 -85.36 -69.17
CA LEU H 387 -12.04 -84.00 -69.53
C LEU H 387 -11.28 -82.98 -68.69
N LEU H 388 -11.40 -83.06 -67.36
CA LEU H 388 -10.70 -82.13 -66.49
C LEU H 388 -9.20 -82.09 -66.81
N ASP H 389 -8.63 -83.23 -67.17
CA ASP H 389 -7.23 -83.27 -67.56
C ASP H 389 -7.03 -82.45 -68.82
N ASN H 390 -6.35 -81.31 -68.68
CA ASN H 390 -6.10 -80.41 -69.80
C ASN H 390 -4.64 -80.53 -70.18
N ARG H 391 -4.35 -81.47 -71.07
CA ARG H 391 -3.01 -81.71 -71.59
C ARG H 391 -3.09 -81.87 -73.09
N PRO H 392 -2.04 -81.48 -73.83
CA PRO H 392 -2.10 -81.64 -75.28
C PRO H 392 -2.04 -83.11 -75.71
N GLY H 393 -3.15 -83.81 -75.53
CA GLY H 393 -3.22 -85.21 -75.91
C GLY H 393 -3.74 -86.10 -74.79
N GLY H 394 -4.80 -86.85 -75.08
CA GLY H 394 -5.37 -87.75 -74.10
C GLY H 394 -6.84 -87.50 -73.85
N VAL H 395 -7.40 -86.50 -74.52
CA VAL H 395 -8.82 -86.17 -74.33
C VAL H 395 -9.67 -87.28 -74.94
N VAL H 396 -10.90 -87.40 -74.45
CA VAL H 396 -11.81 -88.46 -74.85
C VAL H 396 -13.15 -87.81 -75.21
N GLU H 397 -13.38 -87.57 -76.49
CA GLU H 397 -14.64 -87.04 -77.01
C GLU H 397 -15.46 -88.25 -77.48
N MET H 398 -15.88 -89.08 -76.54
CA MET H 398 -16.50 -90.36 -76.86
C MET H 398 -18.00 -90.18 -77.12
N GLU H 399 -18.71 -91.29 -77.20
CA GLU H 399 -20.16 -91.29 -77.39
C GLU H 399 -20.54 -90.57 -78.70
N ARG H 400 -20.15 -91.19 -79.81
CA ARG H 400 -20.49 -90.77 -81.17
C ARG H 400 -19.58 -89.66 -81.71
N GLN H 401 -18.63 -89.17 -80.93
CA GLN H 401 -17.66 -88.16 -81.37
C GLN H 401 -18.29 -86.79 -81.59
N ASP H 402 -19.61 -86.66 -81.42
CA ASP H 402 -20.29 -85.38 -81.57
C ASP H 402 -21.03 -84.98 -80.30
N ALA H 403 -20.76 -85.65 -79.19
CA ALA H 403 -21.43 -85.36 -77.93
C ALA H 403 -20.92 -84.09 -77.26
N ILE H 404 -19.98 -83.37 -77.88
CA ILE H 404 -19.37 -82.19 -77.27
C ILE H 404 -19.10 -81.17 -78.38
N ASP H 405 -19.28 -79.89 -78.05
CA ASP H 405 -19.04 -78.82 -79.00
C ASP H 405 -18.82 -77.53 -78.23
N LEU H 406 -18.42 -76.48 -78.94
CA LEU H 406 -18.23 -75.18 -78.32
C LEU H 406 -19.57 -74.48 -78.18
N PHE H 407 -19.74 -73.75 -77.08
CA PHE H 407 -21.01 -73.10 -76.81
C PHE H 407 -21.29 -72.04 -77.87
N PRO H 408 -22.49 -72.02 -78.46
CA PRO H 408 -22.77 -71.06 -79.52
C PRO H 408 -23.08 -69.66 -79.00
N TYR H 409 -22.03 -68.89 -78.72
CA TYR H 409 -22.23 -67.54 -78.22
C TYR H 409 -22.71 -66.62 -79.34
N HIS H 410 -23.47 -65.59 -78.96
CA HIS H 410 -23.97 -64.64 -79.94
C HIS H 410 -22.83 -63.95 -80.66
N ASN H 411 -23.04 -63.63 -81.93
CA ASN H 411 -22.05 -62.90 -82.70
C ASN H 411 -22.15 -61.41 -82.39
N LEU H 412 -21.06 -60.70 -82.65
CA LEU H 412 -21.00 -59.28 -82.35
C LEU H 412 -21.94 -58.50 -83.27
N PRO H 413 -22.61 -57.47 -82.77
CA PRO H 413 -23.47 -56.66 -83.64
C PRO H 413 -22.71 -56.10 -84.82
N GLN H 414 -23.24 -56.31 -86.02
CA GLN H 414 -22.54 -55.90 -87.23
C GLN H 414 -22.56 -54.39 -87.42
N GLY H 415 -23.45 -53.67 -86.75
CA GLY H 415 -23.59 -52.24 -86.98
C GLY H 415 -22.96 -51.37 -85.92
N ILE H 416 -22.29 -51.99 -84.94
CA ILE H 416 -21.72 -51.23 -83.83
C ILE H 416 -20.62 -50.31 -84.33
N ASP H 417 -19.75 -50.82 -85.20
CA ASP H 417 -18.63 -50.01 -85.69
C ASP H 417 -19.13 -48.78 -86.44
N GLY H 418 -20.24 -48.90 -87.16
CA GLY H 418 -20.82 -47.73 -87.81
C GLY H 418 -21.18 -46.66 -86.81
N LEU H 419 -21.80 -47.06 -85.70
CA LEU H 419 -22.15 -46.09 -84.67
C LEU H 419 -20.90 -45.49 -84.02
N LEU H 420 -19.87 -46.30 -83.82
CA LEU H 420 -18.62 -45.77 -83.27
C LEU H 420 -18.04 -44.71 -84.19
N GLY H 421 -17.97 -45.00 -85.48
CA GLY H 421 -17.45 -44.02 -86.43
C GLY H 421 -18.31 -42.78 -86.51
N MET H 422 -19.63 -42.94 -86.44
CA MET H 422 -20.52 -41.77 -86.45
C MET H 422 -20.27 -40.90 -85.24
N SER H 423 -20.15 -41.51 -84.05
CA SER H 423 -19.87 -40.75 -82.85
C SER H 423 -18.52 -40.04 -82.94
N GLU H 424 -17.52 -40.72 -83.49
CA GLU H 424 -16.20 -40.12 -83.61
C GLU H 424 -16.23 -38.90 -84.53
N GLU H 425 -16.80 -39.06 -85.73
CA GLU H 425 -16.86 -37.94 -86.65
C GLU H 425 -17.74 -36.82 -86.11
N LEU H 426 -18.77 -37.16 -85.33
CA LEU H 426 -19.60 -36.13 -84.72
C LEU H 426 -18.83 -35.34 -83.67
N LYS H 427 -18.05 -36.04 -82.84
CA LYS H 427 -17.21 -35.33 -81.89
C LYS H 427 -16.19 -34.45 -82.61
N GLU H 428 -15.70 -34.92 -83.75
CA GLU H 428 -14.66 -34.18 -84.47
C GLU H 428 -15.23 -32.92 -85.10
N THR H 429 -16.38 -33.02 -85.76
CA THR H 429 -16.93 -31.89 -86.49
C THR H 429 -17.76 -30.96 -85.60
N ARG H 430 -18.37 -31.48 -84.55
CA ARG H 430 -19.22 -30.66 -83.70
C ARG H 430 -18.40 -29.66 -82.89
N THR H 431 -17.14 -29.99 -82.61
CA THR H 431 -16.22 -29.13 -81.89
C THR H 431 -14.93 -28.98 -82.70
N GLY H 432 -14.01 -28.21 -82.16
CA GLY H 432 -12.75 -27.93 -82.81
C GLY H 432 -11.66 -28.96 -82.60
N VAL H 433 -12.01 -30.14 -82.08
CA VAL H 433 -11.02 -31.15 -81.76
C VAL H 433 -10.81 -32.06 -82.96
N THR H 434 -9.61 -32.62 -83.05
CA THR H 434 -9.27 -33.56 -84.12
C THR H 434 -8.09 -34.40 -83.66
N LYS H 435 -8.08 -35.66 -84.10
CA LYS H 435 -7.01 -36.57 -83.72
C LYS H 435 -5.65 -36.03 -84.15
N LEU H 436 -5.50 -35.76 -85.45
CA LEU H 436 -4.24 -35.29 -86.02
C LEU H 436 -4.35 -33.86 -86.51
N GLY H 437 -5.36 -33.12 -86.04
CA GLY H 437 -5.52 -31.74 -86.44
C GLY H 437 -4.33 -30.88 -86.10
N MET H 438 -3.98 -29.95 -86.99
CA MET H 438 -2.85 -29.08 -86.78
C MET H 438 -3.24 -27.94 -85.84
N GLY H 439 -2.43 -27.73 -84.81
CA GLY H 439 -2.73 -26.69 -83.85
C GLY H 439 -2.63 -25.31 -84.46
N ILE H 440 -3.50 -24.42 -83.99
CA ILE H 440 -3.54 -23.05 -84.49
C ILE H 440 -2.44 -22.22 -83.82
N ASN H 441 -2.20 -21.03 -84.34
CA ASN H 441 -1.17 -20.13 -83.85
C ASN H 441 -1.72 -18.72 -83.88
N PRO H 442 -1.13 -17.80 -83.10
CA PRO H 442 -1.63 -16.42 -83.11
C PRO H 442 -1.58 -15.77 -84.48
N ASP H 443 -0.53 -16.05 -85.26
CA ASP H 443 -0.41 -15.43 -86.58
C ASP H 443 -1.59 -15.77 -87.47
N VAL H 444 -1.98 -17.05 -87.50
CA VAL H 444 -3.11 -17.44 -88.33
C VAL H 444 -4.41 -16.93 -87.74
N PHE H 445 -4.50 -16.86 -86.40
CA PHE H 445 -5.69 -16.30 -85.78
C PHE H 445 -5.87 -14.85 -86.17
N LYS H 446 -4.78 -14.12 -86.38
CA LYS H 446 -4.88 -12.75 -86.87
C LYS H 446 -5.12 -12.70 -88.37
N ASN H 447 -4.60 -13.67 -89.12
CA ASN H 447 -4.77 -13.70 -90.57
C ASN H 447 -4.68 -15.16 -91.00
N ASP H 448 -5.83 -15.76 -91.30
CA ASP H 448 -5.87 -17.18 -91.67
C ASP H 448 -4.96 -17.47 -92.85
N ASN H 449 -4.77 -16.50 -93.74
CA ASN H 449 -3.96 -16.69 -94.93
C ASN H 449 -2.48 -16.47 -94.69
N ALA H 450 -2.03 -16.47 -93.43
CA ALA H 450 -0.62 -16.28 -93.15
C ALA H 450 0.22 -17.39 -93.78
N TYR H 451 -0.32 -18.60 -93.88
CA TYR H 451 0.33 -19.73 -94.53
C TYR H 451 -0.53 -20.22 -95.67
N ALA H 452 -1.05 -19.29 -96.46
CA ALA H 452 -1.94 -19.63 -97.57
C ALA H 452 -1.27 -20.54 -98.58
N THR H 453 0.05 -20.70 -98.53
CA THR H 453 0.75 -21.60 -99.43
C THR H 453 0.22 -23.01 -99.29
N VAL H 454 0.34 -23.57 -98.09
CA VAL H 454 -0.18 -24.90 -97.80
C VAL H 454 -1.08 -24.93 -96.57
N GLY H 455 -0.93 -24.02 -95.62
CA GLY H 455 -1.74 -24.02 -94.43
C GLY H 455 -2.98 -23.15 -94.55
N LEU H 456 -3.87 -23.52 -95.48
CA LEU H 456 -5.10 -22.76 -95.65
C LEU H 456 -5.91 -22.68 -94.36
N MET H 457 -5.88 -23.74 -93.55
CA MET H 457 -6.52 -23.75 -92.25
C MET H 457 -8.04 -23.80 -92.38
N MET H 458 -8.56 -23.85 -93.61
CA MET H 458 -10.01 -23.82 -93.83
C MET H 458 -10.57 -25.21 -93.55
N ASN H 459 -10.53 -25.58 -92.28
CA ASN H 459 -11.14 -26.81 -91.79
C ASN H 459 -12.26 -26.47 -90.81
N ALA H 460 -13.34 -27.25 -90.87
CA ALA H 460 -14.50 -27.00 -90.02
C ALA H 460 -14.10 -26.88 -88.55
N ALA H 461 -13.31 -27.84 -88.07
CA ALA H 461 -12.90 -27.81 -86.67
C ALA H 461 -12.02 -26.61 -86.38
N GLN H 462 -11.08 -26.30 -87.28
CA GLN H 462 -10.17 -25.19 -87.05
C GLN H 462 -10.93 -23.87 -86.93
N ASN H 463 -11.91 -23.65 -87.81
CA ASN H 463 -12.69 -22.41 -87.74
C ASN H 463 -13.62 -22.42 -86.55
N ARG H 464 -14.23 -23.56 -86.23
CA ARG H 464 -15.07 -23.64 -85.03
C ARG H 464 -14.27 -23.28 -83.79
N LEU H 465 -12.99 -23.64 -83.77
CA LEU H 465 -12.13 -23.30 -82.64
C LEU H 465 -11.69 -21.84 -82.68
N ARG H 466 -11.37 -21.33 -83.88
CA ARG H 466 -10.95 -19.94 -83.98
C ARG H 466 -12.08 -19.01 -83.58
N MET H 467 -13.33 -19.41 -83.84
CA MET H 467 -14.46 -18.58 -83.44
C MET H 467 -14.51 -18.43 -81.93
N VAL H 468 -14.33 -19.54 -81.21
CA VAL H 468 -14.41 -19.46 -79.76
C VAL H 468 -13.22 -18.70 -79.20
N CYS H 469 -12.04 -18.85 -79.80
CA CYS H 469 -10.89 -18.10 -79.31
C CYS H 469 -11.08 -16.60 -79.55
N ARG H 470 -11.64 -16.23 -80.70
CA ARG H 470 -11.93 -14.82 -80.96
C ARG H 470 -12.97 -14.29 -79.99
N ASN H 471 -13.98 -15.10 -79.67
CA ASN H 471 -14.97 -14.69 -78.67
C ASN H 471 -14.30 -14.44 -77.33
N ILE H 472 -13.43 -15.37 -76.91
CA ILE H 472 -12.74 -15.21 -75.63
C ILE H 472 -11.92 -13.93 -75.65
N ALA H 473 -11.20 -13.68 -76.75
CA ALA H 473 -10.33 -12.51 -76.82
C ALA H 473 -11.14 -11.23 -76.73
N HIS H 474 -12.21 -11.12 -77.53
CA HIS H 474 -12.99 -9.89 -77.59
C HIS H 474 -13.83 -9.67 -76.34
N ASN H 475 -14.23 -10.74 -75.66
CA ASN H 475 -15.00 -10.62 -74.42
C ASN H 475 -14.15 -10.84 -73.17
N GLY H 476 -12.90 -11.25 -73.34
CA GLY H 476 -12.03 -11.53 -72.22
C GLY H 476 -10.87 -10.57 -72.08
N MET H 477 -9.70 -10.99 -72.58
CA MET H 477 -8.46 -10.25 -72.35
C MET H 477 -8.60 -8.76 -72.59
N VAL H 478 -9.29 -8.38 -73.66
CA VAL H 478 -9.37 -6.96 -74.02
C VAL H 478 -10.09 -6.18 -72.93
N GLU H 479 -11.19 -6.73 -72.42
CA GLU H 479 -11.90 -6.07 -71.33
C GLU H 479 -11.04 -5.98 -70.09
N LEU H 480 -10.27 -7.03 -69.80
CA LEU H 480 -9.38 -7.01 -68.65
C LEU H 480 -8.35 -5.90 -68.77
N MET H 481 -7.75 -5.75 -69.96
CA MET H 481 -6.75 -4.72 -70.16
C MET H 481 -7.36 -3.33 -70.08
N ARG H 482 -8.54 -3.15 -70.68
CA ARG H 482 -9.21 -1.86 -70.59
C ARG H 482 -9.51 -1.50 -69.13
N GLY H 483 -9.97 -2.49 -68.36
CA GLY H 483 -10.25 -2.23 -66.95
C GLY H 483 -8.99 -1.89 -66.17
N ILE H 484 -7.91 -2.61 -66.43
CA ILE H 484 -6.65 -2.33 -65.75
C ILE H 484 -6.17 -0.92 -66.09
N TYR H 485 -6.34 -0.52 -67.36
CA TYR H 485 -5.91 0.82 -67.77
C TYR H 485 -6.75 1.89 -67.09
N ASN H 486 -8.07 1.70 -67.07
CA ASN H 486 -8.93 2.66 -66.39
C ASN H 486 -8.64 2.71 -64.90
N LEU H 487 -8.18 1.58 -64.34
CA LEU H 487 -7.88 1.54 -62.91
C LEU H 487 -6.59 2.30 -62.61
N ILE H 488 -5.49 1.88 -63.22
CA ILE H 488 -4.21 2.54 -63.01
C ILE H 488 -4.26 4.01 -63.37
N ARG H 489 -5.14 4.37 -64.31
CA ARG H 489 -5.27 5.76 -64.74
C ARG H 489 -6.11 6.60 -63.79
N GLU H 490 -6.77 5.97 -62.81
CA GLU H 490 -7.67 6.68 -61.91
C GLU H 490 -7.25 6.55 -60.45
N ASN H 491 -6.02 6.16 -60.16
CA ASN H 491 -5.57 6.01 -58.79
C ASN H 491 -4.06 5.85 -58.77
N GLY H 492 -3.46 6.25 -57.65
CA GLY H 492 -2.05 6.04 -57.41
C GLY H 492 -1.16 7.04 -58.13
N GLU H 493 0.06 7.16 -57.62
CA GLU H 493 1.09 7.99 -58.22
C GLU H 493 2.38 7.18 -58.22
N VAL H 494 2.86 6.81 -59.40
CA VAL H 494 3.93 5.83 -59.55
C VAL H 494 5.11 6.50 -60.23
N VAL H 507 5.27 9.16 -63.36
CA VAL H 507 4.22 8.96 -64.36
C VAL H 507 2.90 9.45 -63.77
N ASN H 508 2.42 10.58 -64.27
CA ASN H 508 1.17 11.13 -63.77
C ASN H 508 -0.01 10.42 -64.40
N PRO H 509 -1.00 9.96 -63.63
CA PRO H 509 -2.16 9.29 -64.24
C PRO H 509 -2.97 10.23 -65.13
N LYS H 510 -3.13 11.49 -64.74
CA LYS H 510 -3.84 12.43 -65.57
C LYS H 510 -3.14 12.64 -66.91
N GLN H 511 -1.83 12.42 -66.95
CA GLN H 511 -1.08 12.60 -68.19
C GLN H 511 -1.36 11.53 -69.23
N LEU H 512 -1.98 10.42 -68.84
CA LEU H 512 -2.25 9.36 -69.79
C LEU H 512 -3.51 9.64 -70.60
N PRO H 513 -3.62 9.05 -71.79
CA PRO H 513 -4.83 9.25 -72.59
C PRO H 513 -5.96 8.32 -72.16
N ALA H 514 -7.06 8.34 -72.91
CA ALA H 514 -8.22 7.51 -72.64
C ALA H 514 -8.30 6.38 -73.65
N ARG H 515 -9.20 5.43 -73.38
CA ARG H 515 -9.38 4.29 -74.27
C ARG H 515 -9.86 4.69 -75.66
N HIS H 516 -10.53 5.84 -75.76
CA HIS H 516 -11.03 6.28 -77.07
C HIS H 516 -9.92 6.37 -78.10
N ASN H 517 -8.69 6.61 -77.67
CA ASN H 517 -7.56 6.78 -78.57
C ASN H 517 -6.49 5.71 -78.36
N LEU H 518 -6.87 4.56 -77.79
CA LEU H 518 -5.93 3.48 -77.51
C LEU H 518 -6.52 2.18 -78.04
N GLN H 519 -6.03 1.74 -79.20
CA GLN H 519 -6.39 0.43 -79.72
C GLN H 519 -5.55 -0.63 -79.03
N VAL H 520 -6.13 -1.83 -78.90
CA VAL H 520 -5.49 -2.94 -78.20
C VAL H 520 -5.38 -4.11 -79.16
N VAL H 521 -4.34 -4.92 -78.96
CA VAL H 521 -4.09 -6.10 -79.76
C VAL H 521 -3.61 -7.22 -78.84
N VAL H 522 -3.93 -8.46 -79.21
CA VAL H 522 -3.60 -9.63 -78.42
C VAL H 522 -3.11 -10.72 -79.36
N ALA H 523 -2.70 -11.85 -78.79
CA ALA H 523 -2.23 -12.98 -79.58
C ALA H 523 -1.03 -12.59 -80.42
N ILE H 524 0.08 -12.24 -79.77
CA ILE H 524 1.28 -11.84 -80.46
C ILE H 524 2.28 -13.00 -80.48
N SER H 525 2.78 -13.34 -81.66
CA SER H 525 3.73 -14.42 -81.78
C SER H 525 5.07 -14.03 -81.16
N PRO H 526 5.86 -15.00 -80.70
CA PRO H 526 7.17 -14.65 -80.13
C PRO H 526 8.12 -14.02 -81.12
N ASN H 527 8.15 -14.52 -82.35
CA ASN H 527 9.08 -14.06 -83.38
C ASN H 527 8.72 -12.67 -83.91
N GLU H 528 7.56 -12.13 -83.55
CA GLU H 528 7.15 -10.83 -84.05
C GLU H 528 8.24 -9.79 -83.89
N LYS H 529 8.94 -9.78 -82.75
CA LYS H 529 10.07 -8.88 -82.58
C LYS H 529 10.99 -8.92 -83.79
N ALA H 530 11.56 -10.09 -84.07
CA ALA H 530 12.41 -10.24 -85.24
C ALA H 530 11.72 -9.68 -86.48
N GLU H 531 10.44 -10.05 -86.69
CA GLU H 531 9.70 -9.51 -87.81
C GLU H 531 9.83 -7.98 -87.86
N ARG H 532 9.45 -7.31 -86.77
CA ARG H 532 9.62 -5.87 -86.72
C ARG H 532 11.01 -5.46 -87.16
N ALA H 533 12.05 -6.07 -86.56
CA ALA H 533 13.41 -5.76 -86.94
C ALA H 533 13.56 -5.77 -88.46
N GLN H 534 13.17 -6.87 -89.10
CA GLN H 534 13.22 -6.93 -90.55
C GLN H 534 12.58 -5.70 -91.15
N LYS H 535 11.29 -5.47 -90.86
CA LYS H 535 10.62 -4.27 -91.34
C LYS H 535 11.51 -3.06 -91.16
N LEU H 536 11.99 -2.83 -89.93
CA LEU H 536 12.83 -1.68 -89.67
C LEU H 536 13.96 -1.59 -90.69
N ILE H 537 14.78 -2.63 -90.80
CA ILE H 537 15.92 -2.54 -91.71
C ILE H 537 15.44 -2.27 -93.13
N SER H 538 14.33 -2.89 -93.54
CA SER H 538 13.76 -2.56 -94.83
C SER H 538 13.53 -1.06 -94.93
N LEU H 539 12.75 -0.50 -94.00
CA LEU H 539 12.56 0.94 -93.96
C LEU H 539 13.89 1.68 -94.05
N LYS H 540 14.89 1.20 -93.32
CA LYS H 540 16.19 1.85 -93.37
C LYS H 540 16.65 2.02 -94.81
N GLN H 541 16.72 0.92 -95.56
CA GLN H 541 17.11 1.00 -96.96
C GLN H 541 16.28 2.07 -97.68
N LEU H 542 14.97 2.05 -97.48
CA LEU H 542 14.11 3.05 -98.11
C LEU H 542 14.57 4.46 -97.79
N ILE H 543 14.74 4.75 -96.50
CA ILE H 543 15.11 6.11 -96.12
C ILE H 543 16.52 6.42 -96.59
N ALA H 544 17.31 5.41 -96.91
CA ALA H 544 18.64 5.64 -97.45
C ALA H 544 18.58 6.03 -98.92
N ALA H 545 17.54 5.60 -99.63
CA ALA H 545 17.43 5.91 -101.06
C ALA H 545 16.92 7.31 -101.31
N ASP H 546 16.17 7.89 -100.38
CA ASP H 546 15.59 9.22 -100.54
C ASP H 546 16.38 10.20 -99.69
N ALA H 547 16.89 11.24 -100.33
CA ALA H 547 17.71 12.24 -99.65
C ALA H 547 16.90 13.44 -99.16
N GLN H 548 15.67 13.63 -99.66
CA GLN H 548 14.87 14.76 -99.21
C GLN H 548 14.58 14.69 -97.72
N LEU H 549 14.67 13.51 -97.12
CA LEU H 549 14.41 13.33 -95.69
C LEU H 549 15.69 13.16 -94.89
N ALA H 550 16.84 13.02 -95.54
CA ALA H 550 18.10 12.90 -94.82
C ALA H 550 18.38 14.08 -93.90
N PRO H 551 18.10 15.33 -94.27
CA PRO H 551 18.37 16.45 -93.35
C PRO H 551 17.74 16.29 -91.99
N LEU H 552 16.61 15.60 -91.89
CA LEU H 552 16.02 15.30 -90.59
C LEU H 552 16.53 14.00 -90.00
N PHE H 553 16.84 13.01 -90.83
CA PHE H 553 17.36 11.73 -90.35
C PHE H 553 18.83 11.91 -90.01
N GLY H 554 19.06 12.61 -88.90
CA GLY H 554 20.42 12.87 -88.45
C GLY H 554 21.10 11.63 -87.92
N LEU H 555 22.05 11.83 -87.02
CA LEU H 555 22.80 10.71 -86.44
C LEU H 555 22.03 10.05 -85.31
N GLU H 556 21.40 10.85 -84.44
CA GLU H 556 20.75 10.28 -83.27
C GLU H 556 19.55 9.42 -83.66
N GLN H 557 18.83 9.79 -84.71
CA GLN H 557 17.70 8.97 -85.14
C GLN H 557 18.17 7.63 -85.68
N ASP H 558 19.23 7.64 -86.48
CA ASP H 558 19.80 6.38 -86.96
C ASP H 558 20.31 5.53 -85.81
N ARG H 559 20.92 6.17 -84.81
CA ARG H 559 21.43 5.43 -83.66
C ARG H 559 20.28 4.80 -82.88
N TYR H 560 19.19 5.54 -82.70
CA TYR H 560 18.03 4.98 -82.00
C TYR H 560 17.43 3.83 -82.78
N MET H 561 17.36 3.95 -84.11
CA MET H 561 16.84 2.86 -84.92
C MET H 561 17.69 1.61 -84.78
N THR H 562 19.01 1.75 -84.93
CA THR H 562 19.89 0.61 -84.78
C THR H 562 19.83 0.02 -83.38
N ALA H 563 19.69 0.87 -82.36
CA ALA H 563 19.60 0.38 -80.99
C ALA H 563 18.31 -0.39 -80.78
N GLN H 564 17.21 0.09 -81.35
CA GLN H 564 15.95 -0.66 -81.26
C GLN H 564 16.09 -2.02 -81.93
N ILE H 565 16.70 -2.04 -83.12
CA ILE H 565 16.91 -3.31 -83.81
C ILE H 565 17.72 -4.25 -82.92
N PHE H 566 18.78 -3.74 -82.32
CA PHE H 566 19.61 -4.57 -81.44
C PHE H 566 18.79 -5.10 -80.28
N GLU H 567 18.11 -4.22 -79.56
CA GLU H 567 17.23 -4.65 -78.48
C GLU H 567 16.32 -5.79 -78.94
N LEU H 568 15.79 -5.68 -80.16
CA LEU H 568 14.97 -6.75 -80.70
C LEU H 568 15.79 -8.03 -80.88
N MET H 569 17.08 -7.89 -81.18
CA MET H 569 17.95 -9.04 -81.41
C MET H 569 19.03 -9.19 -80.35
N GLY H 570 19.85 -8.16 -80.15
CA GLY H 570 20.89 -8.20 -79.14
C GLY H 570 20.81 -7.02 -78.19
N ILE H 571 20.56 -7.29 -76.91
CA ILE H 571 20.21 -6.24 -75.96
C ILE H 571 21.37 -5.28 -75.73
N LYS H 572 22.48 -5.80 -75.21
CA LYS H 572 23.60 -4.96 -74.78
C LYS H 572 24.35 -4.44 -76.01
N ASP H 573 24.11 -3.17 -76.32
CA ASP H 573 24.78 -2.53 -77.44
C ASP H 573 25.99 -1.72 -77.01
N THR H 574 26.04 -1.30 -75.75
CA THR H 574 27.15 -0.49 -75.27
C THR H 574 28.39 -1.34 -75.03
N HIS H 575 28.22 -2.66 -75.01
CA HIS H 575 29.33 -3.56 -74.65
C HIS H 575 30.53 -3.36 -75.57
N LYS H 576 30.32 -2.79 -76.74
CA LYS H 576 31.38 -2.72 -77.75
C LYS H 576 31.44 -1.36 -78.42
N TYR H 577 32.14 -1.28 -79.55
CA TYR H 577 32.57 -0.03 -80.16
C TYR H 577 31.52 1.07 -80.09
N LEU H 578 30.25 0.75 -80.33
CA LEU H 578 29.19 1.74 -80.34
C LEU H 578 29.09 2.42 -78.99
N LEU H 579 29.09 3.75 -79.03
CA LEU H 579 29.19 4.57 -77.84
C LEU H 579 27.91 5.36 -77.63
N PRO H 580 27.45 5.53 -76.39
CA PRO H 580 26.27 6.37 -76.15
C PRO H 580 26.51 7.80 -76.62
N LEU H 581 25.57 8.31 -77.40
CA LEU H 581 25.76 9.61 -78.03
C LEU H 581 26.15 10.69 -77.04
N GLU H 582 25.80 10.53 -75.76
CA GLU H 582 26.11 11.55 -74.77
C GLU H 582 27.60 11.83 -74.69
N GLN H 583 28.43 10.80 -74.87
CA GLN H 583 29.88 10.92 -74.76
C GLN H 583 30.58 10.78 -76.10
N TYR H 584 29.87 11.02 -77.20
CA TYR H 584 30.45 10.94 -78.54
C TYR H 584 30.91 12.34 -78.93
N GLN H 585 32.22 12.57 -78.83
CA GLN H 585 32.77 13.83 -79.30
C GLN H 585 32.89 13.83 -80.82
N PRO H 586 32.80 14.99 -81.45
CA PRO H 586 32.82 15.04 -82.92
C PRO H 586 34.18 14.61 -83.45
N PRO H 587 34.26 14.21 -84.72
CA PRO H 587 35.54 13.75 -85.26
C PRO H 587 36.51 14.91 -85.47
N GLU H 588 37.80 14.59 -85.35
CA GLU H 588 38.84 15.57 -85.54
C GLU H 588 39.17 15.69 -87.03
N PRO H 589 38.93 16.82 -87.67
CA PRO H 589 39.24 16.93 -89.11
C PRO H 589 40.72 16.67 -89.37
N SER H 590 41.01 16.18 -90.57
CA SER H 590 42.35 15.81 -90.97
C SER H 590 43.04 16.96 -91.69
N PRO H 591 44.37 16.91 -91.83
CA PRO H 591 45.07 17.99 -92.54
C PRO H 591 44.79 18.03 -94.03
N MET H 592 44.18 16.99 -94.59
CA MET H 592 43.97 16.94 -96.04
C MET H 592 43.03 18.04 -96.50
N GLU H 593 41.83 18.11 -95.91
CA GLU H 593 40.89 19.15 -96.29
C GLU H 593 41.44 20.53 -95.93
N ILE H 594 42.24 20.62 -94.88
CA ILE H 594 42.82 21.90 -94.48
C ILE H 594 43.76 22.40 -95.57
N LEU H 595 44.69 21.56 -96.00
CA LEU H 595 45.63 21.97 -97.04
C LEU H 595 44.93 22.16 -98.38
N GLN H 596 43.83 21.44 -98.63
CA GLN H 596 43.08 21.66 -99.85
C GLN H 596 42.42 23.03 -99.84
N LEU H 597 41.82 23.41 -98.70
CA LEU H 597 41.27 24.75 -98.56
C LEU H 597 42.36 25.79 -98.72
N GLU H 598 43.54 25.55 -98.15
CA GLU H 598 44.64 26.49 -98.28
C GLU H 598 45.05 26.66 -99.74
N MET H 599 45.12 25.55 -100.48
CA MET H 599 45.47 25.63 -101.89
C MET H 599 44.42 26.39 -102.69
N THR H 600 43.15 26.12 -102.42
CA THR H 600 42.08 26.85 -103.11
C THR H 600 42.17 28.34 -102.80
N LYS H 601 42.44 28.69 -101.55
CA LYS H 601 42.58 30.09 -101.17
C LYS H 601 43.75 30.73 -101.90
N ALA H 602 44.89 30.05 -101.96
CA ALA H 602 46.04 30.59 -102.67
C ALA H 602 45.72 30.78 -104.14
N GLN H 603 44.99 29.84 -104.74
CA GLN H 603 44.68 29.93 -106.16
C GLN H 603 43.76 31.12 -106.44
N VAL H 604 42.70 31.27 -105.64
CA VAL H 604 41.82 32.41 -105.84
C VAL H 604 42.54 33.72 -105.56
N GLU H 605 43.47 33.73 -104.60
CA GLU H 605 44.22 34.94 -104.34
C GLU H 605 45.14 35.29 -105.51
N ASN H 606 45.75 34.28 -106.12
CA ASN H 606 46.54 34.54 -107.33
C ASN H 606 45.66 35.05 -108.46
N VAL H 607 44.45 34.53 -108.57
CA VAL H 607 43.52 35.02 -109.59
C VAL H 607 43.23 36.50 -109.39
N GLN H 608 42.90 36.87 -108.15
CA GLN H 608 42.64 38.28 -107.85
C GLN H 608 43.89 39.13 -108.07
N ALA H 609 45.07 38.57 -107.77
CA ALA H 609 46.31 39.31 -107.99
C ALA H 609 46.51 39.60 -109.47
N SER H 610 46.25 38.62 -110.33
CA SER H 610 46.36 38.86 -111.76
C SER H 610 45.32 39.86 -112.23
N SER H 611 44.10 39.76 -111.70
CA SER H 611 43.06 40.72 -112.07
C SER H 611 43.48 42.14 -111.74
N GLN H 612 44.09 42.33 -110.56
CA GLN H 612 44.54 43.66 -110.17
C GLN H 612 45.76 44.09 -110.96
N LYS H 613 46.65 43.16 -111.29
CA LYS H 613 47.83 43.48 -112.09
C LYS H 613 47.43 43.98 -113.47
N MET H 614 46.32 43.46 -114.00
CA MET H 614 45.83 43.95 -115.28
C MET H 614 45.59 45.45 -115.24
N ILE H 615 44.75 45.90 -114.30
CA ILE H 615 44.46 47.33 -114.20
C ILE H 615 45.70 48.10 -113.80
N ALA H 616 46.60 47.49 -113.03
CA ALA H 616 47.84 48.16 -112.66
C ALA H 616 48.66 48.52 -113.90
N ASP H 617 48.89 47.53 -114.77
CA ASP H 617 49.64 47.80 -115.99
C ASP H 617 48.88 48.73 -116.92
N ALA H 618 47.54 48.67 -116.91
CA ALA H 618 46.77 49.62 -117.70
C ALA H 618 47.04 51.05 -117.25
N PHE H 619 46.97 51.30 -115.94
CA PHE H 619 47.27 52.62 -115.42
C PHE H 619 48.72 53.00 -115.69
N ASP H 620 49.62 52.02 -115.67
CA ASP H 620 51.02 52.31 -115.99
C ASP H 620 51.16 52.81 -117.43
N GLN H 621 50.49 52.14 -118.38
CA GLN H 621 50.53 52.59 -119.76
C GLN H 621 49.91 53.97 -119.92
N ARG H 622 48.82 54.23 -119.19
CA ARG H 622 48.20 55.55 -119.24
C ARG H 622 49.18 56.62 -118.77
N GLU H 623 49.85 56.36 -117.64
CA GLU H 623 50.82 57.32 -117.12
C GLU H 623 51.99 57.49 -118.08
N ARG H 624 52.40 56.41 -118.75
CA ARG H 624 53.49 56.51 -119.71
C ARG H 624 53.09 57.37 -120.90
N THR H 625 51.86 57.22 -121.38
CA THR H 625 51.39 58.08 -122.47
C THR H 625 51.33 59.54 -122.01
N THR H 626 50.89 59.78 -120.78
CA THR H 626 50.89 61.14 -120.25
C THR H 626 52.31 61.71 -120.20
N PHE H 627 53.27 60.91 -119.75
CA PHE H 627 54.65 61.36 -119.71
C PHE H 627 55.19 61.63 -121.11
N GLU H 628 54.76 60.84 -122.09
CA GLU H 628 55.18 61.08 -123.47
C GLU H 628 54.62 62.41 -123.98
N GLN H 629 53.36 62.71 -123.66
CA GLN H 629 52.80 64.00 -124.02
C GLN H 629 53.56 65.13 -123.34
N GLN H 630 53.95 64.91 -122.08
CA GLN H 630 54.76 65.90 -121.38
C GLN H 630 56.09 66.14 -122.09
N LYS H 631 56.74 65.05 -122.51
CA LYS H 631 58.02 65.20 -123.22
C LYS H 631 57.82 65.91 -124.55
N ALA H 632 56.70 65.66 -125.22
CA ALA H 632 56.42 66.37 -126.46
C ALA H 632 56.26 67.86 -126.21
N ALA H 633 55.56 68.23 -125.14
CA ALA H 633 55.42 69.64 -124.79
C ALA H 633 56.78 70.26 -124.47
N ASP H 634 57.62 69.52 -123.74
CA ASP H 634 58.95 70.02 -123.42
C ASP H 634 59.78 70.23 -124.69
N GLU H 635 59.65 69.31 -125.64
CA GLU H 635 60.38 69.45 -126.90
C GLU H 635 59.87 70.64 -127.70
N LEU H 636 58.56 70.90 -127.64
CA LEU H 636 58.03 72.09 -128.31
C LEU H 636 58.57 73.36 -127.67
N SER H 637 58.66 73.38 -126.33
CA SER H 637 59.23 74.53 -125.66
C SER H 637 60.70 74.73 -126.04
N LEU H 638 61.45 73.62 -126.14
CA LEU H 638 62.84 73.72 -126.56
C LEU H 638 62.95 74.20 -128.00
N ARG H 639 62.00 73.80 -128.85
CA ARG H 639 61.96 74.31 -130.22
C ARG H 639 61.76 75.81 -130.24
N GLN H 640 60.83 76.30 -129.42
CA GLN H 640 60.63 77.75 -129.33
C GLN H 640 61.89 78.45 -128.81
N GLU H 641 62.58 77.83 -127.85
CA GLU H 641 63.82 78.41 -127.34
C GLU H 641 64.87 78.49 -128.44
N GLU H 642 65.00 77.42 -129.22
CA GLU H 642 65.96 77.43 -130.33
C GLU H 642 65.58 78.46 -131.38
N LEU H 643 64.28 78.66 -131.61
CA LEU H 643 63.85 79.71 -132.53
C LEU H 643 64.26 81.08 -132.01
N GLN H 644 64.05 81.33 -130.71
CA GLN H 644 64.51 82.58 -130.12
C GLN H 644 66.01 82.75 -130.30
N PHE H 645 66.77 81.69 -130.06
CA PHE H 645 68.21 81.76 -130.22
C PHE H 645 68.59 82.13 -131.66
N LYS H 646 68.00 81.44 -132.63
CA LYS H 646 68.33 81.68 -134.03
C LYS H 646 67.95 83.10 -134.43
N GLN H 647 66.79 83.58 -133.97
CA GLN H 647 66.38 84.93 -134.35
C GLN H 647 67.27 85.98 -133.73
N GLU H 648 67.69 85.79 -132.48
CA GLU H 648 68.64 86.72 -131.87
C GLU H 648 69.97 86.70 -132.63
N ASN H 649 70.45 85.51 -133.00
CA ASN H 649 71.69 85.41 -133.75
C ASN H 649 71.59 86.16 -135.07
N ALA H 650 70.52 85.91 -135.83
CA ALA H 650 70.35 86.57 -137.12
C ALA H 650 70.22 88.08 -136.95
N ALA H 651 69.50 88.52 -135.92
CA ALA H 651 69.32 89.95 -135.72
C ALA H 651 70.65 90.63 -135.41
N ASP H 652 71.44 90.06 -134.50
CA ASP H 652 72.72 90.67 -134.18
C ASP H 652 73.66 90.62 -135.37
N ALA H 653 73.63 89.53 -136.14
CA ALA H 653 74.51 89.42 -137.30
C ALA H 653 74.18 90.48 -138.34
N MET H 654 72.90 90.61 -138.70
CA MET H 654 72.51 91.60 -139.69
C MET H 654 72.73 93.03 -139.18
N THR H 655 72.47 93.29 -137.89
CA THR H 655 72.74 94.61 -137.35
C THR H 655 74.23 94.94 -137.41
N LEU H 656 75.10 93.97 -137.15
CA LEU H 656 76.54 94.20 -137.27
C LEU H 656 76.91 94.46 -138.73
N GLU H 657 76.40 93.65 -139.64
CA GLU H 657 76.73 93.82 -141.05
C GLU H 657 76.25 95.16 -141.57
N ASN H 658 75.14 95.68 -141.04
CA ASN H 658 74.62 96.96 -141.50
C ASN H 658 75.38 98.13 -140.87
N ARG H 659 75.42 98.19 -139.54
CA ARG H 659 76.01 99.32 -138.83
C ARG H 659 77.53 99.26 -138.82
N LYS H 660 78.12 98.12 -138.46
CA LYS H 660 79.57 98.00 -138.37
C LYS H 660 80.24 97.95 -139.74
N GLU H 661 79.48 97.72 -140.81
CA GLU H 661 80.05 97.67 -142.15
C GLU H 661 79.18 98.45 -143.13
N PRO I 4 92.32 -58.91 3.61
CA PRO I 4 91.41 -58.98 4.74
C PRO I 4 90.31 -60.03 4.56
N THR I 5 89.69 -60.06 3.39
CA THR I 5 88.62 -61.01 3.12
C THR I 5 88.44 -61.12 1.60
N LEU I 6 87.79 -62.20 1.18
CA LEU I 6 87.53 -62.40 -0.24
C LEU I 6 86.79 -61.19 -0.82
N PHE I 7 85.78 -60.70 -0.13
CA PHE I 7 85.05 -59.51 -0.54
C PHE I 7 84.69 -58.69 0.69
N VAL I 8 84.83 -57.38 0.58
CA VAL I 8 84.48 -56.45 1.64
C VAL I 8 83.07 -55.95 1.36
N SER I 9 82.14 -56.28 2.26
CA SER I 9 80.73 -56.00 2.06
C SER I 9 80.24 -54.86 2.95
N TYR I 10 80.49 -54.94 4.25
CA TYR I 10 80.11 -53.89 5.19
C TYR I 10 81.21 -53.57 6.18
N ASP I 11 82.38 -54.18 6.04
CA ASP I 11 83.50 -53.96 6.96
C ASP I 11 84.21 -52.64 6.72
N GLN I 12 83.71 -51.79 5.82
CA GLN I 12 84.34 -50.51 5.57
C GLN I 12 84.42 -49.70 6.86
N ASN I 13 85.57 -49.06 7.09
CA ASN I 13 85.80 -48.24 8.26
C ASN I 13 85.86 -46.78 7.82
N GLY I 14 85.09 -45.93 8.49
CA GLY I 14 85.00 -44.54 8.10
C GLY I 14 83.83 -44.29 7.17
N LYS I 15 82.67 -44.83 7.52
CA LYS I 15 81.50 -44.71 6.66
C LYS I 15 81.10 -43.25 6.52
N LYS I 16 80.16 -43.00 5.59
CA LYS I 16 79.77 -41.63 5.28
C LYS I 16 78.86 -41.04 6.35
N LEU I 17 78.04 -41.88 6.99
CA LEU I 17 77.16 -41.42 8.08
C LEU I 17 76.25 -40.29 7.59
N SER I 18 75.39 -40.66 6.63
CA SER I 18 74.59 -39.72 5.86
C SER I 18 74.06 -38.55 6.68
N PHE I 19 73.16 -38.82 7.62
CA PHE I 19 72.64 -37.80 8.53
C PHE I 19 72.20 -36.56 7.76
N ALA I 20 71.09 -36.72 7.04
CA ALA I 20 70.52 -35.66 6.21
C ALA I 20 70.46 -34.32 6.96
N ASN I 21 70.41 -34.36 8.29
CA ASN I 21 70.48 -33.15 9.10
C ASN I 21 69.28 -32.24 8.91
N TRP I 22 68.09 -32.77 9.16
CA TRP I 22 66.88 -31.96 9.27
C TRP I 22 66.04 -32.50 10.41
N ILE I 23 65.37 -31.59 11.12
CA ILE I 23 64.56 -31.94 12.29
C ILE I 23 63.18 -31.33 12.10
N SER I 24 62.14 -32.14 12.29
CA SER I 24 60.77 -31.72 12.12
C SER I 24 60.07 -31.86 13.47
N VAL I 25 59.95 -30.73 14.18
CA VAL I 25 59.38 -30.76 15.53
C VAL I 25 57.89 -31.09 15.47
N LEU I 26 57.17 -30.47 14.54
CA LEU I 26 55.72 -30.64 14.45
C LEU I 26 55.05 -30.32 15.78
N SER I 27 55.47 -29.22 16.40
CA SER I 27 54.87 -28.73 17.63
C SER I 27 53.86 -27.66 17.27
N PRO I 28 52.55 -27.89 17.43
CA PRO I 28 51.57 -26.88 17.00
C PRO I 28 51.81 -25.50 17.58
N GLN I 29 51.69 -24.47 16.75
CA GLN I 29 51.86 -23.09 17.19
C GLN I 29 50.74 -22.28 16.54
N ASP I 30 49.66 -22.03 17.30
CA ASP I 30 48.51 -21.29 16.79
C ASP I 30 48.34 -19.95 17.50
N THR I 31 48.21 -19.96 18.82
CA THR I 31 48.07 -18.75 19.62
C THR I 31 47.10 -17.75 18.99
N PRO I 32 45.85 -18.15 18.72
CA PRO I 32 44.89 -17.20 18.15
C PRO I 32 44.41 -16.18 19.17
N PHE I 33 44.11 -16.61 20.39
CA PHE I 33 43.59 -15.70 21.40
C PHE I 33 44.62 -14.64 21.76
N VAL I 34 45.85 -15.06 22.04
CA VAL I 34 46.90 -14.09 22.37
C VAL I 34 47.16 -13.16 21.20
N SER I 35 46.95 -13.65 19.98
CA SER I 35 47.17 -12.80 18.81
C SER I 35 46.07 -11.76 18.65
N MET I 36 44.82 -12.12 18.96
CA MET I 36 43.70 -11.21 18.72
C MET I 36 43.39 -10.29 19.90
N THR I 37 43.77 -10.67 21.12
CA THR I 37 43.40 -9.87 22.28
C THR I 37 43.99 -8.46 22.20
N GLY I 38 45.31 -8.35 22.23
CA GLY I 38 45.99 -7.08 22.22
C GLY I 38 47.17 -7.12 23.17
N LYS I 39 47.56 -5.93 23.63
CA LYS I 39 48.69 -5.80 24.55
C LYS I 39 48.52 -4.55 25.38
N GLU I 40 49.06 -4.60 26.60
CA GLU I 40 49.00 -3.46 27.52
C GLU I 40 49.92 -3.73 28.69
N SER I 41 50.30 -2.66 29.37
CA SER I 41 51.23 -2.72 30.49
C SER I 41 50.54 -2.29 31.77
N ILE I 42 51.05 -2.79 32.89
CA ILE I 42 50.55 -2.42 34.21
C ILE I 42 51.71 -2.46 35.20
N ASN I 43 51.93 -1.36 35.89
CA ASN I 43 52.96 -1.27 36.92
C ASN I 43 52.38 -1.60 38.30
N GLN I 44 51.75 -2.76 38.42
CA GLN I 44 51.17 -3.21 39.67
C GLN I 44 50.74 -4.66 39.51
N THR I 45 50.82 -5.42 40.61
CA THR I 45 50.46 -6.83 40.58
C THR I 45 48.98 -7.08 40.40
N ILE I 46 48.14 -6.05 40.52
CA ILE I 46 46.70 -6.19 40.36
C ILE I 46 46.21 -5.09 39.43
N PHE I 47 45.28 -5.43 38.55
CA PHE I 47 44.76 -4.50 37.57
C PHE I 47 43.23 -4.57 37.60
N SER I 48 42.60 -3.44 37.89
CA SER I 48 41.15 -3.36 38.06
C SER I 48 40.55 -2.41 37.03
N TRP I 49 39.32 -2.71 36.62
CA TRP I 49 38.55 -1.86 35.73
C TRP I 49 37.20 -1.55 36.35
N GLN I 50 36.57 -0.48 35.86
CA GLN I 50 35.33 0.02 36.40
C GLN I 50 34.21 -0.11 35.37
N THR I 51 33.08 -0.66 35.79
CA THR I 51 31.95 -0.90 34.90
C THR I 51 30.91 0.20 35.06
N ASP I 52 29.74 0.01 34.42
CA ASP I 52 28.65 0.97 34.51
C ASP I 52 27.34 0.24 34.21
N ALA I 53 26.41 0.29 35.16
CA ALA I 53 25.11 -0.36 35.02
C ALA I 53 24.04 0.72 35.05
N LEU I 54 23.44 0.98 33.88
CA LEU I 54 22.38 1.97 33.80
C LEU I 54 21.16 1.51 34.60
N ALA I 55 20.20 2.43 34.74
CA ALA I 55 18.97 2.15 35.47
C ALA I 55 18.10 1.16 34.73
N SER I 56 16.94 0.84 35.29
CA SER I 56 16.02 -0.12 34.69
C SER I 56 15.36 0.52 33.47
N VAL I 57 14.41 -0.19 32.86
CA VAL I 57 13.73 0.33 31.67
C VAL I 57 13.13 1.70 31.94
N ASP I 58 12.75 1.98 33.19
CA ASP I 58 12.23 3.29 33.57
C ASP I 58 11.01 3.65 32.73
N GLY I 59 9.94 2.91 32.98
CA GLY I 59 8.71 3.05 32.23
C GLY I 59 7.98 4.34 32.57
N ASN I 60 6.67 4.24 32.82
CA ASN I 60 5.82 5.41 33.04
C ASN I 60 6.55 6.49 33.80
N ASN I 61 6.65 7.67 33.18
CA ASN I 61 7.41 8.78 33.76
C ASN I 61 6.79 10.07 33.24
N ALA I 62 6.02 10.74 34.10
CA ALA I 62 5.38 12.01 33.74
C ALA I 62 5.34 12.90 34.97
N HIS I 63 6.08 14.00 34.92
CA HIS I 63 6.17 14.94 36.04
C HIS I 63 5.40 16.20 35.69
N VAL I 64 4.68 16.73 36.68
CA VAL I 64 3.85 17.91 36.49
C VAL I 64 4.73 19.13 36.27
N GLU I 65 4.12 20.23 35.84
CA GLU I 65 4.87 21.45 35.53
C GLU I 65 5.79 21.88 36.68
N GLY I 66 5.40 21.59 37.92
CA GLY I 66 6.17 22.00 39.06
C GLY I 66 6.82 20.85 39.82
N SER I 67 6.32 20.60 41.04
CA SER I 67 6.79 19.50 41.88
C SER I 67 8.18 19.76 42.44
N ARG I 68 8.77 20.91 42.11
CA ARG I 68 10.09 21.28 42.62
C ARG I 68 11.17 20.28 42.19
N ALA I 69 10.84 19.42 41.22
CA ALA I 69 11.79 18.49 40.62
C ALA I 69 12.61 17.78 41.69
N GLU I 70 11.90 17.10 42.59
CA GLU I 70 12.52 16.35 43.67
C GLU I 70 12.46 14.85 43.38
N ASP I 71 13.13 14.07 44.22
CA ASP I 71 13.14 12.61 44.13
C ASP I 71 13.77 12.14 42.82
N GLY I 72 15.04 12.54 42.65
CA GLY I 72 15.86 11.99 41.61
C GLY I 72 16.38 10.61 41.96
N GLU I 73 17.11 10.02 41.02
CA GLU I 73 17.69 8.70 41.22
C GLU I 73 18.98 8.60 40.43
N MET I 74 19.88 7.74 40.90
CA MET I 74 21.15 7.50 40.23
C MET I 74 21.60 6.08 40.53
N LYS I 75 22.68 5.67 39.87
CA LYS I 75 23.22 4.33 40.00
C LYS I 75 24.73 4.39 40.14
N PRO I 76 25.32 3.58 41.02
CA PRO I 76 26.79 3.57 41.14
C PRO I 76 27.44 2.59 40.17
N THR I 77 28.76 2.47 40.26
CA THR I 77 29.53 1.57 39.41
C THR I 77 30.02 0.38 40.22
N VAL I 78 30.56 -0.61 39.51
CA VAL I 78 31.10 -1.82 40.11
C VAL I 78 32.58 -1.91 39.75
N ILE I 79 33.35 -2.56 40.60
CA ILE I 79 34.80 -2.68 40.44
C ILE I 79 35.17 -4.14 40.38
N LYS I 80 36.18 -4.46 39.58
CA LYS I 80 36.69 -5.81 39.41
C LYS I 80 38.17 -5.83 39.81
N SER I 81 38.79 -7.00 39.64
CA SER I 81 40.21 -7.17 39.93
C SER I 81 40.65 -8.50 39.37
N ASN I 82 41.96 -8.62 39.16
CA ASN I 82 42.54 -9.87 38.67
C ASN I 82 44.05 -9.79 38.85
N VAL I 83 44.63 -10.80 39.50
CA VAL I 83 46.06 -10.84 39.79
C VAL I 83 46.82 -11.36 38.57
N THR I 84 48.13 -11.20 38.59
CA THR I 84 48.98 -11.65 37.49
C THR I 84 49.49 -13.06 37.75
N GLN I 85 50.26 -13.59 36.80
CA GLN I 85 50.74 -14.96 36.85
C GLN I 85 52.19 -15.00 36.37
N ILE I 86 52.97 -15.90 36.95
CA ILE I 86 54.36 -16.13 36.56
C ILE I 86 54.41 -17.35 35.66
N LEU I 87 55.24 -17.29 34.63
CA LEU I 87 55.38 -18.37 33.65
C LEU I 87 56.85 -18.59 33.29
N ARG I 88 57.70 -18.59 34.32
CA ARG I 88 59.13 -18.73 34.09
C ARG I 88 59.49 -20.15 33.69
N LYS I 89 60.66 -20.29 33.08
CA LYS I 89 61.24 -21.59 32.75
C LYS I 89 62.74 -21.51 33.04
N VAL I 90 63.40 -22.66 32.95
CA VAL I 90 64.83 -22.75 33.23
C VAL I 90 65.45 -23.76 32.27
N VAL I 91 66.76 -23.66 32.11
CA VAL I 91 67.48 -24.52 31.17
C VAL I 91 68.66 -25.15 31.91
N ARG I 92 69.00 -26.37 31.50
CA ARG I 92 70.21 -27.04 31.96
C ARG I 92 70.99 -27.40 30.72
N VAL I 93 72.15 -26.77 30.52
CA VAL I 93 72.97 -26.98 29.34
C VAL I 93 73.33 -28.46 29.29
N SER I 94 72.94 -29.12 28.20
CA SER I 94 73.13 -30.56 28.08
C SER I 94 74.62 -30.89 28.14
N ASP I 95 74.99 -31.77 29.05
CA ASP I 95 76.37 -32.17 29.20
C ASP I 95 76.94 -32.65 27.86
N THR I 96 78.27 -32.66 27.77
CA THR I 96 79.04 -32.98 26.58
C THR I 96 79.16 -31.78 25.64
N ALA I 97 78.59 -30.63 25.97
CA ALA I 97 78.70 -29.44 25.14
C ALA I 97 79.72 -28.44 25.66
N ASN I 98 79.86 -28.30 26.97
CA ASN I 98 80.77 -27.32 27.55
C ASN I 98 82.17 -27.90 27.73
N THR I 99 82.75 -28.43 26.65
CA THR I 99 84.11 -28.91 26.66
C THR I 99 84.99 -28.15 25.67
N THR I 100 84.59 -28.07 24.42
CA THR I 100 85.27 -27.28 23.39
C THR I 100 84.42 -27.32 22.13
N ALA I 101 84.64 -26.35 21.25
CA ALA I 101 83.95 -26.29 19.98
C ALA I 101 84.82 -26.90 18.89
N ASN I 102 84.46 -28.11 18.47
CA ASN I 102 85.27 -28.83 17.51
C ASN I 102 85.06 -28.27 16.11
N TYR I 103 85.63 -27.10 15.85
CA TYR I 103 85.60 -26.49 14.51
C TYR I 103 84.20 -26.49 13.92
N GLY I 104 83.19 -26.29 14.78
CA GLY I 104 81.82 -26.23 14.31
C GLY I 104 81.40 -24.80 13.98
N ARG I 105 80.42 -24.69 13.07
CA ARG I 105 79.88 -23.40 12.66
C ARG I 105 78.59 -23.15 13.45
N GLY I 106 78.77 -22.68 14.68
CA GLY I 106 77.66 -22.37 15.55
C GLY I 106 77.31 -23.48 16.52
N ARG I 107 77.37 -23.17 17.81
CA ARG I 107 76.94 -24.10 18.86
C ARG I 107 76.52 -23.25 20.06
N GLU I 108 75.23 -23.00 20.17
CA GLU I 108 74.71 -22.08 21.17
C GLU I 108 73.48 -22.70 21.83
N LEU I 109 73.06 -22.09 22.93
CA LEU I 109 71.88 -22.58 23.65
C LEU I 109 70.59 -22.11 23.00
N MET I 110 70.69 -21.30 21.94
CA MET I 110 69.49 -20.79 21.30
C MET I 110 68.56 -21.91 20.86
N TYR I 111 69.14 -23.05 20.47
CA TYR I 111 68.33 -24.19 20.05
C TYR I 111 67.35 -24.60 21.14
N GLN I 112 67.79 -24.57 22.39
CA GLN I 112 66.92 -24.90 23.51
C GLN I 112 66.08 -23.70 23.97
N LEU I 113 66.63 -22.48 23.86
CA LEU I 113 65.91 -21.32 24.34
C LEU I 113 64.68 -21.03 23.48
N GLU I 114 64.79 -21.23 22.16
CA GLU I 114 63.62 -21.04 21.30
C GLU I 114 62.56 -22.09 21.57
N LYS I 115 62.99 -23.33 21.83
CA LYS I 115 62.05 -24.38 22.22
C LYS I 115 61.34 -23.99 23.52
N LYS I 116 62.09 -23.46 24.48
CA LYS I 116 61.49 -23.04 25.74
C LYS I 116 60.50 -21.89 25.53
N GLY I 117 60.82 -20.96 24.63
CA GLY I 117 59.89 -19.88 24.35
C GLY I 117 58.61 -20.38 23.71
N LYS I 118 58.73 -21.32 22.77
CA LYS I 118 57.54 -21.93 22.18
C LYS I 118 56.71 -22.64 23.24
N GLU I 119 57.37 -23.40 24.13
CA GLU I 119 56.64 -24.09 25.17
C GLU I 119 55.97 -23.10 26.12
N ILE I 120 56.61 -21.96 26.37
CA ILE I 120 56.01 -20.95 27.23
C ILE I 120 54.79 -20.34 26.58
N LYS I 121 54.84 -20.08 25.28
CA LYS I 121 53.66 -19.57 24.58
C LYS I 121 52.52 -20.58 24.64
N ARG I 122 52.84 -21.86 24.45
CA ARG I 122 51.82 -22.91 24.53
C ARG I 122 51.22 -22.97 25.94
N ASP I 123 52.06 -22.87 26.96
CA ASP I 123 51.58 -22.89 28.34
C ASP I 123 50.70 -21.68 28.62
N LEU I 124 51.06 -20.52 28.07
CA LEU I 124 50.25 -19.32 28.25
C LEU I 124 48.89 -19.51 27.59
N GLU I 125 48.86 -20.13 26.42
CA GLU I 125 47.59 -20.40 25.76
C GLU I 125 46.73 -21.35 26.58
N LYS I 126 47.33 -22.42 27.11
CA LYS I 126 46.56 -23.41 27.86
C LYS I 126 46.13 -22.91 29.23
N ILE I 127 46.87 -21.97 29.82
CA ILE I 127 46.66 -21.62 31.23
C ILE I 127 45.61 -20.52 31.36
N LEU I 128 45.51 -19.64 30.38
CA LEU I 128 44.56 -18.52 30.47
C LEU I 128 43.12 -18.95 30.37
N LEU I 129 42.81 -20.22 30.11
CA LEU I 129 41.43 -20.60 29.80
C LEU I 129 40.96 -21.82 30.58
N SER I 130 41.89 -22.64 31.07
CA SER I 130 41.51 -23.99 31.50
C SER I 130 40.89 -24.01 32.89
N GLY I 131 41.68 -23.70 33.92
CA GLY I 131 41.18 -23.85 35.28
C GLY I 131 41.63 -22.86 36.31
N GLN I 132 42.47 -21.89 35.95
CA GLN I 132 42.96 -20.93 36.93
C GLN I 132 41.96 -19.80 37.08
N ALA I 133 41.40 -19.65 38.28
CA ALA I 133 40.40 -18.62 38.57
C ALA I 133 40.79 -17.89 39.85
N ARG I 134 41.68 -16.90 39.72
CA ARG I 134 42.03 -15.99 40.80
C ARG I 134 42.25 -16.75 42.12
N THR I 135 43.29 -17.58 42.11
CA THR I 135 43.62 -18.39 43.27
C THR I 135 43.52 -17.57 44.55
N ASP I 136 43.00 -18.20 45.60
CA ASP I 136 42.72 -17.54 46.86
C ASP I 136 44.04 -17.19 47.56
N VAL I 137 44.66 -16.12 47.10
CA VAL I 137 45.89 -15.60 47.70
C VAL I 137 45.60 -14.48 48.69
N LEU I 138 44.54 -13.71 48.45
CA LEU I 138 44.10 -12.64 49.34
C LEU I 138 42.61 -12.77 49.62
N ALA I 139 42.16 -13.98 49.93
CA ALA I 139 40.75 -14.25 50.19
C ALA I 139 40.42 -13.80 51.62
N ASP I 140 39.25 -14.20 52.12
CA ASP I 140 38.77 -13.78 53.42
C ASP I 140 38.62 -12.25 53.47
N GLN I 141 37.66 -11.78 52.69
CA GLN I 141 37.37 -10.35 52.54
C GLN I 141 38.52 -9.65 51.79
N TYR I 142 38.74 -10.11 50.56
CA TYR I 142 39.74 -9.48 49.70
C TYR I 142 39.63 -7.96 49.70
N LEU I 143 38.41 -7.42 49.73
CA LEU I 143 38.22 -5.98 49.82
C LEU I 143 38.84 -5.39 51.08
N THR I 144 39.21 -6.23 52.05
CA THR I 144 39.79 -5.77 53.32
C THR I 144 41.31 -5.94 53.31
N ASN I 145 41.94 -5.72 52.15
CA ASN I 145 43.39 -5.73 52.07
C ASN I 145 44.02 -5.00 53.24
N SER I 146 43.51 -3.80 53.54
CA SER I 146 44.01 -2.99 54.65
C SER I 146 45.52 -2.75 54.51
N ALA I 147 45.88 -2.05 53.43
CA ALA I 147 47.27 -1.69 53.15
C ALA I 147 48.13 -2.95 53.01
N ALA I 148 47.82 -3.74 51.98
CA ALA I 148 48.59 -4.88 51.53
C ALA I 148 48.44 -6.10 52.44
N ASP I 149 47.35 -6.21 53.19
CA ASP I 149 47.11 -7.40 54.01
C ASP I 149 48.31 -7.70 54.89
N PRO I 150 48.54 -6.90 55.94
CA PRO I 150 49.73 -7.12 56.78
C PRO I 150 49.76 -8.48 57.45
N ALA I 151 48.71 -9.30 57.31
CA ALA I 151 48.74 -10.65 57.84
C ALA I 151 49.93 -11.44 57.30
N VAL I 152 50.47 -11.04 56.15
CA VAL I 152 51.64 -11.68 55.55
C VAL I 152 52.67 -10.58 55.33
N ALA I 153 53.47 -10.30 56.37
CA ALA I 153 54.48 -9.26 56.30
C ALA I 153 55.88 -9.80 56.55
N GLY I 154 56.11 -10.49 57.66
CA GLY I 154 57.42 -11.03 57.96
C GLY I 154 57.62 -12.43 57.41
N LEU I 155 57.27 -12.62 56.14
CA LEU I 155 57.29 -13.93 55.50
C LEU I 155 58.28 -13.93 54.34
N ASN I 156 58.90 -15.07 54.11
CA ASN I 156 59.90 -15.23 53.07
C ASN I 156 59.22 -15.61 51.76
N ASP I 157 60.02 -15.99 50.76
CA ASP I 157 59.47 -16.36 49.46
C ASP I 157 58.46 -17.49 49.57
N THR I 158 58.64 -18.37 50.55
CA THR I 158 57.78 -19.55 50.69
C THR I 158 56.41 -19.09 51.21
N HIS I 159 55.62 -18.55 50.30
CA HIS I 159 54.32 -17.99 50.63
C HIS I 159 53.17 -18.80 50.05
N ALA I 160 53.07 -18.91 48.73
CA ALA I 160 51.96 -19.59 48.09
C ALA I 160 52.19 -19.56 46.57
N ALA I 161 51.29 -20.22 45.86
CA ALA I 161 51.29 -20.24 44.40
C ALA I 161 50.28 -19.24 43.89
N ARG I 162 50.73 -18.32 43.04
CA ARG I 162 49.88 -17.27 42.49
C ARG I 162 49.38 -17.66 41.11
N LYS I 163 48.11 -17.36 40.85
CA LYS I 163 47.48 -17.67 39.57
C LYS I 163 46.49 -16.57 39.23
N THR I 164 46.38 -16.27 37.94
CA THR I 164 45.52 -15.21 37.47
C THR I 164 44.12 -15.74 37.21
N GLY I 165 43.28 -14.93 36.58
CA GLY I 165 41.91 -15.30 36.29
C GLY I 165 41.70 -15.73 34.86
N ALA I 166 41.13 -16.92 34.66
CA ALA I 166 40.90 -17.44 33.33
C ALA I 166 39.69 -16.76 32.69
N PHE I 167 39.42 -17.16 31.45
CA PHE I 167 38.25 -16.65 30.73
C PHE I 167 36.97 -16.86 31.52
N GLN I 168 36.86 -17.99 32.20
CA GLN I 168 35.61 -18.35 32.85
C GLN I 168 35.32 -17.44 34.05
N PHE I 169 36.32 -17.19 34.88
CA PHE I 169 36.11 -16.40 36.08
C PHE I 169 35.71 -14.98 35.74
N LEU I 170 36.42 -14.35 34.80
CA LEU I 170 36.11 -12.98 34.42
C LEU I 170 34.70 -12.83 33.88
N CYS I 171 34.11 -13.91 33.38
CA CYS I 171 32.73 -13.87 32.90
C CYS I 171 31.79 -13.96 34.12
N ALA I 172 30.49 -13.80 33.88
CA ALA I 172 29.49 -13.83 34.94
C ALA I 172 29.15 -15.28 35.32
N HIS I 173 30.15 -15.97 35.86
CA HIS I 173 29.95 -17.34 36.30
C HIS I 173 28.91 -17.39 37.42
N GLY I 174 28.38 -18.58 37.65
CA GLY I 174 27.34 -18.76 38.64
C GLY I 174 27.88 -19.09 40.01
N GLY I 175 29.10 -19.61 40.08
CA GLY I 175 29.67 -19.97 41.36
C GLY I 175 31.13 -20.37 41.22
N LEU I 176 31.61 -21.04 42.26
CA LEU I 176 33.00 -21.49 42.32
C LEU I 176 33.09 -22.63 43.32
N ALA I 177 33.85 -23.67 42.96
CA ALA I 177 34.02 -24.86 43.81
C ALA I 177 35.49 -24.99 44.18
N GLY I 178 35.90 -24.24 45.20
CA GLY I 178 37.23 -24.39 45.76
C GLY I 178 38.33 -23.90 44.83
N GLY I 179 38.44 -24.56 43.68
CA GLY I 179 39.43 -24.22 42.67
C GLY I 179 38.79 -23.80 41.36
N VAL I 180 38.95 -24.65 40.34
CA VAL I 180 38.37 -24.40 39.03
C VAL I 180 36.88 -24.11 39.20
N VAL I 181 36.35 -23.21 38.36
CA VAL I 181 34.95 -22.83 38.42
C VAL I 181 34.07 -24.05 38.22
N ASP I 182 32.87 -24.04 38.80
CA ASP I 182 31.96 -25.16 38.69
C ASP I 182 31.20 -25.11 37.36
N LYS I 183 30.75 -26.28 36.92
CA LYS I 183 30.08 -26.43 35.63
C LYS I 183 28.69 -27.05 35.79
N THR I 184 28.06 -26.87 36.94
CA THR I 184 26.77 -27.49 37.23
C THR I 184 25.71 -26.45 37.62
N LYS I 185 25.87 -25.21 37.17
CA LYS I 185 24.90 -24.18 37.51
C LYS I 185 25.07 -23.01 36.55
N ASN I 186 23.94 -22.43 36.15
CA ASN I 186 23.95 -21.32 35.21
C ASN I 186 24.44 -20.05 35.91
N GLY I 187 24.55 -18.99 35.12
CA GLY I 187 25.01 -17.72 35.63
C GLY I 187 23.92 -16.97 36.36
N PRO I 188 24.29 -15.91 37.07
CA PRO I 188 23.29 -15.15 37.83
C PRO I 188 22.56 -14.17 36.94
N ALA I 189 21.48 -13.62 37.48
CA ALA I 189 20.68 -12.64 36.77
C ALA I 189 21.34 -11.27 36.83
N ASP I 190 21.54 -10.67 35.66
CA ASP I 190 22.13 -9.35 35.58
C ASP I 190 21.25 -8.33 36.28
N PRO I 191 21.82 -7.35 36.98
CA PRO I 191 20.98 -6.37 37.69
C PRO I 191 20.07 -5.58 36.75
N ASP I 192 20.54 -5.34 35.52
CA ASP I 192 19.75 -4.56 34.58
C ASP I 192 18.65 -5.41 33.95
N THR I 193 19.04 -6.45 33.23
CA THR I 193 18.10 -7.34 32.55
C THR I 193 18.29 -8.77 33.05
N GLY I 194 17.48 -9.68 32.51
CA GLY I 194 17.57 -11.08 32.87
C GLY I 194 18.56 -11.83 32.01
N ALA I 195 19.79 -11.37 31.98
CA ALA I 195 20.83 -11.95 31.15
C ALA I 195 21.49 -13.14 31.83
N VAL I 196 21.95 -14.07 31.02
CA VAL I 196 22.64 -15.28 31.50
C VAL I 196 23.72 -15.61 30.48
N THR I 197 24.97 -15.74 30.94
CA THR I 197 26.11 -15.92 30.07
C THR I 197 26.74 -17.30 30.18
N VAL I 198 26.56 -17.99 31.32
CA VAL I 198 27.24 -19.25 31.56
C VAL I 198 26.19 -20.35 31.74
N LYS I 199 25.08 -20.22 31.02
CA LYS I 199 24.02 -21.22 31.10
C LYS I 199 24.57 -22.60 30.76
N VAL I 200 24.16 -23.59 31.53
CA VAL I 200 24.64 -24.95 31.38
C VAL I 200 23.71 -25.69 30.43
N ALA I 201 24.28 -26.62 29.66
CA ALA I 201 23.50 -27.39 28.71
C ALA I 201 22.61 -28.38 29.45
N GLN I 202 21.39 -28.56 28.94
CA GLN I 202 20.45 -29.47 29.57
C GLN I 202 20.75 -30.92 29.23
N ASN I 203 21.13 -31.19 27.97
CA ASN I 203 21.53 -32.53 27.54
C ASN I 203 20.45 -33.56 27.85
N ALA I 204 19.18 -33.12 27.83
CA ALA I 204 18.07 -34.04 28.08
C ALA I 204 17.61 -34.71 26.79
N SER I 205 17.64 -33.98 25.68
CA SER I 205 17.27 -34.55 24.39
C SER I 205 18.09 -35.81 24.12
N ASN I 206 19.40 -35.64 23.99
CA ASN I 206 20.29 -36.77 23.83
C ASN I 206 20.28 -37.62 25.11
N PRO I 207 20.74 -38.87 25.03
CA PRO I 207 20.80 -39.69 26.25
C PRO I 207 21.81 -39.15 27.24
N THR I 208 21.93 -39.82 28.39
CA THR I 208 22.93 -39.43 29.38
C THR I 208 24.34 -39.88 29.01
N THR I 209 24.53 -40.48 27.84
CA THR I 209 25.83 -40.97 27.41
C THR I 209 26.68 -39.89 26.77
N ASN I 210 26.09 -39.07 25.91
CA ASN I 210 26.83 -37.98 25.28
C ASN I 210 26.87 -36.76 26.20
N ILE I 211 27.79 -35.86 25.88
CA ILE I 211 27.96 -34.60 26.61
C ILE I 211 28.13 -33.50 25.57
N GLY I 212 27.26 -32.50 25.59
CA GLY I 212 27.35 -31.42 24.64
C GLY I 212 26.09 -30.59 24.53
N PHE I 213 25.66 -30.33 23.30
CA PHE I 213 24.57 -29.40 23.06
C PHE I 213 23.24 -30.16 22.93
N ASP I 214 22.18 -29.38 22.67
CA ASP I 214 20.85 -29.92 22.46
C ASP I 214 20.15 -29.26 21.27
N GLU I 215 20.89 -28.56 20.41
CA GLU I 215 20.41 -27.90 19.20
C GLU I 215 19.65 -26.62 19.49
N ALA I 216 19.45 -26.26 20.76
CA ALA I 216 18.74 -25.04 21.13
C ALA I 216 19.50 -24.18 22.12
N ASP I 217 20.42 -24.76 22.89
CA ASP I 217 21.18 -24.00 23.86
C ASP I 217 22.06 -22.93 23.23
N ILE I 218 22.62 -23.19 22.05
CA ILE I 218 23.44 -22.20 21.36
C ILE I 218 22.61 -20.97 21.03
N PHE I 219 21.44 -21.18 20.44
CA PHE I 219 20.58 -20.06 20.09
C PHE I 219 20.09 -19.33 21.33
N ASP I 220 19.88 -20.05 22.43
CA ASP I 220 19.47 -19.39 23.66
C ASP I 220 20.58 -18.51 24.21
N MET I 221 21.83 -18.99 24.16
CA MET I 221 22.95 -18.15 24.59
C MET I 221 23.11 -16.95 23.67
N THR I 222 22.87 -17.13 22.37
CA THR I 222 22.92 -15.98 21.46
C THR I 222 21.86 -14.95 21.83
N LEU I 223 20.64 -15.41 22.14
CA LEU I 223 19.59 -14.51 22.58
C LEU I 223 19.98 -13.79 23.87
N GLN I 224 20.61 -14.52 24.79
CA GLN I 224 21.00 -13.91 26.06
C GLN I 224 22.07 -12.85 25.85
N LEU I 225 23.07 -13.15 25.02
CA LEU I 225 24.10 -12.16 24.72
C LEU I 225 23.49 -10.94 24.05
N TYR I 226 22.56 -11.15 23.11
CA TYR I 226 21.94 -10.04 22.41
C TYR I 226 21.17 -9.15 23.39
N THR I 227 20.27 -9.75 24.17
CA THR I 227 19.49 -8.97 25.13
C THR I 227 20.36 -8.37 26.23
N ALA I 228 21.58 -8.89 26.41
CA ALA I 228 22.51 -8.30 27.37
C ALA I 228 23.21 -7.06 26.81
N GLY I 229 23.29 -6.94 25.48
CA GLY I 229 23.91 -5.80 24.85
C GLY I 229 25.23 -6.07 24.19
N SER I 230 25.74 -7.29 24.27
CA SER I 230 27.03 -7.61 23.67
C SER I 230 26.89 -7.80 22.15
N GLU I 231 28.03 -7.72 21.48
CA GLU I 231 28.13 -7.91 20.03
C GLU I 231 29.14 -8.99 19.71
N ALA I 232 29.22 -10.01 20.55
CA ALA I 232 30.17 -11.10 20.33
C ALA I 232 29.83 -11.83 19.04
N ASP I 233 30.83 -11.99 18.17
CA ASP I 233 30.64 -12.66 16.88
C ASP I 233 31.73 -13.69 16.61
N ILE I 234 32.35 -14.23 17.65
CA ILE I 234 33.43 -15.21 17.52
C ILE I 234 33.19 -16.33 18.52
N ILE I 235 33.51 -17.56 18.10
CA ILE I 235 33.34 -18.73 18.93
C ILE I 235 34.66 -19.50 18.97
N MET I 236 34.99 -20.00 20.15
CA MET I 236 36.20 -20.80 20.36
C MET I 236 35.81 -22.13 20.97
N ILE I 237 36.10 -23.22 20.27
CA ILE I 237 35.69 -24.55 20.67
C ILE I 237 36.84 -25.52 20.45
N ASN I 238 36.88 -26.56 21.29
CA ASN I 238 37.86 -27.62 21.16
C ASN I 238 37.50 -28.51 19.97
N PRO I 239 38.48 -29.00 19.21
CA PRO I 239 38.16 -29.78 18.01
C PRO I 239 37.28 -30.99 18.30
N ALA I 240 37.38 -31.60 19.49
CA ALA I 240 36.57 -32.77 19.79
C ALA I 240 35.09 -32.46 19.64
N HIS I 241 34.69 -31.26 20.04
CA HIS I 241 33.29 -30.84 19.94
C HIS I 241 32.92 -30.31 18.57
N ALA I 242 33.86 -30.23 17.63
CA ALA I 242 33.54 -29.72 16.30
C ALA I 242 32.53 -30.63 15.60
N LYS I 243 32.73 -31.94 15.68
CA LYS I 243 31.83 -32.87 15.02
C LYS I 243 30.40 -32.76 15.54
N ILE I 244 30.21 -32.17 16.72
CA ILE I 244 28.85 -32.01 17.24
C ILE I 244 28.04 -31.08 16.35
N PHE I 245 28.69 -30.04 15.81
CA PHE I 245 27.99 -29.12 14.91
C PHE I 245 27.51 -29.84 13.66
N ALA I 246 28.40 -30.57 13.00
CA ALA I 246 28.03 -31.29 11.79
C ALA I 246 26.99 -32.36 12.08
N GLY I 247 27.07 -32.99 13.25
CA GLY I 247 26.11 -34.03 13.59
C GLY I 247 24.71 -33.47 13.82
N LEU I 248 24.61 -32.45 14.68
CA LEU I 248 23.30 -31.86 14.94
C LEU I 248 22.81 -31.05 13.75
N GLN I 249 23.71 -30.71 12.82
CA GLN I 249 23.30 -30.01 11.61
C GLN I 249 22.15 -30.71 10.91
N GLU I 250 22.11 -32.04 10.98
CA GLU I 250 21.05 -32.82 10.35
C GLU I 250 20.48 -33.90 11.25
N ASN I 251 21.10 -34.22 12.38
CA ASN I 251 20.56 -35.23 13.30
C ASN I 251 19.28 -34.68 13.90
N THR I 252 18.14 -35.08 13.33
CA THR I 252 16.85 -34.57 13.72
C THR I 252 15.79 -35.61 13.40
N GLN I 253 14.52 -35.23 13.52
CA GLN I 253 13.39 -36.09 13.20
C GLN I 253 12.90 -35.90 11.76
N GLY I 254 13.78 -35.46 10.87
CA GLY I 254 13.41 -35.32 9.47
C GLY I 254 13.01 -33.91 9.09
N SER I 255 13.81 -32.93 9.51
CA SER I 255 13.51 -31.52 9.23
C SER I 255 14.69 -30.74 8.67
N ARG I 256 15.93 -31.18 8.87
CA ARG I 256 17.12 -30.48 8.39
C ARG I 256 17.99 -31.42 7.57
N LYS I 257 17.39 -32.08 6.58
CA LYS I 257 18.10 -33.05 5.77
C LYS I 257 19.28 -32.40 5.04
N ARG I 258 20.13 -33.25 4.49
CA ARG I 258 21.18 -32.84 3.58
C ARG I 258 20.95 -33.48 2.21
N ILE I 259 21.41 -32.79 1.17
CA ILE I 259 21.31 -33.29 -0.20
C ILE I 259 22.72 -33.47 -0.74
N PHE I 260 22.98 -34.63 -1.32
CA PHE I 260 24.26 -34.92 -1.97
C PHE I 260 23.92 -35.53 -3.33
N GLU I 261 23.75 -34.66 -4.33
CA GLU I 261 23.46 -35.10 -5.68
C GLU I 261 24.76 -35.58 -6.32
N ASN I 262 24.75 -35.75 -7.65
CA ASN I 262 25.93 -36.24 -8.33
C ASN I 262 27.11 -35.32 -8.08
N THR I 263 28.02 -35.74 -7.19
CA THR I 263 29.16 -34.92 -6.80
C THR I 263 30.19 -35.83 -6.14
N LYS I 264 31.45 -35.65 -6.53
CA LYS I 264 32.55 -36.43 -5.99
C LYS I 264 33.19 -35.68 -4.81
N GLN I 265 32.34 -35.35 -3.85
CA GLN I 265 32.79 -34.57 -2.70
C GLN I 265 31.70 -34.58 -1.63
N PHE I 266 32.11 -34.82 -0.39
CA PHE I 266 31.19 -34.84 0.74
C PHE I 266 31.78 -33.96 1.84
N ILE I 267 31.24 -32.75 1.99
CA ILE I 267 31.67 -31.82 3.02
C ILE I 267 30.91 -32.12 4.30
N TYR I 268 31.63 -32.12 5.42
CA TYR I 268 31.06 -32.41 6.72
C TYR I 268 31.54 -31.38 7.75
N GLU I 269 31.50 -30.10 7.37
CA GLU I 269 32.03 -29.03 8.18
C GLU I 269 30.97 -27.97 8.41
N VAL I 270 31.07 -27.30 9.56
CA VAL I 270 30.21 -26.18 9.90
C VAL I 270 31.07 -25.05 10.41
N ASN I 271 31.41 -24.10 9.54
CA ASN I 271 32.33 -23.04 9.89
C ASN I 271 31.60 -21.77 10.37
N SER I 272 30.49 -21.43 9.74
CA SER I 272 29.72 -20.24 10.07
C SER I 272 28.33 -20.63 10.56
N ILE I 273 27.64 -19.66 11.15
CA ILE I 273 26.28 -19.86 11.63
C ILE I 273 25.66 -18.48 11.82
N THR I 274 24.33 -18.43 11.77
CA THR I 274 23.60 -17.20 11.98
C THR I 274 22.37 -17.50 12.84
N ASP I 275 22.10 -16.61 13.77
CA ASP I 275 20.98 -16.74 14.70
C ASP I 275 19.82 -15.87 14.26
N PRO I 276 18.61 -16.14 14.77
CA PRO I 276 17.46 -15.31 14.39
C PRO I 276 17.68 -13.84 14.65
N LEU I 277 18.53 -13.48 15.61
CA LEU I 277 18.75 -12.08 15.97
C LEU I 277 19.91 -11.47 15.17
N GLY I 278 19.86 -11.67 13.85
CA GLY I 278 20.80 -11.06 12.93
C GLY I 278 22.24 -10.95 13.41
N GLN I 279 22.77 -12.00 14.03
CA GLN I 279 24.17 -12.05 14.46
C GLN I 279 24.86 -13.15 13.69
N SER I 280 25.95 -12.80 13.01
CA SER I 280 26.72 -13.77 12.22
C SER I 280 27.97 -14.14 13.01
N TYR I 281 27.97 -15.33 13.58
CA TYR I 281 29.09 -15.82 14.39
C TYR I 281 30.08 -16.58 13.51
N LYS I 282 31.34 -16.60 13.95
CA LYS I 282 32.39 -17.36 13.30
C LYS I 282 32.93 -18.39 14.29
N ILE I 283 33.06 -19.63 13.83
CA ILE I 283 33.60 -20.69 14.66
C ILE I 283 35.11 -20.76 14.45
N ILE I 284 35.83 -21.01 15.54
CA ILE I 284 37.28 -21.11 15.53
C ILE I 284 37.67 -22.25 16.45
N VAL I 285 38.68 -23.01 16.02
CA VAL I 285 39.11 -24.22 16.74
C VAL I 285 40.40 -23.92 17.47
N ASN I 286 40.54 -24.49 18.67
CA ASN I 286 41.72 -24.33 19.49
C ASN I 286 42.03 -25.64 20.18
N ARG I 287 43.22 -26.19 19.93
CA ARG I 287 43.61 -27.46 20.50
C ARG I 287 43.90 -27.37 22.00
N TRP I 288 43.98 -26.15 22.54
CA TRP I 288 44.22 -25.97 23.97
C TRP I 288 42.94 -25.85 24.78
N MET I 289 41.81 -25.55 24.15
CA MET I 289 40.57 -25.40 24.85
C MET I 289 40.21 -26.70 25.58
N PRO I 290 39.59 -26.61 26.75
CA PRO I 290 39.10 -27.83 27.42
C PRO I 290 37.96 -28.44 26.64
N THR I 291 37.44 -29.54 27.20
CA THR I 291 36.33 -30.27 26.61
C THR I 291 34.98 -29.83 27.17
N ASP I 292 34.91 -28.64 27.76
CA ASP I 292 33.66 -28.14 28.32
C ASP I 292 33.53 -26.64 28.15
N ALA I 293 34.08 -26.09 27.05
CA ALA I 293 34.12 -24.65 26.87
C ALA I 293 33.72 -24.30 25.44
N VAL I 294 32.74 -23.40 25.32
CA VAL I 294 32.28 -22.90 24.03
C VAL I 294 32.38 -21.38 24.03
N TYR I 295 33.42 -20.86 24.69
CA TYR I 295 33.55 -19.44 24.98
C TYR I 295 33.10 -18.56 23.81
N PHE I 296 32.14 -17.70 24.08
CA PHE I 296 31.71 -16.65 23.16
C PHE I 296 32.33 -15.33 23.61
N PHE I 297 32.85 -14.56 22.67
CA PHE I 297 33.47 -13.28 23.03
C PHE I 297 33.72 -12.48 21.75
N ARG I 298 34.34 -11.32 21.93
CA ARG I 298 34.79 -10.46 20.85
C ARG I 298 36.25 -10.11 21.06
N SER I 299 36.92 -9.73 19.98
CA SER I 299 38.36 -9.50 20.03
C SER I 299 38.70 -8.34 20.96
N ALA I 300 38.00 -7.22 20.83
CA ALA I 300 38.35 -6.02 21.57
C ALA I 300 37.98 -6.10 23.04
N ASP I 301 36.92 -6.84 23.39
CA ASP I 301 36.48 -6.90 24.78
C ASP I 301 37.45 -7.63 25.68
N TRP I 302 38.49 -8.27 25.14
CA TRP I 302 39.47 -8.99 25.92
C TRP I 302 40.88 -8.51 25.57
N THR I 303 41.72 -8.39 26.59
CA THR I 303 43.08 -7.92 26.43
C THR I 303 44.02 -8.73 27.29
N GLN I 304 45.31 -8.63 26.98
CA GLN I 304 46.37 -9.31 27.73
C GLN I 304 47.21 -8.26 28.43
N MET I 305 47.24 -8.30 29.75
CA MET I 305 47.96 -7.32 30.55
C MET I 305 49.34 -7.87 30.90
N VAL I 306 50.38 -7.13 30.55
CA VAL I 306 51.75 -7.50 30.86
C VAL I 306 52.23 -6.65 32.03
N LEU I 307 53.01 -7.26 32.92
CA LEU I 307 53.63 -6.56 34.04
C LEU I 307 55.15 -6.51 33.90
N ARG I 308 55.79 -7.66 33.71
CA ARG I 308 57.23 -7.74 33.45
C ARG I 308 57.43 -8.51 32.16
N ALA I 309 57.90 -7.82 31.13
CA ALA I 309 58.01 -8.42 29.81
C ALA I 309 58.98 -9.60 29.85
N PRO I 310 58.95 -10.45 28.82
CA PRO I 310 59.88 -11.57 28.77
C PRO I 310 61.33 -11.10 28.79
N LYS I 311 62.14 -11.77 29.59
CA LYS I 311 63.54 -11.40 29.75
C LYS I 311 64.36 -12.67 29.94
N ARG I 312 65.69 -12.49 30.08
CA ARG I 312 66.59 -13.60 30.34
C ARG I 312 67.89 -13.06 30.91
N THR I 313 68.53 -13.87 31.75
CA THR I 313 69.75 -13.48 32.45
C THR I 313 70.68 -14.68 32.51
N GLU I 314 71.74 -14.55 33.31
CA GLU I 314 72.70 -15.63 33.52
C GLU I 314 73.68 -15.22 34.60
N LEU I 315 74.19 -16.21 35.32
CA LEU I 315 75.14 -16.00 36.42
C LEU I 315 76.32 -16.96 36.27
N ALA I 316 76.95 -16.95 35.09
CA ALA I 316 78.01 -17.90 34.76
C ALA I 316 79.26 -17.59 35.57
N LYS I 317 79.26 -18.01 36.84
CA LYS I 317 80.45 -18.01 37.67
C LYS I 317 80.77 -19.37 38.26
N ASP I 318 79.88 -20.36 38.13
CA ASP I 318 80.20 -21.71 38.58
C ASP I 318 81.43 -22.23 37.87
N GLY I 319 81.56 -21.92 36.58
CA GLY I 319 82.76 -22.22 35.83
C GLY I 319 82.50 -22.80 34.46
N SER I 320 81.43 -23.60 34.32
CA SER I 320 81.05 -24.12 33.02
C SER I 320 79.54 -24.15 32.82
N TYR I 321 78.77 -23.55 33.72
CA TYR I 321 77.32 -23.60 33.67
C TYR I 321 76.75 -22.20 33.52
N GLU I 322 75.67 -22.09 32.74
CA GLU I 322 75.02 -20.82 32.46
C GLU I 322 73.64 -20.71 33.08
N LYS I 323 72.75 -21.66 32.78
CA LYS I 323 71.42 -21.73 33.40
C LYS I 323 70.64 -20.44 33.14
N TRP I 324 70.31 -20.23 31.87
CA TRP I 324 69.50 -19.09 31.44
C TRP I 324 68.07 -19.31 31.90
N MET I 325 67.45 -18.26 32.42
CA MET I 325 66.09 -18.32 32.92
C MET I 325 65.20 -17.35 32.15
N ILE I 326 64.08 -17.85 31.63
CA ILE I 326 63.06 -17.02 31.02
C ILE I 326 61.97 -16.76 32.05
N GLU I 327 61.28 -15.63 31.92
CA GLU I 327 60.21 -15.29 32.84
C GLU I 327 59.41 -14.13 32.28
N MET I 328 58.09 -14.20 32.48
CA MET I 328 57.20 -13.13 32.08
C MET I 328 55.96 -13.19 32.95
N GLU I 329 55.48 -12.01 33.36
CA GLU I 329 54.31 -11.90 34.22
C GLU I 329 53.22 -11.14 33.48
N VAL I 330 52.07 -11.78 33.31
CA VAL I 330 50.97 -11.23 32.54
C VAL I 330 49.66 -11.51 33.26
N GLY I 331 48.62 -10.80 32.85
CA GLY I 331 47.29 -11.01 33.40
C GLY I 331 46.23 -10.83 32.34
N LEU I 332 45.13 -11.54 32.52
CA LEU I 332 43.99 -11.49 31.61
C LEU I 332 42.95 -10.51 32.13
N ARG I 333 42.26 -9.86 31.19
CA ARG I 333 41.29 -8.84 31.53
C ARG I 333 40.05 -8.99 30.66
N HIS I 334 38.93 -8.51 31.19
CA HIS I 334 37.64 -8.59 30.53
C HIS I 334 36.85 -7.34 30.87
N ARG I 335 36.33 -6.66 29.85
CA ARG I 335 35.62 -5.40 30.08
C ARG I 335 34.45 -5.61 31.04
N ASN I 336 33.45 -6.39 30.62
CA ASN I 336 32.27 -6.63 31.41
C ASN I 336 32.01 -8.12 31.55
N PRO I 337 31.63 -8.61 32.73
CA PRO I 337 31.30 -10.05 32.83
C PRO I 337 30.15 -10.46 31.94
N TYR I 338 29.13 -9.61 31.82
CA TYR I 338 27.95 -9.94 31.00
C TYR I 338 28.15 -9.52 29.55
N ALA I 339 29.29 -9.92 28.98
CA ALA I 339 29.61 -9.67 27.58
C ALA I 339 30.01 -10.93 26.84
N SER I 340 30.64 -11.88 27.52
CA SER I 340 31.02 -13.16 26.95
C SER I 340 29.97 -14.21 27.24
N GLY I 341 30.10 -15.35 26.57
CA GLY I 341 29.17 -16.44 26.76
C GLY I 341 29.90 -17.76 26.92
N VAL I 342 29.29 -18.65 27.70
CA VAL I 342 29.86 -19.96 27.98
C VAL I 342 28.75 -20.99 28.03
N LEU I 343 29.06 -22.20 27.59
CA LEU I 343 28.11 -23.30 27.46
C LEU I 343 28.66 -24.57 28.09
N PHE I 344 29.09 -24.47 29.34
CA PHE I 344 29.62 -25.62 30.06
C PHE I 344 28.74 -26.84 29.83
N THR I 345 29.35 -27.89 29.28
CA THR I 345 28.63 -29.08 28.86
C THR I 345 28.65 -30.14 29.95
N ALA I 346 27.51 -30.81 30.12
CA ALA I 346 27.35 -31.84 31.12
C ALA I 346 25.99 -32.49 30.93
N ALA I 347 25.81 -33.65 31.55
CA ALA I 347 24.56 -34.37 31.43
C ALA I 347 23.53 -33.83 32.41
N GLY I 348 22.28 -34.23 32.20
CA GLY I 348 21.18 -33.77 33.02
C GLY I 348 20.99 -34.64 34.25
N LYS I 349 19.86 -34.41 34.92
CA LYS I 349 19.50 -35.16 36.12
C LYS I 349 20.48 -34.89 37.26
N ALA J 20 -3.16 -53.91 -50.85
CA ALA J 20 -2.20 -52.85 -50.61
C ALA J 20 -0.80 -53.33 -50.97
N ASN J 21 -0.03 -52.43 -51.57
CA ASN J 21 1.26 -52.79 -52.14
C ASN J 21 2.40 -52.65 -51.14
N TRP J 22 2.30 -53.36 -50.02
CA TRP J 22 3.39 -53.41 -49.04
C TRP J 22 3.05 -54.48 -48.01
N ILE J 23 4.04 -54.81 -47.19
CA ILE J 23 3.88 -55.78 -46.12
C ILE J 23 4.44 -55.17 -44.84
N SER J 24 3.90 -55.59 -43.70
CA SER J 24 4.38 -55.15 -42.41
C SER J 24 5.20 -56.26 -41.76
N VAL J 25 6.37 -55.90 -41.23
CA VAL J 25 7.26 -56.86 -40.60
C VAL J 25 7.84 -56.20 -39.35
N LEU J 26 7.69 -56.86 -38.20
CA LEU J 26 8.24 -56.33 -36.96
C LEU J 26 9.74 -56.12 -37.07
N SER J 27 10.47 -57.19 -37.42
CA SER J 27 11.90 -57.13 -37.66
C SER J 27 12.65 -56.60 -36.44
N PRO J 28 12.58 -57.28 -35.29
CA PRO J 28 13.44 -56.90 -34.17
C PRO J 28 14.90 -57.14 -34.50
N GLN J 29 15.66 -56.06 -34.67
CA GLN J 29 17.03 -56.13 -35.16
C GLN J 29 17.95 -55.21 -34.36
N ASP J 30 17.90 -55.32 -33.04
CA ASP J 30 18.77 -54.50 -32.20
C ASP J 30 20.23 -54.72 -32.56
N THR J 31 20.73 -55.93 -32.37
CA THR J 31 22.09 -56.33 -32.71
C THR J 31 23.11 -55.27 -32.29
N PRO J 32 23.23 -54.97 -31.01
CA PRO J 32 24.26 -54.02 -30.57
C PRO J 32 25.62 -54.68 -30.44
N PHE J 33 25.63 -55.94 -30.01
CA PHE J 33 26.88 -56.64 -29.76
C PHE J 33 27.68 -56.81 -31.04
N VAL J 34 27.02 -57.22 -32.13
CA VAL J 34 27.73 -57.45 -33.39
C VAL J 34 28.41 -56.18 -33.87
N SER J 35 27.75 -55.03 -33.70
CA SER J 35 28.34 -53.77 -34.13
C SER J 35 29.32 -53.20 -33.10
N MET J 36 29.32 -53.72 -31.87
CA MET J 36 30.21 -53.25 -30.83
C MET J 36 31.49 -54.06 -30.74
N THR J 37 31.59 -55.18 -31.46
CA THR J 37 32.77 -56.04 -31.39
C THR J 37 33.56 -56.07 -32.69
N GLY J 38 33.04 -55.47 -33.76
CA GLY J 38 33.76 -55.51 -35.00
C GLY J 38 33.93 -56.94 -35.52
N LYS J 39 34.93 -57.11 -36.37
CA LYS J 39 35.20 -58.40 -36.98
C LYS J 39 36.60 -58.39 -37.57
N GLU J 40 37.11 -59.61 -37.83
CA GLU J 40 38.46 -59.79 -38.33
C GLU J 40 38.50 -61.09 -39.11
N SER J 41 39.01 -61.05 -40.33
CA SER J 41 39.08 -62.23 -41.18
C SER J 41 40.22 -63.13 -40.76
N ILE J 42 40.06 -64.43 -41.02
CA ILE J 42 41.08 -65.44 -40.74
C ILE J 42 41.28 -66.29 -41.99
N ASN J 43 42.17 -67.27 -41.90
CA ASN J 43 42.50 -68.14 -43.02
C ASN J 43 42.54 -69.59 -42.58
N GLN J 44 41.78 -69.93 -41.53
CA GLN J 44 41.72 -71.29 -41.05
C GLN J 44 40.50 -71.46 -40.16
N THR J 45 39.94 -72.66 -40.16
CA THR J 45 38.75 -72.97 -39.39
C THR J 45 38.99 -72.99 -37.89
N ILE J 46 40.24 -72.88 -37.46
CA ILE J 46 40.59 -72.93 -36.04
C ILE J 46 41.71 -71.91 -35.81
N PHE J 47 41.41 -70.86 -35.06
CA PHE J 47 42.39 -69.83 -34.73
C PHE J 47 42.80 -69.97 -33.27
N SER J 48 43.89 -69.29 -32.91
CA SER J 48 44.45 -69.43 -31.58
C SER J 48 45.24 -68.18 -31.22
N TRP J 49 45.24 -67.85 -29.94
CA TRP J 49 46.08 -66.80 -29.37
C TRP J 49 46.72 -67.36 -28.11
N GLN J 50 47.60 -66.56 -27.49
CA GLN J 50 48.32 -67.02 -26.31
C GLN J 50 48.53 -65.84 -25.38
N THR J 51 47.93 -65.91 -24.19
CA THR J 51 48.14 -64.92 -23.14
C THR J 51 47.56 -65.47 -21.86
N ASP J 52 48.39 -65.60 -20.82
CA ASP J 52 47.92 -66.11 -19.53
C ASP J 52 47.97 -65.06 -18.44
N ALA J 53 49.14 -64.48 -18.17
CA ALA J 53 49.28 -63.47 -17.12
C ALA J 53 50.72 -62.99 -17.00
N LEU J 54 50.95 -61.99 -16.15
CA LEU J 54 52.29 -61.61 -15.74
C LEU J 54 52.67 -62.40 -14.49
N ALA J 55 53.95 -62.36 -14.14
CA ALA J 55 54.44 -63.09 -12.98
C ALA J 55 53.89 -62.48 -11.69
N SER J 56 53.80 -63.31 -10.65
CA SER J 56 53.28 -62.85 -9.39
C SER J 56 54.25 -61.85 -8.74
N VAL J 57 53.84 -61.33 -7.58
CA VAL J 57 54.68 -60.39 -6.87
C VAL J 57 55.72 -61.10 -6.01
N ASP J 58 55.35 -62.22 -5.39
CA ASP J 58 56.23 -63.03 -4.56
C ASP J 58 56.58 -62.35 -3.24
N GLY J 59 56.09 -61.14 -3.01
CA GLY J 59 56.40 -60.43 -1.78
C GLY J 59 57.87 -60.12 -1.62
N ASN J 60 58.49 -60.69 -0.60
CA ASN J 60 59.90 -60.44 -0.34
C ASN J 60 60.75 -60.87 -1.52
N ASN J 61 61.74 -60.05 -1.85
CA ASN J 61 62.72 -60.36 -2.89
C ASN J 61 64.11 -59.91 -2.45
N ALA J 62 64.38 -59.99 -1.15
CA ALA J 62 65.69 -59.65 -0.63
C ALA J 62 66.73 -60.65 -1.14
N HIS J 63 68.00 -60.24 -1.07
CA HIS J 63 69.08 -61.06 -1.57
C HIS J 63 70.32 -60.85 -0.70
N VAL J 64 71.29 -61.74 -0.87
CA VAL J 64 72.50 -61.77 -0.05
C VAL J 64 73.74 -61.67 -0.91
N GLU J 65 73.64 -60.91 -2.01
CA GLU J 65 74.74 -60.75 -2.97
C GLU J 65 75.09 -62.08 -3.65
N GLY J 66 74.11 -62.61 -4.36
CA GLY J 66 74.26 -63.84 -5.10
C GLY J 66 72.96 -64.29 -5.74
N SER J 67 73.02 -64.74 -6.98
CA SER J 67 71.82 -65.13 -7.73
C SER J 67 71.51 -66.62 -7.60
N ARG J 68 72.40 -67.48 -8.10
CA ARG J 68 72.21 -68.93 -8.07
C ARG J 68 70.76 -69.30 -8.40
N ALA J 69 70.32 -68.90 -9.58
CA ALA J 69 68.93 -69.05 -9.99
C ALA J 69 68.65 -70.50 -10.36
N GLU J 70 67.41 -70.78 -10.76
CA GLU J 70 66.95 -72.10 -11.15
C GLU J 70 66.38 -72.07 -12.56
N ASP J 71 67.07 -71.40 -13.48
CA ASP J 71 66.64 -71.28 -14.88
C ASP J 71 65.39 -70.42 -15.00
N GLY J 72 65.14 -69.57 -14.01
CA GLY J 72 64.00 -68.68 -14.03
C GLY J 72 62.68 -69.40 -13.82
N GLU J 73 61.69 -68.63 -13.39
CA GLU J 73 60.34 -69.16 -13.19
C GLU J 73 59.40 -68.57 -14.24
N MET J 74 59.88 -68.48 -15.48
CA MET J 74 59.09 -67.86 -16.55
C MET J 74 57.70 -68.47 -16.63
N LYS J 75 57.61 -69.78 -16.78
CA LYS J 75 56.33 -70.45 -16.94
C LYS J 75 55.55 -69.78 -18.06
N PRO J 76 55.96 -69.98 -19.32
CA PRO J 76 55.43 -69.16 -20.41
C PRO J 76 53.92 -69.26 -20.59
N THR J 77 53.39 -68.44 -21.49
CA THR J 77 51.95 -68.34 -21.69
C THR J 77 51.35 -69.67 -22.10
N VAL J 78 50.03 -69.77 -21.96
CA VAL J 78 49.26 -70.92 -22.41
C VAL J 78 48.61 -70.57 -23.73
N ILE J 79 48.43 -71.56 -24.60
CA ILE J 79 47.92 -71.38 -25.94
C ILE J 79 46.44 -71.74 -25.94
N LYS J 80 45.59 -70.77 -26.27
CA LYS J 80 44.15 -70.95 -26.30
C LYS J 80 43.64 -70.87 -27.73
N SER J 81 42.56 -71.60 -28.00
CA SER J 81 42.00 -71.68 -29.34
C SER J 81 40.48 -71.72 -29.26
N ASN J 82 39.86 -71.64 -30.43
CA ASN J 82 38.40 -71.73 -30.54
C ASN J 82 38.05 -72.26 -31.93
N VAL J 83 36.84 -72.78 -32.04
CA VAL J 83 36.36 -73.39 -33.27
C VAL J 83 35.24 -72.53 -33.85
N THR J 84 35.02 -72.70 -35.16
CA THR J 84 33.98 -72.01 -35.89
C THR J 84 32.93 -73.00 -36.36
N GLN J 85 31.67 -72.56 -36.38
CA GLN J 85 30.54 -73.38 -36.73
C GLN J 85 29.94 -72.94 -38.07
N ILE J 86 28.84 -73.58 -38.44
CA ILE J 86 28.18 -73.33 -39.72
C ILE J 86 26.70 -73.05 -39.48
N LEU J 87 26.16 -72.15 -40.29
CA LEU J 87 24.73 -71.84 -40.28
C LEU J 87 24.22 -71.91 -41.70
N ARG J 88 23.14 -72.69 -41.92
CA ARG J 88 22.64 -72.94 -43.26
C ARG J 88 21.42 -72.09 -43.61
N LYS J 89 20.32 -72.24 -42.88
CA LYS J 89 19.09 -71.50 -43.14
C LYS J 89 18.68 -71.63 -44.61
N VAL J 90 18.38 -72.88 -44.99
CA VAL J 90 18.07 -73.19 -46.38
C VAL J 90 16.84 -72.42 -46.84
N VAL J 91 16.74 -72.24 -48.15
CA VAL J 91 15.59 -71.62 -48.80
C VAL J 91 15.02 -72.60 -49.81
N ARG J 92 13.70 -72.76 -49.79
CA ARG J 92 13.03 -73.76 -50.63
C ARG J 92 11.82 -73.12 -51.26
N VAL J 93 11.87 -72.91 -52.58
CA VAL J 93 10.75 -72.40 -53.34
C VAL J 93 10.22 -73.51 -54.24
N SER J 94 8.90 -73.72 -54.20
CA SER J 94 8.28 -74.78 -54.97
C SER J 94 7.47 -74.18 -56.13
N ARG J 105 3.26 -59.51 -53.16
CA ARG J 105 4.65 -59.92 -52.94
C ARG J 105 5.43 -60.06 -54.23
N GLY J 106 4.78 -60.48 -55.32
CA GLY J 106 5.48 -60.64 -56.58
C GLY J 106 6.64 -61.60 -56.44
N ARG J 107 7.85 -61.09 -56.57
CA ARG J 107 9.05 -61.91 -56.45
C ARG J 107 9.29 -62.25 -54.99
N GLU J 108 8.77 -63.41 -54.56
CA GLU J 108 8.91 -63.81 -53.16
C GLU J 108 10.33 -64.26 -52.85
N LEU J 109 11.11 -64.55 -53.88
CA LEU J 109 12.46 -65.05 -53.65
C LEU J 109 13.30 -64.06 -52.84
N MET J 110 13.40 -62.82 -53.31
CA MET J 110 14.22 -61.84 -52.59
C MET J 110 13.64 -61.55 -51.21
N TYR J 111 12.32 -61.52 -51.09
CA TYR J 111 11.69 -61.28 -49.79
C TYR J 111 12.08 -62.35 -48.79
N GLN J 112 11.89 -63.62 -49.14
CA GLN J 112 12.26 -64.70 -48.24
C GLN J 112 13.76 -64.73 -48.00
N LEU J 113 14.56 -64.31 -48.98
CA LEU J 113 16.00 -64.30 -48.80
C LEU J 113 16.41 -63.27 -47.76
N GLU J 114 15.87 -62.05 -47.85
CA GLU J 114 16.17 -61.03 -46.85
C GLU J 114 15.62 -61.43 -45.48
N LYS J 115 14.44 -62.05 -45.46
CA LYS J 115 13.88 -62.51 -44.19
C LYS J 115 14.79 -63.53 -43.53
N LYS J 116 15.28 -64.50 -44.30
CA LYS J 116 16.18 -65.51 -43.76
C LYS J 116 17.51 -64.90 -43.36
N GLY J 117 17.99 -63.89 -44.08
CA GLY J 117 19.19 -63.19 -43.66
C GLY J 117 19.04 -62.54 -42.31
N LYS J 118 17.93 -61.82 -42.11
CA LYS J 118 17.67 -61.24 -40.81
C LYS J 118 17.54 -62.31 -39.74
N GLU J 119 16.92 -63.45 -40.08
CA GLU J 119 16.76 -64.51 -39.10
C GLU J 119 18.11 -65.11 -38.70
N ILE J 120 19.02 -65.29 -39.66
CA ILE J 120 20.33 -65.84 -39.33
C ILE J 120 21.14 -64.85 -38.53
N LYS J 121 20.97 -63.55 -38.81
CA LYS J 121 21.65 -62.55 -37.99
C LYS J 121 21.15 -62.60 -36.55
N ARG J 122 19.83 -62.71 -36.37
CA ARG J 122 19.27 -62.85 -35.03
C ARG J 122 19.79 -64.11 -34.35
N ASP J 123 19.87 -65.21 -35.09
CA ASP J 123 20.36 -66.46 -34.51
C ASP J 123 21.82 -66.32 -34.09
N LEU J 124 22.62 -65.60 -34.87
CA LEU J 124 24.01 -65.37 -34.48
C LEU J 124 24.09 -64.53 -33.22
N GLU J 125 23.28 -63.47 -33.14
CA GLU J 125 23.27 -62.64 -31.95
C GLU J 125 22.83 -63.44 -30.73
N LYS J 126 21.93 -64.42 -30.92
CA LYS J 126 21.47 -65.23 -29.81
C LYS J 126 22.51 -66.26 -29.40
N ILE J 127 23.24 -66.82 -30.36
CA ILE J 127 24.20 -67.87 -30.06
C ILE J 127 25.45 -67.28 -29.41
N LEU J 128 26.04 -66.26 -30.03
CA LEU J 128 27.31 -65.74 -29.55
C LEU J 128 27.24 -65.29 -28.10
N LEU J 129 26.04 -65.03 -27.58
CA LEU J 129 25.87 -64.65 -26.18
C LEU J 129 25.33 -65.79 -25.33
N SER J 130 25.31 -67.01 -25.85
CA SER J 130 24.80 -68.15 -25.11
C SER J 130 25.90 -68.68 -24.20
N GLY J 131 25.68 -69.85 -23.61
CA GLY J 131 26.67 -70.46 -22.73
C GLY J 131 27.25 -71.73 -23.33
N GLN J 132 27.25 -71.83 -24.65
CA GLN J 132 27.78 -73.01 -25.30
C GLN J 132 29.27 -73.15 -25.02
N ALA J 133 29.76 -74.38 -25.18
CA ALA J 133 31.17 -74.70 -25.01
C ALA J 133 31.62 -75.48 -26.23
N ARG J 134 32.74 -75.08 -26.83
CA ARG J 134 33.25 -75.74 -28.02
C ARG J 134 33.48 -77.22 -27.75
N THR J 135 32.87 -78.08 -28.55
CA THR J 135 33.02 -79.53 -28.40
C THR J 135 33.38 -80.11 -29.76
N ASP J 136 34.49 -80.84 -29.80
CA ASP J 136 34.95 -81.48 -31.03
C ASP J 136 35.92 -82.58 -30.64
N VAL J 137 36.18 -83.49 -31.60
CA VAL J 137 37.06 -84.63 -31.33
C VAL J 137 38.41 -84.18 -30.78
N LEU J 138 38.86 -82.97 -31.15
CA LEU J 138 40.14 -82.45 -30.69
C LEU J 138 39.91 -81.48 -29.53
N ALA J 139 40.72 -81.61 -28.47
CA ALA J 139 40.59 -80.78 -27.29
C ALA J 139 41.76 -79.84 -27.12
N ASP J 140 42.99 -80.38 -27.04
CA ASP J 140 44.18 -79.56 -26.90
C ASP J 140 45.27 -79.89 -27.93
N GLN J 141 45.16 -81.03 -28.62
CA GLN J 141 46.09 -81.42 -29.67
C GLN J 141 45.52 -81.15 -31.04
N TYR J 142 44.90 -79.98 -31.21
CA TYR J 142 44.16 -79.66 -32.42
C TYR J 142 44.92 -80.08 -33.68
N LEU J 143 46.26 -80.00 -33.63
CA LEU J 143 47.04 -80.27 -34.83
C LEU J 143 46.90 -81.73 -35.26
N THR J 144 47.42 -82.66 -34.45
CA THR J 144 47.40 -84.08 -34.77
C THR J 144 47.56 -84.33 -36.25
N ASN J 145 48.53 -83.65 -36.88
CA ASN J 145 48.72 -83.81 -38.33
C ASN J 145 49.02 -85.26 -38.68
N SER J 146 49.60 -86.01 -37.74
CA SER J 146 49.86 -87.43 -37.99
C SER J 146 48.56 -88.20 -38.16
N ALA J 147 47.70 -88.17 -37.14
CA ALA J 147 46.42 -88.87 -37.24
C ALA J 147 45.37 -88.04 -37.95
N ALA J 148 44.90 -86.96 -37.31
CA ALA J 148 43.92 -86.06 -37.90
C ALA J 148 42.72 -86.83 -38.47
N ASP J 149 42.18 -87.74 -37.66
CA ASP J 149 41.05 -88.56 -38.07
C ASP J 149 41.40 -89.35 -39.34
N PRO J 150 42.32 -90.31 -39.25
CA PRO J 150 42.73 -91.05 -40.46
C PRO J 150 41.58 -91.71 -41.20
N ALA J 151 40.55 -92.18 -40.49
CA ALA J 151 39.41 -92.84 -41.11
C ALA J 151 38.37 -91.84 -41.61
N VAL J 152 38.80 -90.99 -42.54
CA VAL J 152 37.93 -89.94 -43.08
C VAL J 152 37.83 -90.08 -44.60
N ALA J 153 38.96 -90.35 -45.25
CA ALA J 153 38.97 -90.41 -46.70
C ALA J 153 38.57 -91.80 -47.18
N GLY J 154 37.83 -91.84 -48.29
CA GLY J 154 37.32 -93.08 -48.83
C GLY J 154 35.84 -93.26 -48.61
N LEU J 155 35.36 -92.82 -47.44
CA LEU J 155 33.95 -92.91 -47.08
C LEU J 155 33.30 -91.56 -46.87
N ASN J 156 34.05 -90.57 -46.37
CA ASN J 156 33.61 -89.18 -46.26
C ASN J 156 32.31 -89.01 -45.49
N ASP J 157 31.88 -90.03 -44.74
CA ASP J 157 30.64 -89.93 -43.96
C ASP J 157 30.89 -89.89 -42.47
N THR J 158 32.11 -89.57 -42.03
CA THR J 158 32.43 -89.43 -40.60
C THR J 158 32.21 -88.00 -40.11
N HIS J 159 31.31 -87.26 -40.74
CA HIS J 159 31.15 -85.83 -40.46
C HIS J 159 30.70 -85.62 -39.02
N ALA J 160 31.50 -84.89 -38.26
CA ALA J 160 31.13 -84.46 -36.92
C ALA J 160 30.56 -83.05 -37.00
N ALA J 161 30.13 -82.50 -35.86
CA ALA J 161 29.43 -81.23 -35.81
C ALA J 161 30.32 -80.19 -35.12
N ARG J 162 30.77 -79.21 -35.89
CA ARG J 162 31.60 -78.14 -35.35
C ARG J 162 30.76 -77.23 -34.46
N LYS J 163 31.17 -77.09 -33.19
CA LYS J 163 30.51 -76.22 -32.23
C LYS J 163 31.53 -75.24 -31.68
N THR J 164 31.19 -73.95 -31.73
CA THR J 164 32.12 -72.90 -31.33
C THR J 164 31.96 -72.55 -29.86
N GLY J 165 32.91 -71.78 -29.35
CA GLY J 165 32.86 -71.32 -27.97
C GLY J 165 31.99 -70.09 -27.84
N ALA J 166 31.20 -70.03 -26.78
CA ALA J 166 30.25 -68.95 -26.56
C ALA J 166 30.86 -67.89 -25.64
N PHE J 167 30.04 -66.89 -25.31
CA PHE J 167 30.49 -65.81 -24.44
C PHE J 167 30.81 -66.32 -23.03
N GLN J 168 29.84 -66.94 -22.37
CA GLN J 168 30.03 -67.34 -20.98
C GLN J 168 31.11 -68.40 -20.82
N PHE J 169 31.53 -69.04 -21.92
CA PHE J 169 32.57 -70.06 -21.82
C PHE J 169 33.96 -69.44 -21.78
N LEU J 170 34.15 -68.32 -22.47
CA LEU J 170 35.46 -67.69 -22.56
C LEU J 170 35.74 -66.71 -21.43
N CYS J 171 34.73 -66.34 -20.64
CA CYS J 171 34.88 -65.35 -19.59
C CYS J 171 35.33 -65.98 -18.26
N ALA J 172 36.41 -66.74 -18.31
CA ALA J 172 36.99 -67.37 -17.11
C ALA J 172 35.92 -68.15 -16.35
N HIS J 173 35.32 -69.11 -17.06
CA HIS J 173 34.28 -69.93 -16.46
C HIS J 173 34.87 -70.83 -15.38
N GLY J 174 34.01 -71.52 -14.63
CA GLY J 174 34.45 -72.42 -13.59
C GLY J 174 33.81 -73.78 -13.70
N GLY J 175 33.35 -74.12 -14.89
CA GLY J 175 32.71 -75.39 -15.13
C GLY J 175 31.79 -75.29 -16.34
N LEU J 176 31.11 -76.40 -16.62
CA LEU J 176 30.16 -76.45 -17.72
C LEU J 176 29.34 -77.72 -17.59
N ALA J 177 28.02 -77.60 -17.69
CA ALA J 177 27.11 -78.74 -17.59
C ALA J 177 27.08 -79.49 -18.93
N GLY J 178 28.20 -80.16 -19.22
CA GLY J 178 28.31 -80.92 -20.44
C GLY J 178 28.66 -80.06 -21.63
N GLY J 179 27.70 -79.25 -22.07
CA GLY J 179 27.90 -78.36 -23.21
C GLY J 179 27.49 -76.94 -22.90
N VAL J 180 26.99 -76.70 -21.69
CA VAL J 180 26.55 -75.38 -21.27
C VAL J 180 27.30 -75.00 -20.01
N VAL J 181 27.62 -73.70 -19.89
CA VAL J 181 28.31 -73.23 -18.69
C VAL J 181 27.38 -73.38 -17.48
N ASP J 182 27.97 -73.79 -16.36
CA ASP J 182 27.21 -73.94 -15.13
C ASP J 182 26.89 -72.56 -14.56
N LYS J 183 25.62 -72.36 -14.20
CA LYS J 183 25.14 -71.06 -13.72
C LYS J 183 25.03 -71.01 -12.20
N THR J 184 25.81 -71.86 -11.50
CA THR J 184 25.78 -71.88 -10.04
C THR J 184 27.16 -72.08 -9.44
N LYS J 185 28.23 -71.79 -10.20
CA LYS J 185 29.59 -71.99 -9.72
C LYS J 185 30.45 -70.82 -10.14
N ASN J 186 31.12 -70.20 -9.18
CA ASN J 186 31.99 -69.08 -9.46
C ASN J 186 33.29 -69.55 -10.09
N GLY J 187 33.95 -68.63 -10.80
CA GLY J 187 35.16 -68.96 -11.50
C GLY J 187 36.36 -68.98 -10.57
N PRO J 188 37.50 -69.43 -11.10
CA PRO J 188 38.73 -69.47 -10.31
C PRO J 188 39.38 -68.09 -10.23
N ALA J 189 40.56 -68.05 -9.62
CA ALA J 189 41.30 -66.82 -9.43
C ALA J 189 42.54 -66.80 -10.31
N ASP J 190 42.85 -65.64 -10.87
CA ASP J 190 44.03 -65.49 -11.72
C ASP J 190 45.26 -65.35 -10.84
N PRO J 191 46.38 -66.00 -11.18
CA PRO J 191 47.55 -65.93 -10.31
C PRO J 191 48.17 -64.55 -10.20
N ASP J 192 48.03 -63.72 -11.25
CA ASP J 192 48.60 -62.38 -11.20
C ASP J 192 48.11 -61.62 -9.97
N THR J 193 46.79 -61.43 -9.87
CA THR J 193 46.17 -60.80 -8.72
C THR J 193 44.86 -61.50 -8.43
N GLY J 194 44.62 -61.78 -7.15
CA GLY J 194 43.41 -62.46 -6.74
C GLY J 194 42.17 -61.76 -7.21
N ALA J 195 41.48 -62.33 -8.20
CA ALA J 195 40.28 -61.74 -8.74
C ALA J 195 39.37 -62.86 -9.24
N VAL J 196 38.09 -62.78 -8.89
CA VAL J 196 37.10 -63.79 -9.27
C VAL J 196 36.12 -63.07 -10.20
N THR J 197 36.37 -63.14 -11.50
CA THR J 197 35.59 -62.42 -12.49
C THR J 197 34.25 -63.09 -12.79
N VAL J 198 33.99 -64.27 -12.24
CA VAL J 198 32.72 -64.97 -12.42
C VAL J 198 32.28 -65.41 -11.03
N LYS J 199 31.19 -64.82 -10.54
CA LYS J 199 30.70 -65.09 -9.20
C LYS J 199 29.21 -65.38 -9.25
N VAL J 200 28.74 -66.18 -8.30
CA VAL J 200 27.32 -66.48 -8.17
C VAL J 200 26.68 -65.36 -7.35
N ALA J 201 25.74 -64.65 -7.97
CA ALA J 201 25.10 -63.53 -7.31
C ALA J 201 24.47 -63.96 -5.99
N GLN J 202 24.48 -63.05 -5.02
CA GLN J 202 23.91 -63.28 -3.70
C GLN J 202 23.12 -62.04 -3.31
N ASN J 203 21.83 -62.04 -3.62
CA ASN J 203 20.95 -60.92 -3.28
C ASN J 203 20.64 -60.98 -1.80
N ALA J 204 21.46 -60.27 -1.02
CA ALA J 204 21.34 -60.25 0.43
C ALA J 204 20.21 -59.34 0.92
N SER J 205 19.43 -58.76 0.02
CA SER J 205 18.31 -57.91 0.41
C SER J 205 17.05 -58.70 0.72
N ASN J 206 16.68 -59.65 -0.11
CA ASN J 206 15.54 -60.51 0.12
C ASN J 206 15.99 -61.85 0.67
N PRO J 207 15.11 -62.56 1.39
CA PRO J 207 15.45 -63.90 1.91
C PRO J 207 15.39 -64.99 0.83
N THR J 208 16.11 -64.76 -0.26
CA THR J 208 16.17 -65.71 -1.37
C THR J 208 14.78 -66.01 -1.93
N THR J 209 14.02 -64.96 -2.22
CA THR J 209 12.70 -65.11 -2.82
C THR J 209 12.65 -64.44 -4.18
N ASN J 210 13.25 -63.25 -4.29
CA ASN J 210 13.24 -62.50 -5.53
C ASN J 210 14.51 -62.76 -6.32
N ILE J 211 14.35 -62.92 -7.64
CA ILE J 211 15.47 -63.21 -8.53
C ILE J 211 15.90 -61.87 -9.12
N GLY J 212 16.80 -61.18 -8.42
CA GLY J 212 17.26 -59.88 -8.85
C GLY J 212 18.64 -59.53 -8.34
N PHE J 213 19.34 -58.64 -9.06
CA PHE J 213 20.65 -58.19 -8.61
C PHE J 213 20.55 -57.50 -7.27
N ASP J 214 21.52 -57.77 -6.40
CA ASP J 214 21.62 -56.99 -5.17
C ASP J 214 22.01 -55.55 -5.51
N GLU J 215 21.90 -54.68 -4.52
CA GLU J 215 22.30 -53.28 -4.72
C GLU J 215 23.81 -53.16 -4.84
N ALA J 216 24.57 -54.10 -4.27
CA ALA J 216 26.02 -54.07 -4.25
C ALA J 216 26.60 -55.36 -4.79
N ASP J 217 25.97 -55.92 -5.83
CA ASP J 217 26.51 -57.10 -6.49
C ASP J 217 27.20 -56.78 -7.81
N ILE J 218 26.84 -55.68 -8.47
CA ILE J 218 27.57 -55.27 -9.65
C ILE J 218 28.84 -54.51 -9.26
N PHE J 219 28.78 -53.77 -8.16
CA PHE J 219 29.97 -53.08 -7.67
C PHE J 219 31.07 -54.07 -7.29
N ASP J 220 30.68 -55.25 -6.80
CA ASP J 220 31.69 -56.29 -6.56
C ASP J 220 32.36 -56.71 -7.86
N MET J 221 31.59 -56.83 -8.93
CA MET J 221 32.18 -57.13 -10.23
C MET J 221 33.12 -56.03 -10.68
N THR J 222 32.73 -54.77 -10.45
CA THR J 222 33.61 -53.66 -10.80
C THR J 222 34.91 -53.73 -10.01
N LEU J 223 34.82 -54.05 -8.73
CA LEU J 223 36.03 -54.20 -7.91
C LEU J 223 36.92 -55.29 -8.45
N GLN J 224 36.33 -56.45 -8.78
CA GLN J 224 37.14 -57.56 -9.28
C GLN J 224 37.80 -57.19 -10.60
N LEU J 225 37.07 -56.54 -11.50
CA LEU J 225 37.64 -56.14 -12.78
C LEU J 225 38.77 -55.15 -12.57
N TYR J 226 38.56 -54.15 -11.71
CA TYR J 226 39.62 -53.19 -11.42
C TYR J 226 40.87 -53.89 -10.88
N THR J 227 40.67 -54.89 -10.02
CA THR J 227 41.81 -55.65 -9.53
C THR J 227 42.50 -56.42 -10.64
N ALA J 228 41.73 -56.96 -11.59
CA ALA J 228 42.30 -57.65 -12.73
C ALA J 228 42.67 -56.72 -13.87
N GLY J 229 42.14 -55.50 -13.89
CA GLY J 229 42.50 -54.54 -14.92
C GLY J 229 41.89 -54.83 -16.27
N SER J 230 40.56 -54.80 -16.35
CA SER J 230 39.86 -55.08 -17.60
C SER J 230 39.58 -53.80 -18.39
N GLU J 231 39.17 -52.74 -17.70
CA GLU J 231 38.81 -51.45 -18.28
C GLU J 231 37.50 -51.49 -19.04
N ALA J 232 36.69 -52.53 -18.87
CA ALA J 232 35.38 -52.59 -19.51
C ALA J 232 34.53 -51.41 -19.08
N ASP J 233 33.66 -50.96 -20.00
CA ASP J 233 32.77 -49.84 -19.70
C ASP J 233 31.36 -50.05 -20.26
N ILE J 234 31.00 -51.27 -20.63
CA ILE J 234 29.68 -51.55 -21.19
C ILE J 234 29.07 -52.73 -20.45
N ILE J 235 27.73 -52.73 -20.37
CA ILE J 235 26.97 -53.77 -19.68
C ILE J 235 25.71 -54.01 -20.50
N MET J 236 25.59 -55.21 -21.06
CA MET J 236 24.36 -55.62 -21.72
C MET J 236 23.43 -56.27 -20.71
N ILE J 237 22.13 -56.09 -20.91
CA ILE J 237 21.14 -56.54 -19.94
C ILE J 237 19.85 -56.89 -20.68
N ASN J 238 19.19 -57.94 -20.20
CA ASN J 238 17.89 -58.34 -20.71
C ASN J 238 16.80 -57.43 -20.12
N PRO J 239 15.88 -56.94 -20.96
CA PRO J 239 14.83 -56.06 -20.42
C PRO J 239 14.07 -56.63 -19.23
N ALA J 240 14.19 -57.93 -18.97
CA ALA J 240 13.57 -58.52 -17.79
C ALA J 240 14.36 -58.23 -16.51
N HIS J 241 15.34 -57.33 -16.57
CA HIS J 241 16.13 -56.95 -15.41
C HIS J 241 16.35 -55.45 -15.28
N ALA J 242 15.96 -54.65 -16.27
CA ALA J 242 16.17 -53.21 -16.20
C ALA J 242 15.38 -52.56 -15.08
N LYS J 243 14.26 -53.16 -14.68
CA LYS J 243 13.49 -52.63 -13.56
C LYS J 243 14.34 -52.54 -12.31
N ILE J 244 15.31 -53.45 -12.16
CA ILE J 244 16.16 -53.45 -10.98
C ILE J 244 16.99 -52.17 -10.93
N PHE J 245 17.74 -51.89 -12.00
CA PHE J 245 18.52 -50.66 -12.04
C PHE J 245 17.63 -49.43 -11.99
N ALA J 246 16.42 -49.52 -12.55
CA ALA J 246 15.51 -48.38 -12.49
C ALA J 246 15.12 -48.07 -11.06
N GLY J 247 14.71 -49.07 -10.29
CA GLY J 247 14.37 -48.86 -8.89
C GLY J 247 15.58 -48.59 -8.02
N LEU J 248 16.78 -48.95 -8.48
CA LEU J 248 17.98 -48.71 -7.70
C LEU J 248 18.15 -47.23 -7.38
N GLN J 249 17.67 -46.36 -8.26
CA GLN J 249 17.75 -44.93 -8.00
C GLN J 249 16.89 -44.51 -6.81
N GLU J 250 16.01 -45.39 -6.33
CA GLU J 250 15.17 -45.15 -5.18
C GLU J 250 15.43 -46.23 -4.13
N ASN J 251 14.75 -46.09 -2.99
CA ASN J 251 14.89 -47.05 -1.90
C ASN J 251 13.74 -46.83 -0.94
N THR J 252 13.72 -47.62 0.13
CA THR J 252 12.71 -47.52 1.17
C THR J 252 13.26 -46.91 2.46
N GLN J 253 14.55 -47.10 2.74
CA GLN J 253 15.13 -46.54 3.95
C GLN J 253 15.06 -45.02 3.99
N GLY J 254 14.92 -44.38 2.84
CA GLY J 254 14.77 -42.94 2.78
C GLY J 254 16.03 -42.16 2.44
N SER J 255 17.09 -42.84 2.01
CA SER J 255 18.35 -42.18 1.68
C SER J 255 18.47 -41.84 0.21
N ARG J 256 17.53 -42.27 -0.62
CA ARG J 256 17.58 -42.02 -2.07
C ARG J 256 16.16 -41.80 -2.57
N LYS J 257 15.93 -40.64 -3.18
CA LYS J 257 14.59 -40.29 -3.64
C LYS J 257 14.71 -39.24 -4.73
N ARG J 258 13.81 -39.32 -5.71
CA ARG J 258 13.78 -38.37 -6.81
C ARG J 258 13.13 -37.06 -6.37
N ILE J 259 13.23 -36.06 -7.23
CA ILE J 259 12.60 -34.76 -6.99
C ILE J 259 12.10 -34.22 -8.31
N PHE J 260 11.10 -33.34 -8.24
CA PHE J 260 10.51 -32.71 -9.41
C PHE J 260 10.17 -31.26 -9.03
N GLU J 261 10.99 -30.33 -9.48
CA GLU J 261 10.81 -28.91 -9.17
C GLU J 261 10.05 -28.27 -10.34
N ASN J 262 8.73 -28.42 -10.30
CA ASN J 262 7.87 -27.92 -11.36
C ASN J 262 8.36 -28.42 -12.72
N THR J 263 8.42 -29.74 -12.86
CA THR J 263 8.92 -30.38 -14.06
C THR J 263 7.83 -31.29 -14.63
N LYS J 264 7.57 -31.15 -15.92
CA LYS J 264 6.57 -31.97 -16.61
C LYS J 264 7.22 -33.22 -17.21
N GLN J 265 7.96 -33.95 -16.39
CA GLN J 265 8.64 -35.15 -16.85
C GLN J 265 8.70 -36.16 -15.71
N PHE J 266 8.75 -37.44 -16.09
CA PHE J 266 8.80 -38.56 -15.15
C PHE J 266 9.86 -39.56 -15.59
N ILE J 267 11.05 -39.06 -15.90
CA ILE J 267 12.14 -39.90 -16.38
C ILE J 267 12.38 -41.03 -15.39
N TYR J 268 12.23 -42.27 -15.85
CA TYR J 268 12.45 -43.47 -15.03
C TYR J 268 13.40 -44.37 -15.83
N GLU J 269 14.69 -44.12 -15.68
CA GLU J 269 15.69 -44.83 -16.48
C GLU J 269 17.08 -44.51 -15.95
N VAL J 270 17.99 -45.44 -16.16
CA VAL J 270 19.39 -45.28 -15.78
C VAL J 270 20.26 -45.82 -16.91
N ASN J 271 21.26 -45.03 -17.32
CA ASN J 271 22.13 -45.43 -18.42
C ASN J 271 23.61 -45.19 -18.13
N SER J 272 23.99 -45.06 -16.85
CA SER J 272 25.38 -44.82 -16.51
C SER J 272 25.60 -45.12 -15.04
N ILE J 273 26.73 -45.74 -14.72
CA ILE J 273 27.10 -46.08 -13.35
C ILE J 273 28.58 -45.79 -13.16
N THR J 274 28.94 -45.41 -11.94
CA THR J 274 30.33 -45.14 -11.58
C THR J 274 30.58 -45.72 -10.20
N ASP J 275 31.32 -46.82 -10.13
CA ASP J 275 31.67 -47.42 -8.86
C ASP J 275 32.58 -46.48 -8.07
N PRO J 276 32.71 -46.70 -6.76
CA PRO J 276 33.62 -45.87 -5.97
C PRO J 276 35.04 -45.85 -6.50
N LEU J 277 35.43 -46.84 -7.30
CA LEU J 277 36.78 -46.88 -7.85
C LEU J 277 36.98 -45.90 -9.00
N GLY J 278 35.93 -45.24 -9.47
CA GLY J 278 36.03 -44.32 -10.56
C GLY J 278 35.93 -44.93 -11.95
N GLN J 279 35.30 -46.09 -12.08
CA GLN J 279 35.14 -46.76 -13.36
C GLN J 279 33.73 -46.52 -13.87
N SER J 280 33.62 -45.80 -14.98
CA SER J 280 32.32 -45.58 -15.59
C SER J 280 31.84 -46.85 -16.30
N TYR J 281 30.52 -46.95 -16.44
CA TYR J 281 29.92 -48.12 -17.06
C TYR J 281 28.63 -47.69 -17.75
N LYS J 282 28.57 -47.88 -19.07
CA LYS J 282 27.39 -47.54 -19.85
C LYS J 282 26.52 -48.77 -20.01
N ILE J 283 25.23 -48.61 -19.79
CA ILE J 283 24.28 -49.72 -19.85
C ILE J 283 23.56 -49.70 -21.19
N ILE J 284 23.36 -50.89 -21.76
CA ILE J 284 22.61 -51.06 -22.98
C ILE J 284 21.76 -52.31 -22.86
N VAL J 285 20.60 -52.29 -23.52
CA VAL J 285 19.61 -53.35 -23.42
C VAL J 285 19.63 -54.18 -24.70
N ASN J 286 19.52 -55.50 -24.54
CA ASN J 286 19.49 -56.42 -25.68
C ASN J 286 18.56 -57.57 -25.34
N ARG J 287 17.54 -57.77 -26.18
CA ARG J 287 16.53 -58.78 -25.94
C ARG J 287 17.00 -60.19 -26.25
N TRP J 288 18.18 -60.36 -26.84
CA TRP J 288 18.65 -61.67 -27.28
C TRP J 288 19.57 -62.32 -26.26
N MET J 289 19.52 -61.89 -25.00
CA MET J 289 20.32 -62.48 -23.94
C MET J 289 19.48 -63.40 -23.08
N PRO J 290 20.10 -64.39 -22.44
CA PRO J 290 19.35 -65.24 -21.51
C PRO J 290 18.94 -64.45 -20.28
N THR J 291 17.70 -64.67 -19.84
CA THR J 291 17.17 -63.91 -18.70
C THR J 291 17.99 -64.14 -17.45
N ASP J 292 18.52 -65.34 -17.26
CA ASP J 292 19.24 -65.68 -16.03
C ASP J 292 20.74 -65.45 -16.20
N ALA J 293 21.09 -64.24 -16.62
CA ALA J 293 22.48 -63.87 -16.75
C ALA J 293 22.59 -62.39 -17.12
N VAL J 294 23.75 -61.81 -16.82
CA VAL J 294 24.08 -60.44 -17.21
C VAL J 294 25.55 -60.42 -17.60
N TYR J 295 25.91 -59.57 -18.56
CA TYR J 295 27.23 -59.58 -19.17
C TYR J 295 27.92 -58.23 -18.99
N PHE J 296 29.25 -58.28 -18.91
CA PHE J 296 30.10 -57.08 -18.85
C PHE J 296 31.02 -57.11 -20.06
N PHE J 297 30.64 -56.38 -21.11
CA PHE J 297 31.37 -56.41 -22.38
C PHE J 297 32.42 -55.31 -22.45
N ARG J 298 33.17 -55.33 -23.54
CA ARG J 298 34.16 -54.29 -23.84
C ARG J 298 34.49 -54.40 -25.32
N SER J 299 34.63 -53.25 -25.99
CA SER J 299 34.75 -53.23 -27.44
C SER J 299 35.92 -54.09 -27.92
N ALA J 300 37.15 -53.69 -27.58
CA ALA J 300 38.32 -54.32 -28.16
C ALA J 300 38.56 -55.73 -27.64
N ASP J 301 38.14 -56.04 -26.41
CA ASP J 301 38.43 -57.33 -25.83
C ASP J 301 37.72 -58.48 -26.55
N TRP J 302 36.72 -58.17 -27.38
CA TRP J 302 35.98 -59.18 -28.12
C TRP J 302 36.05 -58.88 -29.61
N THR J 303 36.26 -59.93 -30.39
CA THR J 303 36.38 -59.79 -31.83
C THR J 303 35.67 -60.97 -32.49
N GLN J 304 35.09 -60.71 -33.66
CA GLN J 304 34.28 -61.69 -34.38
C GLN J 304 35.08 -62.20 -35.57
N MET J 305 35.54 -63.44 -35.49
CA MET J 305 36.32 -64.04 -36.56
C MET J 305 35.40 -64.73 -37.55
N VAL J 306 35.63 -64.47 -38.84
CA VAL J 306 34.80 -64.99 -39.92
C VAL J 306 35.69 -65.62 -40.97
N LEU J 307 35.25 -66.74 -41.52
CA LEU J 307 35.98 -67.46 -42.56
C LEU J 307 35.22 -67.45 -43.88
N ARG J 308 33.93 -67.79 -43.86
CA ARG J 308 33.10 -67.82 -45.06
C ARG J 308 31.98 -66.80 -44.90
N ALA J 309 31.95 -65.81 -45.79
CA ALA J 309 30.94 -64.78 -45.73
C ALA J 309 29.61 -65.31 -46.25
N PRO J 310 28.50 -64.67 -45.88
CA PRO J 310 27.19 -65.14 -46.35
C PRO J 310 27.12 -65.11 -47.88
N LYS J 311 26.93 -66.29 -48.47
CA LYS J 311 26.88 -66.46 -49.91
C LYS J 311 25.56 -67.11 -50.31
N ARG J 312 24.88 -66.50 -51.27
CA ARG J 312 23.67 -67.05 -51.86
C ARG J 312 24.04 -67.97 -53.02
N THR J 313 23.71 -69.25 -52.88
CA THR J 313 24.17 -70.25 -53.84
C THR J 313 23.26 -71.48 -53.74
N GLU J 314 23.69 -72.56 -54.38
CA GLU J 314 22.92 -73.80 -54.46
C GLU J 314 23.86 -74.98 -54.25
N LEU J 315 23.29 -76.16 -54.00
CA LEU J 315 24.08 -77.36 -53.72
C LEU J 315 24.72 -77.88 -55.00
N ALA J 316 25.15 -79.14 -54.98
CA ALA J 316 25.92 -79.74 -56.06
C ALA J 316 25.02 -79.96 -57.29
N LYS J 317 25.58 -80.60 -58.31
CA LYS J 317 24.88 -80.82 -59.57
C LYS J 317 24.02 -82.07 -59.41
N GLU J 322 15.38 -76.68 -57.74
CA GLU J 322 16.14 -75.43 -57.82
C GLU J 322 16.00 -74.70 -56.49
N LYS J 323 16.94 -74.98 -55.58
CA LYS J 323 16.91 -74.38 -54.25
C LYS J 323 17.98 -73.30 -54.12
N TRP J 324 17.83 -72.48 -53.08
CA TRP J 324 18.82 -71.49 -52.70
C TRP J 324 19.18 -71.72 -51.24
N MET J 325 20.33 -71.20 -50.83
CA MET J 325 20.81 -71.45 -49.48
C MET J 325 21.83 -70.38 -49.09
N ILE J 326 22.11 -70.33 -47.79
CA ILE J 326 23.13 -69.47 -47.22
C ILE J 326 24.06 -70.34 -46.37
N GLU J 327 25.32 -69.91 -46.29
CA GLU J 327 26.31 -70.62 -45.49
C GLU J 327 27.29 -69.60 -44.94
N MET J 328 27.37 -69.49 -43.62
CA MET J 328 28.20 -68.48 -42.96
C MET J 328 29.04 -69.17 -41.89
N GLU J 329 30.35 -69.25 -42.14
CA GLU J 329 31.30 -69.77 -41.17
C GLU J 329 31.78 -68.62 -40.29
N VAL J 330 31.59 -68.74 -38.98
CA VAL J 330 31.94 -67.68 -38.05
C VAL J 330 32.46 -68.32 -36.78
N GLY J 331 33.33 -67.60 -36.07
CA GLY J 331 33.87 -68.05 -34.81
C GLY J 331 33.97 -66.88 -33.86
N LEU J 332 34.18 -67.20 -32.59
CA LEU J 332 34.27 -66.21 -31.53
C LEU J 332 35.67 -66.18 -30.95
N ARG J 333 36.18 -64.96 -30.75
CA ARG J 333 37.50 -64.74 -30.17
C ARG J 333 37.39 -63.78 -29.00
N HIS J 334 38.21 -64.03 -27.98
CA HIS J 334 38.25 -63.21 -26.78
C HIS J 334 39.69 -62.98 -26.38
N ARG J 335 40.04 -61.71 -26.20
CA ARG J 335 41.43 -61.35 -25.92
C ARG J 335 41.93 -62.05 -24.65
N ASN J 336 41.20 -61.92 -23.55
CA ASN J 336 41.61 -62.50 -22.29
C ASN J 336 40.40 -62.85 -21.43
N PRO J 337 40.36 -64.05 -20.84
CA PRO J 337 39.14 -64.43 -20.10
C PRO J 337 38.84 -63.55 -18.90
N TYR J 338 39.86 -63.19 -18.12
CA TYR J 338 39.65 -62.41 -16.91
C TYR J 338 39.42 -60.94 -17.18
N ALA J 339 39.20 -60.55 -18.43
CA ALA J 339 38.89 -59.16 -18.76
C ALA J 339 37.38 -58.90 -18.68
N SER J 340 36.60 -59.63 -19.48
CA SER J 340 35.15 -59.48 -19.41
C SER J 340 34.61 -60.22 -18.20
N GLY J 341 33.39 -59.87 -17.82
CA GLY J 341 32.78 -60.43 -16.63
C GLY J 341 31.35 -60.85 -16.88
N VAL J 342 30.94 -61.91 -16.17
CA VAL J 342 29.59 -62.44 -16.23
C VAL J 342 29.11 -62.64 -14.81
N LEU J 343 27.79 -62.58 -14.63
CA LEU J 343 27.17 -62.72 -13.32
C LEU J 343 25.83 -63.42 -13.48
N PHE J 344 25.67 -64.56 -12.82
CA PHE J 344 24.44 -65.32 -12.89
C PHE J 344 23.47 -64.86 -11.79
N THR J 345 22.19 -64.84 -12.14
CA THR J 345 21.14 -64.41 -11.23
C THR J 345 20.30 -65.61 -10.80
N ALA J 346 20.37 -65.93 -9.53
CA ALA J 346 19.56 -67.00 -8.95
C ALA J 346 19.72 -66.94 -7.43
N ALA J 347 19.06 -67.86 -6.75
CA ALA J 347 19.20 -68.03 -5.31
C ALA J 347 20.07 -69.25 -5.02
N GLY J 348 20.91 -69.13 -4.00
CA GLY J 348 21.77 -70.23 -3.63
C GLY J 348 20.99 -71.39 -3.06
N LYS J 349 21.42 -72.61 -3.42
CA LYS J 349 20.77 -73.82 -2.94
C LYS J 349 21.63 -75.04 -3.21
N THR K 5 -49.17 21.17 -33.08
CA THR K 5 -49.04 21.42 -31.61
C THR K 5 -48.48 20.20 -30.89
N LEU K 6 -47.77 20.44 -29.79
CA LEU K 6 -47.26 19.37 -28.93
C LEU K 6 -46.35 18.44 -29.72
N PHE K 7 -45.23 18.98 -30.18
CA PHE K 7 -44.22 18.21 -30.90
C PHE K 7 -43.14 17.81 -29.90
N VAL K 8 -42.98 16.50 -29.69
CA VAL K 8 -41.95 15.99 -28.79
C VAL K 8 -40.85 15.33 -29.60
N SER K 9 -41.22 14.43 -30.50
CA SER K 9 -40.28 13.79 -31.42
C SER K 9 -39.10 13.18 -30.67
N TYR K 10 -39.42 12.40 -29.62
CA TYR K 10 -38.43 11.67 -28.86
C TYR K 10 -38.67 10.17 -28.80
N ASP K 11 -39.73 9.67 -29.44
CA ASP K 11 -40.10 8.27 -29.36
C ASP K 11 -40.22 7.60 -30.72
N GLN K 12 -39.30 7.88 -31.64
CA GLN K 12 -39.38 7.25 -32.96
C GLN K 12 -39.07 5.75 -32.86
N ASN K 13 -37.87 5.40 -32.43
CA ASN K 13 -37.46 4.02 -32.21
C ASN K 13 -37.96 3.09 -33.32
N GLY K 14 -37.82 3.55 -34.56
CA GLY K 14 -38.12 2.74 -35.72
C GLY K 14 -37.01 1.79 -36.12
N LYS K 15 -36.33 1.18 -35.14
CA LYS K 15 -35.12 0.41 -35.42
C LYS K 15 -35.35 -0.60 -36.53
N LYS K 16 -36.37 -1.44 -36.40
CA LYS K 16 -36.68 -2.49 -37.37
C LYS K 16 -35.42 -3.25 -37.79
N LEU K 17 -34.67 -3.71 -36.78
CA LEU K 17 -33.46 -4.47 -37.04
C LEU K 17 -33.74 -5.97 -37.01
N SER K 18 -32.84 -6.73 -37.65
CA SER K 18 -32.95 -8.18 -37.72
C SER K 18 -31.91 -8.84 -36.81
N PHE K 19 -31.92 -10.17 -36.83
CA PHE K 19 -30.98 -10.93 -36.02
C PHE K 19 -29.57 -10.81 -36.57
N ALA K 20 -28.60 -11.18 -35.75
CA ALA K 20 -27.18 -11.00 -36.08
C ALA K 20 -26.39 -12.30 -36.11
N ASN K 21 -26.96 -13.42 -35.65
CA ASN K 21 -26.27 -14.71 -35.65
C ASN K 21 -24.99 -14.65 -34.79
N TRP K 22 -25.18 -14.49 -33.48
CA TRP K 22 -24.09 -14.45 -32.52
C TRP K 22 -23.89 -15.80 -31.84
N ILE K 23 -24.12 -16.90 -32.55
CA ILE K 23 -24.04 -18.22 -31.91
C ILE K 23 -22.58 -18.54 -31.58
N SER K 24 -22.40 -19.62 -30.82
CA SER K 24 -21.08 -20.03 -30.36
C SER K 24 -20.64 -21.28 -31.12
N VAL K 25 -19.32 -21.43 -31.28
CA VAL K 25 -18.73 -22.54 -32.02
C VAL K 25 -17.84 -23.34 -31.08
N LEU K 26 -17.82 -24.65 -31.28
CA LEU K 26 -17.01 -25.59 -30.49
C LEU K 26 -16.28 -26.56 -31.42
N SER K 27 -15.62 -26.01 -32.44
CA SER K 27 -15.03 -26.82 -33.51
C SER K 27 -13.54 -27.03 -33.25
N SER K 41 -7.21 -41.56 -50.93
CA SER K 41 -8.57 -42.06 -51.13
C SER K 41 -8.50 -43.44 -51.77
N ILE K 42 -9.23 -44.39 -51.19
CA ILE K 42 -9.40 -45.71 -51.78
C ILE K 42 -10.57 -45.66 -52.75
N ASN K 43 -10.66 -46.68 -53.60
CA ASN K 43 -11.69 -46.78 -54.62
C ASN K 43 -12.77 -47.78 -54.25
N GLN K 44 -12.39 -48.99 -53.86
CA GLN K 44 -13.35 -50.03 -53.55
C GLN K 44 -13.96 -49.81 -52.17
N THR K 45 -14.92 -50.66 -51.82
CA THR K 45 -15.58 -50.55 -50.52
C THR K 45 -14.81 -51.27 -49.42
N ILE K 46 -14.03 -52.29 -49.77
CA ILE K 46 -13.25 -53.07 -48.81
C ILE K 46 -11.78 -52.91 -49.16
N PHE K 47 -10.94 -52.83 -48.12
CA PHE K 47 -9.50 -52.70 -48.28
C PHE K 47 -8.81 -53.67 -47.32
N SER K 48 -7.66 -54.17 -47.74
CA SER K 48 -6.92 -55.16 -46.97
C SER K 48 -5.43 -54.80 -46.96
N TRP K 49 -4.72 -55.38 -46.00
CA TRP K 49 -3.28 -55.23 -45.92
C TRP K 49 -2.67 -56.53 -45.44
N GLN K 50 -1.38 -56.69 -45.71
CA GLN K 50 -0.65 -57.91 -45.39
C GLN K 50 0.24 -57.68 -44.18
N THR K 51 0.36 -58.71 -43.34
CA THR K 51 1.22 -58.67 -42.17
C THR K 51 1.85 -60.04 -41.98
N ASP K 52 3.17 -60.05 -41.82
CA ASP K 52 3.91 -61.28 -41.55
C ASP K 52 4.71 -61.13 -40.25
N ALA K 53 5.16 -62.27 -39.74
CA ALA K 53 5.96 -62.30 -38.52
C ALA K 53 7.07 -63.31 -38.70
N LEU K 54 8.30 -62.89 -38.39
CA LEU K 54 9.44 -63.77 -38.51
C LEU K 54 9.27 -65.00 -37.61
N ALA K 55 10.17 -65.96 -37.79
CA ALA K 55 10.11 -67.20 -37.04
C ALA K 55 10.98 -67.10 -35.78
N SER K 56 10.76 -68.06 -34.88
CA SER K 56 11.56 -68.12 -33.66
C SER K 56 13.03 -68.31 -33.99
N VAL K 57 13.90 -67.76 -33.15
CA VAL K 57 15.34 -67.82 -33.38
C VAL K 57 15.86 -69.18 -32.90
N ASP K 58 16.72 -69.79 -33.71
CA ASP K 58 17.31 -71.07 -33.35
C ASP K 58 18.65 -70.86 -32.65
N GLY K 59 18.98 -71.78 -31.76
CA GLY K 59 20.21 -71.70 -30.99
C GLY K 59 21.01 -72.98 -31.05
N ASN K 60 20.78 -73.79 -32.09
CA ASN K 60 21.50 -75.05 -32.24
C ASN K 60 22.00 -75.26 -33.67
N ASN K 61 22.30 -74.18 -34.39
CA ASN K 61 22.80 -74.29 -35.76
C ASN K 61 24.25 -74.77 -35.72
N ALA K 62 24.44 -76.08 -35.81
CA ALA K 62 25.76 -76.70 -35.81
C ALA K 62 25.84 -77.74 -36.92
N HIS K 63 25.35 -77.39 -38.09
CA HIS K 63 25.27 -78.34 -39.19
C HIS K 63 26.66 -78.85 -39.56
N VAL K 64 26.70 -80.00 -40.19
CA VAL K 64 27.93 -80.66 -40.57
C VAL K 64 28.33 -80.21 -41.98
N GLU K 65 29.60 -80.39 -42.29
CA GLU K 65 30.16 -79.91 -43.56
C GLU K 65 29.93 -80.93 -44.66
N GLY K 66 29.71 -80.41 -45.87
CA GLY K 66 29.51 -81.25 -47.03
C GLY K 66 28.30 -82.15 -46.91
N SER K 67 27.15 -81.58 -46.56
CA SER K 67 25.92 -82.32 -46.35
C SER K 67 24.83 -81.76 -47.23
N ARG K 68 23.61 -82.23 -47.00
CA ARG K 68 22.45 -81.88 -47.80
C ARG K 68 21.74 -80.65 -47.22
N ALA K 69 21.09 -79.90 -48.10
CA ALA K 69 20.34 -78.72 -47.70
C ALA K 69 18.98 -79.14 -47.16
N GLU K 70 18.83 -79.13 -45.84
CA GLU K 70 17.58 -79.54 -45.20
C GLU K 70 16.47 -78.56 -45.54
N ASP K 71 15.26 -79.10 -45.68
CA ASP K 71 14.09 -78.25 -45.88
C ASP K 71 13.95 -77.26 -44.74
N GLY K 72 13.60 -76.02 -45.10
CA GLY K 72 13.49 -74.93 -44.15
C GLY K 72 12.04 -74.63 -43.77
N GLU K 73 11.91 -73.75 -42.80
CA GLU K 73 10.61 -73.31 -42.31
C GLU K 73 10.14 -72.10 -43.11
N MET K 74 9.02 -72.24 -43.80
CA MET K 74 8.42 -71.17 -44.57
C MET K 74 6.93 -71.10 -44.24
N LYS K 75 6.45 -69.88 -44.01
CA LYS K 75 5.08 -69.67 -43.57
C LYS K 75 4.40 -68.62 -44.43
N PRO K 76 3.08 -68.63 -44.52
CA PRO K 76 2.36 -67.65 -45.32
C PRO K 76 2.29 -66.31 -44.59
N THR K 77 1.82 -65.30 -45.31
CA THR K 77 1.66 -63.95 -44.78
C THR K 77 0.21 -63.72 -44.42
N VAL K 78 -0.05 -63.42 -43.15
CA VAL K 78 -1.41 -63.15 -42.72
C VAL K 78 -1.89 -61.83 -43.33
N ILE K 79 -3.19 -61.78 -43.62
CA ILE K 79 -3.80 -60.61 -44.22
C ILE K 79 -4.96 -60.17 -43.34
N LYS K 80 -5.27 -58.88 -43.39
CA LYS K 80 -6.35 -58.29 -42.62
C LYS K 80 -7.21 -57.46 -43.55
N SER K 81 -8.47 -57.29 -43.16
CA SER K 81 -9.42 -56.52 -43.95
C SER K 81 -10.35 -55.76 -43.02
N ASN K 82 -11.07 -54.81 -43.59
CA ASN K 82 -12.02 -54.01 -42.84
C ASN K 82 -13.13 -53.57 -43.78
N VAL K 83 -13.99 -52.68 -43.30
CA VAL K 83 -15.10 -52.14 -44.08
C VAL K 83 -15.39 -50.73 -43.58
N THR K 84 -16.04 -49.95 -44.42
CA THR K 84 -16.35 -48.56 -44.10
C THR K 84 -17.69 -48.46 -43.38
N GLN K 85 -18.11 -47.23 -43.11
CA GLN K 85 -19.35 -46.97 -42.41
C GLN K 85 -20.05 -45.80 -43.09
N ILE K 86 -21.37 -45.73 -42.93
CA ILE K 86 -22.20 -44.71 -43.54
C ILE K 86 -22.55 -43.67 -42.48
N ARG K 88 -24.98 -40.12 -42.10
CA ARG K 88 -25.97 -39.19 -42.64
C ARG K 88 -26.55 -38.38 -41.50
N LYS K 89 -27.28 -37.32 -41.85
CA LYS K 89 -27.91 -36.47 -40.87
C LYS K 89 -29.27 -36.01 -41.42
N VAL K 90 -30.06 -35.39 -40.57
CA VAL K 90 -31.41 -34.96 -40.91
C VAL K 90 -31.46 -33.44 -40.87
N VAL K 91 -32.10 -32.84 -41.88
CA VAL K 91 -32.08 -31.39 -42.05
C VAL K 91 -33.49 -30.85 -41.88
N ARG K 92 -34.29 -31.50 -41.04
CA ARG K 92 -35.67 -31.09 -40.82
C ARG K 92 -35.75 -29.60 -40.46
N VAL K 93 -36.55 -28.87 -41.24
CA VAL K 93 -36.79 -27.45 -41.02
C VAL K 93 -38.14 -27.10 -41.63
N SER K 94 -38.53 -25.83 -41.48
CA SER K 94 -39.77 -25.35 -42.08
C SER K 94 -39.65 -25.16 -43.58
N ASP K 95 -38.69 -24.36 -44.04
CA ASP K 95 -38.37 -24.12 -45.45
C ASP K 95 -39.49 -23.48 -46.24
N THR K 96 -40.66 -23.23 -45.64
CA THR K 96 -41.69 -22.47 -46.33
C THR K 96 -41.26 -21.02 -46.55
N ALA K 97 -40.37 -20.52 -45.69
CA ALA K 97 -39.82 -19.18 -45.82
C ALA K 97 -38.53 -19.23 -46.64
N ASN K 98 -37.73 -18.17 -46.55
CA ASN K 98 -36.43 -18.00 -47.22
C ASN K 98 -36.60 -17.67 -48.70
N THR K 99 -37.82 -17.60 -49.22
CA THR K 99 -38.03 -17.19 -50.61
C THR K 99 -38.17 -15.68 -50.73
N THR K 100 -38.84 -15.04 -49.78
CA THR K 100 -38.90 -13.59 -49.70
C THR K 100 -37.96 -13.12 -48.59
N ALA K 101 -37.97 -11.83 -48.27
CA ALA K 101 -37.06 -11.27 -47.27
C ALA K 101 -37.33 -11.93 -45.93
N ASN K 102 -36.36 -12.72 -45.46
CA ASN K 102 -36.48 -13.35 -44.16
C ASN K 102 -36.65 -12.30 -43.06
N TYR K 103 -37.25 -12.72 -41.95
CA TYR K 103 -37.59 -11.80 -40.87
C TYR K 103 -36.48 -11.71 -39.83
N GLY K 104 -36.11 -12.84 -39.23
CA GLY K 104 -35.13 -12.81 -38.16
C GLY K 104 -33.69 -12.76 -38.61
N ARG K 105 -33.20 -13.81 -39.26
CA ARG K 105 -31.81 -13.85 -39.74
C ARG K 105 -31.70 -14.11 -41.22
N GLY K 106 -32.38 -15.15 -41.73
CA GLY K 106 -32.22 -15.55 -43.12
C GLY K 106 -30.98 -16.40 -43.34
N ARG K 107 -31.02 -17.26 -44.36
CA ARG K 107 -29.88 -18.09 -44.74
C ARG K 107 -29.49 -19.04 -43.59
N GLU K 108 -30.43 -19.90 -43.21
CA GLU K 108 -30.18 -20.84 -42.13
C GLU K 108 -29.61 -22.16 -42.65
N LEU K 109 -29.70 -22.39 -43.95
CA LEU K 109 -29.29 -23.67 -44.52
C LEU K 109 -27.80 -23.93 -44.29
N MET K 110 -26.96 -22.94 -44.62
CA MET K 110 -25.52 -23.13 -44.48
C MET K 110 -25.13 -23.25 -43.01
N TYR K 111 -25.81 -22.49 -42.13
CA TYR K 111 -25.56 -22.62 -40.70
C TYR K 111 -25.83 -24.04 -40.23
N GLN K 112 -27.01 -24.58 -40.56
CA GLN K 112 -27.33 -25.95 -40.18
C GLN K 112 -26.36 -26.95 -40.81
N LEU K 113 -25.93 -26.70 -42.04
CA LEU K 113 -25.05 -27.64 -42.72
C LEU K 113 -23.67 -27.68 -42.05
N GLU K 114 -23.13 -26.51 -41.70
CA GLU K 114 -21.87 -26.48 -40.97
C GLU K 114 -22.01 -27.16 -39.61
N LYS K 115 -23.14 -26.91 -38.93
CA LYS K 115 -23.38 -27.57 -37.65
C LYS K 115 -23.36 -29.09 -37.80
N LYS K 116 -24.05 -29.60 -38.81
CA LYS K 116 -24.09 -31.05 -39.02
C LYS K 116 -22.73 -31.60 -39.42
N GLY K 117 -21.95 -30.84 -40.19
CA GLY K 117 -20.62 -31.29 -40.53
C GLY K 117 -19.74 -31.45 -39.30
N LYS K 118 -19.73 -30.43 -38.44
CA LYS K 118 -18.96 -30.54 -37.21
C LYS K 118 -19.49 -31.65 -36.32
N GLU K 119 -20.81 -31.85 -36.32
CA GLU K 119 -21.40 -32.92 -35.52
C GLU K 119 -20.91 -34.28 -35.99
N ILE K 120 -20.91 -34.52 -37.31
CA ILE K 120 -20.46 -35.82 -37.80
C ILE K 120 -18.96 -35.97 -37.59
N LYS K 121 -18.20 -34.88 -37.63
CA LYS K 121 -16.79 -34.96 -37.31
C LYS K 121 -16.57 -35.44 -35.88
N ARG K 122 -17.25 -34.80 -34.93
CA ARG K 122 -17.13 -35.20 -33.53
C ARG K 122 -17.58 -36.64 -33.34
N ASP K 123 -18.68 -37.02 -34.01
CA ASP K 123 -19.20 -38.38 -33.89
C ASP K 123 -18.19 -39.40 -34.43
N LEU K 124 -17.58 -39.11 -35.58
CA LEU K 124 -16.57 -40.00 -36.12
C LEU K 124 -15.41 -40.15 -35.17
N GLU K 125 -14.91 -39.03 -34.63
CA GLU K 125 -13.81 -39.12 -33.67
C GLU K 125 -14.18 -40.05 -32.51
N LYS K 126 -15.33 -39.79 -31.90
CA LYS K 126 -15.71 -40.55 -30.71
C LYS K 126 -15.89 -42.03 -31.03
N ILE K 127 -16.57 -42.34 -32.13
CA ILE K 127 -16.88 -43.74 -32.43
C ILE K 127 -15.62 -44.48 -32.88
N LEU K 128 -14.70 -43.77 -33.53
CA LEU K 128 -13.46 -44.39 -33.97
C LEU K 128 -12.57 -44.69 -32.78
N LEU K 129 -12.50 -43.77 -31.82
CA LEU K 129 -11.75 -44.03 -30.60
C LEU K 129 -12.48 -44.98 -29.65
N SER K 130 -13.71 -45.36 -29.99
CA SER K 130 -14.48 -46.32 -29.21
C SER K 130 -14.36 -47.71 -29.81
N GLY K 131 -14.55 -48.72 -28.96
CA GLY K 131 -14.44 -50.10 -29.38
C GLY K 131 -15.77 -50.74 -29.71
N GLN K 132 -15.89 -51.30 -30.92
CA GLN K 132 -17.06 -52.08 -31.30
C GLN K 132 -16.68 -53.07 -32.39
N ALA K 133 -17.16 -54.30 -32.26
CA ALA K 133 -16.84 -55.35 -33.21
C ALA K 133 -17.52 -55.09 -34.55
N ARG K 134 -17.07 -55.84 -35.57
CA ARG K 134 -17.67 -55.80 -36.90
C ARG K 134 -18.75 -56.88 -37.03
N THR K 135 -19.77 -56.77 -36.18
CA THR K 135 -20.86 -57.72 -36.22
C THR K 135 -21.65 -57.56 -37.51
N ASP K 136 -21.71 -58.63 -38.31
CA ASP K 136 -22.38 -58.58 -39.60
C ASP K 136 -23.09 -59.91 -39.83
N ALA K 161 -25.93 -53.47 -41.34
CA ALA K 161 -25.27 -52.38 -42.05
C ALA K 161 -23.76 -52.60 -42.06
N ARG K 162 -23.06 -51.82 -42.88
CA ARG K 162 -21.61 -51.89 -42.96
C ARG K 162 -21.03 -51.33 -41.68
N LYS K 163 -20.58 -52.21 -40.80
CA LYS K 163 -20.02 -51.83 -39.50
C LYS K 163 -18.50 -51.80 -39.62
N THR K 164 -17.93 -50.60 -39.52
CA THR K 164 -16.48 -50.45 -39.65
C THR K 164 -15.78 -50.94 -38.39
N GLY K 165 -14.54 -51.37 -38.57
CA GLY K 165 -13.72 -51.76 -37.43
C GLY K 165 -13.23 -50.54 -36.66
N ALA K 166 -12.85 -50.77 -35.41
CA ALA K 166 -12.42 -49.70 -34.53
C ALA K 166 -10.98 -49.96 -34.05
N PHE K 167 -10.43 -48.95 -33.36
CA PHE K 167 -9.11 -49.09 -32.75
C PHE K 167 -9.07 -50.26 -31.79
N GLN K 168 -10.08 -50.35 -30.90
CA GLN K 168 -10.10 -51.38 -29.89
C GLN K 168 -10.10 -52.78 -30.47
N PHE K 169 -10.56 -52.94 -31.72
CA PHE K 169 -10.67 -54.24 -32.34
C PHE K 169 -9.36 -54.70 -32.97
N LEU K 170 -8.64 -53.79 -33.59
CA LEU K 170 -7.41 -54.14 -34.33
C LEU K 170 -6.17 -54.00 -33.44
N CYS K 171 -6.24 -54.55 -32.22
CA CYS K 171 -5.11 -54.52 -31.31
C CYS K 171 -4.97 -55.83 -30.54
N ALA K 172 -5.37 -56.95 -31.15
CA ALA K 172 -5.34 -58.26 -30.50
C ALA K 172 -6.25 -58.25 -29.26
N GLY K 174 -8.35 -60.27 -28.09
CA GLY K 174 -8.28 -61.49 -27.30
C GLY K 174 -9.50 -61.71 -26.43
N GLY K 175 -10.66 -61.89 -27.05
CA GLY K 175 -11.89 -62.14 -26.31
C GLY K 175 -12.93 -61.05 -26.53
N LEU K 176 -14.06 -61.42 -27.13
CA LEU K 176 -15.12 -60.47 -27.41
C LEU K 176 -16.20 -60.55 -26.33
N ALA K 177 -17.28 -59.80 -26.53
CA ALA K 177 -18.41 -59.79 -25.62
C ALA K 177 -19.67 -59.86 -26.47
N GLY K 178 -20.82 -59.55 -25.85
CA GLY K 178 -22.10 -59.62 -26.53
C GLY K 178 -22.07 -59.01 -27.92
N GLY K 179 -21.70 -57.74 -28.02
CA GLY K 179 -21.60 -57.08 -29.31
C GLY K 179 -20.43 -56.12 -29.38
N VAL K 180 -19.59 -56.12 -28.34
CA VAL K 180 -18.49 -55.19 -28.23
C VAL K 180 -17.25 -55.96 -27.78
N VAL K 181 -16.10 -55.32 -27.91
CA VAL K 181 -14.84 -55.91 -27.49
C VAL K 181 -14.80 -55.99 -25.97
N ASP K 182 -14.55 -57.19 -25.46
CA ASP K 182 -14.48 -57.37 -24.01
C ASP K 182 -13.26 -56.65 -23.44
N LYS K 183 -13.45 -56.01 -22.29
CA LYS K 183 -12.39 -55.29 -21.61
C LYS K 183 -12.00 -55.93 -20.28
N THR K 184 -12.38 -57.19 -20.06
CA THR K 184 -12.06 -57.87 -18.81
C THR K 184 -11.42 -59.23 -19.05
N LYS K 185 -10.97 -59.53 -20.27
CA LYS K 185 -10.33 -60.79 -20.61
C LYS K 185 -8.97 -60.49 -21.21
N ASN K 186 -7.92 -60.97 -20.55
CA ASN K 186 -6.56 -60.69 -21.00
C ASN K 186 -6.35 -61.23 -22.41
N GLY K 187 -5.41 -60.61 -23.12
CA GLY K 187 -5.11 -60.97 -24.49
C GLY K 187 -4.12 -62.11 -24.58
N PRO K 188 -3.90 -62.57 -25.80
CA PRO K 188 -2.98 -63.69 -26.02
C PRO K 188 -1.53 -63.22 -26.12
N ALA K 189 -0.64 -64.21 -26.17
CA ALA K 189 0.78 -63.96 -26.37
C ALA K 189 1.11 -63.99 -27.86
N ASP K 190 1.73 -62.93 -28.35
CA ASP K 190 2.12 -62.88 -29.75
C ASP K 190 3.14 -63.98 -30.03
N PRO K 191 2.91 -64.83 -31.04
CA PRO K 191 3.83 -65.96 -31.25
C PRO K 191 5.23 -65.56 -31.68
N ASP K 192 5.43 -64.36 -32.22
CA ASP K 192 6.76 -63.96 -32.66
C ASP K 192 7.72 -63.90 -31.49
N THR K 193 7.32 -63.23 -30.40
CA THR K 193 8.15 -63.10 -29.22
C THR K 193 7.41 -63.55 -27.98
N GLY K 194 6.11 -63.28 -27.92
CA GLY K 194 5.32 -63.57 -26.75
C GLY K 194 4.68 -62.32 -26.16
N ALA K 195 4.49 -61.31 -27.00
CA ALA K 195 3.91 -60.06 -26.53
C ALA K 195 2.46 -60.26 -26.13
N VAL K 196 2.08 -59.67 -25.00
CA VAL K 196 0.74 -59.79 -24.45
C VAL K 196 0.11 -58.41 -24.39
N THR K 197 0.38 -57.59 -25.40
CA THR K 197 0.06 -56.16 -25.40
C THR K 197 -1.21 -55.83 -24.65
N VAL K 198 -2.30 -56.54 -24.92
CA VAL K 198 -3.56 -56.31 -24.21
C VAL K 198 -3.41 -56.82 -22.79
N LYS K 199 -3.60 -55.93 -21.82
CA LYS K 199 -3.44 -56.28 -20.41
C LYS K 199 -4.60 -55.71 -19.61
N VAL K 200 -4.57 -55.97 -18.32
CA VAL K 200 -5.55 -55.43 -17.39
C VAL K 200 -4.84 -55.06 -16.09
N ALA K 201 -5.35 -54.01 -15.44
CA ALA K 201 -4.80 -53.57 -14.16
C ALA K 201 -5.38 -54.43 -13.04
N GLN K 202 -4.52 -54.83 -12.11
CA GLN K 202 -4.97 -55.70 -11.02
C GLN K 202 -5.87 -54.94 -10.05
N ASN K 203 -5.58 -53.65 -9.81
CA ASN K 203 -6.37 -52.82 -8.90
C ASN K 203 -6.37 -53.42 -7.49
N ALA K 204 -5.19 -53.91 -7.09
CA ALA K 204 -5.02 -54.47 -5.76
C ALA K 204 -4.23 -53.53 -4.86
N SER K 205 -3.21 -52.88 -5.42
CA SER K 205 -2.43 -51.91 -4.66
C SER K 205 -3.32 -50.80 -4.13
N ASN K 206 -3.95 -50.05 -5.03
CA ASN K 206 -4.93 -49.04 -4.66
C ASN K 206 -6.16 -49.74 -4.11
N PRO K 207 -7.00 -49.07 -3.31
CA PRO K 207 -8.14 -49.76 -2.69
C PRO K 207 -9.18 -50.17 -3.71
N THR K 208 -10.26 -50.81 -3.25
CA THR K 208 -11.33 -51.25 -4.12
C THR K 208 -12.36 -50.15 -4.37
N THR K 209 -12.12 -48.95 -3.86
CA THR K 209 -13.03 -47.82 -4.07
C THR K 209 -12.85 -47.21 -5.45
N ASN K 210 -11.64 -46.76 -5.77
CA ASN K 210 -11.36 -46.28 -7.12
C ASN K 210 -11.50 -47.43 -8.12
N ILE K 211 -11.83 -47.09 -9.35
CA ILE K 211 -12.05 -48.12 -10.38
C ILE K 211 -10.85 -49.05 -10.43
N GLY K 212 -9.69 -48.53 -10.82
CA GLY K 212 -8.47 -49.29 -10.84
C GLY K 212 -7.45 -48.74 -11.81
N PHE K 213 -6.18 -48.72 -11.40
CA PHE K 213 -5.11 -48.20 -12.22
C PHE K 213 -3.80 -48.45 -11.50
N ASP K 214 -2.71 -48.48 -12.25
CA ASP K 214 -1.39 -48.67 -11.69
C ASP K 214 -0.54 -47.43 -11.90
N GLU K 215 0.62 -47.39 -11.25
CA GLU K 215 1.52 -46.24 -11.34
C GLU K 215 2.90 -46.68 -11.79
N ALA K 216 3.29 -47.90 -11.41
CA ALA K 216 4.57 -48.46 -11.81
C ALA K 216 4.44 -49.86 -12.37
N ASP K 217 3.21 -50.40 -12.42
CA ASP K 217 2.97 -51.72 -12.99
C ASP K 217 2.54 -51.64 -14.45
N ILE K 218 2.34 -50.44 -14.99
CA ILE K 218 2.03 -50.30 -16.40
C ILE K 218 3.27 -50.33 -17.27
N PHE K 219 4.44 -50.03 -16.70
CA PHE K 219 5.67 -50.09 -17.47
C PHE K 219 5.89 -51.47 -18.10
N ASP K 220 5.22 -52.50 -17.58
CA ASP K 220 5.19 -53.77 -18.29
C ASP K 220 4.60 -53.60 -19.67
N MET K 221 3.71 -52.61 -19.84
CA MET K 221 3.16 -52.32 -21.17
C MET K 221 4.26 -51.86 -22.12
N THR K 222 5.07 -50.90 -21.69
CA THR K 222 6.18 -50.46 -22.54
C THR K 222 7.17 -51.58 -22.77
N LEU K 223 7.38 -52.42 -21.75
CA LEU K 223 8.27 -53.57 -21.92
C LEU K 223 7.75 -54.51 -23.00
N GLN K 224 6.45 -54.80 -22.98
CA GLN K 224 5.87 -55.68 -23.99
C GLN K 224 5.94 -55.04 -25.37
N LEU K 225 5.67 -53.74 -25.46
CA LEU K 225 5.77 -53.06 -26.75
C LEU K 225 7.19 -53.15 -27.29
N TYR K 226 8.18 -52.98 -26.42
CA TYR K 226 9.57 -53.06 -26.85
C TYR K 226 9.92 -54.48 -27.30
N THR K 227 9.47 -55.49 -26.54
CA THR K 227 9.75 -56.87 -26.91
C THR K 227 9.05 -57.27 -28.20
N ALA K 228 7.94 -56.63 -28.54
CA ALA K 228 7.24 -56.95 -29.77
C ALA K 228 7.96 -56.37 -30.99
N GLY K 229 8.30 -55.08 -30.93
CA GLY K 229 8.95 -54.42 -32.04
C GLY K 229 8.40 -53.03 -32.29
N SER K 230 7.42 -52.64 -31.49
CA SER K 230 6.78 -51.34 -31.70
C SER K 230 7.75 -50.20 -31.42
N GLU K 231 7.55 -49.10 -32.13
CA GLU K 231 8.35 -47.89 -31.96
C GLU K 231 7.45 -46.72 -31.62
N ALA K 232 6.44 -46.95 -30.79
CA ALA K 232 5.42 -45.96 -30.47
C ALA K 232 5.81 -45.16 -29.25
N ASP K 233 5.72 -43.83 -29.36
CA ASP K 233 5.88 -42.92 -28.22
C ASP K 233 4.70 -41.95 -28.21
N ILE K 234 3.58 -42.41 -27.63
CA ILE K 234 2.44 -41.53 -27.37
C ILE K 234 1.45 -42.31 -26.51
N ILE K 235 0.73 -41.60 -25.64
CA ILE K 235 -0.28 -42.21 -24.78
C ILE K 235 -1.49 -41.29 -24.77
N MET K 236 -2.62 -41.80 -25.26
CA MET K 236 -3.87 -41.07 -25.21
C MET K 236 -4.62 -41.39 -23.92
N ILE K 237 -5.31 -40.39 -23.39
CA ILE K 237 -6.01 -40.53 -22.11
C ILE K 237 -7.19 -39.57 -22.10
N ASN K 238 -8.28 -40.00 -21.48
CA ASN K 238 -9.42 -39.13 -21.34
C ASN K 238 -9.25 -38.23 -20.12
N PRO K 239 -9.98 -37.11 -20.05
CA PRO K 239 -9.72 -36.14 -18.98
C PRO K 239 -9.85 -36.71 -17.59
N ALA K 240 -10.75 -37.68 -17.38
CA ALA K 240 -11.00 -38.16 -16.03
C ALA K 240 -9.76 -38.81 -15.43
N HIS K 241 -9.25 -39.85 -16.10
CA HIS K 241 -8.08 -40.60 -15.60
C HIS K 241 -6.77 -39.94 -16.04
N ALA K 242 -6.61 -38.66 -15.71
CA ALA K 242 -5.41 -37.90 -16.03
C ALA K 242 -4.61 -37.51 -14.80
N LYS K 243 -5.25 -37.39 -13.64
CA LYS K 243 -4.53 -37.02 -12.42
C LYS K 243 -3.49 -38.07 -12.06
N ILE K 244 -3.59 -39.27 -12.63
CA ILE K 244 -2.66 -40.34 -12.27
C ILE K 244 -1.23 -39.95 -12.63
N PHE K 245 -1.05 -39.35 -13.80
CA PHE K 245 0.29 -38.95 -14.22
C PHE K 245 0.84 -37.85 -13.31
N ALA K 246 -0.02 -36.92 -12.88
CA ALA K 246 0.41 -35.92 -11.94
C ALA K 246 0.81 -36.52 -10.60
N GLY K 247 0.08 -37.56 -10.16
CA GLY K 247 0.43 -38.23 -8.92
C GLY K 247 1.68 -39.10 -9.04
N LEU K 248 2.03 -39.53 -10.25
CA LEU K 248 3.25 -40.32 -10.42
C LEU K 248 4.46 -39.66 -9.76
N GLN K 249 4.50 -38.34 -9.71
CA GLN K 249 5.62 -37.61 -9.12
C GLN K 249 5.57 -37.58 -7.60
N GLU K 250 4.68 -38.36 -6.98
CA GLU K 250 4.57 -38.33 -5.52
C GLU K 250 3.84 -39.57 -5.01
N ASN K 251 4.41 -40.22 -4.00
CA ASN K 251 3.79 -41.36 -3.36
C ASN K 251 3.95 -41.24 -1.85
N THR K 252 3.03 -41.91 -1.13
CA THR K 252 3.14 -41.94 0.32
C THR K 252 4.49 -42.52 0.75
N GLN K 253 4.98 -43.52 0.01
CA GLN K 253 6.30 -44.06 0.28
C GLN K 253 7.36 -42.98 0.15
N GLY K 254 8.33 -43.00 1.05
CA GLY K 254 9.39 -42.03 1.04
C GLY K 254 10.43 -42.30 -0.03
N SER K 255 10.03 -42.21 -1.29
CA SER K 255 10.92 -42.47 -2.40
C SER K 255 10.91 -41.39 -3.47
N ARG K 256 9.93 -40.50 -3.48
CA ARG K 256 9.87 -39.44 -4.49
C ARG K 256 8.86 -38.40 -4.03
N LYS K 257 9.20 -37.13 -4.16
CA LYS K 257 8.32 -36.05 -3.76
C LYS K 257 8.76 -34.76 -4.43
N ARG K 258 7.91 -33.74 -4.31
CA ARG K 258 8.12 -32.46 -4.96
C ARG K 258 8.89 -31.51 -4.04
N ILE K 259 9.32 -30.39 -4.63
CA ILE K 259 10.05 -29.37 -3.89
C ILE K 259 9.73 -28.01 -4.49
N PHE K 260 9.53 -27.02 -3.63
CA PHE K 260 9.28 -25.63 -4.04
C PHE K 260 10.26 -24.72 -3.30
N GLU K 261 11.20 -24.15 -4.04
CA GLU K 261 12.19 -23.23 -3.46
C GLU K 261 11.73 -21.79 -3.66
N ASN K 262 10.75 -21.41 -2.85
CA ASN K 262 10.15 -20.08 -2.92
C ASN K 262 9.65 -19.79 -4.33
N THR K 263 8.81 -20.70 -4.84
CA THR K 263 8.27 -20.61 -6.19
C THR K 263 6.77 -20.35 -6.10
N LYS K 264 6.34 -19.24 -6.69
CA LYS K 264 4.92 -18.86 -6.70
C LYS K 264 4.25 -19.44 -7.95
N GLN K 265 4.34 -20.76 -8.10
CA GLN K 265 3.85 -21.42 -9.30
C GLN K 265 3.58 -22.89 -8.96
N PHE K 266 2.31 -23.27 -8.98
CA PHE K 266 1.91 -24.66 -8.77
C PHE K 266 1.63 -25.31 -10.12
N ILE K 267 2.31 -26.41 -10.40
CA ILE K 267 2.21 -27.10 -11.69
C ILE K 267 2.01 -28.58 -11.38
N TYR K 268 0.76 -29.02 -11.37
CA TYR K 268 0.41 -30.42 -11.11
C TYR K 268 0.11 -31.15 -12.41
N GLU K 269 1.11 -31.22 -13.28
CA GLU K 269 0.96 -31.84 -14.59
C GLU K 269 2.22 -32.62 -14.95
N VAL K 270 2.01 -33.71 -15.68
CA VAL K 270 3.10 -34.51 -16.23
C VAL K 270 2.61 -35.12 -17.54
N ASN K 271 3.33 -34.84 -18.62
CA ASN K 271 2.91 -35.25 -19.96
C ASN K 271 4.05 -35.88 -20.76
N SER K 272 4.99 -36.53 -20.06
CA SER K 272 6.09 -37.20 -20.74
C SER K 272 6.69 -38.22 -19.79
N ILE K 273 6.92 -39.42 -20.31
CA ILE K 273 7.42 -40.54 -19.53
C ILE K 273 8.57 -41.19 -20.27
N THR K 274 9.54 -41.71 -19.52
CA THR K 274 10.67 -42.44 -20.07
C THR K 274 10.85 -43.70 -19.24
N ASP K 275 10.67 -44.84 -19.88
CA ASP K 275 10.78 -46.12 -19.21
C ASP K 275 12.24 -46.56 -19.12
N PRO K 276 12.54 -47.57 -18.31
CA PRO K 276 13.94 -48.01 -18.17
C PRO K 276 14.59 -48.41 -19.48
N LEU K 277 13.81 -48.70 -20.52
CA LEU K 277 14.38 -49.07 -21.81
C LEU K 277 14.78 -47.86 -22.64
N GLY K 278 14.25 -46.68 -22.33
CA GLY K 278 14.58 -45.47 -23.04
C GLY K 278 13.52 -44.97 -23.99
N GLN K 279 12.41 -45.69 -24.15
CA GLN K 279 11.36 -45.28 -25.07
C GLN K 279 10.52 -44.19 -24.41
N SER K 280 10.64 -42.97 -24.92
CA SER K 280 9.82 -41.86 -24.43
C SER K 280 8.37 -42.09 -24.77
N TYR K 281 7.50 -41.28 -24.18
CA TYR K 281 6.06 -41.43 -24.37
C TYR K 281 5.39 -40.07 -24.17
N LYS K 282 4.86 -39.52 -25.26
CA LYS K 282 4.07 -38.30 -25.19
C LYS K 282 2.66 -38.62 -24.71
N ILE K 283 2.00 -37.60 -24.15
CA ILE K 283 0.65 -37.74 -23.62
C ILE K 283 -0.25 -36.69 -24.24
N ILE K 284 -1.45 -37.12 -24.63
CA ILE K 284 -2.45 -36.23 -25.22
C ILE K 284 -3.79 -36.54 -24.58
N VAL K 285 -4.60 -35.49 -24.40
CA VAL K 285 -5.88 -35.58 -23.72
C VAL K 285 -6.98 -35.39 -24.76
N ASN K 286 -7.77 -36.44 -24.99
CA ASN K 286 -8.88 -36.41 -25.92
C ASN K 286 -10.17 -36.76 -25.17
N ARG K 287 -11.14 -35.85 -25.22
CA ARG K 287 -12.39 -36.06 -24.48
C ARG K 287 -13.25 -37.15 -25.14
N TRP K 288 -12.97 -37.47 -26.39
CA TRP K 288 -13.80 -38.39 -27.17
C TRP K 288 -13.47 -39.86 -26.89
N MET K 289 -12.80 -40.14 -25.79
CA MET K 289 -12.45 -41.50 -25.44
C MET K 289 -13.39 -42.06 -24.38
N PRO K 290 -13.49 -43.38 -24.27
CA PRO K 290 -14.26 -43.97 -23.17
C PRO K 290 -13.49 -43.90 -21.86
N THR K 291 -14.24 -43.81 -20.76
CA THR K 291 -13.63 -43.58 -19.45
C THR K 291 -12.59 -44.65 -19.13
N ASP K 292 -12.95 -45.93 -19.24
CA ASP K 292 -12.07 -47.01 -18.80
C ASP K 292 -11.29 -47.59 -19.98
N ALA K 293 -10.35 -46.79 -20.49
CA ALA K 293 -9.47 -47.25 -21.55
C ALA K 293 -8.34 -46.26 -21.81
N VAL K 294 -7.15 -46.78 -22.07
CA VAL K 294 -6.01 -45.97 -22.48
C VAL K 294 -5.29 -46.71 -23.61
N TYR K 295 -4.87 -45.96 -24.63
CA TYR K 295 -4.35 -46.55 -25.86
C TYR K 295 -2.89 -46.20 -26.03
N PHE K 296 -2.05 -47.24 -26.19
CA PHE K 296 -0.64 -47.08 -26.53
C PHE K 296 -0.49 -47.41 -28.01
N PHE K 297 -0.24 -46.38 -28.82
CA PHE K 297 -0.13 -46.56 -30.26
C PHE K 297 0.85 -45.54 -30.81
N ARG K 298 0.92 -45.48 -32.14
CA ARG K 298 1.77 -44.53 -32.84
C ARG K 298 0.96 -43.84 -33.93
N SER K 299 1.36 -42.62 -34.26
CA SER K 299 0.63 -41.84 -35.24
C SER K 299 0.73 -42.46 -36.63
N ALA K 300 1.94 -42.81 -37.05
CA ALA K 300 2.12 -43.36 -38.40
C ALA K 300 1.55 -44.76 -38.53
N ASP K 301 1.70 -45.59 -37.50
CA ASP K 301 1.23 -46.96 -37.58
C ASP K 301 -0.27 -47.02 -37.88
N TRP K 302 -1.02 -46.01 -37.46
CA TRP K 302 -2.45 -45.91 -37.71
C TRP K 302 -2.72 -44.88 -38.79
N THR K 303 -3.72 -45.14 -39.62
CA THR K 303 -4.12 -44.22 -40.67
C THR K 303 -5.62 -44.29 -40.84
N GLN K 304 -6.20 -43.17 -41.27
CA GLN K 304 -7.63 -43.06 -41.49
C GLN K 304 -7.90 -43.16 -42.99
N MET K 305 -8.38 -44.31 -43.42
CA MET K 305 -8.66 -44.55 -44.84
C MET K 305 -10.04 -43.99 -45.15
N VAL K 306 -10.07 -42.94 -45.97
CA VAL K 306 -11.31 -42.28 -46.34
C VAL K 306 -11.74 -42.79 -47.71
N LEU K 307 -13.05 -42.90 -47.90
CA LEU K 307 -13.62 -43.30 -49.18
C LEU K 307 -14.14 -42.11 -49.98
N ARG K 308 -14.95 -41.26 -49.36
CA ARG K 308 -15.45 -40.05 -50.00
C ARG K 308 -15.62 -38.96 -48.94
N ALA K 309 -15.15 -37.76 -49.26
CA ALA K 309 -15.32 -36.59 -48.41
C ALA K 309 -16.80 -36.33 -48.22
N PRO K 310 -17.19 -35.45 -47.28
CA PRO K 310 -18.63 -35.23 -47.03
C PRO K 310 -19.45 -35.09 -48.31
N LYS K 311 -18.94 -34.32 -49.27
CA LYS K 311 -19.57 -34.21 -50.59
C LYS K 311 -21.03 -33.77 -50.47
N ARG K 312 -21.18 -32.52 -50.04
CA ARG K 312 -22.50 -31.88 -50.00
C ARG K 312 -23.32 -32.29 -51.21
N THR K 313 -24.53 -32.79 -50.95
CA THR K 313 -25.38 -33.31 -52.01
C THR K 313 -26.84 -33.22 -51.58
N GLU K 314 -27.73 -33.42 -52.55
CA GLU K 314 -29.17 -33.33 -52.35
C GLU K 314 -29.80 -34.68 -52.65
N LEU K 315 -30.97 -34.91 -52.04
CA LEU K 315 -31.71 -36.15 -52.23
C LEU K 315 -32.81 -35.99 -53.27
N ALA K 316 -33.71 -35.04 -53.09
CA ALA K 316 -34.87 -34.88 -53.97
C ALA K 316 -35.46 -33.50 -53.72
N LYS K 317 -36.58 -33.22 -54.39
CA LYS K 317 -37.28 -31.94 -54.23
C LYS K 317 -38.76 -32.19 -54.42
N ASP K 318 -39.56 -31.85 -53.40
CA ASP K 318 -41.01 -31.92 -53.45
C ASP K 318 -41.66 -30.56 -53.60
N GLY K 319 -40.88 -29.53 -53.95
CA GLY K 319 -41.36 -28.17 -53.98
C GLY K 319 -40.52 -27.28 -53.10
N SER K 320 -41.12 -26.74 -52.05
CA SER K 320 -40.40 -25.96 -51.05
C SER K 320 -39.75 -26.83 -49.98
N TYR K 321 -39.95 -28.15 -50.03
CA TYR K 321 -39.54 -29.04 -48.96
C TYR K 321 -38.15 -29.58 -49.28
N GLU K 322 -37.16 -28.71 -49.15
CA GLU K 322 -35.80 -29.04 -49.54
C GLU K 322 -35.17 -30.05 -48.59
N LYS K 323 -34.23 -30.82 -49.12
CA LYS K 323 -33.49 -31.80 -48.36
C LYS K 323 -32.02 -31.76 -48.77
N TRP K 324 -31.17 -32.37 -47.95
CA TRP K 324 -29.74 -32.44 -48.25
C TRP K 324 -29.19 -33.73 -47.66
N MET K 325 -28.12 -34.24 -48.27
CA MET K 325 -27.54 -35.51 -47.86
C MET K 325 -26.02 -35.36 -47.80
N ILE K 326 -25.39 -36.24 -47.04
CA ILE K 326 -23.94 -36.35 -46.95
C ILE K 326 -23.55 -37.80 -47.21
N GLU K 327 -22.35 -37.99 -47.73
CA GLU K 327 -21.87 -39.31 -48.14
C GLU K 327 -20.50 -39.57 -47.53
N MET K 328 -20.36 -39.28 -46.24
CA MET K 328 -19.11 -39.56 -45.54
C MET K 328 -18.90 -41.06 -45.37
N GLU K 329 -17.72 -41.51 -45.78
CA GLU K 329 -17.37 -42.93 -45.71
C GLU K 329 -15.87 -43.05 -45.48
N VAL K 330 -15.48 -43.76 -44.43
CA VAL K 330 -14.08 -43.91 -44.05
C VAL K 330 -13.85 -45.33 -43.56
N GLY K 331 -12.59 -45.63 -43.28
CA GLY K 331 -12.21 -46.93 -42.76
C GLY K 331 -10.89 -46.85 -42.05
N LEU K 332 -10.71 -47.73 -41.07
CA LEU K 332 -9.54 -47.74 -40.22
C LEU K 332 -8.71 -48.99 -40.47
N ARG K 333 -7.39 -48.82 -40.47
CA ARG K 333 -6.46 -49.93 -40.61
C ARG K 333 -5.37 -49.81 -39.56
N HIS K 334 -4.75 -50.94 -39.25
CA HIS K 334 -3.63 -50.99 -38.33
C HIS K 334 -2.53 -51.84 -38.95
N ARG K 335 -1.30 -51.34 -38.88
CA ARG K 335 -0.17 -52.02 -39.50
C ARG K 335 -0.01 -53.43 -38.93
N ASN K 336 0.23 -53.52 -37.62
CA ASN K 336 0.36 -54.80 -36.92
C ASN K 336 -0.59 -54.80 -35.73
N PRO K 337 -1.45 -55.81 -35.58
CA PRO K 337 -2.29 -55.85 -34.36
C PRO K 337 -1.49 -55.86 -33.08
N TYR K 338 -0.39 -56.61 -33.04
CA TYR K 338 0.45 -56.72 -31.85
C TYR K 338 1.55 -55.66 -31.84
N ALA K 339 1.16 -54.41 -32.07
CA ALA K 339 2.08 -53.28 -32.02
C ALA K 339 1.56 -52.09 -31.23
N SER K 340 0.27 -52.04 -30.92
CA SER K 340 -0.30 -50.96 -30.11
C SER K 340 -0.96 -51.60 -28.90
N GLY K 341 -0.51 -51.20 -27.71
CA GLY K 341 -0.95 -51.82 -26.48
C GLY K 341 -2.08 -51.07 -25.81
N VAL K 342 -2.88 -51.82 -25.05
CA VAL K 342 -4.01 -51.28 -24.29
C VAL K 342 -4.12 -52.06 -23.00
N LEU K 343 -4.48 -51.37 -21.91
CA LEU K 343 -4.70 -52.00 -20.62
C LEU K 343 -5.97 -51.43 -20.00
N PHE K 344 -6.82 -52.31 -19.49
CA PHE K 344 -8.08 -51.93 -18.86
C PHE K 344 -8.01 -52.15 -17.36
N THR K 345 -9.12 -51.85 -16.69
CA THR K 345 -9.32 -52.15 -15.28
C THR K 345 -10.38 -53.24 -15.19
N ALA K 346 -10.03 -54.36 -14.57
CA ALA K 346 -10.94 -55.48 -14.39
C ALA K 346 -10.59 -56.18 -13.09
N ALA K 347 -11.16 -57.37 -12.90
CA ALA K 347 -10.89 -58.18 -11.71
C ALA K 347 -11.51 -57.56 -10.46
N GLY K 348 -12.60 -56.82 -10.64
CA GLY K 348 -13.27 -56.24 -9.50
C GLY K 348 -14.09 -57.29 -8.77
N LYS K 349 -14.19 -57.14 -7.45
CA LYS K 349 -14.89 -58.10 -6.61
C LYS K 349 -14.27 -59.49 -6.72
N PRO L 4 -5.67 31.69 38.21
CA PRO L 4 -4.89 32.93 38.09
C PRO L 4 -3.41 32.73 38.35
N THR L 5 -3.07 32.12 39.48
CA THR L 5 -1.68 31.83 39.80
C THR L 5 -1.22 30.63 38.96
N LEU L 6 0.10 30.48 38.80
CA LEU L 6 0.68 29.40 38.02
C LEU L 6 0.08 29.36 36.61
N PHE L 7 0.27 30.44 35.86
CA PHE L 7 -0.25 30.52 34.50
C PHE L 7 0.29 29.36 33.66
N VAL L 8 -0.60 28.48 33.21
CA VAL L 8 -0.25 27.31 32.43
C VAL L 8 -1.21 27.21 31.25
N SER L 9 -1.02 26.16 30.43
CA SER L 9 -1.87 25.97 29.26
C SER L 9 -3.33 25.87 29.63
N TYR L 10 -3.64 25.27 30.79
CA TYR L 10 -5.03 25.16 31.20
C TYR L 10 -5.69 26.52 31.37
N ASP L 11 -4.90 27.55 31.70
CA ASP L 11 -5.43 28.89 31.87
C ASP L 11 -5.44 29.70 30.59
N GLN L 12 -4.70 29.28 29.58
CA GLN L 12 -4.69 29.99 28.30
C GLN L 12 -6.05 29.88 27.63
N ASN L 13 -6.33 30.85 26.77
CA ASN L 13 -7.55 30.87 25.97
C ASN L 13 -7.27 31.60 24.67
N GLY L 14 -8.16 31.41 23.69
CA GLY L 14 -7.94 31.97 22.38
C GLY L 14 -6.69 31.39 21.75
N LYS L 15 -6.53 30.08 21.90
CA LYS L 15 -5.31 29.40 21.47
C LYS L 15 -5.28 29.31 19.95
N LYS L 16 -4.11 28.92 19.43
CA LYS L 16 -3.91 28.68 18.01
C LYS L 16 -3.69 27.20 17.81
N LEU L 17 -4.65 26.54 17.17
CA LEU L 17 -4.63 25.10 17.03
C LEU L 17 -3.42 24.66 16.21
N SER L 18 -3.22 23.35 16.16
CA SER L 18 -2.15 22.72 15.39
C SER L 18 -2.71 21.58 14.56
N PHE L 19 -3.86 21.82 13.94
CA PHE L 19 -4.48 20.81 13.10
C PHE L 19 -3.54 20.41 11.96
N ALA L 20 -3.85 19.29 11.35
CA ALA L 20 -3.12 18.78 10.20
C ALA L 20 -3.87 19.10 8.92
N ASN L 21 -3.14 19.55 7.90
CA ASN L 21 -3.76 19.95 6.63
C ASN L 21 -3.87 18.79 5.66
N TRP L 22 -4.47 17.70 6.10
CA TRP L 22 -4.71 16.55 5.24
C TRP L 22 -5.81 15.70 5.86
N ILE L 23 -6.27 14.73 5.09
CA ILE L 23 -7.31 13.79 5.53
C ILE L 23 -6.84 12.38 5.21
N SER L 24 -7.10 11.46 6.13
CA SER L 24 -6.73 10.07 5.93
C SER L 24 -7.92 9.28 5.41
N VAL L 25 -7.72 8.54 4.33
CA VAL L 25 -8.76 7.75 3.70
C VAL L 25 -8.12 6.46 3.19
N LEU L 26 -8.69 5.33 3.59
CA LEU L 26 -8.18 4.02 3.20
C LEU L 26 -9.19 3.18 2.44
N SER L 27 -10.39 3.69 2.19
CA SER L 27 -11.40 2.95 1.46
C SER L 27 -10.86 2.52 0.10
N PRO L 28 -10.73 1.22 -0.17
CA PRO L 28 -10.18 0.79 -1.46
C PRO L 28 -11.02 1.29 -2.63
N GLN L 29 -10.34 1.45 -3.77
CA GLN L 29 -11.00 1.82 -5.02
C GLN L 29 -10.45 0.98 -6.17
N ASP L 30 -10.18 -0.30 -5.92
CA ASP L 30 -9.50 -1.13 -6.92
C ASP L 30 -10.33 -1.25 -8.19
N THR L 31 -11.57 -1.73 -8.07
CA THR L 31 -12.42 -2.00 -9.23
C THR L 31 -11.68 -2.86 -10.24
N PRO L 32 -11.37 -4.11 -9.90
CA PRO L 32 -10.62 -4.96 -10.83
C PRO L 32 -11.48 -5.55 -11.94
N PHE L 33 -12.72 -5.91 -11.60
CA PHE L 33 -13.57 -6.60 -12.54
C PHE L 33 -13.92 -5.72 -13.73
N VAL L 34 -14.36 -4.48 -13.46
CA VAL L 34 -14.72 -3.57 -14.54
C VAL L 34 -13.52 -3.35 -15.47
N SER L 35 -12.31 -3.37 -14.91
CA SER L 35 -11.11 -3.29 -15.74
C SER L 35 -10.80 -4.61 -16.43
N MET L 36 -11.27 -5.72 -15.88
CA MET L 36 -11.12 -7.04 -16.51
C MET L 36 -12.39 -7.46 -17.22
N THR L 37 -13.32 -6.53 -17.41
CA THR L 37 -14.54 -6.77 -18.18
C THR L 37 -14.53 -5.99 -19.48
N GLY L 38 -14.49 -4.67 -19.40
CA GLY L 38 -14.36 -3.85 -20.58
C GLY L 38 -15.62 -3.83 -21.42
N LYS L 39 -15.90 -2.69 -22.04
CA LYS L 39 -16.97 -2.57 -23.02
C LYS L 39 -16.48 -3.13 -24.34
N GLU L 40 -17.36 -3.81 -25.07
CA GLU L 40 -16.95 -4.65 -26.18
C GLU L 40 -17.36 -4.10 -27.54
N SER L 41 -18.65 -3.84 -27.76
CA SER L 41 -19.09 -3.49 -29.11
C SER L 41 -20.57 -3.12 -29.09
N ILE L 42 -21.08 -2.85 -30.30
CA ILE L 42 -22.45 -2.46 -30.57
C ILE L 42 -23.40 -3.62 -30.31
N ASN L 43 -24.70 -3.38 -30.48
CA ASN L 43 -25.75 -4.35 -30.17
C ASN L 43 -25.92 -4.55 -28.67
N GLN L 44 -26.41 -3.50 -27.99
CA GLN L 44 -26.80 -3.58 -26.60
C GLN L 44 -28.04 -4.44 -26.46
N THR L 45 -28.61 -4.56 -25.26
CA THR L 45 -29.64 -5.53 -24.97
C THR L 45 -30.93 -5.32 -25.77
N ILE L 46 -30.96 -4.32 -26.64
CA ILE L 46 -32.06 -4.23 -27.61
C ILE L 46 -32.26 -5.59 -28.28
N PHE L 47 -31.18 -6.31 -28.56
CA PHE L 47 -31.22 -7.72 -28.89
C PHE L 47 -30.73 -8.53 -27.69
N SER L 48 -30.47 -9.81 -27.93
CA SER L 48 -29.95 -10.69 -26.87
C SER L 48 -28.86 -11.56 -27.48
N TRP L 49 -28.47 -12.59 -26.73
CA TRP L 49 -27.31 -13.39 -27.09
C TRP L 49 -27.55 -14.17 -28.38
N GLN L 50 -28.76 -14.68 -28.57
CA GLN L 50 -29.19 -15.41 -29.75
C GLN L 50 -28.73 -16.87 -29.76
N THR L 51 -28.11 -17.34 -28.68
CA THR L 51 -27.66 -18.73 -28.64
C THR L 51 -28.86 -19.67 -28.58
N ASP L 52 -28.78 -20.74 -29.37
CA ASP L 52 -29.81 -21.77 -29.42
C ASP L 52 -29.15 -23.12 -29.14
N ALA L 53 -29.93 -24.19 -29.34
CA ALA L 53 -29.42 -25.53 -29.13
C ALA L 53 -28.33 -25.86 -30.14
N LEU L 54 -27.39 -26.71 -29.74
CA LEU L 54 -26.29 -27.14 -30.61
C LEU L 54 -26.41 -28.61 -30.99
N ALA L 55 -26.51 -29.48 -29.99
CA ALA L 55 -26.61 -30.92 -30.23
C ALA L 55 -27.16 -31.57 -28.97
N SER L 56 -27.53 -32.85 -29.09
CA SER L 56 -28.06 -33.62 -27.97
C SER L 56 -27.19 -34.82 -27.65
N VAL L 57 -26.89 -35.66 -28.64
CA VAL L 57 -26.14 -36.90 -28.41
C VAL L 57 -25.42 -37.26 -29.70
N ASP L 58 -24.37 -38.06 -29.57
CA ASP L 58 -23.60 -38.53 -30.71
C ASP L 58 -23.90 -39.99 -31.07
N GLY L 59 -23.76 -40.90 -30.11
CA GLY L 59 -24.14 -42.29 -30.28
C GLY L 59 -23.75 -42.91 -31.60
N ASN L 60 -24.68 -43.68 -32.18
CA ASN L 60 -24.42 -44.43 -33.40
C ASN L 60 -24.76 -43.56 -34.60
N ASN L 61 -24.06 -43.78 -35.72
CA ASN L 61 -24.24 -42.97 -36.92
C ASN L 61 -24.78 -43.78 -38.09
N ALA L 62 -25.09 -45.07 -37.89
CA ALA L 62 -25.69 -45.86 -38.96
C ALA L 62 -27.02 -45.25 -39.37
N HIS L 63 -27.30 -45.25 -40.67
CA HIS L 63 -28.49 -44.61 -41.21
C HIS L 63 -29.06 -45.47 -42.32
N VAL L 64 -30.31 -45.18 -42.67
CA VAL L 64 -30.99 -45.83 -43.78
C VAL L 64 -31.39 -44.73 -44.77
N GLU L 65 -31.75 -45.14 -45.98
CA GLU L 65 -32.15 -44.21 -47.03
C GLU L 65 -33.50 -43.56 -46.76
N GLY L 66 -34.19 -43.95 -45.69
CA GLY L 66 -35.48 -43.37 -45.37
C GLY L 66 -35.75 -43.18 -43.89
N SER L 67 -34.71 -43.26 -43.06
CA SER L 67 -34.87 -43.11 -41.61
C SER L 67 -34.66 -41.65 -41.21
N ARG L 68 -35.43 -40.78 -41.85
CA ARG L 68 -35.36 -39.35 -41.61
C ARG L 68 -36.76 -38.75 -41.50
N ALA L 69 -37.63 -39.41 -40.74
CA ALA L 69 -39.04 -38.99 -40.68
C ALA L 69 -39.18 -37.56 -40.20
N GLU L 70 -38.88 -37.30 -38.93
CA GLU L 70 -39.06 -35.97 -38.36
C GLU L 70 -38.51 -35.96 -36.94
N ASP L 71 -38.02 -34.79 -36.52
CA ASP L 71 -37.62 -34.57 -35.14
C ASP L 71 -37.49 -33.08 -34.91
N GLY L 72 -38.17 -32.59 -33.87
CA GLY L 72 -38.08 -31.19 -33.50
C GLY L 72 -39.43 -30.48 -33.49
N GLU L 73 -39.42 -29.23 -33.04
CA GLU L 73 -40.59 -28.37 -33.11
C GLU L 73 -40.11 -26.93 -33.15
N MET L 74 -41.05 -25.99 -33.27
CA MET L 74 -40.67 -24.60 -33.47
C MET L 74 -41.50 -23.72 -32.55
N LYS L 75 -40.82 -22.80 -31.86
CA LYS L 75 -41.40 -21.77 -31.01
C LYS L 75 -40.39 -20.63 -30.91
N PRO L 76 -40.82 -19.38 -30.91
CA PRO L 76 -39.87 -18.26 -30.87
C PRO L 76 -38.89 -18.42 -29.71
N THR L 77 -37.70 -17.85 -29.89
CA THR L 77 -36.62 -18.04 -28.94
C THR L 77 -37.04 -17.60 -27.54
N VAL L 78 -36.39 -18.19 -26.54
CA VAL L 78 -36.77 -18.00 -25.14
C VAL L 78 -35.85 -16.97 -24.48
N ILE L 79 -34.82 -16.54 -25.20
CA ILE L 79 -33.98 -15.44 -24.72
C ILE L 79 -34.84 -14.20 -24.56
N LYS L 80 -34.93 -13.68 -23.33
CA LYS L 80 -35.92 -12.65 -23.05
C LYS L 80 -35.35 -11.24 -23.18
N SER L 81 -34.42 -10.85 -22.30
CA SER L 81 -33.91 -9.48 -22.31
C SER L 81 -32.95 -9.29 -21.14
N ASN L 82 -32.37 -8.09 -21.08
CA ASN L 82 -31.66 -7.60 -19.91
C ASN L 82 -32.17 -6.19 -19.61
N VAL L 83 -32.33 -5.89 -18.33
CA VAL L 83 -33.08 -4.72 -17.89
C VAL L 83 -32.18 -3.50 -17.72
N THR L 84 -30.88 -3.71 -17.55
CA THR L 84 -29.90 -2.61 -17.49
C THR L 84 -30.22 -1.67 -16.33
N GLN L 85 -30.05 -2.21 -15.11
CA GLN L 85 -30.35 -1.45 -13.91
C GLN L 85 -29.58 -0.13 -13.89
N ILE L 86 -30.06 0.80 -13.07
CA ILE L 86 -29.52 2.14 -12.99
C ILE L 86 -29.06 2.39 -11.55
N LEU L 87 -28.12 3.32 -11.42
CA LEU L 87 -27.56 3.73 -10.13
C LEU L 87 -27.92 5.19 -9.86
N ARG L 88 -27.57 5.67 -8.66
CA ARG L 88 -28.02 6.98 -8.23
C ARG L 88 -27.14 7.44 -7.07
N LYS L 89 -26.65 8.67 -7.15
CA LYS L 89 -25.96 9.31 -6.04
C LYS L 89 -26.17 10.81 -6.15
N VAL L 90 -26.66 11.42 -5.08
CA VAL L 90 -27.01 12.84 -5.09
C VAL L 90 -26.54 13.49 -3.80
N VAL L 91 -26.44 14.82 -3.84
CA VAL L 91 -26.12 15.63 -2.67
C VAL L 91 -27.03 16.84 -2.67
N ARG L 92 -27.25 17.44 -1.50
CA ARG L 92 -28.09 18.62 -1.35
C ARG L 92 -27.40 19.65 -0.49
N VAL L 93 -26.12 19.91 -0.79
CA VAL L 93 -25.35 20.90 -0.04
C VAL L 93 -26.02 22.26 -0.18
N SER L 94 -25.90 23.06 0.87
CA SER L 94 -26.44 24.42 0.89
C SER L 94 -25.38 25.37 0.35
N ASP L 95 -25.66 26.68 0.46
CA ASP L 95 -24.70 27.69 0.02
C ASP L 95 -23.72 28.07 1.11
N THR L 96 -24.20 28.22 2.34
CA THR L 96 -23.31 28.50 3.46
C THR L 96 -22.24 27.42 3.59
N ALA L 97 -22.62 26.17 3.33
CA ALA L 97 -21.66 25.07 3.41
C ALA L 97 -20.59 25.21 2.34
N ASN L 98 -21.01 25.42 1.10
CA ASN L 98 -20.03 25.54 0.01
C ASN L 98 -19.14 26.76 0.21
N THR L 99 -19.64 27.80 0.88
CA THR L 99 -18.86 29.01 1.09
C THR L 99 -17.91 28.90 2.28
N THR L 100 -18.25 28.09 3.28
CA THR L 100 -17.40 27.94 4.45
C THR L 100 -16.11 27.21 4.07
N ALA L 101 -15.08 27.39 4.89
CA ALA L 101 -13.79 26.77 4.69
C ALA L 101 -13.49 25.83 5.85
N ASN L 102 -12.45 25.03 5.69
CA ASN L 102 -12.08 24.02 6.69
C ASN L 102 -10.74 23.43 6.29
N TYR L 103 -10.16 22.68 7.22
CA TYR L 103 -8.83 22.09 7.00
C TYR L 103 -8.94 20.86 6.10
N GLY L 104 -7.88 20.61 5.34
CA GLY L 104 -7.79 19.43 4.52
C GLY L 104 -8.47 19.54 3.16
N ARG L 105 -9.55 20.29 3.08
CA ARG L 105 -10.34 20.39 1.86
C ARG L 105 -10.83 21.83 1.69
N GLY L 106 -11.35 22.11 0.51
CA GLY L 106 -11.87 23.43 0.22
C GLY L 106 -13.39 23.47 0.27
N ARG L 107 -14.03 23.52 -0.89
CA ARG L 107 -15.48 23.57 -0.96
C ARG L 107 -16.06 22.20 -0.65
N GLU L 108 -16.80 22.10 0.46
CA GLU L 108 -17.37 20.82 0.87
C GLU L 108 -18.17 20.16 -0.25
N LEU L 109 -18.79 20.97 -1.12
CA LEU L 109 -19.64 20.42 -2.17
C LEU L 109 -18.85 19.50 -3.09
N MET L 110 -17.73 19.99 -3.63
CA MET L 110 -16.94 19.16 -4.55
C MET L 110 -16.36 17.96 -3.83
N TYR L 111 -15.98 18.11 -2.57
CA TYR L 111 -15.46 16.98 -1.80
C TYR L 111 -16.50 15.87 -1.72
N GLN L 112 -17.72 16.21 -1.30
CA GLN L 112 -18.78 15.21 -1.21
C GLN L 112 -19.13 14.65 -2.58
N LEU L 113 -19.07 15.48 -3.62
CA LEU L 113 -19.38 15.00 -4.97
C LEU L 113 -18.38 13.94 -5.42
N GLU L 114 -17.09 14.19 -5.18
CA GLU L 114 -16.07 13.22 -5.55
C GLU L 114 -16.20 11.95 -4.70
N LYS L 115 -16.48 12.11 -3.40
CA LYS L 115 -16.73 10.95 -2.57
C LYS L 115 -17.87 10.11 -3.11
N LYS L 116 -18.94 10.78 -3.57
CA LYS L 116 -20.10 10.06 -4.08
C LYS L 116 -19.78 9.39 -5.42
N GLY L 117 -18.96 10.02 -6.25
CA GLY L 117 -18.52 9.36 -7.47
C GLY L 117 -17.76 8.07 -7.18
N LYS L 118 -16.79 8.14 -6.26
CA LYS L 118 -16.07 6.94 -5.87
C LYS L 118 -17.02 5.91 -5.29
N GLU L 119 -18.01 6.35 -4.51
CA GLU L 119 -18.93 5.42 -3.88
C GLU L 119 -19.79 4.70 -4.91
N ILE L 120 -20.26 5.43 -5.93
CA ILE L 120 -21.06 4.78 -6.97
C ILE L 120 -20.20 3.82 -7.77
N LYS L 121 -18.94 4.18 -8.01
CA LYS L 121 -18.04 3.24 -8.69
C LYS L 121 -17.91 1.95 -7.89
N ARG L 122 -17.68 2.07 -6.59
CA ARG L 122 -17.59 0.90 -5.73
C ARG L 122 -18.88 0.09 -5.75
N ASP L 123 -20.02 0.77 -5.67
CA ASP L 123 -21.30 0.08 -5.68
C ASP L 123 -21.48 -0.71 -6.97
N LEU L 124 -21.16 -0.10 -8.11
CA LEU L 124 -21.24 -0.81 -9.38
C LEU L 124 -20.33 -2.04 -9.37
N GLU L 125 -19.08 -1.86 -8.96
CA GLU L 125 -18.15 -2.98 -8.94
C GLU L 125 -18.68 -4.11 -8.08
N LYS L 126 -19.34 -3.79 -6.97
CA LYS L 126 -19.85 -4.83 -6.10
C LYS L 126 -21.08 -5.51 -6.67
N ILE L 127 -21.96 -4.73 -7.31
CA ILE L 127 -23.23 -5.26 -7.79
C ILE L 127 -22.99 -6.35 -8.83
N LEU L 128 -22.07 -6.09 -9.77
CA LEU L 128 -21.82 -7.06 -10.84
C LEU L 128 -21.37 -8.41 -10.31
N LEU L 129 -20.91 -8.48 -9.07
CA LEU L 129 -20.41 -9.71 -8.50
C LEU L 129 -21.38 -10.40 -7.56
N SER L 130 -22.40 -9.68 -7.06
CA SER L 130 -23.35 -10.27 -6.14
C SER L 130 -24.38 -11.09 -6.90
N GLY L 131 -25.34 -11.63 -6.14
CA GLY L 131 -26.41 -12.41 -6.73
C GLY L 131 -27.65 -11.59 -6.99
N GLN L 132 -27.96 -11.35 -8.27
CA GLN L 132 -29.13 -10.59 -8.67
C GLN L 132 -29.84 -11.35 -9.78
N ALA L 133 -31.16 -11.18 -9.85
CA ALA L 133 -31.99 -11.80 -10.87
C ALA L 133 -33.02 -10.80 -11.37
N ARG L 134 -33.13 -10.66 -12.68
CA ARG L 134 -34.02 -9.68 -13.28
C ARG L 134 -35.46 -10.19 -13.29
N THR L 135 -36.38 -9.36 -12.81
CA THR L 135 -37.80 -9.68 -12.81
C THR L 135 -38.64 -8.48 -13.21
N ASP L 136 -38.09 -7.55 -13.99
CA ASP L 136 -38.80 -6.32 -14.32
C ASP L 136 -40.15 -6.63 -14.94
N VAL L 137 -41.04 -5.63 -14.87
CA VAL L 137 -42.39 -5.75 -15.38
C VAL L 137 -42.49 -5.33 -16.85
N LEU L 138 -41.36 -5.10 -17.50
CA LEU L 138 -41.31 -4.68 -18.90
C LEU L 138 -40.88 -5.85 -19.79
N ALA L 139 -41.41 -7.04 -19.50
CA ALA L 139 -41.07 -8.25 -20.25
C ALA L 139 -40.97 -7.96 -21.74
N ASP L 140 -39.83 -8.31 -22.33
CA ASP L 140 -39.58 -8.05 -23.74
C ASP L 140 -40.62 -8.72 -24.63
N GLN L 141 -40.61 -10.06 -24.64
CA GLN L 141 -41.59 -10.86 -25.39
C GLN L 141 -41.83 -10.28 -26.78
N TYR L 142 -40.78 -10.32 -27.60
CA TYR L 142 -40.85 -9.92 -29.00
C TYR L 142 -41.56 -11.01 -29.80
N LEU L 143 -41.45 -10.96 -31.13
CA LEU L 143 -41.75 -12.14 -31.94
C LEU L 143 -43.22 -12.60 -31.88
N THR L 144 -44.12 -11.91 -32.58
CA THR L 144 -45.49 -12.43 -32.68
C THR L 144 -46.23 -12.32 -31.36
N ASN L 145 -46.81 -11.14 -31.10
CA ASN L 145 -47.04 -10.61 -29.76
C ASN L 145 -45.75 -9.96 -29.27
N SER L 146 -45.13 -9.21 -30.17
CA SER L 146 -43.92 -8.45 -29.89
C SER L 146 -44.28 -7.11 -29.24
N ALA L 147 -43.23 -6.46 -28.71
CA ALA L 147 -43.33 -5.14 -28.09
C ALA L 147 -44.00 -5.19 -26.71
N ALA L 148 -44.60 -6.33 -26.37
CA ALA L 148 -45.13 -6.60 -25.03
C ALA L 148 -45.69 -5.34 -24.37
N ASP L 149 -46.71 -4.77 -25.01
CA ASP L 149 -47.40 -3.61 -24.45
C ASP L 149 -48.88 -3.88 -24.23
N PRO L 150 -49.28 -5.02 -23.64
CA PRO L 150 -50.68 -5.20 -23.27
C PRO L 150 -51.00 -4.73 -21.85
N ALA L 151 -49.99 -4.40 -21.05
CA ALA L 151 -50.19 -4.07 -19.65
C ALA L 151 -50.57 -2.59 -19.52
N VAL L 152 -50.49 -2.07 -18.31
CA VAL L 152 -50.84 -0.67 -18.08
C VAL L 152 -49.81 0.23 -18.75
N ALA L 153 -50.17 1.51 -18.86
CA ALA L 153 -49.31 2.49 -19.52
C ALA L 153 -48.08 2.75 -18.66
N GLY L 154 -47.23 3.66 -19.12
CA GLY L 154 -45.99 3.97 -18.43
C GLY L 154 -46.15 4.17 -16.93
N LEU L 155 -47.02 5.08 -16.54
CA LEU L 155 -47.21 5.42 -15.14
C LEU L 155 -45.87 5.83 -14.52
N ASN L 156 -45.22 6.78 -15.19
CA ASN L 156 -43.86 7.16 -14.83
C ASN L 156 -43.79 7.58 -13.36
N ASP L 157 -42.63 7.33 -12.76
CA ASP L 157 -42.36 7.62 -11.35
C ASP L 157 -43.07 6.64 -10.41
N THR L 158 -43.51 5.49 -10.92
CA THR L 158 -44.18 4.51 -10.09
C THR L 158 -43.81 3.07 -10.44
N HIS L 159 -42.85 2.86 -11.33
CA HIS L 159 -42.48 1.51 -11.76
C HIS L 159 -41.69 0.80 -10.66
N ALA L 160 -41.23 -0.41 -10.97
CA ALA L 160 -40.55 -1.27 -10.03
C ALA L 160 -39.04 -1.20 -10.25
N ALA L 161 -38.31 -2.06 -9.55
CA ALA L 161 -36.85 -2.07 -9.59
C ALA L 161 -36.39 -2.73 -10.89
N ARG L 162 -35.08 -2.94 -11.01
CA ARG L 162 -34.46 -3.48 -12.22
C ARG L 162 -33.81 -4.85 -12.01
N LYS L 163 -32.84 -4.96 -11.11
CA LYS L 163 -32.22 -6.24 -10.77
C LYS L 163 -31.60 -6.90 -12.01
N THR L 164 -30.59 -6.22 -12.54
CA THR L 164 -30.05 -6.52 -13.86
C THR L 164 -29.73 -8.00 -14.09
N GLY L 165 -29.73 -8.85 -13.07
CA GLY L 165 -29.38 -10.24 -13.29
C GLY L 165 -27.88 -10.42 -13.42
N ALA L 166 -27.18 -10.27 -12.31
CA ALA L 166 -25.73 -10.13 -12.32
C ALA L 166 -25.06 -11.48 -12.58
N PHE L 167 -23.75 -11.54 -12.31
CA PHE L 167 -22.89 -12.67 -12.63
C PHE L 167 -23.56 -14.01 -12.37
N GLN L 168 -23.95 -14.26 -11.12
CA GLN L 168 -24.49 -15.56 -10.75
C GLN L 168 -25.70 -15.95 -11.59
N PHE L 169 -26.38 -14.96 -12.17
CA PHE L 169 -27.56 -15.27 -12.98
C PHE L 169 -27.17 -15.84 -14.34
N LEU L 170 -26.19 -15.24 -14.99
CA LEU L 170 -25.77 -15.66 -16.33
C LEU L 170 -24.62 -16.67 -16.25
N CYS L 171 -24.79 -17.72 -15.45
CA CYS L 171 -23.82 -18.80 -15.39
C CYS L 171 -24.51 -20.16 -15.27
N ALA L 172 -25.72 -20.28 -15.82
CA ALA L 172 -26.47 -21.53 -15.81
C ALA L 172 -26.73 -21.98 -14.37
N HIS L 173 -27.25 -21.05 -13.57
CA HIS L 173 -27.60 -21.36 -12.19
C HIS L 173 -28.64 -22.50 -12.16
N GLY L 174 -28.61 -23.25 -11.06
CA GLY L 174 -29.48 -24.39 -10.91
C GLY L 174 -30.80 -24.06 -10.24
N GLY L 175 -30.83 -22.97 -9.47
CA GLY L 175 -32.01 -22.61 -8.72
C GLY L 175 -31.98 -21.20 -8.18
N LEU L 176 -33.15 -20.63 -7.92
CA LEU L 176 -33.27 -19.28 -7.39
C LEU L 176 -33.66 -19.33 -5.92
N ALA L 177 -33.04 -18.45 -5.13
CA ALA L 177 -33.30 -18.35 -3.70
C ALA L 177 -34.43 -17.36 -3.39
N GLY L 178 -35.23 -17.00 -4.38
CA GLY L 178 -36.31 -16.05 -4.21
C GLY L 178 -35.91 -14.61 -4.46
N GLY L 179 -34.73 -14.22 -3.97
CA GLY L 179 -34.21 -12.89 -4.21
C GLY L 179 -32.85 -12.93 -4.88
N VAL L 180 -32.13 -14.04 -4.71
CA VAL L 180 -30.82 -14.22 -5.30
C VAL L 180 -30.68 -15.66 -5.78
N VAL L 181 -29.50 -16.02 -6.27
CA VAL L 181 -29.25 -17.36 -6.78
C VAL L 181 -28.84 -18.27 -5.63
N ASP L 182 -29.38 -19.48 -5.62
CA ASP L 182 -29.03 -20.44 -4.59
C ASP L 182 -27.54 -20.76 -4.64
N LYS L 183 -27.01 -21.19 -3.48
CA LYS L 183 -25.60 -21.56 -3.37
C LYS L 183 -25.43 -22.96 -2.80
N THR L 184 -26.46 -23.80 -2.86
CA THR L 184 -26.38 -25.18 -2.40
C THR L 184 -27.03 -26.11 -3.41
N LYS L 185 -26.89 -25.79 -4.69
CA LYS L 185 -27.54 -26.56 -5.74
C LYS L 185 -26.63 -26.57 -6.96
N ASN L 186 -26.04 -27.73 -7.26
CA ASN L 186 -25.22 -27.86 -8.46
C ASN L 186 -26.10 -27.76 -9.70
N GLY L 187 -25.69 -26.92 -10.64
CA GLY L 187 -26.45 -26.68 -11.84
C GLY L 187 -26.60 -27.94 -12.68
N PRO L 188 -27.41 -27.86 -13.74
CA PRO L 188 -27.64 -29.03 -14.57
C PRO L 188 -26.42 -29.37 -15.42
N ALA L 189 -26.56 -30.43 -16.21
CA ALA L 189 -25.52 -30.87 -17.12
C ALA L 189 -25.89 -30.45 -18.54
N ASP L 190 -25.03 -29.65 -19.15
CA ASP L 190 -25.27 -29.21 -20.52
C ASP L 190 -25.39 -30.41 -21.45
N PRO L 191 -26.52 -30.60 -22.13
CA PRO L 191 -26.65 -31.79 -23.00
C PRO L 191 -25.60 -31.85 -24.09
N ASP L 192 -25.09 -30.69 -24.54
CA ASP L 192 -24.09 -30.70 -25.60
C ASP L 192 -22.85 -31.48 -25.19
N THR L 193 -22.39 -31.30 -23.95
CA THR L 193 -21.18 -31.93 -23.47
C THR L 193 -21.31 -32.49 -22.06
N GLY L 194 -22.53 -32.52 -21.51
CA GLY L 194 -22.72 -33.07 -20.18
C GLY L 194 -21.90 -32.41 -19.10
N ALA L 195 -21.43 -31.19 -19.33
CA ALA L 195 -20.59 -30.51 -18.35
C ALA L 195 -21.44 -29.69 -17.40
N VAL L 196 -20.81 -29.23 -16.31
CA VAL L 196 -21.44 -28.38 -15.32
C VAL L 196 -20.53 -27.18 -15.09
N THR L 197 -21.09 -25.98 -15.23
CA THR L 197 -20.33 -24.75 -15.04
C THR L 197 -20.60 -24.10 -13.69
N VAL L 198 -21.41 -24.73 -12.85
CA VAL L 198 -21.70 -24.22 -11.51
C VAL L 198 -21.92 -25.43 -10.60
N LYS L 199 -21.16 -25.49 -9.52
CA LYS L 199 -21.11 -26.68 -8.67
C LYS L 199 -20.98 -26.23 -7.21
N VAL L 200 -21.26 -27.16 -6.31
CA VAL L 200 -21.13 -26.94 -4.88
C VAL L 200 -20.11 -27.94 -4.34
N ALA L 201 -19.16 -27.45 -3.56
CA ALA L 201 -18.15 -28.31 -2.99
C ALA L 201 -18.73 -29.09 -1.80
N GLN L 202 -17.94 -30.03 -1.30
CA GLN L 202 -18.33 -30.88 -0.17
C GLN L 202 -17.16 -30.92 0.80
N ASN L 203 -17.27 -30.19 1.90
CA ASN L 203 -16.22 -30.10 2.91
C ASN L 203 -16.51 -30.99 4.11
N ALA L 204 -17.08 -32.17 3.87
CA ALA L 204 -17.41 -33.07 4.97
C ALA L 204 -16.15 -33.71 5.54
N SER L 205 -15.28 -34.21 4.67
CA SER L 205 -14.05 -34.86 5.11
C SER L 205 -13.23 -33.95 6.02
N ASN L 206 -12.96 -32.72 5.59
CA ASN L 206 -12.22 -31.79 6.42
C ASN L 206 -13.03 -31.46 7.68
N PRO L 207 -12.42 -30.80 8.66
CA PRO L 207 -13.14 -30.47 9.89
C PRO L 207 -14.47 -29.78 9.61
N THR L 208 -15.56 -30.33 10.16
CA THR L 208 -16.89 -29.79 9.90
C THR L 208 -17.16 -28.59 10.78
N THR L 209 -16.27 -27.60 10.74
CA THR L 209 -16.41 -26.39 11.54
C THR L 209 -16.21 -25.15 10.67
N ASN L 210 -15.39 -25.27 9.64
CA ASN L 210 -15.09 -24.16 8.74
C ASN L 210 -15.87 -24.29 7.44
N ILE L 211 -16.18 -23.16 6.84
CA ILE L 211 -16.90 -23.10 5.58
C ILE L 211 -15.90 -22.63 4.52
N GLY L 212 -15.34 -23.58 3.77
CA GLY L 212 -14.33 -23.23 2.79
C GLY L 212 -14.12 -24.36 1.82
N PHE L 213 -13.00 -24.28 1.11
CA PHE L 213 -12.66 -25.28 0.11
C PHE L 213 -12.34 -26.62 0.78
N ASP L 214 -12.04 -27.60 -0.05
CA ASP L 214 -11.66 -28.94 0.40
C ASP L 214 -10.33 -29.27 -0.26
N GLU L 215 -9.94 -30.54 -0.20
CA GLU L 215 -8.76 -31.00 -0.91
C GLU L 215 -8.88 -30.58 -2.37
N ALA L 216 -7.79 -30.63 -3.12
CA ALA L 216 -7.71 -29.91 -4.39
C ALA L 216 -8.68 -30.56 -5.38
N ASP L 217 -9.96 -30.25 -5.19
CA ASP L 217 -11.03 -30.64 -6.09
C ASP L 217 -11.25 -29.61 -7.20
N ILE L 218 -10.59 -28.45 -7.12
CA ILE L 218 -10.65 -27.48 -8.20
C ILE L 218 -10.37 -28.14 -9.54
N PHE L 219 -9.57 -29.22 -9.53
CA PHE L 219 -9.33 -29.95 -10.76
C PHE L 219 -10.62 -30.50 -11.34
N ASP L 220 -11.58 -30.83 -10.48
CA ASP L 220 -12.89 -31.26 -10.97
C ASP L 220 -13.58 -30.15 -11.75
N MET L 221 -13.57 -28.94 -11.21
CA MET L 221 -14.17 -27.81 -11.91
C MET L 221 -13.45 -27.54 -13.22
N THR L 222 -12.11 -27.62 -13.21
CA THR L 222 -11.37 -27.37 -14.44
C THR L 222 -11.65 -28.43 -15.49
N LEU L 223 -11.85 -29.68 -15.06
CA LEU L 223 -12.22 -30.73 -16.00
C LEU L 223 -13.61 -30.50 -16.55
N GLN L 224 -14.55 -30.09 -15.70
CA GLN L 224 -15.88 -29.75 -16.18
C GLN L 224 -15.82 -28.62 -17.20
N LEU L 225 -14.96 -27.64 -16.97
CA LEU L 225 -14.80 -26.55 -17.93
C LEU L 225 -14.22 -27.07 -19.25
N TYR L 226 -13.14 -27.84 -19.17
CA TYR L 226 -12.52 -28.39 -20.37
C TYR L 226 -13.50 -29.23 -21.17
N THR L 227 -14.46 -29.87 -20.48
CA THR L 227 -15.51 -30.60 -21.17
C THR L 227 -16.52 -29.69 -21.84
N ALA L 228 -16.42 -28.37 -21.65
CA ALA L 228 -17.38 -27.43 -22.22
C ALA L 228 -16.68 -26.39 -23.08
N GLY L 229 -15.41 -26.62 -23.40
CA GLY L 229 -14.69 -25.69 -24.27
C GLY L 229 -14.70 -24.26 -23.78
N SER L 230 -14.74 -24.07 -22.45
CA SER L 230 -14.69 -22.72 -21.90
C SER L 230 -13.41 -22.02 -22.29
N GLU L 231 -12.29 -22.74 -22.24
CA GLU L 231 -10.97 -22.19 -22.58
C GLU L 231 -10.70 -20.94 -21.73
N ALA L 232 -10.81 -21.12 -20.42
CA ALA L 232 -10.64 -20.05 -19.45
C ALA L 232 -9.26 -20.15 -18.81
N ASP L 233 -8.66 -18.98 -18.54
CA ASP L 233 -7.32 -18.93 -17.96
C ASP L 233 -7.24 -17.86 -16.87
N ILE L 234 -8.32 -17.62 -16.16
CA ILE L 234 -8.33 -16.67 -15.04
C ILE L 234 -9.23 -17.22 -13.94
N ILE L 235 -8.78 -17.04 -12.70
CA ILE L 235 -9.49 -17.54 -11.53
C ILE L 235 -9.57 -16.43 -10.49
N MET L 236 -10.18 -16.76 -9.35
CA MET L 236 -10.38 -15.81 -8.26
C MET L 236 -9.50 -16.17 -7.08
N ILE L 237 -9.34 -15.21 -6.17
CA ILE L 237 -8.52 -15.42 -4.98
C ILE L 237 -9.35 -15.88 -3.79
N ASN L 238 -10.56 -15.32 -3.61
CA ASN L 238 -11.31 -15.53 -2.39
C ASN L 238 -10.42 -15.19 -1.20
N PRO L 239 -10.18 -13.90 -0.93
CA PRO L 239 -9.15 -13.52 0.05
C PRO L 239 -9.29 -14.25 1.38
N ALA L 240 -10.51 -14.30 1.90
CA ALA L 240 -10.76 -15.00 3.16
C ALA L 240 -10.37 -16.47 3.09
N HIS L 241 -10.36 -17.05 1.89
CA HIS L 241 -10.03 -18.47 1.72
C HIS L 241 -8.84 -18.69 0.79
N ALA L 242 -7.96 -17.69 0.67
CA ALA L 242 -6.71 -17.91 -0.06
C ALA L 242 -5.73 -18.76 0.74
N LYS L 243 -6.03 -19.01 2.01
CA LYS L 243 -5.16 -19.85 2.83
C LYS L 243 -4.94 -21.21 2.20
N ILE L 244 -6.02 -21.92 1.85
CA ILE L 244 -5.88 -23.25 1.25
C ILE L 244 -5.37 -23.14 -0.18
N PHE L 245 -5.85 -22.13 -0.91
CA PHE L 245 -5.39 -21.93 -2.28
C PHE L 245 -3.89 -21.74 -2.32
N ALA L 246 -3.28 -21.29 -1.22
CA ALA L 246 -1.83 -21.18 -1.16
C ALA L 246 -1.19 -22.45 -0.60
N GLY L 247 -1.76 -22.98 0.48
CA GLY L 247 -1.18 -24.14 1.14
C GLY L 247 -1.33 -25.45 0.40
N LEU L 248 -2.07 -25.47 -0.71
CA LEU L 248 -2.20 -26.71 -1.48
C LEU L 248 -0.84 -27.30 -1.84
N GLN L 249 0.22 -26.50 -1.80
CA GLN L 249 1.58 -26.99 -1.95
C GLN L 249 2.01 -27.91 -0.82
N GLU L 250 1.15 -28.13 0.16
CA GLU L 250 1.49 -28.96 1.33
C GLU L 250 0.22 -29.65 1.80
N ASN L 251 0.22 -30.12 3.05
CA ASN L 251 -0.84 -30.88 3.70
C ASN L 251 -0.85 -32.33 3.21
N THR L 252 -0.03 -32.69 2.23
CA THR L 252 0.14 -34.06 1.79
C THR L 252 1.40 -34.61 2.44
N GLN L 253 1.22 -35.46 3.45
CA GLN L 253 2.34 -35.89 4.28
C GLN L 253 3.38 -36.61 3.44
N GLY L 254 4.52 -35.95 3.22
CA GLY L 254 5.61 -36.54 2.46
C GLY L 254 5.48 -36.37 0.97
N SER L 255 4.25 -36.48 0.46
CA SER L 255 4.03 -36.44 -0.99
C SER L 255 4.55 -35.14 -1.61
N ARG L 256 4.45 -34.04 -0.88
CA ARG L 256 4.93 -32.75 -1.36
C ARG L 256 5.76 -32.09 -0.28
N LYS L 257 6.65 -31.20 -0.69
CA LYS L 257 7.54 -30.52 0.23
C LYS L 257 7.73 -29.08 -0.21
N ARG L 258 8.12 -28.24 0.77
CA ARG L 258 8.54 -26.88 0.50
C ARG L 258 9.85 -26.66 1.24
N ILE L 259 10.90 -26.33 0.50
CA ILE L 259 12.26 -26.34 1.02
C ILE L 259 12.77 -24.91 1.13
N PHE L 260 13.77 -24.72 1.98
CA PHE L 260 14.45 -23.45 2.14
C PHE L 260 15.93 -23.73 2.33
N GLU L 261 16.75 -23.29 1.37
CA GLU L 261 18.18 -23.60 1.36
C GLU L 261 18.92 -22.36 1.87
N ASN L 262 19.04 -22.26 3.20
CA ASN L 262 19.71 -21.14 3.85
C ASN L 262 19.23 -19.81 3.26
N THR L 263 17.91 -19.63 3.27
CA THR L 263 17.27 -18.44 2.72
C THR L 263 16.56 -17.71 3.83
N LYS L 264 16.69 -16.38 3.85
CA LYS L 264 16.09 -15.53 4.86
C LYS L 264 14.74 -14.98 4.41
N GLN L 265 14.04 -15.69 3.53
CA GLN L 265 12.76 -15.26 2.99
C GLN L 265 11.74 -16.38 3.12
N PHE L 266 10.51 -16.01 3.46
CA PHE L 266 9.40 -16.94 3.55
C PHE L 266 8.25 -16.42 2.70
N ILE L 267 7.77 -17.25 1.79
CA ILE L 267 6.75 -16.86 0.81
C ILE L 267 5.68 -17.93 0.83
N TYR L 268 4.60 -17.67 1.56
CA TYR L 268 3.45 -18.58 1.60
C TYR L 268 2.39 -18.07 0.61
N GLU L 269 2.77 -18.07 -0.66
CA GLU L 269 1.92 -17.49 -1.70
C GLU L 269 2.10 -18.26 -3.01
N VAL L 270 1.02 -18.33 -3.76
CA VAL L 270 1.02 -18.87 -5.13
C VAL L 270 -0.01 -18.10 -5.94
N ASN L 271 0.38 -17.67 -7.14
CA ASN L 271 -0.51 -16.92 -8.00
C ASN L 271 -0.53 -17.49 -9.41
N SER L 272 -0.41 -18.81 -9.54
CA SER L 272 -0.42 -19.46 -10.84
C SER L 272 -0.67 -20.94 -10.64
N ILE L 273 -1.42 -21.53 -11.57
CA ILE L 273 -1.76 -22.95 -11.52
C ILE L 273 -1.67 -23.51 -12.93
N THR L 274 -1.36 -24.80 -13.01
CA THR L 274 -1.28 -25.51 -14.29
C THR L 274 -1.76 -26.94 -14.04
N ASP L 275 -3.04 -27.18 -14.35
CA ASP L 275 -3.67 -28.45 -14.06
C ASP L 275 -3.07 -29.56 -14.93
N PRO L 276 -3.31 -30.82 -14.57
CA PRO L 276 -2.84 -31.92 -15.43
C PRO L 276 -3.36 -31.84 -16.85
N LEU L 277 -4.50 -31.18 -17.06
CA LEU L 277 -5.05 -30.97 -18.39
C LEU L 277 -4.54 -29.69 -19.04
N GLY L 278 -3.37 -29.21 -18.63
CA GLY L 278 -2.92 -27.91 -19.05
C GLY L 278 -3.76 -26.83 -18.40
N GLN L 279 -4.43 -26.02 -19.22
CA GLN L 279 -5.40 -25.03 -18.74
C GLN L 279 -4.78 -24.16 -17.65
N SER L 280 -3.65 -23.53 -17.99
CA SER L 280 -3.00 -22.61 -17.08
C SER L 280 -3.95 -21.47 -16.72
N TYR L 281 -3.96 -21.08 -15.46
CA TYR L 281 -4.85 -20.06 -14.95
C TYR L 281 -4.06 -18.90 -14.37
N LYS L 282 -4.80 -17.85 -13.99
CA LYS L 282 -4.21 -16.66 -13.38
C LYS L 282 -5.18 -16.15 -12.33
N ILE L 283 -4.65 -15.79 -11.18
CA ILE L 283 -5.47 -15.39 -10.04
C ILE L 283 -5.75 -13.90 -10.11
N ILE L 284 -6.91 -13.50 -9.58
CA ILE L 284 -7.33 -12.11 -9.55
C ILE L 284 -8.04 -11.87 -8.22
N VAL L 285 -7.83 -10.68 -7.66
CA VAL L 285 -8.41 -10.31 -6.37
C VAL L 285 -9.58 -9.37 -6.60
N ASN L 286 -10.72 -9.70 -5.99
CA ASN L 286 -11.97 -8.96 -6.13
C ASN L 286 -12.65 -8.78 -4.79
N ARG L 287 -11.91 -8.21 -3.83
CA ARG L 287 -12.39 -8.04 -2.45
C ARG L 287 -13.89 -7.75 -2.40
N TRP L 288 -14.37 -6.86 -3.27
CA TRP L 288 -15.79 -6.57 -3.33
C TRP L 288 -16.64 -7.81 -3.53
N MET L 289 -16.08 -8.87 -4.12
CA MET L 289 -16.78 -10.12 -4.32
C MET L 289 -17.15 -10.73 -2.97
N PRO L 290 -18.26 -11.45 -2.86
CA PRO L 290 -18.57 -12.13 -1.60
C PRO L 290 -17.48 -13.09 -1.18
N THR L 291 -17.57 -13.60 0.05
CA THR L 291 -16.57 -14.51 0.60
C THR L 291 -17.07 -15.95 0.68
N ASP L 292 -18.11 -16.29 -0.08
CA ASP L 292 -18.67 -17.63 -0.05
C ASP L 292 -18.88 -18.19 -1.46
N ALA L 293 -17.95 -17.90 -2.37
CA ALA L 293 -18.04 -18.39 -3.73
C ALA L 293 -16.76 -18.07 -4.48
N VAL L 294 -16.63 -18.65 -5.67
CA VAL L 294 -15.47 -18.44 -6.53
C VAL L 294 -15.97 -18.35 -7.97
N TYR L 295 -15.33 -17.48 -8.75
CA TYR L 295 -15.73 -17.21 -10.12
C TYR L 295 -14.56 -17.46 -11.07
N PHE L 296 -14.77 -18.35 -12.03
CA PHE L 296 -13.83 -18.58 -13.12
C PHE L 296 -14.45 -18.01 -14.40
N PHE L 297 -13.65 -17.27 -15.16
CA PHE L 297 -14.19 -16.57 -16.32
C PHE L 297 -13.04 -16.19 -17.25
N ARG L 298 -13.37 -15.44 -18.29
CA ARG L 298 -12.40 -14.84 -19.20
C ARG L 298 -12.78 -13.38 -19.41
N SER L 299 -11.80 -12.58 -19.83
CA SER L 299 -12.00 -11.15 -19.99
C SER L 299 -12.73 -10.78 -21.28
N ALA L 300 -13.08 -11.75 -22.12
CA ALA L 300 -13.76 -11.49 -23.38
C ALA L 300 -15.23 -11.83 -23.35
N ASP L 301 -15.61 -12.89 -22.64
CA ASP L 301 -17.00 -13.31 -22.62
C ASP L 301 -17.91 -12.23 -22.03
N TRP L 302 -17.41 -11.51 -21.02
CA TRP L 302 -18.22 -10.53 -20.31
C TRP L 302 -17.96 -9.13 -20.83
N THR L 303 -19.01 -8.30 -20.79
CA THR L 303 -18.93 -6.93 -21.24
C THR L 303 -20.09 -6.15 -20.65
N GLN L 304 -19.93 -4.84 -20.57
CA GLN L 304 -20.91 -3.96 -19.95
C GLN L 304 -21.92 -3.46 -20.98
N MET L 305 -22.96 -2.78 -20.48
CA MET L 305 -24.06 -2.28 -21.29
C MET L 305 -24.43 -0.85 -20.86
N VAL L 306 -23.42 0.02 -20.76
CA VAL L 306 -23.68 1.41 -20.44
C VAL L 306 -24.70 1.97 -21.42
N LEU L 307 -25.71 2.66 -20.90
CA LEU L 307 -26.80 3.13 -21.76
C LEU L 307 -26.40 4.40 -22.49
N ARG L 308 -26.21 5.50 -21.75
CA ARG L 308 -25.66 6.71 -22.36
C ARG L 308 -24.27 7.01 -21.84
N ALA L 309 -24.14 7.26 -20.53
CA ALA L 309 -22.86 7.52 -19.90
C ALA L 309 -23.03 7.76 -18.42
N PRO L 310 -21.98 7.66 -17.61
CA PRO L 310 -22.00 8.24 -16.27
C PRO L 310 -21.62 9.72 -16.32
N LYS L 311 -22.59 10.57 -15.99
CA LYS L 311 -22.36 12.01 -16.05
C LYS L 311 -23.03 12.66 -14.84
N ARG L 312 -22.45 13.76 -14.40
CA ARG L 312 -22.98 14.53 -13.28
C ARG L 312 -23.61 15.83 -13.79
N THR L 313 -24.73 16.18 -13.19
CA THR L 313 -25.46 17.38 -13.58
C THR L 313 -26.40 17.78 -12.46
N GLU L 314 -26.80 19.05 -12.47
CA GLU L 314 -27.65 19.62 -11.45
C GLU L 314 -29.09 19.74 -11.96
N LEU L 315 -30.04 19.56 -11.05
CA LEU L 315 -31.46 19.73 -11.33
C LEU L 315 -31.96 21.01 -10.66
N ALA L 316 -33.23 21.34 -10.91
CA ALA L 316 -33.82 22.54 -10.34
C ALA L 316 -33.51 22.66 -8.85
N LYS L 317 -33.08 23.85 -8.44
CA LYS L 317 -32.68 24.09 -7.06
C LYS L 317 -33.92 24.41 -6.21
N ASP L 318 -33.67 24.93 -5.01
CA ASP L 318 -34.71 25.21 -4.04
C ASP L 318 -34.27 26.45 -3.26
N GLY L 319 -34.84 26.65 -2.07
CA GLY L 319 -34.57 27.83 -1.29
C GLY L 319 -33.18 27.83 -0.69
N SER L 320 -32.18 28.05 -1.55
CA SER L 320 -30.77 28.04 -1.15
C SER L 320 -30.27 26.61 -0.88
N TYR L 321 -30.68 25.68 -1.73
CA TYR L 321 -30.13 24.34 -1.78
C TYR L 321 -29.33 24.18 -3.07
N GLU L 322 -28.61 23.07 -3.16
CA GLU L 322 -27.87 22.75 -4.39
C GLU L 322 -27.85 21.24 -4.59
N LYS L 323 -28.55 20.78 -5.63
CA LYS L 323 -28.71 19.35 -5.87
C LYS L 323 -27.90 18.91 -7.08
N TRP L 324 -27.49 17.64 -7.05
CA TRP L 324 -26.71 17.05 -8.13
C TRP L 324 -27.08 15.58 -8.25
N MET L 325 -26.93 15.04 -9.46
CA MET L 325 -27.25 13.65 -9.72
C MET L 325 -26.20 13.07 -10.65
N ILE L 326 -26.18 11.73 -10.73
CA ILE L 326 -25.22 11.01 -11.55
C ILE L 326 -25.96 10.20 -12.60
N GLU L 327 -26.88 9.35 -12.16
CA GLU L 327 -27.73 8.55 -13.05
C GLU L 327 -26.87 7.68 -13.97
N MET L 328 -26.16 6.74 -13.35
CA MET L 328 -25.38 5.77 -14.09
C MET L 328 -26.21 4.51 -14.34
N GLU L 329 -26.30 4.12 -15.61
CA GLU L 329 -27.09 2.97 -16.02
C GLU L 329 -26.22 2.03 -16.84
N VAL L 330 -26.10 0.79 -16.37
CA VAL L 330 -25.26 -0.21 -17.02
C VAL L 330 -25.95 -1.55 -16.99
N GLY L 331 -25.29 -2.58 -17.54
CA GLY L 331 -25.80 -3.93 -17.53
C GLY L 331 -24.75 -4.91 -17.99
N LEU L 332 -24.89 -6.17 -17.59
CA LEU L 332 -23.91 -7.20 -17.90
C LEU L 332 -24.34 -7.95 -19.17
N ARG L 333 -23.40 -8.71 -19.71
CA ARG L 333 -23.66 -9.50 -20.90
C ARG L 333 -22.75 -10.71 -20.88
N HIS L 334 -23.29 -11.86 -20.49
CA HIS L 334 -22.55 -13.11 -20.57
C HIS L 334 -22.92 -13.87 -21.84
N ARG L 335 -21.94 -14.59 -22.37
CA ARG L 335 -22.10 -15.35 -23.61
C ARG L 335 -21.90 -16.82 -23.28
N ASN L 336 -22.80 -17.67 -23.79
CA ASN L 336 -22.74 -19.09 -23.49
C ASN L 336 -22.76 -19.30 -21.98
N PRO L 337 -23.91 -19.14 -21.32
CA PRO L 337 -23.99 -19.33 -19.86
C PRO L 337 -23.14 -20.49 -19.35
N TYR L 338 -23.08 -21.57 -20.12
CA TYR L 338 -22.24 -22.71 -19.76
C TYR L 338 -20.80 -22.47 -20.20
N ALA L 339 -20.23 -21.33 -19.80
CA ALA L 339 -18.87 -20.99 -20.17
C ALA L 339 -18.02 -20.46 -19.02
N SER L 340 -18.61 -20.09 -17.89
CA SER L 340 -17.88 -19.56 -16.75
C SER L 340 -18.13 -20.43 -15.53
N GLY L 341 -17.08 -20.67 -14.75
CA GLY L 341 -17.16 -21.57 -13.63
C GLY L 341 -17.50 -20.87 -12.33
N VAL L 342 -18.27 -21.56 -11.50
CA VAL L 342 -18.65 -21.07 -10.18
C VAL L 342 -18.48 -22.21 -9.17
N LEU L 343 -17.95 -21.88 -8.00
CA LEU L 343 -17.63 -22.89 -6.99
C LEU L 343 -17.95 -22.30 -5.62
N PHE L 344 -19.07 -22.74 -5.05
CA PHE L 344 -19.45 -22.30 -3.70
C PHE L 344 -18.67 -23.09 -2.66
N THR L 345 -18.66 -22.56 -1.44
CA THR L 345 -18.03 -23.20 -0.29
C THR L 345 -19.11 -23.61 0.69
N ALA L 346 -19.12 -24.89 1.05
CA ALA L 346 -20.10 -25.45 1.96
C ALA L 346 -19.42 -26.41 2.93
N ALA L 347 -19.89 -26.41 4.18
CA ALA L 347 -19.42 -27.40 5.14
C ALA L 347 -20.15 -28.73 4.97
N GLY L 348 -21.37 -28.69 4.45
CA GLY L 348 -22.11 -29.91 4.21
C GLY L 348 -23.40 -29.58 3.47
N LYS L 349 -24.30 -30.56 3.43
CA LYS L 349 -25.60 -30.37 2.81
C LYS L 349 -26.70 -30.96 3.69
N ASN M 3 59.73 -8.20 59.99
CA ASN M 3 61.19 -8.27 59.70
C ASN M 3 61.48 -9.25 58.57
N PRO M 4 60.88 -9.04 57.41
CA PRO M 4 61.10 -9.97 56.30
C PRO M 4 62.50 -9.85 55.75
N THR M 5 63.05 -11.00 55.35
CA THR M 5 64.36 -11.08 54.71
C THR M 5 64.25 -11.02 53.19
N LEU M 6 63.05 -10.83 52.66
CA LEU M 6 62.84 -10.71 51.22
C LEU M 6 61.55 -9.92 51.02
N PHE M 7 61.68 -8.71 50.47
CA PHE M 7 60.55 -7.79 50.37
C PHE M 7 59.77 -8.12 49.09
N VAL M 8 58.89 -9.11 49.21
CA VAL M 8 58.05 -9.53 48.08
C VAL M 8 56.93 -8.53 47.90
N SER M 9 56.23 -8.62 46.76
CA SER M 9 55.19 -7.64 46.43
C SER M 9 54.12 -7.56 47.51
N TYR M 10 53.87 -8.65 48.24
CA TYR M 10 52.81 -8.61 49.25
C TYR M 10 53.14 -7.64 50.38
N ASP M 11 54.42 -7.32 50.57
CA ASP M 11 54.84 -6.42 51.63
C ASP M 11 54.84 -4.96 51.21
N GLN M 12 54.19 -4.64 50.09
CA GLN M 12 54.13 -3.29 49.56
C GLN M 12 52.87 -2.61 50.11
N ASN M 13 53.00 -2.02 51.31
CA ASN M 13 51.85 -1.39 51.94
C ASN M 13 51.32 -0.24 51.08
N GLY M 14 52.16 0.78 50.88
CA GLY M 14 51.78 1.89 50.02
C GLY M 14 52.01 1.51 48.57
N LYS M 15 50.93 1.36 47.80
CA LYS M 15 51.02 0.93 46.42
C LYS M 15 50.09 1.78 45.56
N LYS M 16 50.59 2.22 44.41
CA LYS M 16 49.79 2.99 43.46
C LYS M 16 49.05 2.00 42.56
N LEU M 17 47.72 2.06 42.61
CA LEU M 17 46.92 1.12 41.83
C LEU M 17 47.04 1.42 40.34
N SER M 18 46.51 0.50 39.53
CA SER M 18 46.59 0.56 38.07
C SER M 18 45.21 0.51 37.44
N PHE M 19 44.28 1.29 37.98
CA PHE M 19 42.93 1.32 37.43
C PHE M 19 42.95 1.75 35.97
N ALA M 20 41.96 1.29 35.22
CA ALA M 20 41.85 1.63 33.81
C ALA M 20 41.11 2.95 33.61
N ASN M 21 41.55 3.71 32.61
CA ASN M 21 40.98 5.02 32.33
C ASN M 21 39.81 4.93 31.35
N TRP M 22 38.81 4.14 31.72
CA TRP M 22 37.59 4.04 30.93
C TRP M 22 36.59 3.21 31.74
N ILE M 23 35.37 3.12 31.21
CA ILE M 23 34.28 2.41 31.88
C ILE M 23 33.54 1.56 30.85
N SER M 24 33.17 0.36 31.25
CA SER M 24 32.49 -0.59 30.38
C SER M 24 30.99 -0.40 30.51
N VAL M 25 30.30 -0.43 29.37
CA VAL M 25 28.85 -0.28 29.33
C VAL M 25 28.28 -1.28 28.34
N LEU M 26 27.30 -2.07 28.80
CA LEU M 26 26.58 -3.02 27.96
C LEU M 26 25.12 -2.63 27.80
N SER M 27 24.73 -1.47 28.32
CA SER M 27 23.35 -1.02 28.23
C SER M 27 22.96 -0.86 26.75
N PRO M 28 21.98 -1.60 26.26
CA PRO M 28 21.66 -1.54 24.82
C PRO M 28 21.09 -0.18 24.43
N GLN M 29 21.46 0.28 23.24
CA GLN M 29 20.99 1.54 22.69
C GLN M 29 20.70 1.32 21.21
N ASP M 30 19.45 1.00 20.88
CA ASP M 30 19.04 0.77 19.51
C ASP M 30 18.08 1.86 19.02
N THR M 31 16.99 2.10 19.75
CA THR M 31 15.99 3.08 19.37
C THR M 31 15.57 2.88 17.92
N PRO M 32 15.08 1.69 17.57
CA PRO M 32 14.70 1.46 16.16
C PRO M 32 13.43 2.18 15.78
N PHE M 33 12.43 2.22 16.67
CA PHE M 33 11.17 2.89 16.35
C PHE M 33 11.37 4.37 16.08
N VAL M 34 12.12 5.05 16.95
CA VAL M 34 12.31 6.49 16.79
C VAL M 34 13.05 6.81 15.50
N SER M 35 13.94 5.91 15.06
CA SER M 35 14.76 6.16 13.89
C SER M 35 14.01 6.00 12.58
N MET M 36 12.70 5.72 12.62
CA MET M 36 11.93 5.52 11.40
C MET M 36 10.59 6.23 11.39
N THR M 37 10.21 6.91 12.47
CA THR M 37 8.90 7.57 12.52
C THR M 37 8.95 8.97 11.92
N GLY M 38 9.97 9.75 12.25
CA GLY M 38 10.02 11.15 11.90
C GLY M 38 9.30 12.01 12.92
N LYS M 39 9.58 13.30 12.86
CA LYS M 39 9.03 14.24 13.83
C LYS M 39 8.66 15.54 13.13
N GLU M 40 7.66 16.22 13.71
CA GLU M 40 7.19 17.50 13.19
C GLU M 40 6.88 18.40 14.38
N SER M 41 7.53 19.56 14.44
CA SER M 41 7.36 20.46 15.57
C SER M 41 5.96 21.06 15.57
N ILE M 42 5.44 21.32 16.77
CA ILE M 42 4.15 21.97 16.96
C ILE M 42 4.34 23.11 17.95
N ASN M 43 3.28 23.89 18.12
CA ASN M 43 3.28 25.05 19.02
C ASN M 43 2.04 25.03 19.89
N GLN M 44 1.70 23.86 20.42
CA GLN M 44 0.51 23.73 21.25
C GLN M 44 0.59 22.42 22.03
N THR M 45 -0.08 22.40 23.18
CA THR M 45 -0.12 21.21 24.02
C THR M 45 -1.14 20.18 23.56
N ILE M 46 -2.05 20.56 22.66
CA ILE M 46 -3.06 19.66 22.14
C ILE M 46 -3.10 19.78 20.62
N PHE M 47 -3.35 18.66 19.95
CA PHE M 47 -3.38 18.61 18.51
C PHE M 47 -4.36 17.53 18.07
N SER M 48 -4.61 17.46 16.77
CA SER M 48 -5.54 16.48 16.22
C SER M 48 -5.31 16.35 14.73
N TRP M 49 -6.10 15.48 14.12
CA TRP M 49 -5.99 15.21 12.69
C TRP M 49 -7.34 14.73 12.18
N GLN M 50 -7.53 14.86 10.87
CA GLN M 50 -8.78 14.46 10.23
C GLN M 50 -8.79 12.97 9.94
N THR M 51 -9.99 12.40 9.88
CA THR M 51 -10.19 11.01 9.52
C THR M 51 -11.55 10.88 8.84
N ASP M 52 -11.55 10.54 7.55
CA ASP M 52 -12.77 10.35 6.79
C ASP M 52 -12.71 9.04 6.03
N ALA M 53 -13.88 8.47 5.76
CA ALA M 53 -13.97 7.20 5.06
C ALA M 53 -15.23 7.19 4.21
N LEU M 54 -15.10 6.70 2.98
CA LEU M 54 -16.25 6.62 2.09
C LEU M 54 -17.36 5.80 2.72
N ALA M 55 -18.60 6.17 2.42
CA ALA M 55 -19.74 5.45 2.96
C ALA M 55 -19.75 4.00 2.47
N SER M 56 -20.24 3.11 3.32
CA SER M 56 -20.29 1.69 2.99
C SER M 56 -21.14 1.46 1.76
N VAL M 57 -20.78 0.42 1.00
CA VAL M 57 -21.58 0.06 -0.17
C VAL M 57 -22.98 -0.29 0.27
N ASP M 58 -23.95 0.52 -0.17
CA ASP M 58 -25.33 0.32 0.27
C ASP M 58 -25.97 -0.83 -0.48
N GLY M 59 -25.67 -0.97 -1.77
CA GLY M 59 -26.32 -1.97 -2.59
C GLY M 59 -27.80 -1.66 -2.78
N ASN M 60 -28.45 -2.38 -3.69
CA ASN M 60 -29.86 -2.16 -3.97
C ASN M 60 -30.12 -0.72 -4.38
N ASN M 61 -29.14 -0.12 -5.05
CA ASN M 61 -29.29 1.25 -5.55
C ASN M 61 -30.16 1.33 -6.80
N ALA M 62 -30.68 0.20 -7.28
CA ALA M 62 -31.58 0.22 -8.42
C ALA M 62 -32.75 1.16 -8.13
N HIS M 63 -32.82 2.27 -8.85
CA HIS M 63 -33.85 3.27 -8.66
C HIS M 63 -34.72 3.39 -9.90
N VAL M 64 -35.84 4.09 -9.74
CA VAL M 64 -36.77 4.33 -10.84
C VAL M 64 -36.17 5.39 -11.75
N GLU M 65 -36.74 5.56 -12.94
CA GLU M 65 -36.23 6.54 -13.90
C GLU M 65 -35.90 7.88 -13.27
N GLY M 66 -36.56 8.24 -12.17
CA GLY M 66 -36.25 9.46 -11.46
C GLY M 66 -37.47 10.16 -10.90
N SER M 67 -37.47 10.42 -9.59
CA SER M 67 -38.61 11.06 -8.95
C SER M 67 -38.10 11.86 -7.75
N ARG M 68 -37.90 13.16 -7.95
CA ARG M 68 -37.59 14.16 -6.94
C ARG M 68 -36.14 14.09 -6.44
N ALA M 69 -35.41 13.01 -6.70
CA ALA M 69 -34.02 12.90 -6.26
C ALA M 69 -33.87 13.35 -4.80
N GLU M 70 -34.48 12.56 -3.92
CA GLU M 70 -34.73 12.99 -2.55
C GLU M 70 -33.46 13.02 -1.69
N ASP M 71 -32.53 13.91 -2.02
CA ASP M 71 -31.43 14.35 -1.17
C ASP M 71 -30.38 13.27 -0.91
N GLY M 72 -30.60 12.03 -1.36
CA GLY M 72 -29.64 10.98 -1.03
C GLY M 72 -29.29 10.98 0.44
N GLU M 73 -27.99 10.98 0.72
CA GLU M 73 -27.49 11.05 2.09
C GLU M 73 -25.98 11.11 2.05
N MET M 74 -25.39 11.69 3.10
CA MET M 74 -23.94 11.78 3.25
C MET M 74 -23.59 11.66 4.73
N LYS M 75 -22.29 11.62 5.01
CA LYS M 75 -21.79 11.45 6.36
C LYS M 75 -20.59 12.39 6.54
N PRO M 76 -20.43 13.01 7.70
CA PRO M 76 -19.32 13.95 7.89
C PRO M 76 -18.02 13.24 8.22
N THR M 77 -16.95 14.03 8.27
CA THR M 77 -15.63 13.53 8.61
C THR M 77 -15.57 13.26 10.11
N VAL M 78 -14.38 12.86 10.58
CA VAL M 78 -14.16 12.47 11.97
C VAL M 78 -12.92 13.17 12.49
N ILE M 79 -12.97 13.53 13.77
CA ILE M 79 -11.87 14.20 14.46
C ILE M 79 -11.35 13.28 15.55
N LYS M 80 -10.03 13.18 15.66
CA LYS M 80 -9.36 12.39 16.70
C LYS M 80 -8.15 13.17 17.18
N SER M 81 -8.20 13.62 18.43
CA SER M 81 -7.15 14.44 19.01
C SER M 81 -6.29 13.62 19.96
N ASN M 82 -5.13 14.17 20.29
CA ASN M 82 -4.19 13.54 21.20
C ASN M 82 -3.59 14.60 22.11
N VAL M 83 -2.76 14.17 23.05
CA VAL M 83 -2.16 15.05 24.05
C VAL M 83 -0.66 14.76 24.13
N THR M 84 0.08 15.76 24.59
CA THR M 84 1.53 15.68 24.66
C THR M 84 1.98 14.93 25.91
N GLN M 85 3.29 14.72 26.01
CA GLN M 85 3.90 14.04 27.14
C GLN M 85 5.18 14.78 27.51
N ILE M 86 5.37 15.01 28.81
CA ILE M 86 6.54 15.71 29.33
C ILE M 86 7.35 14.74 30.17
N LEU M 87 8.59 14.51 29.76
CA LEU M 87 9.51 13.64 30.47
C LEU M 87 10.54 14.51 31.19
N ARG M 88 10.88 14.13 32.43
CA ARG M 88 11.78 14.91 33.26
C ARG M 88 12.69 13.97 34.04
N LYS M 89 13.91 14.43 34.32
CA LYS M 89 14.87 13.69 35.12
C LYS M 89 15.67 14.67 35.94
N VAL M 90 16.01 14.27 37.16
CA VAL M 90 16.72 15.13 38.11
C VAL M 90 18.03 14.47 38.48
N VAL M 91 19.08 15.29 38.58
CA VAL M 91 20.39 14.86 39.05
C VAL M 91 20.86 15.89 40.07
N ARG M 92 21.05 15.44 41.31
CA ARG M 92 21.27 16.32 42.45
C ARG M 92 22.66 16.11 43.05
N VAL M 93 23.66 15.99 42.19
CA VAL M 93 25.03 15.75 42.65
C VAL M 93 25.46 16.90 43.55
N SER M 94 26.10 16.58 44.67
CA SER M 94 26.60 17.58 45.57
C SER M 94 27.79 18.32 44.95
N ASP M 95 28.16 19.43 45.57
CA ASP M 95 29.28 20.23 45.08
C ASP M 95 30.53 19.93 45.88
N THR M 96 30.65 18.69 46.36
CA THR M 96 31.87 18.21 46.99
C THR M 96 32.35 16.95 46.29
N ALA M 97 31.42 16.25 45.64
CA ALA M 97 31.73 15.07 44.84
C ALA M 97 32.17 15.43 43.43
N ASN M 98 32.04 16.69 43.03
CA ASN M 98 32.50 17.16 41.73
C ASN M 98 33.89 17.76 41.78
N THR M 99 34.57 17.67 42.92
CA THR M 99 35.95 18.13 43.07
C THR M 99 36.89 16.95 43.28
N THR M 100 36.49 15.78 42.81
CA THR M 100 37.24 14.55 42.99
C THR M 100 38.04 14.23 41.73
N ALA M 101 38.76 13.10 41.78
CA ALA M 101 39.62 12.64 40.69
C ALA M 101 39.43 11.15 40.48
N ASN M 102 38.17 10.72 40.40
CA ASN M 102 37.87 9.30 40.25
C ASN M 102 38.41 8.80 38.92
N TYR M 103 38.76 7.51 38.90
CA TYR M 103 39.32 6.91 37.69
C TYR M 103 38.25 6.81 36.61
N GLY M 104 38.67 6.99 35.36
CA GLY M 104 37.76 6.92 34.24
C GLY M 104 36.87 8.15 34.13
N ARG M 105 36.12 8.43 35.18
CA ARG M 105 35.24 9.59 35.17
C ARG M 105 36.04 10.88 35.04
N GLY M 106 35.34 11.95 34.72
CA GLY M 106 35.89 13.29 34.80
C GLY M 106 35.32 14.01 35.99
N ARG M 107 34.31 14.84 35.76
CA ARG M 107 33.48 15.41 36.82
C ARG M 107 32.18 14.61 36.85
N GLU M 108 31.88 13.99 37.99
CA GLU M 108 30.79 13.04 38.07
C GLU M 108 29.42 13.67 37.82
N LEU M 109 29.36 14.98 37.61
CA LEU M 109 28.09 15.60 37.25
C LEU M 109 27.70 15.28 35.81
N MET M 110 28.62 15.49 34.88
CA MET M 110 28.31 15.25 33.47
C MET M 110 28.17 13.75 33.19
N TYR M 111 28.95 12.92 33.89
CA TYR M 111 28.83 11.48 33.69
C TYR M 111 27.43 10.98 34.01
N GLN M 112 26.77 11.60 35.00
CA GLN M 112 25.39 11.28 35.30
C GLN M 112 24.41 12.01 34.40
N LEU M 113 24.76 13.23 33.96
CA LEU M 113 23.88 13.99 33.08
C LEU M 113 23.68 13.27 31.75
N GLU M 114 24.76 12.78 31.15
CA GLU M 114 24.66 12.07 29.89
C GLU M 114 23.86 10.78 30.06
N LYS M 115 24.11 10.05 31.15
CA LYS M 115 23.35 8.84 31.41
C LYS M 115 21.87 9.15 31.57
N LYS M 116 21.54 10.28 32.19
CA LYS M 116 20.14 10.65 32.36
C LYS M 116 19.51 11.01 31.01
N GLY M 117 20.27 11.67 30.13
CA GLY M 117 19.75 11.92 28.79
C GLY M 117 19.44 10.63 28.05
N LYS M 118 20.39 9.69 28.09
CA LYS M 118 20.16 8.40 27.43
C LYS M 118 18.97 7.68 28.04
N GLU M 119 18.82 7.76 29.36
CA GLU M 119 17.69 7.12 30.02
C GLU M 119 16.38 7.77 29.61
N ILE M 120 16.37 9.10 29.46
CA ILE M 120 15.19 9.79 28.97
C ILE M 120 14.82 9.29 27.59
N LYS M 121 15.82 9.13 26.72
CA LYS M 121 15.54 8.64 25.37
C LYS M 121 14.98 7.22 25.40
N ARG M 122 15.58 6.36 26.22
CA ARG M 122 15.09 4.99 26.31
C ARG M 122 13.67 4.95 26.87
N ASP M 123 13.36 5.82 27.83
CA ASP M 123 12.02 5.87 28.39
C ASP M 123 11.02 6.35 27.34
N LEU M 124 11.42 7.32 26.52
CA LEU M 124 10.57 7.72 25.40
C LEU M 124 10.29 6.54 24.48
N GLU M 125 11.34 5.80 24.11
CA GLU M 125 11.17 4.66 23.22
C GLU M 125 10.25 3.62 23.83
N LYS M 126 10.33 3.42 25.15
CA LYS M 126 9.48 2.43 25.80
C LYS M 126 8.04 2.91 25.87
N ILE M 127 7.83 4.18 26.22
CA ILE M 127 6.48 4.68 26.40
C ILE M 127 5.75 4.78 25.07
N LEU M 128 6.48 5.04 23.97
CA LEU M 128 5.83 5.12 22.68
C LEU M 128 5.27 3.77 22.23
N LEU M 129 5.60 2.69 22.93
CA LEU M 129 5.12 1.36 22.60
C LEU M 129 4.53 0.64 23.79
N SER M 130 4.30 1.33 24.91
CA SER M 130 3.78 0.67 26.10
C SER M 130 2.34 0.22 25.89
N GLY M 131 1.45 1.16 25.60
CA GLY M 131 0.05 0.86 25.41
C GLY M 131 -0.82 1.58 26.43
N GLN M 132 -0.34 2.70 26.94
CA GLN M 132 -1.07 3.48 27.94
C GLN M 132 -2.22 4.21 27.26
N ALA M 133 -2.94 5.01 28.02
CA ALA M 133 -4.14 5.69 27.54
C ALA M 133 -3.86 7.18 27.32
N ARG M 134 -4.84 7.84 26.73
CA ARG M 134 -4.76 9.29 26.46
C ARG M 134 -5.38 10.00 27.64
N THR M 135 -4.71 9.89 28.79
CA THR M 135 -5.21 10.47 30.03
C THR M 135 -5.04 11.99 29.99
N ASP M 136 -6.11 12.70 30.34
CA ASP M 136 -6.09 14.16 30.35
C ASP M 136 -7.24 14.65 31.20
N VAL M 137 -7.09 15.88 31.70
CA VAL M 137 -8.10 16.47 32.56
C VAL M 137 -9.22 17.14 31.77
N LEU M 138 -8.97 17.55 30.53
CA LEU M 138 -10.00 18.22 29.74
C LEU M 138 -11.09 17.26 29.31
N ALA M 139 -10.72 16.02 28.99
CA ALA M 139 -11.67 15.01 28.52
C ALA M 139 -12.39 15.48 27.26
N ASP M 140 -11.60 15.66 26.20
CA ASP M 140 -12.11 16.03 24.89
C ASP M 140 -12.76 17.41 24.88
N GLN M 141 -12.17 18.36 25.61
CA GLN M 141 -12.65 19.74 25.65
C GLN M 141 -11.58 20.69 25.13
N TYR M 142 -11.01 20.33 23.98
CA TYR M 142 -10.03 21.17 23.29
C TYR M 142 -10.76 22.29 22.57
N LEU M 143 -10.12 22.92 21.58
CA LEU M 143 -10.72 24.05 20.88
C LEU M 143 -10.94 25.23 21.82
N THR M 144 -9.84 25.86 22.23
CA THR M 144 -9.86 27.07 23.04
C THR M 144 -10.39 26.86 24.45
N ASN M 145 -9.67 26.04 25.22
CA ASN M 145 -9.64 26.11 26.68
C ASN M 145 -10.92 25.58 27.34
N SER M 146 -11.60 24.64 26.70
CA SER M 146 -12.65 23.87 27.37
C SER M 146 -13.71 24.80 27.97
N ALA M 147 -14.49 25.40 27.06
CA ALA M 147 -15.38 26.51 27.38
C ALA M 147 -15.98 26.42 28.78
N ALA M 148 -16.29 25.20 29.25
CA ALA M 148 -16.68 25.02 30.64
C ALA M 148 -15.69 25.71 31.58
N ASP M 149 -14.40 25.68 31.24
CA ASP M 149 -13.35 26.44 31.90
C ASP M 149 -13.16 26.02 33.35
N PRO M 150 -12.78 24.76 33.62
CA PRO M 150 -12.33 24.36 34.95
C PRO M 150 -10.82 24.56 35.14
N ALA M 151 -10.33 25.72 34.73
CA ALA M 151 -8.88 25.96 34.72
C ALA M 151 -8.38 26.52 36.04
N VAL M 152 -9.27 26.89 36.95
CA VAL M 152 -8.85 27.40 38.26
C VAL M 152 -8.01 26.33 38.95
N ALA M 153 -6.76 26.67 39.24
CA ALA M 153 -5.81 25.74 39.84
C ALA M 153 -6.09 25.59 41.32
N GLY M 154 -5.35 24.68 41.95
CA GLY M 154 -5.52 24.35 43.35
C GLY M 154 -6.09 22.97 43.60
N LEU M 155 -6.56 22.27 42.56
CA LEU M 155 -7.08 20.92 42.70
C LEU M 155 -6.04 19.94 42.20
N ASN M 156 -5.79 18.89 42.98
CA ASN M 156 -4.82 17.87 42.57
C ASN M 156 -5.23 17.23 41.24
N ASP M 157 -6.53 17.08 41.02
CA ASP M 157 -7.00 16.46 39.78
C ASP M 157 -6.62 17.30 38.57
N THR M 158 -6.60 18.63 38.72
CA THR M 158 -6.22 19.49 37.61
C THR M 158 -4.75 19.36 37.27
N HIS M 159 -3.89 19.17 38.28
CA HIS M 159 -2.45 19.02 38.06
C HIS M 159 -2.13 17.54 37.86
N ALA M 160 -2.85 16.94 36.92
CA ALA M 160 -2.71 15.51 36.65
C ALA M 160 -1.68 15.29 35.56
N ALA M 161 -0.79 14.33 35.79
CA ALA M 161 0.26 14.01 34.83
C ALA M 161 -0.34 13.64 33.49
N ARG M 162 -0.01 14.42 32.46
CA ARG M 162 -0.50 14.13 31.13
C ARG M 162 0.12 12.84 30.59
N LYS M 163 -0.70 12.05 29.91
CA LYS M 163 -0.26 10.78 29.36
C LYS M 163 -0.71 10.69 27.91
N THR M 164 0.25 10.63 26.99
CA THR M 164 -0.07 10.52 25.58
C THR M 164 -0.64 9.13 25.26
N GLY M 165 -1.39 9.08 24.17
CA GLY M 165 -1.96 7.81 23.73
C GLY M 165 -0.94 6.98 22.99
N ALA M 166 -0.45 5.92 23.63
CA ALA M 166 0.59 5.10 23.05
C ALA M 166 0.05 4.34 21.83
N PHE M 167 0.93 3.52 21.26
CA PHE M 167 0.58 2.77 20.05
C PHE M 167 -0.77 2.08 20.18
N GLN M 168 -0.92 1.27 21.23
CA GLN M 168 -2.11 0.42 21.35
C GLN M 168 -3.38 1.27 21.42
N PHE M 169 -3.33 2.40 22.12
CA PHE M 169 -4.53 3.22 22.29
C PHE M 169 -4.99 3.80 20.97
N LEU M 170 -4.10 4.46 20.25
CA LEU M 170 -4.47 5.14 19.01
C LEU M 170 -5.03 4.18 17.98
N CYS M 171 -4.73 2.89 18.07
CA CYS M 171 -5.29 1.92 17.16
C CYS M 171 -6.72 1.57 17.56
N ALA M 172 -7.27 0.53 16.92
CA ALA M 172 -8.66 0.13 17.16
C ALA M 172 -8.76 -0.48 18.56
N HIS M 173 -8.72 0.39 19.56
CA HIS M 173 -8.87 -0.02 20.95
C HIS M 173 -10.36 -0.20 21.25
N GLY M 174 -10.69 -0.31 22.52
CA GLY M 174 -12.07 -0.49 22.94
C GLY M 174 -12.20 -1.35 24.17
N GLY M 175 -11.13 -2.07 24.51
CA GLY M 175 -11.08 -2.81 25.75
C GLY M 175 -9.93 -2.34 26.62
N LEU M 176 -10.24 -1.74 27.76
CA LEU M 176 -9.24 -1.16 28.65
C LEU M 176 -9.21 -1.92 29.98
N ALA M 177 -8.05 -1.91 30.63
CA ALA M 177 -7.86 -2.53 31.93
C ALA M 177 -7.84 -1.50 33.04
N GLY M 178 -8.68 -0.47 32.92
CA GLY M 178 -8.68 0.63 33.85
C GLY M 178 -7.80 1.77 33.38
N GLY M 179 -6.52 1.48 33.15
CA GLY M 179 -5.59 2.49 32.69
C GLY M 179 -4.81 2.08 31.45
N VAL M 180 -4.80 0.79 31.14
CA VAL M 180 -4.04 0.25 30.02
C VAL M 180 -4.97 -0.55 29.12
N VAL M 181 -4.63 -0.59 27.83
CA VAL M 181 -5.43 -1.34 26.88
C VAL M 181 -5.48 -2.81 27.28
N ASP M 182 -6.61 -3.45 27.00
CA ASP M 182 -6.78 -4.87 27.30
C ASP M 182 -6.14 -5.72 26.22
N LYS M 183 -5.59 -6.87 26.64
CA LYS M 183 -4.89 -7.78 25.75
C LYS M 183 -5.56 -9.15 25.70
N THR M 184 -6.87 -9.19 25.97
CA THR M 184 -7.61 -10.44 25.96
C THR M 184 -8.97 -10.28 25.30
N LYS M 185 -9.17 -9.23 24.51
CA LYS M 185 -10.44 -8.99 23.85
C LYS M 185 -10.17 -8.44 22.45
N ASN M 186 -10.72 -9.09 21.44
CA ASN M 186 -10.51 -8.65 20.07
C ASN M 186 -11.09 -7.26 19.85
N GLY M 187 -10.40 -6.46 19.06
CA GLY M 187 -10.82 -5.11 18.79
C GLY M 187 -12.20 -5.06 18.15
N PRO M 188 -12.78 -3.86 18.07
CA PRO M 188 -14.11 -3.72 17.49
C PRO M 188 -14.08 -3.82 15.97
N ALA M 189 -15.26 -4.02 15.40
CA ALA M 189 -15.39 -4.14 13.95
C ALA M 189 -15.38 -2.76 13.32
N ASP M 190 -14.60 -2.61 12.26
CA ASP M 190 -14.53 -1.34 11.56
C ASP M 190 -15.90 -0.97 11.02
N PRO M 191 -16.34 0.29 11.15
CA PRO M 191 -17.68 0.64 10.65
C PRO M 191 -17.81 0.52 9.15
N ASP M 192 -16.79 0.93 8.39
CA ASP M 192 -16.86 0.85 6.94
C ASP M 192 -16.97 -0.59 6.48
N THR M 193 -15.96 -1.40 6.81
CA THR M 193 -15.91 -2.80 6.44
C THR M 193 -15.81 -3.66 7.68
N GLY M 194 -16.21 -4.92 7.56
CA GLY M 194 -16.12 -5.83 8.68
C GLY M 194 -14.69 -6.24 8.97
N ALA M 195 -13.84 -5.26 9.22
CA ALA M 195 -12.41 -5.47 9.45
C ALA M 195 -12.08 -5.26 10.92
N VAL M 196 -11.04 -5.97 11.38
CA VAL M 196 -10.56 -5.84 12.76
C VAL M 196 -9.05 -5.79 12.76
N THR M 197 -8.50 -4.60 13.02
CA THR M 197 -7.05 -4.42 13.02
C THR M 197 -6.39 -4.90 14.30
N VAL M 198 -7.14 -5.01 15.39
CA VAL M 198 -6.62 -5.45 16.68
C VAL M 198 -7.24 -6.81 16.98
N LYS M 199 -6.45 -7.86 16.87
CA LYS M 199 -6.87 -9.21 17.19
C LYS M 199 -5.93 -9.82 18.23
N VAL M 200 -6.48 -10.71 19.04
CA VAL M 200 -5.72 -11.46 20.04
C VAL M 200 -5.61 -12.89 19.55
N ALA M 201 -4.39 -13.41 19.50
CA ALA M 201 -4.16 -14.76 19.02
C ALA M 201 -4.91 -15.77 19.89
N GLN M 202 -5.04 -16.99 19.37
CA GLN M 202 -5.76 -18.06 20.07
C GLN M 202 -4.81 -18.96 20.85
N ASN M 203 -3.89 -19.62 20.15
CA ASN M 203 -3.00 -20.60 20.77
C ASN M 203 -3.81 -21.62 21.56
N ALA M 204 -4.97 -22.01 21.02
CA ALA M 204 -5.82 -23.01 21.65
C ALA M 204 -5.60 -24.41 21.11
N SER M 205 -5.08 -24.53 19.89
CA SER M 205 -4.83 -25.84 19.32
C SER M 205 -3.91 -26.66 20.21
N ASN M 206 -2.69 -26.17 20.44
CA ASN M 206 -1.78 -26.83 21.36
C ASN M 206 -2.17 -26.47 22.79
N PRO M 207 -1.80 -27.32 23.76
CA PRO M 207 -1.99 -26.95 25.17
C PRO M 207 -0.97 -25.90 25.58
N THR M 208 -0.92 -25.55 26.86
CA THR M 208 0.02 -24.55 27.33
C THR M 208 1.40 -25.16 27.56
N THR M 209 1.92 -25.85 26.53
CA THR M 209 3.27 -26.39 26.57
C THR M 209 4.09 -26.03 25.35
N ASN M 210 3.48 -25.80 24.20
CA ASN M 210 4.16 -25.27 23.02
C ASN M 210 3.56 -23.89 22.74
N ILE M 211 4.20 -22.85 23.28
CA ILE M 211 3.64 -21.50 23.26
C ILE M 211 4.04 -20.87 21.94
N GLY M 212 3.27 -21.16 20.90
CA GLY M 212 3.32 -20.40 19.66
C GLY M 212 1.98 -19.77 19.44
N PHE M 213 1.98 -18.52 18.98
CA PHE M 213 0.75 -17.75 18.96
C PHE M 213 -0.30 -18.45 18.12
N ASP M 214 -0.11 -18.49 16.81
CA ASP M 214 -0.86 -19.41 15.96
C ASP M 214 -0.03 -20.03 14.84
N GLU M 215 1.06 -19.40 14.40
CA GLU M 215 1.82 -19.81 13.22
C GLU M 215 1.03 -19.51 11.95
N ALA M 216 -0.23 -19.06 12.10
CA ALA M 216 -1.07 -18.77 10.95
C ALA M 216 -1.93 -17.52 11.16
N ASP M 217 -1.77 -16.80 12.27
CA ASP M 217 -2.58 -15.62 12.54
C ASP M 217 -1.95 -14.34 12.03
N ILE M 218 -0.64 -14.35 11.73
CA ILE M 218 -0.04 -13.22 11.04
C ILE M 218 -0.71 -13.02 9.69
N PHE M 219 -1.00 -14.12 8.99
CA PHE M 219 -1.70 -14.04 7.72
C PHE M 219 -3.11 -13.48 7.91
N ASP M 220 -3.77 -13.86 9.00
CA ASP M 220 -5.11 -13.33 9.27
C ASP M 220 -5.05 -11.82 9.53
N MET M 221 -4.04 -11.36 10.27
CA MET M 221 -3.92 -9.94 10.52
C MET M 221 -3.58 -9.17 9.25
N THR M 222 -2.72 -9.73 8.40
CA THR M 222 -2.44 -9.10 7.12
C THR M 222 -3.69 -9.04 6.26
N LEU M 223 -4.53 -10.08 6.33
CA LEU M 223 -5.79 -10.06 5.59
C LEU M 223 -6.72 -8.99 6.13
N GLN M 224 -6.79 -8.84 7.45
CA GLN M 224 -7.60 -7.77 8.02
C GLN M 224 -7.10 -6.41 7.58
N LEU M 225 -5.78 -6.21 7.58
CA LEU M 225 -5.21 -4.96 7.11
C LEU M 225 -5.58 -4.70 5.65
N TYR M 226 -5.42 -5.72 4.81
CA TYR M 226 -5.77 -5.59 3.40
C TYR M 226 -7.24 -5.20 3.24
N THR M 227 -8.12 -5.83 4.03
CA THR M 227 -9.52 -5.46 4.02
C THR M 227 -9.68 -3.99 4.40
N ALA M 228 -8.89 -3.52 5.35
CA ALA M 228 -8.92 -2.11 5.74
C ALA M 228 -8.34 -1.21 4.66
N GLY M 229 -7.53 -1.76 3.76
CA GLY M 229 -6.92 -0.96 2.71
C GLY M 229 -5.73 -0.17 3.22
N SER M 230 -4.81 -0.84 3.88
CA SER M 230 -3.64 -0.22 4.47
C SER M 230 -2.37 -0.60 3.70
N GLU M 231 -1.32 0.17 3.94
CA GLU M 231 -0.02 -0.06 3.32
C GLU M 231 1.02 -0.52 4.34
N ALA M 232 0.58 -1.13 5.44
CA ALA M 232 1.51 -1.60 6.45
C ALA M 232 2.35 -2.74 5.90
N ASP M 233 3.68 -2.60 6.02
CA ASP M 233 4.61 -3.59 5.49
C ASP M 233 5.77 -3.85 6.44
N ILE M 234 5.58 -3.62 7.74
CA ILE M 234 6.62 -3.84 8.73
C ILE M 234 6.02 -4.60 9.91
N ILE M 235 6.81 -5.48 10.50
CA ILE M 235 6.41 -6.26 11.66
C ILE M 235 7.47 -6.11 12.73
N MET M 236 7.02 -5.92 13.97
CA MET M 236 7.91 -5.77 15.12
C MET M 236 7.62 -6.86 16.14
N ILE M 237 8.70 -7.43 16.69
CA ILE M 237 8.58 -8.56 17.59
C ILE M 237 9.70 -8.49 18.62
N ASN M 238 9.39 -8.90 19.84
CA ASN M 238 10.38 -8.89 20.91
C ASN M 238 11.41 -9.99 20.66
N PRO M 239 12.68 -9.78 21.05
CA PRO M 239 13.69 -10.83 20.86
C PRO M 239 13.27 -12.17 21.43
N ALA M 240 12.47 -12.15 22.49
CA ALA M 240 12.07 -13.40 23.13
C ALA M 240 11.23 -14.27 22.20
N HIS M 241 10.17 -13.70 21.62
CA HIS M 241 9.29 -14.45 20.73
C HIS M 241 9.73 -14.33 19.27
N ALA M 242 11.01 -14.65 19.04
CA ALA M 242 11.56 -14.68 17.69
C ALA M 242 11.85 -16.08 17.19
N LYS M 243 12.01 -17.05 18.09
CA LYS M 243 12.25 -18.42 17.67
C LYS M 243 11.09 -18.94 16.82
N ILE M 244 9.90 -18.36 16.98
CA ILE M 244 8.74 -18.82 16.21
C ILE M 244 8.98 -18.61 14.73
N PHE M 245 9.34 -17.38 14.33
CA PHE M 245 9.58 -17.09 12.91
C PHE M 245 10.72 -17.93 12.36
N ALA M 246 11.80 -18.10 13.14
CA ALA M 246 12.92 -18.91 12.69
C ALA M 246 12.49 -20.35 12.43
N GLY M 247 11.70 -20.92 13.34
CA GLY M 247 11.20 -22.27 13.18
C GLY M 247 10.03 -22.39 12.22
N LEU M 248 9.64 -21.28 11.58
CA LEU M 248 8.53 -21.33 10.63
C LEU M 248 8.87 -22.20 9.42
N GLN M 249 10.11 -22.12 8.94
CA GLN M 249 10.49 -22.89 7.76
C GLN M 249 10.69 -24.37 8.07
N GLU M 250 10.63 -24.77 9.33
CA GLU M 250 10.91 -26.14 9.72
C GLU M 250 10.02 -26.48 10.92
N ASN M 251 10.39 -27.52 11.66
CA ASN M 251 9.62 -28.07 12.77
C ASN M 251 8.30 -28.68 12.32
N THR M 252 8.07 -28.77 11.02
CA THR M 252 6.88 -29.39 10.46
C THR M 252 7.21 -30.79 9.99
N GLN M 253 6.55 -31.79 10.59
CA GLN M 253 6.69 -33.18 10.15
C GLN M 253 5.89 -33.32 8.86
N GLY M 254 6.46 -32.76 7.79
CA GLY M 254 5.76 -32.68 6.52
C GLY M 254 6.49 -31.84 5.51
N SER M 255 5.78 -30.88 4.92
CA SER M 255 6.32 -30.13 3.79
C SER M 255 7.51 -29.26 4.21
N ARG M 256 7.26 -28.27 5.05
CA ARG M 256 8.28 -27.29 5.36
C ARG M 256 9.47 -27.94 6.06
N LYS M 257 10.66 -27.70 5.53
CA LYS M 257 11.89 -28.24 6.10
C LYS M 257 13.08 -27.61 5.40
N ARG M 258 14.22 -27.62 6.08
CA ARG M 258 15.45 -27.04 5.58
C ARG M 258 16.32 -28.11 4.93
N ILE M 259 17.27 -27.67 4.11
CA ILE M 259 18.20 -28.56 3.43
C ILE M 259 19.57 -27.89 3.40
N PHE M 260 20.61 -28.70 3.12
CA PHE M 260 21.97 -28.20 3.08
C PHE M 260 22.73 -28.98 2.02
N GLU M 261 23.13 -28.31 0.94
CA GLU M 261 23.98 -28.90 -0.08
C GLU M 261 25.41 -28.90 0.44
N ASN M 262 26.37 -29.17 -0.45
CA ASN M 262 27.78 -29.10 -0.05
C ASN M 262 28.12 -27.65 0.27
N THR M 263 28.26 -27.34 1.56
CA THR M 263 28.55 -25.98 2.01
C THR M 263 28.99 -26.05 3.46
N LYS M 264 29.12 -24.87 4.08
CA LYS M 264 29.54 -24.78 5.47
C LYS M 264 28.75 -23.74 6.26
N GLN M 265 27.71 -23.16 5.69
CA GLN M 265 26.92 -22.12 6.35
C GLN M 265 25.69 -22.72 7.01
N PHE M 266 25.09 -21.94 7.90
CA PHE M 266 23.86 -22.32 8.59
C PHE M 266 23.11 -21.06 8.97
N ILE M 267 21.93 -20.87 8.40
CA ILE M 267 21.15 -19.65 8.58
C ILE M 267 19.84 -20.04 9.25
N TYR M 268 19.80 -19.94 10.58
CA TYR M 268 18.60 -20.22 11.35
C TYR M 268 17.83 -18.92 11.61
N GLU M 269 17.59 -18.19 10.53
CA GLU M 269 17.01 -16.86 10.61
C GLU M 269 16.19 -16.55 9.37
N VAL M 270 15.19 -15.70 9.54
CA VAL M 270 14.36 -15.21 8.44
C VAL M 270 13.74 -13.89 8.87
N ASN M 271 13.67 -12.94 7.95
CA ASN M 271 13.23 -11.58 8.29
C ASN M 271 12.06 -11.14 7.43
N SER M 272 11.98 -11.65 6.20
CA SER M 272 10.95 -11.24 5.25
C SER M 272 9.84 -12.27 5.18
N ILE M 273 8.62 -11.80 4.91
CA ILE M 273 7.46 -12.64 4.76
C ILE M 273 6.59 -12.06 3.65
N THR M 274 5.84 -12.95 2.99
CA THR M 274 4.90 -12.54 1.94
C THR M 274 3.63 -13.37 2.11
N ASP M 275 2.59 -12.74 2.65
CA ASP M 275 1.32 -13.41 2.79
C ASP M 275 0.77 -13.79 1.41
N PRO M 276 -0.18 -14.73 1.33
CA PRO M 276 -0.73 -15.12 0.02
C PRO M 276 -1.29 -13.95 -0.77
N LEU M 277 -1.68 -12.87 -0.07
CA LEU M 277 -2.21 -11.70 -0.75
C LEU M 277 -1.17 -10.98 -1.60
N GLY M 278 0.11 -11.23 -1.36
CA GLY M 278 1.17 -10.60 -2.10
C GLY M 278 1.76 -9.36 -1.46
N GLN M 279 1.35 -9.03 -0.23
CA GLN M 279 1.87 -7.87 0.48
C GLN M 279 3.08 -8.28 1.29
N SER M 280 4.22 -7.68 0.99
CA SER M 280 5.47 -8.01 1.68
C SER M 280 5.49 -7.39 3.08
N TYR M 281 6.33 -7.96 3.93
CA TYR M 281 6.47 -7.49 5.30
C TYR M 281 7.90 -7.72 5.76
N LYS M 282 8.47 -6.72 6.41
CA LYS M 282 9.82 -6.78 6.94
C LYS M 282 9.76 -6.82 8.46
N ILE M 283 10.53 -7.71 9.06
CA ILE M 283 10.54 -7.90 10.50
C ILE M 283 11.67 -7.07 11.10
N ILE M 284 11.40 -6.48 12.26
CA ILE M 284 12.38 -5.70 13.00
C ILE M 284 12.33 -6.11 14.46
N VAL M 285 13.50 -6.22 15.07
CA VAL M 285 13.63 -6.66 16.46
C VAL M 285 13.89 -5.45 17.34
N ASN M 286 13.20 -5.38 18.48
CA ASN M 286 13.42 -4.34 19.47
C ASN M 286 13.16 -4.93 20.84
N ARG M 287 14.08 -4.70 21.77
CA ARG M 287 13.97 -5.24 23.12
C ARG M 287 13.09 -4.40 24.04
N TRP M 288 12.47 -3.34 23.54
CA TRP M 288 11.62 -2.47 24.34
C TRP M 288 10.13 -2.77 24.17
N MET M 289 9.75 -3.49 23.13
CA MET M 289 8.34 -3.80 22.90
C MET M 289 7.85 -4.79 23.97
N PRO M 290 6.62 -4.64 24.44
CA PRO M 290 6.08 -5.61 25.41
C PRO M 290 6.14 -7.02 24.84
N THR M 291 6.52 -7.96 25.71
CA THR M 291 6.69 -9.36 25.32
C THR M 291 5.37 -10.03 24.96
N ASP M 292 4.24 -9.37 25.14
CA ASP M 292 2.94 -9.96 24.83
C ASP M 292 2.19 -9.12 23.82
N ALA M 293 2.87 -8.70 22.75
CA ALA M 293 2.23 -7.89 21.73
C ALA M 293 3.11 -7.86 20.50
N VAL M 294 2.47 -7.72 19.33
CA VAL M 294 3.14 -7.58 18.06
C VAL M 294 2.45 -6.46 17.30
N TYR M 295 3.24 -5.50 16.83
CA TYR M 295 2.70 -4.29 16.19
C TYR M 295 2.98 -4.34 14.70
N PHE M 296 1.90 -4.40 13.91
CA PHE M 296 1.98 -4.35 12.46
C PHE M 296 1.63 -2.92 12.03
N PHE M 297 2.63 -2.19 11.52
CA PHE M 297 2.46 -0.77 11.30
C PHE M 297 3.29 -0.34 10.10
N ARG M 298 3.39 0.97 9.89
CA ARG M 298 4.11 1.57 8.79
C ARG M 298 4.96 2.72 9.33
N SER M 299 6.01 3.07 8.59
CA SER M 299 6.89 4.15 9.02
C SER M 299 6.22 5.51 8.87
N ALA M 300 5.51 5.72 7.76
CA ALA M 300 4.93 7.03 7.50
C ALA M 300 3.62 7.22 8.27
N ASP M 301 2.87 6.14 8.50
CA ASP M 301 1.58 6.28 9.19
C ASP M 301 1.75 6.85 10.58
N TRP M 302 2.90 6.61 11.21
CA TRP M 302 3.20 7.13 12.54
C TRP M 302 4.16 8.30 12.45
N THR M 303 4.01 9.25 13.37
CA THR M 303 4.85 10.43 13.42
C THR M 303 4.99 10.87 14.87
N GLN M 304 6.10 11.54 15.15
CA GLN M 304 6.35 12.12 16.47
C GLN M 304 6.01 13.60 16.46
N MET M 305 5.55 14.08 17.60
CA MET M 305 5.23 15.49 17.79
C MET M 305 6.01 16.01 18.98
N VAL M 306 6.76 17.10 18.76
CA VAL M 306 7.65 17.66 19.76
C VAL M 306 7.33 19.14 19.91
N LEU M 307 6.76 19.52 21.05
CA LEU M 307 6.53 20.93 21.34
C LEU M 307 7.82 21.59 21.82
N ARG M 308 8.42 21.06 22.88
CA ARG M 308 9.71 21.50 23.37
C ARG M 308 10.78 20.52 22.88
N ALA M 309 12.00 20.69 23.39
CA ALA M 309 13.12 19.87 22.99
C ALA M 309 14.02 19.65 24.20
N PRO M 310 14.81 18.57 24.20
CA PRO M 310 15.70 18.32 25.34
C PRO M 310 16.65 19.48 25.60
N LYS M 311 16.55 20.07 26.79
CA LYS M 311 17.35 21.23 27.18
C LYS M 311 17.80 21.05 28.62
N ARG M 312 19.11 20.95 28.82
CA ARG M 312 19.66 20.77 30.16
C ARG M 312 19.68 22.11 30.89
N THR M 313 18.80 22.26 31.88
CA THR M 313 18.72 23.50 32.63
C THR M 313 19.61 23.44 33.87
N GLU M 314 19.82 24.61 34.47
CA GLU M 314 20.61 24.78 35.69
C GLU M 314 19.66 25.28 36.78
N LEU M 315 19.21 24.36 37.63
CA LEU M 315 18.28 24.72 38.69
C LEU M 315 18.96 25.59 39.73
N ALA M 316 18.18 26.04 40.71
CA ALA M 316 18.72 26.86 41.78
C ALA M 316 19.61 26.03 42.69
N LYS M 317 20.59 26.70 43.30
CA LYS M 317 21.56 25.99 44.13
C LYS M 317 21.01 25.77 45.54
N ASP M 318 20.76 26.84 46.27
CA ASP M 318 20.21 26.78 47.63
C ASP M 318 20.81 25.62 48.42
N GLY M 319 22.14 25.62 48.51
CA GLY M 319 22.89 24.61 49.22
C GLY M 319 24.08 24.16 48.41
N SER M 320 24.56 22.96 48.74
CA SER M 320 25.74 22.39 48.09
C SER M 320 25.39 21.43 46.97
N TYR M 321 24.27 21.67 46.27
CA TYR M 321 23.84 20.85 45.15
C TYR M 321 23.51 21.75 43.96
N GLU M 322 23.27 21.13 42.81
CA GLU M 322 22.95 21.85 41.58
C GLU M 322 21.58 21.49 41.04
N LYS M 323 21.23 20.20 41.02
CA LYS M 323 19.90 19.74 40.63
C LYS M 323 19.62 20.04 39.15
N TRP M 324 20.57 19.65 38.32
CA TRP M 324 20.38 19.79 36.89
C TRP M 324 19.20 18.92 36.44
N MET M 325 18.66 19.24 35.27
CA MET M 325 17.46 18.56 34.79
C MET M 325 17.56 18.34 33.28
N ILE M 326 16.86 17.31 32.82
CA ILE M 326 16.66 17.04 31.40
C ILE M 326 15.16 17.04 31.16
N GLU M 327 14.67 18.04 30.44
CA GLU M 327 13.25 18.22 30.20
C GLU M 327 12.97 18.02 28.73
N MET M 328 11.85 17.35 28.45
CA MET M 328 11.45 17.06 27.08
C MET M 328 9.93 16.96 27.02
N GLU M 329 9.38 17.47 25.92
CA GLU M 329 7.94 17.43 25.68
C GLU M 329 7.71 16.89 24.28
N VAL M 330 7.05 15.73 24.19
CA VAL M 330 6.83 15.05 22.93
C VAL M 330 5.34 14.78 22.79
N GLY M 331 4.99 14.09 21.70
CA GLY M 331 3.63 13.69 21.46
C GLY M 331 3.57 12.70 20.32
N LEU M 332 2.48 11.95 20.27
CA LEU M 332 2.28 10.93 19.26
C LEU M 332 1.07 11.28 18.40
N ARG M 333 1.11 10.81 17.16
CA ARG M 333 0.03 11.06 16.21
C ARG M 333 0.00 9.91 15.20
N HIS M 334 -1.20 9.43 14.90
CA HIS M 334 -1.39 8.31 14.01
C HIS M 334 -2.30 8.73 12.86
N ARG M 335 -1.93 8.34 11.64
CA ARG M 335 -2.67 8.77 10.46
C ARG M 335 -4.13 8.35 10.53
N ASN M 336 -4.38 7.05 10.67
CA ASN M 336 -5.73 6.52 10.71
C ASN M 336 -5.71 5.29 11.59
N PRO M 337 -6.60 5.19 12.58
CA PRO M 337 -6.52 4.04 13.51
C PRO M 337 -6.49 2.70 12.80
N TYR M 338 -7.25 2.56 11.71
CA TYR M 338 -7.31 1.29 10.99
C TYR M 338 -6.19 1.15 9.95
N ALA M 339 -5.32 2.15 9.81
CA ALA M 339 -4.20 2.01 8.87
C ALA M 339 -3.18 1.00 9.38
N SER M 340 -3.00 0.94 10.69
CA SER M 340 -2.05 0.03 11.33
C SER M 340 -2.80 -1.19 11.87
N GLY M 341 -2.05 -2.03 12.58
CA GLY M 341 -2.62 -3.23 13.17
C GLY M 341 -1.83 -3.67 14.37
N VAL M 342 -2.47 -4.48 15.20
CA VAL M 342 -1.87 -5.00 16.42
C VAL M 342 -2.28 -6.46 16.59
N LEU M 343 -1.39 -7.24 17.19
CA LEU M 343 -1.61 -8.66 17.43
C LEU M 343 -1.16 -8.99 18.84
N PHE M 344 -2.08 -9.42 19.68
CA PHE M 344 -1.76 -9.76 21.06
C PHE M 344 -1.56 -11.27 21.18
N THR M 345 -1.06 -11.70 22.33
CA THR M 345 -0.77 -13.10 22.60
C THR M 345 -1.86 -13.70 23.48
N ALA M 346 -1.83 -15.03 23.58
CA ALA M 346 -2.74 -15.77 24.43
C ALA M 346 -2.27 -17.21 24.47
N ALA M 347 -2.91 -18.01 25.33
CA ALA M 347 -2.55 -19.41 25.49
C ALA M 347 -3.63 -20.10 26.30
N GLY M 348 -4.16 -21.20 25.78
CA GLY M 348 -5.19 -21.95 26.47
C GLY M 348 -4.85 -23.42 26.57
N ASN N 3 43.41 -81.32 -56.19
CA ASN N 3 42.35 -82.36 -56.20
C ASN N 3 41.01 -81.73 -56.57
N PRO N 4 40.80 -81.48 -57.87
CA PRO N 4 39.63 -80.70 -58.29
C PRO N 4 38.30 -81.45 -58.20
N THR N 5 38.30 -82.72 -57.77
CA THR N 5 37.06 -83.49 -57.77
C THR N 5 36.19 -83.14 -56.57
N LEU N 6 36.68 -83.43 -55.36
CA LEU N 6 35.98 -83.05 -54.14
C LEU N 6 36.98 -82.49 -53.15
N PHE N 7 36.63 -81.35 -52.56
CA PHE N 7 37.47 -80.68 -51.57
C PHE N 7 37.00 -81.08 -50.18
N VAL N 8 37.87 -81.76 -49.43
CA VAL N 8 37.57 -82.25 -48.10
C VAL N 8 38.39 -81.44 -47.09
N SER N 9 37.90 -81.41 -45.85
CA SER N 9 38.45 -80.51 -44.84
C SER N 9 39.08 -81.22 -43.65
N TYR N 10 38.53 -82.33 -43.18
CA TYR N 10 39.08 -82.98 -41.99
C TYR N 10 40.49 -83.50 -42.24
N ASP N 11 40.76 -83.99 -43.46
CA ASP N 11 42.06 -84.56 -43.79
C ASP N 11 43.03 -83.53 -44.32
N GLN N 12 42.72 -82.25 -44.17
CA GLN N 12 43.58 -81.19 -44.69
C GLN N 12 44.93 -81.23 -43.99
N ASN N 13 45.97 -81.55 -44.75
CA ASN N 13 47.33 -81.63 -44.22
C ASN N 13 48.07 -80.33 -44.50
N GLY N 14 49.07 -80.04 -43.68
CA GLY N 14 49.82 -78.81 -43.82
C GLY N 14 48.95 -77.59 -43.64
N LYS N 15 48.33 -77.46 -42.47
CA LYS N 15 47.45 -76.35 -42.18
C LYS N 15 48.25 -75.14 -41.70
N LYS N 16 47.55 -74.02 -41.55
CA LYS N 16 48.11 -72.80 -41.02
C LYS N 16 47.34 -72.41 -39.76
N LEU N 17 48.02 -72.47 -38.62
CA LEU N 17 47.34 -72.29 -37.34
C LEU N 17 46.63 -70.94 -37.26
N SER N 18 47.14 -69.93 -37.97
CA SER N 18 46.55 -68.59 -37.96
C SER N 18 46.56 -68.01 -36.54
N PHE N 19 47.78 -67.87 -36.03
CA PHE N 19 47.99 -67.26 -34.72
C PHE N 19 47.77 -65.76 -34.81
N ALA N 20 47.77 -65.10 -33.66
CA ALA N 20 47.51 -63.67 -33.56
C ALA N 20 48.78 -62.96 -33.12
N ASN N 21 49.20 -61.95 -33.90
CA ASN N 21 50.41 -61.19 -33.61
C ASN N 21 50.11 -60.12 -32.56
N TRP N 22 49.75 -60.59 -31.37
CA TRP N 22 49.56 -59.74 -30.21
C TRP N 22 49.41 -60.60 -28.97
N ILE N 23 49.84 -60.06 -27.84
CA ILE N 23 49.85 -60.77 -26.56
C ILE N 23 49.23 -59.84 -25.53
N SER N 24 48.10 -60.25 -24.96
CA SER N 24 47.42 -59.50 -23.90
C SER N 24 48.17 -59.74 -22.59
N VAL N 25 48.97 -58.75 -22.21
CA VAL N 25 49.82 -58.87 -21.03
C VAL N 25 49.22 -58.06 -19.90
N LEU N 26 47.89 -57.92 -19.91
CA LEU N 26 47.21 -57.14 -18.88
C LEU N 26 47.73 -57.53 -17.50
N SER N 27 48.17 -56.54 -16.75
CA SER N 27 48.62 -56.73 -15.38
C SER N 27 48.39 -55.43 -14.62
N PRO N 28 47.96 -55.50 -13.37
CA PRO N 28 47.75 -54.26 -12.61
C PRO N 28 49.08 -53.63 -12.22
N GLN N 29 49.38 -52.50 -12.85
CA GLN N 29 50.60 -51.74 -12.53
C GLN N 29 50.33 -50.28 -12.90
N ASP N 30 49.97 -49.48 -11.89
CA ASP N 30 49.65 -48.08 -12.07
C ASP N 30 50.65 -47.17 -11.37
N THR N 31 50.87 -47.38 -10.07
CA THR N 31 51.80 -46.57 -9.29
C THR N 31 51.37 -45.11 -9.33
N PRO N 32 50.19 -44.79 -8.79
CA PRO N 32 49.68 -43.41 -8.93
C PRO N 32 50.56 -42.36 -8.28
N PHE N 33 50.86 -42.49 -6.99
CA PHE N 33 51.59 -41.44 -6.29
C PHE N 33 53.01 -41.87 -5.98
N VAL N 34 53.21 -43.11 -5.53
CA VAL N 34 54.51 -43.57 -5.09
C VAL N 34 55.56 -43.40 -6.17
N SER N 35 55.16 -43.35 -7.44
CA SER N 35 56.11 -43.15 -8.52
C SER N 35 56.45 -41.67 -8.72
N MET N 36 55.72 -40.77 -8.06
CA MET N 36 55.88 -39.33 -8.23
C MET N 36 56.21 -38.65 -6.91
N THR N 37 57.15 -39.21 -6.15
CA THR N 37 57.54 -38.66 -4.86
C THR N 37 58.90 -37.97 -4.93
N GLY N 38 59.89 -38.60 -5.54
CA GLY N 38 61.22 -38.05 -5.68
C GLY N 38 62.28 -39.02 -5.25
N LYS N 39 63.52 -38.53 -5.17
CA LYS N 39 64.66 -39.33 -4.77
C LYS N 39 65.61 -38.49 -3.94
N GLU N 40 66.32 -39.14 -3.02
CA GLU N 40 67.31 -38.52 -2.15
C GLU N 40 68.57 -39.37 -2.12
N SER N 41 69.05 -39.73 -3.31
CA SER N 41 70.17 -40.67 -3.47
C SER N 41 71.24 -40.44 -2.41
N ILE N 42 71.76 -41.54 -1.88
CA ILE N 42 72.76 -41.54 -0.83
C ILE N 42 73.91 -42.47 -1.26
N ASN N 43 74.86 -42.64 -0.35
CA ASN N 43 76.01 -43.51 -0.58
C ASN N 43 75.96 -44.75 0.29
N GLN N 44 75.72 -44.61 1.58
CA GLN N 44 75.69 -45.73 2.51
C GLN N 44 74.26 -46.24 2.67
N THR N 45 74.07 -47.13 3.65
CA THR N 45 72.78 -47.78 3.86
C THR N 45 72.36 -47.75 5.32
N ILE N 46 72.84 -46.78 6.09
CA ILE N 46 72.54 -46.69 7.52
C ILE N 46 72.07 -45.29 7.84
N PHE N 47 71.42 -44.63 6.89
CA PHE N 47 71.01 -43.24 7.05
C PHE N 47 70.00 -43.11 8.18
N SER N 48 69.66 -41.87 8.53
CA SER N 48 68.69 -41.59 9.58
C SER N 48 68.10 -40.21 9.29
N TRP N 49 67.30 -39.69 10.23
CA TRP N 49 66.67 -38.38 10.03
C TRP N 49 66.66 -37.50 11.26
N GLN N 50 67.25 -37.93 12.38
CA GLN N 50 67.35 -37.08 13.58
C GLN N 50 65.96 -36.63 14.04
N THR N 51 65.17 -37.61 14.48
CA THR N 51 63.84 -37.31 14.99
C THR N 51 63.90 -36.16 15.99
N ASP N 52 62.80 -35.43 16.09
CA ASP N 52 62.76 -34.20 16.87
C ASP N 52 62.72 -34.52 18.36
N ALA N 53 62.62 -33.49 19.18
CA ALA N 53 62.64 -33.62 20.63
C ALA N 53 61.22 -33.73 21.17
N LEU N 54 61.09 -33.76 22.50
CA LEU N 54 59.77 -33.93 23.12
C LEU N 54 58.89 -32.71 22.89
N ALA N 55 59.30 -31.55 23.42
CA ALA N 55 58.49 -30.34 23.37
C ALA N 55 57.14 -30.56 24.05
N SER N 56 57.20 -30.88 25.33
CA SER N 56 56.02 -31.18 26.12
C SER N 56 55.25 -29.91 26.47
N VAL N 57 54.07 -30.11 27.06
CA VAL N 57 53.21 -29.01 27.48
C VAL N 57 53.14 -28.99 29.00
N ASP N 58 52.82 -27.82 29.54
CA ASP N 58 52.70 -27.63 30.99
C ASP N 58 51.53 -26.71 31.27
N GLY N 59 50.77 -27.02 32.30
CA GLY N 59 49.63 -26.21 32.68
C GLY N 59 49.65 -25.80 34.14
N ASN N 60 50.80 -25.93 34.78
CA ASN N 60 50.98 -25.57 36.19
C ASN N 60 52.11 -24.56 36.36
N ASN N 61 52.29 -23.68 35.37
CA ASN N 61 53.32 -22.64 35.44
C ASN N 61 52.84 -21.54 36.38
N ALA N 62 53.06 -21.78 37.68
CA ALA N 62 52.72 -20.85 38.73
C ALA N 62 53.90 -20.70 39.69
N HIS N 63 55.08 -20.51 39.12
CA HIS N 63 56.30 -20.47 39.91
C HIS N 63 56.26 -19.31 40.90
N VAL N 64 56.93 -19.51 42.04
CA VAL N 64 56.90 -18.51 43.10
C VAL N 64 57.80 -17.34 42.74
N GLU N 65 57.57 -16.20 43.42
CA GLU N 65 58.29 -14.99 43.12
C GLU N 65 59.76 -15.04 43.51
N GLY N 66 60.14 -15.97 44.40
CA GLY N 66 61.52 -16.05 44.85
C GLY N 66 62.21 -17.34 44.48
N SER N 67 61.43 -18.38 44.15
CA SER N 67 62.01 -19.67 43.83
C SER N 67 62.93 -19.56 42.62
N ARG N 68 64.08 -20.22 42.70
CA ARG N 68 65.06 -20.19 41.62
C ARG N 68 64.70 -21.17 40.51
N ALA N 69 64.58 -22.44 40.86
CA ALA N 69 64.25 -23.50 39.90
C ALA N 69 63.95 -24.77 40.67
N GLU N 70 63.02 -25.58 40.16
CA GLU N 70 62.63 -26.79 40.90
C GLU N 70 63.63 -27.92 40.67
N ASP N 71 63.73 -28.38 39.43
CA ASP N 71 64.74 -29.38 39.09
C ASP N 71 65.53 -29.03 37.83
N GLY N 72 64.89 -28.47 36.81
CA GLY N 72 65.52 -28.28 35.52
C GLY N 72 65.43 -29.57 34.73
N GLU N 73 64.70 -29.57 33.61
CA GLU N 73 64.45 -30.80 32.86
C GLU N 73 64.76 -30.56 31.39
N MET N 74 65.61 -31.42 30.83
CA MET N 74 65.90 -31.42 29.41
C MET N 74 66.34 -32.83 29.02
N LYS N 75 65.92 -33.24 27.82
CA LYS N 75 66.31 -34.52 27.26
C LYS N 75 66.60 -34.33 25.79
N PRO N 76 67.59 -35.05 25.25
CA PRO N 76 68.01 -34.80 23.87
C PRO N 76 66.99 -35.33 22.87
N THR N 77 67.23 -35.01 21.61
CA THR N 77 66.38 -35.48 20.53
C THR N 77 66.58 -36.97 20.30
N VAL N 78 65.64 -37.55 19.55
CA VAL N 78 65.69 -38.97 19.21
C VAL N 78 66.38 -39.14 17.87
N ILE N 79 67.15 -40.22 17.74
CA ILE N 79 67.92 -40.51 16.55
C ILE N 79 67.50 -41.88 16.02
N LYS N 80 66.92 -41.90 14.83
CA LYS N 80 66.44 -43.12 14.22
C LYS N 80 67.52 -43.69 13.30
N SER N 81 67.14 -44.71 12.52
CA SER N 81 68.06 -45.33 11.57
C SER N 81 67.27 -46.26 10.67
N ASN N 82 67.62 -46.29 9.40
CA ASN N 82 66.96 -47.12 8.41
C ASN N 82 67.98 -47.98 7.69
N VAL N 83 67.49 -48.88 6.83
CA VAL N 83 68.35 -49.81 6.11
C VAL N 83 67.84 -49.92 4.67
N THR N 84 68.71 -50.35 3.78
CA THR N 84 68.38 -50.55 2.38
C THR N 84 68.28 -52.04 2.09
N GLN N 85 67.56 -52.38 1.01
CA GLN N 85 67.33 -53.76 0.63
C GLN N 85 67.79 -53.99 -0.80
N ILE N 86 68.01 -55.26 -1.13
CA ILE N 86 68.46 -55.67 -2.46
C ILE N 86 67.32 -56.40 -3.15
N LEU N 87 67.21 -56.23 -4.46
CA LEU N 87 66.11 -56.78 -5.25
C LEU N 87 66.64 -57.42 -6.53
N ARG N 88 67.66 -58.28 -6.39
CA ARG N 88 68.25 -58.96 -7.53
C ARG N 88 67.19 -59.78 -8.28
N LYS N 89 67.33 -59.87 -9.60
CA LYS N 89 66.43 -60.66 -10.43
C LYS N 89 67.15 -61.03 -11.71
N VAL N 90 67.09 -62.31 -12.07
CA VAL N 90 67.80 -62.83 -13.23
C VAL N 90 66.83 -63.66 -14.07
N VAL N 91 67.33 -64.11 -15.23
CA VAL N 91 66.57 -64.95 -16.14
C VAL N 91 67.54 -65.63 -17.09
N ARG N 92 67.33 -66.92 -17.33
CA ARG N 92 68.21 -67.68 -18.22
C ARG N 92 67.53 -69.00 -18.57
N VAL N 93 67.55 -69.35 -19.85
CA VAL N 93 67.08 -70.66 -20.31
C VAL N 93 68.17 -71.31 -21.16
N SER N 94 68.51 -70.66 -22.27
CA SER N 94 69.54 -71.17 -23.18
C SER N 94 69.78 -70.11 -24.25
N ASP N 95 70.79 -70.36 -25.08
CA ASP N 95 71.19 -69.44 -26.13
C ASP N 95 70.61 -69.80 -27.50
N THR N 96 69.91 -70.93 -27.61
CA THR N 96 69.35 -71.36 -28.89
C THR N 96 67.89 -70.94 -29.06
N ALA N 97 67.12 -70.95 -27.98
CA ALA N 97 65.70 -70.61 -28.09
C ALA N 97 65.50 -69.13 -28.40
N ASN N 98 66.43 -68.27 -27.98
CA ASN N 98 66.28 -66.84 -28.22
C ASN N 98 66.32 -66.51 -29.71
N THR N 99 66.81 -67.42 -30.54
CA THR N 99 66.98 -67.17 -31.97
C THR N 99 65.79 -67.61 -32.80
N THR N 100 64.91 -68.47 -32.26
CA THR N 100 63.83 -69.02 -33.05
C THR N 100 62.99 -67.92 -33.65
N ALA N 101 62.45 -68.19 -34.84
CA ALA N 101 61.51 -67.29 -35.51
C ALA N 101 60.11 -67.68 -35.03
N ASN N 102 59.60 -66.95 -34.05
CA ASN N 102 58.39 -67.33 -33.35
C ASN N 102 57.16 -66.84 -34.12
N TYR N 103 55.99 -67.01 -33.51
CA TYR N 103 54.70 -66.65 -34.09
C TYR N 103 53.97 -65.57 -33.31
N GLY N 104 54.22 -65.45 -32.02
CA GLY N 104 53.64 -64.36 -31.23
C GLY N 104 54.67 -63.67 -30.36
N ARG N 105 55.83 -64.29 -30.18
CA ARG N 105 56.90 -63.78 -29.34
C ARG N 105 57.99 -63.18 -30.22
N GLY N 106 58.62 -62.12 -29.72
CA GLY N 106 59.67 -61.44 -30.46
C GLY N 106 61.05 -61.96 -30.13
N ARG N 107 61.41 -61.94 -28.85
CA ARG N 107 62.68 -62.44 -28.39
C ARG N 107 62.50 -63.00 -26.98
N GLU N 108 63.49 -63.76 -26.53
CA GLU N 108 63.45 -64.38 -25.22
C GLU N 108 64.31 -63.64 -24.19
N LEU N 109 64.88 -62.49 -24.55
CA LEU N 109 65.69 -61.71 -23.64
C LEU N 109 65.08 -60.33 -23.34
N MET N 110 64.82 -59.53 -24.37
CA MET N 110 64.24 -58.21 -24.13
C MET N 110 62.84 -58.34 -23.56
N TYR N 111 62.06 -59.29 -24.08
CA TYR N 111 60.74 -59.56 -23.52
C TYR N 111 60.84 -59.92 -22.04
N GLN N 112 61.70 -60.89 -21.72
CA GLN N 112 61.84 -61.32 -20.33
C GLN N 112 62.44 -60.21 -19.48
N LEU N 113 63.29 -59.37 -20.08
CA LEU N 113 63.87 -58.27 -19.32
C LEU N 113 62.81 -57.23 -18.92
N GLU N 114 61.96 -56.85 -19.87
CA GLU N 114 60.85 -55.95 -19.54
C GLU N 114 59.92 -56.61 -18.53
N LYS N 115 59.69 -57.91 -18.68
CA LYS N 115 58.90 -58.65 -17.70
C LYS N 115 59.48 -58.48 -16.30
N LYS N 116 60.78 -58.72 -16.15
CA LYS N 116 61.41 -58.65 -14.83
C LYS N 116 61.41 -57.23 -14.30
N GLY N 117 61.53 -56.24 -15.19
CA GLY N 117 61.44 -54.85 -14.75
C GLY N 117 60.07 -54.52 -14.18
N LYS N 118 59.02 -54.87 -14.91
CA LYS N 118 57.67 -54.68 -14.40
C LYS N 118 57.49 -55.40 -13.07
N GLU N 119 58.00 -56.63 -12.97
CA GLU N 119 57.86 -57.39 -11.75
C GLU N 119 58.58 -56.73 -10.59
N ILE N 120 59.78 -56.17 -10.83
CA ILE N 120 60.55 -55.57 -9.75
C ILE N 120 59.86 -54.29 -9.29
N LYS N 121 59.26 -53.55 -10.23
CA LYS N 121 58.50 -52.36 -9.85
C LYS N 121 57.29 -52.73 -8.99
N ARG N 122 56.55 -53.76 -9.40
CA ARG N 122 55.41 -54.22 -8.60
C ARG N 122 55.87 -54.65 -7.22
N ASP N 123 57.00 -55.37 -7.16
CA ASP N 123 57.53 -55.82 -5.88
C ASP N 123 57.86 -54.65 -4.97
N LEU N 124 58.53 -53.63 -5.50
CA LEU N 124 58.83 -52.44 -4.72
C LEU N 124 57.55 -51.79 -4.21
N GLU N 125 56.57 -51.61 -5.11
CA GLU N 125 55.31 -50.98 -4.72
C GLU N 125 54.66 -51.74 -3.58
N LYS N 126 54.69 -53.08 -3.62
CA LYS N 126 54.09 -53.85 -2.54
C LYS N 126 54.91 -53.76 -1.26
N ILE N 127 56.23 -53.78 -1.39
CA ILE N 127 57.10 -53.82 -0.20
C ILE N 127 57.01 -52.52 0.58
N LEU N 128 56.99 -51.38 -0.11
CA LEU N 128 56.93 -50.11 0.59
C LEU N 128 55.66 -50.00 1.42
N LEU N 129 54.51 -50.26 0.82
CA LEU N 129 53.22 -50.20 1.52
C LEU N 129 52.78 -51.60 1.94
N SER N 130 53.43 -52.09 2.99
CA SER N 130 53.14 -53.43 3.50
C SER N 130 53.77 -53.56 4.89
N GLY N 131 53.75 -54.78 5.42
CA GLY N 131 54.27 -55.05 6.74
C GLY N 131 55.65 -55.69 6.71
N GLN N 132 56.51 -55.18 5.82
CA GLN N 132 57.84 -55.76 5.64
C GLN N 132 58.72 -55.36 6.83
N ALA N 133 58.56 -56.11 7.92
CA ALA N 133 59.28 -55.83 9.14
C ALA N 133 60.78 -55.72 8.88
N ARG N 134 61.42 -54.80 9.60
CA ARG N 134 62.86 -54.59 9.47
C ARG N 134 63.63 -55.65 10.24
N THR N 135 64.69 -56.15 9.62
CA THR N 135 65.54 -57.18 10.23
C THR N 135 66.99 -56.85 9.88
N ASP N 136 67.72 -56.34 10.86
CA ASP N 136 69.12 -55.98 10.71
C ASP N 136 69.94 -56.67 11.78
N VAL N 137 71.25 -56.80 11.52
CA VAL N 137 72.16 -57.50 12.42
C VAL N 137 73.08 -56.49 13.10
N LEU N 138 73.18 -55.30 12.53
CA LEU N 138 74.08 -54.26 13.06
C LEU N 138 73.43 -53.59 14.27
N ALA N 139 73.86 -53.99 15.47
CA ALA N 139 73.44 -53.31 16.70
C ALA N 139 74.51 -52.31 17.12
N ASP N 140 74.74 -51.34 16.24
CA ASP N 140 75.79 -50.34 16.43
C ASP N 140 75.61 -49.56 17.73
N GLN N 141 76.69 -49.39 18.49
CA GLN N 141 76.66 -48.66 19.75
C GLN N 141 77.49 -47.38 19.75
N TYR N 142 78.56 -47.32 18.96
CA TYR N 142 79.47 -46.17 18.93
C TYR N 142 79.18 -45.21 17.77
N LEU N 143 77.93 -45.04 17.40
CA LEU N 143 77.57 -44.18 16.28
C LEU N 143 77.70 -42.72 16.70
N THR N 144 77.11 -41.80 15.93
CA THR N 144 77.24 -40.38 16.18
C THR N 144 78.67 -39.88 16.02
N ASN N 145 79.19 -39.97 14.79
CA ASN N 145 80.50 -39.46 14.41
C ASN N 145 81.64 -40.40 14.76
N SER N 146 81.33 -41.66 15.09
CA SER N 146 82.33 -42.73 15.19
C SER N 146 81.77 -43.90 14.39
N ALA N 147 82.02 -43.89 13.08
CA ALA N 147 81.44 -44.87 12.16
C ALA N 147 82.38 -46.05 12.06
N ALA N 148 81.99 -47.18 12.65
CA ALA N 148 82.79 -48.40 12.57
C ALA N 148 81.87 -49.60 12.79
N ASP N 149 82.34 -50.75 12.30
CA ASP N 149 81.62 -52.00 12.46
C ASP N 149 82.23 -52.78 13.62
N PRO N 150 81.46 -53.18 14.64
CA PRO N 150 82.06 -53.92 15.75
C PRO N 150 82.84 -55.14 15.29
N ALA N 151 83.60 -55.75 16.22
CA ALA N 151 84.44 -56.89 15.86
C ALA N 151 83.64 -57.97 15.16
N VAL N 152 82.38 -58.15 15.55
CA VAL N 152 81.54 -59.14 14.89
C VAL N 152 81.35 -58.73 13.43
N ALA N 153 80.95 -59.72 12.62
CA ALA N 153 80.78 -59.51 11.17
C ALA N 153 82.11 -59.15 10.52
N GLY N 154 83.19 -59.72 11.03
CA GLY N 154 84.52 -59.40 10.53
C GLY N 154 84.86 -60.07 9.21
N LEU N 155 84.97 -61.40 9.22
CA LEU N 155 85.36 -62.14 8.02
C LEU N 155 84.18 -62.83 7.34
N ASN N 156 83.12 -63.18 8.08
CA ASN N 156 81.98 -63.83 7.47
C ASN N 156 81.39 -62.95 6.38
N ASP N 157 80.79 -63.58 5.36
CA ASP N 157 80.30 -62.88 4.18
C ASP N 157 78.88 -63.31 3.79
N THR N 158 78.10 -63.84 4.73
CA THR N 158 76.74 -64.25 4.41
C THR N 158 75.78 -63.06 4.44
N HIS N 159 75.67 -62.40 5.59
CA HIS N 159 74.82 -61.23 5.77
C HIS N 159 73.41 -61.48 5.23
N ALA N 160 72.73 -62.42 5.89
CA ALA N 160 71.40 -62.81 5.44
C ALA N 160 70.38 -61.70 5.71
N ALA N 161 70.17 -61.35 6.97
CA ALA N 161 69.10 -60.43 7.33
C ALA N 161 69.34 -59.05 6.70
N ARG N 162 68.43 -58.65 5.83
CA ARG N 162 68.46 -57.31 5.25
C ARG N 162 67.05 -56.93 4.83
N LYS N 163 66.39 -56.10 5.65
CA LYS N 163 65.06 -55.60 5.34
C LYS N 163 64.95 -54.18 5.91
N THR N 164 63.79 -53.57 5.69
CA THR N 164 63.58 -52.20 6.14
C THR N 164 62.10 -51.87 6.06
N GLY N 165 61.72 -50.79 6.74
CA GLY N 165 60.37 -50.28 6.65
C GLY N 165 59.35 -51.08 7.45
N ALA N 166 58.14 -50.53 7.58
CA ALA N 166 56.99 -51.28 8.06
C ALA N 166 57.09 -51.85 9.47
N PHE N 167 57.04 -51.01 10.49
CA PHE N 167 56.53 -51.49 11.78
C PHE N 167 57.42 -52.59 12.36
N GLN N 168 58.50 -52.24 13.08
CA GLN N 168 59.81 -52.82 12.81
C GLN N 168 60.33 -52.00 11.64
N PHE N 169 60.81 -50.80 12.00
CA PHE N 169 60.35 -49.52 11.47
C PHE N 169 58.99 -49.27 12.08
N LEU N 170 58.95 -49.32 13.42
CA LEU N 170 57.74 -49.15 14.22
C LEU N 170 56.77 -48.14 13.64
N CYS N 171 57.29 -47.02 13.14
CA CYS N 171 56.46 -45.97 12.53
C CYS N 171 55.33 -45.53 13.45
N ALA N 172 55.61 -45.41 14.75
CA ALA N 172 54.63 -44.97 15.74
C ALA N 172 53.49 -45.99 15.86
N HIS N 173 53.86 -47.25 16.06
CA HIS N 173 52.89 -48.31 16.32
C HIS N 173 52.96 -48.75 17.78
N GLY N 174 52.00 -49.59 18.16
CA GLY N 174 51.91 -50.04 19.53
C GLY N 174 52.88 -51.16 19.86
N GLY N 175 52.76 -52.27 19.14
CA GLY N 175 53.65 -53.41 19.36
C GLY N 175 53.39 -54.49 18.34
N LEU N 176 54.44 -55.22 17.99
CA LEU N 176 54.38 -56.33 17.06
C LEU N 176 54.70 -57.63 17.79
N ALA N 177 54.17 -58.74 17.28
CA ALA N 177 54.37 -60.05 17.88
C ALA N 177 55.44 -60.79 17.08
N GLY N 178 56.69 -60.65 17.51
CA GLY N 178 57.79 -61.33 16.85
C GLY N 178 58.08 -60.81 15.46
N GLY N 179 58.14 -61.72 14.50
CA GLY N 179 58.40 -61.37 13.11
C GLY N 179 57.18 -61.01 12.30
N VAL N 180 56.05 -60.73 12.95
CA VAL N 180 54.83 -60.34 12.26
C VAL N 180 54.27 -59.11 12.96
N VAL N 181 53.74 -58.18 12.16
CA VAL N 181 53.17 -56.96 12.72
C VAL N 181 51.80 -57.25 13.28
N ASP N 182 51.59 -56.88 14.53
CA ASP N 182 50.29 -57.08 15.18
C ASP N 182 49.36 -55.92 14.83
N LYS N 183 48.32 -56.22 14.04
CA LYS N 183 47.35 -55.21 13.67
C LYS N 183 46.24 -55.15 14.70
N THR N 184 46.63 -55.10 15.98
CA THR N 184 45.68 -55.04 17.08
C THR N 184 46.19 -54.17 18.23
N LYS N 185 47.29 -53.47 18.05
CA LYS N 185 47.95 -52.73 19.12
C LYS N 185 47.77 -51.23 18.86
N ASN N 186 47.10 -50.55 19.78
CA ASN N 186 46.96 -49.11 19.67
C ASN N 186 48.30 -48.43 19.96
N GLY N 187 48.60 -47.39 19.18
CA GLY N 187 49.85 -46.70 19.31
C GLY N 187 50.00 -46.01 20.65
N PRO N 188 51.22 -45.54 20.94
CA PRO N 188 51.45 -44.80 22.18
C PRO N 188 50.95 -43.36 22.07
N ALA N 189 50.98 -42.66 23.19
CA ALA N 189 50.55 -41.27 23.25
C ALA N 189 51.76 -40.35 23.12
N ASP N 190 51.75 -39.51 22.10
CA ASP N 190 52.81 -38.54 21.90
C ASP N 190 52.82 -37.55 23.07
N PRO N 191 53.90 -37.47 23.84
CA PRO N 191 53.89 -36.57 25.02
C PRO N 191 53.73 -35.11 24.67
N ASP N 192 53.95 -34.72 23.41
CA ASP N 192 53.86 -33.31 23.03
C ASP N 192 52.49 -32.75 23.38
N THR N 193 51.44 -33.36 22.84
CA THR N 193 50.08 -32.90 23.09
C THR N 193 49.20 -34.06 23.56
N GLY N 194 49.58 -35.28 23.19
CA GLY N 194 48.77 -36.45 23.49
C GLY N 194 47.91 -36.84 22.31
N ALA N 195 48.34 -37.83 21.56
CA ALA N 195 47.63 -38.23 20.35
C ALA N 195 48.13 -39.60 19.91
N VAL N 196 47.21 -40.50 19.61
CA VAL N 196 47.53 -41.82 19.07
C VAL N 196 47.20 -41.81 17.59
N THR N 197 48.21 -42.07 16.76
CA THR N 197 48.05 -42.03 15.32
C THR N 197 47.66 -43.38 14.72
N VAL N 198 47.66 -44.44 15.51
CA VAL N 198 47.30 -45.78 15.03
C VAL N 198 46.43 -46.43 16.09
N LYS N 199 45.27 -46.92 15.67
CA LYS N 199 44.36 -47.63 16.56
C LYS N 199 43.53 -48.61 15.74
N VAL N 200 42.67 -49.36 16.42
CA VAL N 200 41.84 -50.37 15.80
C VAL N 200 40.42 -50.22 16.34
N ALA N 201 39.54 -49.64 15.52
CA ALA N 201 38.13 -49.59 15.87
C ALA N 201 37.52 -51.00 15.83
N GLN N 202 36.44 -51.17 16.57
CA GLN N 202 35.76 -52.45 16.66
C GLN N 202 34.62 -52.52 15.65
N ASN N 203 34.20 -53.75 15.36
CA ASN N 203 33.09 -54.02 14.45
C ASN N 203 31.81 -54.37 15.22
N ALA N 204 31.60 -53.72 16.36
CA ALA N 204 30.39 -53.90 17.14
C ALA N 204 29.26 -52.99 16.70
N SER N 205 29.55 -51.76 16.28
CA SER N 205 28.55 -50.89 15.69
C SER N 205 27.92 -51.48 14.44
N ASN N 206 28.59 -52.44 13.80
CA ASN N 206 28.11 -53.13 12.61
C ASN N 206 28.11 -54.62 12.90
N PRO N 207 27.54 -55.42 11.99
CA PRO N 207 27.54 -56.88 12.22
C PRO N 207 28.94 -57.43 12.45
N THR N 208 29.02 -58.62 13.04
CA THR N 208 30.31 -59.23 13.37
C THR N 208 30.96 -59.92 12.18
N THR N 209 30.44 -59.70 10.97
CA THR N 209 31.05 -60.23 9.76
C THR N 209 31.35 -59.15 8.73
N ASN N 210 30.91 -57.91 8.95
CA ASN N 210 31.14 -56.81 8.02
C ASN N 210 32.41 -56.06 8.45
N ILE N 211 33.55 -56.66 8.10
CA ILE N 211 34.83 -56.02 8.39
C ILE N 211 34.88 -54.67 7.69
N GLY N 212 35.23 -53.65 8.44
CA GLY N 212 35.32 -52.31 7.88
C GLY N 212 35.26 -51.27 8.97
N PHE N 213 35.07 -50.03 8.54
CA PHE N 213 35.08 -48.88 9.44
C PHE N 213 33.66 -48.57 9.89
N ASP N 214 33.48 -47.40 10.54
CA ASP N 214 32.19 -46.98 11.05
C ASP N 214 31.89 -45.52 10.75
N GLU N 215 32.64 -44.88 9.85
CA GLU N 215 32.42 -43.50 9.42
C GLU N 215 32.81 -42.48 10.48
N ALA N 216 33.25 -42.93 11.65
CA ALA N 216 33.64 -42.02 12.72
C ALA N 216 35.14 -42.10 12.95
N ASP N 217 35.75 -43.21 12.52
CA ASP N 217 37.18 -43.40 12.71
C ASP N 217 38.00 -42.48 11.83
N ILE N 218 37.48 -42.10 10.67
CA ILE N 218 38.18 -41.16 9.79
C ILE N 218 38.34 -39.82 10.49
N PHE N 219 37.26 -39.29 11.07
CA PHE N 219 37.33 -38.00 11.73
C PHE N 219 38.17 -38.07 12.99
N ASP N 220 38.15 -39.21 13.69
CA ASP N 220 39.03 -39.38 14.84
C ASP N 220 40.49 -39.33 14.41
N MET N 221 40.84 -40.03 13.32
CA MET N 221 42.20 -39.99 12.82
C MET N 221 42.59 -38.57 12.40
N THR N 222 41.66 -37.85 11.76
CA THR N 222 41.95 -36.48 11.37
C THR N 222 42.20 -35.59 12.58
N LEU N 223 41.41 -35.76 13.64
CA LEU N 223 41.63 -34.96 14.84
C LEU N 223 42.95 -35.32 15.51
N GLN N 224 43.30 -36.60 15.52
CA GLN N 224 44.60 -37.00 16.06
C GLN N 224 45.73 -36.34 15.28
N LEU N 225 45.64 -36.36 13.95
CA LEU N 225 46.65 -35.70 13.14
C LEU N 225 46.69 -34.20 13.43
N TYR N 226 45.53 -33.57 13.57
CA TYR N 226 45.48 -32.15 13.88
C TYR N 226 46.18 -31.84 15.19
N THR N 227 45.94 -32.65 16.21
CA THR N 227 46.64 -32.48 17.48
C THR N 227 48.13 -32.74 17.33
N ALA N 228 48.50 -33.63 16.41
CA ALA N 228 49.92 -33.93 16.18
C ALA N 228 50.58 -32.90 15.27
N GLY N 229 49.83 -32.26 14.39
CA GLY N 229 50.38 -31.23 13.52
C GLY N 229 51.07 -31.78 12.30
N SER N 230 50.44 -32.76 11.64
CA SER N 230 51.01 -33.35 10.43
C SER N 230 50.59 -32.57 9.19
N GLU N 231 49.32 -32.18 9.13
CA GLU N 231 48.69 -31.49 8.02
C GLU N 231 48.50 -32.41 6.82
N ALA N 232 48.44 -33.72 7.05
CA ALA N 232 48.19 -34.65 5.96
C ALA N 232 46.84 -34.35 5.30
N ASP N 233 46.79 -34.58 3.99
CA ASP N 233 45.59 -34.29 3.22
C ASP N 233 45.31 -35.37 2.18
N ILE N 234 45.87 -36.57 2.33
CA ILE N 234 45.79 -37.61 1.31
C ILE N 234 45.49 -38.94 1.99
N ILE N 235 44.82 -39.82 1.25
CA ILE N 235 44.46 -41.16 1.71
C ILE N 235 44.82 -42.16 0.62
N MET N 236 45.50 -43.24 1.02
CA MET N 236 45.78 -44.36 0.14
C MET N 236 45.05 -45.58 0.70
N ILE N 237 43.95 -45.96 0.05
CA ILE N 237 43.08 -47.02 0.54
C ILE N 237 42.91 -48.05 -0.56
N ASN N 238 42.75 -49.30 -0.14
CA ASN N 238 42.55 -50.39 -1.09
C ASN N 238 41.06 -50.61 -1.33
N PRO N 239 40.71 -51.37 -2.37
CA PRO N 239 39.29 -51.66 -2.61
C PRO N 239 38.68 -52.40 -1.44
N ALA N 240 37.36 -52.55 -1.50
CA ALA N 240 36.52 -53.19 -0.49
C ALA N 240 36.29 -52.25 0.68
N HIS N 241 36.87 -51.04 0.67
CA HIS N 241 36.62 -50.05 1.71
C HIS N 241 36.10 -48.73 1.17
N ALA N 242 36.23 -48.47 -0.12
CA ALA N 242 35.68 -47.24 -0.69
C ALA N 242 34.16 -47.24 -0.66
N LYS N 243 33.55 -48.42 -0.71
CA LYS N 243 32.09 -48.49 -0.60
C LYS N 243 31.61 -47.86 0.70
N ILE N 244 32.45 -47.88 1.74
CA ILE N 244 32.11 -47.17 2.98
C ILE N 244 32.08 -45.68 2.72
N PHE N 245 33.14 -45.17 2.08
CA PHE N 245 33.19 -43.75 1.75
C PHE N 245 31.98 -43.33 0.93
N ALA N 246 31.44 -44.24 0.11
CA ALA N 246 30.28 -43.91 -0.71
C ALA N 246 29.00 -43.94 0.11
N GLY N 247 28.71 -45.08 0.73
CA GLY N 247 27.48 -45.30 1.45
C GLY N 247 27.40 -44.70 2.84
N LEU N 248 28.40 -43.93 3.25
CA LEU N 248 28.27 -43.18 4.50
C LEU N 248 26.95 -42.40 4.54
N GLN N 249 26.50 -41.94 3.37
CA GLN N 249 25.23 -41.24 3.24
C GLN N 249 24.10 -42.17 2.83
N GLU N 250 24.25 -43.46 3.06
CA GLU N 250 23.21 -44.45 2.78
C GLU N 250 22.79 -45.24 4.00
N ASN N 251 23.74 -45.65 4.84
CA ASN N 251 23.43 -46.40 6.06
C ASN N 251 23.10 -45.42 7.19
N THR N 252 21.99 -44.70 6.99
CA THR N 252 21.50 -43.73 7.95
C THR N 252 20.03 -43.99 8.20
N GLN N 253 19.38 -43.09 8.94
CA GLN N 253 17.96 -43.18 9.22
C GLN N 253 17.12 -42.35 8.27
N GLY N 254 17.74 -41.48 7.48
CA GLY N 254 17.03 -40.58 6.61
C GLY N 254 17.64 -39.20 6.62
N SER N 255 18.50 -38.95 7.60
CA SER N 255 19.13 -37.64 7.73
C SER N 255 19.83 -37.25 6.43
N ARG N 256 20.83 -38.02 6.03
CA ARG N 256 21.50 -37.81 4.76
C ARG N 256 20.75 -38.54 3.65
N LYS N 257 20.84 -37.98 2.45
CA LYS N 257 20.16 -38.55 1.30
C LYS N 257 20.75 -37.96 0.03
N ARG N 258 20.67 -38.74 -1.04
CA ARG N 258 21.07 -38.27 -2.36
C ARG N 258 19.88 -37.67 -3.08
N ILE N 259 20.14 -37.12 -4.27
CA ILE N 259 19.11 -36.49 -5.08
C ILE N 259 19.39 -36.82 -6.54
N PHE N 260 18.32 -37.03 -7.29
CA PHE N 260 18.41 -37.32 -8.72
C PHE N 260 17.28 -36.57 -9.41
N GLU N 261 17.62 -35.44 -10.05
CA GLU N 261 16.62 -34.54 -10.63
C GLU N 261 16.47 -34.88 -12.10
N ASN N 262 15.69 -35.92 -12.37
CA ASN N 262 15.44 -36.38 -13.74
C ASN N 262 16.75 -36.67 -14.46
N THR N 263 17.70 -37.22 -13.72
CA THR N 263 19.03 -37.54 -14.25
C THR N 263 19.17 -39.05 -14.37
N LYS N 264 19.59 -39.50 -15.56
CA LYS N 264 19.73 -40.92 -15.82
C LYS N 264 21.01 -41.52 -15.24
N GLN N 265 21.88 -40.71 -14.64
CA GLN N 265 23.14 -41.20 -14.10
C GLN N 265 22.98 -41.57 -12.63
N PHE N 266 23.69 -42.63 -12.22
CA PHE N 266 23.77 -43.04 -10.83
C PHE N 266 25.24 -43.10 -10.44
N ILE N 267 25.55 -42.69 -9.21
CA ILE N 267 26.93 -42.52 -8.78
C ILE N 267 27.07 -42.89 -7.31
N TYR N 268 28.07 -43.73 -7.02
CA TYR N 268 28.55 -44.00 -5.67
C TYR N 268 30.06 -43.79 -5.61
N GLU N 269 30.52 -42.64 -6.10
CA GLU N 269 31.94 -42.32 -6.11
C GLU N 269 32.19 -41.12 -5.21
N VAL N 270 33.22 -41.24 -4.37
CA VAL N 270 33.62 -40.19 -3.44
C VAL N 270 35.14 -40.15 -3.42
N ASN N 271 35.73 -39.04 -3.88
CA ASN N 271 37.18 -38.92 -3.96
C ASN N 271 37.67 -37.71 -3.17
N SER N 272 36.85 -37.20 -2.25
CA SER N 272 37.25 -36.06 -1.44
C SER N 272 36.26 -35.88 -0.30
N ILE N 273 36.79 -35.47 0.85
CA ILE N 273 35.97 -35.16 2.02
C ILE N 273 36.60 -33.96 2.72
N THR N 274 35.78 -33.25 3.49
CA THR N 274 36.21 -32.03 4.19
C THR N 274 35.98 -32.24 5.68
N ASP N 275 37.08 -32.39 6.42
CA ASP N 275 36.98 -32.57 7.86
C ASP N 275 36.29 -31.38 8.51
N PRO N 276 35.54 -31.59 9.60
CA PRO N 276 34.93 -30.45 10.30
C PRO N 276 35.94 -29.41 10.73
N LEU N 277 37.20 -29.83 10.90
CA LEU N 277 38.27 -28.91 11.26
C LEU N 277 38.76 -28.08 10.07
N GLY N 278 38.12 -28.21 8.91
CA GLY N 278 38.56 -27.49 7.73
C GLY N 278 39.65 -28.18 6.95
N GLN N 279 39.94 -29.44 7.26
CA GLN N 279 41.00 -30.19 6.60
C GLN N 279 40.40 -31.01 5.47
N SER N 280 40.78 -30.68 4.23
CA SER N 280 40.29 -31.39 3.06
C SER N 280 41.19 -32.59 2.78
N TYR N 281 40.57 -33.74 2.54
CA TYR N 281 41.29 -34.98 2.28
C TYR N 281 40.80 -35.59 0.98
N LYS N 282 41.74 -36.08 0.18
CA LYS N 282 41.44 -36.75 -1.08
C LYS N 282 41.76 -38.23 -0.99
N ILE N 283 40.97 -39.03 -1.70
CA ILE N 283 41.07 -40.48 -1.66
C ILE N 283 41.72 -40.96 -2.95
N ILE N 284 42.66 -41.90 -2.81
CA ILE N 284 43.38 -42.49 -3.94
C ILE N 284 43.48 -43.98 -3.68
N VAL N 285 43.15 -44.79 -4.67
CA VAL N 285 43.04 -46.23 -4.50
C VAL N 285 44.34 -46.88 -4.93
N ASN N 286 44.90 -47.71 -4.05
CA ASN N 286 46.07 -48.53 -4.36
C ASN N 286 45.74 -49.99 -4.06
N ARG N 287 46.33 -50.89 -4.84
CA ARG N 287 45.98 -52.30 -4.78
C ARG N 287 47.00 -53.17 -4.06
N TRP N 288 48.13 -52.61 -3.65
CA TRP N 288 49.21 -53.36 -3.01
C TRP N 288 49.18 -53.18 -1.50
N MET N 289 47.99 -53.12 -0.92
CA MET N 289 47.80 -52.95 0.50
C MET N 289 47.38 -54.27 1.15
N PRO N 290 47.40 -54.34 2.48
CA PRO N 290 47.01 -55.58 3.17
C PRO N 290 45.51 -55.86 3.18
N THR N 291 44.72 -55.12 2.39
CA THR N 291 43.27 -55.27 2.32
C THR N 291 42.66 -55.37 3.72
N ASP N 292 43.31 -54.74 4.70
CA ASP N 292 42.77 -54.68 6.06
C ASP N 292 43.07 -53.37 6.77
N ALA N 293 43.64 -52.38 6.09
CA ALA N 293 44.07 -51.16 6.75
C ALA N 293 44.02 -50.01 5.75
N VAL N 294 44.13 -48.79 6.28
CA VAL N 294 44.16 -47.58 5.48
C VAL N 294 45.34 -46.73 5.95
N TYR N 295 45.93 -45.98 5.02
CA TYR N 295 47.11 -45.18 5.30
C TYR N 295 46.79 -43.70 5.10
N PHE N 296 46.92 -42.92 6.16
CA PHE N 296 46.81 -41.46 6.10
C PHE N 296 48.18 -40.84 5.86
N PHE N 297 48.82 -41.25 4.77
CA PHE N 297 50.18 -40.82 4.48
C PHE N 297 50.17 -39.34 4.07
N ARG N 298 51.37 -38.78 3.89
CA ARG N 298 51.49 -37.38 3.51
C ARG N 298 51.94 -37.26 2.06
N SER N 299 52.29 -36.03 1.65
CA SER N 299 52.63 -35.74 0.28
C SER N 299 54.07 -36.18 -0.01
N ALA N 300 54.60 -35.73 -1.15
CA ALA N 300 55.92 -36.16 -1.59
C ALA N 300 57.02 -35.82 -0.58
N ASP N 301 56.74 -34.97 0.41
CA ASP N 301 57.74 -34.63 1.42
C ASP N 301 58.37 -35.89 1.99
N TRP N 302 57.59 -36.96 2.11
CA TRP N 302 58.09 -38.24 2.61
C TRP N 302 58.57 -39.05 1.41
N THR N 303 59.87 -39.03 1.15
CA THR N 303 60.45 -39.57 -0.07
C THR N 303 61.41 -40.69 0.26
N GLN N 304 61.70 -41.50 -0.75
CA GLN N 304 62.63 -42.61 -0.64
C GLN N 304 63.98 -42.21 -1.22
N MET N 305 64.92 -43.15 -1.24
CA MET N 305 66.26 -42.91 -1.75
C MET N 305 66.83 -44.23 -2.27
N VAL N 306 67.51 -44.16 -3.41
CA VAL N 306 68.06 -45.34 -4.07
C VAL N 306 69.58 -45.29 -3.97
N LEU N 307 70.17 -46.41 -3.58
CA LEU N 307 71.63 -46.54 -3.54
C LEU N 307 72.19 -46.99 -4.89
N ARG N 308 71.74 -48.14 -5.38
CA ARG N 308 72.12 -48.64 -6.69
C ARG N 308 70.90 -48.58 -7.59
N ALA N 309 70.90 -47.65 -8.54
CA ALA N 309 69.77 -47.50 -9.44
C ALA N 309 69.58 -48.76 -10.26
N PRO N 310 68.38 -49.00 -10.79
CA PRO N 310 68.14 -50.20 -11.61
C PRO N 310 69.09 -50.25 -12.79
N LYS N 311 69.93 -51.28 -12.80
CA LYS N 311 70.99 -51.42 -13.79
C LYS N 311 71.23 -52.89 -14.06
N ARG N 312 71.66 -53.20 -15.28
CA ARG N 312 71.85 -54.57 -15.72
C ARG N 312 73.32 -54.98 -15.61
N THR N 313 73.53 -56.24 -15.21
CA THR N 313 74.85 -56.85 -15.20
C THR N 313 74.69 -58.28 -15.70
N GLU N 314 75.80 -59.00 -15.83
CA GLU N 314 75.76 -60.36 -16.34
C GLU N 314 77.14 -61.00 -16.22
N LEU N 315 77.15 -62.31 -16.02
CA LEU N 315 78.36 -63.11 -16.14
C LEU N 315 78.52 -63.57 -17.58
N ALA N 316 79.74 -63.98 -17.94
CA ALA N 316 80.08 -64.21 -19.33
C ALA N 316 79.57 -65.57 -19.83
N LYS N 317 80.07 -66.65 -19.24
CA LYS N 317 79.70 -67.99 -19.71
C LYS N 317 80.30 -69.02 -18.77
N ASP N 318 79.60 -70.15 -18.63
CA ASP N 318 80.20 -71.33 -18.00
C ASP N 318 80.34 -72.46 -19.01
N GLY N 319 79.24 -72.96 -19.57
CA GLY N 319 79.31 -73.67 -20.84
C GLY N 319 78.41 -73.04 -21.87
N SER N 320 77.24 -72.57 -21.44
CA SER N 320 76.30 -71.86 -22.30
C SER N 320 75.15 -71.32 -21.47
N TYR N 321 74.80 -70.05 -21.64
CA TYR N 321 73.59 -69.50 -21.03
C TYR N 321 73.44 -68.06 -21.48
N GLU N 322 72.33 -67.45 -21.06
CA GLU N 322 71.97 -66.09 -21.44
C GLU N 322 71.64 -65.28 -20.19
N LYS N 323 72.49 -65.41 -19.16
CA LYS N 323 72.20 -64.81 -17.86
C LYS N 323 72.14 -63.28 -17.93
N TRP N 324 71.36 -62.69 -17.04
CA TRP N 324 71.27 -61.25 -16.88
C TRP N 324 70.91 -60.95 -15.43
N MET N 325 70.98 -59.68 -15.06
CA MET N 325 70.74 -59.29 -13.68
C MET N 325 70.03 -57.94 -13.63
N ILE N 326 69.23 -57.77 -12.58
CA ILE N 326 68.63 -56.48 -12.24
C ILE N 326 68.66 -56.38 -10.72
N GLU N 327 69.50 -55.49 -10.19
CA GLU N 327 69.86 -55.49 -8.78
C GLU N 327 69.71 -54.10 -8.17
N MET N 328 68.56 -53.47 -8.42
CA MET N 328 68.28 -52.19 -7.78
C MET N 328 68.31 -52.35 -6.25
N GLU N 329 68.66 -51.27 -5.56
CA GLU N 329 68.89 -51.28 -4.13
C GLU N 329 68.17 -50.12 -3.47
N VAL N 330 66.88 -49.97 -3.78
CA VAL N 330 66.10 -48.85 -3.23
C VAL N 330 65.90 -49.03 -1.74
N GLY N 331 65.63 -47.90 -1.07
CA GLY N 331 65.29 -47.91 0.35
C GLY N 331 64.31 -46.80 0.67
N LEU N 332 63.61 -46.98 1.78
CA LEU N 332 62.52 -46.09 2.16
C LEU N 332 62.93 -45.21 3.34
N ARG N 333 62.15 -44.15 3.56
CA ARG N 333 62.37 -43.24 4.67
C ARG N 333 61.07 -42.50 4.97
N HIS N 334 60.75 -42.37 6.24
CA HIS N 334 59.64 -41.58 6.71
C HIS N 334 60.17 -40.32 7.41
N ARG N 335 59.27 -39.54 7.99
CA ARG N 335 59.64 -38.26 8.59
C ARG N 335 58.73 -38.01 9.79
N ASN N 336 59.31 -38.02 10.99
CA ASN N 336 58.54 -37.80 12.20
C ASN N 336 57.37 -38.78 12.24
N PRO N 337 57.64 -40.08 12.48
CA PRO N 337 56.61 -41.11 12.36
C PRO N 337 55.30 -40.75 13.06
N TYR N 338 55.38 -40.00 14.16
CA TYR N 338 54.19 -39.55 14.86
C TYR N 338 53.37 -38.56 14.05
N ALA N 339 53.83 -38.17 12.86
CA ALA N 339 53.08 -37.24 12.04
C ALA N 339 51.95 -37.94 11.29
N SER N 340 52.30 -38.86 10.39
CA SER N 340 51.29 -39.62 9.68
C SER N 340 50.77 -40.74 10.57
N GLY N 341 49.72 -41.42 10.10
CA GLY N 341 49.11 -42.48 10.87
C GLY N 341 48.38 -43.46 9.97
N VAL N 342 47.96 -44.56 10.58
CA VAL N 342 47.26 -45.62 9.87
C VAL N 342 46.09 -46.06 10.74
N LEU N 343 45.16 -46.80 10.12
CA LEU N 343 43.99 -47.30 10.83
C LEU N 343 43.69 -48.69 10.32
N PHE N 344 43.92 -49.69 11.15
CA PHE N 344 43.57 -51.06 10.80
C PHE N 344 42.06 -51.23 10.87
N THR N 345 41.57 -52.37 10.39
CA THR N 345 40.15 -52.67 10.39
C THR N 345 39.82 -53.58 11.56
N ALA N 346 38.52 -53.78 11.77
CA ALA N 346 38.01 -54.54 12.91
C ALA N 346 38.00 -56.02 12.59
N ALA N 347 38.84 -56.78 13.28
CA ALA N 347 38.91 -58.23 13.16
C ALA N 347 38.47 -58.96 14.41
N GLY N 348 38.87 -58.47 15.59
CA GLY N 348 38.56 -59.12 16.83
C GLY N 348 39.75 -59.89 17.39
N LYS N 349 39.61 -60.34 18.63
CA LYS N 349 40.66 -61.09 19.30
C LYS N 349 40.06 -62.06 20.31
N PRO O 4 -2.30 171.12 21.43
CA PRO O 4 -1.28 170.18 21.89
C PRO O 4 -1.11 170.18 23.40
N THR O 5 -2.23 170.02 24.11
CA THR O 5 -2.23 169.97 25.57
C THR O 5 -3.33 169.01 26.01
N LEU O 6 -3.05 168.27 27.08
CA LEU O 6 -3.99 167.26 27.59
C LEU O 6 -4.35 166.25 26.51
N PHE O 7 -3.33 165.51 26.06
CA PHE O 7 -3.57 164.45 25.09
C PHE O 7 -4.63 163.50 25.61
N VAL O 8 -5.47 163.00 24.69
CA VAL O 8 -6.62 162.16 25.03
C VAL O 8 -6.71 161.03 24.02
N SER O 9 -7.02 159.83 24.52
CA SER O 9 -7.21 158.67 23.66
C SER O 9 -8.65 158.20 23.60
N TYR O 10 -9.49 158.58 24.56
CA TYR O 10 -10.87 158.12 24.59
C TYR O 10 -11.84 159.14 24.01
N ASP O 11 -11.47 160.42 24.03
CA ASP O 11 -12.36 161.49 23.63
C ASP O 11 -12.41 161.73 22.13
N GLN O 12 -11.82 160.83 21.34
CA GLN O 12 -11.78 161.03 19.89
C GLN O 12 -13.18 161.15 19.31
N ASN O 13 -13.29 161.88 18.21
CA ASN O 13 -14.55 162.08 17.50
C ASN O 13 -14.37 161.65 16.05
N GLY O 14 -15.46 161.73 15.30
CA GLY O 14 -15.44 161.31 13.91
C GLY O 14 -15.03 159.87 13.72
N LYS O 15 -15.27 159.02 14.71
CA LYS O 15 -14.90 157.62 14.62
C LYS O 15 -15.65 156.93 13.48
N LYS O 16 -15.14 155.78 13.08
CA LYS O 16 -15.77 154.96 12.06
C LYS O 16 -16.87 154.10 12.67
N LEU O 17 -17.58 153.38 11.81
CA LEU O 17 -18.71 152.57 12.22
C LEU O 17 -18.34 151.13 12.55
N SER O 18 -17.37 150.56 11.83
CA SER O 18 -16.85 149.22 12.11
C SER O 18 -17.92 148.13 11.97
N PHE O 19 -18.98 148.39 11.24
CA PHE O 19 -20.00 147.37 11.00
C PHE O 19 -19.41 146.21 10.21
N ALA O 20 -19.86 145.01 10.52
CA ALA O 20 -19.48 143.84 9.74
C ALA O 20 -20.33 143.75 8.48
N ASN O 21 -19.71 143.33 7.37
CA ASN O 21 -20.40 143.29 6.09
C ASN O 21 -21.11 141.95 5.90
N TRP O 22 -22.03 141.66 6.81
CA TRP O 22 -22.84 140.45 6.72
C TRP O 22 -23.97 140.55 7.71
N ILE O 23 -25.00 139.73 7.49
CA ILE O 23 -26.14 139.61 8.40
C ILE O 23 -26.48 138.14 8.52
N SER O 24 -26.66 137.68 9.76
CA SER O 24 -26.96 136.29 10.04
C SER O 24 -28.46 136.13 10.21
N VAL O 25 -29.05 135.22 9.43
CA VAL O 25 -30.48 134.93 9.48
C VAL O 25 -30.63 133.51 10.00
N LEU O 26 -30.94 133.38 11.29
CA LEU O 26 -31.00 132.08 11.96
C LEU O 26 -32.46 131.62 11.98
N SER O 27 -32.89 131.06 10.85
CA SER O 27 -34.24 130.54 10.73
C SER O 27 -34.26 129.33 9.78
N PRO O 28 -34.53 128.13 10.29
CA PRO O 28 -34.48 126.95 9.40
C PRO O 28 -35.65 126.92 8.44
N GLN O 29 -35.36 126.56 7.18
CA GLN O 29 -36.36 126.51 6.13
C GLN O 29 -36.12 125.28 5.25
N ASP O 30 -35.90 124.12 5.87
CA ASP O 30 -35.57 122.92 5.11
C ASP O 30 -36.69 122.54 4.15
N THR O 31 -37.89 122.33 4.68
CA THR O 31 -39.06 121.99 3.88
C THR O 31 -38.86 120.69 3.09
N PRO O 32 -38.78 119.55 3.76
CA PRO O 32 -38.65 118.28 3.02
C PRO O 32 -39.92 117.89 2.28
N PHE O 33 -41.10 118.09 2.91
CA PHE O 33 -42.35 117.69 2.27
C PHE O 33 -42.59 118.47 0.98
N VAL O 34 -42.22 119.75 0.97
CA VAL O 34 -42.48 120.58 -0.19
C VAL O 34 -41.48 120.29 -1.31
N SER O 35 -40.57 119.35 -1.09
CA SER O 35 -39.58 119.00 -2.10
C SER O 35 -40.21 118.40 -3.36
N MET O 36 -41.52 118.14 -3.36
CA MET O 36 -42.20 117.64 -4.55
C MET O 36 -43.35 118.53 -5.00
N THR O 37 -43.18 119.85 -5.01
CA THR O 37 -44.27 120.73 -5.44
C THR O 37 -44.73 120.40 -6.85
N GLY O 38 -43.80 120.09 -7.75
CA GLY O 38 -44.14 119.72 -9.11
C GLY O 38 -44.69 120.89 -9.92
N LYS O 39 -45.14 120.56 -11.12
CA LYS O 39 -45.70 121.53 -12.06
C LYS O 39 -47.05 121.01 -12.54
N GLU O 40 -48.08 121.84 -12.37
CA GLU O 40 -49.43 121.49 -12.78
C GLU O 40 -50.27 122.75 -12.77
N SER O 41 -51.53 122.62 -13.20
CA SER O 41 -52.47 123.72 -13.25
C SER O 41 -53.89 123.19 -13.10
N ILE O 42 -54.72 123.94 -12.39
CA ILE O 42 -56.12 123.61 -12.19
C ILE O 42 -56.95 124.87 -12.38
N ASN O 43 -58.24 124.69 -12.63
CA ASN O 43 -59.14 125.78 -12.99
C ASN O 43 -60.14 126.13 -11.90
N GLN O 44 -60.62 125.15 -11.14
CA GLN O 44 -61.69 125.37 -10.17
C GLN O 44 -61.12 125.24 -8.76
N THR O 45 -61.70 126.02 -7.84
CA THR O 45 -61.28 125.94 -6.44
C THR O 45 -61.71 124.64 -5.81
N ILE O 46 -62.75 123.99 -6.33
CA ILE O 46 -63.24 122.71 -5.85
C ILE O 46 -62.85 121.65 -6.86
N PHE O 47 -61.97 120.74 -6.45
CA PHE O 47 -61.45 119.70 -7.31
C PHE O 47 -61.66 118.34 -6.64
N SER O 48 -61.47 117.28 -7.43
CA SER O 48 -61.72 115.93 -6.95
C SER O 48 -60.84 114.95 -7.71
N TRP O 49 -60.71 113.76 -7.15
CA TRP O 49 -59.95 112.69 -7.76
C TRP O 49 -60.72 111.39 -7.60
N GLN O 50 -60.62 110.51 -8.59
CA GLN O 50 -61.37 109.27 -8.63
C GLN O 50 -60.63 108.20 -7.84
N THR O 51 -61.32 107.63 -6.85
CA THR O 51 -60.79 106.55 -6.05
C THR O 51 -61.66 105.31 -6.23
N ASP O 52 -61.07 104.15 -5.95
CA ASP O 52 -61.78 102.90 -6.13
C ASP O 52 -61.16 101.83 -5.26
N ALA O 53 -61.98 100.85 -4.90
CA ALA O 53 -61.54 99.66 -4.19
C ALA O 53 -62.37 98.49 -4.68
N LEU O 54 -61.73 97.34 -4.84
CA LEU O 54 -62.41 96.18 -5.37
C LEU O 54 -63.59 95.80 -4.47
N ALA O 55 -64.62 95.23 -5.09
CA ALA O 55 -65.84 94.87 -4.38
C ALA O 55 -65.54 93.92 -3.24
N SER O 56 -65.03 92.73 -3.56
CA SER O 56 -64.73 91.72 -2.56
C SER O 56 -64.11 90.52 -3.27
N VAL O 57 -63.68 89.54 -2.48
CA VAL O 57 -63.21 88.26 -2.98
C VAL O 57 -64.28 87.22 -2.68
N ASP O 58 -64.49 86.30 -3.62
CA ASP O 58 -65.53 85.28 -3.48
C ASP O 58 -65.00 83.99 -2.88
N GLY O 59 -64.01 83.37 -3.51
CA GLY O 59 -63.45 82.12 -3.04
C GLY O 59 -64.32 80.90 -3.30
N ASN O 60 -65.60 81.08 -3.59
CA ASN O 60 -66.52 79.99 -3.86
C ASN O 60 -66.86 79.86 -5.34
N ASN O 61 -66.08 80.51 -6.21
CA ASN O 61 -66.35 80.47 -7.64
C ASN O 61 -66.18 79.06 -8.18
N ALA O 62 -67.29 78.39 -8.46
CA ALA O 62 -67.26 77.04 -9.02
C ALA O 62 -68.54 76.84 -9.83
N HIS O 63 -68.43 76.96 -11.14
CA HIS O 63 -69.57 76.88 -12.04
C HIS O 63 -69.62 75.52 -12.71
N VAL O 64 -70.78 75.24 -13.31
CA VAL O 64 -71.01 73.97 -14.00
C VAL O 64 -70.40 74.03 -15.39
N GLU O 65 -70.40 72.89 -16.10
CA GLU O 65 -69.69 72.79 -17.35
C GLU O 65 -70.33 73.64 -18.44
N GLY O 66 -71.58 73.33 -18.80
CA GLY O 66 -72.19 73.92 -19.97
C GLY O 66 -73.49 74.67 -19.74
N SER O 67 -73.57 75.42 -18.64
CA SER O 67 -74.74 76.24 -18.38
C SER O 67 -74.46 77.69 -18.75
N ARG O 68 -75.47 78.54 -18.59
CA ARG O 68 -75.34 79.95 -18.90
C ARG O 68 -74.68 80.68 -17.73
N ALA O 69 -74.64 82.00 -17.80
CA ALA O 69 -74.09 82.84 -16.75
C ALA O 69 -75.22 83.55 -16.01
N GLU O 70 -74.86 84.20 -14.91
CA GLU O 70 -75.81 84.91 -14.07
C GLU O 70 -75.71 86.41 -14.32
N ASP O 71 -76.67 87.15 -13.75
CA ASP O 71 -76.72 88.59 -13.95
C ASP O 71 -75.52 89.31 -13.39
N GLY O 72 -74.84 88.73 -12.39
CA GLY O 72 -73.69 89.38 -11.79
C GLY O 72 -74.04 90.70 -11.14
N GLU O 73 -73.01 91.30 -10.53
CA GLU O 73 -73.13 92.59 -9.85
C GLU O 73 -71.77 93.25 -9.86
N MET O 74 -71.76 94.58 -9.94
CA MET O 74 -70.53 95.35 -10.04
C MET O 74 -70.64 96.56 -9.11
N LYS O 75 -69.53 97.29 -9.00
CA LYS O 75 -69.44 98.48 -8.18
C LYS O 75 -68.93 99.64 -9.02
N PRO O 76 -69.42 100.85 -8.78
CA PRO O 76 -68.94 102.02 -9.51
C PRO O 76 -67.63 102.52 -8.91
N THR O 77 -67.18 103.66 -9.42
CA THR O 77 -65.98 104.32 -8.94
C THR O 77 -66.34 105.41 -7.94
N VAL O 78 -65.65 105.42 -6.81
CA VAL O 78 -65.94 106.37 -5.75
C VAL O 78 -65.24 107.68 -6.05
N ILE O 79 -65.87 108.78 -5.64
CA ILE O 79 -65.34 110.13 -5.85
C ILE O 79 -65.00 110.74 -4.50
N LYS O 80 -64.08 111.69 -4.54
CA LYS O 80 -63.69 112.48 -3.38
C LYS O 80 -63.80 113.96 -3.73
N SER O 81 -63.32 114.80 -2.84
CA SER O 81 -63.34 116.24 -3.08
C SER O 81 -62.50 116.94 -2.03
N ASN O 82 -61.94 118.09 -2.41
CA ASN O 82 -61.12 118.88 -1.51
C ASN O 82 -61.14 120.32 -2.00
N VAL O 83 -60.84 121.24 -1.09
CA VAL O 83 -60.93 122.67 -1.36
C VAL O 83 -59.52 123.25 -1.40
N THR O 84 -59.42 124.46 -1.95
CA THR O 84 -58.18 125.18 -2.07
C THR O 84 -58.09 126.28 -1.01
N GLN O 85 -56.86 126.58 -0.61
CA GLN O 85 -56.58 127.62 0.37
C GLN O 85 -55.70 128.69 -0.26
N ILE O 86 -55.84 129.92 0.23
CA ILE O 86 -55.11 131.06 -0.28
C ILE O 86 -54.14 131.54 0.79
N LEU O 87 -53.12 132.27 0.35
CA LEU O 87 -52.13 132.88 1.23
C LEU O 87 -51.95 134.34 0.89
N ARG O 88 -51.30 135.08 1.79
CA ARG O 88 -51.11 136.51 1.65
C ARG O 88 -49.61 136.83 1.64
N LYS O 89 -49.27 137.97 1.02
CA LYS O 89 -47.89 138.40 0.92
C LYS O 89 -47.69 139.88 1.20
N VAL O 90 -48.35 140.45 2.22
CA VAL O 90 -48.20 141.87 2.52
C VAL O 90 -46.74 142.21 2.73
N VAL O 91 -46.35 143.42 2.36
CA VAL O 91 -44.97 143.88 2.51
C VAL O 91 -44.94 145.11 3.41
N ARG O 92 -45.78 146.09 3.10
CA ARG O 92 -45.87 147.33 3.88
C ARG O 92 -44.51 148.01 3.98
N VAL O 93 -44.00 148.43 2.83
CA VAL O 93 -42.71 149.12 2.75
C VAL O 93 -42.89 150.55 3.23
N SER O 94 -41.88 151.05 3.94
CA SER O 94 -41.88 152.43 4.41
C SER O 94 -41.45 153.35 3.29
N ASP O 95 -41.20 154.62 3.61
CA ASP O 95 -40.80 155.62 2.62
C ASP O 95 -39.35 155.36 2.21
N THR O 96 -39.20 154.49 1.21
CA THR O 96 -37.90 154.12 0.67
C THR O 96 -37.54 154.88 -0.59
N ALA O 97 -38.23 155.98 -0.89
CA ALA O 97 -37.98 156.70 -2.14
C ALA O 97 -36.86 157.72 -1.98
N ASN O 98 -36.37 158.25 -3.11
CA ASN O 98 -35.35 159.29 -3.12
C ASN O 98 -34.10 158.84 -2.35
N THR O 99 -33.46 157.80 -2.88
CA THR O 99 -32.15 157.35 -2.39
C THR O 99 -32.21 156.97 -0.91
N THR O 100 -32.99 155.93 -0.61
CA THR O 100 -33.15 155.44 0.76
C THR O 100 -32.37 154.14 0.91
N ALA O 101 -31.23 154.20 1.59
CA ALA O 101 -30.37 153.05 1.81
C ALA O 101 -29.41 153.34 2.95
N ASN O 102 -29.08 152.32 3.72
CA ASN O 102 -28.18 152.46 4.86
C ASN O 102 -26.74 152.16 4.42
N TYR O 103 -25.79 152.23 5.36
CA TYR O 103 -24.40 151.96 5.03
C TYR O 103 -24.19 150.48 4.75
N GLY O 104 -24.53 149.63 5.72
CA GLY O 104 -24.30 148.21 5.60
C GLY O 104 -25.56 147.41 5.33
N ARG O 105 -26.52 148.01 4.64
CA ARG O 105 -27.77 147.34 4.33
C ARG O 105 -28.20 147.73 2.92
N GLY O 106 -28.91 146.82 2.26
CA GLY O 106 -29.36 147.05 0.91
C GLY O 106 -30.71 147.74 0.85
N ARG O 107 -31.46 147.52 -0.22
CA ARG O 107 -32.80 148.10 -0.33
C ARG O 107 -33.74 147.37 0.61
N GLU O 108 -34.52 148.15 1.37
CA GLU O 108 -35.48 147.55 2.29
C GLU O 108 -36.80 147.30 1.58
N LEU O 109 -36.73 146.70 0.40
CA LEU O 109 -37.91 146.27 -0.36
C LEU O 109 -37.78 144.85 -0.87
N MET O 110 -36.58 144.43 -1.28
CA MET O 110 -36.39 143.07 -1.74
C MET O 110 -36.04 142.15 -0.58
N TYR O 111 -35.31 142.67 0.41
CA TYR O 111 -35.05 141.91 1.63
C TYR O 111 -36.36 141.47 2.27
N GLN O 112 -37.27 142.42 2.49
CA GLN O 112 -38.56 142.09 3.08
C GLN O 112 -39.36 141.16 2.18
N LEU O 113 -39.25 141.33 0.86
CA LEU O 113 -39.99 140.45 -0.05
C LEU O 113 -39.53 139.01 0.08
N GLU O 114 -38.21 138.78 0.07
CA GLU O 114 -37.70 137.43 0.21
C GLU O 114 -38.03 136.85 1.58
N LYS O 115 -37.91 137.68 2.62
CA LYS O 115 -38.28 137.23 3.96
C LYS O 115 -39.73 136.77 3.99
N LYS O 116 -40.62 137.55 3.39
CA LYS O 116 -42.04 137.20 3.40
C LYS O 116 -42.30 135.96 2.56
N GLY O 117 -41.58 135.80 1.45
CA GLY O 117 -41.74 134.60 0.65
C GLY O 117 -41.37 133.35 1.42
N LYS O 118 -40.21 133.37 2.06
CA LYS O 118 -39.81 132.24 2.88
C LYS O 118 -40.77 132.03 4.05
N GLU O 119 -41.29 133.13 4.60
CA GLU O 119 -42.26 133.02 5.68
C GLU O 119 -43.52 132.29 5.23
N ILE O 120 -44.05 132.66 4.06
CA ILE O 120 -45.27 132.03 3.59
C ILE O 120 -45.00 130.59 3.18
N LYS O 121 -43.79 130.28 2.71
CA LYS O 121 -43.45 128.88 2.45
C LYS O 121 -43.46 128.07 3.74
N ARG O 122 -42.85 128.61 4.80
CA ARG O 122 -42.88 127.93 6.08
C ARG O 122 -44.31 127.74 6.59
N ASP O 123 -45.13 128.79 6.45
CA ASP O 123 -46.52 128.68 6.86
C ASP O 123 -47.25 127.61 6.07
N LEU O 124 -47.00 127.54 4.76
CA LEU O 124 -47.62 126.52 3.93
C LEU O 124 -47.24 125.13 4.40
N GLU O 125 -45.94 124.91 4.62
CA GLU O 125 -45.51 123.59 5.10
C GLU O 125 -46.19 123.24 6.41
N LYS O 126 -46.18 124.17 7.37
CA LYS O 126 -46.77 123.91 8.68
C LYS O 126 -48.25 123.60 8.55
N ILE O 127 -48.97 124.33 7.71
CA ILE O 127 -50.42 124.16 7.63
C ILE O 127 -50.75 122.87 6.89
N LEU O 128 -49.90 122.47 5.94
CA LEU O 128 -50.12 121.20 5.25
C LEU O 128 -49.84 120.03 6.19
N LEU O 129 -48.82 120.15 7.03
CA LEU O 129 -48.52 119.12 8.01
C LEU O 129 -49.44 119.19 9.23
N SER O 130 -50.43 120.08 9.22
CA SER O 130 -51.33 120.22 10.34
C SER O 130 -52.34 119.08 10.35
N GLY O 131 -53.37 119.21 11.19
CA GLY O 131 -54.43 118.23 11.25
C GLY O 131 -55.81 118.84 11.08
N GLN O 132 -55.85 120.10 10.60
CA GLN O 132 -57.11 120.80 10.43
C GLN O 132 -57.92 120.23 9.28
N ALA O 133 -59.19 119.94 9.53
CA ALA O 133 -60.06 119.39 8.50
C ALA O 133 -60.49 120.47 7.52
N ARG O 134 -61.06 120.02 6.40
CA ARG O 134 -61.50 120.95 5.37
C ARG O 134 -62.60 121.86 5.90
N THR O 135 -62.52 123.14 5.56
CA THR O 135 -63.57 124.10 5.87
C THR O 135 -64.36 124.40 4.61
N ASP O 136 -65.53 123.78 4.48
CA ASP O 136 -66.40 123.95 3.33
C ASP O 136 -67.76 124.43 3.81
N VAL O 137 -68.20 125.60 3.34
CA VAL O 137 -69.53 126.11 3.63
C VAL O 137 -70.59 125.44 2.76
N LEU O 138 -70.22 124.45 1.96
CA LEU O 138 -71.14 123.73 1.10
C LEU O 138 -71.43 122.37 1.72
N ALA O 139 -72.51 121.74 1.27
CA ALA O 139 -72.92 120.44 1.78
C ALA O 139 -72.61 119.31 0.80
N ASP O 140 -73.11 119.40 -0.43
CA ASP O 140 -72.83 118.37 -1.43
C ASP O 140 -72.79 118.94 -2.84
N GLN O 141 -72.51 120.24 -2.99
CA GLN O 141 -72.50 120.89 -4.29
C GLN O 141 -71.15 120.84 -4.97
N TYR O 142 -70.35 119.80 -4.68
CA TYR O 142 -69.05 119.65 -5.31
C TYR O 142 -69.18 119.02 -6.70
N LEU O 143 -69.84 117.86 -6.77
CA LEU O 143 -70.09 117.26 -8.08
C LEU O 143 -70.91 118.18 -8.96
N THR O 144 -72.03 118.68 -8.44
CA THR O 144 -72.88 119.56 -9.23
C THR O 144 -72.16 120.87 -9.53
N ASN O 145 -72.64 121.56 -10.56
CA ASN O 145 -72.07 122.84 -10.99
C ASN O 145 -73.13 123.90 -10.74
N SER O 146 -73.17 124.41 -9.52
CA SER O 146 -74.13 125.43 -9.10
C SER O 146 -73.72 125.91 -7.72
N ALA O 147 -74.51 126.82 -7.15
CA ALA O 147 -74.25 127.33 -5.81
C ALA O 147 -75.49 128.07 -5.32
N ALA O 148 -75.72 128.01 -4.02
CA ALA O 148 -76.87 128.68 -3.42
C ALA O 148 -76.76 128.65 -1.89
N VAL O 152 -77.17 134.69 -0.21
CA VAL O 152 -76.61 133.38 0.10
C VAL O 152 -75.70 132.93 -1.04
N ALA O 153 -76.11 133.22 -2.27
CA ALA O 153 -75.28 132.87 -3.42
C ALA O 153 -73.95 133.62 -3.38
N GLY O 154 -74.01 134.95 -3.36
CA GLY O 154 -72.81 135.77 -3.33
C GLY O 154 -72.77 136.69 -2.14
N LEU O 155 -71.76 136.52 -1.28
CA LEU O 155 -71.57 137.34 -0.08
C LEU O 155 -70.20 138.00 -0.19
N ASN O 156 -70.18 139.21 -0.74
CA ASN O 156 -68.93 139.92 -0.90
C ASN O 156 -68.41 140.43 0.44
N ASP O 157 -67.14 140.17 0.70
CA ASP O 157 -66.48 140.63 1.92
C ASP O 157 -67.18 140.09 3.17
N THR O 158 -67.70 138.87 3.06
CA THR O 158 -68.39 138.23 4.18
C THR O 158 -68.01 136.77 4.40
N HIS O 159 -67.52 136.07 3.38
CA HIS O 159 -67.18 134.66 3.54
C HIS O 159 -66.17 134.47 4.66
N ALA O 160 -66.40 133.43 5.47
CA ALA O 160 -65.51 133.17 6.60
C ALA O 160 -64.09 132.90 6.15
N ALA O 161 -63.88 131.80 5.42
CA ALA O 161 -62.56 131.42 4.95
C ALA O 161 -62.69 130.16 4.11
N ARG O 162 -61.58 129.76 3.50
CA ARG O 162 -61.50 128.54 2.69
C ARG O 162 -60.22 127.81 3.09
N LYS O 163 -60.32 126.96 4.10
CA LYS O 163 -59.18 126.22 4.62
C LYS O 163 -59.09 124.85 3.92
N THR O 164 -57.89 124.49 3.51
CA THR O 164 -57.67 123.20 2.85
C THR O 164 -57.53 122.09 3.88
N GLY O 165 -58.07 120.92 3.53
CA GLY O 165 -58.02 119.77 4.40
C GLY O 165 -56.60 119.29 4.67
N ALA O 166 -56.23 119.21 5.94
CA ALA O 166 -54.90 118.78 6.33
C ALA O 166 -54.69 117.31 5.97
N PHE O 167 -53.47 116.82 6.19
CA PHE O 167 -53.16 115.44 5.86
C PHE O 167 -53.92 114.47 6.75
N GLN O 168 -54.02 114.78 8.05
CA GLN O 168 -54.70 113.88 8.96
C GLN O 168 -56.16 113.69 8.56
N PHE O 169 -56.78 114.72 7.98
CA PHE O 169 -58.17 114.61 7.57
C PHE O 169 -58.30 113.86 6.25
N LEU O 170 -57.45 114.17 5.28
CA LEU O 170 -57.57 113.56 3.96
C LEU O 170 -57.45 112.04 4.03
N CYS O 171 -56.64 111.53 4.95
CA CYS O 171 -56.57 110.09 5.14
C CYS O 171 -57.88 109.57 5.72
N ALA O 172 -57.93 108.27 5.96
CA ALA O 172 -59.14 107.62 6.45
C ALA O 172 -59.35 107.97 7.93
N HIS O 173 -59.69 109.23 8.15
CA HIS O 173 -59.96 109.70 9.50
C HIS O 173 -61.27 109.10 10.01
N GLY O 174 -61.53 109.30 11.31
CA GLY O 174 -62.71 108.77 11.94
C GLY O 174 -63.37 109.76 12.88
N GLY O 175 -62.87 111.00 12.90
CA GLY O 175 -63.43 112.02 13.75
C GLY O 175 -63.36 113.38 13.07
N LEU O 176 -64.11 114.32 13.65
CA LEU O 176 -64.13 115.68 13.13
C LEU O 176 -64.46 116.61 14.29
N ALA O 177 -63.46 117.30 14.81
CA ALA O 177 -63.65 118.26 15.90
C ALA O 177 -63.96 119.65 15.34
N GLY O 178 -65.02 119.69 14.51
CA GLY O 178 -65.45 120.92 13.89
C GLY O 178 -64.60 121.29 12.70
N GLY O 179 -63.35 121.68 12.95
CA GLY O 179 -62.42 122.00 11.90
C GLY O 179 -61.14 121.18 11.97
N VAL O 180 -60.98 120.44 13.06
CA VAL O 180 -59.77 119.66 13.31
C VAL O 180 -60.15 118.20 13.53
N VAL O 181 -59.21 117.30 13.20
CA VAL O 181 -59.44 115.88 13.39
C VAL O 181 -59.27 115.52 14.86
N ASP O 182 -60.07 114.57 15.31
CA ASP O 182 -59.99 114.10 16.69
C ASP O 182 -59.02 112.94 16.80
N LYS O 183 -58.12 113.00 17.79
CA LYS O 183 -57.09 112.00 18.00
C LYS O 183 -57.50 110.96 19.05
N THR O 184 -58.80 110.74 19.23
CA THR O 184 -59.29 109.79 20.22
C THR O 184 -60.29 108.82 19.60
N LYS O 185 -60.20 108.58 18.31
CA LYS O 185 -61.06 107.62 17.62
C LYS O 185 -60.29 107.02 16.45
N ASN O 186 -60.21 105.69 16.41
CA ASN O 186 -59.57 105.04 15.28
C ASN O 186 -60.35 105.29 14.00
N GLY O 187 -59.74 104.95 12.88
CA GLY O 187 -60.33 105.18 11.59
C GLY O 187 -61.25 104.06 11.16
N PRO O 188 -62.07 104.30 10.15
CA PRO O 188 -62.98 103.25 9.67
C PRO O 188 -62.25 102.19 8.87
N ALA O 189 -62.75 100.96 8.97
CA ALA O 189 -62.13 99.84 8.31
C ALA O 189 -62.18 100.01 6.79
N ASP O 190 -61.37 99.21 6.11
CA ASP O 190 -61.32 99.24 4.65
C ASP O 190 -62.30 98.23 4.09
N PRO O 191 -63.28 98.63 3.29
CA PRO O 191 -64.26 97.66 2.78
C PRO O 191 -63.65 96.56 1.91
N ASP O 192 -62.45 96.79 1.37
CA ASP O 192 -61.84 95.77 0.52
C ASP O 192 -61.15 94.69 1.35
N THR O 193 -60.27 95.09 2.27
CA THR O 193 -59.54 94.15 3.10
C THR O 193 -59.90 94.23 4.57
N GLY O 194 -60.63 95.25 5.00
CA GLY O 194 -60.94 95.40 6.41
C GLY O 194 -59.79 95.96 7.23
N ALA O 195 -58.84 96.63 6.60
CA ALA O 195 -57.70 97.19 7.30
C ALA O 195 -58.04 98.54 7.90
N VAL O 196 -57.19 98.97 8.83
CA VAL O 196 -57.33 100.25 9.52
C VAL O 196 -55.98 100.95 9.47
N THR O 197 -55.94 102.14 8.84
CA THR O 197 -54.71 102.89 8.70
C THR O 197 -54.60 104.04 9.69
N VAL O 198 -55.70 104.48 10.28
CA VAL O 198 -55.71 105.57 11.25
C VAL O 198 -56.16 104.98 12.58
N LYS O 199 -55.27 105.01 13.57
CA LYS O 199 -55.54 104.50 14.89
C LYS O 199 -55.05 105.50 15.94
N VAL O 200 -55.29 105.16 17.21
CA VAL O 200 -54.86 105.97 18.34
C VAL O 200 -53.83 105.16 19.12
N ALA O 201 -52.78 105.83 19.57
CA ALA O 201 -51.69 105.15 20.26
C ALA O 201 -52.22 104.43 21.49
N GLN O 202 -52.20 103.10 21.46
CA GLN O 202 -52.62 102.31 22.62
C GLN O 202 -51.60 102.43 23.75
N ASN O 203 -50.33 102.16 23.45
CA ASN O 203 -49.24 102.31 24.40
C ASN O 203 -49.49 101.48 25.66
N ALA O 204 -49.56 100.17 25.45
CA ALA O 204 -49.75 99.22 26.54
C ALA O 204 -48.46 98.85 27.24
N SER O 205 -47.35 99.51 26.92
CA SER O 205 -46.05 99.20 27.50
C SER O 205 -45.63 100.23 28.54
N ASN O 206 -45.64 101.51 28.17
CA ASN O 206 -45.15 102.57 29.04
C ASN O 206 -46.27 103.10 29.94
N PRO O 207 -45.92 103.76 31.04
CA PRO O 207 -46.95 104.32 31.93
C PRO O 207 -47.62 105.55 31.35
N THR O 208 -48.51 106.17 32.12
CA THR O 208 -49.30 107.29 31.61
C THR O 208 -48.47 108.55 31.48
N THR O 209 -47.75 108.93 32.55
CA THR O 209 -47.02 110.19 32.55
C THR O 209 -45.71 110.11 31.75
N ASN O 210 -45.48 109.02 31.02
CA ASN O 210 -44.30 108.83 30.20
C ASN O 210 -44.72 108.53 28.77
N ILE O 211 -45.50 109.45 28.19
CA ILE O 211 -46.18 109.25 26.92
C ILE O 211 -45.26 108.54 25.93
N GLY O 212 -45.77 107.45 25.35
CA GLY O 212 -45.03 106.68 24.38
C GLY O 212 -45.98 106.05 23.38
N PHE O 213 -45.42 105.65 22.24
CA PHE O 213 -46.23 105.12 21.16
C PHE O 213 -45.56 104.04 20.33
N ASP O 214 -44.48 103.41 20.80
CA ASP O 214 -43.75 102.45 19.97
C ASP O 214 -43.89 101.03 20.50
N GLU O 215 -43.57 100.05 19.66
CA GLU O 215 -43.46 98.66 20.06
C GLU O 215 -44.83 98.02 20.31
N ALA O 216 -45.90 98.81 20.22
CA ALA O 216 -47.24 98.28 20.38
C ALA O 216 -48.24 98.85 19.40
N ASP O 217 -47.84 99.74 18.51
CA ASP O 217 -48.72 100.27 17.48
C ASP O 217 -48.08 100.40 16.11
N ILE O 218 -46.76 100.30 16.00
CA ILE O 218 -46.09 100.46 14.71
C ILE O 218 -46.19 99.19 13.89
N PHE O 219 -45.96 98.03 14.50
CA PHE O 219 -46.07 96.77 13.78
C PHE O 219 -47.47 96.55 13.25
N ASP O 220 -48.50 96.81 14.08
CA ASP O 220 -49.87 96.65 13.62
C ASP O 220 -50.19 97.63 12.50
N MET O 221 -49.68 98.85 12.59
CA MET O 221 -49.94 99.84 11.55
C MET O 221 -49.31 99.40 10.23
N THR O 222 -48.07 98.92 10.26
CA THR O 222 -47.43 98.43 9.05
C THR O 222 -48.14 97.20 8.51
N LEU O 223 -48.66 96.35 9.42
CA LEU O 223 -49.44 95.21 8.99
C LEU O 223 -50.70 95.63 8.25
N GLN O 224 -51.42 96.61 8.78
CA GLN O 224 -52.62 97.09 8.10
C GLN O 224 -52.28 97.72 6.76
N LEU O 225 -51.18 98.47 6.71
CA LEU O 225 -50.74 99.05 5.45
C LEU O 225 -50.45 97.95 4.42
N TYR O 226 -49.73 96.91 4.82
CA TYR O 226 -49.43 95.81 3.91
C TYR O 226 -50.70 95.12 3.45
N THR O 227 -51.67 94.94 4.37
CA THR O 227 -52.95 94.37 3.97
C THR O 227 -53.66 95.26 2.97
N ALA O 228 -53.46 96.58 3.07
CA ALA O 228 -54.08 97.52 2.15
C ALA O 228 -53.27 97.71 0.87
N GLY O 229 -52.01 97.29 0.84
CA GLY O 229 -51.20 97.44 -0.34
C GLY O 229 -50.86 98.89 -0.64
N SER O 230 -50.15 99.54 0.28
CA SER O 230 -49.76 100.93 0.12
C SER O 230 -48.31 101.09 -0.32
N GLU O 231 -47.41 100.23 0.16
CA GLU O 231 -45.99 100.24 -0.18
C GLU O 231 -45.27 101.44 0.39
N ALA O 232 -45.77 102.03 1.48
CA ALA O 232 -45.10 103.16 2.09
C ALA O 232 -43.68 102.79 2.49
N ASP O 233 -42.78 103.79 2.45
CA ASP O 233 -41.39 103.56 2.79
C ASP O 233 -40.79 104.67 3.66
N ILE O 234 -41.62 105.60 4.14
CA ILE O 234 -41.13 106.73 4.92
C ILE O 234 -42.02 106.90 6.15
N ILE O 235 -41.39 107.26 7.26
CA ILE O 235 -42.09 107.59 8.51
C ILE O 235 -41.62 108.96 8.95
N MET O 236 -42.57 109.80 9.37
CA MET O 236 -42.29 111.15 9.80
C MET O 236 -42.44 111.23 11.31
N ILE O 237 -41.61 112.06 11.95
CA ILE O 237 -41.61 112.15 13.41
C ILE O 237 -41.23 113.57 13.78
N ASN O 238 -42.03 114.18 14.64
CA ASN O 238 -41.75 115.52 15.15
C ASN O 238 -40.56 115.46 16.10
N PRO O 239 -39.91 116.58 16.38
CA PRO O 239 -38.86 116.57 17.40
C PRO O 239 -39.42 116.22 18.77
N ALA O 240 -38.55 115.84 19.70
CA ALA O 240 -38.90 115.39 21.05
C ALA O 240 -39.57 114.03 21.04
N HIS O 241 -39.74 113.41 19.86
CA HIS O 241 -40.29 112.07 19.76
C HIS O 241 -39.36 111.11 19.02
N ALA O 242 -38.34 111.61 18.32
CA ALA O 242 -37.37 110.74 17.68
C ALA O 242 -36.58 109.91 18.69
N LYS O 243 -36.45 110.41 19.93
CA LYS O 243 -35.81 109.62 20.96
C LYS O 243 -36.54 108.30 21.18
N ILE O 244 -37.84 108.27 20.88
CA ILE O 244 -38.59 107.02 20.98
C ILE O 244 -38.01 105.99 20.01
N PHE O 245 -37.97 106.34 18.72
CA PHE O 245 -37.40 105.42 17.74
C PHE O 245 -35.95 105.09 18.07
N ALA O 246 -35.21 106.06 18.61
CA ALA O 246 -33.82 105.83 18.96
C ALA O 246 -33.69 104.74 20.01
N GLY O 247 -34.31 104.94 21.17
CA GLY O 247 -34.30 103.98 22.25
C GLY O 247 -35.11 102.73 21.99
N LEU O 248 -35.80 102.67 20.84
CA LEU O 248 -36.60 101.50 20.50
C LEU O 248 -35.88 100.20 20.80
N GLN O 249 -34.57 100.15 20.57
CA GLN O 249 -33.78 98.94 20.79
C GLN O 249 -33.16 98.87 22.19
N GLU O 250 -33.55 99.78 23.10
CA GLU O 250 -33.10 99.67 24.48
C GLU O 250 -34.20 99.86 25.51
N ASN O 251 -35.33 100.49 25.17
CA ASN O 251 -36.42 100.70 26.12
C ASN O 251 -37.27 99.44 26.17
N THR O 252 -36.77 98.47 26.93
CA THR O 252 -37.46 97.19 27.09
C THR O 252 -37.20 96.69 28.52
N GLN O 253 -37.55 95.43 28.76
CA GLN O 253 -37.35 94.80 30.05
C GLN O 253 -36.00 94.11 30.17
N GLY O 254 -35.22 94.07 29.09
CA GLY O 254 -33.94 93.39 29.09
C GLY O 254 -33.71 92.62 27.82
N SER O 255 -34.76 92.47 27.00
CA SER O 255 -34.63 91.72 25.75
C SER O 255 -33.71 92.43 24.77
N ARG O 256 -34.01 93.69 24.46
CA ARG O 256 -33.19 94.49 23.57
C ARG O 256 -32.21 95.30 24.41
N LYS O 257 -30.93 95.25 24.07
CA LYS O 257 -29.90 95.88 24.87
C LYS O 257 -28.81 96.43 23.96
N ARG O 258 -28.04 97.38 24.47
CA ARG O 258 -26.95 97.98 23.73
C ARG O 258 -25.64 97.25 24.02
N ILE O 259 -24.61 97.61 23.26
CA ILE O 259 -23.29 97.00 23.38
C ILE O 259 -22.22 98.07 23.21
N PHE O 260 -21.16 97.98 24.02
CA PHE O 260 -20.04 98.91 23.94
C PHE O 260 -18.78 98.11 24.33
N GLU O 261 -18.03 97.67 23.33
CA GLU O 261 -16.81 96.91 23.54
C GLU O 261 -15.64 97.88 23.55
N ASN O 262 -15.38 98.47 24.71
CA ASN O 262 -14.32 99.46 24.88
C ASN O 262 -14.32 100.47 23.74
N THR O 263 -15.46 101.15 23.61
CA THR O 263 -15.68 102.11 22.52
C THR O 263 -15.87 103.48 23.12
N LYS O 264 -15.28 104.49 22.47
CA LYS O 264 -15.39 105.88 22.90
C LYS O 264 -16.50 106.64 22.17
N GLN O 265 -17.52 105.94 21.69
CA GLN O 265 -18.60 106.54 20.93
C GLN O 265 -19.93 106.09 21.48
N PHE O 266 -20.90 107.01 21.49
CA PHE O 266 -22.25 106.74 21.98
C PHE O 266 -23.23 107.29 20.96
N ILE O 267 -24.02 106.40 20.35
CA ILE O 267 -25.01 106.76 19.35
C ILE O 267 -26.39 106.44 19.91
N TYR O 268 -27.31 107.41 19.79
CA TYR O 268 -28.69 107.26 20.24
C TYR O 268 -29.63 107.70 19.12
N GLU O 269 -29.39 107.16 17.93
CA GLU O 269 -30.15 107.52 16.74
C GLU O 269 -30.59 106.27 16.00
N VAL O 270 -31.77 106.35 15.38
CA VAL O 270 -32.30 105.29 14.53
C VAL O 270 -32.99 105.95 13.35
N ASN O 271 -32.61 105.54 12.13
CA ASN O 271 -33.17 106.11 10.91
C ASN O 271 -33.48 105.01 9.88
N SER O 272 -33.69 103.78 10.32
CA SER O 272 -33.96 102.68 9.43
C SER O 272 -34.64 101.56 10.20
N ILE O 273 -35.68 100.98 9.62
CA ILE O 273 -36.49 99.96 10.27
C ILE O 273 -36.77 98.85 9.26
N THR O 274 -36.71 97.60 9.72
CA THR O 274 -37.05 96.44 8.93
C THR O 274 -38.18 95.70 9.62
N ASP O 275 -39.39 95.77 9.05
CA ASP O 275 -40.53 95.10 9.63
C ASP O 275 -40.62 93.66 9.14
N PRO O 276 -41.41 92.82 9.82
CA PRO O 276 -41.44 91.40 9.46
C PRO O 276 -41.91 91.13 8.04
N LEU O 277 -42.72 92.01 7.48
CA LEU O 277 -43.28 91.80 6.15
C LEU O 277 -42.37 92.27 5.04
N GLY O 278 -41.17 92.73 5.35
CA GLY O 278 -40.24 93.23 4.36
C GLY O 278 -40.30 94.72 4.12
N GLN O 279 -41.19 95.44 4.81
CA GLN O 279 -41.32 96.87 4.64
C GLN O 279 -40.07 97.56 5.19
N SER O 280 -39.24 98.10 4.29
CA SER O 280 -38.02 98.78 4.69
C SER O 280 -38.32 100.27 4.80
N TYR O 281 -38.59 100.73 6.01
CA TYR O 281 -38.95 102.11 6.23
C TYR O 281 -37.71 102.96 6.51
N LYS O 282 -37.85 104.27 6.29
CA LYS O 282 -36.77 105.22 6.54
C LYS O 282 -37.36 106.45 7.22
N ILE O 283 -36.81 106.81 8.36
CA ILE O 283 -37.31 107.93 9.15
C ILE O 283 -36.65 109.22 8.69
N ILE O 284 -37.41 110.30 8.75
CA ILE O 284 -36.92 111.64 8.43
C ILE O 284 -37.62 112.64 9.34
N VAL O 285 -36.89 113.65 9.78
CA VAL O 285 -37.34 114.59 10.79
C VAL O 285 -37.98 115.79 10.10
N ASN O 286 -39.07 116.30 10.68
CA ASN O 286 -39.75 117.48 10.19
C ASN O 286 -39.97 118.44 11.35
N ARG O 287 -39.58 119.70 11.16
CA ARG O 287 -39.67 120.71 12.21
C ARG O 287 -41.05 121.35 12.30
N TRP O 288 -41.98 121.01 11.41
CA TRP O 288 -43.28 121.68 11.31
C TRP O 288 -44.40 120.68 11.44
N MET O 289 -44.32 119.83 12.44
CA MET O 289 -45.33 118.82 12.75
C MET O 289 -46.25 119.29 13.87
N PRO O 290 -47.40 118.64 14.04
CA PRO O 290 -48.31 119.02 15.13
C PRO O 290 -47.89 118.47 16.49
N THR O 291 -46.71 117.88 16.60
CA THR O 291 -46.19 117.31 17.86
C THR O 291 -47.20 116.40 18.55
N ASP O 292 -48.17 115.86 17.79
CA ASP O 292 -49.14 114.93 18.37
C ASP O 292 -49.49 113.80 17.41
N ALA O 293 -48.64 113.51 16.43
CA ALA O 293 -49.00 112.51 15.44
C ALA O 293 -47.75 112.02 14.71
N VAL O 294 -47.90 110.89 14.04
CA VAL O 294 -46.85 110.28 13.23
C VAL O 294 -47.48 109.73 11.96
N TYR O 295 -46.83 109.95 10.82
CA TYR O 295 -47.39 109.61 9.53
C TYR O 295 -46.50 108.60 8.81
N PHE O 296 -47.12 107.85 7.90
CA PHE O 296 -46.43 106.90 7.04
C PHE O 296 -46.61 107.33 5.59
N PHE O 297 -45.50 107.65 4.92
CA PHE O 297 -45.52 108.16 3.57
C PHE O 297 -44.95 107.14 2.59
N ARG O 298 -45.39 107.26 1.34
CA ARG O 298 -44.81 106.54 0.22
C ARG O 298 -43.87 107.40 -0.61
N SER O 299 -43.97 108.71 -0.49
CA SER O 299 -43.15 109.74 -1.12
C SER O 299 -43.49 109.93 -2.60
N ALA O 300 -44.30 109.06 -3.21
CA ALA O 300 -44.83 109.29 -4.55
C ALA O 300 -46.29 108.87 -4.55
N ASP O 301 -47.17 109.79 -4.16
CA ASP O 301 -48.61 109.55 -4.26
C ASP O 301 -49.42 110.75 -4.71
N TRP O 302 -48.87 111.97 -4.67
CA TRP O 302 -49.60 113.16 -5.06
C TRP O 302 -48.62 114.26 -5.44
N THR O 303 -49.17 115.43 -5.74
CA THR O 303 -48.38 116.61 -6.04
C THR O 303 -49.13 117.82 -5.51
N GLN O 304 -48.39 118.90 -5.23
CA GLN O 304 -48.95 120.08 -4.59
C GLN O 304 -49.81 120.83 -5.60
N MET O 305 -51.09 120.45 -5.66
CA MET O 305 -52.02 121.09 -6.57
C MET O 305 -52.07 122.60 -6.28
N VAL O 306 -51.75 123.39 -7.29
CA VAL O 306 -51.70 124.85 -7.18
C VAL O 306 -52.56 125.45 -8.27
N LEU O 307 -53.30 126.50 -7.93
CA LEU O 307 -54.18 127.20 -8.86
C LEU O 307 -53.66 128.59 -9.20
N ARG O 308 -53.26 129.37 -8.21
CA ARG O 308 -52.63 130.67 -8.39
C ARG O 308 -51.23 130.57 -7.78
N ALA O 309 -50.27 130.09 -8.57
CA ALA O 309 -48.91 129.98 -8.10
C ALA O 309 -48.26 131.36 -8.06
N PRO O 310 -47.14 131.51 -7.33
CA PRO O 310 -46.46 132.81 -7.29
C PRO O 310 -45.99 133.24 -8.67
N LYS O 311 -46.66 134.24 -9.24
CA LYS O 311 -46.37 134.68 -10.60
C LYS O 311 -46.58 136.19 -10.70
N ARG O 312 -46.57 136.71 -11.92
CA ARG O 312 -46.82 138.13 -12.13
C ARG O 312 -48.30 138.42 -11.89
N THR O 313 -48.58 139.31 -10.94
CA THR O 313 -49.95 139.64 -10.55
C THR O 313 -50.06 141.13 -10.31
N GLU O 314 -51.28 141.57 -10.00
CA GLU O 314 -51.59 142.98 -9.76
C GLU O 314 -51.18 143.32 -8.33
N LEU O 315 -50.36 144.36 -8.19
CA LEU O 315 -49.95 144.85 -6.88
C LEU O 315 -50.93 145.92 -6.40
N ALA O 316 -50.75 146.40 -5.18
CA ALA O 316 -51.60 147.43 -4.64
C ALA O 316 -51.28 148.77 -5.31
N LYS O 317 -52.11 149.78 -5.01
CA LYS O 317 -51.93 151.09 -5.63
C LYS O 317 -50.57 151.67 -5.27
N ASP O 318 -50.03 152.47 -6.19
CA ASP O 318 -48.77 153.17 -5.96
C ASP O 318 -48.88 154.12 -4.77
N GLY O 319 -49.77 155.08 -4.85
CA GLY O 319 -49.88 156.10 -3.81
C GLY O 319 -48.53 156.70 -3.49
N SER O 320 -48.30 156.94 -2.21
CA SER O 320 -47.01 157.40 -1.71
C SER O 320 -46.28 156.34 -0.91
N TYR O 321 -46.88 155.16 -0.75
CA TYR O 321 -46.30 154.06 0.03
C TYR O 321 -45.65 153.01 -0.86
N GLU O 322 -46.25 152.73 -2.01
CA GLU O 322 -45.72 151.75 -2.97
C GLU O 322 -45.65 150.36 -2.35
N LYS O 323 -46.81 149.87 -1.94
CA LYS O 323 -46.90 148.54 -1.33
C LYS O 323 -46.73 147.46 -2.39
N TRP O 324 -46.51 146.23 -1.92
CA TRP O 324 -46.26 145.10 -2.78
C TRP O 324 -46.99 143.88 -2.25
N MET O 325 -47.39 142.99 -3.15
CA MET O 325 -48.09 141.77 -2.76
C MET O 325 -48.21 140.85 -3.97
N ILE O 326 -48.01 139.56 -3.74
CA ILE O 326 -48.20 138.53 -4.77
C ILE O 326 -48.91 137.35 -4.10
N GLU O 327 -50.11 137.03 -4.57
CA GLU O 327 -50.93 136.01 -3.94
C GLU O 327 -50.41 134.60 -4.28
N MET O 328 -50.83 133.64 -3.47
CA MET O 328 -50.53 132.23 -3.70
C MET O 328 -51.68 131.39 -3.18
N GLU O 329 -52.28 130.59 -4.05
CA GLU O 329 -53.36 129.68 -3.68
C GLU O 329 -52.88 128.25 -3.86
N VAL O 330 -52.94 127.47 -2.77
CA VAL O 330 -52.44 126.10 -2.78
C VAL O 330 -53.45 125.21 -2.05
N GLY O 331 -53.51 123.96 -2.48
CA GLY O 331 -54.30 122.93 -1.84
C GLY O 331 -53.46 121.69 -1.58
N LEU O 332 -54.12 120.54 -1.60
CA LEU O 332 -53.42 119.28 -1.45
C LEU O 332 -54.36 118.14 -1.84
N ARG O 333 -53.77 117.10 -2.43
CA ARG O 333 -54.51 115.93 -2.88
C ARG O 333 -53.84 114.68 -2.32
N HIS O 334 -54.64 113.64 -2.13
CA HIS O 334 -54.14 112.35 -1.65
C HIS O 334 -54.71 111.26 -2.55
N ARG O 335 -53.83 110.36 -3.01
CA ARG O 335 -54.23 109.38 -4.01
C ARG O 335 -55.37 108.51 -3.49
N ASN O 336 -55.11 107.76 -2.41
CA ASN O 336 -56.10 106.86 -1.83
C ASN O 336 -56.05 107.03 -0.32
N PRO O 337 -57.20 107.26 0.35
CA PRO O 337 -57.16 107.51 1.79
C PRO O 337 -56.53 106.37 2.59
N TYR O 338 -56.55 105.15 2.08
CA TYR O 338 -56.04 103.98 2.79
C TYR O 338 -54.62 103.63 2.36
N ALA O 339 -53.82 104.63 1.99
CA ALA O 339 -52.44 104.43 1.56
C ALA O 339 -51.45 104.92 2.60
N SER O 340 -51.56 106.16 3.03
CA SER O 340 -50.65 106.73 4.02
C SER O 340 -51.30 106.61 5.39
N GLY O 341 -50.65 105.86 6.28
CA GLY O 341 -51.18 105.66 7.61
C GLY O 341 -50.86 106.82 8.55
N VAL O 342 -51.77 107.02 9.50
CA VAL O 342 -51.64 108.08 10.49
C VAL O 342 -51.60 107.44 11.87
N LEU O 343 -50.80 108.02 12.75
CA LEU O 343 -50.62 107.46 14.09
C LEU O 343 -50.61 108.62 15.08
N PHE O 344 -51.69 108.75 15.85
CA PHE O 344 -51.79 109.79 16.86
C PHE O 344 -51.08 109.33 18.13
N THR O 345 -51.16 110.13 19.18
CA THR O 345 -50.52 109.83 20.46
C THR O 345 -51.55 109.91 21.59
N ALA O 346 -51.20 109.31 22.72
CA ALA O 346 -52.05 109.29 23.89
C ALA O 346 -51.23 108.75 25.06
N ALA O 347 -51.84 108.71 26.24
CA ALA O 347 -51.17 108.24 27.44
C ALA O 347 -51.18 106.73 27.50
N GLY O 348 -50.14 106.17 28.13
CA GLY O 348 -49.96 104.73 28.19
C GLY O 348 -50.88 104.08 29.21
N LYS O 349 -50.60 102.80 29.47
CA LYS O 349 -51.37 102.03 30.42
C LYS O 349 -52.83 101.96 29.99
N ASN P 3 140.85 39.50 74.15
CA ASN P 3 140.40 39.82 72.77
C ASN P 3 139.85 38.58 72.06
N PRO P 4 138.72 38.71 71.38
CA PRO P 4 138.14 37.56 70.66
C PRO P 4 138.97 37.22 69.42
N THR P 5 138.50 36.22 68.67
CA THR P 5 139.16 35.79 67.45
C THR P 5 138.16 35.72 66.29
N LEU P 6 137.02 36.40 66.41
CA LEU P 6 136.04 36.46 65.34
C LEU P 6 135.63 37.88 65.00
N PHE P 7 135.81 38.84 65.91
CA PHE P 7 135.43 40.23 65.68
C PHE P 7 133.97 40.32 65.25
N VAL P 8 133.09 39.90 66.16
CA VAL P 8 131.64 39.87 65.91
C VAL P 8 131.03 41.03 66.69
N SER P 9 131.02 42.22 66.07
CA SER P 9 130.31 43.40 66.54
C SER P 9 130.52 43.68 68.03
N TYR P 10 131.68 43.33 68.59
CA TYR P 10 131.96 43.64 69.99
C TYR P 10 133.29 44.34 70.24
N ASP P 11 134.32 44.13 69.40
CA ASP P 11 135.61 44.77 69.66
C ASP P 11 135.58 46.27 69.41
N GLN P 12 134.43 46.83 69.05
CA GLN P 12 134.29 48.25 68.76
C GLN P 12 134.28 49.02 70.08
N ASN P 13 135.26 49.90 70.26
CA ASN P 13 135.27 50.83 71.38
C ASN P 13 134.71 52.17 70.92
N GLY P 14 134.06 52.88 71.84
CA GLY P 14 133.41 54.13 71.50
C GLY P 14 132.12 53.91 70.76
N LYS P 15 131.26 53.06 71.31
CA LYS P 15 129.98 52.74 70.67
C LYS P 15 129.00 53.89 70.88
N LYS P 16 127.76 53.69 70.40
CA LYS P 16 126.78 54.76 70.30
C LYS P 16 125.60 54.61 71.25
N LEU P 17 125.49 53.49 71.96
CA LEU P 17 124.51 53.20 72.99
C LEU P 17 123.11 52.92 72.41
N SER P 18 122.89 53.10 71.12
CA SER P 18 121.61 52.81 70.46
C SER P 18 120.43 53.23 71.33
N PHE P 19 120.39 54.53 71.62
CA PHE P 19 119.30 55.07 72.42
C PHE P 19 117.96 54.90 71.70
N ALA P 20 116.89 55.15 72.44
CA ALA P 20 115.55 55.10 71.88
C ALA P 20 115.28 56.36 71.07
N ASN P 21 114.05 56.49 70.57
CA ASN P 21 113.67 57.66 69.77
C ASN P 21 112.29 58.15 70.20
N TRP P 22 112.03 58.18 71.50
CA TRP P 22 110.81 58.75 72.04
C TRP P 22 110.89 58.78 73.56
N ILE P 23 110.02 59.58 74.16
CA ILE P 23 109.94 59.71 75.61
C ILE P 23 108.47 59.61 76.00
N SER P 24 108.19 58.77 77.00
CA SER P 24 106.82 58.46 77.41
C SER P 24 106.57 59.07 78.79
N VAL P 25 105.66 60.04 78.85
CA VAL P 25 105.31 60.70 80.10
C VAL P 25 104.05 60.01 80.62
N LEU P 26 104.23 59.11 81.59
CA LEU P 26 103.12 58.36 82.16
C LEU P 26 102.18 59.22 83.00
N SER P 27 102.52 60.50 83.23
CA SER P 27 101.66 61.34 84.03
C SER P 27 100.26 61.39 83.42
N PRO P 28 99.21 61.48 84.24
CA PRO P 28 97.84 61.47 83.69
C PRO P 28 97.45 62.78 83.02
N GLN P 29 97.17 62.72 81.72
CA GLN P 29 96.70 63.88 80.96
C GLN P 29 95.22 63.81 80.61
N ASP P 30 94.56 62.70 80.93
CA ASP P 30 93.17 62.51 80.52
C ASP P 30 92.30 63.63 81.08
N THR P 31 91.50 64.23 80.20
CA THR P 31 90.58 65.31 80.57
C THR P 31 89.29 65.15 79.78
N PRO P 32 88.45 64.19 80.15
CA PRO P 32 87.19 64.02 79.41
C PRO P 32 86.29 65.23 79.47
N PHE P 33 86.28 65.96 80.58
CA PHE P 33 85.42 67.13 80.70
C PHE P 33 85.80 68.18 79.66
N VAL P 34 87.08 68.51 79.56
CA VAL P 34 87.53 69.51 78.60
C VAL P 34 87.36 69.00 77.18
N SER P 35 87.65 67.72 76.95
CA SER P 35 87.49 67.15 75.62
C SER P 35 86.05 67.15 75.15
N MET P 36 85.08 67.03 76.07
CA MET P 36 83.67 67.08 75.71
C MET P 36 83.13 68.49 75.72
N THR P 37 83.66 69.35 76.61
CA THR P 37 83.17 70.71 76.69
C THR P 37 83.49 71.46 75.40
N GLY P 38 82.47 72.13 74.86
CA GLY P 38 82.63 72.85 73.62
C GLY P 38 83.51 74.06 73.77
N LYS P 39 83.70 74.76 72.65
CA LYS P 39 84.55 75.93 72.60
C LYS P 39 84.02 76.90 71.57
N GLU P 40 84.04 78.18 71.92
CA GLU P 40 83.56 79.24 71.03
C GLU P 40 84.42 80.47 71.25
N SER P 41 84.81 81.12 70.16
CA SER P 41 85.67 82.29 70.23
C SER P 41 84.93 83.44 70.87
N ILE P 42 85.51 84.01 71.93
CA ILE P 42 84.95 85.16 72.62
C ILE P 42 85.85 86.36 72.36
N ASN P 43 85.23 87.54 72.24
CA ASN P 43 85.95 88.78 71.96
C ASN P 43 86.27 89.53 73.25
N GLN P 44 85.24 89.89 74.01
CA GLN P 44 85.42 90.64 75.24
C GLN P 44 85.80 89.70 76.39
N THR P 45 86.32 90.30 77.45
CA THR P 45 86.78 89.54 78.62
C THR P 45 85.64 89.08 79.52
N ILE P 46 84.42 89.59 79.30
CA ILE P 46 83.26 89.20 80.08
C ILE P 46 82.11 88.90 79.13
N PHE P 47 81.35 87.87 79.44
CA PHE P 47 80.29 87.40 78.57
C PHE P 47 79.00 87.27 79.37
N SER P 48 77.93 86.88 78.68
CA SER P 48 76.63 86.71 79.29
C SER P 48 75.77 85.84 78.38
N TRP P 49 74.76 85.22 78.98
CA TRP P 49 73.81 84.39 78.25
C TRP P 49 72.48 84.43 78.97
N GLN P 50 71.41 84.55 78.18
CA GLN P 50 70.06 84.73 78.72
C GLN P 50 69.29 83.42 78.69
N THR P 51 68.44 83.25 79.70
CA THR P 51 67.63 82.05 79.85
C THR P 51 66.26 82.44 80.36
N ASP P 52 65.24 81.67 79.96
CA ASP P 52 63.86 81.94 80.35
C ASP P 52 63.13 80.62 80.53
N ALA P 53 61.98 80.69 81.19
CA ALA P 53 61.16 79.51 81.45
C ALA P 53 59.69 79.89 81.31
N LEU P 54 58.82 78.93 81.57
CA LEU P 54 57.38 79.13 81.51
C LEU P 54 56.80 79.20 82.93
N ALA P 55 55.68 79.90 83.05
CA ALA P 55 55.12 80.25 84.36
C ALA P 55 54.00 79.28 84.74
N SER P 56 54.39 78.01 84.93
CA SER P 56 53.53 76.99 85.50
C SER P 56 52.14 77.01 84.86
N VAL P 57 52.10 76.57 83.60
CA VAL P 57 50.87 76.54 82.83
C VAL P 57 49.80 75.76 83.57
N ASP P 58 48.54 76.08 83.30
CA ASP P 58 47.40 75.45 83.97
C ASP P 58 46.66 74.55 82.99
N GLY P 59 45.93 73.59 83.54
CA GLY P 59 45.21 72.62 82.74
C GLY P 59 43.72 72.87 82.69
N ASN P 60 43.33 74.15 82.60
CA ASN P 60 41.93 74.53 82.51
C ASN P 60 41.71 75.55 81.39
N ASN P 61 42.60 75.60 80.41
CA ASN P 61 42.54 76.58 79.33
C ASN P 61 41.49 76.12 78.32
N ALA P 62 40.29 76.71 78.40
CA ALA P 62 39.19 76.41 77.49
C ALA P 62 38.42 77.71 77.27
N HIS P 63 38.71 78.39 76.18
CA HIS P 63 38.07 79.66 75.86
C HIS P 63 36.90 79.45 74.92
N VAL P 64 35.84 80.23 75.15
CA VAL P 64 34.69 80.26 74.25
C VAL P 64 35.08 81.09 73.03
N GLU P 65 34.32 80.96 71.95
CA GLU P 65 34.65 81.62 70.69
C GLU P 65 34.19 83.07 70.76
N GLY P 66 35.13 83.96 71.13
CA GLY P 66 34.87 85.38 71.18
C GLY P 66 34.80 85.92 72.60
N SER P 67 35.87 86.56 73.04
CA SER P 67 35.93 87.13 74.38
C SER P 67 37.10 88.11 74.43
N ARG P 68 37.37 88.66 75.61
CA ARG P 68 38.44 89.62 75.80
C ARG P 68 39.76 88.87 76.02
N ALA P 69 40.87 89.60 76.01
CA ALA P 69 42.19 89.01 76.18
C ALA P 69 42.77 89.18 77.58
N GLU P 70 42.20 90.07 78.39
CA GLU P 70 42.69 90.34 79.74
C GLU P 70 44.16 90.73 79.76
N ASP P 71 44.64 91.34 78.67
CA ASP P 71 46.03 91.79 78.58
C ASP P 71 47.00 90.62 78.45
N GLY P 72 46.47 89.41 78.31
CA GLY P 72 47.32 88.23 78.15
C GLY P 72 48.30 88.08 79.29
N GLU P 73 49.44 87.44 79.02
CA GLU P 73 50.47 87.24 80.03
C GLU P 73 51.83 87.40 79.37
N MET P 74 52.82 87.76 80.20
CA MET P 74 54.16 88.07 79.72
C MET P 74 55.18 87.35 80.59
N LYS P 75 56.37 87.14 80.04
CA LYS P 75 57.46 86.51 80.76
C LYS P 75 58.78 87.18 80.39
N PRO P 76 59.32 88.04 81.25
CA PRO P 76 60.62 88.65 80.98
C PRO P 76 61.74 87.62 81.09
N THR P 77 62.95 88.04 80.72
CA THR P 77 64.13 87.20 80.79
C THR P 77 65.03 87.64 81.93
N VAL P 78 66.04 86.82 82.22
CA VAL P 78 67.02 87.11 83.25
C VAL P 78 68.41 86.83 82.69
N ILE P 79 69.36 87.70 83.02
CA ILE P 79 70.72 87.62 82.52
C ILE P 79 71.60 86.99 83.58
N LYS P 80 72.51 86.11 83.16
CA LYS P 80 73.48 85.50 84.05
C LYS P 80 74.82 85.46 83.35
N SER P 81 75.83 86.09 83.96
CA SER P 81 77.14 86.24 83.35
C SER P 81 78.21 85.63 84.25
N ASN P 82 79.40 85.46 83.68
CA ASN P 82 80.55 84.95 84.40
C ASN P 82 81.81 85.64 83.92
N VAL P 83 82.77 85.78 84.82
CA VAL P 83 84.06 86.39 84.53
C VAL P 83 85.05 85.29 84.19
N THR P 84 86.00 85.63 83.33
CA THR P 84 87.01 84.67 82.90
C THR P 84 88.20 84.66 83.87
N GLN P 85 89.22 83.89 83.53
CA GLN P 85 90.40 83.73 84.38
C GLN P 85 91.65 83.78 83.52
N ILE P 86 92.74 84.28 84.11
CA ILE P 86 94.03 84.38 83.44
C ILE P 86 94.89 83.22 83.92
N LEU P 87 95.38 82.42 82.97
CA LEU P 87 96.17 81.24 83.29
C LEU P 87 97.33 81.16 82.29
N ARG P 88 98.55 81.15 82.81
CA ARG P 88 99.75 81.12 81.98
C ARG P 88 100.87 80.37 82.69
N LYS P 89 101.88 79.99 81.93
CA LYS P 89 103.06 79.33 82.44
C LYS P 89 104.30 79.89 81.75
N VAL P 90 105.44 79.80 82.45
CA VAL P 90 106.70 80.33 81.95
C VAL P 90 107.76 79.24 82.03
N VAL P 91 108.80 79.40 81.20
CA VAL P 91 109.89 78.43 81.13
C VAL P 91 111.07 79.09 80.44
N ARG P 92 112.27 78.63 80.74
CA ARG P 92 113.49 79.14 80.11
C ARG P 92 114.40 77.96 79.78
N VAL P 93 115.35 78.21 78.89
CA VAL P 93 116.29 77.18 78.45
C VAL P 93 117.66 77.82 78.26
N SER P 94 118.70 77.10 78.64
CA SER P 94 120.06 77.55 78.41
C SER P 94 120.44 77.28 76.96
N ASP P 95 120.85 78.35 76.27
CA ASP P 95 121.09 78.27 74.83
C ASP P 95 122.33 77.45 74.48
N THR P 96 123.12 77.04 75.47
CA THR P 96 124.33 76.26 75.21
C THR P 96 124.03 74.82 74.81
N ALA P 97 122.77 74.43 74.71
CA ALA P 97 122.38 73.05 74.42
C ALA P 97 122.13 72.80 72.94
N ASN P 98 122.80 73.54 72.05
CA ASN P 98 122.57 73.43 70.62
C ASN P 98 123.81 73.10 69.81
N THR P 99 125.01 73.38 70.33
CA THR P 99 126.23 73.03 69.60
C THR P 99 126.36 71.51 69.46
N THR P 100 126.22 70.80 70.56
CA THR P 100 126.23 69.34 70.54
C THR P 100 124.87 68.84 70.03
N ALA P 101 124.67 67.53 70.06
CA ALA P 101 123.46 66.90 69.55
C ALA P 101 122.65 66.31 70.69
N ASN P 102 121.34 66.50 70.64
CA ASN P 102 120.44 65.91 71.63
C ASN P 102 120.34 64.40 71.41
N TYR P 103 119.59 63.74 72.30
CA TYR P 103 119.47 62.29 72.27
C TYR P 103 118.08 61.84 71.85
N GLY P 104 117.04 62.27 72.57
CA GLY P 104 115.69 61.91 72.21
C GLY P 104 114.71 63.06 72.25
N ARG P 105 115.13 64.20 72.80
CA ARG P 105 114.22 65.33 72.96
C ARG P 105 114.01 66.10 71.66
N GLY P 106 114.93 65.98 70.71
CA GLY P 106 114.83 66.77 69.49
C GLY P 106 115.19 68.22 69.71
N ARG P 107 114.42 68.91 70.54
CA ARG P 107 114.75 70.27 70.96
C ARG P 107 114.13 70.51 72.33
N GLU P 108 114.88 71.19 73.20
CA GLU P 108 114.40 71.39 74.56
C GLU P 108 113.29 72.43 74.61
N LEU P 109 113.40 73.48 73.79
CA LEU P 109 112.42 74.56 73.85
C LEU P 109 111.02 74.05 73.52
N MET P 110 110.83 73.48 72.33
CA MET P 110 109.50 73.04 71.92
C MET P 110 109.02 71.88 72.80
N TYR P 111 109.92 71.02 73.24
CA TYR P 111 109.52 69.89 74.08
C TYR P 111 108.97 70.40 75.41
N GLN P 112 109.70 71.30 76.06
CA GLN P 112 109.19 71.90 77.30
C GLN P 112 107.93 72.71 77.06
N LEU P 113 107.80 73.31 75.87
CA LEU P 113 106.57 74.04 75.56
C LEU P 113 105.38 73.10 75.52
N GLU P 114 105.51 71.97 74.83
CA GLU P 114 104.44 70.98 74.79
C GLU P 114 104.14 70.42 76.19
N LYS P 115 105.19 70.19 76.98
CA LYS P 115 105.01 69.68 78.33
C LYS P 115 104.21 70.66 79.17
N LYS P 116 104.58 71.95 79.13
CA LYS P 116 103.85 72.95 79.89
C LYS P 116 102.45 73.16 79.33
N GLY P 117 102.25 72.91 78.03
CA GLY P 117 100.90 72.98 77.48
C GLY P 117 100.00 71.90 78.03
N LYS P 118 100.51 70.67 78.10
CA LYS P 118 99.74 69.60 78.74
C LYS P 118 99.50 69.92 80.22
N GLU P 119 100.51 70.48 80.87
CA GLU P 119 100.35 70.90 82.27
C GLU P 119 99.22 71.91 82.41
N ILE P 120 99.18 72.92 81.53
CA ILE P 120 98.16 73.94 81.63
C ILE P 120 96.79 73.35 81.31
N LYS P 121 96.74 72.38 80.40
CA LYS P 121 95.47 71.71 80.11
C LYS P 121 94.92 71.03 81.36
N ARG P 122 95.74 70.17 81.98
CA ARG P 122 95.26 69.47 83.17
C ARG P 122 94.98 70.44 84.32
N ASP P 123 95.76 71.51 84.44
CA ASP P 123 95.52 72.50 85.47
C ASP P 123 94.20 73.22 85.25
N LEU P 124 93.87 73.54 83.99
CA LEU P 124 92.57 74.15 83.70
C LEU P 124 91.44 73.19 84.02
N GLU P 125 91.62 71.91 83.69
CA GLU P 125 90.62 70.91 84.04
C GLU P 125 90.37 70.91 85.55
N LYS P 126 91.46 70.88 86.33
CA LYS P 126 91.31 70.87 87.78
C LYS P 126 90.65 72.14 88.28
N ILE P 127 91.01 73.29 87.69
CA ILE P 127 90.51 74.57 88.19
C ILE P 127 89.02 74.71 87.89
N LEU P 128 88.58 74.25 86.73
CA LEU P 128 87.16 74.35 86.39
C LEU P 128 86.29 73.65 87.41
N LEU P 129 86.82 72.64 88.11
CA LEU P 129 86.07 71.86 89.07
C LEU P 129 86.59 72.01 90.49
N SER P 130 87.55 72.91 90.72
CA SER P 130 88.09 73.09 92.07
C SER P 130 87.09 73.73 93.02
N GLY P 131 85.91 74.12 92.54
CA GLY P 131 84.90 74.71 93.39
C GLY P 131 85.04 76.20 93.60
N GLN P 132 86.01 76.85 92.96
CA GLN P 132 86.17 78.29 93.13
C GLN P 132 84.95 79.02 92.62
N ALA P 133 84.78 80.25 93.09
CA ALA P 133 83.63 81.09 92.76
C ALA P 133 84.05 82.21 91.82
N ARG P 134 83.04 82.91 91.30
CA ARG P 134 83.26 84.06 90.43
C ARG P 134 83.78 85.25 91.22
N THR P 135 85.09 85.41 91.26
CA THR P 135 85.74 86.48 92.01
C THR P 135 86.11 87.60 91.04
N ASP P 136 85.53 88.78 91.27
CA ASP P 136 85.83 89.95 90.46
C ASP P 136 85.61 91.21 91.30
N VAL P 137 86.48 92.20 91.08
CA VAL P 137 86.37 93.45 91.81
C VAL P 137 85.11 94.19 91.43
N LEU P 138 84.57 93.92 90.24
CA LEU P 138 83.36 94.59 89.76
C LEU P 138 82.14 94.06 90.52
N ALA P 139 80.97 94.58 90.18
CA ALA P 139 79.71 94.20 90.79
C ALA P 139 78.85 93.44 89.79
N ASP P 140 77.64 93.09 90.21
CA ASP P 140 76.70 92.36 89.37
C ASP P 140 75.78 93.27 88.57
N GLN P 141 76.21 94.51 88.31
CA GLN P 141 75.41 95.49 87.57
C GLN P 141 75.82 95.57 86.11
N TYR P 142 76.12 94.44 85.49
CA TYR P 142 76.57 94.41 84.10
C TYR P 142 75.48 94.92 83.17
N LEU P 143 75.80 95.02 81.88
CA LEU P 143 74.94 95.66 80.90
C LEU P 143 74.80 97.15 81.23
N THR P 144 75.93 97.75 81.58
CA THR P 144 76.00 99.17 81.90
C THR P 144 77.12 99.91 81.18
N ASN P 145 78.25 99.25 80.92
CA ASN P 145 79.37 99.84 80.18
C ASN P 145 79.84 101.15 80.81
N SER P 146 79.63 101.32 82.11
CA SER P 146 80.01 102.54 82.83
C SER P 146 80.80 102.18 84.08
N ALA P 147 81.79 101.30 83.91
CA ALA P 147 82.62 100.88 85.03
C ALA P 147 83.03 102.07 85.89
N ALA P 148 82.90 101.91 87.20
CA ALA P 148 83.17 103.00 88.13
C ALA P 148 84.59 103.51 87.97
N ASP P 149 84.72 104.78 87.56
CA ASP P 149 86.04 105.37 87.39
C ASP P 149 86.81 105.41 88.70
N PRO P 150 86.32 106.06 89.76
CA PRO P 150 87.13 106.18 91.00
C PRO P 150 87.31 104.87 91.74
N ALA P 151 86.75 103.76 91.27
CA ALA P 151 86.86 102.49 91.97
C ALA P 151 87.98 101.62 91.40
N VAL P 152 87.92 101.33 90.11
CA VAL P 152 88.85 100.38 89.49
C VAL P 152 89.90 101.13 88.66
N ALA P 153 89.48 102.18 87.97
CA ALA P 153 90.41 102.88 87.09
C ALA P 153 91.56 103.50 87.86
N GLY P 154 91.29 104.01 89.07
CA GLY P 154 92.33 104.56 89.90
C GLY P 154 93.39 103.56 90.30
N LEU P 155 93.08 102.27 90.22
CA LEU P 155 93.99 101.19 90.63
C LEU P 155 94.94 100.92 89.47
N ASN P 156 96.18 101.39 89.60
CA ASN P 156 97.16 101.21 88.53
C ASN P 156 97.48 99.73 88.32
N ASP P 157 97.69 98.98 89.39
CA ASP P 157 97.99 97.56 89.31
C ASP P 157 97.40 96.87 90.54
N THR P 158 97.76 95.60 90.74
CA THR P 158 97.32 94.80 91.86
C THR P 158 95.82 94.51 91.84
N HIS P 159 95.18 94.62 90.67
CA HIS P 159 93.77 94.30 90.58
C HIS P 159 93.52 92.88 91.07
N ALA P 160 92.36 92.70 91.68
CA ALA P 160 92.00 91.40 92.23
C ALA P 160 92.05 90.34 91.13
N ALA P 161 92.79 89.27 91.39
CA ALA P 161 92.92 88.19 90.41
C ALA P 161 91.55 87.68 90.00
N ARG P 162 91.38 87.47 88.70
CA ARG P 162 90.11 87.03 88.14
C ARG P 162 90.05 85.52 88.15
N LYS P 163 89.21 84.95 89.01
CA LYS P 163 88.99 83.52 89.08
C LYS P 163 87.55 83.24 88.67
N THR P 164 87.39 82.52 87.57
CA THR P 164 86.06 82.26 87.03
C THR P 164 85.29 81.31 87.93
N GLY P 165 83.97 81.38 87.82
CA GLY P 165 83.10 80.55 88.62
C GLY P 165 83.21 79.09 88.23
N ALA P 166 83.50 78.24 89.21
CA ALA P 166 83.65 76.82 88.95
C ALA P 166 82.31 76.19 88.56
N PHE P 167 82.36 74.89 88.29
CA PHE P 167 81.14 74.15 87.96
C PHE P 167 80.08 74.34 89.04
N GLN P 168 80.50 74.35 90.31
CA GLN P 168 79.53 74.46 91.40
C GLN P 168 78.92 75.86 91.46
N PHE P 169 79.61 76.88 90.96
CA PHE P 169 79.08 78.23 91.03
C PHE P 169 77.95 78.43 90.02
N LEU P 170 78.13 77.94 88.80
CA LEU P 170 77.10 78.10 87.78
C LEU P 170 75.79 77.46 88.21
N CYS P 171 75.85 76.36 88.96
CA CYS P 171 74.64 75.70 89.41
C CYS P 171 73.90 76.58 90.42
N ALA P 172 72.74 76.13 90.85
CA ALA P 172 71.91 76.86 91.81
C ALA P 172 72.50 76.71 93.20
N HIS P 173 73.69 77.28 93.37
CA HIS P 173 74.40 77.19 94.65
C HIS P 173 73.52 77.65 95.80
N GLY P 174 72.86 78.81 95.65
CA GLY P 174 72.06 79.38 96.70
C GLY P 174 72.84 80.09 97.77
N GLY P 175 74.17 79.96 97.79
CA GLY P 175 74.98 80.59 98.81
C GLY P 175 76.44 80.50 98.45
N LEU P 176 77.25 81.19 99.24
CA LEU P 176 78.70 81.21 99.03
C LEU P 176 79.39 81.26 100.38
N ALA P 177 80.65 80.83 100.41
CA ALA P 177 81.42 80.78 101.65
C ALA P 177 82.90 80.84 101.31
N GLY P 178 83.58 81.87 101.81
CA GLY P 178 85.01 81.99 101.59
C GLY P 178 85.42 81.90 100.13
N GLY P 179 84.65 82.54 99.25
CA GLY P 179 84.91 82.44 97.83
C GLY P 179 84.60 81.09 97.22
N VAL P 180 83.97 80.19 97.99
CA VAL P 180 83.64 78.85 97.52
C VAL P 180 82.17 78.60 97.83
N VAL P 181 81.52 77.84 96.94
CA VAL P 181 80.14 77.44 97.19
C VAL P 181 80.08 76.61 98.46
N ASP P 182 79.02 76.80 99.24
CA ASP P 182 78.89 76.12 100.51
C ASP P 182 78.93 74.60 100.33
N LYS P 183 79.21 73.91 101.43
CA LYS P 183 79.29 72.45 101.44
C LYS P 183 78.19 71.82 102.28
N THR P 184 77.33 72.62 102.91
CA THR P 184 76.20 72.12 103.67
C THR P 184 74.88 72.76 103.30
N LYS P 185 74.89 73.85 102.53
CA LYS P 185 73.69 74.58 102.15
C LYS P 185 73.18 74.04 100.82
N ASN P 186 71.96 73.51 100.82
CA ASN P 186 71.35 73.06 99.58
C ASN P 186 70.88 74.26 98.76
N GLY P 187 70.50 73.98 97.51
CA GLY P 187 70.08 75.02 96.60
C GLY P 187 68.62 75.40 96.75
N PRO P 188 68.23 76.53 96.17
CA PRO P 188 66.84 76.97 96.26
C PRO P 188 65.98 76.31 95.19
N ALA P 189 64.68 76.58 95.27
CA ALA P 189 63.72 76.05 94.33
C ALA P 189 63.63 76.94 93.10
N ASP P 190 63.13 76.36 92.01
CA ASP P 190 63.02 77.10 90.75
C ASP P 190 61.67 77.81 90.67
N PRO P 191 61.63 79.01 90.09
CA PRO P 191 60.33 79.68 89.92
C PRO P 191 59.32 78.87 89.13
N ASP P 192 59.80 78.06 88.17
CA ASP P 192 58.91 77.27 87.33
C ASP P 192 58.51 75.97 87.99
N THR P 193 59.46 75.24 88.56
CA THR P 193 59.22 73.96 89.20
C THR P 193 59.72 74.00 90.64
N GLY P 194 59.04 73.25 91.50
CA GLY P 194 59.42 73.18 92.89
C GLY P 194 60.52 72.17 93.14
N ALA P 195 61.55 72.22 92.30
CA ALA P 195 62.67 71.29 92.39
C ALA P 195 63.97 72.03 92.68
N VAL P 196 64.93 71.31 93.23
CA VAL P 196 66.25 71.85 93.55
C VAL P 196 67.29 70.92 92.94
N THR P 197 68.27 71.50 92.24
CA THR P 197 69.28 70.71 91.56
C THR P 197 70.41 70.30 92.51
N VAL P 198 71.07 71.27 93.11
CA VAL P 198 72.14 70.99 94.07
C VAL P 198 71.51 70.75 95.43
N LYS P 199 72.03 69.75 96.15
CA LYS P 199 71.49 69.40 97.46
C LYS P 199 72.58 68.76 98.29
N VAL P 200 72.39 68.81 99.60
CA VAL P 200 73.34 68.25 100.56
C VAL P 200 73.05 66.75 100.71
N ALA P 201 74.11 65.95 100.78
CA ALA P 201 73.99 64.52 100.97
C ALA P 201 73.89 64.21 102.45
N GLN P 202 72.79 63.57 102.84
CA GLN P 202 72.53 63.26 104.24
C GLN P 202 72.95 61.83 104.54
N ASN P 203 73.78 61.68 105.59
CA ASN P 203 74.19 60.37 106.08
C ASN P 203 73.42 59.96 107.32
N ALA P 204 72.20 60.49 107.50
CA ALA P 204 71.38 60.10 108.64
C ALA P 204 71.05 58.61 108.57
N SER P 205 70.61 58.14 107.40
CA SER P 205 70.29 56.73 107.20
C SER P 205 71.53 55.99 106.72
N ASN P 206 72.63 56.23 107.41
CA ASN P 206 73.92 55.62 107.08
C ASN P 206 74.89 55.92 108.22
N PRO P 207 76.04 55.23 108.26
CA PRO P 207 77.02 55.51 109.31
C PRO P 207 77.49 56.96 109.26
N THR P 208 78.12 57.38 110.36
CA THR P 208 78.57 58.75 110.52
C THR P 208 80.08 58.91 110.32
N THR P 209 80.73 57.93 109.68
CA THR P 209 82.17 58.03 109.46
C THR P 209 82.55 57.88 107.99
N ASN P 210 81.58 57.65 107.10
CA ASN P 210 81.81 57.62 105.67
C ASN P 210 80.81 58.55 105.01
N ILE P 211 81.30 59.58 104.35
CA ILE P 211 80.46 60.61 103.74
C ILE P 211 80.04 60.10 102.36
N GLY P 212 78.84 59.56 102.27
CA GLY P 212 78.35 59.01 101.04
C GLY P 212 76.85 58.85 101.04
N PHE P 213 76.38 57.74 100.48
CA PHE P 213 74.96 57.49 100.29
C PHE P 213 74.79 56.10 99.69
N ASP P 214 73.58 55.55 99.78
CA ASP P 214 73.29 54.26 99.18
C ASP P 214 72.27 54.35 98.06
N GLU P 215 71.04 54.82 98.34
CA GLU P 215 69.99 54.84 97.32
C GLU P 215 69.14 56.11 97.32
N ALA P 216 69.03 56.83 98.44
CA ALA P 216 68.07 57.92 98.50
C ALA P 216 68.55 59.13 97.71
N ASP P 217 69.78 59.58 97.96
CA ASP P 217 70.25 60.81 97.37
C ASP P 217 70.23 60.75 95.85
N ILE P 218 70.74 59.67 95.27
CA ILE P 218 70.88 59.60 93.82
C ILE P 218 69.52 59.64 93.14
N PHE P 219 68.61 58.75 93.56
CA PHE P 219 67.31 58.68 92.91
C PHE P 219 66.48 59.94 93.18
N ASP P 220 66.59 60.50 94.37
CA ASP P 220 65.85 61.73 94.66
C ASP P 220 66.36 62.89 93.81
N MET P 221 67.69 62.99 93.65
CA MET P 221 68.25 64.02 92.78
C MET P 221 67.85 63.80 91.34
N THR P 222 67.80 62.55 90.90
CA THR P 222 67.39 62.27 89.52
C THR P 222 65.93 62.67 89.30
N LEU P 223 65.07 62.39 90.27
CA LEU P 223 63.68 62.82 90.18
C LEU P 223 63.59 64.35 90.12
N GLN P 224 64.33 65.02 91.00
CA GLN P 224 64.33 66.48 90.98
C GLN P 224 64.81 67.02 89.64
N LEU P 225 65.85 66.41 89.06
CA LEU P 225 66.35 66.86 87.76
C LEU P 225 65.31 66.65 86.67
N TYR P 226 64.68 65.47 86.65
CA TYR P 226 63.63 65.22 85.68
C TYR P 226 62.50 66.23 85.81
N THR P 227 62.13 66.59 87.04
CA THR P 227 61.09 67.59 87.23
C THR P 227 61.56 68.98 86.84
N ALA P 228 62.86 69.25 86.92
CA ALA P 228 63.43 70.55 86.56
C ALA P 228 63.74 70.67 85.08
N GLY P 229 63.16 69.79 84.26
CA GLY P 229 63.36 69.86 82.82
C GLY P 229 64.76 69.49 82.37
N SER P 230 65.56 68.94 83.28
CA SER P 230 66.91 68.54 82.94
C SER P 230 66.92 67.18 82.24
N GLU P 231 67.86 67.03 81.31
CA GLU P 231 68.06 65.77 80.59
C GLU P 231 69.56 65.52 80.51
N ALA P 232 70.10 64.86 81.53
CA ALA P 232 71.51 64.56 81.62
C ALA P 232 71.73 63.07 81.42
N ASP P 233 72.91 62.70 80.90
CA ASP P 233 73.23 61.29 80.72
C ASP P 233 74.69 61.01 81.06
N ILE P 234 75.31 61.81 81.93
CA ILE P 234 76.71 61.65 82.31
C ILE P 234 76.83 61.88 83.81
N ILE P 235 77.73 61.13 84.45
CA ILE P 235 78.04 61.28 85.86
C ILE P 235 79.55 61.28 86.02
N MET P 236 80.07 62.26 86.76
CA MET P 236 81.49 62.41 87.00
C MET P 236 81.74 62.36 88.49
N ILE P 237 82.68 61.51 88.91
CA ILE P 237 82.98 61.29 90.31
C ILE P 237 84.48 61.07 90.46
N ASN P 238 84.92 60.90 91.70
CA ASN P 238 86.30 60.61 92.04
C ASN P 238 86.54 59.12 92.14
N PRO P 239 87.79 58.66 92.03
CA PRO P 239 88.05 57.22 92.14
C PRO P 239 87.65 56.63 93.49
N ALA P 240 87.82 57.38 94.58
CA ALA P 240 87.50 56.85 95.90
C ALA P 240 86.03 56.47 96.05
N HIS P 241 85.15 57.07 95.24
CA HIS P 241 83.72 56.79 95.32
C HIS P 241 83.22 55.84 94.24
N ALA P 242 84.06 55.47 93.28
CA ALA P 242 83.63 54.54 92.24
C ALA P 242 83.24 53.19 92.83
N LYS P 243 83.85 52.82 93.95
CA LYS P 243 83.48 51.55 94.60
C LYS P 243 82.03 51.58 95.05
N ILE P 244 81.50 52.75 95.38
CA ILE P 244 80.10 52.85 95.76
C ILE P 244 79.20 52.48 94.60
N PHE P 245 79.43 53.09 93.43
CA PHE P 245 78.67 52.74 92.25
C PHE P 245 78.86 51.28 91.86
N ALA P 246 80.06 50.75 92.07
CA ALA P 246 80.31 49.34 91.79
C ALA P 246 79.40 48.46 92.64
N GLY P 247 79.41 48.68 93.95
CA GLY P 247 78.56 47.91 94.84
C GLY P 247 77.08 48.12 94.55
N LEU P 248 76.71 49.32 94.11
CA LEU P 248 75.31 49.60 93.81
C LEU P 248 74.84 48.83 92.59
N GLN P 249 75.65 48.80 91.54
CA GLN P 249 75.29 48.03 90.35
C GLN P 249 74.91 46.60 90.67
N GLU P 250 75.47 46.03 91.75
CA GLU P 250 75.06 44.70 92.17
C GLU P 250 73.69 44.71 92.83
N ASN P 251 73.15 45.89 93.14
CA ASN P 251 71.83 45.99 93.76
C ASN P 251 70.70 45.99 92.76
N THR P 252 70.97 46.40 91.51
CA THR P 252 69.96 46.41 90.46
C THR P 252 70.50 45.75 89.20
N GLN P 253 71.39 44.76 89.37
CA GLN P 253 71.99 44.08 88.22
C GLN P 253 70.93 43.52 87.29
N GLY P 254 69.81 43.04 87.85
CA GLY P 254 68.74 42.52 87.02
C GLY P 254 67.99 43.58 86.25
N SER P 255 67.95 44.81 86.76
CA SER P 255 67.34 45.94 86.07
C SER P 255 68.36 46.94 85.56
N ARG P 256 69.65 46.73 85.84
CA ARG P 256 70.69 47.65 85.39
C ARG P 256 70.67 47.72 83.86
N LYS P 257 70.32 48.88 83.33
CA LYS P 257 70.21 49.08 81.88
C LYS P 257 71.57 48.95 81.22
N ARG P 258 71.74 47.91 80.40
CA ARG P 258 73.02 47.62 79.76
C ARG P 258 73.01 48.17 78.34
N ILE P 259 73.86 49.17 78.09
CA ILE P 259 74.07 49.72 76.75
C ILE P 259 75.50 49.44 76.33
N PHE P 260 75.70 49.07 75.08
CA PHE P 260 77.00 48.70 74.55
C PHE P 260 77.41 49.65 73.44
N GLU P 261 78.60 49.41 72.91
CA GLU P 261 79.14 50.16 71.79
C GLU P 261 79.58 49.19 70.70
N ASN P 262 79.54 49.65 69.46
CA ASN P 262 79.86 48.83 68.30
C ASN P 262 81.08 49.40 67.57
N THR P 263 81.94 48.49 67.11
CA THR P 263 83.17 48.88 66.43
C THR P 263 83.45 48.05 65.19
N LYS P 264 82.54 47.15 64.79
CA LYS P 264 82.71 46.30 63.62
C LYS P 264 83.68 45.15 63.91
N GLN P 265 84.31 45.16 65.09
CA GLN P 265 85.15 44.05 65.52
C GLN P 265 85.03 43.75 67.00
N PHE P 266 84.42 44.62 67.80
CA PHE P 266 84.33 44.42 69.22
C PHE P 266 83.10 45.15 69.74
N ILE P 267 82.55 44.65 70.85
CA ILE P 267 81.38 45.25 71.49
C ILE P 267 81.74 45.45 72.96
N TYR P 268 82.22 46.64 73.29
CA TYR P 268 82.56 46.98 74.66
C TYR P 268 81.32 47.49 75.38
N GLU P 269 81.10 46.99 76.60
CA GLU P 269 80.05 47.50 77.45
C GLU P 269 80.57 48.66 78.29
N VAL P 270 79.72 49.65 78.50
CA VAL P 270 80.09 50.84 79.27
C VAL P 270 79.50 50.73 80.66
N ASN P 271 80.19 51.32 81.63
CA ASN P 271 79.81 51.23 83.04
C ASN P 271 78.67 52.21 83.35
N SER P 272 77.50 51.88 82.82
CA SER P 272 76.31 52.71 83.02
C SER P 272 75.52 52.25 84.24
N ILE P 273 74.71 53.17 84.76
CA ILE P 273 73.83 52.90 85.89
C ILE P 273 72.48 53.50 85.58
N THR P 274 71.42 52.76 85.90
CA THR P 274 70.06 53.15 85.57
C THR P 274 69.32 53.67 86.80
N ASP P 275 68.34 54.51 86.57
CA ASP P 275 67.48 55.07 87.60
C ASP P 275 66.03 54.64 87.38
N PRO P 276 65.16 54.83 88.38
CA PRO P 276 63.76 54.44 88.19
C PRO P 276 63.09 55.08 86.99
N LEU P 277 63.50 56.29 86.60
CA LEU P 277 62.87 56.99 85.50
C LEU P 277 63.29 56.44 84.14
N GLY P 278 64.38 55.68 84.08
CA GLY P 278 64.81 55.07 82.83
C GLY P 278 65.93 55.79 82.11
N GLN P 279 66.47 56.87 82.69
CA GLN P 279 67.56 57.59 82.05
C GLN P 279 68.85 56.80 82.18
N SER P 280 69.61 56.72 81.08
CA SER P 280 70.86 55.96 81.03
C SER P 280 72.01 56.93 81.29
N TYR P 281 72.64 56.81 82.44
CA TYR P 281 73.72 57.71 82.85
C TYR P 281 75.07 57.00 82.70
N LYS P 282 76.04 57.71 82.14
CA LYS P 282 77.40 57.23 82.09
C LYS P 282 78.05 57.38 83.47
N ILE P 283 79.27 56.89 83.60
CA ILE P 283 80.06 57.03 84.82
C ILE P 283 81.51 57.25 84.42
N ILE P 284 82.06 58.39 84.82
CA ILE P 284 83.43 58.77 84.48
C ILE P 284 84.15 59.17 85.76
N VAL P 285 85.45 58.94 85.79
CA VAL P 285 86.28 59.20 86.96
C VAL P 285 87.38 60.17 86.58
N ASN P 286 87.80 60.98 87.56
CA ASN P 286 88.84 61.97 87.33
C ASN P 286 89.61 62.17 88.63
N ARG P 287 90.93 62.32 88.49
CA ARG P 287 91.79 62.58 89.65
C ARG P 287 91.78 64.04 90.08
N TRP P 288 91.19 64.93 89.26
CA TRP P 288 91.23 66.36 89.50
C TRP P 288 89.91 66.88 90.09
N MET P 289 89.26 66.09 90.93
CA MET P 289 87.99 66.45 91.52
C MET P 289 88.18 66.96 92.94
N PRO P 290 87.23 67.74 93.46
CA PRO P 290 87.33 68.21 94.84
C PRO P 290 87.09 67.13 95.89
N THR P 291 86.68 65.93 95.48
CA THR P 291 86.48 64.77 96.33
C THR P 291 85.20 64.84 97.16
N ASP P 292 84.42 65.91 97.04
CA ASP P 292 83.21 66.07 97.84
C ASP P 292 82.04 66.56 96.99
N ALA P 293 81.88 66.00 95.79
CA ALA P 293 80.77 66.39 94.93
C ALA P 293 80.73 65.47 93.72
N VAL P 294 79.54 65.35 93.14
CA VAL P 294 79.32 64.61 91.90
C VAL P 294 78.60 65.55 90.94
N TYR P 295 78.74 65.30 89.64
CA TYR P 295 78.25 66.20 88.61
C TYR P 295 77.26 65.48 87.71
N PHE P 296 76.11 66.12 87.47
CA PHE P 296 75.11 65.66 86.52
C PHE P 296 74.98 66.73 85.44
N PHE P 297 75.34 66.40 84.21
CA PHE P 297 75.29 67.37 83.12
C PHE P 297 75.07 66.63 81.80
N ARG P 298 75.03 67.40 80.71
CA ARG P 298 74.74 66.87 79.38
C ARG P 298 75.97 66.85 78.47
N SER P 299 77.04 67.55 78.83
CA SER P 299 78.27 67.70 78.05
C SER P 299 78.12 68.74 76.95
N ALA P 300 76.93 69.30 76.74
CA ALA P 300 76.71 70.34 75.75
C ALA P 300 76.35 71.68 76.35
N ASP P 301 75.67 71.69 77.50
CA ASP P 301 75.29 72.94 78.14
C ASP P 301 76.49 73.74 78.64
N TRP P 302 77.67 73.14 78.66
CA TRP P 302 78.87 73.80 79.15
C TRP P 302 79.84 74.03 77.98
N THR P 303 80.57 75.13 78.04
CA THR P 303 81.54 75.46 77.00
C THR P 303 82.72 76.19 77.62
N GLN P 304 83.85 76.15 76.91
CA GLN P 304 85.08 76.81 77.34
C GLN P 304 85.46 77.82 76.27
N MET P 305 85.07 79.08 76.47
CA MET P 305 85.38 80.13 75.52
C MET P 305 86.77 80.69 75.81
N VAL P 306 87.67 80.59 74.83
CA VAL P 306 89.04 81.05 74.95
C VAL P 306 89.16 82.42 74.30
N LEU P 307 89.98 83.28 74.89
CA LEU P 307 90.14 84.65 74.42
C LEU P 307 91.54 84.97 73.92
N ARG P 308 92.59 84.42 74.54
CA ARG P 308 93.96 84.70 74.12
C ARG P 308 94.36 83.97 72.86
N ALA P 309 93.80 82.80 72.59
CA ALA P 309 94.19 82.01 71.43
C ALA P 309 95.70 81.84 71.43
N PRO P 310 96.25 80.98 72.29
CA PRO P 310 97.71 80.83 72.38
C PRO P 310 98.40 80.78 71.03
N LYS P 311 99.41 81.63 70.85
CA LYS P 311 100.14 81.75 69.58
C LYS P 311 101.64 81.83 69.84
N ARG P 312 102.40 82.24 68.83
CA ARG P 312 103.86 82.27 68.95
C ARG P 312 104.29 83.35 69.94
N THR P 313 104.36 83.00 71.22
CA THR P 313 104.72 83.94 72.27
C THR P 313 106.23 83.93 72.47
N GLU P 314 106.85 85.10 72.34
CA GLU P 314 108.27 85.27 72.58
C GLU P 314 108.49 86.43 73.54
N LEU P 315 109.63 86.41 74.22
CA LEU P 315 109.96 87.43 75.21
C LEU P 315 111.41 87.87 75.01
N ALA P 316 111.84 88.81 75.84
CA ALA P 316 113.20 89.32 75.75
C ALA P 316 114.20 88.27 76.24
N LYS P 317 115.48 88.54 75.99
CA LYS P 317 116.57 87.70 76.47
C LYS P 317 117.42 88.42 77.51
N ASP P 318 117.94 89.61 77.18
CA ASP P 318 118.72 90.41 78.13
C ASP P 318 119.84 89.60 78.76
N GLY P 319 120.40 88.66 78.00
CA GLY P 319 121.50 87.86 78.50
C GLY P 319 121.60 86.55 77.73
N SER P 320 122.26 85.59 78.37
CA SER P 320 122.48 84.29 77.76
C SER P 320 121.26 83.37 77.86
N TYR P 321 120.28 83.70 78.68
CA TYR P 321 119.12 82.85 78.82
C TYR P 321 118.08 83.18 77.75
N GLU P 322 117.05 82.36 77.67
CA GLU P 322 115.96 82.51 76.70
C GLU P 322 114.65 82.39 77.46
N LYS P 323 114.03 83.52 77.78
CA LYS P 323 112.78 83.50 78.52
C LYS P 323 111.61 83.31 77.57
N TRP P 324 110.70 82.41 77.94
CA TRP P 324 109.53 82.11 77.14
C TRP P 324 108.35 81.91 78.07
N MET P 325 107.15 82.08 77.52
CA MET P 325 105.92 81.94 78.28
C MET P 325 104.79 81.51 77.35
N ILE P 326 103.71 81.04 77.96
CA ILE P 326 102.52 80.59 77.25
C ILE P 326 101.30 81.06 78.04
N GLU P 327 100.45 81.86 77.43
CA GLU P 327 99.29 82.43 78.09
C GLU P 327 98.01 81.84 77.51
N MET P 328 96.94 81.93 78.31
CA MET P 328 95.63 81.44 77.89
C MET P 328 94.60 81.97 78.87
N GLU P 329 93.54 82.57 78.34
CA GLU P 329 92.47 83.15 79.13
C GLU P 329 91.16 82.49 78.74
N VAL P 330 90.61 81.68 79.64
CA VAL P 330 89.43 80.88 79.37
C VAL P 330 88.36 81.23 80.39
N GLY P 331 87.10 81.10 79.97
CA GLY P 331 85.98 81.35 80.85
C GLY P 331 84.93 80.28 80.72
N LEU P 332 84.30 79.95 81.84
CA LEU P 332 83.29 78.91 81.89
C LEU P 332 81.90 79.51 81.91
N ARG P 333 80.95 78.80 81.28
CA ARG P 333 79.56 79.22 81.25
C ARG P 333 78.66 78.00 81.29
N HIS P 334 77.43 78.20 81.75
CA HIS P 334 76.44 77.13 81.85
C HIS P 334 75.16 77.59 81.16
N ARG P 335 74.62 76.72 80.30
CA ARG P 335 73.42 77.07 79.55
C ARG P 335 72.28 77.46 80.49
N ASN P 336 72.05 76.65 81.53
CA ASN P 336 70.99 76.93 82.48
C ASN P 336 71.35 76.36 83.85
N PRO P 337 71.27 77.14 84.93
CA PRO P 337 71.67 76.61 86.24
C PRO P 337 70.87 75.38 86.66
N TYR P 338 69.55 75.38 86.45
CA TYR P 338 68.72 74.27 86.86
C TYR P 338 68.83 73.06 85.94
N ALA P 339 69.79 73.06 85.01
CA ALA P 339 69.99 71.91 84.14
C ALA P 339 70.83 70.85 84.84
N SER P 340 72.02 71.23 85.31
CA SER P 340 72.91 70.31 85.99
C SER P 340 72.66 70.34 87.50
N GLY P 341 73.29 69.43 88.22
CA GLY P 341 73.14 69.38 89.66
C GLY P 341 74.33 68.67 90.28
N VAL P 342 74.56 68.96 91.56
CA VAL P 342 75.71 68.44 92.28
C VAL P 342 75.30 68.11 93.71
N LEU P 343 75.98 67.13 94.30
CA LEU P 343 75.79 66.74 95.69
C LEU P 343 76.90 67.36 96.54
N PHE P 344 76.62 67.48 97.85
CA PHE P 344 77.59 67.98 98.81
C PHE P 344 77.75 66.96 99.93
N THR P 345 78.80 66.15 99.85
CA THR P 345 79.13 65.23 100.92
C THR P 345 79.77 65.99 102.06
N ALA P 346 79.07 66.08 103.18
CA ALA P 346 79.50 66.87 104.33
C ALA P 346 78.65 66.46 105.53
N ALA P 347 78.77 67.23 106.60
CA ALA P 347 78.02 66.99 107.82
C ALA P 347 76.64 67.63 107.73
N GLY P 348 75.79 67.29 108.69
CA GLY P 348 74.42 67.77 108.70
C GLY P 348 73.81 67.76 110.09
N ASN Q 3 -77.22 141.11 -7.04
CA ASN Q 3 -76.75 140.80 -5.66
C ASN Q 3 -75.22 140.87 -5.56
N PRO Q 4 -74.49 140.20 -6.46
CA PRO Q 4 -73.02 140.28 -6.41
C PRO Q 4 -72.52 141.59 -7.00
N THR Q 5 -71.57 142.22 -6.31
CA THR Q 5 -71.05 143.52 -6.75
C THR Q 5 -69.55 143.67 -6.54
N LEU Q 6 -68.79 142.57 -6.43
CA LEU Q 6 -67.35 142.67 -6.22
C LEU Q 6 -66.56 141.73 -7.12
N PHE Q 7 -67.04 141.43 -8.32
CA PHE Q 7 -66.31 140.63 -9.29
C PHE Q 7 -65.87 139.29 -8.69
N VAL Q 8 -66.85 138.58 -8.12
CA VAL Q 8 -66.56 137.30 -7.49
C VAL Q 8 -66.58 136.20 -8.55
N SER Q 9 -65.57 135.34 -8.53
CA SER Q 9 -65.42 134.26 -9.49
C SER Q 9 -65.54 132.88 -8.87
N TYR Q 10 -65.58 132.78 -7.53
CA TYR Q 10 -65.54 131.47 -6.89
C TYR Q 10 -66.92 130.84 -6.82
N ASP Q 11 -67.97 131.64 -6.80
CA ASP Q 11 -69.34 131.16 -6.62
C ASP Q 11 -70.19 131.43 -7.86
N GLN Q 12 -69.64 131.13 -9.04
CA GLN Q 12 -70.35 131.34 -10.29
C GLN Q 12 -71.04 130.06 -10.73
N ASN Q 13 -72.16 130.22 -11.46
CA ASN Q 13 -72.94 129.08 -11.93
C ASN Q 13 -72.39 128.62 -13.28
N GLY Q 14 -72.19 127.30 -13.40
CA GLY Q 14 -71.71 126.73 -14.64
C GLY Q 14 -70.23 126.40 -14.60
N LYS Q 15 -69.76 125.94 -13.45
CA LYS Q 15 -68.34 125.64 -13.28
C LYS Q 15 -67.99 124.30 -13.91
N LYS Q 16 -66.70 124.07 -14.08
CA LYS Q 16 -66.19 122.79 -14.56
C LYS Q 16 -66.01 121.86 -13.37
N LEU Q 17 -65.43 120.67 -13.60
CA LEU Q 17 -65.18 119.71 -12.54
C LEU Q 17 -63.70 119.53 -12.20
N SER Q 18 -62.82 119.50 -13.20
CA SER Q 18 -61.38 119.40 -12.97
C SER Q 18 -61.04 118.14 -12.16
N PHE Q 19 -61.25 116.99 -12.79
CA PHE Q 19 -60.94 115.72 -12.16
C PHE Q 19 -59.44 115.46 -12.23
N ALA Q 20 -59.03 114.30 -11.70
CA ALA Q 20 -57.63 113.96 -11.61
C ALA Q 20 -57.06 113.40 -12.91
N ASN Q 21 -57.92 112.90 -13.80
CA ASN Q 21 -57.57 112.32 -15.10
C ASN Q 21 -57.05 110.89 -14.95
N TRP Q 22 -56.95 110.36 -13.75
CA TRP Q 22 -56.51 108.99 -13.55
C TRP Q 22 -57.40 108.33 -12.50
N ILE Q 23 -57.25 107.01 -12.37
CA ILE Q 23 -58.03 106.21 -11.43
C ILE Q 23 -57.07 105.38 -10.60
N SER Q 24 -57.40 105.20 -9.33
CA SER Q 24 -56.58 104.44 -8.41
C SER Q 24 -57.17 103.04 -8.20
N VAL Q 25 -56.29 102.09 -7.93
CA VAL Q 25 -56.69 100.71 -7.67
C VAL Q 25 -55.58 100.04 -6.88
N LEU Q 26 -55.96 99.32 -5.82
CA LEU Q 26 -54.99 98.70 -4.91
C LEU Q 26 -55.10 97.19 -4.88
N SER Q 27 -55.87 96.59 -5.77
CA SER Q 27 -56.05 95.15 -5.80
C SER Q 27 -54.70 94.45 -5.89
N PRO Q 28 -54.27 93.77 -4.82
CA PRO Q 28 -52.98 93.05 -4.90
C PRO Q 28 -53.12 91.79 -5.72
N GLN Q 29 -52.11 91.55 -6.57
CA GLN Q 29 -52.05 90.35 -7.40
C GLN Q 29 -50.65 89.77 -7.36
N ASP Q 30 -50.07 89.68 -6.16
CA ASP Q 30 -48.72 89.14 -6.03
C ASP Q 30 -48.68 87.67 -6.40
N THR Q 31 -49.54 86.86 -5.79
CA THR Q 31 -49.64 85.45 -6.11
C THR Q 31 -48.32 84.73 -5.88
N PRO Q 32 -47.85 84.62 -4.64
CA PRO Q 32 -46.60 83.88 -4.39
C PRO Q 32 -46.69 82.43 -4.81
N PHE Q 33 -47.77 81.74 -4.46
CA PHE Q 33 -47.90 80.33 -4.80
C PHE Q 33 -48.06 80.09 -6.29
N VAL Q 34 -48.36 81.13 -7.07
CA VAL Q 34 -48.49 80.98 -8.52
C VAL Q 34 -47.25 81.57 -9.19
N SER Q 35 -46.65 82.59 -8.57
CA SER Q 35 -45.43 83.15 -9.12
C SER Q 35 -44.28 82.14 -9.07
N MET Q 36 -44.42 81.10 -8.26
CA MET Q 36 -43.43 80.03 -8.18
C MET Q 36 -43.64 79.06 -9.34
N THR Q 37 -43.03 77.87 -9.24
CA THR Q 37 -43.00 76.89 -10.33
C THR Q 37 -44.31 76.85 -11.13
N GLY Q 38 -44.18 76.90 -12.44
CA GLY Q 38 -45.31 77.12 -13.34
C GLY Q 38 -46.25 75.95 -13.51
N LYS Q 39 -46.79 75.82 -14.72
CA LYS Q 39 -47.92 74.96 -15.01
C LYS Q 39 -47.48 73.74 -15.82
N GLU Q 40 -48.46 72.88 -16.10
CA GLU Q 40 -48.28 71.74 -17.00
C GLU Q 40 -49.61 71.50 -17.71
N SER Q 41 -49.62 71.71 -19.02
CA SER Q 41 -50.86 71.63 -19.78
C SER Q 41 -51.32 70.18 -19.94
N ILE Q 42 -52.63 69.98 -19.94
CA ILE Q 42 -53.22 68.66 -20.11
C ILE Q 42 -54.28 68.72 -21.20
N ASN Q 43 -54.95 67.61 -21.45
CA ASN Q 43 -55.98 67.50 -22.48
C ASN Q 43 -57.36 67.24 -21.92
N GLN Q 44 -57.47 66.31 -20.97
CA GLN Q 44 -58.75 65.97 -20.37
C GLN Q 44 -58.96 66.75 -19.07
N THR Q 45 -60.14 66.59 -18.47
CA THR Q 45 -60.50 67.27 -17.24
C THR Q 45 -59.96 66.56 -16.00
N ILE Q 46 -59.73 65.25 -16.10
CA ILE Q 46 -59.24 64.45 -14.99
C ILE Q 46 -57.85 63.95 -15.33
N PHE Q 47 -56.94 64.07 -14.37
CA PHE Q 47 -55.60 63.52 -14.46
C PHE Q 47 -55.35 62.64 -13.24
N SER Q 48 -54.17 62.03 -13.19
CA SER Q 48 -53.86 61.10 -12.11
C SER Q 48 -52.35 60.90 -12.06
N TRP Q 49 -51.89 60.45 -10.91
CA TRP Q 49 -50.48 60.16 -10.69
C TRP Q 49 -50.37 59.01 -9.70
N GLN Q 50 -49.22 58.34 -9.70
CA GLN Q 50 -48.98 57.21 -8.84
C GLN Q 50 -48.08 57.60 -7.67
N THR Q 51 -48.21 56.86 -6.58
CA THR Q 51 -47.41 57.07 -5.38
C THR Q 51 -47.04 55.71 -4.82
N ASP Q 52 -45.74 55.41 -4.81
CA ASP Q 52 -45.23 54.14 -4.32
C ASP Q 52 -44.35 54.39 -3.11
N ALA Q 53 -44.20 53.36 -2.29
CA ALA Q 53 -43.41 53.46 -1.07
C ALA Q 53 -42.90 52.07 -0.71
N LEU Q 54 -41.69 52.04 -0.14
CA LEU Q 54 -41.07 50.78 0.25
C LEU Q 54 -41.84 50.15 1.41
N ALA Q 55 -41.40 48.96 1.81
CA ALA Q 55 -42.09 48.19 2.84
C ALA Q 55 -41.57 48.55 4.23
N SER Q 56 -42.48 48.62 5.18
CA SER Q 56 -42.15 48.88 6.59
C SER Q 56 -42.29 47.62 7.43
N VAL Q 57 -41.99 46.46 6.86
CA VAL Q 57 -42.10 45.18 7.56
C VAL Q 57 -40.69 44.67 7.86
N ASP Q 58 -39.75 45.60 8.04
CA ASP Q 58 -38.36 45.23 8.31
C ASP Q 58 -38.27 44.12 9.34
N GLY Q 59 -38.78 44.39 10.54
CA GLY Q 59 -38.84 43.36 11.56
C GLY Q 59 -37.48 42.74 11.84
N ASN Q 60 -37.48 41.42 12.02
CA ASN Q 60 -36.27 40.66 12.34
C ASN Q 60 -36.18 39.42 11.46
N ASN Q 61 -36.34 39.61 10.17
CA ASN Q 61 -36.31 38.51 9.21
C ASN Q 61 -34.93 37.87 9.22
N ALA Q 62 -34.84 36.65 9.74
CA ALA Q 62 -33.58 35.90 9.84
C ALA Q 62 -33.85 34.48 9.34
N HIS Q 63 -33.63 34.26 8.05
CA HIS Q 63 -33.93 32.97 7.46
C HIS Q 63 -32.78 31.99 7.69
N VAL Q 64 -33.12 30.72 7.83
CA VAL Q 64 -32.14 29.66 8.04
C VAL Q 64 -31.46 29.33 6.72
N GLU Q 65 -30.36 28.56 6.78
CA GLU Q 65 -29.55 28.29 5.61
C GLU Q 65 -30.38 27.92 4.39
N GLY Q 66 -31.25 26.93 4.53
CA GLY Q 66 -32.00 26.41 3.40
C GLY Q 66 -33.51 26.56 3.57
N SER Q 67 -33.94 27.69 4.12
CA SER Q 67 -35.35 27.93 4.32
C SER Q 67 -36.08 27.95 2.98
N ARG Q 68 -37.39 27.68 3.04
CA ARG Q 68 -38.20 27.70 1.83
C ARG Q 68 -38.28 29.11 1.26
N ALA Q 69 -38.02 29.22 -0.04
CA ALA Q 69 -38.10 30.51 -0.70
C ALA Q 69 -39.57 30.89 -0.91
N GLU Q 70 -40.10 31.70 -0.02
CA GLU Q 70 -41.50 32.12 -0.08
C GLU Q 70 -41.60 33.52 -0.66
N ASP Q 71 -42.76 33.82 -1.24
CA ASP Q 71 -42.98 35.13 -1.86
C ASP Q 71 -43.01 36.21 -0.79
N GLY Q 72 -42.30 37.31 -1.05
CA GLY Q 72 -42.30 38.43 -0.13
C GLY Q 72 -43.65 39.14 -0.12
N GLU Q 73 -43.66 40.29 0.56
CA GLU Q 73 -44.88 41.10 0.68
C GLU Q 73 -44.95 42.01 -0.54
N MET Q 74 -45.21 41.41 -1.70
CA MET Q 74 -45.39 42.15 -2.93
C MET Q 74 -46.74 42.87 -2.90
N LYS Q 75 -46.69 44.20 -2.95
CA LYS Q 75 -47.89 45.03 -2.87
C LYS Q 75 -47.96 45.95 -4.07
N PRO Q 76 -49.15 46.40 -4.44
CA PRO Q 76 -49.30 47.29 -5.60
C PRO Q 76 -49.06 48.73 -5.21
N THR Q 77 -49.18 49.61 -6.21
CA THR Q 77 -48.98 51.03 -6.01
C THR Q 77 -50.31 51.70 -5.69
N VAL Q 78 -50.30 53.03 -5.62
CA VAL Q 78 -51.51 53.81 -5.38
C VAL Q 78 -51.66 54.82 -6.50
N ILE Q 79 -52.88 54.95 -7.01
CA ILE Q 79 -53.19 55.82 -8.13
C ILE Q 79 -54.07 56.94 -7.59
N LYS Q 80 -53.45 58.11 -7.38
CA LYS Q 80 -54.18 59.28 -6.92
C LYS Q 80 -54.70 60.08 -8.11
N SER Q 81 -55.81 60.77 -7.89
CA SER Q 81 -56.48 61.52 -8.95
C SER Q 81 -56.88 62.89 -8.42
N ASN Q 82 -57.39 63.71 -9.33
CA ASN Q 82 -57.89 65.04 -8.99
C ASN Q 82 -58.95 65.40 -10.01
N VAL Q 83 -59.40 66.66 -10.00
CA VAL Q 83 -60.44 67.14 -10.89
C VAL Q 83 -60.26 68.63 -11.07
N THR Q 84 -60.73 69.14 -12.20
CA THR Q 84 -60.63 70.55 -12.51
C THR Q 84 -61.84 71.31 -11.97
N GLN Q 85 -61.78 72.64 -12.08
CA GLN Q 85 -62.85 73.51 -11.63
C GLN Q 85 -63.08 74.57 -12.69
N ILE Q 86 -64.34 74.96 -12.84
CA ILE Q 86 -64.76 75.91 -13.87
C ILE Q 86 -64.95 77.26 -13.20
N LEU Q 87 -63.98 78.16 -13.40
CA LEU Q 87 -64.06 79.52 -12.91
C LEU Q 87 -64.72 80.39 -13.98
N ARG Q 88 -65.77 81.09 -13.61
CA ARG Q 88 -66.52 81.91 -14.55
C ARG Q 88 -66.69 83.31 -13.98
N LYS Q 89 -66.72 84.29 -14.87
CA LYS Q 89 -66.92 85.69 -14.51
C LYS Q 89 -67.84 86.34 -15.53
N VAL Q 90 -68.87 87.01 -15.05
CA VAL Q 90 -69.88 87.62 -15.91
C VAL Q 90 -69.74 89.13 -15.84
N VAL Q 91 -70.01 89.78 -16.97
CA VAL Q 91 -69.91 91.23 -17.09
C VAL Q 91 -71.04 91.69 -18.00
N ARG Q 92 -71.85 92.63 -17.52
CA ARG Q 92 -72.98 93.16 -18.26
C ARG Q 92 -72.94 94.68 -18.20
N VAL Q 93 -73.14 95.33 -19.35
CA VAL Q 93 -73.15 96.78 -19.43
C VAL Q 93 -74.05 97.20 -20.58
N SER Q 94 -74.98 98.10 -20.29
CA SER Q 94 -75.87 98.60 -21.32
C SER Q 94 -75.12 99.53 -22.27
N ASP Q 95 -75.72 99.74 -23.45
CA ASP Q 95 -75.07 100.61 -24.43
C ASP Q 95 -74.90 102.02 -23.90
N THR Q 96 -75.75 102.45 -22.97
CA THR Q 96 -75.64 103.80 -22.43
C THR Q 96 -74.28 104.02 -21.77
N ALA Q 97 -73.83 103.05 -20.97
CA ALA Q 97 -72.55 103.21 -20.27
C ALA Q 97 -71.39 103.23 -21.26
N ASN Q 98 -71.46 102.44 -22.32
CA ASN Q 98 -70.35 102.34 -23.26
C ASN Q 98 -70.26 103.57 -24.15
N THR Q 99 -71.39 103.98 -24.73
CA THR Q 99 -71.36 105.13 -25.63
C THR Q 99 -71.06 106.42 -24.88
N THR Q 100 -71.61 106.57 -23.69
CA THR Q 100 -71.30 107.74 -22.88
C THR Q 100 -69.81 107.80 -22.56
N ALA Q 101 -69.37 108.98 -22.13
CA ALA Q 101 -67.96 109.20 -21.81
C ALA Q 101 -67.90 109.92 -20.47
N ASN Q 102 -67.48 109.20 -19.43
CA ASN Q 102 -67.33 109.80 -18.11
C ASN Q 102 -66.21 110.83 -18.11
N TYR Q 103 -66.27 111.76 -17.17
CA TYR Q 103 -65.32 112.86 -17.08
C TYR Q 103 -64.12 112.54 -16.21
N GLY Q 104 -63.99 111.30 -15.75
CA GLY Q 104 -62.87 110.91 -14.90
C GLY Q 104 -62.33 109.54 -15.19
N ARG Q 105 -62.86 108.89 -16.21
CA ARG Q 105 -62.49 107.52 -16.56
C ARG Q 105 -62.81 107.31 -18.04
N GLY Q 106 -62.54 106.11 -18.54
CA GLY Q 106 -62.81 105.79 -19.93
C GLY Q 106 -64.16 105.13 -20.12
N ARG Q 107 -64.18 103.98 -20.77
CA ARG Q 107 -65.40 103.20 -20.91
C ARG Q 107 -65.65 102.40 -19.62
N GLU Q 108 -66.88 101.90 -19.50
CA GLU Q 108 -67.27 101.10 -18.35
C GLU Q 108 -67.24 99.60 -18.63
N LEU Q 109 -66.65 99.19 -19.76
CA LEU Q 109 -66.56 97.78 -20.11
C LEU Q 109 -65.14 97.26 -19.94
N MET Q 110 -64.15 97.92 -20.56
CA MET Q 110 -62.76 97.50 -20.41
C MET Q 110 -62.29 97.66 -18.96
N TYR Q 111 -62.68 98.76 -18.30
CA TYR Q 111 -62.39 98.91 -16.88
C TYR Q 111 -62.91 97.72 -16.09
N GLN Q 112 -64.21 97.44 -16.23
CA GLN Q 112 -64.79 96.31 -15.52
C GLN Q 112 -64.19 94.99 -16.00
N LEU Q 113 -63.82 94.91 -17.27
CA LEU Q 113 -63.21 93.68 -17.78
C LEU Q 113 -61.90 93.38 -17.05
N GLU Q 114 -61.02 94.38 -16.95
CA GLU Q 114 -59.77 94.17 -16.21
C GLU Q 114 -60.04 93.93 -14.73
N LYS Q 115 -61.01 94.66 -14.17
CA LYS Q 115 -61.40 94.42 -12.79
C LYS Q 115 -61.71 92.95 -12.55
N LYS Q 116 -62.55 92.35 -13.41
CA LYS Q 116 -62.92 90.96 -13.23
C LYS Q 116 -61.75 90.03 -13.57
N GLY Q 117 -60.92 90.41 -14.53
CA GLY Q 117 -59.77 89.59 -14.88
C GLY Q 117 -58.76 89.50 -13.74
N LYS Q 118 -58.74 90.50 -12.87
CA LYS Q 118 -57.91 90.43 -11.68
C LYS Q 118 -58.64 89.77 -10.51
N GLU Q 119 -59.94 90.03 -10.38
CA GLU Q 119 -60.73 89.37 -9.35
C GLU Q 119 -60.68 87.86 -9.52
N ILE Q 120 -60.62 87.37 -10.75
CA ILE Q 120 -60.62 85.92 -10.98
C ILE Q 120 -59.32 85.31 -10.49
N LYS Q 121 -58.19 85.99 -10.70
CA LYS Q 121 -56.93 85.51 -10.17
C LYS Q 121 -56.91 85.55 -8.65
N ARG Q 122 -57.46 86.62 -8.07
CA ARG Q 122 -57.59 86.67 -6.62
C ARG Q 122 -58.40 85.48 -6.10
N ASP Q 123 -59.52 85.18 -6.76
CA ASP Q 123 -60.35 84.06 -6.33
C ASP Q 123 -59.61 82.74 -6.48
N LEU Q 124 -58.86 82.58 -7.57
CA LEU Q 124 -58.09 81.35 -7.78
C LEU Q 124 -57.07 81.16 -6.66
N GLU Q 125 -56.31 82.21 -6.35
CA GLU Q 125 -55.33 82.11 -5.28
C GLU Q 125 -56.00 81.79 -3.96
N LYS Q 126 -57.11 82.45 -3.66
CA LYS Q 126 -57.83 82.17 -2.42
C LYS Q 126 -58.33 80.74 -2.38
N ILE Q 127 -58.66 80.17 -3.54
CA ILE Q 127 -59.21 78.81 -3.57
C ILE Q 127 -58.09 77.79 -3.35
N LEU Q 128 -56.97 77.96 -4.06
CA LEU Q 128 -55.89 76.97 -3.97
C LEU Q 128 -55.44 76.74 -2.54
N LEU Q 129 -55.56 77.74 -1.69
CA LEU Q 129 -55.17 77.62 -0.29
C LEU Q 129 -56.32 77.22 0.62
N SER Q 130 -57.48 76.90 0.05
CA SER Q 130 -58.63 76.50 0.85
C SER Q 130 -58.49 75.02 1.22
N GLY Q 131 -59.56 74.41 1.69
CA GLY Q 131 -59.55 73.02 2.06
C GLY Q 131 -60.73 72.24 1.51
N GLN Q 132 -61.22 72.63 0.34
CA GLN Q 132 -62.36 71.95 -0.25
C GLN Q 132 -62.04 70.47 -0.48
N ALA Q 133 -63.06 69.63 -0.35
CA ALA Q 133 -62.89 68.19 -0.31
C ALA Q 133 -63.13 67.53 -1.67
N ARG Q 134 -62.81 68.23 -2.75
CA ARG Q 134 -62.88 67.66 -4.10
C ARG Q 134 -64.26 67.05 -4.37
N THR Q 135 -65.26 67.93 -4.37
CA THR Q 135 -66.62 67.50 -4.65
C THR Q 135 -66.80 67.29 -6.15
N ASP Q 136 -67.14 66.06 -6.53
CA ASP Q 136 -67.31 65.70 -7.93
C ASP Q 136 -68.54 64.80 -8.06
N VAL Q 137 -68.74 64.28 -9.27
CA VAL Q 137 -69.91 63.46 -9.56
C VAL Q 137 -69.54 62.00 -9.85
N LEU Q 138 -68.31 61.73 -10.27
CA LEU Q 138 -67.91 60.36 -10.61
C LEU Q 138 -67.72 59.54 -9.33
N ALA Q 139 -67.33 58.28 -9.51
CA ALA Q 139 -67.23 57.35 -8.39
C ALA Q 139 -65.96 56.51 -8.45
N ASP Q 140 -64.94 56.98 -9.16
CA ASP Q 140 -63.63 56.33 -9.20
C ASP Q 140 -63.76 54.87 -9.67
N GLN Q 141 -64.14 54.75 -10.93
CA GLN Q 141 -64.37 53.44 -11.58
C GLN Q 141 -63.57 53.33 -12.87
N TYR Q 142 -62.29 53.70 -12.83
CA TYR Q 142 -61.49 53.83 -14.04
C TYR Q 142 -60.81 52.52 -14.43
N LEU Q 143 -60.15 51.87 -13.47
CA LEU Q 143 -59.30 50.73 -13.78
C LEU Q 143 -60.12 49.46 -14.00
N THR Q 144 -61.08 49.19 -13.12
CA THR Q 144 -61.96 48.04 -13.26
C THR Q 144 -62.96 48.32 -14.37
N ASN Q 145 -62.67 47.86 -15.59
CA ASN Q 145 -63.53 48.16 -16.72
C ASN Q 145 -64.91 47.53 -16.59
N SER Q 146 -65.06 46.52 -15.73
CA SER Q 146 -66.34 45.86 -15.57
C SER Q 146 -67.35 46.71 -14.78
N ALA Q 147 -66.99 47.93 -14.42
CA ALA Q 147 -67.90 48.82 -13.70
C ALA Q 147 -67.56 50.26 -14.05
N ALA Q 148 -68.55 51.01 -14.51
CA ALA Q 148 -68.34 52.40 -14.92
C ALA Q 148 -69.69 53.12 -14.89
N ASP Q 149 -69.81 54.14 -14.04
CA ASP Q 149 -71.04 54.88 -13.87
C ASP Q 149 -71.52 55.46 -15.20
N PRO Q 150 -72.61 54.93 -15.78
CA PRO Q 150 -73.12 55.49 -17.03
C PRO Q 150 -74.28 56.46 -16.81
N ALA Q 151 -74.69 56.63 -15.55
CA ALA Q 151 -75.87 57.42 -15.25
C ALA Q 151 -75.80 58.81 -15.87
N VAL Q 152 -74.64 59.46 -15.76
CA VAL Q 152 -74.47 60.81 -16.29
C VAL Q 152 -74.45 60.86 -17.81
N ALA Q 153 -74.57 59.71 -18.49
CA ALA Q 153 -74.51 59.70 -19.94
C ALA Q 153 -75.73 60.35 -20.57
N GLY Q 154 -76.91 60.12 -20.01
CA GLY Q 154 -78.14 60.67 -20.56
C GLY Q 154 -78.54 62.02 -20.04
N LEU Q 155 -77.84 62.54 -19.03
CA LEU Q 155 -78.18 63.81 -18.43
C LEU Q 155 -77.56 64.94 -19.26
N ASN Q 156 -77.69 66.17 -18.77
CA ASN Q 156 -77.25 67.35 -19.51
C ASN Q 156 -76.60 68.30 -18.49
N ASP Q 157 -76.49 69.58 -18.86
CA ASP Q 157 -75.85 70.57 -18.01
C ASP Q 157 -76.36 70.53 -16.57
N THR Q 158 -77.51 69.89 -16.32
CA THR Q 158 -78.02 69.72 -14.97
C THR Q 158 -76.97 69.17 -14.01
N HIS Q 159 -75.89 68.58 -14.51
CA HIS Q 159 -74.85 68.05 -13.64
C HIS Q 159 -74.39 69.10 -12.65
N ALA Q 160 -73.82 68.65 -11.54
CA ALA Q 160 -73.32 69.56 -10.53
C ALA Q 160 -71.96 70.13 -10.95
N ALA Q 161 -71.51 71.13 -10.21
CA ALA Q 161 -70.23 71.75 -10.47
C ALA Q 161 -69.10 70.82 -10.03
N ARG Q 162 -67.86 71.27 -10.21
CA ARG Q 162 -66.68 70.49 -9.86
C ARG Q 162 -65.75 71.34 -9.01
N LYS Q 163 -65.24 70.74 -7.93
CA LYS Q 163 -64.31 71.39 -7.02
C LYS Q 163 -62.98 70.65 -7.07
N THR Q 164 -61.89 71.39 -7.16
CA THR Q 164 -60.57 70.80 -7.30
C THR Q 164 -60.09 70.24 -5.96
N GLY Q 165 -58.93 69.59 -6.00
CA GLY Q 165 -58.30 69.12 -4.79
C GLY Q 165 -57.51 70.21 -4.11
N ALA Q 166 -58.05 70.71 -3.00
CA ALA Q 166 -57.40 71.81 -2.30
C ALA Q 166 -56.00 71.42 -1.86
N PHE Q 167 -55.23 72.43 -1.44
CA PHE Q 167 -53.86 72.20 -0.99
C PHE Q 167 -53.83 71.20 0.16
N GLN Q 168 -54.48 71.55 1.28
CA GLN Q 168 -54.39 70.71 2.47
C GLN Q 168 -55.12 69.38 2.27
N PHE Q 169 -56.16 69.37 1.44
CA PHE Q 169 -56.91 68.13 1.23
C PHE Q 169 -56.02 67.07 0.58
N LEU Q 170 -55.27 67.45 -0.45
CA LEU Q 170 -54.38 66.50 -1.11
C LEU Q 170 -53.37 65.91 -0.14
N CYS Q 171 -53.05 66.64 0.93
CA CYS Q 171 -52.19 66.11 1.98
C CYS Q 171 -52.98 65.10 2.82
N ALA Q 172 -52.32 64.56 3.85
CA ALA Q 172 -52.92 63.54 4.71
C ALA Q 172 -53.92 64.20 5.65
N HIS Q 173 -55.10 64.49 5.11
CA HIS Q 173 -56.14 65.14 5.90
C HIS Q 173 -56.68 64.19 6.96
N GLY Q 174 -56.96 64.73 8.14
CA GLY Q 174 -57.49 63.97 9.25
C GLY Q 174 -58.98 63.74 9.22
N GLY Q 175 -59.66 64.15 8.16
CA GLY Q 175 -61.10 64.01 8.07
C GLY Q 175 -61.69 65.19 7.31
N LEU Q 176 -62.98 65.42 7.54
CA LEU Q 176 -63.69 66.49 6.85
C LEU Q 176 -64.76 67.06 7.77
N ALA Q 177 -65.26 68.24 7.39
CA ALA Q 177 -66.39 68.88 8.05
C ALA Q 177 -67.54 69.09 7.07
N GLY Q 178 -67.73 68.14 6.16
CA GLY Q 178 -68.74 68.26 5.13
C GLY Q 178 -68.18 68.81 3.84
N GLY Q 179 -67.67 70.04 3.88
CA GLY Q 179 -67.12 70.68 2.70
C GLY Q 179 -65.66 71.06 2.85
N VAL Q 180 -65.20 71.19 4.10
CA VAL Q 180 -63.84 71.61 4.39
C VAL Q 180 -63.19 70.59 5.31
N VAL Q 181 -61.85 70.60 5.30
CA VAL Q 181 -61.11 69.67 6.13
C VAL Q 181 -61.21 70.09 7.60
N ASP Q 182 -61.01 69.13 8.49
CA ASP Q 182 -61.09 69.36 9.93
C ASP Q 182 -59.88 70.17 10.39
N LYS Q 183 -60.13 71.29 11.06
CA LYS Q 183 -59.09 72.14 11.58
C LYS Q 183 -58.62 71.71 12.97
N THR Q 184 -59.07 70.55 13.44
CA THR Q 184 -58.73 70.06 14.78
C THR Q 184 -58.21 68.64 14.81
N LYS Q 185 -58.40 67.87 13.74
CA LYS Q 185 -58.02 66.47 13.74
C LYS Q 185 -56.64 66.28 13.11
N ASN Q 186 -55.86 65.36 13.68
CA ASN Q 186 -54.52 65.08 13.18
C ASN Q 186 -54.57 64.05 12.07
N GLY Q 187 -53.66 64.19 11.11
CA GLY Q 187 -53.59 63.27 9.99
C GLY Q 187 -53.20 61.88 10.41
N PRO Q 188 -53.45 60.90 9.54
CA PRO Q 188 -53.04 59.52 9.84
C PRO Q 188 -51.55 59.32 9.77
N ALA Q 189 -51.07 58.16 10.20
CA ALA Q 189 -49.66 57.83 10.13
C ALA Q 189 -49.35 57.20 8.78
N ASP Q 190 -48.36 57.76 8.09
CA ASP Q 190 -47.94 57.21 6.81
C ASP Q 190 -47.52 55.76 6.99
N PRO Q 191 -48.13 54.80 6.29
CA PRO Q 191 -47.74 53.39 6.49
C PRO Q 191 -46.26 53.11 6.27
N ASP Q 192 -45.54 54.02 5.59
CA ASP Q 192 -44.13 53.77 5.30
C ASP Q 192 -43.26 54.07 6.50
N THR Q 193 -43.53 55.17 7.20
CA THR Q 193 -42.76 55.58 8.37
C THR Q 193 -43.71 56.10 9.43
N GLY Q 194 -43.24 56.10 10.68
CA GLY Q 194 -44.05 56.56 11.78
C GLY Q 194 -44.20 58.07 11.82
N ALA Q 195 -44.68 58.64 10.72
CA ALA Q 195 -44.82 60.09 10.58
C ALA Q 195 -46.27 60.46 10.33
N VAL Q 196 -46.65 61.64 10.81
CA VAL Q 196 -47.98 62.20 10.55
C VAL Q 196 -47.80 63.59 9.96
N THR Q 197 -47.99 63.68 8.64
CA THR Q 197 -47.67 64.90 7.89
C THR Q 197 -48.55 66.09 8.27
N VAL Q 198 -49.71 65.86 8.89
CA VAL Q 198 -50.63 66.92 9.28
C VAL Q 198 -50.90 66.79 10.77
N LYS Q 199 -50.65 67.87 11.50
CA LYS Q 199 -50.87 67.90 12.94
C LYS Q 199 -51.61 69.18 13.31
N VAL Q 200 -51.95 69.28 14.60
CA VAL Q 200 -52.58 70.46 15.16
C VAL Q 200 -51.62 71.08 16.16
N ALA Q 201 -51.45 72.39 16.09
CA ALA Q 201 -50.50 73.06 16.96
C ALA Q 201 -50.98 73.02 18.41
N GLN Q 202 -50.05 72.77 19.32
CA GLN Q 202 -50.37 72.75 20.74
C GLN Q 202 -50.18 74.12 21.37
N ASN Q 203 -49.02 74.73 21.17
CA ASN Q 203 -48.72 76.08 21.67
C ASN Q 203 -48.87 76.13 23.20
N ALA Q 204 -48.26 75.15 23.87
CA ALA Q 204 -48.38 75.06 25.32
C ALA Q 204 -47.74 76.25 26.01
N SER Q 205 -46.70 76.83 25.40
CA SER Q 205 -46.03 77.96 26.03
C SER Q 205 -46.95 79.17 26.19
N ASN Q 206 -47.97 79.27 25.34
CA ASN Q 206 -48.90 80.39 25.36
C ASN Q 206 -50.18 80.00 26.09
N PRO Q 207 -50.96 80.97 26.54
CA PRO Q 207 -52.23 80.67 27.20
C PRO Q 207 -53.30 80.31 26.19
N THR Q 208 -54.49 79.98 26.72
CA THR Q 208 -55.62 79.64 25.85
C THR Q 208 -56.18 80.87 25.15
N THR Q 209 -55.95 82.07 25.69
CA THR Q 209 -56.50 83.27 25.08
C THR Q 209 -55.86 83.57 23.74
N ASN Q 210 -54.55 83.40 23.63
CA ASN Q 210 -53.85 83.67 22.38
C ASN Q 210 -54.00 82.50 21.42
N ILE Q 211 -53.94 82.80 20.13
CA ILE Q 211 -54.06 81.81 19.07
C ILE Q 211 -52.77 81.85 18.27
N GLY Q 212 -51.90 80.88 18.50
CA GLY Q 212 -50.65 80.81 17.78
C GLY Q 212 -50.07 79.42 17.83
N PHE Q 213 -48.75 79.35 17.63
CA PHE Q 213 -48.02 78.09 17.64
C PHE Q 213 -46.65 78.32 18.25
N ASP Q 214 -46.20 77.37 19.08
CA ASP Q 214 -44.91 77.46 19.71
C ASP Q 214 -43.84 76.88 18.80
N GLU Q 215 -42.58 77.28 19.04
CA GLU Q 215 -41.47 76.76 18.26
C GLU Q 215 -41.43 75.24 18.31
N ALA Q 216 -41.88 74.64 19.42
CA ALA Q 216 -41.91 73.19 19.52
C ALA Q 216 -42.78 72.57 18.44
N ASP Q 217 -43.91 73.19 18.13
CA ASP Q 217 -44.77 72.66 17.09
C ASP Q 217 -44.07 72.67 15.74
N ILE Q 218 -43.38 73.76 15.41
CA ILE Q 218 -42.66 73.85 14.15
C ILE Q 218 -41.57 72.79 14.09
N PHE Q 219 -40.82 72.64 15.18
CA PHE Q 219 -39.73 71.66 15.20
C PHE Q 219 -40.28 70.24 15.06
N ASP Q 220 -41.40 69.94 15.72
CA ASP Q 220 -41.97 68.59 15.61
C ASP Q 220 -42.52 68.34 14.22
N MET Q 221 -43.11 69.36 13.59
CA MET Q 221 -43.59 69.18 12.23
C MET Q 221 -42.43 68.97 11.26
N THR Q 222 -41.32 69.68 11.46
CA THR Q 222 -40.14 69.44 10.63
C THR Q 222 -39.56 68.05 10.90
N LEU Q 223 -39.68 67.57 12.14
CA LEU Q 223 -39.29 66.20 12.44
C LEU Q 223 -40.12 65.21 11.63
N GLN Q 224 -41.44 65.40 11.63
CA GLN Q 224 -42.30 64.55 10.82
C GLN Q 224 -41.94 64.64 9.34
N LEU Q 225 -41.65 65.84 8.85
CA LEU Q 225 -41.25 66.00 7.45
C LEU Q 225 -39.97 65.22 7.15
N TYR Q 226 -38.98 65.31 8.03
CA TYR Q 226 -37.72 64.61 7.81
C TYR Q 226 -37.91 63.11 7.87
N THR Q 227 -38.77 62.63 8.77
CA THR Q 227 -39.07 61.21 8.81
C THR Q 227 -39.81 60.76 7.56
N ALA Q 228 -40.59 61.66 6.95
CA ALA Q 228 -41.32 61.33 5.73
C ALA Q 228 -40.44 61.29 4.51
N GLY Q 229 -39.21 61.81 4.60
CA GLY Q 229 -38.31 61.83 3.47
C GLY Q 229 -38.41 63.07 2.61
N SER Q 230 -39.16 64.08 3.04
CA SER Q 230 -39.32 65.28 2.24
C SER Q 230 -38.03 66.11 2.24
N GLU Q 231 -37.98 67.06 1.30
CA GLU Q 231 -36.85 67.97 1.15
C GLU Q 231 -37.38 69.40 0.94
N ALA Q 232 -38.41 69.75 1.70
CA ALA Q 232 -39.02 71.06 1.57
C ALA Q 232 -38.09 72.15 2.09
N ASP Q 233 -38.12 73.30 1.43
CA ASP Q 233 -37.31 74.45 1.84
C ASP Q 233 -38.10 75.75 1.76
N ILE Q 234 -39.43 75.68 1.90
CA ILE Q 234 -40.29 76.84 1.79
C ILE Q 234 -41.35 76.76 2.88
N ILE Q 235 -41.69 77.91 3.45
CA ILE Q 235 -42.76 78.03 4.44
C ILE Q 235 -43.61 79.23 4.08
N MET Q 236 -44.91 79.11 4.29
CA MET Q 236 -45.85 80.18 4.01
C MET Q 236 -46.58 80.54 5.30
N ILE Q 237 -46.97 81.81 5.41
CA ILE Q 237 -47.57 82.33 6.63
C ILE Q 237 -48.41 83.55 6.27
N ASN Q 238 -49.49 83.75 7.01
CA ASN Q 238 -50.32 84.92 6.83
C ASN Q 238 -49.73 86.11 7.59
N PRO Q 239 -49.84 87.33 7.05
CA PRO Q 239 -49.24 88.48 7.74
C PRO Q 239 -49.63 88.60 9.21
N ALA Q 240 -50.77 88.04 9.61
CA ALA Q 240 -51.21 88.16 11.00
C ALA Q 240 -50.43 87.25 11.94
N HIS Q 241 -49.52 86.40 11.42
CA HIS Q 241 -48.76 85.49 12.25
C HIS Q 241 -47.25 85.72 12.17
N ALA Q 242 -46.78 86.65 11.35
CA ALA Q 242 -45.35 86.89 11.24
C ALA Q 242 -44.75 87.36 12.55
N LYS Q 243 -45.56 88.02 13.40
CA LYS Q 243 -45.07 88.46 14.69
C LYS Q 243 -44.52 87.29 15.50
N ILE Q 244 -45.07 86.09 15.30
CA ILE Q 244 -44.60 84.92 16.01
C ILE Q 244 -43.13 84.64 15.67
N PHE Q 245 -42.69 85.01 14.47
CA PHE Q 245 -41.30 84.85 14.09
C PHE Q 245 -40.50 86.13 14.34
N ALA Q 246 -41.14 87.28 14.20
CA ALA Q 246 -40.47 88.55 14.49
C ALA Q 246 -40.16 88.67 15.98
N GLY Q 247 -41.15 88.39 16.83
CA GLY Q 247 -40.92 88.36 18.26
C GLY Q 247 -40.18 87.14 18.75
N LEU Q 248 -39.77 86.25 17.84
CA LEU Q 248 -39.04 85.05 18.21
C LEU Q 248 -37.59 85.33 18.57
N GLN Q 249 -36.98 86.37 18.01
CA GLN Q 249 -35.60 86.73 18.29
C GLN Q 249 -35.48 87.78 19.39
N GLU Q 250 -36.51 87.96 20.21
CA GLU Q 250 -36.52 89.01 21.23
C GLU Q 250 -36.40 88.47 22.64
N ASN Q 251 -37.31 87.61 23.08
CA ASN Q 251 -37.22 87.01 24.40
C ASN Q 251 -38.26 85.93 24.62
N THR Q 252 -37.87 84.85 25.28
CA THR Q 252 -38.82 83.86 25.80
C THR Q 252 -39.01 84.01 27.30
N GLN Q 253 -37.92 83.92 28.07
CA GLN Q 253 -37.93 84.28 29.47
C GLN Q 253 -36.61 84.93 29.89
N GLY Q 254 -35.79 85.36 28.95
CA GLY Q 254 -34.46 85.83 29.21
C GLY Q 254 -33.36 84.98 28.59
N SER Q 255 -33.65 84.23 27.54
CA SER Q 255 -32.70 83.34 26.89
C SER Q 255 -32.29 83.79 25.49
N ARG Q 256 -32.96 84.79 24.93
CA ARG Q 256 -32.62 85.35 23.64
C ARG Q 256 -32.69 86.87 23.73
N LYS Q 257 -31.76 87.54 23.07
CA LYS Q 257 -31.67 88.99 23.17
C LYS Q 257 -31.07 89.56 21.90
N ARG Q 258 -31.64 90.66 21.43
CA ARG Q 258 -31.07 91.42 20.32
C ARG Q 258 -30.11 92.47 20.88
N ILE Q 259 -29.14 92.84 20.05
CA ILE Q 259 -28.11 93.80 20.44
C ILE Q 259 -27.74 94.65 19.25
N PHE Q 260 -27.49 95.95 19.51
CA PHE Q 260 -27.13 96.90 18.47
C PHE Q 260 -26.06 97.82 19.05
N GLU Q 261 -24.80 97.52 18.76
CA GLU Q 261 -23.70 98.27 19.35
C GLU Q 261 -23.73 99.73 18.93
N ASN Q 262 -23.62 100.00 17.62
CA ASN Q 262 -23.60 101.37 17.14
C ASN Q 262 -24.41 101.55 15.85
N THR Q 263 -25.31 100.62 15.54
CA THR Q 263 -26.09 100.70 14.31
C THR Q 263 -27.31 101.57 14.50
N LYS Q 264 -27.73 102.21 13.40
CA LYS Q 264 -28.94 103.01 13.36
C LYS Q 264 -30.07 102.31 12.64
N GLN Q 265 -30.02 100.98 12.54
CA GLN Q 265 -31.01 100.21 11.81
C GLN Q 265 -31.60 99.16 12.74
N PHE Q 266 -32.93 99.11 12.81
CA PHE Q 266 -33.62 98.11 13.59
C PHE Q 266 -33.71 96.80 12.81
N ILE Q 267 -33.90 95.72 13.56
CA ILE Q 267 -33.98 94.37 13.01
C ILE Q 267 -35.16 93.68 13.66
N TYR Q 268 -36.27 93.57 12.93
CA TYR Q 268 -37.46 92.90 13.44
C TYR Q 268 -38.09 91.98 12.39
N GLU Q 269 -37.29 91.46 11.47
CA GLU Q 269 -37.77 90.59 10.41
C GLU Q 269 -37.00 89.28 10.43
N VAL Q 270 -37.67 88.21 9.99
CA VAL Q 270 -37.09 86.88 9.96
C VAL Q 270 -37.51 86.22 8.66
N ASN Q 271 -36.54 85.89 7.80
CA ASN Q 271 -36.82 85.31 6.49
C ASN Q 271 -35.98 84.07 6.24
N SER Q 272 -35.43 83.46 7.29
CA SER Q 272 -34.64 82.24 7.14
C SER Q 272 -34.59 81.53 8.48
N ILE Q 273 -35.21 80.34 8.54
CA ILE Q 273 -35.20 79.52 9.74
C ILE Q 273 -34.64 78.16 9.38
N THR Q 274 -33.96 77.55 10.35
CA THR Q 274 -33.34 76.24 10.17
C THR Q 274 -33.61 75.39 11.39
N ASP Q 275 -34.07 74.17 11.17
CA ASP Q 275 -34.40 73.26 12.26
C ASP Q 275 -33.16 72.53 12.74
N PRO Q 276 -33.22 71.95 13.94
CA PRO Q 276 -32.03 71.22 14.45
C PRO Q 276 -31.59 70.07 13.56
N LEU Q 277 -32.41 69.66 12.60
CA LEU Q 277 -32.05 68.55 11.72
C LEU Q 277 -31.21 68.98 10.53
N GLY Q 278 -31.04 70.28 10.31
CA GLY Q 278 -30.24 70.77 9.21
C GLY Q 278 -31.02 71.19 7.98
N GLN Q 279 -32.34 71.24 8.05
CA GLN Q 279 -33.18 71.65 6.93
C GLN Q 279 -33.33 73.17 6.94
N SER Q 280 -33.04 73.80 5.80
CA SER Q 280 -33.04 75.25 5.68
C SER Q 280 -34.36 75.68 5.06
N TYR Q 281 -35.22 76.28 5.88
CA TYR Q 281 -36.51 76.77 5.42
C TYR Q 281 -36.49 78.29 5.29
N LYS Q 282 -37.29 78.81 4.37
CA LYS Q 282 -37.44 80.25 4.18
C LYS Q 282 -38.90 80.64 4.34
N ILE Q 283 -39.12 81.85 4.82
CA ILE Q 283 -40.46 82.37 5.05
C ILE Q 283 -40.97 83.06 3.79
N ILE Q 284 -42.27 82.98 3.57
CA ILE Q 284 -42.93 83.60 2.43
C ILE Q 284 -44.29 84.09 2.90
N VAL Q 285 -44.51 85.40 2.83
CA VAL Q 285 -45.78 85.99 3.25
C VAL Q 285 -46.80 85.81 2.14
N ASN Q 286 -48.05 85.57 2.54
CA ASN Q 286 -49.16 85.40 1.61
C ASN Q 286 -50.41 86.02 2.21
N ARG Q 287 -50.96 87.03 1.54
CA ARG Q 287 -52.15 87.70 2.04
C ARG Q 287 -53.34 86.75 2.05
N TRP Q 288 -53.56 86.03 0.96
CA TRP Q 288 -54.73 85.17 0.82
C TRP Q 288 -54.56 83.82 1.50
N MET Q 289 -53.48 83.63 2.25
CA MET Q 289 -53.33 82.44 3.07
C MET Q 289 -54.20 82.57 4.32
N PRO Q 290 -55.03 81.57 4.63
CA PRO Q 290 -55.91 81.68 5.78
C PRO Q 290 -55.13 81.89 7.07
N THR Q 291 -55.73 82.68 7.96
CA THR Q 291 -55.11 83.05 9.23
C THR Q 291 -55.38 82.02 10.32
N ASP Q 292 -55.67 80.78 9.95
CA ASP Q 292 -55.93 79.71 10.91
C ASP Q 292 -54.95 78.56 10.82
N ALA Q 293 -54.15 78.49 9.76
CA ALA Q 293 -53.22 77.38 9.59
C ALA Q 293 -51.95 77.88 8.93
N VAL Q 294 -50.97 76.97 8.82
CA VAL Q 294 -49.66 77.26 8.25
C VAL Q 294 -49.29 76.12 7.32
N TYR Q 295 -48.56 76.43 6.25
CA TYR Q 295 -48.20 75.46 5.23
C TYR Q 295 -46.69 75.31 5.15
N PHE Q 296 -46.22 74.06 5.16
CA PHE Q 296 -44.84 73.71 4.90
C PHE Q 296 -44.81 72.82 3.67
N PHE Q 297 -44.05 73.20 2.66
CA PHE Q 297 -44.10 72.53 1.37
C PHE Q 297 -42.85 72.89 0.57
N ARG Q 298 -42.79 72.37 -0.65
CA ARG Q 298 -41.78 72.70 -1.63
C ARG Q 298 -42.45 73.24 -2.89
N SER Q 299 -41.68 73.97 -3.69
CA SER Q 299 -42.24 74.51 -4.93
C SER Q 299 -42.50 73.41 -5.95
N ALA Q 300 -41.48 72.60 -6.26
CA ALA Q 300 -41.60 71.61 -7.31
C ALA Q 300 -42.52 70.44 -6.93
N ASP Q 301 -42.70 70.19 -5.62
CA ASP Q 301 -43.60 69.13 -5.22
C ASP Q 301 -45.02 69.36 -5.71
N TRP Q 302 -45.39 70.62 -5.90
CA TRP Q 302 -46.73 70.99 -6.36
C TRP Q 302 -46.68 71.44 -7.82
N THR Q 303 -47.85 71.47 -8.45
CA THR Q 303 -47.96 71.83 -9.85
C THR Q 303 -49.41 72.17 -10.14
N GLN Q 304 -49.59 72.99 -11.17
CA GLN Q 304 -50.92 73.48 -11.58
C GLN Q 304 -51.21 72.95 -12.97
N MET Q 305 -52.17 72.03 -13.05
CA MET Q 305 -52.60 71.46 -14.33
C MET Q 305 -53.68 72.36 -14.92
N VAL Q 306 -53.41 72.89 -16.11
CA VAL Q 306 -54.34 73.77 -16.82
C VAL Q 306 -54.91 73.02 -18.01
N LEU Q 307 -56.19 73.28 -18.31
CA LEU Q 307 -56.87 72.68 -19.44
C LEU Q 307 -57.11 73.63 -20.59
N ARG Q 308 -57.60 74.84 -20.32
CA ARG Q 308 -57.79 75.86 -21.35
C ARG Q 308 -57.46 77.20 -20.73
N ALA Q 309 -56.51 77.92 -21.33
CA ALA Q 309 -56.08 79.20 -20.80
C ALA Q 309 -57.25 80.17 -20.75
N PRO Q 310 -57.18 81.20 -19.90
CA PRO Q 310 -58.28 82.16 -19.81
C PRO Q 310 -58.45 82.98 -21.09
N LYS Q 311 -59.63 82.93 -21.70
CA LYS Q 311 -59.89 83.59 -22.96
C LYS Q 311 -61.19 84.38 -22.86
N ARG Q 312 -61.20 85.59 -23.40
CA ARG Q 312 -62.43 86.37 -23.48
C ARG Q 312 -63.41 85.71 -24.44
N THR Q 313 -64.69 85.80 -24.12
CA THR Q 313 -65.74 85.23 -24.95
C THR Q 313 -66.99 86.09 -24.86
N GLU Q 314 -67.74 86.12 -25.96
CA GLU Q 314 -68.99 86.85 -26.03
C GLU Q 314 -70.16 85.88 -26.06
N LEU Q 315 -71.30 86.32 -25.56
CA LEU Q 315 -72.54 85.57 -25.56
C LEU Q 315 -73.61 86.35 -26.31
N ALA Q 316 -74.83 85.82 -26.29
CA ALA Q 316 -75.95 86.46 -26.97
C ALA Q 316 -76.08 87.92 -26.52
N LYS Q 317 -76.70 88.72 -27.38
CA LYS Q 317 -76.89 90.14 -27.11
C LYS Q 317 -78.07 90.37 -26.16
N ASP Q 318 -79.21 89.76 -26.47
CA ASP Q 318 -80.45 89.87 -25.70
C ASP Q 318 -81.12 91.22 -25.87
N GLY Q 319 -80.46 92.20 -26.48
CA GLY Q 319 -81.02 93.52 -26.66
C GLY Q 319 -80.50 94.50 -25.63
N SER Q 320 -79.53 95.32 -26.02
CA SER Q 320 -78.93 96.36 -25.20
C SER Q 320 -78.22 95.83 -23.97
N TYR Q 321 -78.12 94.52 -23.79
CA TYR Q 321 -77.48 93.96 -22.60
C TYR Q 321 -75.96 93.91 -22.75
N GLU Q 322 -75.50 93.37 -23.88
CA GLU Q 322 -74.06 93.28 -24.16
C GLU Q 322 -73.33 92.48 -23.09
N LYS Q 323 -73.71 91.21 -22.97
CA LYS Q 323 -73.11 90.35 -21.95
C LYS Q 323 -71.70 89.93 -22.37
N TRP Q 324 -70.88 89.64 -21.36
CA TRP Q 324 -69.51 89.19 -21.56
C TRP Q 324 -69.19 88.11 -20.55
N MET Q 325 -68.23 87.25 -20.90
CA MET Q 325 -67.90 86.10 -20.08
C MET Q 325 -66.40 85.85 -20.10
N ILE Q 326 -65.90 85.30 -19.00
CA ILE Q 326 -64.51 84.85 -18.88
C ILE Q 326 -64.53 83.52 -18.16
N GLU Q 327 -63.91 82.50 -18.76
CA GLU Q 327 -63.83 81.17 -18.17
C GLU Q 327 -62.39 80.70 -18.17
N MET Q 328 -62.05 79.91 -17.16
CA MET Q 328 -60.71 79.35 -17.01
C MET Q 328 -60.81 78.00 -16.33
N GLU Q 329 -60.11 77.02 -16.88
CA GLU Q 329 -60.10 75.66 -16.36
C GLU Q 329 -58.70 75.35 -15.84
N VAL Q 330 -58.61 75.02 -14.55
CA VAL Q 330 -57.33 74.76 -13.91
C VAL Q 330 -57.47 73.51 -13.04
N GLY Q 331 -56.32 72.95 -12.69
CA GLY Q 331 -56.29 71.79 -11.80
C GLY Q 331 -54.99 71.76 -11.04
N LEU Q 332 -55.05 71.18 -9.84
CA LEU Q 332 -53.91 71.09 -8.95
C LEU Q 332 -53.34 69.67 -8.96
N ARG Q 333 -52.06 69.58 -8.63
CA ARG Q 333 -51.37 68.30 -8.57
C ARG Q 333 -50.34 68.34 -7.46
N HIS Q 334 -50.05 67.16 -6.92
CA HIS Q 334 -49.08 67.02 -5.84
C HIS Q 334 -48.37 65.68 -6.01
N ARG Q 335 -47.03 65.71 -5.95
CA ARG Q 335 -46.27 64.48 -6.14
C ARG Q 335 -46.67 63.41 -5.13
N ASN Q 336 -46.60 63.75 -3.84
CA ASN Q 336 -46.93 62.80 -2.79
C ASN Q 336 -47.66 63.52 -1.66
N PRO Q 337 -48.74 62.95 -1.12
CA PRO Q 337 -49.43 63.62 -0.01
C PRO Q 337 -48.55 63.87 1.20
N TYR Q 338 -47.69 62.93 1.55
CA TYR Q 338 -46.85 63.05 2.74
C TYR Q 338 -45.56 63.81 2.49
N ALA Q 339 -45.42 64.47 1.34
CA ALA Q 339 -44.21 65.23 1.05
C ALA Q 339 -44.23 66.60 1.70
N SER Q 340 -45.36 67.30 1.65
CA SER Q 340 -45.52 68.61 2.26
C SER Q 340 -46.45 68.52 3.46
N GLY Q 341 -46.17 69.34 4.47
CA GLY Q 341 -46.92 69.29 5.72
C GLY Q 341 -47.75 70.52 5.98
N VAL Q 342 -48.66 70.42 6.95
CA VAL Q 342 -49.57 71.50 7.29
C VAL Q 342 -49.75 71.54 8.80
N LEU Q 343 -50.05 72.73 9.32
CA LEU Q 343 -50.20 72.95 10.76
C LEU Q 343 -51.37 73.87 10.99
N PHE Q 344 -52.34 73.43 11.79
CA PHE Q 344 -53.50 74.23 12.16
C PHE Q 344 -53.27 74.89 13.50
N THR Q 345 -53.53 76.20 13.58
CA THR Q 345 -53.41 76.90 14.84
C THR Q 345 -54.46 76.38 15.83
N ALA Q 346 -54.27 76.75 17.09
CA ALA Q 346 -55.17 76.32 18.16
C ALA Q 346 -54.74 77.01 19.45
N ALA Q 347 -55.56 76.85 20.48
CA ALA Q 347 -55.25 77.43 21.77
C ALA Q 347 -54.02 76.77 22.38
N GLY Q 348 -53.58 77.31 23.52
CA GLY Q 348 -52.39 76.84 24.19
C GLY Q 348 -52.67 75.73 25.17
N LYS Q 349 -51.95 75.78 26.30
CA LYS Q 349 -52.09 74.78 27.35
C LYS Q 349 -53.55 74.54 27.72
N ASN R 3 96.32 -22.51 46.69
CA ASN R 3 95.54 -21.39 47.30
C ASN R 3 94.23 -21.20 46.53
N PRO R 4 93.33 -20.37 47.06
CA PRO R 4 92.06 -20.14 46.35
C PRO R 4 92.29 -19.35 45.06
N THR R 5 91.17 -19.10 44.37
CA THR R 5 91.21 -18.48 43.05
C THR R 5 90.62 -17.08 43.01
N LEU R 6 90.20 -16.52 44.14
CA LEU R 6 89.68 -15.15 44.16
C LEU R 6 90.63 -14.25 44.93
N PHE R 7 90.94 -14.62 46.18
CA PHE R 7 92.00 -13.98 46.97
C PHE R 7 91.92 -12.45 46.85
N VAL R 8 90.84 -11.89 47.38
CA VAL R 8 90.57 -10.46 47.23
C VAL R 8 91.31 -9.67 48.30
N SER R 9 92.52 -9.21 47.97
CA SER R 9 93.29 -8.25 48.76
C SER R 9 93.38 -8.64 50.24
N TYR R 10 93.74 -9.87 50.54
CA TYR R 10 93.71 -10.35 51.93
C TYR R 10 95.07 -10.37 52.60
N ASP R 11 96.04 -11.09 52.03
CA ASP R 11 97.39 -11.19 52.61
C ASP R 11 98.47 -10.65 51.67
N GLN R 12 98.18 -9.63 50.87
CA GLN R 12 99.14 -9.12 49.89
C GLN R 12 100.35 -8.57 50.64
N ASN R 13 101.49 -9.23 50.49
CA ASN R 13 102.73 -8.77 51.11
C ASN R 13 103.41 -7.73 50.23
N GLY R 14 104.39 -7.04 50.81
CA GLY R 14 105.09 -5.99 50.10
C GLY R 14 104.23 -4.75 49.94
N LYS R 15 103.73 -4.22 51.05
CA LYS R 15 102.81 -3.10 51.01
C LYS R 15 103.57 -1.78 50.93
N LYS R 16 102.83 -0.68 51.04
CA LYS R 16 103.40 0.66 50.94
C LYS R 16 103.44 1.41 52.27
N LEU R 17 102.78 0.90 53.31
CA LEU R 17 102.75 1.42 54.67
C LEU R 17 101.85 2.65 54.81
N SER R 18 101.36 3.22 53.72
CA SER R 18 100.36 4.30 53.74
C SER R 18 100.59 5.27 54.91
N PHE R 19 101.82 5.71 55.05
CA PHE R 19 102.12 6.70 56.08
C PHE R 19 101.52 8.04 55.73
N ALA R 20 101.38 8.89 56.75
CA ALA R 20 100.78 10.20 56.57
C ALA R 20 101.82 11.22 56.10
N ASN R 21 101.38 12.47 55.96
CA ASN R 21 102.21 13.55 55.45
C ASN R 21 102.25 14.71 56.44
N TRP R 22 102.40 14.39 57.73
CA TRP R 22 102.52 15.42 58.76
C TRP R 22 103.01 14.79 60.04
N ILE R 23 103.23 15.64 61.04
CA ILE R 23 103.56 15.21 62.39
C ILE R 23 102.87 16.14 63.36
N SER R 24 102.38 15.57 64.46
CA SER R 24 101.58 16.29 65.45
C SER R 24 102.46 16.54 66.67
N VAL R 25 102.95 17.78 66.79
CA VAL R 25 103.73 18.19 67.95
C VAL R 25 102.75 18.82 68.93
N LEU R 26 102.21 17.99 69.82
CA LEU R 26 101.22 18.45 70.78
C LEU R 26 101.85 19.18 71.96
N SER R 27 103.17 19.37 71.96
CA SER R 27 103.81 20.14 73.02
C SER R 27 103.17 21.52 73.11
N PRO R 28 103.05 22.08 74.32
CA PRO R 28 102.41 23.40 74.45
C PRO R 28 103.29 24.49 73.88
N GLN R 29 102.84 25.09 72.78
CA GLN R 29 103.55 26.16 72.11
C GLN R 29 102.85 27.51 72.22
N ASP R 30 101.83 27.61 73.07
CA ASP R 30 101.11 28.86 73.23
C ASP R 30 102.06 29.98 73.64
N THR R 31 102.25 30.95 72.76
CA THR R 31 103.14 32.09 73.00
C THR R 31 102.43 33.38 72.58
N PRO R 32 101.32 33.71 73.24
CA PRO R 32 100.61 34.94 72.89
C PRO R 32 101.35 36.20 73.29
N PHE R 33 102.12 36.13 74.39
CA PHE R 33 102.87 37.31 74.82
C PHE R 33 103.85 37.76 73.75
N VAL R 34 104.56 36.82 73.13
CA VAL R 34 105.53 37.19 72.10
C VAL R 34 104.81 37.66 70.84
N SER R 35 103.68 37.03 70.51
CA SER R 35 102.90 37.46 69.35
C SER R 35 102.31 38.84 69.54
N MET R 36 102.11 39.28 70.78
CA MET R 36 101.57 40.61 71.04
C MET R 36 102.64 41.69 71.02
N THR R 37 103.78 41.44 71.68
CA THR R 37 104.83 42.44 71.74
C THR R 37 105.38 42.73 70.36
N GLY R 38 105.74 44.00 70.12
CA GLY R 38 106.31 44.42 68.87
C GLY R 38 107.76 44.00 68.74
N LYS R 39 108.35 44.38 67.61
CA LYS R 39 109.73 44.04 67.29
C LYS R 39 110.45 45.28 66.78
N GLU R 40 111.77 45.30 66.97
CA GLU R 40 112.60 46.41 66.50
C GLU R 40 114.05 45.96 66.49
N SER R 41 114.74 46.25 65.38
CA SER R 41 116.14 45.87 65.23
C SER R 41 117.02 46.91 65.90
N ILE R 42 117.87 46.46 66.82
CA ILE R 42 118.77 47.33 67.57
C ILE R 42 120.16 47.23 66.96
N ASN R 43 120.93 48.32 67.09
CA ASN R 43 122.27 48.38 66.52
C ASN R 43 123.29 47.70 67.43
N GLN R 44 123.41 48.18 68.66
CA GLN R 44 124.39 47.67 69.61
C GLN R 44 123.72 46.81 70.67
N THR R 45 124.55 46.07 71.40
CA THR R 45 124.04 45.18 72.44
C THR R 45 123.41 45.96 73.59
N ILE R 46 123.99 47.10 73.92
CA ILE R 46 123.47 47.93 75.00
C ILE R 46 122.50 48.94 74.40
N PHE R 47 121.37 49.14 75.09
CA PHE R 47 120.38 50.11 74.66
C PHE R 47 119.75 50.72 75.90
N SER R 48 118.76 51.58 75.69
CA SER R 48 118.12 52.30 76.79
C SER R 48 116.90 53.03 76.23
N TRP R 49 116.17 53.67 77.14
CA TRP R 49 114.96 54.40 76.77
C TRP R 49 114.72 55.50 77.80
N GLN R 50 114.33 56.67 77.32
CA GLN R 50 114.08 57.79 78.21
C GLN R 50 112.62 57.84 78.62
N THR R 51 112.34 58.57 79.69
CA THR R 51 110.99 58.77 80.18
C THR R 51 111.00 59.94 81.16
N ASP R 52 109.92 60.72 81.15
CA ASP R 52 109.79 61.89 81.99
C ASP R 52 108.43 61.84 82.66
N ALA R 53 108.13 62.89 83.44
CA ALA R 53 106.87 62.96 84.15
C ALA R 53 106.51 64.43 84.36
N LEU R 54 105.24 64.76 84.13
CA LEU R 54 104.77 66.12 84.33
C LEU R 54 104.93 66.54 85.78
N ALA R 55 105.02 67.84 86.01
CA ALA R 55 105.17 68.39 87.34
C ALA R 55 103.82 68.38 88.07
N SER R 56 103.89 68.57 89.38
CA SER R 56 102.68 68.53 90.20
C SER R 56 101.74 69.66 89.81
N VAL R 57 100.43 69.37 89.88
CA VAL R 57 99.44 70.35 89.49
C VAL R 57 99.40 71.49 90.51
N ASP R 58 98.87 72.63 90.07
CA ASP R 58 98.71 73.82 90.92
C ASP R 58 97.34 74.41 90.61
N GLY R 59 96.36 74.14 91.47
CA GLY R 59 95.02 74.66 91.26
C GLY R 59 94.86 76.13 91.58
N ASN R 60 95.93 76.81 91.99
CA ASN R 60 95.89 78.22 92.35
C ASN R 60 96.70 79.05 91.34
N ASN R 61 96.59 78.71 90.06
CA ASN R 61 97.32 79.41 89.01
C ASN R 61 96.59 80.71 88.66
N ALA R 62 96.73 81.68 89.56
CA ALA R 62 96.13 83.01 89.40
C ALA R 62 97.27 83.99 89.13
N HIS R 63 97.65 84.11 87.86
CA HIS R 63 98.70 85.02 87.43
C HIS R 63 98.11 86.08 86.52
N VAL R 64 98.33 87.34 86.87
CA VAL R 64 97.85 88.47 86.08
C VAL R 64 98.84 88.73 84.94
N GLU R 65 98.39 89.48 83.93
CA GLU R 65 99.24 89.75 82.78
C GLU R 65 100.43 90.63 83.16
N GLY R 66 100.15 91.81 83.71
CA GLY R 66 101.20 92.72 84.10
C GLY R 66 101.94 92.26 85.34
N SER R 67 102.64 91.14 85.23
CA SER R 67 103.40 90.57 86.34
C SER R 67 104.71 90.00 85.82
N ARG R 68 105.64 89.81 86.75
CA ARG R 68 106.93 89.22 86.44
C ARG R 68 106.83 87.69 86.43
N ALA R 69 107.76 87.06 85.73
CA ALA R 69 107.80 85.61 85.61
C ALA R 69 108.77 85.03 86.63
N GLU R 70 108.68 83.72 86.83
CA GLU R 70 109.50 83.00 87.80
C GLU R 70 110.74 82.43 87.12
N ASP R 71 111.73 82.09 87.95
CA ASP R 71 112.96 81.48 87.45
C ASP R 71 112.65 80.21 86.66
N GLY R 72 111.76 79.37 87.20
CA GLY R 72 111.39 78.13 86.54
C GLY R 72 111.70 76.91 87.40
N GLU R 73 111.71 75.74 86.77
CA GLU R 73 112.00 74.49 87.46
C GLU R 73 113.05 73.70 86.69
N MET R 74 113.64 72.72 87.38
CA MET R 74 114.58 71.79 86.79
C MET R 74 113.88 70.45 86.60
N LYS R 75 113.57 70.10 85.36
CA LYS R 75 112.85 68.88 85.04
C LYS R 75 113.69 68.02 84.10
N PRO R 76 114.62 67.21 84.61
CA PRO R 76 115.42 66.34 83.73
C PRO R 76 114.56 65.20 83.20
N THR R 77 115.20 64.36 82.39
CA THR R 77 114.60 63.13 81.90
C THR R 77 115.18 61.94 82.65
N VAL R 78 114.41 60.87 82.74
CA VAL R 78 114.82 59.66 83.43
C VAL R 78 115.44 58.72 82.41
N ILE R 79 116.58 58.15 82.78
CA ILE R 79 117.39 57.32 81.90
C ILE R 79 117.49 55.92 82.48
N LYS R 80 117.21 54.93 81.66
CA LYS R 80 117.32 53.52 82.03
C LYS R 80 118.30 52.83 81.08
N SER R 81 118.34 51.50 81.16
CA SER R 81 119.20 50.71 80.30
C SER R 81 118.91 49.23 80.55
N ASN R 82 119.22 48.42 79.55
CA ASN R 82 119.02 46.97 79.65
C ASN R 82 120.13 46.28 78.88
N VAL R 83 120.01 44.97 78.72
CA VAL R 83 120.99 44.16 78.00
C VAL R 83 120.24 43.11 77.20
N THR R 84 120.93 42.58 76.18
CA THR R 84 120.39 41.52 75.34
C THR R 84 121.01 40.19 75.75
N GLN R 85 120.17 39.20 75.98
CA GLN R 85 120.63 37.87 76.39
C GLN R 85 120.96 37.02 75.16
N ILE R 86 121.95 36.15 75.31
CA ILE R 86 122.36 35.23 74.27
C ILE R 86 121.80 33.86 74.59
N LEU R 87 121.07 33.28 73.63
CA LEU R 87 120.49 31.96 73.78
C LEU R 87 120.58 31.24 72.44
N ARG R 88 120.98 29.98 72.49
CA ARG R 88 121.24 29.21 71.28
C ARG R 88 121.01 27.73 71.55
N LYS R 89 120.98 26.96 70.46
CA LYS R 89 120.91 25.51 70.53
C LYS R 89 121.76 24.92 69.41
N VAL R 90 122.53 23.90 69.73
CA VAL R 90 123.41 23.24 68.77
C VAL R 90 122.78 21.92 68.35
N VAL R 91 123.11 21.49 67.14
CA VAL R 91 122.61 20.22 66.61
C VAL R 91 123.63 19.69 65.60
N ARG R 92 123.81 18.38 65.62
CA ARG R 92 124.75 17.71 64.71
C ARG R 92 124.08 16.46 64.15
N VAL R 93 124.23 16.25 62.84
CA VAL R 93 123.69 15.08 62.16
C VAL R 93 124.74 14.57 61.19
N SER R 94 124.36 13.54 60.42
CA SER R 94 125.22 12.93 59.42
C SER R 94 124.54 12.98 58.06
N ASP R 95 125.35 13.07 57.01
CA ASP R 95 124.80 13.12 55.65
C ASP R 95 124.00 11.88 55.33
N THR R 96 124.40 10.73 55.88
CA THR R 96 123.67 9.49 55.61
C THR R 96 122.24 9.53 56.10
N ALA R 97 121.94 10.34 57.13
CA ALA R 97 120.60 10.45 57.66
C ALA R 97 119.84 11.65 57.11
N ASN R 98 120.52 12.58 56.45
CA ASN R 98 119.85 13.75 55.89
C ASN R 98 119.30 13.51 54.50
N THR R 99 119.90 12.59 53.74
CA THR R 99 119.42 12.29 52.39
C THR R 99 118.30 11.27 52.36
N THR R 100 118.02 10.63 53.50
CA THR R 100 116.99 9.60 53.54
C THR R 100 115.61 10.22 53.31
N ALA R 101 114.88 9.69 52.34
CA ALA R 101 113.54 10.17 52.03
C ALA R 101 112.57 9.59 53.06
N ASN R 102 112.22 10.39 54.06
CA ASN R 102 111.30 9.95 55.09
C ASN R 102 109.86 10.02 54.58
N TYR R 103 108.93 9.59 55.42
CA TYR R 103 107.51 9.51 55.06
C TYR R 103 106.68 10.60 55.71
N GLY R 104 106.97 10.96 56.97
CA GLY R 104 106.27 12.02 57.64
C GLY R 104 107.20 13.07 58.23
N ARG R 105 108.48 12.70 58.38
CA ARG R 105 109.46 13.61 58.96
C ARG R 105 109.85 14.73 58.00
N GLY R 106 109.48 14.63 56.73
CA GLY R 106 109.84 15.65 55.76
C GLY R 106 111.31 15.57 55.42
N ARG R 107 112.15 15.89 56.40
CA ARG R 107 113.60 15.75 56.29
C ARG R 107 114.14 15.38 57.66
N GLU R 108 115.46 15.48 57.83
CA GLU R 108 116.09 15.20 59.11
C GLU R 108 116.76 16.43 59.72
N LEU R 109 117.08 17.45 58.93
CA LEU R 109 117.79 18.62 59.43
C LEU R 109 116.85 19.81 59.61
N MET R 110 116.25 20.28 58.53
CA MET R 110 115.39 21.47 58.60
C MET R 110 114.25 21.28 59.59
N TYR R 111 113.67 20.08 59.65
CA TYR R 111 112.61 19.82 60.61
C TYR R 111 113.12 20.00 62.03
N GLN R 112 114.28 19.42 62.34
CA GLN R 112 114.89 19.61 63.65
C GLN R 112 115.23 21.07 63.88
N LEU R 113 115.61 21.79 62.83
CA LEU R 113 115.93 23.21 62.97
C LEU R 113 114.70 24.00 63.40
N GLU R 114 113.56 23.76 62.73
CA GLU R 114 112.32 24.42 63.13
C GLU R 114 111.90 24.01 64.54
N LYS R 115 112.09 22.74 64.89
CA LYS R 115 111.81 22.29 66.25
C LYS R 115 112.61 23.10 67.27
N LYS R 116 113.92 23.21 67.05
CA LYS R 116 114.77 23.97 67.97
C LYS R 116 114.40 25.44 67.96
N GLY R 117 113.97 25.98 66.83
CA GLY R 117 113.55 27.37 66.78
C GLY R 117 112.32 27.63 67.63
N LYS R 118 111.32 26.76 67.54
CA LYS R 118 110.15 26.89 68.39
C LYS R 118 110.51 26.71 69.85
N GLU R 119 111.41 25.76 70.15
CA GLU R 119 111.84 25.58 71.53
C GLU R 119 112.52 26.84 72.06
N ILE R 120 113.36 27.47 71.25
CA ILE R 120 114.04 28.69 71.67
C ILE R 120 113.04 29.82 71.86
N LYS R 121 112.02 29.88 70.99
CA LYS R 121 110.98 30.89 71.15
C LYS R 121 110.29 30.75 72.50
N ARG R 122 109.86 29.53 72.83
CA ARG R 122 109.17 29.33 74.10
C ARG R 122 110.10 29.55 75.29
N ASP R 123 111.37 29.13 75.18
CA ASP R 123 112.31 29.35 76.27
C ASP R 123 112.54 30.84 76.51
N LEU R 124 112.60 31.62 75.43
CA LEU R 124 112.73 33.06 75.58
C LEU R 124 111.49 33.68 76.19
N GLU R 125 110.31 33.21 75.78
CA GLU R 125 109.09 33.70 76.40
C GLU R 125 109.08 33.39 77.90
N LYS R 126 109.67 32.25 78.29
CA LYS R 126 109.73 31.91 79.70
C LYS R 126 110.73 32.81 80.44
N ILE R 127 111.91 33.02 79.85
CA ILE R 127 112.93 33.80 80.54
C ILE R 127 112.51 35.25 80.66
N LEU R 128 111.75 35.76 79.69
CA LEU R 128 111.32 37.16 79.73
C LEU R 128 110.38 37.43 80.89
N LEU R 129 109.65 36.41 81.37
CA LEU R 129 108.71 36.58 82.47
C LEU R 129 109.19 35.95 83.77
N SER R 130 110.27 35.17 83.74
CA SER R 130 110.78 34.56 84.97
C SER R 130 111.14 35.61 86.01
N GLY R 131 111.59 36.78 85.58
CA GLY R 131 111.90 37.85 86.50
C GLY R 131 113.36 37.94 86.90
N GLN R 132 114.28 37.57 86.02
CA GLN R 132 115.69 37.65 86.34
C GLN R 132 116.20 39.08 86.19
N ALA R 133 117.21 39.41 86.97
CA ALA R 133 117.81 40.73 86.94
C ALA R 133 119.04 40.73 86.03
N ARG R 134 119.68 41.89 85.92
CA ARG R 134 120.85 42.06 85.06
C ARG R 134 122.11 41.69 85.85
N THR R 135 122.69 40.55 85.49
CA THR R 135 123.94 40.07 86.09
C THR R 135 125.07 40.47 85.14
N ASP R 136 125.54 41.71 85.29
CA ASP R 136 126.56 42.26 84.41
C ASP R 136 127.67 42.88 85.25
N VAL R 137 128.88 42.91 84.67
CA VAL R 137 130.03 43.50 85.36
C VAL R 137 130.14 45.00 85.15
N LEU R 138 129.47 45.54 84.14
CA LEU R 138 129.61 46.94 83.78
C LEU R 138 128.86 47.82 84.77
N ALA R 139 129.46 48.95 85.14
CA ALA R 139 128.82 49.92 86.00
C ALA R 139 127.94 50.85 85.16
N ASP R 140 127.36 51.85 85.79
CA ASP R 140 126.47 52.80 85.11
C ASP R 140 127.20 54.01 84.54
N GLN R 141 128.52 53.92 84.35
CA GLN R 141 129.32 55.05 83.88
C GLN R 141 129.25 55.26 82.37
N TYR R 142 128.25 54.68 81.68
CA TYR R 142 128.16 54.81 80.24
C TYR R 142 128.24 56.27 79.79
N LEU R 143 127.56 57.15 80.51
CA LEU R 143 127.36 58.53 80.08
C LEU R 143 128.46 59.46 80.59
N THR R 144 129.67 58.93 80.79
CA THR R 144 130.82 59.73 81.20
C THR R 144 131.59 60.31 80.02
N ASN R 145 130.93 60.53 78.89
CA ASN R 145 131.56 61.01 77.66
C ASN R 145 132.43 59.94 77.02
N SER R 146 132.21 58.67 77.37
CA SER R 146 133.02 57.58 76.86
C SER R 146 132.27 56.27 77.11
N ALA R 147 132.96 55.16 76.90
CA ALA R 147 132.42 53.83 77.15
C ALA R 147 133.08 53.25 78.39
N ALA R 148 132.45 52.24 78.98
CA ALA R 148 132.96 51.65 80.22
C ALA R 148 133.97 50.56 79.92
N ASP R 149 135.00 50.88 79.13
CA ASP R 149 136.06 49.92 78.83
C ASP R 149 136.94 49.64 80.04
N PRO R 150 137.36 50.65 80.81
CA PRO R 150 138.26 50.37 81.95
C PRO R 150 137.65 49.51 83.03
N ALA R 151 136.38 49.13 82.92
CA ALA R 151 135.74 48.25 83.90
C ALA R 151 135.89 46.78 83.57
N VAL R 152 136.23 46.45 82.32
CA VAL R 152 136.49 45.06 81.92
C VAL R 152 137.81 45.01 81.19
N ALA R 153 138.70 45.98 81.48
CA ALA R 153 139.97 46.06 80.78
C ALA R 153 140.85 44.86 81.07
N GLY R 154 140.92 44.45 82.35
CA GLY R 154 141.76 43.31 82.71
C GLY R 154 141.24 41.98 82.19
N LEU R 155 140.02 41.93 81.68
CA LEU R 155 139.43 40.72 81.14
C LEU R 155 139.65 40.68 79.63
N ASN R 156 140.04 39.53 79.11
CA ASN R 156 140.25 39.32 77.69
C ASN R 156 139.26 38.35 77.07
N ASP R 157 138.93 37.25 77.75
CA ASP R 157 137.95 36.29 77.28
C ASP R 157 137.29 35.66 78.50
N THR R 158 136.38 34.72 78.26
CA THR R 158 135.63 34.01 79.30
C THR R 158 134.70 34.93 80.08
N HIS R 159 134.10 35.92 79.42
CA HIS R 159 133.18 36.81 80.09
C HIS R 159 132.05 36.01 80.75
N ALA R 160 131.62 36.49 81.91
CA ALA R 160 130.51 35.86 82.61
C ALA R 160 129.25 35.91 81.77
N ALA R 161 128.25 35.13 82.17
CA ALA R 161 127.00 35.08 81.43
C ALA R 161 126.37 36.48 81.39
N ARG R 162 125.46 36.66 80.44
CA ARG R 162 124.78 37.93 80.21
C ARG R 162 123.29 37.71 80.36
N LYS R 163 122.70 38.29 81.40
CA LYS R 163 121.28 38.14 81.70
C LYS R 163 120.59 39.49 81.50
N THR R 164 119.57 39.50 80.64
CA THR R 164 118.83 40.72 80.37
C THR R 164 117.88 41.03 81.53
N GLY R 165 117.36 42.26 81.52
CA GLY R 165 116.36 42.64 82.51
C GLY R 165 115.00 42.10 82.11
N ALA R 166 114.38 41.37 83.03
CA ALA R 166 113.11 40.71 82.75
C ALA R 166 111.94 41.60 83.15
N PHE R 167 110.74 41.03 83.09
CA PHE R 167 109.53 41.78 83.43
C PHE R 167 109.60 42.31 84.85
N GLN R 168 109.88 41.43 85.82
CA GLN R 168 109.90 41.84 87.21
C GLN R 168 110.97 42.89 87.50
N PHE R 169 112.10 42.82 86.79
CA PHE R 169 113.19 43.75 87.03
C PHE R 169 112.91 45.11 86.39
N LEU R 170 112.45 45.10 85.13
CA LEU R 170 112.19 46.36 84.44
C LEU R 170 111.09 47.17 85.11
N CYS R 171 110.20 46.54 85.85
CA CYS R 171 109.17 47.25 86.59
C CYS R 171 109.81 47.84 87.85
N ALA R 172 108.98 48.34 88.76
CA ALA R 172 109.49 48.87 90.02
C ALA R 172 109.89 47.72 90.94
N HIS R 173 111.10 47.18 90.75
CA HIS R 173 111.52 46.02 91.51
C HIS R 173 111.56 46.33 93.01
N GLY R 174 112.14 47.45 93.39
CA GLY R 174 112.24 47.84 94.79
C GLY R 174 113.26 47.07 95.59
N GLY R 175 113.87 46.03 95.04
CA GLY R 175 114.87 45.27 95.76
C GLY R 175 115.27 44.03 94.99
N LEU R 176 116.23 43.31 95.57
CA LEU R 176 116.72 42.08 94.97
C LEU R 176 117.13 41.13 96.09
N ALA R 177 117.21 39.84 95.75
CA ALA R 177 117.60 38.81 96.71
C ALA R 177 118.43 37.77 95.97
N GLY R 178 119.75 37.91 96.05
CA GLY R 178 120.66 36.95 95.47
C GLY R 178 120.66 36.86 93.96
N GLY R 179 119.85 37.67 93.28
CA GLY R 179 119.79 37.62 91.83
C GLY R 179 118.38 37.71 91.30
N VAL R 180 117.40 37.36 92.13
CA VAL R 180 115.99 37.39 91.76
C VAL R 180 115.31 38.53 92.51
N VAL R 181 114.25 39.07 91.92
CA VAL R 181 113.50 40.13 92.56
C VAL R 181 112.93 39.63 93.88
N ASP R 182 112.78 40.55 94.83
CA ASP R 182 112.24 40.20 96.14
C ASP R 182 110.73 40.11 96.06
N LYS R 183 110.18 38.98 96.51
CA LYS R 183 108.76 38.73 96.43
C LYS R 183 107.98 39.31 97.61
N THR R 184 108.66 39.71 98.68
CA THR R 184 108.02 40.26 99.86
C THR R 184 108.29 41.75 100.04
N LYS R 185 108.46 42.49 98.95
CA LYS R 185 108.75 43.92 99.02
C LYS R 185 107.92 44.66 97.99
N ASN R 186 107.28 45.74 98.43
CA ASN R 186 106.55 46.62 97.52
C ASN R 186 107.51 47.66 96.92
N GLY R 187 107.00 48.44 95.97
CA GLY R 187 107.79 49.43 95.30
C GLY R 187 107.70 50.79 95.96
N PRO R 188 108.58 51.70 95.58
CA PRO R 188 108.52 53.07 96.13
C PRO R 188 107.44 53.90 95.45
N ALA R 189 107.03 54.96 96.16
CA ALA R 189 106.05 55.88 95.62
C ALA R 189 106.71 56.81 94.62
N ASP R 190 106.04 57.03 93.49
CA ASP R 190 106.59 57.86 92.44
C ASP R 190 106.68 59.31 92.91
N PRO R 191 107.79 60.01 92.66
CA PRO R 191 107.86 61.42 93.07
C PRO R 191 106.72 62.28 92.51
N ASP R 192 106.19 61.93 91.34
CA ASP R 192 105.13 62.74 90.75
C ASP R 192 103.78 62.46 91.41
N THR R 193 103.47 61.19 91.67
CA THR R 193 102.20 60.81 92.26
C THR R 193 102.43 59.65 93.22
N GLY R 194 101.58 59.58 94.25
CA GLY R 194 101.70 58.54 95.24
C GLY R 194 101.23 57.18 94.75
N ALA R 195 101.89 56.67 93.72
CA ALA R 195 101.54 55.39 93.13
C ALA R 195 102.63 54.36 93.37
N VAL R 196 102.21 53.12 93.55
CA VAL R 196 103.12 51.98 93.73
C VAL R 196 102.62 50.87 92.82
N THR R 197 103.24 50.72 91.65
CA THR R 197 102.78 49.71 90.71
C THR R 197 103.03 48.30 91.21
N VAL R 198 104.14 48.07 91.91
CA VAL R 198 104.49 46.76 92.43
C VAL R 198 104.14 46.73 93.92
N LYS R 199 103.56 45.62 94.37
CA LYS R 199 103.09 45.50 95.74
C LYS R 199 102.87 44.02 96.05
N VAL R 200 103.22 43.63 97.27
CA VAL R 200 103.02 42.26 97.74
C VAL R 200 101.70 42.21 98.49
N ALA R 201 100.89 41.18 98.19
CA ALA R 201 99.58 41.07 98.81
C ALA R 201 99.70 40.82 100.31
N GLN R 202 98.72 41.33 101.06
CA GLN R 202 98.57 41.06 102.49
C GLN R 202 97.11 40.70 102.73
N ASN R 203 96.78 39.42 102.56
CA ASN R 203 95.40 38.98 102.74
C ASN R 203 94.96 39.12 104.19
N ALA R 204 95.71 38.51 105.11
CA ALA R 204 95.41 38.55 106.55
C ALA R 204 94.04 37.96 106.86
N SER R 205 93.47 37.18 105.95
CA SER R 205 92.16 36.56 106.15
C SER R 205 92.13 35.07 105.84
N ASN R 206 93.03 34.56 105.03
CA ASN R 206 93.06 33.16 104.64
C ASN R 206 94.14 32.41 105.40
N PRO R 207 94.11 31.08 105.38
CA PRO R 207 95.15 30.31 106.08
C PRO R 207 96.53 30.58 105.51
N THR R 208 97.56 30.06 106.17
CA THR R 208 98.94 30.24 105.73
C THR R 208 99.33 29.27 104.63
N THR R 209 98.36 28.59 104.01
CA THR R 209 98.62 27.66 102.92
C THR R 209 97.65 27.89 101.77
N ASN R 210 97.19 29.13 101.62
CA ASN R 210 96.26 29.52 100.57
C ASN R 210 96.78 30.74 99.83
N ILE R 211 98.05 30.67 99.41
CA ILE R 211 98.72 31.79 98.77
C ILE R 211 97.88 32.32 97.62
N GLY R 212 97.50 33.59 97.70
CA GLY R 212 96.68 34.19 96.66
C GLY R 212 96.53 35.67 96.92
N PHE R 213 95.75 36.32 96.05
CA PHE R 213 95.49 37.75 96.12
C PHE R 213 94.00 37.98 96.24
N ASP R 214 93.59 38.69 97.28
CA ASP R 214 92.17 38.94 97.53
C ASP R 214 91.66 40.10 96.68
N GLU R 215 90.36 40.33 96.78
CA GLU R 215 89.72 41.39 95.99
C GLU R 215 90.31 42.76 96.34
N ALA R 216 90.59 42.99 97.62
CA ALA R 216 91.12 44.28 98.04
C ALA R 216 92.45 44.57 97.36
N ASP R 217 93.29 43.54 97.20
CA ASP R 217 94.58 43.74 96.56
C ASP R 217 94.40 44.18 95.11
N ILE R 218 93.51 43.52 94.36
CA ILE R 218 93.29 43.87 92.96
C ILE R 218 92.71 45.28 92.86
N PHE R 219 91.76 45.61 93.74
CA PHE R 219 91.17 46.94 93.70
C PHE R 219 92.22 48.01 93.98
N ASP R 220 93.07 47.80 94.98
CA ASP R 220 94.09 48.79 95.31
C ASP R 220 95.11 48.90 94.18
N MET R 221 95.46 47.77 93.56
CA MET R 221 96.39 47.80 92.43
C MET R 221 95.81 48.60 91.27
N THR R 222 94.53 48.38 90.95
CA THR R 222 93.90 49.16 89.89
C THR R 222 93.84 50.63 90.27
N LEU R 223 93.60 50.94 91.54
CA LEU R 223 93.58 52.33 91.98
C LEU R 223 94.93 52.99 91.78
N GLN R 224 96.01 52.30 92.19
CA GLN R 224 97.34 52.87 92.03
C GLN R 224 97.69 53.02 90.56
N LEU R 225 97.36 52.03 89.73
CA LEU R 225 97.65 52.13 88.31
C LEU R 225 96.90 53.29 87.67
N TYR R 226 95.63 53.49 88.04
CA TYR R 226 94.87 54.60 87.52
C TYR R 226 95.45 55.93 87.98
N THR R 227 95.86 56.02 89.24
CA THR R 227 96.51 57.24 89.71
C THR R 227 97.80 57.52 88.95
N ALA R 228 98.52 56.47 88.56
CA ALA R 228 99.75 56.62 87.80
C ALA R 228 99.51 56.90 86.32
N GLY R 229 98.25 56.96 85.89
CA GLY R 229 97.97 57.23 84.50
C GLY R 229 98.41 56.14 83.55
N SER R 230 98.62 54.92 84.04
CA SER R 230 99.10 53.82 83.22
C SER R 230 97.91 53.00 82.76
N GLU R 231 97.73 52.90 81.44
CA GLU R 231 96.64 52.12 80.88
C GLU R 231 97.00 50.65 80.89
N ALA R 232 96.15 49.83 81.52
CA ALA R 232 96.36 48.40 81.58
C ALA R 232 95.06 47.69 81.20
N ASP R 233 95.18 46.65 80.37
CA ASP R 233 94.00 45.92 79.91
C ASP R 233 94.22 44.42 79.84
N ILE R 234 95.31 43.89 80.39
CA ILE R 234 95.62 42.47 80.33
C ILE R 234 96.14 42.02 81.69
N ILE R 235 95.81 40.78 82.05
CA ILE R 235 96.22 40.18 83.32
C ILE R 235 96.66 38.76 83.02
N MET R 236 97.97 38.52 83.04
CA MET R 236 98.52 37.20 82.80
C MET R 236 98.70 36.47 84.13
N ILE R 237 98.20 35.23 84.19
CA ILE R 237 98.24 34.43 85.40
C ILE R 237 98.61 33.00 85.04
N ASN R 238 98.89 32.21 86.07
CA ASN R 238 99.21 30.80 85.94
C ASN R 238 97.97 29.94 86.11
N PRO R 239 97.86 28.82 85.38
CA PRO R 239 96.66 27.97 85.49
C PRO R 239 96.33 27.57 86.92
N ALA R 240 97.33 27.52 87.79
CA ALA R 240 97.14 27.09 89.17
C ALA R 240 96.51 28.17 90.04
N HIS R 241 96.04 29.27 89.45
CA HIS R 241 95.43 30.36 90.21
C HIS R 241 94.17 30.92 89.58
N ALA R 242 93.66 30.34 88.49
CA ALA R 242 92.46 30.87 87.85
C ALA R 242 91.24 30.80 88.77
N LYS R 243 91.26 29.90 89.76
CA LYS R 243 90.15 29.84 90.70
C LYS R 243 89.88 31.18 91.34
N ILE R 244 90.91 32.02 91.48
CA ILE R 244 90.72 33.34 92.08
C ILE R 244 89.75 34.17 91.25
N PHE R 245 90.04 34.32 89.96
CA PHE R 245 89.16 35.09 89.10
C PHE R 245 87.81 34.38 88.91
N ALA R 246 87.82 33.05 88.97
CA ALA R 246 86.55 32.32 88.93
C ALA R 246 85.64 32.76 90.06
N GLY R 247 86.15 32.71 91.30
CA GLY R 247 85.38 33.17 92.44
C GLY R 247 85.09 34.67 92.42
N LEU R 248 85.95 35.46 91.78
CA LEU R 248 85.72 36.90 91.72
C LEU R 248 84.57 37.24 90.78
N GLN R 249 84.60 36.71 89.56
CA GLN R 249 83.54 37.00 88.60
C GLN R 249 82.16 36.69 89.18
N GLU R 250 82.05 35.61 89.95
CA GLU R 250 80.79 35.28 90.60
C GLU R 250 80.44 36.26 91.72
N ASN R 251 81.39 37.06 92.18
CA ASN R 251 81.15 38.02 93.25
C ASN R 251 80.82 39.41 92.73
N THR R 252 81.23 39.75 91.51
CA THR R 252 80.92 41.03 90.89
C THR R 252 80.16 40.84 89.59
N GLN R 253 79.18 39.92 89.58
CA GLN R 253 78.46 39.60 88.35
C GLN R 253 77.75 40.82 87.79
N GLY R 254 77.01 41.53 88.64
CA GLY R 254 76.18 42.63 88.16
C GLY R 254 76.98 43.75 87.54
N SER R 255 78.24 43.92 87.95
CA SER R 255 79.08 45.00 87.46
C SER R 255 80.04 44.58 86.37
N ARG R 256 80.16 43.27 86.10
CA ARG R 256 81.09 42.79 85.09
C ARG R 256 80.72 43.33 83.71
N LYS R 257 81.61 44.11 83.12
CA LYS R 257 81.38 44.67 81.79
C LYS R 257 81.73 43.62 80.75
N ARG R 258 80.73 42.86 80.33
CA ARG R 258 80.94 41.80 79.35
C ARG R 258 81.22 42.39 77.98
N ILE R 259 82.41 42.08 77.44
CA ILE R 259 82.82 42.56 76.14
C ILE R 259 82.86 41.38 75.18
N PHE R 260 82.43 41.61 73.95
CA PHE R 260 82.33 40.56 72.94
C PHE R 260 83.22 40.87 71.75
N GLU R 261 83.37 39.86 70.88
CA GLU R 261 84.20 39.94 69.69
C GLU R 261 83.43 39.37 68.51
N ASN R 262 83.09 40.22 67.55
CA ASN R 262 82.40 39.76 66.36
C ASN R 262 83.36 39.08 65.40
N THR R 263 82.84 38.08 64.67
CA THR R 263 83.64 37.36 63.69
C THR R 263 82.88 37.05 62.41
N LYS R 264 81.72 37.66 62.17
CA LYS R 264 80.86 37.50 61.01
C LYS R 264 80.11 36.17 61.05
N GLN R 265 80.42 35.27 61.98
CA GLN R 265 79.68 34.02 62.15
C GLN R 265 79.46 33.64 63.60
N PHE R 266 80.19 34.25 64.54
CA PHE R 266 80.08 33.93 65.95
C PHE R 266 80.46 35.16 66.76
N ILE R 267 80.04 35.18 68.02
CA ILE R 267 80.29 36.30 68.92
C ILE R 267 80.91 35.70 70.17
N TYR R 268 82.24 35.75 70.26
CA TYR R 268 82.97 35.13 71.36
C TYR R 268 83.13 36.15 72.48
N GLU R 269 82.50 35.90 73.63
CA GLU R 269 82.67 36.76 74.79
C GLU R 269 84.05 36.55 75.39
N VAL R 270 84.72 37.64 75.74
CA VAL R 270 86.05 37.60 76.33
C VAL R 270 85.92 37.50 77.84
N ASN R 271 86.89 36.81 78.45
CA ASN R 271 86.95 36.67 79.91
C ASN R 271 87.65 37.88 80.49
N SER R 272 86.88 38.96 80.62
CA SER R 272 87.39 40.24 81.10
C SER R 272 86.85 40.52 82.49
N ILE R 273 87.71 41.00 83.37
CA ILE R 273 87.36 41.41 84.72
C ILE R 273 87.48 42.93 84.82
N THR R 274 86.52 43.55 85.48
CA THR R 274 86.49 45.00 85.64
C THR R 274 86.63 45.37 87.11
N ASP R 275 87.22 46.52 87.34
CA ASP R 275 87.39 47.09 88.68
C ASP R 275 86.26 48.06 88.99
N PRO R 276 86.07 48.40 90.27
CA PRO R 276 85.05 49.41 90.59
C PRO R 276 85.28 50.73 89.89
N LEU R 277 86.50 51.02 89.46
CA LEU R 277 86.80 52.26 88.75
C LEU R 277 86.32 52.26 87.31
N GLY R 278 85.68 51.18 86.85
CA GLY R 278 85.12 51.13 85.52
C GLY R 278 86.03 50.58 84.44
N GLN R 279 87.30 50.35 84.75
CA GLN R 279 88.23 49.83 83.75
C GLN R 279 88.17 48.32 83.68
N SER R 280 88.26 47.78 82.46
CA SER R 280 88.23 46.35 82.21
C SER R 280 89.64 45.83 81.97
N TYR R 281 89.82 44.53 82.20
CA TYR R 281 91.11 43.87 82.03
C TYR R 281 90.89 42.47 81.51
N LYS R 282 91.60 42.10 80.45
CA LYS R 282 91.53 40.73 79.97
C LYS R 282 92.32 39.80 80.87
N ILE R 283 91.96 38.52 80.82
CA ILE R 283 92.57 37.48 81.65
C ILE R 283 93.11 36.42 80.69
N ILE R 284 94.43 36.30 80.62
CA ILE R 284 95.10 35.31 79.78
C ILE R 284 95.91 34.38 80.68
N VAL R 285 96.00 33.12 80.28
CA VAL R 285 96.74 32.12 81.04
C VAL R 285 97.98 31.71 80.25
N ASN R 286 99.04 31.43 80.97
CA ASN R 286 100.31 31.04 80.37
C ASN R 286 101.05 30.11 81.31
N ARG R 287 101.62 29.03 80.75
CA ARG R 287 102.41 28.12 81.55
C ARG R 287 103.78 28.69 81.88
N TRP R 288 104.18 29.76 81.19
CA TRP R 288 105.50 30.35 81.34
C TRP R 288 105.59 31.29 82.53
N MET R 289 104.49 31.51 83.25
CA MET R 289 104.50 32.37 84.41
C MET R 289 105.21 31.69 85.57
N PRO R 290 105.76 32.46 86.51
CA PRO R 290 106.46 31.85 87.66
C PRO R 290 105.54 31.12 88.62
N THR R 291 104.21 31.22 88.44
CA THR R 291 103.18 30.56 89.21
C THR R 291 102.97 31.22 90.57
N ASP R 292 103.74 32.25 90.92
CA ASP R 292 103.63 32.90 92.23
C ASP R 292 103.32 34.39 92.11
N ALA R 293 102.96 34.87 90.93
CA ALA R 293 102.69 36.29 90.75
C ALA R 293 101.90 36.50 89.46
N VAL R 294 101.35 37.71 89.32
CA VAL R 294 100.61 38.11 88.14
C VAL R 294 101.13 39.46 87.67
N TYR R 295 100.89 39.77 86.41
CA TYR R 295 101.39 40.99 85.78
C TYR R 295 100.24 41.80 85.21
N PHE R 296 100.21 43.09 85.55
CA PHE R 296 99.23 44.03 85.02
C PHE R 296 99.96 44.99 84.08
N PHE R 297 99.65 44.90 82.79
CA PHE R 297 100.36 45.69 81.78
C PHE R 297 99.41 45.99 80.62
N ARG R 298 99.96 46.57 79.56
CA ARG R 298 99.19 47.01 78.41
C ARG R 298 99.41 46.16 77.16
N SER R 299 100.52 45.44 77.08
CA SER R 299 100.92 44.58 75.97
C SER R 299 101.42 45.39 74.78
N ALA R 300 101.48 46.72 74.89
CA ALA R 300 102.06 47.57 73.86
C ALA R 300 103.19 48.46 74.34
N ASP R 301 103.38 48.61 75.64
CA ASP R 301 104.50 49.36 76.18
C ASP R 301 105.77 48.53 76.26
N TRP R 302 105.68 47.22 75.99
CA TRP R 302 106.83 46.33 76.01
C TRP R 302 107.17 45.90 74.60
N THR R 303 108.47 45.87 74.30
CA THR R 303 108.95 45.43 73.00
C THR R 303 110.21 44.62 73.18
N GLN R 304 110.54 43.84 72.16
CA GLN R 304 111.67 42.90 72.19
C GLN R 304 112.72 43.42 71.23
N MET R 305 113.74 44.08 71.77
CA MET R 305 114.82 44.63 70.96
C MET R 305 115.69 43.49 70.43
N VAL R 306 115.61 43.23 69.14
CA VAL R 306 116.35 42.14 68.50
C VAL R 306 117.66 42.67 67.96
N LEU R 307 118.71 41.85 68.05
CA LEU R 307 120.03 42.22 67.58
C LEU R 307 120.64 41.18 66.65
N ARG R 308 120.43 39.90 66.90
CA ARG R 308 121.08 38.84 66.15
C ARG R 308 120.27 38.35 64.96
N ALA R 309 118.99 38.71 64.88
CA ALA R 309 118.16 38.29 63.75
C ALA R 309 118.19 36.78 63.56
N PRO R 310 117.48 36.01 64.41
CA PRO R 310 117.57 34.54 64.36
C PRO R 310 117.73 33.97 62.96
N LYS R 311 118.72 33.10 62.80
CA LYS R 311 119.04 32.48 61.52
C LYS R 311 119.60 31.09 61.77
N ARG R 312 119.31 30.20 60.82
CA ARG R 312 119.84 28.83 60.88
C ARG R 312 121.26 28.83 60.32
N THR R 313 122.22 29.14 61.18
CA THR R 313 123.61 29.24 60.77
C THR R 313 124.24 27.86 60.66
N GLU R 314 125.32 27.79 59.89
CA GLU R 314 126.07 26.57 59.66
C GLU R 314 127.47 26.70 60.25
N LEU R 315 128.10 25.55 60.49
CA LEU R 315 129.44 25.50 61.05
C LEU R 315 130.29 24.53 60.23
N ALA R 316 131.53 24.34 60.66
CA ALA R 316 132.45 23.47 59.97
C ALA R 316 132.05 22.00 60.14
N LYS R 317 132.72 21.13 59.38
CA LYS R 317 132.41 19.71 59.33
C LYS R 317 133.52 18.84 59.90
N ASP R 318 134.75 18.97 59.38
CA ASP R 318 135.87 18.15 59.79
C ASP R 318 135.49 16.66 59.79
N GLY R 319 134.63 16.28 58.86
CA GLY R 319 134.19 14.90 58.78
C GLY R 319 132.85 14.82 58.07
N SER R 320 132.20 13.66 58.24
CA SER R 320 130.89 13.44 57.63
C SER R 320 129.76 14.06 58.43
N TYR R 321 129.99 14.39 59.70
CA TYR R 321 128.94 14.94 60.53
C TYR R 321 128.69 16.39 60.18
N GLU R 322 127.41 16.73 60.02
CA GLU R 322 126.98 18.06 59.59
C GLU R 322 126.35 18.76 60.79
N LYS R 323 126.90 19.92 61.14
CA LYS R 323 126.53 20.63 62.36
C LYS R 323 126.03 22.02 62.00
N TRP R 324 124.92 22.43 62.62
CA TRP R 324 124.33 23.74 62.43
C TRP R 324 124.05 24.35 63.80
N MET R 325 123.65 25.63 63.78
CA MET R 325 123.31 26.34 65.01
C MET R 325 122.25 27.38 64.70
N ILE R 326 121.66 27.90 65.77
CA ILE R 326 120.65 28.95 65.68
C ILE R 326 120.72 29.80 66.94
N GLU R 327 121.08 31.07 66.78
CA GLU R 327 121.32 31.97 67.90
C GLU R 327 120.40 33.17 67.85
N MET R 328 120.30 33.86 68.98
CA MET R 328 119.46 35.05 69.10
C MET R 328 120.03 35.95 70.19
N GLU R 329 119.93 37.25 69.97
CA GLU R 329 120.27 38.27 70.96
C GLU R 329 119.11 39.23 71.07
N VAL R 330 118.26 39.06 72.09
CA VAL R 330 117.07 39.87 72.27
C VAL R 330 117.03 40.38 73.71
N GLY R 331 116.52 41.60 73.86
CA GLY R 331 116.38 42.19 75.17
C GLY R 331 114.99 42.79 75.34
N LEU R 332 114.54 42.80 76.59
CA LEU R 332 113.24 43.31 76.94
C LEU R 332 113.33 44.79 77.32
N ARG R 333 112.30 45.54 76.99
CA ARG R 333 112.26 46.96 77.30
C ARG R 333 110.89 47.32 77.86
N HIS R 334 110.88 48.13 78.92
CA HIS R 334 109.66 48.64 79.52
C HIS R 334 109.60 50.14 79.31
N ARG R 335 108.49 50.62 78.74
CA ARG R 335 108.36 52.03 78.43
C ARG R 335 108.56 52.89 79.68
N ASN R 336 108.12 52.41 80.85
CA ASN R 336 108.34 53.10 82.11
C ASN R 336 108.13 52.11 83.23
N PRO R 337 109.11 51.91 84.13
CA PRO R 337 108.94 50.87 85.16
C PRO R 337 107.65 51.01 85.94
N TYR R 338 107.16 52.22 86.15
CA TYR R 338 105.94 52.46 86.91
C TYR R 338 104.69 52.44 86.04
N ALA R 339 104.78 51.86 84.84
CA ALA R 339 103.62 51.78 83.95
C ALA R 339 102.88 50.46 84.07
N SER R 340 103.55 49.39 84.51
CA SER R 340 102.93 48.09 84.67
C SER R 340 103.05 47.62 86.11
N GLY R 341 102.04 46.89 86.57
CA GLY R 341 101.99 46.45 87.95
C GLY R 341 102.31 44.98 88.11
N VAL R 342 102.91 44.64 89.25
CA VAL R 342 103.25 43.26 89.59
C VAL R 342 102.82 43.00 91.02
N LEU R 343 102.11 41.89 91.24
CA LEU R 343 101.55 41.55 92.54
C LEU R 343 102.10 40.21 92.98
N PHE R 344 102.89 40.22 94.05
CA PHE R 344 103.42 39.00 94.63
C PHE R 344 102.40 38.39 95.58
N THR R 345 102.30 37.06 95.55
CA THR R 345 101.35 36.35 96.39
C THR R 345 102.02 35.87 97.66
N ALA R 346 101.27 35.88 98.76
CA ALA R 346 101.77 35.46 100.06
C ALA R 346 100.57 35.38 101.01
N ALA R 347 100.81 34.85 102.19
CA ALA R 347 99.78 34.71 103.22
C ALA R 347 99.99 35.71 104.34
N GLY R 348 98.99 35.79 105.22
CA GLY R 348 99.04 36.69 106.36
C GLY R 348 99.18 38.14 105.98
N LEU S 6 28.32 112.13 68.37
CA LEU S 6 29.55 111.29 68.51
C LEU S 6 30.55 111.62 67.40
N PHE S 7 30.87 112.90 67.26
CA PHE S 7 31.76 113.38 66.20
C PHE S 7 31.26 112.92 64.83
N VAL S 8 30.00 113.28 64.57
CA VAL S 8 29.34 112.87 63.33
C VAL S 8 30.05 113.43 62.11
N SER S 9 30.80 114.52 62.27
CA SER S 9 31.52 115.14 61.17
C SER S 9 30.55 115.74 60.15
N TYR S 10 29.56 116.49 60.65
CA TYR S 10 28.57 117.16 59.82
C TYR S 10 28.87 118.65 59.65
N ASP S 11 30.15 119.01 59.56
CA ASP S 11 30.55 120.40 59.44
C ASP S 11 29.90 121.06 58.23
N GLN S 12 30.15 120.51 57.04
CA GLN S 12 29.59 121.04 55.81
C GLN S 12 29.99 122.50 55.61
N ASN S 13 31.28 122.77 55.79
CA ASN S 13 31.80 124.10 55.54
C ASN S 13 31.86 124.42 54.05
N GLY S 14 31.63 123.43 53.19
CA GLY S 14 31.65 123.65 51.76
C GLY S 14 30.52 124.54 51.29
N LYS S 15 29.28 124.11 51.49
CA LYS S 15 28.09 124.84 51.03
C LYS S 15 28.20 125.12 49.52
N LYS S 16 28.76 124.13 48.83
CA LYS S 16 29.06 124.31 47.41
C LYS S 16 27.82 124.17 46.55
N LEU S 17 27.25 122.97 46.50
CA LEU S 17 26.05 122.68 45.73
C LEU S 17 26.15 123.23 44.31
N SER S 18 27.14 122.73 43.58
CA SER S 18 27.36 123.13 42.20
C SER S 18 26.38 122.43 41.26
N PHE S 19 26.27 122.96 40.05
CA PHE S 19 25.44 122.38 39.01
C PHE S 19 26.18 122.48 37.68
N ALA S 20 25.91 121.54 36.78
CA ALA S 20 26.54 121.52 35.47
C ALA S 20 25.89 122.52 34.54
N ASN S 21 26.70 123.17 33.70
CA ASN S 21 26.21 124.17 32.77
C ASN S 21 25.87 123.50 31.43
N TRP S 22 25.50 124.32 30.45
CA TRP S 22 25.23 123.86 29.09
C TRP S 22 24.21 122.71 29.10
N ILE S 23 22.99 123.03 29.55
CA ILE S 23 21.90 122.07 29.52
C ILE S 23 21.68 121.49 28.12
N SER S 24 22.11 122.20 27.09
CA SER S 24 22.02 121.75 25.70
C SER S 24 20.57 121.49 25.31
N VAL S 25 19.77 122.56 25.38
CA VAL S 25 18.38 122.54 24.93
C VAL S 25 18.30 123.23 23.58
N LEU S 26 17.84 122.50 22.56
CA LEU S 26 17.71 123.06 21.22
C LEU S 26 16.32 122.86 20.63
N SER S 27 15.35 122.35 21.39
CA SER S 27 13.99 122.15 20.89
C SER S 27 13.42 123.45 20.35
N PRO S 28 13.17 123.56 19.04
CA PRO S 28 12.58 124.80 18.52
C PRO S 28 11.06 124.79 18.60
N GLN S 29 10.45 125.97 18.62
CA GLN S 29 9.00 126.11 18.66
C GLN S 29 8.53 127.06 17.56
N ASP S 30 9.06 126.87 16.35
CA ASP S 30 8.67 127.71 15.23
C ASP S 30 7.16 127.66 14.99
N THR S 31 6.61 126.44 14.90
CA THR S 31 5.19 126.26 14.66
C THR S 31 4.75 126.94 13.37
N PRO S 32 5.20 126.44 12.21
CA PRO S 32 4.79 127.05 10.94
C PRO S 32 3.28 127.01 10.75
N PHE S 33 2.67 125.86 11.05
CA PHE S 33 1.23 125.72 10.91
C PHE S 33 0.48 126.73 11.76
N VAL S 34 1.03 127.10 12.92
CA VAL S 34 0.36 128.05 13.80
C VAL S 34 0.66 129.49 13.41
N SER S 35 1.80 129.74 12.76
CA SER S 35 2.22 131.09 12.44
C SER S 35 1.89 131.51 11.01
N MET S 36 1.36 130.59 10.19
CA MET S 36 1.08 130.88 8.79
C MET S 36 -0.39 130.74 8.42
N THR S 37 -1.27 130.40 9.35
CA THR S 37 -2.68 130.23 9.02
C THR S 37 -3.31 131.56 8.59
N GLY S 38 -3.17 132.60 9.41
CA GLY S 38 -3.75 133.89 9.10
C GLY S 38 -4.98 134.19 9.93
N LYS S 39 -5.31 135.48 10.06
CA LYS S 39 -6.46 135.89 10.84
C LYS S 39 -6.94 137.25 10.34
N GLU S 40 -8.20 137.57 10.63
CA GLU S 40 -8.80 138.82 10.19
C GLU S 40 -9.22 139.63 11.41
N SER S 41 -8.56 140.76 11.61
CA SER S 41 -8.81 141.59 12.79
C SER S 41 -9.51 142.88 12.41
N ILE S 42 -9.74 143.74 13.40
CA ILE S 42 -10.41 145.02 13.22
C ILE S 42 -9.41 146.13 13.54
N ASN S 43 -9.87 147.38 13.37
CA ASN S 43 -9.02 148.54 13.61
C ASN S 43 -9.74 149.63 14.40
N GLN S 44 -10.67 149.27 15.26
CA GLN S 44 -11.39 150.26 16.06
C GLN S 44 -11.72 149.65 17.41
N THR S 45 -11.93 150.53 18.41
CA THR S 45 -12.15 150.07 19.77
C THR S 45 -13.47 149.34 19.95
N ILE S 46 -14.44 149.56 19.07
CA ILE S 46 -15.76 148.95 19.18
C ILE S 46 -16.13 148.30 17.87
N PHE S 47 -16.86 147.19 17.94
CA PHE S 47 -17.31 146.46 16.76
C PHE S 47 -18.72 145.96 17.00
N SER S 48 -19.59 146.17 16.01
CA SER S 48 -20.99 145.77 16.11
C SER S 48 -21.36 144.92 14.90
N TRP S 49 -22.22 143.93 15.14
CA TRP S 49 -22.70 143.05 14.09
C TRP S 49 -24.22 143.10 14.06
N GLN S 50 -24.78 142.87 12.88
CA GLN S 50 -26.21 142.97 12.65
C GLN S 50 -26.81 141.58 12.51
N THR S 51 -27.98 141.38 13.13
CA THR S 51 -28.66 140.11 13.10
C THR S 51 -30.17 140.34 13.02
N ASP S 52 -30.83 139.54 12.20
CA ASP S 52 -32.27 139.63 12.03
C ASP S 52 -32.80 138.25 11.63
N ALA S 53 -34.07 138.01 11.91
CA ALA S 53 -34.69 136.72 11.64
C ALA S 53 -36.07 136.94 11.04
N LEU S 54 -36.62 135.87 10.47
CA LEU S 54 -37.93 135.91 9.87
C LEU S 54 -39.02 135.97 10.93
N ALA S 55 -40.17 136.50 10.54
CA ALA S 55 -41.31 136.52 11.46
C ALA S 55 -41.81 135.12 11.73
N SER S 56 -42.42 134.93 12.89
CA SER S 56 -42.90 133.61 13.28
C SER S 56 -44.05 133.17 12.39
N VAL S 57 -44.20 131.85 12.25
CA VAL S 57 -45.28 131.31 11.44
C VAL S 57 -46.62 131.48 12.16
N ASP S 58 -47.69 131.20 11.42
CA ASP S 58 -49.04 131.27 11.96
C ASP S 58 -49.94 130.38 11.13
N GLY S 59 -50.94 129.80 11.78
CA GLY S 59 -51.88 128.93 11.11
C GLY S 59 -53.22 129.60 10.86
N ASN S 60 -53.26 130.92 10.93
CA ASN S 60 -54.47 131.71 10.70
C ASN S 60 -54.41 132.43 9.35
N ASN S 61 -53.80 131.78 8.37
CA ASN S 61 -53.59 132.40 7.07
C ASN S 61 -54.86 132.36 6.23
N ALA S 62 -54.73 132.66 4.93
CA ALA S 62 -55.87 132.65 4.00
C ALA S 62 -56.84 133.79 4.31
N HIS S 63 -56.31 135.01 4.33
CA HIS S 63 -57.17 136.19 4.36
C HIS S 63 -58.02 136.23 3.09
N VAL S 64 -59.07 137.03 3.12
CA VAL S 64 -60.09 137.00 2.07
C VAL S 64 -59.63 137.77 0.84
N GLU S 65 -59.45 139.09 0.99
CA GLU S 65 -59.14 139.91 -0.18
C GLU S 65 -58.24 141.11 0.11
N GLY S 66 -57.28 140.98 1.05
CA GLY S 66 -56.39 142.09 1.30
C GLY S 66 -56.88 143.01 2.39
N SER S 67 -57.56 144.09 1.97
CA SER S 67 -58.13 145.08 2.90
C SER S 67 -57.04 145.91 3.58
N ARG S 68 -56.10 146.43 2.79
CA ARG S 68 -55.17 147.46 3.24
C ARG S 68 -54.16 146.89 4.25
N ALA S 69 -53.56 145.76 3.90
CA ALA S 69 -52.45 145.19 4.67
C ALA S 69 -52.84 145.01 6.13
N GLU S 70 -53.85 144.16 6.34
CA GLU S 70 -54.35 143.92 7.69
C GLU S 70 -53.32 143.24 8.58
N ASP S 71 -52.31 142.59 7.99
CA ASP S 71 -51.28 141.90 8.77
C ASP S 71 -49.88 142.40 8.44
N GLY S 72 -49.75 143.61 7.89
CA GLY S 72 -48.45 144.16 7.58
C GLY S 72 -47.60 144.33 8.82
N GLU S 73 -46.56 143.52 8.98
CA GLU S 73 -45.76 143.45 10.19
C GLU S 73 -44.27 143.50 9.88
N MET S 74 -43.86 144.45 9.03
CA MET S 74 -42.44 144.62 8.73
C MET S 74 -41.66 144.74 10.03
N LYS S 75 -40.46 144.16 10.07
CA LYS S 75 -39.69 144.07 11.31
C LYS S 75 -38.25 144.55 11.11
N PRO S 76 -37.78 145.52 11.89
CA PRO S 76 -36.40 145.98 11.76
C PRO S 76 -35.42 145.03 12.43
N THR S 77 -34.18 145.07 11.93
CA THR S 77 -33.12 144.25 12.49
C THR S 77 -32.79 144.67 13.92
N VAL S 78 -31.93 143.90 14.56
CA VAL S 78 -31.42 144.19 15.89
C VAL S 78 -29.91 144.42 15.78
N ILE S 79 -29.41 145.37 16.56
CA ILE S 79 -28.00 145.76 16.54
C ILE S 79 -27.33 145.20 17.78
N LYS S 80 -26.23 144.47 17.58
CA LYS S 80 -25.47 143.86 18.66
C LYS S 80 -24.07 144.49 18.67
N SER S 81 -23.77 145.26 19.70
CA SER S 81 -22.49 145.92 19.85
C SER S 81 -21.70 145.29 20.98
N ASN S 82 -20.38 145.22 20.82
CA ASN S 82 -19.49 144.65 21.81
C ASN S 82 -18.22 145.48 21.89
N VAL S 83 -17.80 145.79 23.11
CA VAL S 83 -16.59 146.57 23.34
C VAL S 83 -15.44 145.61 23.63
N THR S 84 -14.22 146.08 23.37
CA THR S 84 -13.03 145.26 23.57
C THR S 84 -12.62 145.28 25.04
N GLN S 85 -11.51 144.60 25.32
CA GLN S 85 -10.99 144.52 26.68
C GLN S 85 -9.47 144.65 26.62
N ILE S 86 -8.91 145.31 27.63
CA ILE S 86 -7.48 145.58 27.69
C ILE S 86 -6.85 144.66 28.72
N LEU S 87 -5.65 144.18 28.39
CA LEU S 87 -4.90 143.27 29.26
C LEU S 87 -3.44 143.70 29.25
N ARG S 88 -2.92 144.05 30.42
CA ARG S 88 -1.56 144.56 30.56
C ARG S 88 -0.89 143.90 31.74
N LYS S 89 0.37 143.49 31.54
CA LYS S 89 1.14 142.82 32.60
C LYS S 89 2.53 143.44 32.65
N VAL S 90 2.91 143.92 33.83
CA VAL S 90 4.24 144.46 34.05
C VAL S 90 4.92 143.61 35.11
N VAL S 91 6.16 143.96 35.44
CA VAL S 91 6.96 143.15 36.34
C VAL S 91 7.86 144.07 37.17
N ARG S 92 8.19 143.60 38.38
CA ARG S 92 9.11 144.28 39.27
C ARG S 92 10.40 143.45 39.35
N VAL S 93 11.51 144.13 39.58
CA VAL S 93 12.83 143.51 39.48
C VAL S 93 13.72 144.11 40.56
N SER S 94 14.31 143.24 41.38
CA SER S 94 15.14 143.66 42.50
C SER S 94 16.23 142.62 42.74
N ASP S 95 17.42 143.08 43.10
CA ASP S 95 18.56 142.26 43.47
C ASP S 95 19.18 141.52 42.28
N THR S 96 18.65 141.70 41.07
CA THR S 96 19.15 140.99 39.90
C THR S 96 20.16 141.79 39.08
N ALA S 97 20.89 142.71 39.71
CA ALA S 97 21.98 143.40 39.01
C ALA S 97 22.88 142.39 38.30
N ASN S 98 23.03 141.21 38.89
CA ASN S 98 23.67 140.07 38.26
C ASN S 98 25.14 140.36 37.94
N THR S 99 25.82 140.88 38.95
CA THR S 99 27.29 140.91 38.94
C THR S 99 27.80 139.61 39.55
N THR S 100 28.92 139.09 39.06
CA THR S 100 29.43 137.80 39.52
C THR S 100 28.37 136.71 39.31
N ALA S 101 28.13 136.42 38.04
CA ALA S 101 26.97 135.66 37.62
C ALA S 101 26.95 134.27 38.27
N ASN S 102 25.94 133.49 37.89
CA ASN S 102 25.55 132.24 38.57
C ASN S 102 24.74 132.49 39.82
N TYR S 103 24.17 133.69 39.97
CA TYR S 103 23.30 133.99 41.10
C TYR S 103 21.91 133.37 40.94
N GLY S 104 21.42 133.22 39.72
CA GLY S 104 20.09 132.68 39.49
C GLY S 104 20.00 131.17 39.59
N ARG S 105 21.03 130.45 39.14
CA ARG S 105 21.05 128.99 39.24
C ARG S 105 19.90 128.36 38.46
N GLY S 106 19.74 128.77 37.20
CA GLY S 106 18.71 128.22 36.35
C GLY S 106 17.96 129.27 35.55
N ARG S 107 17.83 130.47 36.11
CA ARG S 107 17.14 131.57 35.46
C ARG S 107 18.09 132.75 35.36
N GLU S 108 18.13 133.39 34.20
CA GLU S 108 19.01 134.55 33.97
C GLU S 108 18.18 135.77 33.61
N LEU S 109 17.66 136.45 34.62
CA LEU S 109 17.14 137.81 34.55
C LEU S 109 15.98 137.99 33.57
N MET S 110 15.53 136.93 32.90
CA MET S 110 14.51 137.07 31.87
C MET S 110 13.38 136.04 31.96
N TYR S 111 13.46 135.07 32.87
CA TYR S 111 12.41 134.06 32.93
C TYR S 111 11.06 134.65 33.30
N GLN S 112 11.05 135.74 34.08
CA GLN S 112 9.79 136.35 34.48
C GLN S 112 9.03 136.91 33.29
N LEU S 113 9.74 137.42 32.28
CA LEU S 113 9.07 137.98 31.12
C LEU S 113 8.30 136.90 30.37
N GLU S 114 8.93 135.75 30.11
CA GLU S 114 8.21 134.65 29.45
C GLU S 114 7.12 134.10 30.35
N LYS S 115 7.36 134.04 31.66
CA LYS S 115 6.31 133.63 32.58
C LYS S 115 5.08 134.49 32.42
N LYS S 116 5.26 135.81 32.35
CA LYS S 116 4.11 136.71 32.22
C LYS S 116 3.50 136.62 30.82
N GLY S 117 4.33 136.40 29.81
CA GLY S 117 3.81 136.23 28.46
C GLY S 117 2.92 135.00 28.34
N LYS S 118 3.23 133.95 29.09
CA LYS S 118 2.36 132.78 29.11
C LYS S 118 1.15 133.01 30.02
N GLU S 119 1.34 133.72 31.14
CA GLU S 119 0.24 133.96 32.06
C GLU S 119 -0.83 134.84 31.44
N ILE S 120 -0.46 135.81 30.61
CA ILE S 120 -1.47 136.67 30.01
C ILE S 120 -2.34 135.88 29.04
N LYS S 121 -1.74 134.96 28.28
CA LYS S 121 -2.53 134.10 27.40
C LYS S 121 -3.40 133.15 28.22
N ARG S 122 -2.87 132.63 29.33
CA ARG S 122 -3.69 131.82 30.22
C ARG S 122 -4.92 132.58 30.67
N ASP S 123 -4.72 133.82 31.13
CA ASP S 123 -5.83 134.62 31.63
C ASP S 123 -6.81 134.95 30.52
N LEU S 124 -6.31 135.21 29.31
CA LEU S 124 -7.21 135.46 28.18
C LEU S 124 -8.08 134.24 27.90
N GLU S 125 -7.46 133.06 27.84
CA GLU S 125 -8.21 131.84 27.60
C GLU S 125 -9.25 131.63 28.70
N LYS S 126 -8.91 131.96 29.94
CA LYS S 126 -9.85 131.78 31.04
C LYS S 126 -11.01 132.76 30.92
N ILE S 127 -10.72 134.01 30.56
CA ILE S 127 -11.75 135.05 30.55
C ILE S 127 -12.69 134.88 29.37
N LEU S 128 -12.16 134.45 28.22
CA LEU S 128 -13.00 134.29 27.04
C LEU S 128 -14.20 133.41 27.35
N LEU S 129 -13.97 132.28 28.02
CA LEU S 129 -15.05 131.39 28.46
C LEU S 129 -15.47 131.72 29.88
N SER S 130 -15.98 132.93 30.08
CA SER S 130 -16.40 133.39 31.39
C SER S 130 -17.83 133.93 31.35
N GLY S 131 -18.25 134.62 32.39
CA GLY S 131 -19.59 135.17 32.46
C GLY S 131 -19.60 136.68 32.65
N GLN S 132 -18.43 137.30 32.64
CA GLN S 132 -18.35 138.75 32.77
C GLN S 132 -19.00 139.42 31.56
N ALA S 133 -19.86 140.40 31.84
CA ALA S 133 -20.59 141.11 30.81
C ALA S 133 -19.93 142.45 30.51
N ARG S 134 -20.49 143.18 29.55
CA ARG S 134 -19.95 144.48 29.20
C ARG S 134 -20.08 145.45 30.36
N THR S 135 -19.16 146.40 30.43
CA THR S 135 -19.18 147.41 31.49
C THR S 135 -18.46 148.65 30.99
N ASP S 136 -19.21 149.73 30.78
CA ASP S 136 -18.66 151.00 30.35
C ASP S 136 -19.65 152.10 30.73
N VAL S 137 -19.39 153.31 30.27
CA VAL S 137 -20.25 154.44 30.53
C VAL S 137 -21.10 154.72 29.30
N LEU S 138 -20.66 154.22 28.15
CA LEU S 138 -21.41 154.36 26.91
C LEU S 138 -22.62 153.44 26.91
N ALA S 139 -23.77 154.01 26.55
CA ALA S 139 -25.03 153.28 26.53
C ALA S 139 -25.64 153.18 25.14
N ASP S 140 -25.87 154.32 24.48
CA ASP S 140 -26.59 154.33 23.21
C ASP S 140 -26.00 155.33 22.22
N GLN S 141 -24.68 155.54 22.26
CA GLN S 141 -24.01 156.50 21.38
C GLN S 141 -23.12 155.78 20.37
N TYR S 142 -23.48 154.55 19.99
CA TYR S 142 -22.63 153.77 19.10
C TYR S 142 -22.95 154.04 17.63
N LEU S 143 -24.22 154.12 17.27
CA LEU S 143 -24.63 154.34 15.89
C LEU S 143 -24.48 155.81 15.48
N THR S 144 -25.23 156.70 16.11
CA THR S 144 -25.03 158.13 15.89
C THR S 144 -23.92 158.65 16.80
N ASN S 145 -23.00 159.42 16.22
CA ASN S 145 -21.84 159.90 16.95
C ASN S 145 -21.60 161.39 16.74
N SER S 146 -22.62 162.16 16.37
CA SER S 146 -22.41 163.58 16.07
C SER S 146 -21.86 164.34 17.26
N ALA S 147 -21.99 163.80 18.48
CA ALA S 147 -21.52 164.48 19.67
C ALA S 147 -20.37 163.71 20.32
N ALA S 148 -20.35 162.39 20.14
CA ALA S 148 -19.28 161.55 20.67
C ALA S 148 -19.15 161.69 22.19
N ASP S 149 -20.25 161.55 22.90
CA ASP S 149 -20.25 161.59 24.36
C ASP S 149 -19.68 162.91 24.86
N PRO S 150 -20.42 164.01 24.71
CA PRO S 150 -19.91 165.30 25.19
C PRO S 150 -19.72 165.31 26.70
N ALA S 151 -20.55 164.53 27.40
CA ALA S 151 -20.42 164.42 28.85
C ALA S 151 -19.14 163.71 29.26
N VAL S 152 -18.55 162.91 28.38
CA VAL S 152 -17.32 162.18 28.72
C VAL S 152 -16.08 162.94 28.26
N ALA S 153 -16.19 163.81 27.26
CA ALA S 153 -15.05 164.58 26.82
C ALA S 153 -14.52 165.44 27.96
N GLY S 154 -13.27 165.88 27.80
CA GLY S 154 -12.62 166.67 28.83
C GLY S 154 -12.31 165.86 30.07
N LEU S 155 -12.08 164.56 29.91
CA LEU S 155 -11.76 163.69 31.03
C LEU S 155 -10.47 162.93 30.70
N ASN S 156 -9.78 162.51 31.76
CA ASN S 156 -8.47 161.88 31.62
C ASN S 156 -8.61 160.38 31.40
N ASP S 157 -7.49 159.67 31.43
CA ASP S 157 -7.50 158.21 31.29
C ASP S 157 -8.05 157.54 32.54
N THR S 158 -8.37 158.33 33.57
CA THR S 158 -8.89 157.78 34.81
C THR S 158 -10.17 157.00 34.61
N HIS S 159 -10.86 157.18 33.49
CA HIS S 159 -12.10 156.47 33.22
C HIS S 159 -11.92 154.98 33.45
N ALA S 160 -12.95 154.34 34.00
CA ALA S 160 -12.88 152.94 34.38
C ALA S 160 -12.44 152.08 33.20
N ALA S 161 -12.00 150.86 33.51
CA ALA S 161 -11.53 149.93 32.51
C ALA S 161 -12.68 149.50 31.60
N ARG S 162 -12.33 148.73 30.57
CA ARG S 162 -13.28 148.23 29.59
C ARG S 162 -13.31 146.71 29.66
N LYS S 163 -14.50 146.16 29.94
CA LYS S 163 -14.71 144.73 30.01
C LYS S 163 -15.61 144.30 28.87
N THR S 164 -15.16 143.32 28.09
CA THR S 164 -15.90 142.86 26.93
C THR S 164 -16.99 141.87 27.35
N GLY S 165 -17.75 141.41 26.36
CA GLY S 165 -18.78 140.41 26.59
C GLY S 165 -18.23 139.00 26.46
N ALA S 166 -18.56 138.16 27.43
CA ALA S 166 -18.08 136.80 27.48
C ALA S 166 -19.04 135.87 26.74
N PHE S 167 -18.70 134.58 26.69
CA PHE S 167 -19.52 133.61 25.99
C PHE S 167 -20.92 133.53 26.60
N GLN S 168 -20.99 133.56 27.93
CA GLN S 168 -22.27 133.42 28.61
C GLN S 168 -23.17 134.62 28.39
N PHE S 169 -22.62 135.74 27.93
CA PHE S 169 -23.40 136.94 27.64
C PHE S 169 -23.92 136.96 26.22
N LEU S 170 -23.17 136.41 25.27
CA LEU S 170 -23.54 136.39 23.87
C LEU S 170 -24.26 135.11 23.47
N CYS S 171 -24.75 134.34 24.44
CA CYS S 171 -25.46 133.09 24.17
C CYS S 171 -26.93 133.21 24.56
N ALA S 172 -27.53 134.37 24.30
CA ALA S 172 -28.94 134.62 24.60
C ALA S 172 -29.20 134.48 26.09
N HIS S 173 -28.51 135.30 26.87
CA HIS S 173 -28.72 135.30 28.31
C HIS S 173 -30.15 135.74 28.62
N GLY S 174 -30.55 135.55 29.87
CA GLY S 174 -31.92 135.85 30.28
C GLY S 174 -32.01 136.56 31.61
N GLY S 175 -30.93 137.22 32.03
CA GLY S 175 -30.95 137.96 33.26
C GLY S 175 -29.57 138.25 33.82
N LEU S 176 -29.42 139.39 34.49
CA LEU S 176 -28.15 139.79 35.08
C LEU S 176 -28.15 139.61 36.60
N ALA S 177 -29.10 140.22 37.30
CA ALA S 177 -29.18 140.13 38.76
C ALA S 177 -27.81 140.45 39.37
N GLY S 178 -27.23 141.57 38.94
CA GLY S 178 -25.91 141.96 39.37
C GLY S 178 -25.01 142.33 38.20
N GLY S 179 -23.69 142.28 38.42
CA GLY S 179 -22.76 142.66 37.37
C GLY S 179 -22.49 141.59 36.35
N VAL S 180 -22.80 140.33 36.67
CA VAL S 180 -22.56 139.22 35.76
C VAL S 180 -23.90 138.55 35.44
N VAL S 181 -23.83 137.54 34.59
CA VAL S 181 -25.02 136.82 34.15
C VAL S 181 -25.44 135.82 35.23
N ASP S 182 -26.75 135.65 35.38
CA ASP S 182 -27.29 134.77 36.41
C ASP S 182 -27.31 133.33 35.90
N LYS S 183 -26.81 132.41 36.72
CA LYS S 183 -26.72 131.00 36.37
C LYS S 183 -27.89 130.19 36.90
N THR S 184 -29.06 130.80 37.06
CA THR S 184 -30.24 130.12 37.59
C THR S 184 -31.51 130.42 36.84
N LYS S 185 -31.49 131.27 35.82
CA LYS S 185 -32.69 131.65 35.08
C LYS S 185 -32.61 131.09 33.67
N ASN S 186 -33.75 130.64 33.14
CA ASN S 186 -33.81 130.11 31.79
C ASN S 186 -33.75 131.25 30.77
N GLY S 187 -33.16 130.96 29.62
CA GLY S 187 -33.00 131.95 28.57
C GLY S 187 -34.32 132.33 27.93
N PRO S 188 -34.30 133.38 27.12
CA PRO S 188 -35.52 133.82 26.46
C PRO S 188 -35.92 132.88 25.32
N ALA S 189 -37.20 132.95 24.96
CA ALA S 189 -37.73 132.13 23.88
C ALA S 189 -37.44 132.78 22.53
N ASP S 190 -36.86 131.99 21.63
CA ASP S 190 -36.54 132.49 20.31
C ASP S 190 -37.83 132.84 19.56
N PRO S 191 -37.87 133.97 18.85
CA PRO S 191 -39.12 134.33 18.15
C PRO S 191 -39.49 133.36 17.04
N ASP S 192 -38.52 132.73 16.39
CA ASP S 192 -38.82 131.81 15.30
C ASP S 192 -39.45 130.52 15.84
N THR S 193 -38.74 129.82 16.71
CA THR S 193 -39.19 128.56 17.28
C THR S 193 -39.09 128.63 18.81
N GLY S 194 -39.69 127.64 19.47
CA GLY S 194 -39.73 127.61 20.91
C GLY S 194 -38.47 127.04 21.53
N ALA S 195 -37.32 127.66 21.23
CA ALA S 195 -36.04 127.19 21.72
C ALA S 195 -35.68 127.89 23.03
N VAL S 196 -35.34 127.09 24.05
CA VAL S 196 -34.92 127.60 25.34
C VAL S 196 -33.50 127.07 25.57
N THR S 197 -32.51 127.90 25.31
CA THR S 197 -31.11 127.48 25.31
C THR S 197 -30.53 127.30 26.72
N VAL S 198 -31.35 127.24 27.76
CA VAL S 198 -30.87 127.10 29.13
C VAL S 198 -31.79 126.16 29.89
N LYS S 199 -31.22 125.09 30.46
CA LYS S 199 -31.91 124.20 31.38
C LYS S 199 -30.96 123.84 32.51
N VAL S 200 -31.51 123.69 33.72
CA VAL S 200 -30.65 123.69 34.89
C VAL S 200 -30.31 122.27 35.37
N ALA S 201 -31.28 121.53 35.90
CA ALA S 201 -30.97 120.22 36.45
C ALA S 201 -31.97 119.11 36.12
N GLN S 202 -33.25 119.41 35.97
CA GLN S 202 -34.29 118.38 35.82
C GLN S 202 -34.00 117.17 36.71
N ASN S 203 -33.88 117.46 38.01
CA ASN S 203 -33.54 116.45 39.01
C ASN S 203 -34.75 116.01 39.84
N ALA S 204 -35.90 115.83 39.20
CA ALA S 204 -37.10 115.42 39.91
C ALA S 204 -36.86 114.15 40.71
N SER S 205 -36.59 113.04 40.03
CA SER S 205 -36.25 111.78 40.69
C SER S 205 -34.74 111.58 40.64
N ASN S 206 -34.04 112.46 41.36
CA ASN S 206 -32.59 112.47 41.39
C ASN S 206 -32.14 113.03 42.72
N PRO S 207 -30.90 112.79 43.13
CA PRO S 207 -30.43 113.35 44.40
C PRO S 207 -30.29 114.86 44.30
N THR S 208 -30.20 115.49 45.47
CA THR S 208 -30.01 116.92 45.59
C THR S 208 -28.63 117.29 46.08
N THR S 209 -27.73 116.32 46.24
CA THR S 209 -26.38 116.56 46.71
C THR S 209 -25.31 116.20 45.68
N ASN S 210 -25.59 115.26 44.78
CA ASN S 210 -24.68 114.95 43.68
C ASN S 210 -25.01 115.90 42.54
N ILE S 211 -24.32 117.04 42.51
CA ILE S 211 -24.58 118.08 41.52
C ILE S 211 -24.31 117.48 40.14
N GLY S 212 -25.31 117.51 39.28
CA GLY S 212 -25.18 116.97 37.95
C GLY S 212 -26.55 116.83 37.29
N PHE S 213 -26.51 116.78 35.96
CA PHE S 213 -27.71 116.70 35.16
C PHE S 213 -27.91 115.29 34.60
N ASP S 214 -29.18 114.90 34.48
CA ASP S 214 -29.53 113.55 34.06
C ASP S 214 -29.31 113.38 32.56
N GLU S 215 -29.57 112.16 32.08
CA GLU S 215 -29.38 111.81 30.68
C GLU S 215 -30.39 112.48 29.75
N ALA S 216 -31.47 113.05 30.28
CA ALA S 216 -32.49 113.69 29.47
C ALA S 216 -32.32 115.21 29.42
N ASP S 217 -31.11 115.70 29.69
CA ASP S 217 -30.83 117.13 29.74
C ASP S 217 -29.97 117.61 28.59
N ILE S 218 -29.25 116.72 27.91
CA ILE S 218 -28.43 117.12 26.78
C ILE S 218 -29.18 116.96 25.47
N PHE S 219 -29.95 115.88 25.33
CA PHE S 219 -30.77 115.71 24.14
C PHE S 219 -31.75 116.87 23.99
N ASP S 220 -32.32 117.34 25.09
CA ASP S 220 -33.20 118.50 25.04
C ASP S 220 -32.44 119.72 24.51
N MET S 221 -31.18 119.89 24.92
CA MET S 221 -30.40 121.03 24.45
C MET S 221 -30.12 120.92 22.97
N THR S 222 -29.74 119.73 22.50
CA THR S 222 -29.49 119.55 21.07
C THR S 222 -30.76 119.78 20.27
N LEU S 223 -31.92 119.37 20.80
CA LEU S 223 -33.18 119.64 20.14
C LEU S 223 -33.43 121.14 20.06
N GLN S 224 -33.35 121.82 21.19
CA GLN S 224 -33.64 123.26 21.23
C GLN S 224 -32.69 124.05 20.34
N LEU S 225 -31.47 123.54 20.15
CA LEU S 225 -30.55 124.18 19.20
C LEU S 225 -30.94 123.85 17.77
N TYR S 226 -31.39 122.62 17.52
CA TYR S 226 -31.79 122.21 16.18
C TYR S 226 -33.00 123.00 15.71
N THR S 227 -33.88 123.40 16.62
CA THR S 227 -35.04 124.20 16.25
C THR S 227 -34.63 125.57 15.71
N ALA S 228 -33.43 126.03 16.06
CA ALA S 228 -32.93 127.30 15.57
C ALA S 228 -31.88 127.16 14.48
N GLY S 229 -31.30 125.97 14.30
CA GLY S 229 -30.29 125.77 13.29
C GLY S 229 -28.92 126.22 13.73
N SER S 230 -28.51 125.79 14.92
CA SER S 230 -27.19 126.14 15.43
C SER S 230 -26.09 125.41 14.66
N GLU S 231 -26.33 124.14 14.32
CA GLU S 231 -25.38 123.33 13.57
C GLU S 231 -24.07 123.12 14.34
N ALA S 232 -24.11 123.25 15.66
CA ALA S 232 -22.91 123.08 16.46
C ALA S 232 -22.41 121.65 16.39
N ASP S 233 -21.10 121.49 16.59
CA ASP S 233 -20.47 120.18 16.61
C ASP S 233 -19.45 120.02 17.72
N ILE S 234 -19.32 121.01 18.61
CA ILE S 234 -18.35 120.98 19.69
C ILE S 234 -19.07 121.18 21.01
N ILE S 235 -18.67 120.43 22.03
CA ILE S 235 -19.21 120.54 23.37
C ILE S 235 -18.03 120.69 24.33
N MET S 236 -17.70 121.93 24.64
CA MET S 236 -16.64 122.22 25.59
C MET S 236 -17.16 122.07 27.01
N ILE S 237 -16.58 121.14 27.76
CA ILE S 237 -16.98 120.87 29.13
C ILE S 237 -15.75 120.49 29.93
N ASN S 238 -15.72 120.94 31.18
CA ASN S 238 -14.55 120.71 32.01
C ASN S 238 -14.48 119.25 32.47
N PRO S 239 -13.33 118.81 32.97
CA PRO S 239 -13.22 117.39 33.39
C PRO S 239 -14.25 117.00 34.43
N ALA S 240 -14.71 117.94 35.25
CA ALA S 240 -15.64 117.62 36.32
C ALA S 240 -16.92 116.96 35.83
N HIS S 241 -17.25 117.09 34.54
CA HIS S 241 -18.46 116.52 33.99
C HIS S 241 -18.18 115.48 32.90
N ALA S 242 -16.94 115.07 32.74
CA ALA S 242 -16.61 114.06 31.72
C ALA S 242 -17.08 112.67 32.14
N LYS S 243 -17.01 112.35 33.43
CA LYS S 243 -17.54 111.09 33.91
C LYS S 243 -19.04 111.00 33.65
N ILE S 244 -19.75 112.13 33.70
CA ILE S 244 -21.19 112.12 33.45
C ILE S 244 -21.49 111.65 32.04
N PHE S 245 -20.67 112.06 31.07
CA PHE S 245 -20.89 111.62 29.69
C PHE S 245 -20.37 110.21 29.48
N ALA S 246 -19.26 109.85 30.14
CA ALA S 246 -18.76 108.49 30.04
C ALA S 246 -19.76 107.48 30.58
N GLY S 247 -20.55 107.87 31.56
CA GLY S 247 -21.52 106.97 32.15
C GLY S 247 -22.79 106.82 31.34
N LEU S 248 -22.81 107.39 30.13
CA LEU S 248 -23.96 107.23 29.26
C LEU S 248 -24.11 105.78 28.79
N GLN S 249 -23.00 105.05 28.68
CA GLN S 249 -23.06 103.65 28.29
C GLN S 249 -23.47 102.73 29.43
N GLU S 250 -23.86 103.29 30.58
CA GLU S 250 -24.30 102.51 31.73
C GLU S 250 -25.51 103.18 32.35
N ASN S 251 -26.42 102.36 32.86
CA ASN S 251 -27.64 102.84 33.49
C ASN S 251 -28.07 101.83 34.55
N THR S 252 -28.93 102.29 35.46
CA THR S 252 -29.38 101.41 36.54
C THR S 252 -30.35 100.37 36.02
N GLN S 253 -31.19 100.73 35.05
CA GLN S 253 -32.13 99.78 34.45
C GLN S 253 -31.44 98.65 33.70
N GLY S 254 -30.13 98.75 33.47
CA GLY S 254 -29.38 97.67 32.86
C GLY S 254 -29.57 97.50 31.37
N SER S 255 -30.37 98.36 30.73
CA SER S 255 -30.61 98.21 29.29
C SER S 255 -29.32 98.36 28.49
N ARG S 256 -28.44 99.26 28.91
CA ARG S 256 -27.14 99.46 28.27
C ARG S 256 -26.05 98.86 29.14
N LYS S 257 -24.92 98.54 28.51
CA LYS S 257 -23.83 97.89 29.21
C LYS S 257 -22.56 97.98 28.37
N ARG S 258 -21.43 97.83 29.06
CA ARG S 258 -20.10 97.85 28.44
C ARG S 258 -19.47 96.48 28.67
N ILE S 259 -19.30 95.72 27.59
CA ILE S 259 -18.81 94.36 27.67
C ILE S 259 -17.28 94.37 27.57
N PHE S 260 -16.68 93.27 28.02
CA PHE S 260 -15.24 93.07 27.90
C PHE S 260 -15.01 91.62 27.48
N GLU S 261 -14.70 91.41 26.20
CA GLU S 261 -14.64 90.07 25.63
C GLU S 261 -13.23 89.52 25.76
N ASN S 262 -12.89 89.09 26.96
CA ASN S 262 -11.63 88.38 27.22
C ASN S 262 -10.44 89.25 26.83
N THR S 263 -10.46 90.49 27.31
CA THR S 263 -9.39 91.45 27.07
C THR S 263 -8.96 92.06 28.39
N LYS S 264 -7.67 92.37 28.51
CA LYS S 264 -7.12 93.03 29.68
C LYS S 264 -7.13 94.55 29.55
N GLN S 265 -7.98 95.09 28.68
CA GLN S 265 -8.07 96.53 28.46
C GLN S 265 -9.36 97.06 29.05
N PHE S 266 -9.30 98.29 29.56
CA PHE S 266 -10.45 98.96 30.14
C PHE S 266 -10.44 100.41 29.69
N ILE S 267 -11.58 100.87 29.17
CA ILE S 267 -11.71 102.23 28.65
C ILE S 267 -13.08 102.75 29.08
N TYR S 268 -13.09 103.89 29.78
CA TYR S 268 -14.31 104.48 30.31
C TYR S 268 -14.42 105.95 29.92
N GLU S 269 -14.22 106.26 28.65
CA GLU S 269 -14.34 107.61 28.13
C GLU S 269 -15.25 107.64 26.91
N VAL S 270 -15.75 108.82 26.59
CA VAL S 270 -16.58 109.04 25.41
C VAL S 270 -16.20 110.41 24.85
N ASN S 271 -15.61 110.43 23.65
CA ASN S 271 -15.17 111.65 23.02
C ASN S 271 -16.16 112.19 21.99
N SER S 272 -17.01 111.34 21.43
CA SER S 272 -18.00 111.74 20.45
C SER S 272 -19.37 111.26 20.88
N ILE S 273 -20.41 111.84 20.28
CA ILE S 273 -21.78 111.50 20.62
C ILE S 273 -22.67 111.93 19.46
N THR S 274 -23.80 111.25 19.29
CA THR S 274 -24.76 111.56 18.25
C THR S 274 -26.16 111.44 18.81
N ASP S 275 -27.03 112.34 18.39
CA ASP S 275 -28.40 112.42 18.88
C ASP S 275 -29.38 111.87 17.86
N PRO S 276 -30.61 111.59 18.28
CA PRO S 276 -31.61 111.07 17.33
C PRO S 276 -31.89 112.00 16.16
N LEU S 277 -31.44 113.25 16.21
CA LEU S 277 -31.64 114.20 15.13
C LEU S 277 -30.51 114.17 14.11
N GLY S 278 -29.64 113.16 14.18
CA GLY S 278 -28.54 113.01 13.26
C GLY S 278 -27.41 114.01 13.43
N GLN S 279 -27.58 115.04 14.23
CA GLN S 279 -26.53 116.03 14.43
C GLN S 279 -25.51 115.49 15.41
N SER S 280 -24.28 115.30 14.93
CA SER S 280 -23.20 114.78 15.76
C SER S 280 -22.58 115.90 16.59
N TYR S 281 -21.83 115.50 17.61
CA TYR S 281 -21.19 116.45 18.51
C TYR S 281 -19.88 115.85 19.00
N LYS S 282 -18.89 116.71 19.21
CA LYS S 282 -17.58 116.29 19.70
C LYS S 282 -17.27 117.01 21.01
N ILE S 283 -16.67 116.29 21.95
CA ILE S 283 -16.41 116.80 23.29
C ILE S 283 -14.96 117.29 23.37
N ILE S 284 -14.77 118.40 24.06
CA ILE S 284 -13.43 118.97 24.29
C ILE S 284 -13.34 119.37 25.76
N VAL S 285 -12.13 119.32 26.30
CA VAL S 285 -11.90 119.53 27.73
C VAL S 285 -11.36 120.93 27.94
N ASN S 286 -11.79 121.56 29.04
CA ASN S 286 -11.32 122.87 29.44
C ASN S 286 -11.33 122.91 30.97
N ARG S 287 -10.16 123.10 31.58
CA ARG S 287 -10.01 122.81 32.99
C ARG S 287 -10.45 123.96 33.89
N TRP S 288 -10.17 125.21 33.52
CA TRP S 288 -10.38 126.33 34.43
C TRP S 288 -11.85 126.74 34.55
N MET S 289 -12.76 126.11 33.84
CA MET S 289 -14.14 126.56 33.89
C MET S 289 -14.88 125.92 35.07
N PRO S 290 -16.00 126.50 35.49
CA PRO S 290 -16.67 126.02 36.70
C PRO S 290 -17.21 124.61 36.58
N THR S 291 -17.71 124.07 37.69
CA THR S 291 -18.39 122.78 37.68
C THR S 291 -19.88 122.89 37.42
N ASP S 292 -20.38 124.10 37.16
CA ASP S 292 -21.80 124.36 36.90
C ASP S 292 -21.95 125.20 35.64
N ALA S 293 -21.21 124.83 34.61
CA ALA S 293 -21.26 125.56 33.34
C ALA S 293 -20.91 124.61 32.21
N VAL S 294 -21.70 124.66 31.13
CA VAL S 294 -21.49 123.85 29.95
C VAL S 294 -21.73 124.72 28.73
N TYR S 295 -20.92 124.52 27.69
CA TYR S 295 -21.01 125.31 26.47
C TYR S 295 -21.15 124.39 25.26
N PHE S 296 -21.70 124.94 24.19
CA PHE S 296 -21.81 124.26 22.91
C PHE S 296 -21.17 125.17 21.86
N PHE S 297 -19.94 124.87 21.50
CA PHE S 297 -19.10 125.77 20.72
C PHE S 297 -19.19 125.45 19.23
N ARG S 298 -18.86 126.44 18.42
CA ARG S 298 -18.82 126.29 16.97
C ARG S 298 -17.90 127.36 16.42
N SER S 299 -16.82 126.94 15.77
CA SER S 299 -15.79 127.89 15.34
C SER S 299 -16.36 128.94 14.39
N ALA S 300 -17.18 128.51 13.43
CA ALA S 300 -17.69 129.42 12.43
C ALA S 300 -18.52 130.55 13.05
N ASP S 301 -19.09 130.34 14.23
CA ASP S 301 -19.95 131.34 14.86
C ASP S 301 -19.21 132.24 15.83
N TRP S 302 -18.02 131.86 16.26
CA TRP S 302 -17.25 132.63 17.23
C TRP S 302 -15.89 132.98 16.65
N THR S 303 -15.55 134.26 16.68
CA THR S 303 -14.24 134.72 16.23
C THR S 303 -13.55 135.52 17.32
N GLN S 304 -12.44 136.18 16.99
CA GLN S 304 -11.68 136.95 17.97
C GLN S 304 -11.26 138.25 17.31
N MET S 305 -11.92 139.34 17.68
CA MET S 305 -11.60 140.67 17.15
C MET S 305 -10.42 141.24 17.92
N VAL S 306 -9.33 141.50 17.22
CA VAL S 306 -8.08 141.95 17.81
C VAL S 306 -7.78 143.37 17.33
N LEU S 307 -7.27 144.20 18.23
CA LEU S 307 -6.88 145.56 17.91
C LEU S 307 -5.42 145.86 18.25
N ARG S 308 -4.90 145.25 19.32
CA ARG S 308 -3.52 145.49 19.76
C ARG S 308 -2.87 144.14 20.01
N ALA S 309 -2.15 143.62 19.01
CA ALA S 309 -1.48 142.35 19.16
C ALA S 309 -0.39 142.46 20.23
N PRO S 310 -0.04 141.33 20.86
CA PRO S 310 0.98 141.38 21.91
C PRO S 310 2.33 141.83 21.35
N LYS S 311 3.07 142.57 22.18
CA LYS S 311 4.39 143.02 21.80
C LYS S 311 5.14 143.46 23.05
N ARG S 312 6.45 143.22 23.06
CA ARG S 312 7.30 143.65 24.16
C ARG S 312 7.73 145.10 23.92
N THR S 313 7.50 145.96 24.91
CA THR S 313 7.80 147.38 24.80
C THR S 313 8.58 147.82 26.03
N GLU S 314 9.82 148.27 25.81
CA GLU S 314 10.65 148.79 26.89
C GLU S 314 10.22 150.21 27.23
N LEU S 315 9.73 150.41 28.45
CA LEU S 315 9.41 151.73 28.95
C LEU S 315 10.67 152.39 29.51
N ALA S 316 10.60 153.70 29.74
CA ALA S 316 11.77 154.43 30.22
C ALA S 316 12.31 153.80 31.49
N LYS S 317 13.63 153.81 31.63
CA LYS S 317 14.28 153.18 32.78
C LYS S 317 14.22 154.09 34.00
N ASP S 318 14.78 155.29 33.90
CA ASP S 318 14.74 156.27 34.99
C ASP S 318 15.36 155.69 36.27
N GLY S 319 16.55 155.10 36.12
CA GLY S 319 17.24 154.51 37.25
C GLY S 319 17.69 153.10 36.97
N SER S 320 17.39 152.18 37.89
CA SER S 320 17.67 150.76 37.70
C SER S 320 16.40 149.93 37.64
N TYR S 321 15.25 150.55 37.35
CA TYR S 321 14.00 149.81 37.27
C TYR S 321 14.01 148.85 36.09
N GLU S 322 14.16 149.38 34.88
CA GLU S 322 14.21 148.56 33.67
C GLU S 322 12.91 147.77 33.51
N LYS S 323 11.82 148.49 33.33
CA LYS S 323 10.50 147.89 33.22
C LYS S 323 10.15 147.62 31.76
N TRP S 324 9.22 146.69 31.57
CA TRP S 324 8.63 146.41 30.27
C TRP S 324 7.13 146.66 30.34
N MET S 325 6.47 146.53 29.19
CA MET S 325 5.02 146.69 29.13
C MET S 325 4.51 145.82 27.99
N ILE S 326 3.35 145.21 28.21
CA ILE S 326 2.69 144.36 27.23
C ILE S 326 1.28 144.89 27.04
N GLU S 327 1.00 145.41 25.85
CA GLU S 327 -0.31 145.94 25.52
C GLU S 327 -1.10 144.89 24.75
N MET S 328 -2.31 144.60 25.23
CA MET S 328 -3.16 143.59 24.63
C MET S 328 -4.59 144.07 24.66
N GLU S 329 -5.23 144.03 23.49
CA GLU S 329 -6.63 144.41 23.33
C GLU S 329 -7.30 143.37 22.44
N VAL S 330 -8.20 142.58 23.01
CA VAL S 330 -8.88 141.52 22.27
C VAL S 330 -10.37 141.61 22.53
N GLY S 331 -11.15 141.31 21.50
CA GLY S 331 -12.58 141.22 21.62
C GLY S 331 -13.11 140.09 20.75
N LEU S 332 -14.29 139.62 21.12
CA LEU S 332 -14.93 138.47 20.45
C LEU S 332 -16.35 138.82 20.09
N ARG S 333 -16.84 138.22 19.01
CA ARG S 333 -18.20 138.43 18.53
C ARG S 333 -18.88 137.09 18.37
N HIS S 334 -20.21 137.13 18.26
CA HIS S 334 -21.00 135.93 18.04
C HIS S 334 -22.15 136.28 17.10
N ARG S 335 -22.27 135.51 16.03
CA ARG S 335 -23.22 135.86 14.97
C ARG S 335 -24.63 136.03 15.51
N ASN S 336 -25.21 134.95 16.06
CA ASN S 336 -26.57 134.98 16.55
C ASN S 336 -26.61 134.41 17.96
N PRO S 337 -27.16 135.14 18.93
CA PRO S 337 -27.15 134.64 20.32
C PRO S 337 -27.84 133.31 20.49
N TYR S 338 -28.69 132.90 19.55
CA TYR S 338 -29.35 131.60 19.60
C TYR S 338 -28.57 130.52 18.87
N ALA S 339 -27.50 130.89 18.17
CA ALA S 339 -26.68 129.90 17.47
C ALA S 339 -25.82 129.07 18.40
N SER S 340 -25.87 129.31 19.70
CA SER S 340 -25.13 128.53 20.68
C SER S 340 -26.06 128.19 21.84
N GLY S 341 -25.57 127.34 22.73
CA GLY S 341 -26.38 126.90 23.85
C GLY S 341 -25.52 126.66 25.07
N VAL S 342 -26.12 126.85 26.24
CA VAL S 342 -25.47 126.63 27.52
C VAL S 342 -26.39 125.81 28.40
N LEU S 343 -25.78 125.03 29.29
CA LEU S 343 -26.54 124.20 30.24
C LEU S 343 -25.90 124.33 31.60
N PHE S 344 -26.56 125.06 32.50
CA PHE S 344 -26.06 125.24 33.85
C PHE S 344 -26.57 124.10 34.74
N THR S 345 -26.29 124.19 36.04
CA THR S 345 -26.80 123.23 37.00
C THR S 345 -26.86 123.90 38.37
N ALA S 346 -27.90 123.58 39.12
CA ALA S 346 -28.11 124.20 40.43
C ALA S 346 -29.29 123.51 41.10
N ALA S 347 -29.44 123.80 42.40
CA ALA S 347 -30.56 123.29 43.17
C ALA S 347 -30.72 124.16 44.41
N GLY S 348 -31.94 124.21 44.93
CA GLY S 348 -32.23 125.01 46.10
C GLY S 348 -33.60 125.67 46.04
N ASN T 3 19.41 3.43 43.90
CA ASN T 3 18.80 4.02 45.13
C ASN T 3 19.40 5.38 45.49
N PRO T 4 20.73 5.53 45.38
CA PRO T 4 21.34 6.83 45.69
C PRO T 4 20.77 7.95 44.83
N THR T 5 20.11 8.91 45.49
CA THR T 5 19.52 10.05 44.82
C THR T 5 20.33 11.33 45.00
N LEU T 6 21.33 11.31 45.87
CA LEU T 6 22.17 12.49 46.11
C LEU T 6 23.54 11.98 46.54
N PHE T 7 24.50 12.04 45.63
CA PHE T 7 25.86 11.57 45.92
C PHE T 7 26.45 12.33 47.10
N VAL T 8 26.92 11.59 48.09
CA VAL T 8 27.46 12.15 49.31
C VAL T 8 28.98 12.00 49.37
N SER T 9 29.61 11.75 48.22
CA SER T 9 31.05 11.51 48.08
C SER T 9 31.47 10.16 48.64
N TYR T 10 30.53 9.38 49.18
CA TYR T 10 30.82 8.04 49.68
C TYR T 10 30.33 6.94 48.74
N ASP T 11 29.19 7.17 48.08
CA ASP T 11 28.67 6.21 47.11
C ASP T 11 29.55 6.09 45.88
N GLN T 12 30.57 6.93 45.73
CA GLN T 12 31.45 6.88 44.57
C GLN T 12 32.42 5.71 44.71
N ASN T 13 32.56 4.92 43.65
CA ASN T 13 33.58 3.89 43.56
C ASN T 13 34.73 4.36 42.68
N GLY T 14 35.87 3.71 42.85
CA GLY T 14 37.03 4.01 42.06
C GLY T 14 37.71 5.32 42.43
N LYS T 15 38.24 5.38 43.65
CA LYS T 15 38.95 6.57 44.11
C LYS T 15 40.43 6.45 43.76
N LYS T 16 41.21 7.45 44.19
CA LYS T 16 42.65 7.49 43.95
C LYS T 16 43.48 7.35 45.20
N LEU T 17 42.88 7.55 46.39
CA LEU T 17 43.47 7.43 47.70
C LEU T 17 44.37 8.63 48.04
N SER T 18 44.67 9.51 47.09
CA SER T 18 45.39 10.77 47.32
C SER T 18 46.51 10.59 48.36
N PHE T 19 47.38 9.63 48.10
CA PHE T 19 48.55 9.46 48.94
C PHE T 19 49.51 10.63 48.76
N ALA T 20 50.52 10.68 49.63
CA ALA T 20 51.54 11.70 49.58
C ALA T 20 52.78 11.20 48.84
N ASN T 21 53.56 12.14 48.33
CA ASN T 21 54.75 11.85 47.55
C ASN T 21 56.02 12.02 48.37
N TRP T 22 55.95 11.63 49.65
CA TRP T 22 57.12 11.67 50.51
C TRP T 22 56.94 10.64 51.62
N ILE T 23 57.97 10.49 52.44
CA ILE T 23 57.95 9.57 53.58
C ILE T 23 58.73 10.23 54.71
N SER T 24 58.33 9.92 55.94
CA SER T 24 58.88 10.53 57.15
C SER T 24 59.64 9.46 57.92
N VAL T 25 60.97 9.56 57.90
CA VAL T 25 61.84 8.64 58.66
C VAL T 25 62.09 9.31 60.01
N LEU T 26 61.25 8.98 60.98
CA LEU T 26 61.34 9.57 62.32
C LEU T 26 62.60 9.18 63.07
N SER T 27 63.32 8.16 62.63
CA SER T 27 64.48 7.72 63.38
C SER T 27 65.52 8.84 63.45
N PRO T 28 66.32 8.88 64.52
CA PRO T 28 67.34 9.93 64.64
C PRO T 28 68.48 9.73 63.66
N GLN T 29 68.62 10.65 62.71
CA GLN T 29 69.62 10.56 61.65
C GLN T 29 70.79 11.51 61.86
N ASP T 30 70.83 12.22 62.99
CA ASP T 30 71.92 13.16 63.23
C ASP T 30 73.22 12.41 63.45
N THR T 31 74.30 12.89 62.81
CA THR T 31 75.63 12.30 62.94
C THR T 31 76.64 13.42 63.04
N PRO T 32 76.75 14.05 64.23
CA PRO T 32 77.68 15.19 64.35
C PRO T 32 79.13 14.82 64.10
N PHE T 33 79.61 13.72 64.69
CA PHE T 33 81.02 13.36 64.58
C PHE T 33 81.41 13.13 63.12
N VAL T 34 80.59 12.37 62.39
CA VAL T 34 80.90 12.09 61.00
C VAL T 34 80.75 13.35 60.15
N SER T 35 79.69 14.12 60.37
CA SER T 35 79.46 15.33 59.58
C SER T 35 80.54 16.38 59.82
N MET T 36 81.23 16.33 60.96
CA MET T 36 82.28 17.30 61.26
C MET T 36 83.64 16.84 60.71
N THR T 37 84.08 15.67 61.13
CA THR T 37 85.38 15.17 60.70
C THR T 37 85.39 14.91 59.19
N GLY T 38 86.48 15.32 58.55
CA GLY T 38 86.65 15.06 57.13
C GLY T 38 87.06 13.63 56.87
N LYS T 39 87.57 13.35 55.67
CA LYS T 39 87.97 12.00 55.31
C LYS T 39 88.96 12.05 54.16
N GLU T 40 89.81 11.02 54.09
CA GLU T 40 90.82 10.91 53.05
C GLU T 40 90.95 9.46 52.64
N SER T 41 90.95 9.22 51.33
CA SER T 41 91.00 7.86 50.79
C SER T 41 92.41 7.30 50.92
N ILE T 42 92.51 6.00 51.24
CA ILE T 42 93.77 5.30 51.34
C ILE T 42 93.64 3.97 50.61
N ASN T 43 94.76 3.47 50.09
CA ASN T 43 94.76 2.20 49.37
C ASN T 43 94.91 1.03 50.33
N GLN T 44 95.80 1.15 51.31
CA GLN T 44 96.11 0.05 52.21
C GLN T 44 95.11 0.00 53.37
N THR T 45 94.90 -1.22 53.88
CA THR T 45 93.94 -1.41 54.96
C THR T 45 94.45 -0.79 56.26
N ILE T 46 95.74 -0.96 56.54
CA ILE T 46 96.36 -0.42 57.75
C ILE T 46 96.96 0.94 57.42
N PHE T 47 97.02 1.80 58.42
CA PHE T 47 97.60 3.13 58.27
C PHE T 47 98.32 3.49 59.57
N SER T 48 98.83 4.71 59.63
CA SER T 48 99.59 5.15 60.80
C SER T 48 99.90 6.63 60.64
N TRP T 49 100.42 7.21 61.72
CA TRP T 49 100.78 8.63 61.75
C TRP T 49 101.86 8.83 62.79
N GLN T 50 102.72 9.81 62.56
CA GLN T 50 103.84 10.10 63.46
C GLN T 50 103.49 11.25 64.37
N THR T 51 103.96 11.16 65.62
CA THR T 51 103.78 12.22 66.60
C THR T 51 105.10 12.46 67.32
N ASP T 52 105.39 13.73 67.60
CA ASP T 52 106.65 14.11 68.22
C ASP T 52 106.36 15.11 69.33
N ALA T 53 107.41 15.46 70.07
CA ALA T 53 107.29 16.42 71.16
C ALA T 53 108.61 17.16 71.31
N LEU T 54 108.52 18.44 71.64
CA LEU T 54 109.70 19.25 71.86
C LEU T 54 110.43 18.77 73.12
N ALA T 55 111.56 19.40 73.42
CA ALA T 55 112.29 19.09 74.63
C ALA T 55 111.94 20.10 75.71
N SER T 56 112.32 19.78 76.95
CA SER T 56 111.97 20.63 78.07
C SER T 56 112.54 22.03 77.89
N VAL T 57 111.84 23.01 78.48
CA VAL T 57 112.29 24.40 78.41
C VAL T 57 113.51 24.54 79.31
N ASP T 58 114.30 25.60 79.10
CA ASP T 58 115.52 25.83 79.85
C ASP T 58 115.49 27.27 80.36
N GLY T 59 115.18 27.45 81.64
CA GLY T 59 115.10 28.77 82.23
C GLY T 59 116.42 29.42 82.56
N ASN T 60 117.53 28.78 82.21
CA ASN T 60 118.87 29.34 82.41
C ASN T 60 119.68 29.24 81.13
N ASN T 61 119.06 29.57 80.00
CA ASN T 61 119.68 29.44 78.68
C ASN T 61 120.43 30.73 78.32
N ALA T 62 121.43 31.06 79.13
CA ALA T 62 122.26 32.25 78.93
C ALA T 62 123.67 31.79 78.60
N HIS T 63 123.97 31.70 77.31
CA HIS T 63 125.29 31.29 76.85
C HIS T 63 126.14 32.50 76.50
N VAL T 64 127.46 32.35 76.66
CA VAL T 64 128.41 33.41 76.36
C VAL T 64 128.73 33.41 74.87
N GLU T 65 129.40 34.46 74.41
CA GLU T 65 129.77 34.57 72.99
C GLU T 65 130.77 33.50 72.60
N GLY T 66 131.93 33.50 73.25
CA GLY T 66 132.98 32.56 72.92
C GLY T 66 132.66 31.15 73.37
N SER T 67 131.79 30.48 72.63
CA SER T 67 131.31 29.15 73.00
C SER T 67 132.11 28.08 72.28
N ARG T 68 132.48 27.05 73.03
CA ARG T 68 133.15 25.87 72.47
C ARG T 68 132.07 24.92 71.99
N ALA T 69 132.06 24.64 70.68
CA ALA T 69 130.91 23.98 70.06
C ALA T 69 130.41 22.83 70.92
N GLU T 70 129.09 22.82 71.16
CA GLU T 70 128.48 21.89 72.08
C GLU T 70 128.12 20.58 71.37
N ASP T 71 127.56 19.65 72.13
CA ASP T 71 127.15 18.36 71.58
C ASP T 71 125.71 18.40 71.08
N GLY T 72 124.80 18.91 71.90
CA GLY T 72 123.39 18.94 71.55
C GLY T 72 122.64 17.76 72.13
N GLU T 73 121.46 17.50 71.56
CA GLU T 73 120.61 16.40 72.00
C GLU T 73 119.84 15.85 70.82
N MET T 74 119.24 14.67 71.03
CA MET T 74 118.50 13.97 69.99
C MET T 74 117.05 13.83 70.43
N LYS T 75 116.16 13.68 69.44
CA LYS T 75 114.74 13.44 69.69
C LYS T 75 114.20 12.50 68.62
N PRO T 76 113.91 11.25 68.95
CA PRO T 76 113.25 10.37 67.98
C PRO T 76 111.79 10.74 67.78
N THR T 77 111.22 10.22 66.69
CA THR T 77 109.82 10.40 66.38
C THR T 77 109.02 9.18 66.82
N VAL T 78 107.88 9.43 67.45
CA VAL T 78 107.01 8.37 67.94
C VAL T 78 105.97 8.05 66.87
N ILE T 79 105.69 6.77 66.70
CA ILE T 79 104.77 6.30 65.67
C ILE T 79 103.52 5.73 66.34
N LYS T 80 102.38 5.98 65.72
CA LYS T 80 101.10 5.40 66.12
C LYS T 80 100.60 4.51 64.98
N SER T 81 99.41 3.96 65.14
CA SER T 81 98.85 3.07 64.13
C SER T 81 97.41 2.75 64.51
N ASN T 82 96.70 2.16 63.55
CA ASN T 82 95.31 1.74 63.74
C ASN T 82 94.92 0.90 62.53
N VAL T 83 93.83 0.17 62.69
CA VAL T 83 93.33 -0.75 61.66
C VAL T 83 91.88 -0.41 61.34
N THR T 84 91.46 -0.78 60.14
CA THR T 84 90.10 -0.53 59.69
C THR T 84 89.19 -1.70 60.04
N GLN T 85 87.88 -1.46 59.92
CA GLN T 85 86.87 -2.47 60.17
C GLN T 85 85.99 -2.60 58.93
N ILE T 86 85.45 -3.80 58.74
CA ILE T 86 84.62 -4.11 57.58
C ILE T 86 83.18 -4.27 58.05
N LEU T 87 82.29 -3.44 57.51
CA LEU T 87 80.87 -3.50 57.82
C LEU T 87 80.10 -3.50 56.51
N ARG T 88 78.93 -4.14 56.50
CA ARG T 88 78.15 -4.26 55.28
C ARG T 88 76.68 -4.43 55.62
N LYS T 89 75.84 -4.11 54.63
CA LYS T 89 74.39 -4.25 54.74
C LYS T 89 73.88 -4.84 53.44
N VAL T 90 73.41 -6.08 53.48
CA VAL T 90 72.94 -6.77 52.30
C VAL T 90 71.43 -6.60 52.18
N VAL T 91 70.94 -6.67 50.95
CA VAL T 91 69.51 -6.53 50.68
C VAL T 91 69.19 -7.32 49.43
N ARG T 92 68.00 -7.91 49.40
CA ARG T 92 67.53 -8.65 48.24
C ARG T 92 66.01 -8.53 48.17
N VAL T 93 65.49 -8.31 46.96
CA VAL T 93 64.07 -8.17 46.73
C VAL T 93 63.72 -8.94 45.45
N SER T 94 62.42 -8.96 45.13
CA SER T 94 61.93 -9.62 43.95
C SER T 94 61.59 -8.58 42.88
N ASP T 95 61.89 -8.93 41.62
CA ASP T 95 61.62 -8.02 40.51
C ASP T 95 60.13 -7.73 40.40
N THR T 96 59.28 -8.68 40.80
CA THR T 96 57.84 -8.45 40.74
C THR T 96 57.43 -7.27 41.61
N ALA T 97 58.20 -6.99 42.65
CA ALA T 97 57.93 -5.82 43.50
C ALA T 97 58.64 -4.59 42.99
N ASN T 98 59.78 -4.75 42.30
CA ASN T 98 60.51 -3.59 41.80
C ASN T 98 59.76 -2.90 40.67
N THR T 99 59.03 -3.66 39.86
CA THR T 99 58.25 -3.09 38.77
C THR T 99 56.97 -2.43 39.26
N THR T 100 56.51 -2.73 40.47
CA THR T 100 55.33 -2.08 41.00
C THR T 100 55.57 -0.59 41.16
N ALA T 101 54.47 0.15 41.25
CA ALA T 101 54.50 1.61 41.37
C ALA T 101 54.13 2.01 42.78
N ASN T 102 55.05 2.67 43.47
CA ASN T 102 54.80 3.27 44.77
C ASN T 102 54.55 4.76 44.60
N TYR T 103 54.29 5.44 45.71
CA TYR T 103 53.93 6.86 45.66
C TYR T 103 55.13 7.77 45.88
N GLY T 104 55.87 7.56 46.97
CA GLY T 104 56.96 8.44 47.30
C GLY T 104 58.33 7.82 47.17
N ARG T 105 58.44 6.76 46.39
CA ARG T 105 59.71 6.05 46.25
C ARG T 105 60.11 5.82 44.80
N GLY T 106 59.15 5.59 43.90
CA GLY T 106 59.47 5.27 42.53
C GLY T 106 59.82 3.81 42.36
N ARG T 107 60.80 3.34 43.13
CA ARG T 107 61.17 1.94 43.14
C ARG T 107 61.56 1.54 44.55
N GLU T 108 61.53 0.23 44.81
CA GLU T 108 61.79 -0.30 46.13
C GLU T 108 63.29 -0.49 46.40
N LEU T 109 64.07 -0.81 45.36
CA LEU T 109 65.46 -1.15 45.58
C LEU T 109 66.26 0.05 46.10
N MET T 110 66.21 1.16 45.38
CA MET T 110 66.97 2.33 45.79
C MET T 110 66.51 2.85 47.15
N TYR T 111 65.22 2.75 47.45
CA TYR T 111 64.73 3.21 48.75
C TYR T 111 65.38 2.41 49.87
N GLN T 112 65.34 1.08 49.77
CA GLN T 112 65.99 0.25 50.78
C GLN T 112 67.49 0.49 50.81
N LEU T 113 68.10 0.76 49.65
CA LEU T 113 69.54 0.98 49.61
C LEU T 113 69.92 2.25 50.37
N GLU T 114 69.19 3.34 50.15
CA GLU T 114 69.48 4.57 50.88
C GLU T 114 69.15 4.42 52.36
N LYS T 115 68.09 3.68 52.69
CA LYS T 115 67.78 3.42 54.10
C LYS T 115 68.93 2.68 54.76
N LYS T 116 69.48 1.67 54.08
CA LYS T 116 70.63 0.95 54.62
C LYS T 116 71.87 1.82 54.68
N GLY T 117 72.01 2.76 53.75
CA GLY T 117 73.13 3.70 53.83
C GLY T 117 73.05 4.57 55.07
N LYS T 118 71.86 5.09 55.37
CA LYS T 118 71.68 5.87 56.60
C LYS T 118 71.90 4.99 57.83
N GLU T 119 71.44 3.74 57.77
CA GLU T 119 71.69 2.81 58.87
C GLU T 119 73.20 2.61 59.06
N ILE T 120 73.94 2.53 57.97
CA ILE T 120 75.40 2.39 58.07
C ILE T 120 76.01 3.62 58.69
N LYS T 121 75.52 4.81 58.30
CA LYS T 121 76.03 6.04 58.90
C LYS T 121 75.85 6.01 60.41
N ARG T 122 74.63 5.72 60.87
CA ARG T 122 74.39 5.74 62.32
C ARG T 122 75.14 4.61 63.03
N ASP T 123 75.27 3.45 62.39
CA ASP T 123 76.02 2.36 63.01
C ASP T 123 77.49 2.71 63.17
N LEU T 124 78.07 3.36 62.15
CA LEU T 124 79.45 3.80 62.27
C LEU T 124 79.60 4.87 63.34
N GLU T 125 78.63 5.79 63.42
CA GLU T 125 78.65 6.78 64.49
C GLU T 125 78.64 6.11 65.86
N LYS T 126 77.85 5.04 66.00
CA LYS T 126 77.80 4.31 67.26
C LYS T 126 79.12 3.59 67.54
N ILE T 127 79.70 2.96 66.51
CA ILE T 127 80.91 2.18 66.71
C ILE T 127 82.08 3.08 67.11
N LEU T 128 82.26 4.19 66.38
CA LEU T 128 83.38 5.07 66.65
C LEU T 128 83.41 5.56 68.10
N LEU T 129 82.28 5.54 68.79
CA LEU T 129 82.21 5.96 70.18
C LEU T 129 81.97 4.82 71.15
N SER T 130 81.76 3.59 70.66
CA SER T 130 81.55 2.46 71.54
C SER T 130 82.70 2.26 72.51
N GLY T 131 83.90 2.74 72.17
CA GLY T 131 85.05 2.58 73.03
C GLY T 131 85.83 1.30 72.83
N GLN T 132 85.50 0.53 71.78
CA GLN T 132 86.18 -0.74 71.55
C GLN T 132 87.66 -0.51 71.24
N ALA T 133 88.40 -1.60 71.22
CA ALA T 133 89.82 -1.60 70.88
C ALA T 133 90.01 -2.20 69.49
N ARG T 134 91.23 -2.10 68.98
CA ARG T 134 91.57 -2.65 67.67
C ARG T 134 91.98 -4.10 67.85
N THR T 135 91.00 -4.99 67.72
CA THR T 135 91.24 -6.44 67.84
C THR T 135 91.60 -6.96 66.46
N ASP T 136 92.81 -7.52 66.34
CA ASP T 136 93.30 -8.00 65.06
C ASP T 136 94.35 -9.06 65.32
N VAL T 137 94.53 -9.94 64.32
CA VAL T 137 95.46 -11.05 64.47
C VAL T 137 96.90 -10.64 64.21
N LEU T 138 97.14 -9.59 63.43
CA LEU T 138 98.49 -9.16 63.13
C LEU T 138 99.13 -8.53 64.36
N ALA T 139 100.43 -8.74 64.52
CA ALA T 139 101.18 -8.19 65.63
C ALA T 139 101.59 -6.75 65.31
N ASP T 140 102.51 -6.19 66.10
CA ASP T 140 102.95 -4.81 65.95
C ASP T 140 104.17 -4.68 65.04
N GLN T 141 104.36 -5.62 64.12
CA GLN T 141 105.50 -5.62 63.22
C GLN T 141 105.24 -4.85 61.92
N TYR T 142 104.40 -3.81 61.96
CA TYR T 142 104.03 -3.11 60.74
C TYR T 142 105.25 -2.60 59.97
N LEU T 143 106.24 -2.05 60.69
CA LEU T 143 107.41 -1.47 60.02
C LEU T 143 108.33 -2.52 59.42
N THR T 144 108.02 -3.81 59.56
CA THR T 144 108.85 -4.85 58.95
C THR T 144 108.70 -4.91 57.45
N ASN T 145 107.79 -4.13 56.86
CA ASN T 145 107.55 -4.05 55.42
C ASN T 145 106.85 -5.29 54.90
N SER T 146 106.33 -6.15 55.78
CA SER T 146 105.63 -7.35 55.36
C SER T 146 104.69 -7.78 56.49
N ALA T 147 104.08 -8.94 56.35
CA ALA T 147 103.12 -9.46 57.31
C ALA T 147 103.68 -10.71 57.99
N ALA T 148 102.90 -11.24 58.93
CA ALA T 148 103.28 -12.46 59.64
C ALA T 148 102.90 -13.67 58.80
N ASP T 149 103.71 -13.90 57.76
CA ASP T 149 103.48 -15.05 56.89
C ASP T 149 103.40 -16.37 57.65
N PRO T 150 104.38 -16.72 58.50
CA PRO T 150 104.29 -18.00 59.21
C PRO T 150 103.15 -18.07 60.23
N ALA T 151 102.35 -17.01 60.34
CA ALA T 151 101.17 -17.02 61.22
C ALA T 151 99.86 -17.04 60.45
N VAL T 152 99.82 -16.53 59.24
CA VAL T 152 98.58 -16.46 58.45
C VAL T 152 98.75 -16.97 57.03
N ALA T 153 99.97 -17.15 56.55
CA ALA T 153 100.16 -17.60 55.17
C ALA T 153 99.49 -18.94 54.93
N GLY T 154 99.55 -19.86 55.89
CA GLY T 154 98.94 -21.16 55.74
C GLY T 154 97.43 -21.14 55.73
N LEU T 155 96.83 -20.01 56.12
CA LEU T 155 95.38 -19.85 56.13
C LEU T 155 94.93 -19.10 54.88
N ASN T 156 93.64 -19.22 54.58
CA ASN T 156 93.06 -18.63 53.39
C ASN T 156 91.91 -17.68 53.67
N ASP T 157 91.04 -18.01 54.63
CA ASP T 157 89.88 -17.18 54.93
C ASP T 157 89.34 -17.59 56.29
N THR T 158 88.17 -17.05 56.65
CA THR T 158 87.42 -17.41 57.84
C THR T 158 88.07 -16.90 59.12
N HIS T 159 89.04 -15.99 59.03
CA HIS T 159 89.65 -15.43 60.23
C HIS T 159 88.65 -14.56 60.97
N ALA T 160 88.91 -14.35 62.25
CA ALA T 160 88.03 -13.51 63.06
C ALA T 160 87.93 -12.12 62.46
N ALA T 161 86.78 -11.48 62.67
CA ALA T 161 86.55 -10.16 62.12
C ALA T 161 87.61 -9.18 62.63
N ARG T 162 87.70 -8.05 61.93
CA ARG T 162 88.69 -7.01 62.24
C ARG T 162 87.96 -5.83 62.85
N LYS T 163 88.37 -5.43 64.04
CA LYS T 163 87.73 -4.36 64.80
C LYS T 163 88.67 -3.16 64.81
N THR T 164 88.14 -1.98 64.50
CA THR T 164 88.94 -0.77 64.50
C THR T 164 89.01 -0.17 65.91
N GLY T 165 90.10 0.56 66.16
CA GLY T 165 90.20 1.32 67.39
C GLY T 165 89.06 2.32 67.51
N ALA T 166 88.74 2.66 68.75
CA ALA T 166 87.64 3.56 69.06
C ALA T 166 88.18 4.88 69.62
N PHE T 167 87.26 5.79 69.91
CA PHE T 167 87.66 7.07 70.49
C PHE T 167 88.37 6.87 71.81
N GLN T 168 87.89 5.92 72.62
CA GLN T 168 88.51 5.66 73.92
C GLN T 168 89.84 4.93 73.80
N PHE T 169 90.13 4.32 72.65
CA PHE T 169 91.36 3.58 72.45
C PHE T 169 92.44 4.44 71.80
N LEU T 170 92.07 5.27 70.82
CA LEU T 170 93.03 6.16 70.20
C LEU T 170 93.64 7.13 71.21
N CYS T 171 92.96 7.38 72.32
CA CYS T 171 93.48 8.25 73.36
C CYS T 171 94.37 7.43 74.29
N ALA T 172 94.82 8.04 75.39
CA ALA T 172 95.68 7.36 76.36
C ALA T 172 94.82 6.54 77.31
N HIS T 173 94.28 5.45 76.77
CA HIS T 173 93.43 4.57 77.58
C HIS T 173 94.17 4.08 78.82
N GLY T 174 95.41 3.64 78.65
CA GLY T 174 96.24 3.22 79.76
C GLY T 174 95.94 1.85 80.31
N GLY T 175 94.95 1.14 79.78
CA GLY T 175 94.64 -0.18 80.29
C GLY T 175 93.58 -0.84 79.42
N LEU T 176 93.33 -2.11 79.74
CA LEU T 176 92.35 -2.90 79.02
C LEU T 176 91.69 -3.87 79.98
N ALA T 177 90.55 -4.42 79.57
CA ALA T 177 89.81 -5.36 80.40
C ALA T 177 88.98 -6.23 79.47
N GLY T 178 89.40 -7.50 79.31
CA GLY T 178 88.67 -8.44 78.49
C GLY T 178 88.70 -8.13 77.01
N GLY T 179 89.47 -7.12 76.62
CA GLY T 179 89.57 -6.75 75.22
C GLY T 179 89.14 -5.31 74.98
N VAL T 180 88.18 -4.85 75.77
CA VAL T 180 87.68 -3.48 75.68
C VAL T 180 88.44 -2.62 76.68
N VAL T 181 88.40 -1.30 76.45
CA VAL T 181 89.13 -0.38 77.31
C VAL T 181 88.55 -0.44 78.72
N ASP T 182 89.45 -0.51 79.70
CA ASP T 182 89.03 -0.55 81.10
C ASP T 182 88.68 0.85 81.56
N LYS T 183 87.71 0.94 82.48
CA LYS T 183 87.15 2.21 82.93
C LYS T 183 87.43 2.46 84.40
N THR T 184 88.54 1.93 84.93
CA THR T 184 88.87 2.11 86.33
C THR T 184 90.37 2.30 86.55
N LYS T 185 91.10 2.81 85.56
CA LYS T 185 92.54 3.00 85.67
C LYS T 185 92.92 4.36 85.10
N ASN T 186 93.83 5.04 85.80
CA ASN T 186 94.32 6.34 85.34
C ASN T 186 95.41 6.16 84.31
N GLY T 187 95.30 6.89 83.20
CA GLY T 187 96.27 6.80 82.13
C GLY T 187 97.65 7.24 82.55
N PRO T 188 98.66 6.90 81.76
CA PRO T 188 100.03 7.29 82.10
C PRO T 188 100.36 8.71 81.66
N ALA T 189 101.34 9.30 82.35
CA ALA T 189 101.81 10.63 82.02
C ALA T 189 103.03 10.56 81.12
N ASP T 190 103.15 11.54 80.23
CA ASP T 190 104.27 11.59 79.32
C ASP T 190 105.55 11.90 80.10
N PRO T 191 106.68 11.27 79.78
CA PRO T 191 107.90 11.55 80.56
C PRO T 191 108.39 12.97 80.44
N ASP T 192 108.08 13.65 79.34
CA ASP T 192 108.50 15.03 79.14
C ASP T 192 107.49 16.01 79.73
N THR T 193 106.20 15.76 79.54
CA THR T 193 105.14 16.60 80.07
C THR T 193 104.33 15.81 81.09
N GLY T 194 104.19 16.39 82.29
CA GLY T 194 103.46 15.74 83.35
C GLY T 194 101.96 15.94 83.23
N ALA T 195 101.38 15.41 82.16
CA ALA T 195 99.96 15.54 81.90
C ALA T 195 99.31 14.16 81.80
N VAL T 196 98.14 14.03 82.42
CA VAL T 196 97.32 12.83 82.34
C VAL T 196 95.91 13.26 81.95
N THR T 197 95.39 12.67 80.88
CA THR T 197 94.10 13.08 80.33
C THR T 197 92.93 12.35 80.95
N VAL T 198 93.00 11.04 81.07
CA VAL T 198 91.88 10.24 81.57
C VAL T 198 92.01 10.11 83.08
N LYS T 199 90.92 10.38 83.80
CA LYS T 199 90.90 10.27 85.24
C LYS T 199 89.46 10.01 85.67
N VAL T 200 89.27 8.96 86.47
CA VAL T 200 87.94 8.59 86.94
C VAL T 200 87.70 9.18 88.31
N ALA T 201 86.46 9.59 88.58
CA ALA T 201 86.11 10.16 89.87
C ALA T 201 85.89 9.06 90.89
N GLN T 202 86.49 9.21 92.06
CA GLN T 202 86.43 8.22 93.13
C GLN T 202 85.58 8.81 94.26
N ASN T 203 84.36 8.30 94.40
CA ASN T 203 83.44 8.75 95.45
C ASN T 203 83.64 7.94 96.72
N ALA T 204 84.89 7.86 97.21
CA ALA T 204 85.19 7.16 98.45
C ALA T 204 84.91 8.01 99.68
N SER T 205 84.62 9.29 99.51
CA SER T 205 84.31 10.19 100.62
C SER T 205 82.90 10.74 100.55
N ASN T 206 82.02 10.12 99.77
CA ASN T 206 80.66 10.58 99.58
C ASN T 206 79.69 9.54 100.09
N PRO T 207 78.44 9.92 100.37
CA PRO T 207 77.46 8.94 100.82
C PRO T 207 77.15 7.92 99.73
N THR T 208 76.52 6.82 100.14
CA THR T 208 76.13 5.79 99.19
C THR T 208 75.08 6.31 98.19
N THR T 209 74.34 7.36 98.55
CA THR T 209 73.35 7.91 97.63
C THR T 209 74.02 8.49 96.39
N ASN T 210 75.10 9.24 96.58
CA ASN T 210 75.83 9.81 95.45
C ASN T 210 76.50 8.69 94.66
N ILE T 211 76.33 8.73 93.34
CA ILE T 211 76.85 7.69 92.45
C ILE T 211 77.79 8.35 91.45
N GLY T 212 79.05 8.50 91.83
CA GLY T 212 80.07 8.98 90.92
C GLY T 212 79.75 10.34 90.32
N PHE T 213 80.66 10.80 89.46
CA PHE T 213 80.48 12.02 88.69
C PHE T 213 80.19 13.22 89.61
N ASP T 214 81.17 13.50 90.47
CA ASP T 214 81.05 14.55 91.46
C ASP T 214 81.10 15.95 90.87
N GLU T 215 81.06 16.08 89.54
CA GLU T 215 81.01 17.37 88.86
C GLU T 215 82.19 18.27 89.22
N ALA T 216 83.21 17.70 89.86
CA ALA T 216 84.42 18.44 90.21
C ALA T 216 85.62 18.03 89.39
N ASP T 217 85.60 16.83 88.79
CA ASP T 217 86.71 16.39 87.95
C ASP T 217 86.78 17.13 86.63
N ILE T 218 85.78 17.97 86.31
CA ILE T 218 85.79 18.70 85.05
C ILE T 218 86.89 19.75 85.06
N PHE T 219 87.09 20.43 86.19
CA PHE T 219 88.15 21.44 86.27
C PHE T 219 89.52 20.78 86.15
N ASP T 220 89.72 19.64 86.82
CA ASP T 220 90.99 18.93 86.70
C ASP T 220 91.20 18.44 85.28
N MET T 221 90.12 17.99 84.63
CA MET T 221 90.21 17.57 83.23
C MET T 221 90.69 18.71 82.35
N THR T 222 90.07 19.89 82.49
CA THR T 222 90.48 21.03 81.70
C THR T 222 91.91 21.45 82.00
N LEU T 223 92.31 21.40 83.28
CA LEU T 223 93.67 21.76 83.64
C LEU T 223 94.68 20.81 83.01
N GLN T 224 94.38 19.51 83.03
CA GLN T 224 95.29 18.54 82.42
C GLN T 224 95.34 18.71 80.92
N LEU T 225 94.19 18.96 80.28
CA LEU T 225 94.18 19.23 78.85
C LEU T 225 95.02 20.44 78.50
N TYR T 226 94.96 21.48 79.33
CA TYR T 226 95.78 22.67 79.08
C TYR T 226 97.26 22.34 79.26
N THR T 227 97.61 21.63 80.33
CA THR T 227 99.01 21.29 80.55
C THR T 227 99.56 20.44 79.41
N ALA T 228 98.73 19.59 78.82
CA ALA T 228 99.16 18.76 77.69
C ALA T 228 99.27 19.55 76.39
N GLY T 229 98.88 20.82 76.39
CA GLY T 229 98.95 21.63 75.19
C GLY T 229 97.81 21.42 74.22
N SER T 230 96.81 20.62 74.57
CA SER T 230 95.72 20.32 73.66
C SER T 230 94.68 21.44 73.67
N GLU T 231 94.06 21.64 72.50
CA GLU T 231 92.97 22.58 72.34
C GLU T 231 91.71 21.81 71.95
N ALA T 232 90.70 21.86 72.81
CA ALA T 232 89.43 21.20 72.56
C ALA T 232 88.31 22.10 73.03
N ASP T 233 87.23 22.16 72.23
CA ASP T 233 86.08 22.99 72.56
C ASP T 233 84.76 22.26 72.36
N ILE T 234 84.77 20.92 72.34
CA ILE T 234 83.56 20.14 72.19
C ILE T 234 83.50 19.13 73.33
N ILE T 235 82.29 18.88 73.81
CA ILE T 235 82.05 17.87 74.85
C ILE T 235 80.85 17.04 74.45
N MET T 236 81.10 15.88 73.84
CA MET T 236 80.04 14.99 73.39
C MET T 236 79.66 14.05 74.54
N ILE T 237 78.37 14.02 74.86
CA ILE T 237 77.86 13.28 76.01
C ILE T 237 76.54 12.63 75.63
N ASN T 238 75.96 11.90 76.59
CA ASN T 238 74.67 11.24 76.45
C ASN T 238 73.61 11.98 77.25
N PRO T 239 72.33 11.83 76.90
CA PRO T 239 71.28 12.57 77.62
C PRO T 239 71.31 12.39 79.12
N ALA T 240 71.85 11.27 79.61
CA ALA T 240 71.81 10.97 81.03
C ALA T 240 72.63 11.95 81.87
N HIS T 241 73.50 12.76 81.26
CA HIS T 241 74.35 13.68 81.99
C HIS T 241 74.06 15.14 81.69
N ALA T 242 73.13 15.43 80.78
CA ALA T 242 72.80 16.83 80.48
C ALA T 242 72.26 17.55 81.71
N LYS T 243 71.52 16.84 82.56
CA LYS T 243 71.01 17.45 83.78
C LYS T 243 72.15 17.93 84.67
N ILE T 244 73.16 17.08 84.89
CA ILE T 244 74.27 17.45 85.73
C ILE T 244 75.08 18.56 85.07
N PHE T 245 75.21 18.52 83.75
CA PHE T 245 75.93 19.59 83.05
C PHE T 245 75.23 20.94 83.24
N ALA T 246 73.89 20.94 83.15
CA ALA T 246 73.16 22.18 83.38
C ALA T 246 73.29 22.64 84.82
N GLY T 247 73.18 21.72 85.77
CA GLY T 247 73.36 22.07 87.17
C GLY T 247 74.73 22.65 87.46
N LEU T 248 75.75 22.17 86.75
CA LEU T 248 77.09 22.74 86.88
C LEU T 248 77.14 24.12 86.25
N GLN T 249 76.48 24.30 85.10
CA GLN T 249 76.42 25.61 84.48
C GLN T 249 75.75 26.63 85.39
N GLU T 250 74.70 26.22 86.12
CA GLU T 250 74.00 27.14 87.00
C GLU T 250 74.81 27.49 88.23
N ASN T 251 75.78 26.68 88.61
CA ASN T 251 76.64 26.96 89.75
C ASN T 251 77.80 27.89 89.40
N THR T 252 77.90 28.32 88.14
CA THR T 252 78.97 29.23 87.73
C THR T 252 78.43 30.31 86.79
N GLN T 253 77.23 30.81 87.07
CA GLN T 253 76.61 31.85 86.24
C GLN T 253 77.56 33.02 86.01
N GLY T 254 78.11 33.56 87.10
CA GLY T 254 78.96 34.73 86.99
C GLY T 254 80.20 34.54 86.15
N SER T 255 80.61 33.29 85.91
CA SER T 255 81.77 32.98 85.08
C SER T 255 81.33 32.19 83.86
N ARG T 256 80.26 32.65 83.21
CA ARG T 256 79.70 32.02 82.02
C ARG T 256 80.05 32.86 80.81
N LYS T 257 80.97 32.37 79.98
CA LYS T 257 81.37 33.07 78.77
C LYS T 257 80.32 32.82 77.70
N ARG T 258 79.35 33.71 77.61
CA ARG T 258 78.31 33.61 76.59
C ARG T 258 78.94 33.64 75.21
N ILE T 259 78.31 32.95 74.26
CA ILE T 259 78.76 32.91 72.88
C ILE T 259 77.52 32.76 72.00
N PHE T 260 77.41 33.62 70.99
CA PHE T 260 76.24 33.68 70.13
C PHE T 260 76.61 33.35 68.69
N GLU T 261 75.57 33.24 67.85
CA GLU T 261 75.71 32.89 66.44
C GLU T 261 74.78 33.77 65.63
N ASN T 262 75.35 34.78 64.96
CA ASN T 262 74.56 35.69 64.14
C ASN T 262 74.25 35.05 62.80
N THR T 263 73.03 35.28 62.29
CA THR T 263 72.61 34.70 61.02
C THR T 263 71.88 35.69 60.12
N LYS T 264 71.98 36.99 60.42
CA LYS T 264 71.35 38.05 59.62
C LYS T 264 69.83 38.08 59.85
N GLN T 265 69.30 37.08 60.55
CA GLN T 265 67.88 37.05 60.89
C GLN T 265 67.61 36.68 62.34
N PHE T 266 68.52 35.97 63.01
CA PHE T 266 68.34 35.58 64.39
C PHE T 266 69.72 35.45 65.03
N ILE T 267 69.77 35.64 66.34
CA ILE T 267 71.00 35.50 67.12
C ILE T 267 70.81 34.29 68.02
N TYR T 268 71.34 33.14 67.58
CA TYR T 268 71.18 31.89 68.31
C TYR T 268 72.33 31.74 69.31
N GLU T 269 72.01 31.84 70.59
CA GLU T 269 73.01 31.56 71.61
C GLU T 269 73.35 30.07 71.61
N VAL T 270 74.55 29.76 72.08
CA VAL T 270 75.07 28.40 72.08
C VAL T 270 75.16 27.89 73.51
N ASN T 271 74.85 26.62 73.69
CA ASN T 271 75.03 25.99 74.99
C ASN T 271 76.50 25.69 75.22
N SER T 272 77.25 26.68 75.69
CA SER T 272 78.67 26.54 75.93
C SER T 272 78.97 26.69 77.41
N ILE T 273 80.09 26.10 77.82
CA ILE T 273 80.57 26.18 79.20
C ILE T 273 82.06 26.50 79.16
N THR T 274 82.50 27.20 80.20
CA THR T 274 83.89 27.66 80.27
C THR T 274 84.49 27.23 81.61
N ASP T 275 85.78 26.96 81.58
CA ASP T 275 86.56 26.59 82.74
C ASP T 275 87.17 27.83 83.37
N PRO T 276 87.73 27.71 84.58
CA PRO T 276 88.36 28.88 85.20
C PRO T 276 89.43 29.52 84.34
N LEU T 277 90.08 28.76 83.46
CA LEU T 277 91.10 29.29 82.58
C LEU T 277 90.53 30.13 81.45
N GLY T 278 89.20 30.11 81.25
CA GLY T 278 88.58 30.81 80.15
C GLY T 278 88.39 29.98 78.91
N GLN T 279 88.84 28.72 78.90
CA GLN T 279 88.69 27.85 77.75
C GLN T 279 87.22 27.50 77.56
N SER T 280 86.63 27.97 76.48
CA SER T 280 85.23 27.71 76.20
C SER T 280 85.03 26.29 75.70
N TYR T 281 83.88 25.72 76.02
CA TYR T 281 83.54 24.35 75.61
C TYR T 281 82.09 24.32 75.15
N LYS T 282 81.87 23.86 73.92
CA LYS T 282 80.53 23.63 73.43
C LYS T 282 80.05 22.24 73.85
N ILE T 283 78.75 22.14 74.14
CA ILE T 283 78.16 20.92 74.67
C ILE T 283 77.13 20.42 73.65
N ILE T 284 77.43 19.29 73.02
CA ILE T 284 76.50 18.60 72.14
C ILE T 284 76.24 17.21 72.72
N VAL T 285 75.05 16.69 72.46
CA VAL T 285 74.61 15.39 72.97
C VAL T 285 74.36 14.47 71.79
N ASN T 286 74.69 13.19 71.97
CA ASN T 286 74.51 12.17 70.94
C ASN T 286 73.78 10.98 71.53
N ARG T 287 72.90 10.39 70.73
CA ARG T 287 72.09 9.27 71.19
C ARG T 287 72.84 7.95 71.19
N TRP T 288 74.02 7.88 70.58
CA TRP T 288 74.75 6.63 70.45
C TRP T 288 76.00 6.57 71.32
N MET T 289 76.12 7.48 72.30
CA MET T 289 77.23 7.40 73.23
C MET T 289 77.07 6.16 74.12
N PRO T 290 78.18 5.65 74.66
CA PRO T 290 78.09 4.46 75.52
C PRO T 290 77.41 4.72 76.85
N THR T 291 77.13 5.98 77.19
CA THR T 291 76.38 6.42 78.36
C THR T 291 77.21 6.33 79.64
N ASP T 292 78.41 5.77 79.60
CA ASP T 292 79.26 5.63 80.79
C ASP T 292 80.62 6.28 80.55
N ALA T 293 80.63 7.38 79.80
CA ALA T 293 81.87 8.11 79.53
C ALA T 293 81.52 9.40 78.81
N VAL T 294 82.43 10.37 78.91
CA VAL T 294 82.29 11.66 78.24
C VAL T 294 83.57 11.93 77.46
N TYR T 295 83.44 12.67 76.37
CA TYR T 295 84.54 12.88 75.42
C TYR T 295 84.81 14.37 75.25
N PHE T 296 86.10 14.71 75.18
CA PHE T 296 86.55 16.07 74.92
C PHE T 296 87.46 16.05 73.71
N PHE T 297 87.16 16.88 72.71
CA PHE T 297 87.97 16.91 71.49
C PHE T 297 87.69 18.22 70.77
N ARG T 298 88.33 18.39 69.60
CA ARG T 298 88.18 19.58 68.79
C ARG T 298 87.43 19.34 67.48
N SER T 299 87.22 18.09 67.09
CA SER T 299 86.50 17.69 65.89
C SER T 299 87.31 17.96 64.63
N ALA T 300 88.57 18.39 64.75
CA ALA T 300 89.42 18.63 63.59
C ALA T 300 90.67 17.77 63.56
N ASP T 301 91.19 17.33 64.70
CA ASP T 301 92.36 16.46 64.72
C ASP T 301 92.04 15.04 64.28
N TRP T 302 90.76 14.70 64.17
CA TRP T 302 90.35 13.36 63.81
C TRP T 302 90.03 13.26 62.33
N THR T 303 90.23 12.07 61.77
CA THR T 303 90.04 11.85 60.35
C THR T 303 89.57 10.41 60.12
N GLN T 304 88.76 10.23 59.09
CA GLN T 304 88.19 8.93 58.76
C GLN T 304 88.72 8.49 57.40
N MET T 305 89.33 7.31 57.36
CA MET T 305 89.84 6.76 56.11
C MET T 305 88.71 6.07 55.36
N VAL T 306 88.90 5.90 54.06
CA VAL T 306 87.96 5.18 53.20
C VAL T 306 88.77 4.27 52.28
N LEU T 307 88.38 3.00 52.24
CA LEU T 307 89.08 1.99 51.45
C LEU T 307 88.24 1.43 50.32
N ARG T 308 87.07 0.88 50.62
CA ARG T 308 86.24 0.24 49.62
C ARG T 308 85.36 1.22 48.85
N ALA T 309 85.37 2.50 49.22
CA ALA T 309 84.61 3.51 48.49
C ALA T 309 83.15 3.10 48.40
N PRO T 310 82.37 3.27 49.49
CA PRO T 310 80.98 2.75 49.50
C PRO T 310 80.23 3.03 48.22
N LYS T 311 79.87 1.96 47.51
CA LYS T 311 79.22 2.06 46.22
C LYS T 311 78.20 0.94 46.10
N ARG T 312 77.00 1.30 45.65
CA ARG T 312 75.89 0.35 45.55
C ARG T 312 76.28 -0.70 44.52
N THR T 313 76.84 -1.80 44.99
CA THR T 313 77.29 -2.87 44.11
C THR T 313 76.18 -3.91 43.91
N GLU T 314 76.26 -4.60 42.77
CA GLU T 314 75.31 -5.64 42.42
C GLU T 314 75.99 -6.99 42.46
N LEU T 315 75.22 -8.02 42.79
CA LEU T 315 75.71 -9.38 42.94
C LEU T 315 74.96 -10.31 41.98
N ALA T 316 75.29 -11.60 42.07
CA ALA T 316 74.64 -12.60 41.23
C ALA T 316 73.16 -12.68 41.54
N LYS T 317 72.38 -13.10 40.53
CA LYS T 317 70.93 -13.19 40.68
C LYS T 317 70.51 -14.56 41.22
N ASP T 318 70.83 -15.62 40.48
CA ASP T 318 70.46 -16.99 40.86
C ASP T 318 68.96 -17.08 41.14
N GLY T 319 68.18 -16.64 40.16
CA GLY T 319 66.74 -16.69 40.28
C GLY T 319 66.06 -15.43 39.76
N SER T 320 64.91 -15.10 40.34
CA SER T 320 64.18 -13.89 39.99
C SER T 320 64.40 -12.76 40.98
N TYR T 321 65.14 -13.00 42.06
CA TYR T 321 65.41 -11.97 43.05
C TYR T 321 66.69 -11.23 42.67
N GLU T 322 66.64 -9.91 42.71
CA GLU T 322 67.80 -9.07 42.43
C GLU T 322 68.49 -8.73 43.75
N LYS T 323 69.78 -9.04 43.85
CA LYS T 323 70.54 -8.88 45.07
C LYS T 323 71.51 -7.72 44.93
N TRP T 324 71.56 -6.86 45.95
CA TRP T 324 72.49 -5.75 46.03
C TRP T 324 73.04 -5.67 47.44
N MET T 325 74.23 -5.09 47.58
CA MET T 325 74.86 -4.88 48.87
C MET T 325 75.64 -3.57 48.85
N ILE T 326 76.23 -3.25 50.00
CA ILE T 326 77.02 -2.03 50.16
C ILE T 326 78.03 -2.26 51.27
N GLU T 327 79.28 -1.88 51.01
CA GLU T 327 80.37 -2.05 51.94
C GLU T 327 81.08 -0.73 52.17
N MET T 328 81.88 -0.67 53.23
CA MET T 328 82.75 0.46 53.50
C MET T 328 83.79 0.06 54.53
N GLU T 329 85.05 0.29 54.19
CA GLU T 329 86.17 0.05 55.11
C GLU T 329 86.70 1.41 55.55
N VAL T 330 86.52 1.72 56.83
CA VAL T 330 86.92 3.02 57.36
C VAL T 330 87.80 2.80 58.59
N GLY T 331 88.59 3.82 58.90
CA GLY T 331 89.47 3.77 60.06
C GLY T 331 89.68 5.16 60.61
N LEU T 332 89.81 5.23 61.94
CA LEU T 332 89.95 6.50 62.63
C LEU T 332 91.42 6.83 62.84
N ARG T 333 91.74 8.12 62.79
CA ARG T 333 93.10 8.60 62.97
C ARG T 333 93.09 9.76 63.95
N HIS T 334 94.09 9.79 64.84
CA HIS T 334 94.20 10.81 65.88
C HIS T 334 95.56 11.48 65.78
N ARG T 335 95.55 12.81 65.71
CA ARG T 335 96.81 13.55 65.63
C ARG T 335 97.75 13.18 66.76
N ASN T 336 97.22 13.02 67.98
CA ASN T 336 98.04 12.70 69.14
C ASN T 336 97.15 12.15 70.25
N PRO T 337 97.56 11.08 70.94
CA PRO T 337 96.68 10.51 71.96
C PRO T 337 96.29 11.50 73.04
N TYR T 338 97.23 12.33 73.50
CA TYR T 338 96.97 13.29 74.56
C TYR T 338 96.25 14.54 74.08
N ALA T 339 95.72 14.56 72.85
CA ALA T 339 95.02 15.75 72.38
C ALA T 339 93.58 15.79 72.89
N SER T 340 92.88 14.65 72.83
CA SER T 340 91.50 14.57 73.26
C SER T 340 91.44 14.22 74.75
N GLY T 341 90.24 13.98 75.24
CA GLY T 341 90.06 13.64 76.64
C GLY T 341 88.87 12.73 76.85
N VAL T 342 89.00 11.86 77.84
CA VAL T 342 87.97 10.89 78.19
C VAL T 342 87.87 10.82 79.70
N LEU T 343 86.64 10.86 80.21
CA LEU T 343 86.37 10.72 81.63
C LEU T 343 85.31 9.63 81.82
N PHE T 344 85.69 8.55 82.48
CA PHE T 344 84.80 7.40 82.66
C PHE T 344 84.12 7.49 84.02
N THR T 345 82.80 7.33 84.02
CA THR T 345 82.04 7.34 85.26
C THR T 345 82.27 6.05 86.04
N ALA T 346 81.94 6.09 87.33
CA ALA T 346 82.01 4.91 88.17
C ALA T 346 80.82 4.93 89.12
N ALA T 347 80.56 3.78 89.74
CA ALA T 347 79.45 3.61 90.68
C ALA T 347 79.92 2.85 91.90
N GLY T 348 79.08 2.86 92.94
CA GLY T 348 79.36 2.15 94.16
C GLY T 348 80.64 2.61 94.83
N PRO U 4 19.89 39.36 65.03
CA PRO U 4 19.71 39.90 63.69
C PRO U 4 19.95 38.86 62.59
N THR U 5 18.94 38.02 62.33
CA THR U 5 19.09 36.99 61.30
C THR U 5 19.28 37.62 59.92
N LEU U 6 18.45 38.62 59.60
CA LEU U 6 18.54 39.33 58.33
C LEU U 6 18.97 40.76 58.60
N PHE U 7 19.88 41.26 57.77
CA PHE U 7 20.41 42.60 57.93
C PHE U 7 19.90 43.49 56.80
N VAL U 8 19.25 44.58 57.17
CA VAL U 8 18.62 45.49 56.21
C VAL U 8 19.00 46.93 56.59
N SER U 9 18.47 47.88 55.82
CA SER U 9 18.77 49.28 56.04
C SER U 9 18.40 49.71 57.46
N TYR U 10 17.30 49.18 57.98
CA TYR U 10 16.87 49.56 59.33
C TYR U 10 17.90 49.18 60.38
N ASP U 11 18.71 48.14 60.13
CA ASP U 11 19.73 47.72 61.09
C ASP U 11 21.01 48.53 60.97
N GLN U 12 21.22 49.20 59.84
CA GLN U 12 22.43 50.00 59.67
C GLN U 12 22.40 51.21 60.61
N ASN U 13 23.55 51.49 61.22
CA ASN U 13 23.68 52.59 62.17
C ASN U 13 24.43 53.79 61.62
N GLY U 14 25.54 53.56 60.92
CA GLY U 14 26.31 54.65 60.36
C GLY U 14 26.23 54.69 58.84
N LYS U 15 25.59 55.73 58.31
CA LYS U 15 25.41 55.87 56.87
C LYS U 15 25.42 57.34 56.49
N LYS U 16 25.39 57.59 55.19
CA LYS U 16 25.38 58.95 54.68
C LYS U 16 23.97 59.55 54.81
N LEU U 17 23.81 60.76 54.27
CA LEU U 17 22.54 61.46 54.32
C LEU U 17 22.02 61.91 52.97
N SER U 18 22.90 62.13 51.99
CA SER U 18 22.49 62.47 50.63
C SER U 18 21.75 63.81 50.60
N PHE U 19 22.38 64.84 51.16
CA PHE U 19 21.82 66.18 51.09
C PHE U 19 22.03 66.77 49.71
N ALA U 20 21.00 67.44 49.19
CA ALA U 20 21.12 68.09 47.90
C ALA U 20 22.11 69.24 47.97
N ASN U 21 22.69 69.58 46.82
CA ASN U 21 23.69 70.63 46.72
C ASN U 21 23.08 72.00 46.40
N TRP U 22 21.79 72.20 46.69
CA TRP U 22 21.12 73.45 46.39
C TRP U 22 20.30 73.90 47.60
N ILE U 23 19.88 75.16 47.56
CA ILE U 23 19.04 75.76 48.59
C ILE U 23 18.04 76.66 47.89
N SER U 24 16.92 76.94 48.57
CA SER U 24 15.84 77.75 48.02
C SER U 24 16.33 79.18 47.88
N VAL U 25 16.96 79.48 46.74
CA VAL U 25 17.41 80.83 46.41
C VAL U 25 17.10 81.08 44.94
N LEU U 26 16.78 82.33 44.61
CA LEU U 26 16.36 82.72 43.27
C LEU U 26 17.47 83.56 42.64
N SER U 27 18.16 82.98 41.65
CA SER U 27 19.29 83.66 41.01
C SER U 27 19.41 83.26 39.55
N PRO U 28 18.68 83.90 38.65
CA PRO U 28 18.88 83.66 37.20
C PRO U 28 20.19 84.28 36.73
N GLN U 29 20.82 83.62 35.77
CA GLN U 29 22.13 84.06 35.26
C GLN U 29 22.02 84.44 33.79
N ASP U 30 20.89 85.01 33.39
CA ASP U 30 20.73 85.46 32.01
C ASP U 30 21.35 86.83 31.81
N THR U 31 20.75 87.86 32.41
CA THR U 31 21.26 89.23 32.37
C THR U 31 21.71 89.62 30.97
N PRO U 32 20.78 89.79 30.03
CA PRO U 32 21.20 90.17 28.67
C PRO U 32 21.69 91.60 28.57
N PHE U 33 21.17 92.50 29.40
CA PHE U 33 21.59 93.89 29.37
C PHE U 33 22.78 94.14 30.27
N VAL U 34 23.50 93.08 30.66
CA VAL U 34 24.69 93.24 31.48
C VAL U 34 25.75 94.06 30.77
N SER U 35 25.66 94.17 29.44
CA SER U 35 26.65 94.90 28.66
C SER U 35 26.62 96.41 28.88
N MET U 36 25.62 96.93 29.59
CA MET U 36 25.49 98.36 29.81
C MET U 36 25.27 98.65 31.30
N THR U 37 26.34 99.02 32.00
CA THR U 37 26.25 99.36 33.41
C THR U 37 25.34 100.56 33.67
N GLY U 38 25.65 101.73 33.10
CA GLY U 38 24.91 102.94 33.38
C GLY U 38 25.62 103.79 34.41
N LYS U 39 26.06 104.99 34.00
CA LYS U 39 26.85 105.86 34.85
C LYS U 39 25.98 106.89 35.57
N GLU U 40 26.37 107.18 36.81
CA GLU U 40 25.80 108.26 37.60
C GLU U 40 26.95 108.95 38.34
N SER U 41 26.72 110.20 38.77
CA SER U 41 27.76 110.98 39.41
C SER U 41 27.12 111.98 40.37
N ILE U 42 27.07 111.65 41.65
CA ILE U 42 26.61 112.56 42.69
C ILE U 42 27.78 112.88 43.60
N ASN U 43 27.80 114.11 44.12
CA ASN U 43 28.97 114.59 44.86
C ASN U 43 28.75 114.64 46.36
N GLN U 44 27.61 115.15 46.83
CA GLN U 44 27.38 115.37 48.25
C GLN U 44 26.16 114.58 48.72
N THR U 45 25.85 114.71 50.01
CA THR U 45 24.79 113.92 50.63
C THR U 45 23.44 114.63 50.59
N ILE U 46 23.42 115.95 50.81
CA ILE U 46 22.18 116.72 50.89
C ILE U 46 21.93 117.34 49.53
N PHE U 47 21.00 116.74 48.78
CA PHE U 47 20.69 117.18 47.43
C PHE U 47 19.55 118.20 47.47
N SER U 48 19.09 118.61 46.29
CA SER U 48 18.02 119.60 46.17
C SER U 48 17.44 119.61 44.76
N TRP U 49 16.51 120.54 44.54
CA TRP U 49 15.83 120.65 43.26
C TRP U 49 15.22 122.04 43.15
N GLN U 50 14.57 122.30 42.02
CA GLN U 50 13.87 123.54 41.78
C GLN U 50 12.52 123.25 41.10
N THR U 51 11.56 124.15 41.32
CA THR U 51 10.22 124.00 40.79
C THR U 51 9.82 125.27 40.07
N ASP U 52 8.78 125.15 39.24
CA ASP U 52 8.17 126.27 38.56
C ASP U 52 6.84 126.61 39.21
N ALA U 53 6.44 127.87 39.08
CA ALA U 53 5.22 128.36 39.73
C ALA U 53 4.72 129.56 38.93
N LEU U 54 3.58 129.40 38.27
CA LEU U 54 3.00 130.48 37.50
C LEU U 54 2.19 131.39 38.43
N ALA U 55 1.78 132.54 37.89
CA ALA U 55 1.01 133.51 38.65
C ALA U 55 -0.48 133.23 38.53
N SER U 56 -1.24 133.72 39.50
CA SER U 56 -2.68 133.51 39.51
C SER U 56 -3.35 134.36 38.43
N VAL U 57 -4.24 133.73 37.66
CA VAL U 57 -4.96 134.47 36.63
C VAL U 57 -5.78 135.56 37.28
N ASP U 58 -5.79 136.75 36.66
CA ASP U 58 -6.49 137.92 37.18
C ASP U 58 -7.70 138.18 36.29
N GLY U 59 -8.89 137.82 36.77
CA GLY U 59 -10.11 138.12 36.05
C GLY U 59 -10.70 139.48 36.33
N ASN U 60 -10.11 140.25 37.23
CA ASN U 60 -10.59 141.59 37.56
C ASN U 60 -9.57 142.64 37.16
N ASN U 61 -8.91 142.47 36.01
CA ASN U 61 -7.88 143.41 35.55
C ASN U 61 -8.56 144.71 35.09
N ALA U 62 -8.93 145.52 36.08
CA ALA U 62 -9.57 146.81 35.86
C ALA U 62 -8.48 147.86 35.80
N HIS U 63 -7.75 147.89 34.68
CA HIS U 63 -6.64 148.81 34.52
C HIS U 63 -7.14 150.26 34.56
N VAL U 64 -6.23 151.16 34.89
CA VAL U 64 -6.55 152.58 34.97
C VAL U 64 -5.75 153.33 33.92
N GLU U 65 -5.28 152.62 32.89
CA GLU U 65 -4.56 153.25 31.80
C GLU U 65 -3.39 154.09 32.30
N GLY U 66 -2.38 153.43 32.89
CA GLY U 66 -1.24 154.13 33.45
C GLY U 66 -0.94 153.73 34.87
N SER U 67 -1.34 152.51 35.25
CA SER U 67 -1.00 151.99 36.57
C SER U 67 0.51 151.93 36.78
N ARG U 68 1.25 151.38 35.81
CA ARG U 68 2.71 151.39 35.80
C ARG U 68 3.28 150.72 37.05
N ALA U 69 3.00 149.42 37.14
CA ALA U 69 3.59 148.53 38.15
C ALA U 69 3.20 148.96 39.57
N GLU U 70 1.89 149.10 39.76
CA GLU U 70 1.38 149.33 41.11
C GLU U 70 1.29 148.03 41.90
N ASP U 71 1.62 146.90 41.29
CA ASP U 71 1.34 145.58 41.84
C ASP U 71 2.46 145.08 42.75
N GLY U 72 3.71 145.15 42.30
CA GLY U 72 4.81 144.59 43.05
C GLY U 72 4.62 143.11 43.29
N GLU U 73 4.63 142.32 42.21
CA GLU U 73 4.37 140.89 42.27
C GLU U 73 5.51 140.10 41.64
N MET U 74 6.74 140.44 42.03
CA MET U 74 7.89 139.67 41.59
C MET U 74 7.68 138.18 41.80
N LYS U 75 7.30 137.78 43.02
CA LYS U 75 6.98 136.39 43.33
C LYS U 75 8.17 135.49 43.04
N PRO U 76 9.23 135.54 43.85
CA PRO U 76 10.39 134.67 43.63
C PRO U 76 10.01 133.20 43.62
N THR U 77 10.98 132.38 43.23
CA THR U 77 10.79 130.94 43.20
C THR U 77 10.64 130.39 44.61
N VAL U 78 10.44 129.07 44.70
CA VAL U 78 10.30 128.36 45.96
C VAL U 78 11.21 127.16 45.94
N ILE U 79 11.68 126.78 47.13
CA ILE U 79 12.65 125.70 47.28
C ILE U 79 12.29 124.86 48.49
N LYS U 80 12.53 123.55 48.37
CA LYS U 80 12.35 122.63 49.48
C LYS U 80 13.25 121.42 49.24
N SER U 81 13.91 120.95 50.29
CA SER U 81 14.80 119.81 50.17
C SER U 81 14.80 119.04 51.48
N ASN U 82 15.19 117.77 51.41
CA ASN U 82 15.22 116.91 52.58
C ASN U 82 15.93 115.63 52.21
N VAL U 83 16.59 115.03 53.20
CA VAL U 83 17.28 113.75 53.04
C VAL U 83 16.97 112.90 54.27
N THR U 84 16.22 111.83 54.06
CA THR U 84 15.96 110.89 55.15
C THR U 84 17.27 110.18 55.54
N GLN U 85 17.31 109.71 56.78
CA GLN U 85 18.50 109.01 57.24
C GLN U 85 18.58 107.63 56.62
N ILE U 86 19.75 107.00 56.76
CA ILE U 86 20.10 105.81 56.00
C ILE U 86 19.96 104.57 56.86
N LEU U 87 20.09 103.40 56.22
CA LEU U 87 20.07 102.10 56.86
C LEU U 87 21.37 101.35 56.55
N ARG U 88 21.55 100.19 57.17
CA ARG U 88 22.76 99.41 57.00
C ARG U 88 22.50 97.98 57.44
N LYS U 89 23.42 97.08 57.07
CA LYS U 89 23.30 95.67 57.42
C LYS U 89 24.68 95.10 57.69
N VAL U 90 24.76 94.22 58.68
CA VAL U 90 26.02 93.60 59.10
C VAL U 90 25.82 92.10 59.26
N VAL U 91 26.93 91.41 59.53
CA VAL U 91 26.92 89.96 59.75
C VAL U 91 28.18 89.59 60.50
N ARG U 92 28.16 88.43 61.17
CA ARG U 92 29.34 87.96 61.88
C ARG U 92 29.25 86.44 62.01
N VAL U 93 30.40 85.79 61.82
CA VAL U 93 30.54 84.34 62.02
C VAL U 93 31.94 84.08 62.55
N SER U 94 32.03 83.27 63.61
CA SER U 94 33.29 83.10 64.32
C SER U 94 34.27 82.19 63.60
N ASP U 95 33.89 80.92 63.37
CA ASP U 95 34.81 79.95 62.81
C ASP U 95 34.24 79.15 61.64
N THR U 96 32.92 79.15 61.42
CA THR U 96 32.35 78.30 60.37
C THR U 96 32.96 78.63 59.01
N ALA U 97 32.85 79.89 58.58
CA ALA U 97 33.34 80.27 57.27
C ALA U 97 34.86 80.21 57.16
N ASN U 98 35.57 80.08 58.28
CA ASN U 98 37.03 80.04 58.25
C ASN U 98 37.56 78.62 58.40
N THR U 99 36.84 77.75 59.09
CA THR U 99 37.26 76.37 59.29
C THR U 99 36.43 75.37 58.49
N THR U 100 35.11 75.40 58.64
CA THR U 100 34.27 74.47 57.92
C THR U 100 34.00 74.97 56.49
N ALA U 101 33.98 74.03 55.55
CA ALA U 101 33.70 74.33 54.16
C ALA U 101 33.23 73.06 53.47
N ASN U 102 31.95 73.02 53.12
CA ASN U 102 31.39 71.85 52.45
C ASN U 102 31.63 71.97 50.95
N TYR U 103 31.20 70.97 50.18
CA TYR U 103 31.42 71.00 48.74
C TYR U 103 30.32 71.79 48.03
N GLY U 104 29.06 71.55 48.42
CA GLY U 104 27.95 72.31 47.90
C GLY U 104 27.89 73.74 48.39
N ARG U 105 28.71 74.10 49.38
CA ARG U 105 28.79 75.47 49.88
C ARG U 105 30.26 75.82 50.01
N GLY U 106 30.78 76.60 49.07
CA GLY U 106 32.20 76.94 49.09
C GLY U 106 32.59 77.81 50.26
N ARG U 107 31.76 78.79 50.59
CA ARG U 107 32.01 79.67 51.72
C ARG U 107 30.68 80.09 52.32
N GLU U 108 30.59 80.05 53.65
CA GLU U 108 29.38 80.46 54.34
C GLU U 108 29.21 81.97 54.38
N LEU U 109 30.32 82.70 54.47
CA LEU U 109 30.24 84.15 54.44
C LEU U 109 29.67 84.64 53.12
N MET U 110 29.95 83.93 52.03
CA MET U 110 29.39 84.32 50.74
C MET U 110 27.87 84.15 50.73
N TYR U 111 27.38 83.01 51.22
CA TYR U 111 25.94 82.80 51.32
C TYR U 111 25.29 83.90 52.17
N GLN U 112 25.86 84.14 53.36
CA GLN U 112 25.29 85.16 54.23
C GLN U 112 25.35 86.54 53.59
N LEU U 113 26.40 86.82 52.82
CA LEU U 113 26.55 88.14 52.21
C LEU U 113 25.54 88.35 51.09
N GLU U 114 25.29 87.30 50.30
CA GLU U 114 24.25 87.40 49.28
C GLU U 114 22.88 87.57 49.94
N LYS U 115 22.62 86.81 51.01
CA LYS U 115 21.38 86.97 51.75
C LYS U 115 21.21 88.39 52.24
N LYS U 116 22.29 88.98 52.78
CA LYS U 116 22.22 90.33 53.31
C LYS U 116 22.07 91.35 52.19
N GLY U 117 22.64 91.09 51.01
CA GLY U 117 22.43 91.98 49.89
C GLY U 117 20.98 92.00 49.46
N LYS U 118 20.37 90.83 49.35
CA LYS U 118 18.94 90.78 49.06
C LYS U 118 18.14 91.49 50.15
N GLU U 119 18.52 91.28 51.42
CA GLU U 119 17.77 91.90 52.51
C GLU U 119 17.87 93.42 52.46
N ILE U 120 19.06 93.95 52.16
CA ILE U 120 19.21 95.40 52.12
C ILE U 120 18.52 95.98 50.90
N LYS U 121 18.48 95.25 49.79
CA LYS U 121 17.73 95.72 48.63
C LYS U 121 16.25 95.81 48.95
N ARG U 122 15.70 94.77 49.58
CA ARG U 122 14.30 94.80 50.01
C ARG U 122 14.06 95.91 51.02
N ASP U 123 15.01 96.13 51.93
CA ASP U 123 14.85 97.17 52.93
C ASP U 123 14.82 98.56 52.29
N LEU U 124 15.67 98.77 51.29
CA LEU U 124 15.64 100.03 50.55
C LEU U 124 14.31 100.21 49.84
N GLU U 125 13.83 99.16 49.18
CA GLU U 125 12.53 99.25 48.53
C GLU U 125 11.44 99.62 49.53
N LYS U 126 11.46 99.01 50.72
CA LYS U 126 10.47 99.34 51.74
C LYS U 126 10.58 100.80 52.19
N ILE U 127 11.80 101.24 52.50
CA ILE U 127 11.97 102.57 53.08
C ILE U 127 11.67 103.63 52.04
N LEU U 128 11.81 103.32 50.76
CA LEU U 128 11.48 104.28 49.72
C LEU U 128 9.96 104.40 49.53
N LEU U 129 9.20 103.40 49.96
CA LEU U 129 7.75 103.43 49.89
C LEU U 129 7.11 103.65 51.25
N SER U 130 7.89 103.92 52.29
CA SER U 130 7.37 104.06 53.64
C SER U 130 6.67 105.41 53.80
N GLY U 131 6.09 105.63 54.98
CA GLY U 131 5.30 106.81 55.23
C GLY U 131 5.46 107.39 56.63
N GLN U 132 6.54 107.05 57.31
CA GLN U 132 6.73 107.51 58.69
C GLN U 132 7.02 109.02 58.72
N ALA U 133 7.24 109.53 59.93
CA ALA U 133 7.52 110.93 60.16
C ALA U 133 9.02 111.15 60.34
N ARG U 134 9.44 112.41 60.24
CA ARG U 134 10.83 112.75 60.48
C ARG U 134 11.14 112.75 61.98
N THR U 135 12.39 113.05 62.31
CA THR U 135 12.90 112.97 63.68
C THR U 135 13.58 114.27 64.06
N ASP U 136 12.89 115.40 63.86
CA ASP U 136 13.43 116.72 64.18
C ASP U 136 14.69 117.00 63.36
N VAL U 137 14.46 117.21 62.06
CA VAL U 137 15.52 117.46 61.09
C VAL U 137 16.54 118.44 61.66
N LEU U 138 17.81 118.25 61.28
CA LEU U 138 18.92 118.96 61.87
C LEU U 138 19.06 120.39 61.37
N ALA U 139 18.01 120.91 60.72
CA ALA U 139 18.03 122.30 60.29
C ALA U 139 18.51 123.20 61.42
N ASP U 140 19.33 124.18 61.06
CA ASP U 140 20.01 125.02 62.06
C ASP U 140 19.83 126.50 61.73
N GLN U 141 18.59 126.93 61.50
CA GLN U 141 18.30 128.30 61.09
C GLN U 141 18.97 128.60 59.76
N TYR U 142 18.53 127.87 58.72
CA TYR U 142 19.03 128.06 57.37
C TYR U 142 18.81 129.50 56.94
N LEU U 143 19.32 129.90 55.77
CA LEU U 143 19.57 131.30 55.44
C LEU U 143 20.71 131.83 56.30
N THR U 144 21.91 131.34 55.98
CA THR U 144 23.14 131.60 56.74
C THR U 144 23.12 130.89 58.09
N ASN U 145 22.98 129.56 58.06
CA ASN U 145 23.13 128.72 59.24
C ASN U 145 24.57 128.29 59.48
N SER U 146 25.54 129.01 58.92
CA SER U 146 26.94 128.65 59.10
C SER U 146 27.26 128.41 60.58
N ALA U 147 26.66 129.19 61.46
CA ALA U 147 26.85 129.04 62.91
C ALA U 147 26.06 127.81 63.36
N ALA U 148 26.62 126.63 63.07
CA ALA U 148 25.95 125.38 63.37
C ALA U 148 26.32 124.89 64.77
N ASP U 149 25.85 123.68 65.08
CA ASP U 149 26.07 123.07 66.40
C ASP U 149 26.53 121.64 66.19
N PRO U 150 27.83 121.44 65.95
CA PRO U 150 28.34 120.08 65.70
C PRO U 150 28.24 119.22 66.95
N ALA U 151 28.56 117.94 66.76
CA ALA U 151 28.47 116.95 67.82
C ALA U 151 27.04 116.87 68.36
N VAL U 152 26.11 116.51 67.47
CA VAL U 152 24.69 116.51 67.82
C VAL U 152 24.30 115.27 68.61
N ALA U 153 24.89 114.12 68.34
CA ALA U 153 24.67 112.95 69.17
C ALA U 153 25.58 112.99 70.39
N GLY U 154 25.07 112.47 71.50
CA GLY U 154 25.81 112.46 72.75
C GLY U 154 25.37 113.47 73.78
N LEU U 155 24.11 113.90 73.75
CA LEU U 155 23.57 114.88 74.69
C LEU U 155 22.94 114.15 75.86
N ASN U 156 22.28 114.90 76.74
CA ASN U 156 21.60 114.33 77.89
C ASN U 156 20.44 113.47 77.41
N ASP U 157 19.76 112.80 78.34
CA ASP U 157 18.66 111.91 78.02
C ASP U 157 17.34 112.66 77.88
N THR U 158 17.36 113.99 77.85
CA THR U 158 16.12 114.76 77.70
C THR U 158 15.61 114.73 76.27
N HIS U 159 16.45 114.41 75.30
CA HIS U 159 16.06 114.42 73.90
C HIS U 159 15.15 113.23 73.59
N ALA U 160 14.68 113.18 72.35
CA ALA U 160 13.74 112.15 71.90
C ALA U 160 14.45 111.13 71.02
N ALA U 161 13.68 110.17 70.51
CA ALA U 161 14.24 109.06 69.77
C ALA U 161 14.86 109.54 68.46
N ARG U 162 15.79 108.74 67.93
CA ARG U 162 16.46 109.00 66.67
C ARG U 162 15.89 108.19 65.52
N LYS U 163 14.62 107.81 65.59
CA LYS U 163 14.02 106.97 64.55
C LYS U 163 14.21 107.60 63.18
N THR U 164 14.47 106.77 62.17
CA THR U 164 14.74 107.26 60.84
C THR U 164 13.46 107.70 60.15
N GLY U 165 13.54 108.84 59.45
CA GLY U 165 12.37 109.39 58.80
C GLY U 165 12.06 108.72 57.48
N ALA U 166 10.87 109.02 56.97
CA ALA U 166 10.39 108.51 55.69
C ALA U 166 10.39 109.62 54.64
N PHE U 167 9.97 109.27 53.42
CA PHE U 167 9.96 110.23 52.32
C PHE U 167 8.61 110.93 52.18
N GLN U 168 7.59 110.49 52.91
CA GLN U 168 6.23 110.94 52.63
C GLN U 168 6.09 112.46 52.66
N PHE U 169 6.97 113.17 53.36
CA PHE U 169 6.92 114.62 53.36
C PHE U 169 7.21 115.20 51.99
N LEU U 170 7.63 114.38 51.03
CA LEU U 170 7.98 114.83 49.70
C LEU U 170 6.84 114.71 48.70
N CYS U 171 5.80 113.93 49.02
CA CYS U 171 4.66 113.73 48.14
C CYS U 171 3.42 114.44 48.63
N ALA U 172 3.59 115.67 49.13
CA ALA U 172 2.48 116.48 49.63
C ALA U 172 1.80 115.77 50.81
N HIS U 173 2.55 115.63 51.90
CA HIS U 173 2.01 115.03 53.11
C HIS U 173 0.65 115.60 53.47
N GLY U 174 0.55 116.93 53.55
CA GLY U 174 -0.71 117.61 53.68
C GLY U 174 -1.27 117.66 55.09
N GLY U 175 -0.92 116.71 55.96
CA GLY U 175 -1.45 116.72 57.30
C GLY U 175 -0.83 115.68 58.21
N LEU U 176 -0.45 116.11 59.41
CA LEU U 176 0.18 115.25 60.40
C LEU U 176 -0.64 115.27 61.67
N ALA U 177 -0.96 114.08 62.20
CA ALA U 177 -1.66 113.95 63.47
C ALA U 177 -0.61 113.69 64.54
N GLY U 178 0.00 114.77 65.01
CA GLY U 178 1.09 114.66 65.98
C GLY U 178 2.42 114.33 65.34
N GLY U 179 2.97 113.18 65.68
CA GLY U 179 4.27 112.78 65.17
C GLY U 179 4.20 111.81 64.01
N VAL U 180 3.07 111.75 63.31
CA VAL U 180 2.89 110.82 62.20
C VAL U 180 2.04 111.48 61.13
N VAL U 181 2.29 111.11 59.88
CA VAL U 181 1.48 111.61 58.78
C VAL U 181 0.03 111.16 58.95
N ASP U 182 -0.90 112.09 58.76
CA ASP U 182 -2.32 111.81 58.93
C ASP U 182 -2.86 111.14 57.68
N LYS U 183 -3.27 109.87 57.82
CA LYS U 183 -3.86 109.14 56.71
C LYS U 183 -5.31 109.53 56.44
N THR U 184 -5.95 110.28 57.35
CA THR U 184 -7.34 110.65 57.22
C THR U 184 -7.52 112.15 56.97
N LYS U 185 -6.59 112.77 56.24
CA LYS U 185 -6.66 114.19 55.95
C LYS U 185 -6.19 114.42 54.52
N ASN U 186 -6.93 115.23 53.78
CA ASN U 186 -6.66 115.44 52.36
C ASN U 186 -5.53 116.44 52.16
N GLY U 187 -4.78 116.25 51.09
CA GLY U 187 -3.69 117.14 50.75
C GLY U 187 -4.13 118.57 50.60
N PRO U 188 -3.16 119.49 50.60
CA PRO U 188 -3.51 120.92 50.49
C PRO U 188 -3.86 121.31 49.07
N ALA U 189 -4.42 122.51 48.89
CA ALA U 189 -4.77 123.01 47.57
C ALA U 189 -3.74 124.02 47.10
N ASP U 190 -3.32 123.86 45.85
CA ASP U 190 -2.39 124.81 45.25
C ASP U 190 -3.11 126.15 45.03
N PRO U 191 -2.63 127.24 45.64
CA PRO U 191 -3.36 128.51 45.49
C PRO U 191 -3.53 128.95 44.04
N ASP U 192 -2.65 128.50 43.15
CA ASP U 192 -2.75 128.88 41.74
C ASP U 192 -3.76 128.01 41.01
N THR U 193 -3.59 126.69 41.09
CA THR U 193 -4.43 125.75 40.37
C THR U 193 -5.57 125.20 41.22
N GLY U 194 -5.40 125.13 42.53
CA GLY U 194 -6.44 124.62 43.40
C GLY U 194 -6.58 123.12 43.41
N ALA U 195 -5.68 122.40 42.74
CA ALA U 195 -5.79 120.94 42.69
C ALA U 195 -5.32 120.33 44.01
N VAL U 196 -5.83 119.12 44.28
CA VAL U 196 -5.47 118.37 45.47
C VAL U 196 -5.12 116.96 45.02
N THR U 197 -3.88 116.53 45.29
CA THR U 197 -3.42 115.21 44.89
C THR U 197 -3.76 114.14 45.93
N VAL U 198 -3.51 114.42 47.19
CA VAL U 198 -3.76 113.44 48.25
C VAL U 198 -5.22 113.50 48.64
N LYS U 199 -5.88 112.34 48.66
CA LYS U 199 -7.28 112.24 49.00
C LYS U 199 -7.49 111.03 49.89
N VAL U 200 -8.71 110.90 50.40
CA VAL U 200 -9.12 109.77 51.22
C VAL U 200 -10.39 109.19 50.62
N ALA U 201 -10.38 107.91 50.30
CA ALA U 201 -11.53 107.25 49.69
C ALA U 201 -12.77 107.44 50.55
N GLN U 202 -13.80 108.06 50.00
CA GLN U 202 -15.05 108.32 50.72
C GLN U 202 -16.02 107.15 50.53
N ASN U 203 -15.66 106.03 51.13
CA ASN U 203 -16.50 104.83 51.10
C ASN U 203 -17.78 105.08 51.90
N ALA U 204 -18.89 105.29 51.19
CA ALA U 204 -20.17 105.52 51.82
C ALA U 204 -21.24 104.53 51.38
N SER U 205 -21.06 103.86 50.24
CA SER U 205 -22.04 102.88 49.78
C SER U 205 -21.88 101.55 50.51
N ASN U 206 -20.65 101.03 50.56
CA ASN U 206 -20.41 99.76 51.20
C ASN U 206 -20.51 99.90 52.72
N PRO U 207 -20.80 98.81 53.43
CA PRO U 207 -20.87 98.88 54.89
C PRO U 207 -19.52 99.22 55.51
N THR U 208 -19.48 99.29 56.83
CA THR U 208 -18.28 99.70 57.55
C THR U 208 -17.18 98.64 57.52
N THR U 209 -17.45 97.46 56.96
CA THR U 209 -16.43 96.42 56.90
C THR U 209 -15.52 96.56 55.68
N ASN U 210 -16.05 97.05 54.56
CA ASN U 210 -15.22 97.26 53.38
C ASN U 210 -14.37 98.50 53.59
N ILE U 211 -13.06 98.36 53.39
CA ILE U 211 -12.14 99.46 53.63
C ILE U 211 -12.45 100.62 52.69
N GLY U 212 -12.83 100.33 51.45
CA GLY U 212 -13.18 101.38 50.51
C GLY U 212 -12.52 101.21 49.16
N PHE U 213 -11.97 102.30 48.63
CA PHE U 213 -11.30 102.32 47.34
C PHE U 213 -12.26 101.89 46.22
N ASP U 214 -13.32 102.67 46.06
CA ASP U 214 -14.29 102.44 45.00
C ASP U 214 -13.84 103.15 43.71
N GLU U 215 -14.53 102.84 42.62
CA GLU U 215 -14.14 103.39 41.33
C GLU U 215 -14.30 104.90 41.28
N ALA U 216 -15.22 105.45 42.08
CA ALA U 216 -15.48 106.88 42.04
C ALA U 216 -14.28 107.71 42.45
N ASP U 217 -13.24 107.09 43.01
CA ASP U 217 -12.07 107.82 43.49
C ASP U 217 -10.95 107.91 42.47
N ILE U 218 -10.77 106.87 41.65
CA ILE U 218 -9.69 106.91 40.66
C ILE U 218 -9.96 107.99 39.63
N PHE U 219 -11.22 108.17 39.24
CA PHE U 219 -11.54 109.22 38.30
C PHE U 219 -11.32 110.61 38.89
N ASP U 220 -11.66 110.81 40.16
CA ASP U 220 -11.39 112.08 40.80
C ASP U 220 -9.88 112.34 40.87
N MET U 221 -9.11 111.30 41.20
CA MET U 221 -7.66 111.44 41.21
C MET U 221 -7.12 111.84 39.85
N THR U 222 -7.59 111.16 38.79
CA THR U 222 -7.12 111.50 37.45
C THR U 222 -7.53 112.91 37.06
N LEU U 223 -8.74 113.32 37.43
CA LEU U 223 -9.19 114.68 37.15
C LEU U 223 -8.28 115.70 37.82
N GLN U 224 -7.95 115.48 39.09
CA GLN U 224 -7.12 116.43 39.81
C GLN U 224 -5.70 116.45 39.26
N LEU U 225 -5.17 115.29 38.86
CA LEU U 225 -3.86 115.26 38.23
C LEU U 225 -3.87 116.01 36.91
N TYR U 226 -4.94 115.84 36.12
CA TYR U 226 -5.07 116.56 34.86
C TYR U 226 -5.11 118.07 35.10
N THR U 227 -5.89 118.50 36.08
CA THR U 227 -5.91 119.91 36.44
C THR U 227 -4.55 120.42 36.88
N ALA U 228 -3.78 119.60 37.61
CA ALA U 228 -2.43 120.00 38.01
C ALA U 228 -1.46 120.00 36.84
N GLY U 229 -1.82 119.37 35.73
CA GLY U 229 -0.94 119.29 34.58
C GLY U 229 -0.01 118.10 34.57
N SER U 230 -0.22 117.13 35.45
CA SER U 230 0.66 115.97 35.53
C SER U 230 0.59 115.16 34.25
N GLU U 231 1.45 114.14 34.17
CA GLU U 231 1.51 113.22 33.04
C GLU U 231 1.61 111.78 33.53
N ALA U 232 0.95 111.50 34.66
CA ALA U 232 1.04 110.18 35.26
C ALA U 232 0.33 109.15 34.40
N ASP U 233 0.99 108.01 34.17
CA ASP U 233 0.40 106.92 33.41
C ASP U 233 0.70 105.55 34.04
N ILE U 234 1.22 105.51 35.26
CA ILE U 234 1.55 104.25 35.92
C ILE U 234 0.91 104.23 37.30
N ILE U 235 0.49 103.04 37.73
CA ILE U 235 -0.15 102.84 39.02
C ILE U 235 0.42 101.57 39.64
N MET U 236 0.73 101.64 40.93
CA MET U 236 1.25 100.50 41.68
C MET U 236 0.47 100.34 42.97
N ILE U 237 0.02 99.11 43.23
CA ILE U 237 -0.82 98.82 44.39
C ILE U 237 -0.51 97.40 44.86
N ASN U 238 -0.73 97.17 46.15
CA ASN U 238 -0.54 95.84 46.72
C ASN U 238 -1.49 94.84 46.04
N PRO U 239 -1.03 93.62 45.79
CA PRO U 239 -1.90 92.65 45.10
C PRO U 239 -3.19 92.36 45.83
N ALA U 240 -3.18 92.45 47.17
CA ALA U 240 -4.39 92.18 47.94
C ALA U 240 -5.52 93.15 47.62
N HIS U 241 -5.24 94.25 46.93
CA HIS U 241 -6.25 95.20 46.50
C HIS U 241 -6.40 95.23 44.99
N ALA U 242 -6.02 94.14 44.31
CA ALA U 242 -6.16 94.05 42.85
C ALA U 242 -7.45 93.38 42.42
N LYS U 243 -8.12 92.65 43.33
CA LYS U 243 -9.38 92.03 42.97
C LYS U 243 -10.44 93.08 42.63
N ILE U 244 -10.30 94.29 43.18
CA ILE U 244 -11.23 95.36 42.83
C ILE U 244 -11.05 95.75 41.37
N PHE U 245 -9.81 95.94 40.93
CA PHE U 245 -9.54 96.18 39.52
C PHE U 245 -10.04 95.02 38.66
N ALA U 246 -9.90 93.80 39.16
CA ALA U 246 -10.39 92.64 38.42
C ALA U 246 -11.89 92.73 38.21
N GLY U 247 -12.65 92.79 39.31
CA GLY U 247 -14.10 92.90 39.23
C GLY U 247 -14.62 94.16 38.56
N LEU U 248 -13.76 95.16 38.39
CA LEU U 248 -14.17 96.39 37.72
C LEU U 248 -14.86 96.13 36.39
N GLN U 249 -14.54 95.02 35.72
CA GLN U 249 -15.10 94.72 34.41
C GLN U 249 -16.52 94.17 34.49
N GLU U 250 -17.08 94.04 35.69
CA GLU U 250 -18.46 93.59 35.84
C GLU U 250 -19.06 94.31 37.05
N ASN U 251 -20.35 94.62 36.95
CA ASN U 251 -21.03 95.38 37.99
C ASN U 251 -22.27 94.63 38.44
N THR U 252 -22.66 94.86 39.69
CA THR U 252 -23.89 94.25 40.21
C THR U 252 -25.07 94.57 39.30
N GLN U 253 -25.11 95.78 38.76
CA GLN U 253 -26.15 96.15 37.82
C GLN U 253 -25.96 95.40 36.50
N GLY U 254 -26.91 95.60 35.59
CA GLY U 254 -26.80 95.03 34.27
C GLY U 254 -26.03 95.92 33.31
N SER U 255 -25.14 96.75 33.86
CA SER U 255 -24.40 97.73 33.07
C SER U 255 -22.99 97.29 32.73
N ARG U 256 -22.52 96.17 33.26
CA ARG U 256 -21.17 95.70 32.97
C ARG U 256 -21.17 94.18 33.08
N LYS U 257 -20.83 93.50 31.98
CA LYS U 257 -20.88 92.05 31.93
C LYS U 257 -19.74 91.52 31.06
N ARG U 258 -19.34 90.29 31.35
CA ARG U 258 -18.36 89.57 30.55
C ARG U 258 -19.07 88.60 29.61
N ILE U 259 -18.33 88.13 28.60
CA ILE U 259 -18.86 87.18 27.64
C ILE U 259 -17.75 86.24 27.22
N PHE U 260 -18.14 85.08 26.68
CA PHE U 260 -17.19 84.10 26.14
C PHE U 260 -17.87 83.42 24.97
N GLU U 261 -17.54 83.86 23.75
CA GLU U 261 -18.15 83.34 22.53
C GLU U 261 -17.31 82.15 22.06
N ASN U 262 -17.64 80.96 22.57
CA ASN U 262 -16.94 79.74 22.22
C ASN U 262 -15.43 79.91 22.36
N THR U 263 -15.02 80.24 23.57
CA THR U 263 -13.61 80.48 23.88
C THR U 263 -13.20 79.63 25.08
N LYS U 264 -12.03 79.02 24.98
CA LYS U 264 -11.50 78.15 26.01
C LYS U 264 -10.54 78.86 26.96
N GLN U 265 -10.46 80.19 26.87
CA GLN U 265 -9.52 80.96 27.67
C GLN U 265 -10.28 81.83 28.66
N PHE U 266 -9.92 81.72 29.93
CA PHE U 266 -10.52 82.51 31.00
C PHE U 266 -9.52 83.55 31.47
N ILE U 267 -9.97 84.80 31.55
CA ILE U 267 -9.12 85.92 31.95
C ILE U 267 -9.90 86.77 32.96
N TYR U 268 -9.25 87.07 34.08
CA TYR U 268 -9.85 87.88 35.13
C TYR U 268 -8.84 88.92 35.61
N GLU U 269 -8.16 89.58 34.67
CA GLU U 269 -7.12 90.53 35.00
C GLU U 269 -7.40 91.85 34.29
N VAL U 270 -7.02 92.94 34.96
CA VAL U 270 -7.12 94.29 34.41
C VAL U 270 -5.86 95.04 34.80
N ASN U 271 -5.09 95.48 33.81
CA ASN U 271 -3.84 96.19 34.05
C ASN U 271 -3.70 97.43 33.19
N SER U 272 -4.81 98.11 32.90
CA SER U 272 -4.78 99.31 32.07
C SER U 272 -6.09 100.08 32.21
N ILE U 273 -6.00 101.40 32.34
CA ILE U 273 -7.16 102.25 32.50
C ILE U 273 -7.04 103.43 31.56
N THR U 274 -8.19 103.90 31.07
CA THR U 274 -8.26 105.07 30.21
C THR U 274 -9.31 106.00 30.80
N ASP U 275 -8.86 106.99 31.56
CA ASP U 275 -9.74 107.92 32.27
C ASP U 275 -10.67 108.61 31.28
N PRO U 276 -11.72 109.29 31.77
CA PRO U 276 -12.64 109.96 30.83
C PRO U 276 -11.96 110.97 29.92
N LEU U 277 -10.74 111.39 30.22
CA LEU U 277 -10.00 112.34 29.40
C LEU U 277 -9.04 111.66 28.43
N GLY U 278 -9.17 110.35 28.24
CA GLY U 278 -8.33 109.62 27.33
C GLY U 278 -6.92 109.37 27.79
N GLN U 279 -6.56 109.77 29.02
CA GLN U 279 -5.23 109.55 29.52
C GLN U 279 -5.04 108.07 29.86
N SER U 280 -3.93 107.50 29.39
CA SER U 280 -3.65 106.09 29.60
C SER U 280 -2.97 105.88 30.95
N TYR U 281 -3.31 104.76 31.60
CA TYR U 281 -2.79 104.44 32.92
C TYR U 281 -2.47 102.96 32.95
N LYS U 282 -1.23 102.63 33.30
CA LYS U 282 -0.76 101.25 33.33
C LYS U 282 -0.61 100.81 34.78
N ILE U 283 -1.19 99.66 35.11
CA ILE U 283 -1.16 99.13 36.46
C ILE U 283 -0.07 98.08 36.57
N ILE U 284 0.61 98.06 37.72
CA ILE U 284 1.64 97.07 38.01
C ILE U 284 1.55 96.73 39.50
N VAL U 285 2.05 95.55 39.85
CA VAL U 285 1.96 95.04 41.21
C VAL U 285 3.35 94.80 41.74
N ASN U 286 3.60 95.21 42.99
CA ASN U 286 4.87 95.00 43.65
C ASN U 286 4.64 94.16 44.90
N ARG U 287 5.49 93.15 45.09
CA ARG U 287 5.29 92.14 46.13
C ARG U 287 5.56 92.64 47.54
N TRP U 288 6.11 93.84 47.70
CA TRP U 288 6.52 94.35 49.00
C TRP U 288 5.88 95.71 49.29
N MET U 289 4.58 95.82 49.04
CA MET U 289 3.84 97.07 49.19
C MET U 289 3.24 97.19 50.60
N PRO U 290 2.81 98.39 50.99
CA PRO U 290 2.24 98.59 52.32
C PRO U 290 0.76 98.26 52.44
N THR U 291 0.12 97.79 51.37
CA THR U 291 -1.28 97.35 51.37
C THR U 291 -2.18 98.32 52.16
N ASP U 292 -1.94 99.62 52.02
CA ASP U 292 -2.80 100.62 52.64
C ASP U 292 -3.13 101.80 51.74
N ALA U 293 -2.55 101.90 50.54
CA ALA U 293 -2.78 103.04 49.68
C ALA U 293 -2.19 102.78 48.31
N VAL U 294 -2.61 103.57 47.33
CA VAL U 294 -2.13 103.50 45.97
C VAL U 294 -1.17 104.66 45.74
N TYR U 295 -0.13 104.41 44.95
CA TYR U 295 0.89 105.40 44.64
C TYR U 295 0.87 105.69 43.14
N PHE U 296 0.16 106.74 42.76
CA PHE U 296 0.19 107.21 41.38
C PHE U 296 1.53 107.88 41.12
N PHE U 297 2.42 107.20 40.40
CA PHE U 297 3.77 107.69 40.16
C PHE U 297 4.08 107.63 38.68
N ARG U 298 5.17 108.30 38.31
CA ARG U 298 5.67 108.32 36.94
C ARG U 298 7.07 107.72 36.92
N SER U 299 7.58 107.45 35.72
CA SER U 299 8.93 106.93 35.58
C SER U 299 9.93 107.86 36.25
N ALA U 300 9.71 109.17 36.16
CA ALA U 300 10.64 110.13 36.74
C ALA U 300 10.67 110.08 38.26
N ASP U 301 9.58 109.64 38.90
CA ASP U 301 9.56 109.57 40.35
C ASP U 301 10.25 108.31 40.85
N TRP U 302 9.89 107.16 40.29
CA TRP U 302 10.49 105.90 40.72
C TRP U 302 11.84 105.70 40.03
N THR U 303 12.90 106.15 40.71
CA THR U 303 14.27 105.96 40.22
C THR U 303 15.18 106.01 41.44
N GLN U 304 15.58 104.83 41.90
CA GLN U 304 16.35 104.71 43.14
C GLN U 304 17.67 105.46 43.01
N MET U 305 17.83 106.52 43.79
CA MET U 305 19.05 107.34 43.78
C MET U 305 20.05 106.75 44.76
N VAL U 306 21.20 106.33 44.24
CA VAL U 306 22.25 105.70 45.03
C VAL U 306 23.45 106.63 45.08
N LEU U 307 23.68 107.23 46.24
CA LEU U 307 24.86 108.06 46.43
C LEU U 307 26.11 107.21 46.64
N ARG U 308 26.16 106.48 47.75
CA ARG U 308 27.33 105.72 48.15
C ARG U 308 27.08 104.23 47.91
N ALA U 309 27.84 103.65 46.99
CA ALA U 309 27.81 102.21 46.79
C ALA U 309 28.49 101.52 47.98
N PRO U 310 28.33 100.21 48.11
CA PRO U 310 28.92 99.51 49.27
C PRO U 310 30.42 99.77 49.37
N LYS U 311 30.81 100.48 50.43
CA LYS U 311 32.19 100.83 50.71
C LYS U 311 32.41 100.82 52.21
N ARG U 312 33.59 101.29 52.64
CA ARG U 312 33.93 101.35 54.05
C ARG U 312 34.60 102.69 54.34
N THR U 313 34.39 103.18 55.57
CA THR U 313 35.04 104.39 56.05
C THR U 313 35.83 104.03 57.29
N GLU U 314 36.36 105.04 57.98
CA GLU U 314 37.13 104.81 59.19
C GLU U 314 36.22 105.01 60.42
N LEU U 315 36.03 103.93 61.15
CA LEU U 315 35.24 103.94 62.37
C LEU U 315 36.08 103.43 63.54
N ALA U 316 35.45 103.26 64.70
CA ALA U 316 36.15 102.90 65.93
C ALA U 316 36.79 101.52 65.86
N LYS U 317 37.43 101.10 66.94
CA LYS U 317 38.07 99.79 67.01
C LYS U 317 37.06 98.68 66.73
N ASP U 318 37.37 97.84 65.73
CA ASP U 318 36.52 96.70 65.40
C ASP U 318 37.30 95.38 65.43
N GLY U 319 38.61 95.42 65.65
CA GLY U 319 39.39 94.22 65.87
C GLY U 319 39.31 93.21 64.75
N SER U 320 39.21 91.92 65.12
CA SER U 320 39.06 90.83 64.16
C SER U 320 37.99 89.85 64.61
N TYR U 321 36.84 90.35 65.08
CA TYR U 321 35.77 89.47 65.54
C TYR U 321 35.05 88.79 64.39
N GLU U 322 35.58 88.89 63.16
CA GLU U 322 34.97 88.32 61.97
C GLU U 322 33.65 89.04 61.65
N LYS U 323 33.73 90.36 61.55
CA LYS U 323 32.59 91.15 61.12
C LYS U 323 32.68 91.43 59.62
N TRP U 324 31.53 91.75 59.04
CA TRP U 324 31.45 92.14 57.64
C TRP U 324 30.21 93.01 57.48
N MET U 325 30.36 94.11 56.74
CA MET U 325 29.28 95.08 56.61
C MET U 325 29.38 95.76 55.26
N ILE U 326 28.21 95.99 54.66
CA ILE U 326 28.08 96.77 53.43
C ILE U 326 27.07 97.88 53.69
N GLU U 327 27.45 99.11 53.34
CA GLU U 327 26.65 100.29 53.63
C GLU U 327 26.15 100.89 52.33
N MET U 328 25.33 101.93 52.48
CA MET U 328 24.70 102.61 51.35
C MET U 328 23.96 103.82 51.92
N GLU U 329 23.58 104.74 51.02
CA GLU U 329 22.89 105.95 51.43
C GLU U 329 21.65 106.12 50.55
N VAL U 330 20.47 106.04 51.17
CA VAL U 330 19.23 106.12 50.43
C VAL U 330 19.01 107.54 49.93
N GLY U 331 18.38 107.66 48.76
CA GLY U 331 18.08 108.96 48.19
C GLY U 331 16.88 108.93 47.28
N LEU U 332 16.00 109.92 47.39
CA LEU U 332 14.84 110.02 46.52
C LEU U 332 14.65 111.48 46.11
N ARG U 333 14.52 111.70 44.80
CA ARG U 333 14.27 113.02 44.26
C ARG U 333 12.92 113.02 43.55
N HIS U 334 12.03 113.90 43.98
CA HIS U 334 10.70 114.06 43.39
C HIS U 334 10.62 115.46 42.82
N ARG U 335 10.56 115.57 41.49
CA ARG U 335 10.69 116.87 40.84
C ARG U 335 9.66 117.86 41.35
N ASN U 336 8.42 117.40 41.57
CA ASN U 336 7.36 118.28 42.02
C ASN U 336 6.28 117.46 42.71
N PRO U 337 5.99 117.71 43.98
CA PRO U 337 4.96 116.89 44.65
C PRO U 337 3.63 116.89 43.91
N TYR U 338 3.24 118.03 43.34
CA TYR U 338 1.99 118.10 42.60
C TYR U 338 2.02 117.34 41.29
N ALA U 339 3.18 116.83 40.89
CA ALA U 339 3.27 116.07 39.64
C ALA U 339 2.77 114.64 39.79
N SER U 340 2.73 114.13 41.01
CA SER U 340 2.27 112.77 41.29
C SER U 340 1.40 112.78 42.53
N GLY U 341 0.37 111.94 42.54
CA GLY U 341 -0.60 111.90 43.61
C GLY U 341 -0.63 110.55 44.31
N VAL U 342 -1.36 110.53 45.42
CA VAL U 342 -1.51 109.33 46.25
C VAL U 342 -2.94 109.27 46.75
N LEU U 343 -3.48 108.06 46.86
CA LEU U 343 -4.86 107.84 47.26
C LEU U 343 -4.88 106.95 48.50
N PHE U 344 -5.25 107.52 49.64
CA PHE U 344 -5.35 106.76 50.87
C PHE U 344 -6.72 106.08 50.98
N THR U 345 -6.74 104.94 51.67
CA THR U 345 -7.96 104.18 51.86
C THR U 345 -8.52 104.41 53.25
N ALA U 346 -9.86 104.44 53.33
CA ALA U 346 -10.55 104.62 54.60
C ALA U 346 -12.01 104.28 54.40
N ALA U 347 -12.58 103.60 55.39
CA ALA U 347 -13.97 103.19 55.34
C ALA U 347 -14.87 104.30 55.87
N GLY U 348 -16.18 104.09 55.75
CA GLY U 348 -17.15 105.07 56.22
C GLY U 348 -18.49 104.44 56.56
N ASN V 3 16.72 84.69 68.99
CA ASN V 3 17.44 85.78 68.26
C ASN V 3 18.82 85.31 67.82
N PRO V 4 18.88 84.53 66.74
CA PRO V 4 20.18 84.04 66.26
C PRO V 4 21.12 85.17 65.86
N THR V 5 22.19 85.36 66.62
CA THR V 5 23.23 86.33 66.28
C THR V 5 24.64 85.79 66.42
N LEU V 6 24.85 84.70 67.16
CA LEU V 6 26.19 84.16 67.36
C LEU V 6 26.64 83.32 66.16
N PHE V 7 25.81 82.36 65.75
CA PHE V 7 26.12 81.49 64.63
C PHE V 7 27.43 80.74 64.88
N VAL V 8 27.69 80.42 66.14
CA VAL V 8 28.99 79.83 66.53
C VAL V 8 28.80 78.31 66.48
N SER V 9 28.95 77.77 65.26
CA SER V 9 29.04 76.33 65.05
C SER V 9 27.92 75.54 65.72
N TYR V 10 26.84 76.21 66.09
CA TYR V 10 25.70 75.55 66.71
C TYR V 10 24.38 75.87 66.01
N ASP V 11 24.23 77.09 65.49
CA ASP V 11 23.04 77.45 64.73
C ASP V 11 22.99 76.80 63.36
N GLN V 12 23.98 75.97 63.01
CA GLN V 12 24.10 75.43 61.68
C GLN V 12 23.14 74.26 61.46
N ASN V 13 22.76 74.08 60.20
CA ASN V 13 21.97 72.92 59.78
C ASN V 13 22.50 72.44 58.44
N GLY V 14 22.79 71.14 58.37
CA GLY V 14 23.36 70.55 57.16
C GLY V 14 24.80 70.11 57.35
N LYS V 15 25.13 69.72 58.57
CA LYS V 15 26.49 69.32 58.88
C LYS V 15 26.84 68.01 58.16
N LYS V 16 28.14 67.72 58.08
CA LYS V 16 28.63 66.56 57.35
C LYS V 16 29.05 65.41 58.25
N LEU V 17 29.34 65.67 59.52
CA LEU V 17 29.63 64.70 60.57
C LEU V 17 31.03 64.10 60.46
N SER V 18 31.77 64.37 59.39
CA SER V 18 33.19 64.03 59.27
C SER V 18 33.52 62.69 59.93
N PHE V 19 32.89 61.63 59.44
CA PHE V 19 33.23 60.29 59.90
C PHE V 19 34.59 59.87 59.36
N ALA V 20 35.03 58.70 59.79
CA ALA V 20 36.25 58.08 59.30
C ALA V 20 35.92 57.15 58.14
N ASN V 21 36.97 56.57 57.56
CA ASN V 21 36.84 55.67 56.42
C ASN V 21 37.40 54.29 56.76
N TRP V 22 37.12 53.82 57.96
CA TRP V 22 37.55 52.49 58.39
C TRP V 22 36.66 52.01 59.52
N ILE V 23 36.83 50.76 59.89
CA ILE V 23 36.11 50.14 60.99
C ILE V 23 37.09 49.28 61.77
N SER V 24 37.03 49.36 63.10
CA SER V 24 37.98 48.68 63.97
C SER V 24 37.40 47.32 64.35
N VAL V 25 37.98 46.26 63.80
CA VAL V 25 37.62 44.89 64.17
C VAL V 25 38.59 44.48 65.26
N LEU V 26 38.25 44.81 66.51
CA LEU V 26 39.13 44.54 67.63
C LEU V 26 39.10 43.08 68.07
N SER V 27 38.16 42.29 67.57
CA SER V 27 38.10 40.89 67.95
C SER V 27 39.44 40.20 67.68
N PRO V 28 39.76 39.15 68.42
CA PRO V 28 41.05 38.46 68.23
C PRO V 28 41.05 37.68 66.93
N GLN V 29 41.78 38.20 65.94
CA GLN V 29 41.91 37.56 64.64
C GLN V 29 43.26 36.85 64.48
N ASP V 30 44.04 36.78 65.54
CA ASP V 30 45.34 36.10 65.49
C ASP V 30 45.18 34.65 65.08
N THR V 31 45.92 34.24 64.07
CA THR V 31 45.88 32.86 63.57
C THR V 31 47.30 32.43 63.22
N PRO V 32 48.17 32.30 64.24
CA PRO V 32 49.56 31.91 63.96
C PRO V 32 49.69 30.49 63.44
N PHE V 33 48.90 29.55 63.98
CA PHE V 33 48.98 28.17 63.54
C PHE V 33 48.72 28.06 62.04
N VAL V 34 47.64 28.69 61.57
CA VAL V 34 47.32 28.63 60.15
C VAL V 34 48.39 29.32 59.33
N SER V 35 48.84 30.50 59.78
CA SER V 35 49.85 31.23 59.02
C SER V 35 51.15 30.44 58.89
N MET V 36 51.46 29.60 59.88
CA MET V 36 52.66 28.78 59.83
C MET V 36 52.43 27.48 59.08
N THR V 37 51.34 26.78 59.38
CA THR V 37 51.04 25.54 58.67
C THR V 37 50.72 25.84 57.21
N GLY V 38 51.41 25.15 56.31
CA GLY V 38 51.25 25.39 54.90
C GLY V 38 49.92 24.92 54.34
N LYS V 39 49.74 25.06 53.03
CA LYS V 39 48.54 24.61 52.34
C LYS V 39 48.95 23.78 51.14
N GLU V 40 48.11 22.80 50.80
CA GLU V 40 48.37 21.93 49.66
C GLU V 40 47.04 21.56 49.02
N SER V 41 46.95 21.72 47.71
CA SER V 41 45.75 21.35 46.98
C SER V 41 45.63 19.83 46.93
N ILE V 42 44.43 19.33 47.18
CA ILE V 42 44.15 17.89 47.16
C ILE V 42 42.86 17.66 46.37
N ASN V 43 42.77 16.48 45.76
CA ASN V 43 41.62 16.13 44.93
C ASN V 43 40.57 15.37 45.72
N GLN V 44 40.95 14.25 46.31
CA GLN V 44 40.00 13.41 47.03
C GLN V 44 39.78 13.95 48.44
N THR V 45 38.57 13.74 48.96
CA THR V 45 38.23 14.25 50.28
C THR V 45 38.83 13.39 51.40
N ILE V 46 39.09 12.11 51.14
CA ILE V 46 39.83 11.26 52.07
C ILE V 46 41.24 11.11 51.50
N PHE V 47 42.22 11.17 52.40
CA PHE V 47 43.62 11.11 52.00
C PHE V 47 44.38 10.23 52.99
N SER V 48 45.69 10.17 52.81
CA SER V 48 46.53 9.30 53.63
C SER V 48 47.99 9.57 53.26
N TRP V 49 48.89 9.09 54.11
CA TRP V 49 50.32 9.20 53.87
C TRP V 49 51.01 8.01 54.51
N GLN V 50 52.18 7.68 53.96
CA GLN V 50 52.95 6.51 54.40
C GLN V 50 54.24 6.99 55.05
N THR V 51 54.43 6.64 56.32
CA THR V 51 55.66 6.89 57.04
C THR V 51 56.45 5.59 57.16
N ASP V 52 57.64 5.68 57.77
CA ASP V 52 58.53 4.53 57.87
C ASP V 52 59.51 4.78 58.99
N ALA V 53 60.35 3.78 59.26
CA ALA V 53 61.36 3.88 60.30
C ALA V 53 62.54 3.01 59.90
N LEU V 54 63.74 3.41 60.31
CA LEU V 54 64.94 2.66 59.99
C LEU V 54 64.97 1.36 60.80
N ALA V 55 66.07 0.63 60.67
CA ALA V 55 66.27 -0.61 61.41
C ALA V 55 66.95 -0.33 62.74
N SER V 56 67.15 -1.40 63.51
CA SER V 56 67.78 -1.27 64.82
C SER V 56 69.29 -1.23 64.68
N VAL V 57 69.93 -0.37 65.47
CA VAL V 57 71.38 -0.21 65.37
C VAL V 57 72.09 -1.33 66.11
N ASP V 58 73.35 -1.54 65.74
CA ASP V 58 74.22 -2.51 66.41
C ASP V 58 75.66 -2.17 66.12
N GLY V 59 76.46 -2.04 67.18
CA GLY V 59 77.88 -1.74 67.02
C GLY V 59 78.72 -3.00 66.90
N ASN V 60 78.13 -4.06 66.36
CA ASN V 60 78.84 -5.33 66.17
C ASN V 60 78.79 -5.78 64.72
N ASN V 61 78.43 -4.89 63.80
CA ASN V 61 78.39 -5.19 62.37
C ASN V 61 79.80 -5.10 61.80
N ALA V 62 80.65 -6.01 62.27
CA ALA V 62 82.05 -6.11 61.86
C ALA V 62 82.23 -7.50 61.24
N HIS V 63 82.10 -7.57 59.91
CA HIS V 63 82.14 -8.84 59.19
C HIS V 63 83.55 -9.11 58.71
N VAL V 64 83.84 -10.39 58.43
CA VAL V 64 85.15 -10.79 57.95
C VAL V 64 85.25 -10.39 56.48
N GLU V 65 86.47 -10.42 55.95
CA GLU V 65 86.69 -9.92 54.59
C GLU V 65 86.01 -10.82 53.56
N GLY V 66 86.45 -12.06 53.45
CA GLY V 66 85.89 -12.99 52.48
C GLY V 66 84.68 -13.73 52.99
N SER V 67 83.55 -13.03 53.11
CA SER V 67 82.33 -13.61 53.63
C SER V 67 81.29 -13.75 52.52
N ARG V 68 80.52 -14.83 52.57
CA ARG V 68 79.43 -15.04 51.63
C ARG V 68 78.24 -14.21 52.10
N ALA V 69 77.82 -13.26 51.27
CA ALA V 69 76.79 -12.30 51.67
C ALA V 69 75.52 -13.02 52.12
N GLU V 70 74.94 -12.53 53.21
CA GLU V 70 73.70 -13.07 53.75
C GLU V 70 72.50 -12.27 53.26
N ASP V 71 71.31 -12.69 53.68
CA ASP V 71 70.08 -12.10 53.16
C ASP V 71 69.86 -10.69 53.71
N GLY V 72 69.85 -10.56 55.03
CA GLY V 72 69.63 -9.26 55.66
C GLY V 72 68.26 -9.11 56.30
N GLU V 73 67.82 -7.87 56.47
CA GLU V 73 66.55 -7.57 57.12
C GLU V 73 66.01 -6.25 56.60
N MET V 74 64.69 -6.13 56.58
CA MET V 74 64.02 -4.93 56.08
C MET V 74 62.76 -4.67 56.89
N LYS V 75 62.34 -3.40 56.89
CA LYS V 75 61.19 -2.95 57.65
C LYS V 75 60.10 -2.45 56.71
N PRO V 76 58.89 -3.01 56.73
CA PRO V 76 57.80 -2.41 55.95
C PRO V 76 57.49 -1.01 56.43
N THR V 77 56.64 -0.33 55.67
CA THR V 77 56.26 1.04 55.99
C THR V 77 55.04 1.06 56.91
N VAL V 78 54.60 2.27 57.25
CA VAL V 78 53.41 2.47 58.07
C VAL V 78 52.56 3.55 57.40
N ILE V 79 51.25 3.35 57.42
CA ILE V 79 50.32 4.26 56.75
C ILE V 79 49.34 4.81 57.78
N LYS V 80 48.96 6.07 57.59
CA LYS V 80 47.94 6.74 58.38
C LYS V 80 46.91 7.35 57.44
N SER V 81 45.93 8.03 58.01
CA SER V 81 44.87 8.62 57.21
C SER V 81 44.11 9.65 58.05
N ASN V 82 43.24 10.40 57.38
CA ASN V 82 42.40 11.39 58.03
C ASN V 82 41.38 11.87 57.02
N VAL V 83 40.31 12.47 57.52
CA VAL V 83 39.18 12.92 56.70
C VAL V 83 39.06 14.43 56.79
N THR V 84 38.53 15.03 55.73
CA THR V 84 38.35 16.47 55.65
C THR V 84 37.03 16.86 56.29
N GLN V 85 37.03 18.02 56.95
CA GLN V 85 35.83 18.57 57.58
C GLN V 85 35.35 19.77 56.79
N ILE V 86 34.04 19.97 56.80
CA ILE V 86 33.41 21.11 56.15
C ILE V 86 32.99 22.11 57.22
N LEU V 87 33.08 23.39 56.86
CA LEU V 87 32.67 24.47 57.75
C LEU V 87 32.34 25.70 56.92
N ARG V 88 31.20 26.32 57.19
CA ARG V 88 30.70 27.41 56.36
C ARG V 88 29.83 28.33 57.19
N LYS V 89 29.84 29.61 56.83
CA LYS V 89 28.97 30.62 57.43
C LYS V 89 28.19 31.29 56.31
N VAL V 90 26.87 31.20 56.39
CA VAL V 90 26.00 31.75 55.35
C VAL V 90 25.68 33.21 55.69
N VAL V 91 25.39 33.99 54.65
CA VAL V 91 25.10 35.41 54.81
C VAL V 91 24.14 35.84 53.72
N ARG V 92 23.07 36.53 54.11
CA ARG V 92 22.05 37.01 53.19
C ARG V 92 21.54 38.36 53.64
N VAL V 93 21.43 39.30 52.71
CA VAL V 93 20.94 40.64 52.97
C VAL V 93 20.11 41.11 51.79
N SER V 94 19.42 42.23 51.99
CA SER V 94 18.51 42.75 50.98
C SER V 94 19.27 43.37 49.82
N ASP V 95 18.68 43.29 48.63
CA ASP V 95 19.32 43.89 47.45
C ASP V 95 19.46 45.40 47.61
N THR V 96 18.47 46.05 48.22
CA THR V 96 18.53 47.49 48.38
C THR V 96 19.67 47.89 49.32
N ALA V 97 20.15 46.96 50.13
CA ALA V 97 21.22 47.27 51.07
C ALA V 97 22.52 47.56 50.33
N ASN V 98 22.90 46.72 49.37
CA ASN V 98 24.14 46.93 48.65
C ASN V 98 24.08 48.21 47.80
N THR V 99 22.88 48.70 47.52
CA THR V 99 22.74 49.98 46.82
C THR V 99 22.92 51.17 47.75
N THR V 100 22.88 50.95 49.07
CA THR V 100 23.06 52.03 50.02
C THR V 100 24.48 52.57 49.95
N ALA V 101 24.75 53.59 50.76
CA ALA V 101 26.06 54.22 50.85
C ALA V 101 26.45 54.40 52.30
N ASN V 102 27.65 53.95 52.65
CA ASN V 102 28.14 54.06 54.01
C ASN V 102 29.55 54.65 54.03
N TYR V 103 30.15 54.76 55.21
CA TYR V 103 31.46 55.39 55.34
C TYR V 103 32.59 54.37 55.38
N GLY V 104 32.54 53.44 56.34
CA GLY V 104 33.60 52.47 56.53
C GLY V 104 33.33 51.09 55.97
N ARG V 105 32.34 50.95 55.11
CA ARG V 105 31.97 49.65 54.54
C ARG V 105 32.11 49.60 53.04
N GLY V 106 31.65 50.62 52.32
CA GLY V 106 31.62 50.59 50.87
C GLY V 106 30.42 49.82 50.38
N ARG V 107 30.37 48.53 50.70
CA ARG V 107 29.23 47.68 50.41
C ARG V 107 29.02 46.73 51.57
N GLU V 108 27.80 46.73 52.11
CA GLU V 108 27.54 45.91 53.31
C GLU V 108 27.75 44.43 53.02
N LEU V 109 27.35 43.98 51.83
CA LEU V 109 27.42 42.55 51.52
C LEU V 109 28.87 42.05 51.57
N MET V 110 29.76 42.71 50.82
CA MET V 110 31.15 42.25 50.76
C MET V 110 31.82 42.38 52.12
N TYR V 111 31.50 43.42 52.87
CA TYR V 111 32.09 43.59 54.20
C TYR V 111 31.68 42.45 55.12
N GLN V 112 30.38 42.14 55.16
CA GLN V 112 29.93 41.00 55.96
C GLN V 112 30.56 39.70 55.48
N LEU V 113 30.76 39.57 54.16
CA LEU V 113 31.37 38.35 53.63
C LEU V 113 32.80 38.20 54.13
N GLU V 114 33.60 39.26 54.06
CA GLU V 114 34.98 39.15 54.53
C GLU V 114 35.03 38.97 56.03
N LYS V 115 34.11 39.58 56.77
CA LYS V 115 34.06 39.39 58.21
C LYS V 115 33.76 37.94 58.56
N LYS V 116 32.78 37.35 57.88
CA LYS V 116 32.49 35.94 58.10
C LYS V 116 33.61 35.04 57.62
N GLY V 117 34.39 35.50 56.63
CA GLY V 117 35.58 34.76 56.27
C GLY V 117 36.61 34.73 57.39
N LYS V 118 36.84 35.87 58.02
CA LYS V 118 37.70 35.89 59.20
C LYS V 118 37.13 35.01 60.31
N GLU V 119 35.80 35.03 60.47
CA GLU V 119 35.17 34.22 61.49
C GLU V 119 35.38 32.74 61.23
N ILE V 120 35.24 32.31 59.98
CA ILE V 120 35.45 30.90 59.65
C ILE V 120 36.92 30.54 59.78
N LYS V 121 37.81 31.50 59.53
CA LYS V 121 39.24 31.26 59.76
C LYS V 121 39.50 30.95 61.23
N ARG V 122 39.02 31.82 62.13
CA ARG V 122 39.26 31.58 63.55
C ARG V 122 38.52 30.34 64.05
N ASP V 123 37.33 30.06 63.51
CA ASP V 123 36.63 28.84 63.89
C ASP V 123 37.39 27.60 63.44
N LEU V 124 38.00 27.66 62.26
CA LEU V 124 38.83 26.54 61.80
C LEU V 124 40.03 26.36 62.70
N GLU V 125 40.69 27.46 63.07
CA GLU V 125 41.82 27.36 63.99
C GLU V 125 41.40 26.73 65.32
N LYS V 126 40.23 27.12 65.83
CA LYS V 126 39.73 26.54 67.07
C LYS V 126 39.44 25.04 66.89
N ILE V 127 38.81 24.67 65.77
CA ILE V 127 38.44 23.28 65.54
C ILE V 127 39.68 22.41 65.43
N LEU V 128 40.74 22.93 64.80
CA LEU V 128 41.93 22.13 64.56
C LEU V 128 42.53 21.63 65.87
N LEU V 129 42.46 22.44 66.92
CA LEU V 129 43.01 22.10 68.22
C LEU V 129 41.95 21.73 69.24
N SER V 130 40.68 21.63 68.82
CA SER V 130 39.61 21.28 69.74
C SER V 130 39.73 19.87 70.28
N GLY V 131 40.66 19.07 69.75
CA GLY V 131 40.87 17.73 70.26
C GLY V 131 39.94 16.68 69.69
N GLN V 132 39.09 17.03 68.73
CA GLN V 132 38.16 16.07 68.16
C GLN V 132 38.93 15.00 67.39
N ALA V 133 38.62 13.73 67.69
CA ALA V 133 39.22 12.63 66.97
C ALA V 133 38.40 12.32 65.72
N ARG V 134 39.04 11.61 64.78
CA ARG V 134 38.38 11.26 63.54
C ARG V 134 37.16 10.39 63.82
N THR V 135 35.97 10.93 63.57
CA THR V 135 34.70 10.24 63.84
C THR V 135 33.88 10.24 62.55
N ASP V 136 33.80 9.08 61.90
CA ASP V 136 33.05 8.93 60.66
C ASP V 136 32.35 7.58 60.67
N VAL V 137 31.24 7.52 59.92
CA VAL V 137 30.49 6.27 59.80
C VAL V 137 31.31 5.21 59.08
N LEU V 138 32.33 5.61 58.34
CA LEU V 138 33.17 4.66 57.63
C LEU V 138 34.13 3.96 58.59
N ALA V 139 34.53 2.75 58.21
CA ALA V 139 35.53 2.00 58.95
C ALA V 139 36.92 2.33 58.39
N ASP V 140 37.92 1.53 58.75
CA ASP V 140 39.27 1.70 58.25
C ASP V 140 39.42 1.23 56.80
N GLN V 141 38.32 0.96 56.10
CA GLN V 141 38.30 0.51 54.72
C GLN V 141 38.61 1.62 53.71
N TYR V 142 39.06 2.79 54.17
CA TYR V 142 39.39 3.89 53.25
C TYR V 142 40.26 3.41 52.10
N LEU V 143 41.31 2.65 52.41
CA LEU V 143 42.29 2.23 51.41
C LEU V 143 41.77 1.05 50.60
N THR V 144 40.61 1.26 49.98
CA THR V 144 40.00 0.23 49.15
C THR V 144 39.45 0.75 47.84
N ASN V 145 39.32 2.07 47.66
CA ASN V 145 38.74 2.70 46.47
C ASN V 145 37.24 2.49 46.38
N SER V 146 36.62 1.87 47.38
CA SER V 146 35.18 1.66 47.41
C SER V 146 34.71 1.67 48.85
N ALA V 147 33.62 2.39 49.10
CA ALA V 147 33.12 2.55 50.46
C ALA V 147 32.27 1.35 50.86
N ALA V 148 31.66 1.45 52.05
CA ALA V 148 30.81 0.39 52.58
C ALA V 148 29.49 0.38 51.81
N ASP V 149 29.52 -0.28 50.66
CA ASP V 149 28.35 -0.35 49.78
C ASP V 149 27.09 -0.80 50.50
N PRO V 150 27.06 -1.94 51.18
CA PRO V 150 25.82 -2.38 51.83
C PRO V 150 25.44 -1.55 53.06
N ALA V 151 26.17 -0.48 53.36
CA ALA V 151 25.92 0.32 54.56
C ALA V 151 25.53 1.76 54.28
N VAL V 152 26.02 2.35 53.19
CA VAL V 152 25.77 3.77 52.92
C VAL V 152 25.18 3.93 51.53
N ALA V 153 24.57 2.88 50.99
CA ALA V 153 24.01 2.95 49.65
C ALA V 153 22.62 3.59 49.68
N GLY V 154 21.67 2.96 50.38
CA GLY V 154 20.31 3.48 50.40
C GLY V 154 20.20 4.88 50.94
N LEU V 155 21.17 5.32 51.73
CA LEU V 155 21.18 6.66 52.30
C LEU V 155 21.84 7.62 51.32
N ASN V 156 21.11 8.66 50.94
CA ASN V 156 21.65 9.71 50.07
C ASN V 156 22.19 10.90 50.84
N ASP V 157 21.59 11.22 51.98
CA ASP V 157 22.03 12.31 52.83
C ASP V 157 21.87 11.88 54.28
N THR V 158 21.98 12.83 55.19
CA THR V 158 21.83 12.64 56.64
C THR V 158 23.07 11.99 57.24
N HIS V 159 24.08 11.64 56.46
CA HIS V 159 25.31 11.11 57.02
C HIS V 159 25.90 12.10 57.99
N ALA V 160 26.30 11.62 59.18
CA ALA V 160 26.91 12.48 60.17
C ALA V 160 28.05 13.27 59.54
N ALA V 161 28.25 14.49 60.02
CA ALA V 161 29.28 15.34 59.46
C ALA V 161 30.65 14.68 59.60
N ARG V 162 31.61 15.19 58.84
CA ARG V 162 32.96 14.64 58.82
C ARG V 162 33.79 15.37 59.88
N LYS V 163 33.96 14.73 61.02
CA LYS V 163 34.82 15.25 62.09
C LYS V 163 36.26 14.85 61.78
N THR V 164 37.07 15.81 61.35
CA THR V 164 38.45 15.53 61.01
C THR V 164 39.26 15.26 62.28
N GLY V 165 40.45 14.69 62.08
CA GLY V 165 41.33 14.42 63.20
C GLY V 165 41.98 15.70 63.70
N ALA V 166 42.00 15.87 65.01
CA ALA V 166 42.54 17.07 65.61
C ALA V 166 44.01 16.86 66.00
N PHE V 167 44.64 17.94 66.44
CA PHE V 167 46.04 17.88 66.85
C PHE V 167 46.27 16.78 67.89
N GLN V 168 45.25 16.48 68.71
CA GLN V 168 45.39 15.46 69.74
C GLN V 168 45.26 14.05 69.20
N PHE V 169 44.61 13.87 68.05
CA PHE V 169 44.41 12.54 67.51
C PHE V 169 45.57 12.11 66.62
N LEU V 170 46.05 13.01 65.76
CA LEU V 170 47.12 12.64 64.83
C LEU V 170 48.36 12.17 65.57
N CYS V 171 48.58 12.64 66.79
CA CYS V 171 49.71 12.20 67.59
C CYS V 171 49.37 10.88 68.26
N ALA V 172 50.18 10.47 69.23
CA ALA V 172 49.94 9.21 69.93
C ALA V 172 48.72 9.34 70.84
N HIS V 173 47.54 9.11 70.28
CA HIS V 173 46.30 9.27 71.05
C HIS V 173 46.33 8.43 72.31
N GLY V 174 46.64 7.15 72.18
CA GLY V 174 46.59 6.24 73.31
C GLY V 174 45.21 5.85 73.76
N GLY V 175 44.17 6.40 73.16
CA GLY V 175 42.82 6.07 73.55
C GLY V 175 41.84 7.12 73.05
N LEU V 176 40.56 6.79 73.19
CA LEU V 176 39.48 7.66 72.75
C LEU V 176 38.29 7.49 73.69
N ALA V 177 37.40 8.49 73.69
CA ALA V 177 36.23 8.46 74.56
C ALA V 177 35.13 9.28 73.89
N GLY V 178 34.20 8.60 73.22
CA GLY V 178 33.03 9.26 72.66
C GLY V 178 33.32 10.23 71.54
N GLY V 179 34.56 10.23 71.04
CA GLY V 179 34.98 11.08 69.94
C GLY V 179 36.13 12.01 70.30
N VAL V 180 36.35 12.25 71.59
CA VAL V 180 37.43 13.11 72.05
C VAL V 180 38.51 12.23 72.66
N VAL V 181 39.76 12.67 72.50
CA VAL V 181 40.90 11.88 72.99
C VAL V 181 40.92 11.90 74.51
N ASP V 182 41.42 10.81 75.10
CA ASP V 182 41.54 10.74 76.54
C ASP V 182 42.73 11.56 77.02
N LYS V 183 42.54 12.24 78.16
CA LYS V 183 43.59 13.03 78.77
C LYS V 183 44.24 12.35 79.97
N THR V 184 43.55 11.38 80.57
CA THR V 184 44.06 10.67 81.74
C THR V 184 44.82 9.41 81.37
N LYS V 185 45.07 9.16 80.09
CA LYS V 185 45.75 7.95 79.63
C LYS V 185 46.80 8.32 78.60
N ASN V 186 48.00 7.79 78.79
CA ASN V 186 49.10 8.01 77.85
C ASN V 186 49.04 6.99 76.72
N GLY V 187 49.95 7.15 75.77
CA GLY V 187 50.01 6.28 74.62
C GLY V 187 51.09 5.22 74.76
N PRO V 188 51.11 4.29 73.82
CA PRO V 188 52.11 3.22 73.85
C PRO V 188 53.41 3.65 73.19
N ALA V 189 54.45 2.85 73.42
CA ALA V 189 55.75 3.13 72.84
C ALA V 189 55.82 2.57 71.42
N ASP V 190 56.73 3.14 70.63
CA ASP V 190 56.88 2.71 69.25
C ASP V 190 57.78 1.47 69.17
N PRO V 191 57.47 0.51 68.29
CA PRO V 191 58.30 -0.69 68.22
C PRO V 191 59.76 -0.41 67.92
N ASP V 192 60.07 0.67 67.20
CA ASP V 192 61.45 0.95 66.85
C ASP V 192 62.20 1.66 67.98
N THR V 193 61.52 2.57 68.68
CA THR V 193 62.11 3.32 69.78
C THR V 193 61.22 3.22 71.00
N GLY V 194 61.83 2.95 72.15
CA GLY V 194 61.08 2.80 73.38
C GLY V 194 60.74 4.12 74.01
N ALA V 195 60.12 5.01 73.23
CA ALA V 195 59.76 6.35 73.68
C ALA V 195 58.27 6.56 73.59
N VAL V 196 57.75 7.45 74.43
CA VAL V 196 56.36 7.85 74.40
C VAL V 196 56.30 9.37 74.43
N THR V 197 55.64 9.95 73.43
CA THR V 197 55.62 11.40 73.27
C THR V 197 54.50 12.07 74.05
N VAL V 198 53.37 11.39 74.21
CA VAL V 198 52.25 11.90 74.99
C VAL V 198 52.43 11.41 76.43
N LYS V 199 52.03 12.25 77.38
CA LYS V 199 52.20 11.93 78.78
C LYS V 199 51.20 12.75 79.58
N VAL V 200 50.83 12.21 80.74
CA VAL V 200 49.93 12.89 81.68
C VAL V 200 50.75 13.30 82.88
N ALA V 201 50.61 14.56 83.30
CA ALA V 201 51.38 15.06 84.43
C ALA V 201 51.17 14.17 85.65
N GLN V 202 52.27 13.90 86.35
CA GLN V 202 52.24 13.02 87.51
C GLN V 202 52.61 13.77 88.77
N ASN V 203 53.73 14.50 88.73
CA ASN V 203 54.23 15.31 89.84
C ASN V 203 53.95 14.63 91.19
N ALA V 204 54.27 13.35 91.28
CA ALA V 204 53.94 12.54 92.47
C ALA V 204 54.91 12.86 93.61
N SER V 205 54.90 14.14 94.00
CA SER V 205 55.74 14.63 95.09
C SER V 205 54.99 15.43 96.14
N ASN V 206 53.83 15.97 95.82
CA ASN V 206 53.00 16.71 96.77
C ASN V 206 51.70 15.97 97.03
N PRO V 207 50.99 16.33 98.10
CA PRO V 207 49.73 15.64 98.40
C PRO V 207 48.71 15.79 97.28
N THR V 208 47.67 14.96 97.35
CA THR V 208 46.62 15.01 96.34
C THR V 208 45.94 16.38 96.30
N THR V 209 45.83 17.04 97.45
CA THR V 209 45.20 18.36 97.48
C THR V 209 46.03 19.39 96.74
N ASN V 210 47.36 19.22 96.75
CA ASN V 210 48.25 20.18 96.12
C ASN V 210 47.93 20.31 94.64
N ILE V 211 47.49 21.50 94.24
CA ILE V 211 47.19 21.80 92.84
C ILE V 211 48.45 22.42 92.23
N GLY V 212 49.25 21.58 91.58
CA GLY V 212 50.46 22.04 90.93
C GLY V 212 50.66 21.38 89.58
N PHE V 213 50.80 22.18 88.53
CA PHE V 213 50.91 21.64 87.18
C PHE V 213 52.12 20.74 87.06
N ASP V 214 53.32 21.33 87.10
CA ASP V 214 54.57 20.61 86.99
C ASP V 214 55.71 21.58 87.26
N GLU V 215 56.86 21.04 87.62
CA GLU V 215 58.06 21.84 87.83
C GLU V 215 59.22 21.39 86.95
N ALA V 216 59.39 20.08 86.74
CA ALA V 216 60.48 19.57 85.93
C ALA V 216 60.01 18.42 85.03
N ASP V 217 58.73 18.39 84.69
CA ASP V 217 58.21 17.38 83.78
C ASP V 217 58.37 17.76 82.32
N ILE V 218 58.49 19.06 82.02
CA ILE V 218 58.72 19.49 80.65
C ILE V 218 60.07 18.96 80.16
N PHE V 219 61.07 18.94 81.04
CA PHE V 219 62.38 18.43 80.66
C PHE V 219 62.30 16.95 80.30
N ASP V 220 61.51 16.17 81.05
CA ASP V 220 61.33 14.76 80.73
C ASP V 220 60.67 14.58 79.37
N MET V 221 59.69 15.42 79.06
CA MET V 221 59.03 15.33 77.76
C MET V 221 59.98 15.69 76.64
N THR V 222 60.83 16.71 76.85
CA THR V 222 61.81 17.06 75.84
C THR V 222 62.82 15.92 75.65
N LEU V 223 63.20 15.26 76.74
CA LEU V 223 64.09 14.11 76.64
C LEU V 223 63.44 13.00 75.82
N GLN V 224 62.16 12.72 76.09
CA GLN V 224 61.45 11.71 75.32
C GLN V 224 61.41 12.07 73.84
N LEU V 225 61.08 13.33 73.53
CA LEU V 225 61.02 13.77 72.15
C LEU V 225 62.38 13.59 71.47
N TYR V 226 63.45 14.02 72.14
CA TYR V 226 64.78 13.87 71.56
C TYR V 226 65.13 12.41 71.34
N THR V 227 64.73 11.53 72.27
CA THR V 227 64.98 10.10 72.09
C THR V 227 64.19 9.55 70.92
N ALA V 228 63.00 10.06 70.67
CA ALA V 228 62.19 9.61 69.55
C ALA V 228 62.75 10.03 68.20
N GLY V 229 63.84 10.81 68.17
CA GLY V 229 64.41 11.25 66.92
C GLY V 229 63.69 12.39 66.27
N SER V 230 62.66 12.94 66.92
CA SER V 230 61.95 14.08 66.38
C SER V 230 62.56 15.38 66.91
N GLU V 231 62.50 16.42 66.09
CA GLU V 231 63.02 17.72 66.44
C GLU V 231 61.86 18.69 66.62
N ALA V 232 61.98 19.56 67.61
CA ALA V 232 60.92 20.53 67.92
C ALA V 232 61.48 21.71 68.67
N ASP V 233 61.03 22.93 68.31
CA ASP V 233 61.54 24.13 68.95
C ASP V 233 60.41 25.12 69.28
N ILE V 234 59.16 24.66 69.28
CA ILE V 234 58.01 25.52 69.53
C ILE V 234 57.07 24.81 70.49
N ILE V 235 56.43 25.60 71.35
CA ILE V 235 55.52 25.08 72.38
C ILE V 235 54.32 26.01 72.45
N MET V 236 53.17 25.55 71.98
CA MET V 236 51.93 26.32 72.06
C MET V 236 51.22 26.00 73.37
N ILE V 237 50.82 27.04 74.09
CA ILE V 237 50.16 26.91 75.37
C ILE V 237 49.06 27.97 75.48
N ASN V 238 48.38 27.97 76.61
CA ASN V 238 47.31 28.90 76.92
C ASN V 238 47.74 29.86 78.03
N PRO V 239 47.11 31.03 78.14
CA PRO V 239 47.46 31.94 79.23
C PRO V 239 47.26 31.35 80.61
N ALA V 240 46.37 30.38 80.76
CA ALA V 240 46.10 29.78 82.06
C ALA V 240 47.28 29.02 82.63
N HIS V 241 48.25 28.65 81.79
CA HIS V 241 49.43 27.93 82.25
C HIS V 241 50.72 28.72 82.04
N ALA V 242 50.65 29.93 81.50
CA ALA V 242 51.86 30.71 81.24
C ALA V 242 52.60 31.05 82.53
N LYS V 243 51.87 31.23 83.63
CA LYS V 243 52.51 31.59 84.89
C LYS V 243 53.51 30.52 85.33
N ILE V 244 53.21 29.25 85.09
CA ILE V 244 54.11 28.18 85.50
C ILE V 244 55.40 28.25 84.70
N PHE V 245 55.29 28.44 83.39
CA PHE V 245 56.48 28.56 82.56
C PHE V 245 57.31 29.78 82.95
N ALA V 246 56.64 30.89 83.26
CA ALA V 246 57.34 32.09 83.69
C ALA V 246 58.11 31.84 84.99
N GLY V 247 57.43 31.23 85.96
CA GLY V 247 58.09 30.91 87.22
C GLY V 247 59.23 29.93 87.07
N LEU V 248 59.11 29.00 86.12
CA LEU V 248 60.19 28.04 85.90
C LEU V 248 61.38 28.69 85.22
N GLN V 249 61.13 29.66 84.34
CA GLN V 249 62.22 30.40 83.70
C GLN V 249 63.19 30.96 84.73
N GLU V 250 62.67 31.40 85.88
CA GLU V 250 63.53 31.93 86.93
C GLU V 250 64.42 30.85 87.55
N ASN V 251 64.07 29.58 87.40
CA ASN V 251 64.85 28.50 88.01
C ASN V 251 66.04 28.09 87.17
N THR V 252 66.08 28.45 85.88
CA THR V 252 67.16 28.03 85.00
C THR V 252 67.72 29.21 84.21
N GLN V 253 67.69 30.42 84.79
CA GLN V 253 68.29 31.57 84.12
C GLN V 253 69.74 31.29 83.76
N GLY V 254 70.49 30.67 84.67
CA GLY V 254 71.87 30.33 84.40
C GLY V 254 72.06 29.51 83.15
N SER V 255 71.02 28.82 82.69
CA SER V 255 71.08 28.00 81.48
C SER V 255 70.12 28.49 80.40
N ARG V 256 69.43 29.60 80.62
CA ARG V 256 68.51 30.13 79.61
C ARG V 256 69.31 30.73 78.47
N LYS V 257 69.61 29.92 77.47
CA LYS V 257 70.32 30.38 76.28
C LYS V 257 69.38 31.28 75.47
N ARG V 258 69.53 32.59 75.65
CA ARG V 258 68.62 33.55 75.04
C ARG V 258 68.80 33.59 73.53
N ILE V 259 67.73 33.99 72.84
CA ILE V 259 67.74 34.15 71.39
C ILE V 259 67.07 35.47 71.06
N PHE V 260 67.68 36.23 70.17
CA PHE V 260 67.17 37.53 69.75
C PHE V 260 66.84 37.49 68.27
N GLU V 261 66.29 38.59 67.76
CA GLU V 261 65.94 38.72 66.35
C GLU V 261 66.51 40.02 65.82
N ASN V 262 66.87 40.02 64.55
CA ASN V 262 67.48 41.16 63.89
C ASN V 262 66.47 41.85 63.00
N THR V 263 66.40 43.18 63.09
CA THR V 263 65.43 43.97 62.36
C THR V 263 66.03 45.18 61.65
N LYS V 264 67.33 45.44 61.84
CA LYS V 264 68.01 46.57 61.21
C LYS V 264 67.64 47.89 61.90
N GLN V 265 66.71 47.84 62.85
CA GLN V 265 66.38 49.01 63.66
C GLN V 265 66.14 48.66 65.12
N PHE V 266 65.96 47.38 65.45
CA PHE V 266 65.70 46.96 66.81
C PHE V 266 66.10 45.50 66.94
N ILE V 267 66.23 45.05 68.19
CA ILE V 267 66.58 43.67 68.49
C ILE V 267 65.71 43.20 69.65
N TYR V 268 64.79 42.28 69.37
CA TYR V 268 63.85 41.80 70.36
C TYR V 268 64.25 40.40 70.82
N GLU V 269 64.04 40.13 72.10
CA GLU V 269 64.27 38.81 72.67
C GLU V 269 62.99 37.99 72.61
N VAL V 270 63.16 36.67 72.61
CA VAL V 270 62.05 35.73 72.51
C VAL V 270 61.89 34.99 73.82
N ASN V 271 60.62 34.75 74.19
CA ASN V 271 60.29 34.02 75.42
C ASN V 271 60.49 32.52 75.17
N SER V 272 61.75 32.13 75.12
CA SER V 272 62.12 30.76 74.78
C SER V 272 62.69 30.06 76.01
N ILE V 273 61.93 29.11 76.57
CA ILE V 273 62.46 28.24 77.61
C ILE V 273 63.33 27.16 76.98
N THR V 274 64.26 26.64 77.78
CA THR V 274 65.20 25.65 77.29
C THR V 274 65.34 24.52 78.30
N ASP V 275 65.92 23.42 77.83
CA ASP V 275 66.12 22.21 78.62
C ASP V 275 67.62 21.94 78.75
N PRO V 276 68.02 21.08 79.70
CA PRO V 276 69.46 20.78 79.84
C PRO V 276 70.09 20.25 78.57
N LEU V 277 69.29 19.71 77.65
CA LEU V 277 69.82 19.12 76.43
C LEU V 277 70.20 20.17 75.38
N GLY V 278 70.06 21.45 75.70
CA GLY V 278 70.44 22.51 74.78
C GLY V 278 69.35 22.95 73.83
N GLN V 279 68.14 22.39 73.94
CA GLN V 279 67.06 22.75 73.03
C GLN V 279 66.45 24.08 73.45
N SER V 280 66.26 24.98 72.48
CA SER V 280 65.65 26.28 72.70
C SER V 280 64.23 26.23 72.15
N TYR V 281 63.25 26.18 73.06
CA TYR V 281 61.85 26.01 72.70
C TYR V 281 61.15 27.36 72.71
N LYS V 282 60.65 27.78 71.53
CA LYS V 282 59.81 28.96 71.46
C LYS V 282 58.49 28.71 72.17
N ILE V 283 57.89 29.79 72.67
CA ILE V 283 56.63 29.73 73.40
C ILE V 283 55.63 30.64 72.69
N ILE V 284 54.40 30.15 72.54
CA ILE V 284 53.32 30.90 71.91
C ILE V 284 52.09 30.79 72.80
N VAL V 285 51.36 31.89 72.94
CA VAL V 285 50.14 31.94 73.74
C VAL V 285 48.97 32.14 72.78
N ASN V 286 47.95 31.30 72.91
CA ASN V 286 46.79 31.34 72.03
C ASN V 286 45.52 31.22 72.86
N ARG V 287 44.44 31.82 72.35
CA ARG V 287 43.13 31.74 72.99
C ARG V 287 42.32 30.54 72.53
N TRP V 288 42.78 29.82 71.51
CA TRP V 288 42.03 28.72 70.91
C TRP V 288 42.57 27.36 71.34
N MET V 289 42.99 27.22 72.59
CA MET V 289 43.49 25.97 73.11
C MET V 289 42.40 25.24 73.88
N PRO V 290 42.56 23.94 74.12
CA PRO V 290 41.53 23.19 74.85
C PRO V 290 41.36 23.62 76.31
N THR V 291 42.23 24.48 76.83
CA THR V 291 42.20 25.02 78.18
C THR V 291 42.71 24.01 79.21
N ASP V 292 43.10 22.81 78.81
CA ASP V 292 43.56 21.80 79.75
C ASP V 292 44.77 21.02 79.24
N ALA V 293 45.42 21.48 78.17
CA ALA V 293 46.55 20.76 77.60
C ALA V 293 47.49 21.72 76.91
N VAL V 294 48.73 21.28 76.72
CA VAL V 294 49.73 22.02 75.97
C VAL V 294 50.26 21.12 74.87
N TYR V 295 50.82 21.74 73.83
CA TYR V 295 51.30 21.03 72.66
C TYR V 295 52.79 21.28 72.45
N PHE V 296 53.51 20.24 72.07
CA PHE V 296 54.93 20.32 71.74
C PHE V 296 55.11 19.84 70.31
N PHE V 297 55.43 20.77 69.41
CA PHE V 297 55.56 20.44 68.00
C PHE V 297 56.63 21.32 67.36
N ARG V 298 56.76 21.20 66.05
CA ARG V 298 57.81 21.87 65.30
C ARG V 298 57.28 22.90 64.30
N SER V 299 55.97 22.91 64.03
CA SER V 299 55.30 23.87 63.16
C SER V 299 55.65 23.67 61.69
N ALA V 300 56.46 22.68 61.34
CA ALA V 300 56.81 22.40 59.96
C ALA V 300 56.28 21.07 59.45
N ASP V 301 56.13 20.07 60.32
CA ASP V 301 55.59 18.79 59.89
C ASP V 301 54.07 18.83 59.73
N TRP V 302 53.41 19.87 60.23
CA TRP V 302 51.97 19.97 60.19
C TRP V 302 51.52 20.77 58.97
N THR V 303 50.43 20.34 58.36
CA THR V 303 49.90 20.97 57.18
C THR V 303 48.42 20.66 57.05
N GLN V 304 47.67 21.61 56.50
CA GLN V 304 46.25 21.47 56.23
C GLN V 304 46.02 21.58 54.74
N MET V 305 45.35 20.58 54.16
CA MET V 305 45.15 20.48 52.73
C MET V 305 43.75 20.99 52.38
N VAL V 306 43.68 21.91 51.42
CA VAL V 306 42.43 22.52 50.99
C VAL V 306 41.88 21.74 49.82
N LEU V 307 40.56 21.53 49.82
CA LEU V 307 39.89 20.79 48.76
C LEU V 307 38.83 21.59 48.02
N ARG V 308 38.22 22.58 48.66
CA ARG V 308 37.13 23.33 48.05
C ARG V 308 37.57 24.56 47.28
N ALA V 309 38.72 25.15 47.64
CA ALA V 309 39.17 26.37 46.99
C ALA V 309 38.10 27.44 47.15
N PRO V 310 37.88 27.93 48.38
CA PRO V 310 36.80 28.90 48.61
C PRO V 310 36.80 30.06 47.62
N LYS V 311 35.65 30.32 47.01
CA LYS V 311 35.50 31.40 46.04
C LYS V 311 34.13 32.05 46.22
N ARG V 312 33.91 33.14 45.49
CA ARG V 312 32.65 33.87 45.55
C ARG V 312 31.57 33.01 44.90
N THR V 313 30.75 32.35 45.73
CA THR V 313 29.70 31.49 45.22
C THR V 313 28.37 32.21 45.23
N GLU V 314 27.51 31.87 44.28
CA GLU V 314 26.19 32.47 44.13
C GLU V 314 25.11 31.45 44.47
N LEU V 315 24.03 31.94 45.07
CA LEU V 315 22.90 31.09 45.44
C LEU V 315 21.59 31.67 44.96
N ALA V 316 20.48 31.04 45.34
CA ALA V 316 19.17 31.45 44.89
C ALA V 316 18.72 32.72 45.61
N LYS V 317 17.77 33.43 44.99
CA LYS V 317 17.20 34.63 45.58
C LYS V 317 15.92 34.32 46.36
N ASP V 318 14.94 33.71 45.68
CA ASP V 318 13.66 33.39 46.31
C ASP V 318 13.01 34.64 46.89
N GLY V 319 13.24 35.78 46.26
CA GLY V 319 12.73 37.04 46.77
C GLY V 319 13.62 38.18 46.33
N SER V 320 13.52 39.29 47.08
CA SER V 320 14.34 40.46 46.77
C SER V 320 15.76 40.31 47.29
N TYR V 321 15.95 39.65 48.43
CA TYR V 321 17.26 39.53 49.03
C TYR V 321 18.19 38.70 48.15
N GLU V 322 19.44 38.61 48.57
CA GLU V 322 20.46 37.87 47.85
C GLU V 322 21.14 36.91 48.81
N LYS V 323 21.45 35.71 48.32
CA LYS V 323 22.03 34.65 49.14
C LYS V 323 23.50 34.45 48.76
N TRP V 324 24.35 34.40 49.78
CA TRP V 324 25.77 34.12 49.60
C TRP V 324 26.23 33.22 50.75
N MET V 325 27.42 32.66 50.59
CA MET V 325 28.01 31.79 51.61
C MET V 325 29.45 31.51 51.19
N ILE V 326 30.16 30.77 52.03
CA ILE V 326 31.55 30.39 51.77
C ILE V 326 31.78 29.03 52.40
N GLU V 327 32.39 28.12 51.65
CA GLU V 327 32.40 26.71 52.03
C GLU V 327 33.81 26.14 52.07
N MET V 328 34.72 26.82 52.75
CA MET V 328 36.07 26.30 52.92
C MET V 328 36.03 24.95 53.63
N GLU V 329 36.75 23.98 53.08
CA GLU V 329 36.86 22.64 53.66
C GLU V 329 38.31 22.18 53.52
N VAL V 330 38.89 21.71 54.61
CA VAL V 330 40.29 21.30 54.63
C VAL V 330 40.42 20.00 55.41
N GLY V 331 41.67 19.54 55.54
CA GLY V 331 41.97 18.36 56.30
C GLY V 331 43.38 18.41 56.83
N LEU V 332 43.54 18.07 58.10
CA LEU V 332 44.82 18.17 58.77
C LEU V 332 45.67 16.92 58.51
N ARG V 333 46.98 17.10 58.59
CA ARG V 333 47.94 16.04 58.33
C ARG V 333 49.20 16.27 59.14
N HIS V 334 49.82 15.19 59.59
CA HIS V 334 51.09 15.24 60.30
C HIS V 334 52.00 14.15 59.76
N ARG V 335 53.21 14.53 59.38
CA ARG V 335 54.15 13.56 58.81
C ARG V 335 54.32 12.35 59.73
N ASN V 336 54.53 12.61 61.01
CA ASN V 336 54.82 11.58 62.00
C ASN V 336 53.90 11.73 63.19
N PRO V 337 53.22 10.65 63.61
CA PRO V 337 52.44 10.74 64.85
C PRO V 337 53.31 10.89 66.08
N TYR V 338 54.44 10.18 66.14
CA TYR V 338 55.34 10.21 67.29
C TYR V 338 56.36 11.33 67.21
N ALA V 339 56.15 12.34 66.37
CA ALA V 339 57.04 13.49 66.32
C ALA V 339 56.66 14.53 67.37
N SER V 340 55.42 14.99 67.31
CA SER V 340 54.92 15.97 68.28
C SER V 340 54.41 15.26 69.53
N GLY V 341 54.25 16.04 70.60
CA GLY V 341 53.79 15.50 71.85
C GLY V 341 52.74 16.40 72.47
N VAL V 342 51.96 15.81 73.38
CA VAL V 342 50.88 16.51 74.06
C VAL V 342 50.95 16.20 75.55
N LEU V 343 50.67 17.21 76.36
CA LEU V 343 50.67 17.07 77.81
C LEU V 343 49.40 17.67 78.39
N PHE V 344 48.84 16.99 79.39
CA PHE V 344 47.59 17.38 80.01
C PHE V 344 47.83 17.69 81.48
N THR V 345 47.14 18.71 81.98
CA THR V 345 47.28 19.08 83.39
C THR V 345 46.62 18.03 84.28
N ALA V 346 47.07 17.99 85.53
CA ALA V 346 46.52 17.08 86.53
C ALA V 346 47.06 17.51 87.88
N ALA V 347 46.49 16.94 88.94
CA ALA V 347 46.87 17.23 90.31
C ALA V 347 47.28 15.95 91.02
N GLY V 348 48.07 16.11 92.09
CA GLY V 348 48.52 14.98 92.88
C GLY V 348 49.60 14.17 92.19
N PRO W 4 -26.59 14.65 8.91
CA PRO W 4 -25.95 13.96 7.78
C PRO W 4 -26.43 14.49 6.43
N THR W 5 -27.74 14.56 6.25
CA THR W 5 -28.30 15.06 5.00
C THR W 5 -28.13 16.57 4.89
N LEU W 6 -28.20 17.06 3.66
CA LEU W 6 -28.09 18.48 3.34
C LEU W 6 -27.00 19.15 4.19
N PHE W 7 -25.77 18.68 3.97
CA PHE W 7 -24.61 19.15 4.74
C PHE W 7 -24.63 20.67 4.92
N VAL W 8 -24.52 21.10 6.17
CA VAL W 8 -24.43 22.51 6.54
C VAL W 8 -23.24 22.69 7.48
N SER W 9 -23.09 23.92 7.98
CA SER W 9 -22.00 24.22 8.89
C SER W 9 -22.11 23.40 10.18
N TYR W 10 -23.32 23.28 10.72
CA TYR W 10 -23.51 22.53 11.96
C TYR W 10 -23.00 21.10 11.82
N ASP W 11 -23.03 20.54 10.62
CA ASP W 11 -22.51 19.20 10.38
C ASP W 11 -21.02 19.17 10.12
N GLN W 12 -20.42 20.31 9.76
CA GLN W 12 -19.00 20.37 9.42
C GLN W 12 -18.18 20.30 10.70
N ASN W 13 -17.44 19.21 10.88
CA ASN W 13 -16.60 19.07 12.07
C ASN W 13 -15.34 19.92 11.93
N GLY W 14 -14.57 19.68 10.87
CA GLY W 14 -13.36 20.45 10.65
C GLY W 14 -13.68 21.89 10.30
N LYS W 15 -13.11 22.81 11.06
CA LYS W 15 -13.34 24.23 10.87
C LYS W 15 -12.02 24.98 10.94
N LYS W 16 -11.84 25.90 9.99
CA LYS W 16 -10.69 26.80 9.98
C LYS W 16 -11.15 28.14 10.54
N LEU W 17 -10.85 28.39 11.81
CA LEU W 17 -11.44 29.50 12.53
C LEU W 17 -11.08 30.83 11.87
N SER W 18 -11.77 31.88 12.33
CA SER W 18 -11.53 33.25 11.87
C SER W 18 -11.16 34.15 13.05
N PHE W 19 -10.44 33.59 14.03
CA PHE W 19 -10.02 34.38 15.17
C PHE W 19 -9.22 35.59 14.71
N ALA W 20 -9.30 36.67 15.49
CA ALA W 20 -8.61 37.90 15.17
C ALA W 20 -7.18 37.85 15.69
N ASN W 21 -6.27 38.43 14.91
CA ASN W 21 -4.86 38.44 15.25
C ASN W 21 -4.45 39.66 16.06
N TRP W 22 -5.38 40.29 16.77
CA TRP W 22 -5.11 41.48 17.55
C TRP W 22 -5.87 41.41 18.87
N ILE W 23 -5.53 42.34 19.77
CA ILE W 23 -6.14 42.43 21.09
C ILE W 23 -6.56 43.87 21.34
N SER W 24 -7.62 44.04 22.12
CA SER W 24 -8.17 45.34 22.44
C SER W 24 -7.70 45.77 23.83
N VAL W 25 -7.00 46.91 23.89
CA VAL W 25 -6.54 47.49 25.14
C VAL W 25 -6.86 48.98 25.12
N LEU W 26 -7.47 49.47 26.20
CA LEU W 26 -7.83 50.88 26.31
C LEU W 26 -7.34 51.51 27.60
N SER W 27 -6.69 50.76 28.48
CA SER W 27 -6.24 51.29 29.76
C SER W 27 -5.35 52.50 29.54
N PRO W 28 -5.66 53.64 30.15
CA PRO W 28 -4.85 54.85 29.91
C PRO W 28 -3.45 54.70 30.48
N GLN W 29 -2.50 55.35 29.80
CA GLN W 29 -1.09 55.29 30.20
C GLN W 29 -0.44 56.66 30.09
N ASP W 30 -1.20 57.73 30.31
CA ASP W 30 -0.67 59.08 30.14
C ASP W 30 0.53 59.31 31.06
N THR W 31 0.33 59.23 32.36
CA THR W 31 1.38 59.51 33.33
C THR W 31 2.01 60.86 33.02
N PRO W 32 1.24 61.95 33.12
CA PRO W 32 1.80 63.27 32.79
C PRO W 32 2.70 63.82 33.87
N PHE W 33 2.37 63.53 35.13
CA PHE W 33 3.15 64.05 36.25
C PHE W 33 4.62 63.66 36.12
N VAL W 34 4.89 62.36 35.98
CA VAL W 34 6.26 61.88 35.92
C VAL W 34 7.01 62.50 34.76
N SER W 35 6.31 62.89 33.70
CA SER W 35 6.96 63.46 32.52
C SER W 35 7.29 64.93 32.67
N MET W 36 7.07 65.51 33.85
CA MET W 36 7.38 66.92 34.08
C MET W 36 8.00 67.16 35.45
N THR W 37 8.57 66.11 36.08
CA THR W 37 9.17 66.23 37.40
C THR W 37 10.69 66.19 37.34
N GLY W 38 11.26 65.21 36.66
CA GLY W 38 12.71 65.04 36.62
C GLY W 38 13.14 63.78 37.32
N LYS W 39 14.34 63.29 37.02
CA LYS W 39 14.86 62.07 37.61
C LYS W 39 16.32 62.26 37.99
N GLU W 40 16.68 61.72 39.15
CA GLU W 40 18.05 61.77 39.63
C GLU W 40 18.28 60.56 40.54
N SER W 41 19.46 59.97 40.42
CA SER W 41 19.81 58.78 41.17
C SER W 41 20.47 59.16 42.50
N ILE W 42 20.38 58.24 43.45
CA ILE W 42 21.00 58.43 44.76
C ILE W 42 21.46 57.08 45.28
N ASN W 43 22.14 57.08 46.43
CA ASN W 43 22.64 55.84 47.02
C ASN W 43 22.23 55.70 48.47
N GLN W 44 21.01 56.11 48.82
CA GLN W 44 20.53 56.02 50.19
C GLN W 44 19.03 55.77 50.19
N THR W 45 18.56 55.11 51.23
CA THR W 45 17.13 54.84 51.41
C THR W 45 16.37 56.05 51.93
N ILE W 46 17.07 57.04 52.50
CA ILE W 46 16.45 58.23 53.04
C ILE W 46 17.26 59.43 52.58
N PHE W 47 16.56 60.49 52.18
CA PHE W 47 17.17 61.70 51.65
C PHE W 47 16.53 62.91 52.28
N SER W 48 17.12 64.08 52.02
CA SER W 48 16.63 65.32 52.58
C SER W 48 17.28 66.48 51.83
N TRP W 49 16.71 67.67 52.02
CA TRP W 49 17.22 68.88 51.39
C TRP W 49 17.18 70.02 52.41
N GLN W 50 17.63 71.18 51.98
CA GLN W 50 17.71 72.36 52.82
C GLN W 50 16.69 73.39 52.35
N THR W 51 16.23 74.22 53.28
CA THR W 51 15.20 75.21 53.00
C THR W 51 15.50 76.49 53.76
N ASP W 52 15.50 77.62 53.05
CA ASP W 52 15.70 78.93 53.65
C ASP W 52 14.61 79.86 53.13
N ALA W 53 14.25 80.85 53.93
CA ALA W 53 13.19 81.78 53.60
C ALA W 53 13.74 83.00 52.88
N LEU W 54 12.85 83.72 52.21
CA LEU W 54 13.19 84.95 51.51
C LEU W 54 13.43 86.06 52.53
N ALA W 55 13.52 87.29 52.02
CA ALA W 55 13.74 88.43 52.90
C ALA W 55 12.73 88.44 54.04
N SER W 56 13.21 88.80 55.22
CA SER W 56 12.40 88.76 56.43
C SER W 56 11.71 90.12 56.61
N VAL W 57 10.76 90.18 57.55
CA VAL W 57 10.03 91.41 57.80
C VAL W 57 10.88 92.34 58.65
N ASP W 58 11.32 93.45 58.06
CA ASP W 58 12.22 94.37 58.72
C ASP W 58 11.43 95.49 59.38
N GLY W 59 12.14 96.48 59.91
CA GLY W 59 11.55 97.66 60.52
C GLY W 59 11.94 97.82 61.97
N ASN W 60 11.82 99.05 62.46
CA ASN W 60 12.09 99.43 63.84
C ASN W 60 13.55 99.33 64.22
N ASN W 61 14.43 98.92 63.30
CA ASN W 61 15.86 98.82 63.59
C ASN W 61 16.60 100.09 63.18
N ALA W 62 16.13 101.23 63.68
CA ALA W 62 16.78 102.50 63.38
C ALA W 62 18.13 102.58 64.08
N HIS W 63 19.13 103.11 63.37
CA HIS W 63 20.47 103.24 63.92
C HIS W 63 21.12 104.51 63.40
N VAL W 64 21.96 105.11 64.26
CA VAL W 64 22.72 106.28 63.86
C VAL W 64 23.89 105.85 62.97
N GLU W 65 24.64 106.83 62.48
CA GLU W 65 25.83 106.54 61.68
C GLU W 65 26.73 105.53 62.38
N GLY W 66 27.25 105.90 63.55
CA GLY W 66 28.17 105.04 64.28
C GLY W 66 27.50 104.19 65.34
N SER W 67 26.44 103.46 64.97
CA SER W 67 25.73 102.66 65.95
C SER W 67 26.57 101.49 66.46
N ARG W 68 27.26 100.80 65.56
CA ARG W 68 28.11 99.65 65.93
C ARG W 68 27.31 98.62 66.71
N ALA W 69 26.16 98.25 66.14
CA ALA W 69 25.26 97.30 66.77
C ALA W 69 25.91 95.93 66.90
N GLU W 70 25.27 95.03 67.64
CA GLU W 70 25.78 93.68 67.84
C GLU W 70 25.52 92.82 66.59
N ASP W 71 26.33 93.08 65.57
CA ASP W 71 26.41 92.30 64.33
C ASP W 71 25.06 91.96 63.74
N GLY W 72 24.04 92.77 63.99
CA GLY W 72 22.72 92.51 63.47
C GLY W 72 22.19 91.13 63.83
N GLU W 73 21.20 90.65 63.09
CA GLU W 73 20.62 89.32 63.31
C GLU W 73 20.83 88.46 62.08
N MET W 74 20.25 87.27 62.12
CA MET W 74 20.33 86.33 61.01
C MET W 74 19.38 85.18 61.31
N LYS W 75 19.23 84.28 60.34
CA LYS W 75 18.30 83.17 60.44
C LYS W 75 18.96 81.89 59.96
N PRO W 76 18.76 80.77 60.66
CA PRO W 76 19.29 79.49 60.18
C PRO W 76 18.42 78.94 59.06
N THR W 77 18.81 77.78 58.55
CA THR W 77 18.05 77.09 57.51
C THR W 77 17.10 76.07 58.13
N VAL W 78 16.50 75.25 57.28
CA VAL W 78 15.57 74.22 57.71
C VAL W 78 15.82 72.96 56.90
N ILE W 79 15.64 71.81 57.54
CA ILE W 79 15.85 70.50 56.92
C ILE W 79 14.48 69.84 56.73
N LYS W 80 14.30 69.22 55.57
CA LYS W 80 13.07 68.53 55.24
C LYS W 80 13.44 67.20 54.57
N SER W 81 13.11 66.09 55.22
CA SER W 81 13.49 64.77 54.76
C SER W 81 12.27 63.99 54.30
N ASN W 82 12.54 62.94 53.51
CA ASN W 82 11.51 62.03 53.03
C ASN W 82 12.07 60.62 53.08
N VAL W 83 11.35 59.68 52.47
CA VAL W 83 11.71 58.27 52.49
C VAL W 83 11.25 57.63 51.20
N THR W 84 11.91 56.54 50.81
CA THR W 84 11.58 55.83 49.60
C THR W 84 10.49 54.79 49.87
N GLN W 85 10.03 54.16 48.79
CA GLN W 85 9.03 53.10 48.88
C GLN W 85 9.40 51.98 47.93
N ILE W 86 9.06 50.76 48.31
CA ILE W 86 9.39 49.56 47.54
C ILE W 86 8.16 49.15 46.74
N LEU W 87 8.35 48.97 45.44
CA LEU W 87 7.31 48.48 44.54
C LEU W 87 7.74 47.13 44.00
N ARG W 88 6.84 46.16 44.04
CA ARG W 88 7.16 44.80 43.62
C ARG W 88 6.02 44.25 42.78
N LYS W 89 6.38 43.56 41.70
CA LYS W 89 5.43 42.87 40.84
C LYS W 89 6.06 41.56 40.40
N VAL W 90 5.34 40.46 40.58
CA VAL W 90 5.87 39.13 40.33
C VAL W 90 5.06 38.44 39.25
N VAL W 91 5.71 37.54 38.53
CA VAL W 91 5.07 36.76 37.48
C VAL W 91 5.73 35.39 37.44
N ARG W 92 4.90 34.34 37.40
CA ARG W 92 5.37 32.96 37.41
C ARG W 92 4.66 32.20 36.31
N VAL W 93 5.42 31.74 35.32
CA VAL W 93 4.86 31.07 34.15
C VAL W 93 5.68 29.83 33.85
N SER W 94 5.02 28.81 33.32
CA SER W 94 5.69 27.56 32.98
C SER W 94 6.34 27.64 31.61
N ASP W 95 7.21 26.67 31.32
CA ASP W 95 7.89 26.65 30.04
C ASP W 95 6.96 26.18 28.93
N THR W 96 6.04 25.26 29.24
CA THR W 96 5.09 24.82 28.23
C THR W 96 4.27 25.98 27.71
N ALA W 97 3.74 26.81 28.60
CA ALA W 97 3.02 28.01 28.18
C ALA W 97 3.97 29.04 27.57
N ASN W 98 5.21 29.07 28.01
CA ASN W 98 6.18 30.00 27.45
C ASN W 98 6.46 29.68 25.99
N THR W 99 6.35 28.41 25.61
CA THR W 99 6.58 27.99 24.23
C THR W 99 5.31 27.99 23.40
N THR W 100 4.15 27.82 24.04
CA THR W 100 2.89 27.73 23.32
C THR W 100 2.63 29.01 22.52
N ALA W 101 2.07 28.83 21.33
CA ALA W 101 1.70 29.94 20.46
C ALA W 101 0.19 30.16 20.47
N ASN W 102 -0.22 31.42 20.41
CA ASN W 102 -1.62 31.79 20.40
C ASN W 102 -1.83 32.92 19.40
N TYR W 103 -3.02 33.52 19.45
CA TYR W 103 -3.39 34.64 18.59
C TYR W 103 -2.99 35.95 19.25
N GLY W 104 -2.38 36.83 18.48
CA GLY W 104 -2.05 38.16 18.96
C GLY W 104 -1.14 38.21 20.15
N ARG W 105 -0.31 37.19 20.36
CA ARG W 105 0.60 37.14 21.50
C ARG W 105 1.97 36.72 20.99
N GLY W 106 2.93 36.64 21.91
CA GLY W 106 4.26 36.18 21.58
C GLY W 106 4.57 34.85 22.25
N ARG W 107 5.55 34.85 23.16
CA ARG W 107 5.89 33.66 23.93
C ARG W 107 5.18 33.61 25.28
N GLU W 108 4.14 34.41 25.46
CA GLU W 108 3.29 34.39 26.65
C GLU W 108 4.00 34.86 27.91
N LEU W 109 5.22 35.35 27.80
CA LEU W 109 5.98 35.82 28.96
C LEU W 109 6.23 37.32 28.91
N MET W 110 6.82 37.82 27.83
CA MET W 110 7.06 39.26 27.73
C MET W 110 5.75 40.04 27.79
N TYR W 111 4.65 39.42 27.36
CA TYR W 111 3.35 40.07 27.47
C TYR W 111 3.04 40.41 28.91
N GLN W 112 3.13 39.44 29.81
CA GLN W 112 2.88 39.69 31.23
C GLN W 112 3.91 40.66 31.80
N LEU W 113 5.15 40.57 31.34
CA LEU W 113 6.18 41.48 31.83
C LEU W 113 5.81 42.93 31.54
N GLU W 114 5.41 43.21 30.30
CA GLU W 114 5.04 44.58 29.94
C GLU W 114 3.74 45.00 30.63
N LYS W 115 2.80 44.06 30.77
CA LYS W 115 1.57 44.37 31.49
C LYS W 115 1.86 44.84 32.90
N LYS W 116 2.72 44.11 33.61
CA LYS W 116 3.08 44.50 34.97
C LYS W 116 3.91 45.78 34.98
N GLY W 117 4.80 45.94 34.01
CA GLY W 117 5.62 47.14 33.95
C GLY W 117 4.79 48.39 33.72
N LYS W 118 3.62 48.25 33.10
CA LYS W 118 2.71 49.37 32.92
C LYS W 118 1.79 49.57 34.12
N GLU W 119 1.29 48.48 34.68
CA GLU W 119 0.46 48.59 35.87
C GLU W 119 1.23 49.22 37.04
N ILE W 120 2.52 48.90 37.15
CA ILE W 120 3.32 49.47 38.23
C ILE W 120 3.52 50.96 38.00
N LYS W 121 3.67 51.38 36.74
CA LYS W 121 3.74 52.81 36.45
C LYS W 121 2.46 53.51 36.85
N ARG W 122 1.31 52.92 36.50
CA ARG W 122 0.03 53.50 36.90
C ARG W 122 -0.08 53.62 38.41
N ASP W 123 0.31 52.57 39.13
CA ASP W 123 0.25 52.59 40.58
C ASP W 123 1.17 53.66 41.15
N LEU W 124 2.39 53.77 40.61
CA LEU W 124 3.32 54.80 41.06
C LEU W 124 2.73 56.19 40.86
N GLU W 125 2.13 56.43 39.69
CA GLU W 125 1.57 57.75 39.42
C GLU W 125 0.42 58.06 40.38
N LYS W 126 -0.46 57.10 40.60
CA LYS W 126 -1.57 57.33 41.53
C LYS W 126 -1.05 57.56 42.94
N ILE W 127 0.01 56.86 43.33
CA ILE W 127 0.56 57.01 44.67
C ILE W 127 1.15 58.41 44.84
N LEU W 128 1.97 58.85 43.89
CA LEU W 128 2.55 60.18 43.98
C LEU W 128 1.47 61.26 43.98
N LEU W 129 0.44 61.08 43.15
CA LEU W 129 -0.67 62.03 43.12
C LEU W 129 -1.62 61.87 44.30
N SER W 130 -1.44 60.84 45.11
CA SER W 130 -2.30 60.60 46.26
C SER W 130 -1.89 61.54 47.40
N GLY W 131 -2.47 61.31 48.57
CA GLY W 131 -2.15 62.11 49.75
C GLY W 131 -1.51 61.28 50.85
N GLN W 132 -0.71 60.30 50.46
CA GLN W 132 -0.08 59.42 51.43
C GLN W 132 0.83 60.21 52.37
N ALA W 133 1.06 59.65 53.55
CA ALA W 133 1.96 60.23 54.54
C ALA W 133 3.05 59.23 54.89
N ARG W 134 4.15 59.74 55.40
CA ARG W 134 5.28 58.88 55.79
C ARG W 134 4.85 57.95 56.92
N THR W 135 5.00 56.65 56.69
CA THR W 135 4.73 55.63 57.69
C THR W 135 5.98 54.78 57.87
N ASP W 136 6.49 54.77 59.10
CA ASP W 136 7.73 54.08 59.41
C ASP W 136 7.85 53.97 60.92
N VAL W 137 8.95 53.39 61.39
CA VAL W 137 9.18 53.21 62.81
C VAL W 137 9.97 54.37 63.42
N LEU W 138 10.57 55.23 62.60
CA LEU W 138 11.40 56.31 63.10
C LEU W 138 10.56 57.49 63.54
N ALA W 139 11.06 58.20 64.54
CA ALA W 139 10.41 59.39 65.07
C ALA W 139 11.27 60.63 64.93
N ASP W 140 12.56 60.54 65.25
CA ASP W 140 13.47 61.66 65.08
C ASP W 140 14.82 61.26 64.49
N GLN W 141 15.06 59.97 64.22
CA GLN W 141 16.32 59.49 63.69
C GLN W 141 16.30 59.38 62.17
N TYR W 142 15.48 60.20 61.50
CA TYR W 142 15.37 60.11 60.05
C TYR W 142 16.71 60.35 59.37
N LEU W 143 17.60 61.09 60.01
CA LEU W 143 18.88 61.44 59.40
C LEU W 143 19.93 60.34 59.60
N THR W 144 20.23 60.02 60.85
CA THR W 144 21.19 58.96 61.16
C THR W 144 20.64 58.14 62.32
N ASN W 145 21.06 56.88 62.38
CA ASN W 145 20.55 55.94 63.38
C ASN W 145 21.61 55.79 64.47
N SER W 146 21.40 56.47 65.60
CA SER W 146 22.26 56.30 66.75
C SER W 146 22.04 54.92 67.38
N ALA W 147 20.79 54.53 67.54
CA ALA W 147 20.43 53.20 68.01
C ALA W 147 19.64 52.39 66.99
N ALA W 148 19.12 53.01 65.93
CA ALA W 148 18.33 52.35 64.91
C ALA W 148 17.01 51.83 65.46
N ASP W 149 16.56 52.37 66.59
CA ASP W 149 15.34 51.91 67.22
C ASP W 149 15.45 50.41 67.48
N PRO W 150 16.19 50.00 68.51
CA PRO W 150 16.39 48.56 68.75
C PRO W 150 15.10 47.76 68.83
N ALA W 151 13.95 48.41 68.99
CA ALA W 151 12.68 47.70 69.01
C ALA W 151 12.31 47.10 67.66
N VAL W 152 13.00 47.48 66.59
CA VAL W 152 12.68 46.99 65.24
C VAL W 152 13.90 46.33 64.62
N ALA W 153 15.09 46.65 65.15
CA ALA W 153 16.32 46.14 64.53
C ALA W 153 16.43 44.63 64.66
N GLY W 154 16.43 44.12 65.90
CA GLY W 154 16.54 42.68 66.09
C GLY W 154 15.27 41.93 65.70
N LEU W 155 14.15 42.63 65.58
CA LEU W 155 12.90 41.97 65.25
C LEU W 155 12.94 41.38 63.85
N ASN W 156 13.42 42.17 62.88
CA ASN W 156 13.72 41.78 61.50
C ASN W 156 12.52 41.21 60.75
N ASP W 157 11.34 41.12 61.39
CA ASP W 157 10.15 40.63 60.71
C ASP W 157 8.97 41.54 60.96
N THR W 158 8.98 42.25 62.08
CA THR W 158 7.89 43.16 62.45
C THR W 158 8.09 44.53 61.80
N HIS W 159 8.20 44.51 60.48
CA HIS W 159 8.43 45.72 59.69
C HIS W 159 7.18 46.11 58.94
N ALA W 160 6.76 47.36 59.13
CA ALA W 160 5.52 47.84 58.54
C ALA W 160 5.74 48.32 57.11
N ALA W 161 4.63 48.53 56.40
CA ALA W 161 4.68 48.97 55.00
C ALA W 161 5.27 50.37 54.92
N ARG W 162 6.40 50.50 54.25
CA ARG W 162 7.03 51.81 54.09
C ARG W 162 6.24 52.67 53.10
N LYS W 163 6.44 53.98 53.21
CA LYS W 163 5.71 54.94 52.38
C LYS W 163 6.68 55.91 51.70
N THR W 164 6.15 56.95 51.05
CA THR W 164 6.95 57.86 50.26
C THR W 164 6.84 59.32 50.66
N GLY W 165 5.82 59.71 51.42
CA GLY W 165 5.61 61.11 51.71
C GLY W 165 5.13 61.85 50.48
N ALA W 166 3.90 61.56 50.06
CA ALA W 166 3.41 61.97 48.74
C ALA W 166 3.13 63.46 48.70
N PHE W 167 2.49 63.90 47.62
CA PHE W 167 2.27 65.31 47.35
C PHE W 167 1.74 66.06 48.56
N GLN W 168 0.54 65.71 49.01
CA GLN W 168 -0.15 66.51 50.03
C GLN W 168 0.66 66.62 51.31
N PHE W 169 1.53 65.64 51.59
CA PHE W 169 2.29 65.65 52.83
C PHE W 169 3.42 66.67 52.83
N LEU W 170 3.83 67.15 51.66
CA LEU W 170 4.96 68.05 51.54
C LEU W 170 4.57 69.52 51.49
N CYS W 171 3.32 69.84 51.14
CA CYS W 171 2.90 71.22 50.96
C CYS W 171 2.46 71.85 52.28
N ALA W 172 3.32 71.78 53.29
CA ALA W 172 3.01 72.34 54.61
C ALA W 172 1.69 71.79 55.15
N HIS W 173 1.67 70.49 55.37
CA HIS W 173 0.45 69.83 55.84
C HIS W 173 0.00 70.42 57.17
N GLY W 174 -1.31 70.44 57.37
CA GLY W 174 -1.90 71.01 58.57
C GLY W 174 -2.31 69.94 59.58
N GLY W 175 -1.74 68.76 59.47
CA GLY W 175 -2.04 67.67 60.39
C GLY W 175 -2.01 66.34 59.67
N LEU W 176 -2.53 65.33 60.35
CA LEU W 176 -2.56 63.97 59.79
C LEU W 176 -3.74 63.23 60.38
N ALA W 177 -4.49 62.54 59.52
CA ALA W 177 -5.62 61.71 59.94
C ALA W 177 -5.23 60.25 60.09
N GLY W 178 -3.98 59.98 60.46
CA GLY W 178 -3.49 58.62 60.57
C GLY W 178 -2.60 58.25 59.39
N GLY W 179 -3.08 57.35 58.54
CA GLY W 179 -2.31 56.93 57.38
C GLY W 179 -2.36 57.91 56.21
N VAL W 180 -3.30 58.85 56.21
CA VAL W 180 -3.45 59.82 55.13
C VAL W 180 -3.68 61.19 55.74
N VAL W 181 -3.34 62.22 54.96
CA VAL W 181 -3.47 63.59 55.43
C VAL W 181 -4.95 63.97 55.53
N ASP W 182 -5.25 64.88 56.45
CA ASP W 182 -6.62 65.32 56.68
C ASP W 182 -7.04 66.28 55.57
N LYS W 183 -8.15 65.97 54.91
CA LYS W 183 -8.68 66.79 53.83
C LYS W 183 -9.72 67.80 54.33
N THR W 184 -9.70 68.10 55.63
CA THR W 184 -10.60 69.09 56.21
C THR W 184 -9.85 70.04 57.13
N LYS W 185 -8.53 70.12 57.01
CA LYS W 185 -7.72 70.93 57.91
C LYS W 185 -6.82 71.84 57.06
N ASN W 186 -6.71 73.10 57.49
CA ASN W 186 -5.91 74.08 56.78
C ASN W 186 -4.47 74.02 57.28
N GLY W 187 -3.53 74.14 56.34
CA GLY W 187 -2.13 74.13 56.67
C GLY W 187 -1.73 75.36 57.46
N PRO W 188 -0.54 75.33 58.07
CA PRO W 188 -0.07 76.50 58.82
C PRO W 188 0.36 77.64 57.91
N ALA W 189 0.80 78.74 58.50
CA ALA W 189 1.23 79.91 57.74
C ALA W 189 2.74 79.92 57.58
N ASP W 190 3.20 80.64 56.55
CA ASP W 190 4.62 80.74 56.28
C ASP W 190 5.28 81.67 57.28
N PRO W 191 6.37 81.27 57.94
CA PRO W 191 6.96 82.15 58.97
C PRO W 191 7.50 83.45 58.41
N ASP W 192 7.83 83.50 57.11
CA ASP W 192 8.36 84.72 56.53
C ASP W 192 7.24 85.67 56.09
N THR W 193 6.31 85.16 55.27
CA THR W 193 5.25 85.97 54.69
C THR W 193 3.89 85.70 55.31
N GLY W 194 3.75 84.64 56.10
CA GLY W 194 2.46 84.28 56.65
C GLY W 194 1.49 83.71 55.65
N ALA W 195 1.95 83.35 54.45
CA ALA W 195 1.07 82.82 53.42
C ALA W 195 0.60 81.42 53.81
N VAL W 196 -0.40 80.93 53.06
CA VAL W 196 -0.99 79.62 53.29
C VAL W 196 -1.16 78.93 51.94
N THR W 197 -0.99 77.62 51.92
CA THR W 197 -1.08 76.83 50.69
C THR W 197 -2.05 75.67 50.76
N VAL W 198 -2.47 75.24 51.94
CA VAL W 198 -3.40 74.12 52.10
C VAL W 198 -4.66 74.72 52.75
N LYS W 199 -5.64 75.04 51.92
CA LYS W 199 -6.85 75.71 52.36
C LYS W 199 -8.06 74.83 52.10
N VAL W 200 -9.12 75.07 52.88
CA VAL W 200 -10.39 74.38 52.73
C VAL W 200 -11.32 75.33 51.99
N ALA W 201 -11.76 74.91 50.80
CA ALA W 201 -12.60 75.76 49.97
C ALA W 201 -13.84 76.20 50.74
N GLN W 202 -14.14 77.50 50.65
CA GLN W 202 -15.33 78.05 51.30
C GLN W 202 -16.60 77.69 50.53
N ASN W 203 -16.59 77.83 49.21
CA ASN W 203 -17.70 77.41 48.36
C ASN W 203 -19.00 78.10 48.78
N ALA W 204 -18.99 79.43 48.68
CA ALA W 204 -20.18 80.20 49.07
C ALA W 204 -21.27 80.14 48.00
N SER W 205 -20.89 80.16 46.73
CA SER W 205 -21.87 80.22 45.65
C SER W 205 -22.29 78.84 45.18
N ASN W 206 -22.74 77.99 46.09
CA ASN W 206 -23.21 76.65 45.76
C ASN W 206 -24.07 76.14 46.92
N PRO W 207 -25.06 75.30 46.64
CA PRO W 207 -25.90 74.77 47.73
C PRO W 207 -25.17 73.73 48.56
N THR W 208 -25.81 73.25 49.62
CA THR W 208 -25.18 72.32 50.55
C THR W 208 -25.43 70.87 50.16
N THR W 209 -25.14 70.54 48.91
CA THR W 209 -25.20 69.16 48.42
C THR W 209 -23.97 68.78 47.62
N ASN W 210 -23.43 69.70 46.83
CA ASN W 210 -22.24 69.43 46.04
C ASN W 210 -20.99 69.82 46.83
N ILE W 211 -19.89 69.13 46.52
CA ILE W 211 -18.60 69.37 47.18
C ILE W 211 -17.65 69.85 46.10
N GLY W 212 -17.34 71.15 46.14
CA GLY W 212 -16.47 71.74 45.12
C GLY W 212 -15.90 73.03 45.61
N PHE W 213 -14.99 73.57 44.81
CA PHE W 213 -14.32 74.82 45.13
C PHE W 213 -15.07 75.98 44.47
N ASP W 214 -14.54 77.19 44.60
CA ASP W 214 -15.19 78.38 44.07
C ASP W 214 -14.11 79.36 43.63
N GLU W 215 -14.52 80.32 42.79
CA GLU W 215 -13.57 81.31 42.28
C GLU W 215 -12.92 82.09 43.42
N ALA W 216 -13.64 82.27 44.52
CA ALA W 216 -13.09 82.93 45.70
C ALA W 216 -12.08 82.07 46.44
N ASP W 217 -11.84 80.85 45.97
CA ASP W 217 -10.85 79.96 46.57
C ASP W 217 -9.68 79.66 45.65
N ILE W 218 -9.74 80.09 44.38
CA ILE W 218 -8.65 79.92 43.44
C ILE W 218 -7.80 81.17 43.34
N PHE W 219 -8.44 82.34 43.21
CA PHE W 219 -7.68 83.58 43.15
C PHE W 219 -6.90 83.81 44.44
N ASP W 220 -7.49 83.48 45.58
CA ASP W 220 -6.79 83.65 46.85
C ASP W 220 -5.61 82.70 46.94
N MET W 221 -5.74 81.48 46.45
CA MET W 221 -4.61 80.56 46.44
C MET W 221 -3.47 81.11 45.59
N THR W 222 -3.79 81.65 44.41
CA THR W 222 -2.76 82.26 43.59
C THR W 222 -2.13 83.46 44.27
N LEU W 223 -2.93 84.24 45.00
CA LEU W 223 -2.37 85.38 45.73
C LEU W 223 -1.40 84.92 46.80
N GLN W 224 -1.77 83.90 47.57
CA GLN W 224 -0.87 83.38 48.59
C GLN W 224 0.40 82.82 47.95
N LEU W 225 0.27 82.14 46.82
CA LEU W 225 1.44 81.63 46.12
C LEU W 225 2.36 82.77 45.69
N TYR W 226 1.78 83.83 45.11
CA TYR W 226 2.57 84.98 44.70
C TYR W 226 3.28 85.60 45.90
N THR W 227 2.58 85.72 47.03
CA THR W 227 3.23 86.23 48.23
C THR W 227 4.37 85.32 48.68
N ALA W 228 4.25 84.02 48.40
CA ALA W 228 5.29 83.07 48.74
C ALA W 228 6.34 82.92 47.63
N GLY W 229 6.13 83.53 46.48
CA GLY W 229 7.10 83.46 45.40
C GLY W 229 7.16 82.09 44.77
N SER W 230 6.12 81.70 44.04
CA SER W 230 6.02 80.37 43.45
C SER W 230 6.42 80.34 41.98
N GLU W 231 5.91 81.27 41.17
CA GLU W 231 6.14 81.26 39.72
C GLU W 231 5.61 79.99 39.08
N ALA W 232 4.62 79.37 39.69
CA ALA W 232 4.03 78.15 39.15
C ALA W 232 3.06 78.48 38.01
N ASP W 233 2.85 77.50 37.14
CA ASP W 233 1.95 77.66 36.01
C ASP W 233 1.11 76.42 35.71
N ILE W 234 1.11 75.42 36.59
CA ILE W 234 0.44 74.15 36.32
C ILE W 234 -0.61 73.91 37.38
N ILE W 235 -1.73 73.32 36.96
CA ILE W 235 -2.86 73.04 37.84
C ILE W 235 -3.49 71.73 37.41
N MET W 236 -3.78 70.87 38.39
CA MET W 236 -4.51 69.64 38.13
C MET W 236 -6.01 69.92 38.09
N ILE W 237 -6.75 69.00 37.46
CA ILE W 237 -8.17 69.23 37.20
C ILE W 237 -9.03 68.24 37.96
N ASN W 238 -8.49 67.07 38.27
CA ASN W 238 -9.32 66.05 38.93
C ASN W 238 -10.56 65.78 38.09
N PRO W 239 -10.43 65.01 36.99
CA PRO W 239 -11.53 64.88 36.02
C PRO W 239 -12.92 64.79 36.64
N ALA W 240 -13.05 64.08 37.76
CA ALA W 240 -14.33 64.03 38.45
C ALA W 240 -14.82 65.41 38.86
N HIS W 241 -13.91 66.39 38.91
CA HIS W 241 -14.23 67.75 39.32
C HIS W 241 -13.99 68.76 38.20
N ALA W 242 -13.84 68.28 36.95
CA ALA W 242 -13.57 69.18 35.83
C ALA W 242 -14.81 69.90 35.35
N LYS W 243 -16.00 69.33 35.54
CA LYS W 243 -17.22 70.03 35.16
C LYS W 243 -17.43 71.29 35.99
N ILE W 244 -16.71 71.41 37.11
CA ILE W 244 -16.91 72.53 38.02
C ILE W 244 -16.51 73.84 37.34
N PHE W 245 -15.34 73.88 36.71
CA PHE W 245 -14.83 75.13 36.15
C PHE W 245 -15.85 75.80 35.25
N ALA W 246 -16.66 75.00 34.54
CA ALA W 246 -17.66 75.57 33.64
C ALA W 246 -19.00 75.74 34.36
N GLY W 247 -19.42 74.73 35.13
CA GLY W 247 -20.75 74.72 35.71
C GLY W 247 -20.93 75.60 36.94
N LEU W 248 -19.84 76.15 37.48
CA LEU W 248 -19.99 77.12 38.56
C LEU W 248 -20.75 78.36 38.09
N GLN W 249 -20.62 78.69 36.81
CA GLN W 249 -21.31 79.82 36.20
C GLN W 249 -22.80 79.54 36.02
N GLU W 250 -23.56 79.57 37.11
CA GLU W 250 -25.01 79.35 37.07
C GLU W 250 -25.61 80.16 38.22
N ASN W 251 -26.89 80.50 38.08
CA ASN W 251 -27.62 81.28 39.08
C ASN W 251 -26.92 82.60 39.40
N THR W 252 -26.16 83.13 38.45
CA THR W 252 -25.46 84.38 38.63
C THR W 252 -26.40 85.56 38.38
N GLN W 253 -26.02 86.73 38.89
CA GLN W 253 -26.82 87.94 38.72
C GLN W 253 -26.40 88.71 37.46
N GLY W 254 -26.29 87.98 36.34
CA GLY W 254 -25.98 88.60 35.08
C GLY W 254 -24.56 89.15 34.97
N SER W 255 -23.61 88.57 35.71
CA SER W 255 -22.23 89.03 35.67
C SER W 255 -21.46 88.45 34.49
N ARG W 256 -21.36 87.13 34.40
CA ARG W 256 -20.75 86.47 33.27
C ARG W 256 -21.82 85.80 32.41
N LYS W 257 -21.53 85.67 31.12
CA LYS W 257 -22.49 85.10 30.19
C LYS W 257 -21.73 84.39 29.08
N ARG W 258 -22.48 83.71 28.22
CA ARG W 258 -21.92 83.03 27.06
C ARG W 258 -22.87 83.25 25.89
N ILE W 259 -22.31 83.69 24.76
CA ILE W 259 -23.11 84.10 23.61
C ILE W 259 -22.83 83.17 22.45
N PHE W 260 -23.76 83.17 21.49
CA PHE W 260 -23.61 82.39 20.27
C PHE W 260 -24.24 83.17 19.13
N GLU W 261 -23.41 83.72 18.25
CA GLU W 261 -23.87 84.55 17.14
C GLU W 261 -24.15 83.63 15.95
N ASN W 262 -25.24 82.88 16.06
CA ASN W 262 -25.63 81.90 15.05
C ASN W 262 -24.47 80.95 14.76
N THR W 263 -23.91 80.39 15.83
CA THR W 263 -22.82 79.43 15.75
C THR W 263 -23.35 78.04 16.02
N LYS W 264 -22.87 77.07 15.26
CA LYS W 264 -23.38 75.71 15.32
C LYS W 264 -22.54 74.79 16.21
N GLN W 265 -21.56 75.33 16.92
CA GLN W 265 -20.74 74.56 17.82
C GLN W 265 -20.96 75.02 19.26
N PHE W 266 -20.74 74.09 20.19
CA PHE W 266 -20.90 74.34 21.62
C PHE W 266 -19.64 73.92 22.34
N ILE W 267 -19.19 74.78 23.26
CA ILE W 267 -17.96 74.55 24.00
C ILE W 267 -18.23 74.74 25.49
N TYR W 268 -17.74 73.79 26.30
CA TYR W 268 -17.93 73.81 27.74
C TYR W 268 -16.61 73.50 28.43
N GLU W 269 -15.52 74.07 27.92
CA GLU W 269 -14.18 73.79 28.40
C GLU W 269 -13.47 75.08 28.78
N VAL W 270 -12.55 74.96 29.73
CA VAL W 270 -11.67 76.06 30.12
C VAL W 270 -10.29 75.47 30.39
N ASN W 271 -9.30 75.90 29.63
CA ASN W 271 -7.95 75.34 29.72
C ASN W 271 -6.89 76.43 29.72
N SER W 272 -7.22 77.60 30.26
CA SER W 272 -6.27 78.70 30.37
C SER W 272 -6.82 79.71 31.36
N ILE W 273 -6.03 80.02 32.39
CA ILE W 273 -6.44 80.92 33.45
C ILE W 273 -5.31 81.89 33.74
N THR W 274 -5.69 83.13 34.06
CA THR W 274 -4.73 84.16 34.44
C THR W 274 -5.36 85.06 35.49
N ASP W 275 -4.79 85.08 36.68
CA ASP W 275 -5.30 85.87 37.78
C ASP W 275 -4.88 87.32 37.61
N PRO W 276 -5.43 88.22 38.42
CA PRO W 276 -5.07 89.65 38.27
C PRO W 276 -3.58 89.91 38.36
N LEU W 277 -2.80 88.98 38.91
CA LEU W 277 -1.35 89.09 38.96
C LEU W 277 -0.68 88.33 37.81
N GLY W 278 -1.36 88.24 36.66
CA GLY W 278 -0.83 87.50 35.54
C GLY W 278 -0.84 86.00 35.78
N GLN W 279 0.34 85.40 35.83
CA GLN W 279 0.50 83.99 36.14
C GLN W 279 -0.42 83.13 35.27
N SER W 280 -0.19 83.21 33.96
CA SER W 280 -0.96 82.43 33.00
C SER W 280 -0.82 80.94 33.30
N TYR W 281 -1.90 80.30 33.72
CA TYR W 281 -1.89 78.90 34.12
C TYR W 281 -2.35 78.01 32.97
N LYS W 282 -1.85 76.76 32.99
CA LYS W 282 -2.28 75.73 32.07
C LYS W 282 -2.83 74.55 32.85
N ILE W 283 -3.96 74.05 32.40
CA ILE W 283 -4.64 72.93 33.05
C ILE W 283 -4.26 71.63 32.36
N ILE W 284 -4.15 70.57 33.16
CA ILE W 284 -3.83 69.23 32.66
C ILE W 284 -4.85 68.26 33.21
N VAL W 285 -5.07 67.17 32.49
CA VAL W 285 -6.04 66.15 32.88
C VAL W 285 -5.27 64.91 33.33
N ASN W 286 -5.45 64.52 34.58
CA ASN W 286 -4.81 63.33 35.14
C ASN W 286 -5.90 62.45 35.74
N ARG W 287 -5.94 61.19 35.30
CA ARG W 287 -7.03 60.30 35.67
C ARG W 287 -6.89 59.73 37.07
N TRP W 288 -5.67 59.62 37.61
CA TRP W 288 -5.42 58.96 38.87
C TRP W 288 -5.34 59.95 40.04
N MET W 289 -6.11 61.02 39.99
CA MET W 289 -6.13 62.00 41.07
C MET W 289 -7.24 61.68 42.07
N PRO W 290 -7.14 62.21 43.29
CA PRO W 290 -8.20 61.98 44.29
C PRO W 290 -9.50 62.67 43.90
N THR W 291 -10.51 62.60 44.78
CA THR W 291 -11.80 63.21 44.53
C THR W 291 -12.02 64.50 45.32
N ASP W 292 -11.16 64.80 46.29
CA ASP W 292 -11.30 65.99 47.13
C ASP W 292 -9.96 66.72 47.24
N ALA W 293 -9.31 66.93 46.10
CA ALA W 293 -8.00 67.57 46.12
C ALA W 293 -7.72 68.19 44.77
N VAL W 294 -6.98 69.30 44.81
CA VAL W 294 -6.49 69.98 43.61
C VAL W 294 -5.05 70.40 43.89
N TYR W 295 -4.19 70.26 42.89
CA TYR W 295 -2.76 70.50 43.05
C TYR W 295 -2.31 71.62 42.13
N PHE W 296 -1.85 72.71 42.72
CA PHE W 296 -1.16 73.77 42.00
C PHE W 296 0.33 73.58 42.20
N PHE W 297 1.05 73.35 41.11
CA PHE W 297 2.45 72.98 41.20
C PHE W 297 3.17 73.47 39.95
N ARG W 298 4.46 73.10 39.85
CA ARG W 298 5.32 73.51 38.75
C ARG W 298 6.29 72.39 38.45
N SER W 299 6.84 72.40 37.23
CA SER W 299 7.70 71.30 36.80
C SER W 299 8.91 71.14 37.72
N ALA W 300 9.79 72.15 37.74
CA ALA W 300 11.03 72.04 38.48
C ALA W 300 10.81 71.88 39.98
N ASP W 301 9.66 72.31 40.50
CA ASP W 301 9.44 72.27 41.94
C ASP W 301 9.43 70.84 42.49
N TRP W 302 9.22 69.84 41.65
CA TRP W 302 9.13 68.46 42.07
C TRP W 302 10.17 67.61 41.34
N THR W 303 10.55 66.51 41.99
CA THR W 303 11.56 65.61 41.46
C THR W 303 11.22 64.18 41.87
N GLN W 304 11.76 63.23 41.13
CA GLN W 304 11.54 61.81 41.36
C GLN W 304 12.88 61.14 41.60
N MET W 305 13.16 60.78 42.86
CA MET W 305 14.40 60.12 43.20
C MET W 305 14.25 58.61 43.10
N VAL W 306 15.25 57.97 42.50
CA VAL W 306 15.22 56.53 42.25
C VAL W 306 16.49 55.93 42.81
N LEU W 307 16.34 54.94 43.69
CA LEU W 307 17.47 54.20 44.24
C LEU W 307 17.75 52.93 43.46
N ARG W 308 16.70 52.24 43.02
CA ARG W 308 16.82 51.07 42.16
C ARG W 308 15.89 51.26 40.98
N ALA W 309 16.45 51.55 39.81
CA ALA W 309 15.64 51.67 38.61
C ALA W 309 15.01 50.33 38.27
N PRO W 310 13.94 50.33 37.47
CA PRO W 310 13.27 49.06 37.13
C PRO W 310 14.24 48.05 36.54
N LYS W 311 14.38 46.91 37.23
CA LYS W 311 15.34 45.88 36.83
C LYS W 311 14.64 44.52 36.92
N ARG W 312 14.43 43.89 35.77
CA ARG W 312 13.91 42.54 35.75
C ARG W 312 15.05 41.54 35.93
N THR W 313 14.73 40.37 36.50
CA THR W 313 15.76 39.38 36.80
C THR W 313 15.16 38.00 37.00
N GLU W 314 15.94 36.97 36.70
CA GLU W 314 15.51 35.60 36.92
C GLU W 314 15.47 35.29 38.41
N LEU W 315 14.39 34.68 38.86
CA LEU W 315 14.20 34.33 40.26
C LEU W 315 14.51 32.85 40.46
N ALA W 316 14.24 32.35 41.67
CA ALA W 316 14.48 30.94 41.96
C ALA W 316 13.68 30.07 41.01
N LYS W 317 14.38 29.19 40.29
CA LYS W 317 13.70 28.32 39.34
C LYS W 317 12.93 27.23 40.06
N ASP W 318 13.62 26.39 40.82
CA ASP W 318 12.99 25.39 41.68
C ASP W 318 11.91 24.60 40.94
N GLY W 319 12.21 24.25 39.70
CA GLY W 319 11.32 23.43 38.90
C GLY W 319 11.25 23.97 37.48
N SER W 320 10.24 23.50 36.75
CA SER W 320 10.03 23.92 35.37
C SER W 320 9.05 25.09 35.28
N TYR W 321 9.32 26.15 36.05
CA TYR W 321 8.53 27.37 35.98
C TYR W 321 9.47 28.55 36.08
N GLU W 322 9.32 29.50 35.15
CA GLU W 322 10.21 30.66 35.08
C GLU W 322 9.57 31.83 35.81
N LYS W 323 10.29 32.39 36.77
CA LYS W 323 9.79 33.44 37.64
C LYS W 323 10.57 34.73 37.40
N TRP W 324 9.88 35.86 37.55
CA TRP W 324 10.47 37.17 37.31
C TRP W 324 10.04 38.14 38.40
N MET W 325 10.54 39.36 38.31
CA MET W 325 10.29 40.40 39.30
C MET W 325 10.53 41.76 38.66
N ILE W 326 9.78 42.76 39.12
CA ILE W 326 9.94 44.14 38.69
C ILE W 326 10.00 45.00 39.93
N GLU W 327 11.21 45.37 40.35
CA GLU W 327 11.42 46.18 41.55
C GLU W 327 11.72 47.61 41.14
N MET W 328 11.18 48.55 41.92
CA MET W 328 11.38 49.98 41.65
C MET W 328 11.41 50.71 42.97
N GLU W 329 12.59 51.18 43.37
CA GLU W 329 12.78 51.93 44.61
C GLU W 329 12.86 53.41 44.24
N VAL W 330 11.83 54.17 44.61
CA VAL W 330 11.69 55.56 44.18
C VAL W 330 11.52 56.42 45.42
N GLY W 331 11.39 57.73 45.18
CA GLY W 331 11.22 58.68 46.26
C GLY W 331 10.83 60.06 45.75
N LEU W 332 9.88 60.69 46.41
CA LEU W 332 9.39 62.01 46.04
C LEU W 332 10.19 63.09 46.74
N ARG W 333 10.39 64.20 46.02
CA ARG W 333 11.13 65.34 46.56
C ARG W 333 10.50 66.63 46.07
N HIS W 334 10.24 67.55 47.00
CA HIS W 334 9.64 68.84 46.71
C HIS W 334 10.56 69.94 47.21
N ARG W 335 10.87 70.90 46.33
CA ARG W 335 11.87 71.92 46.65
C ARG W 335 11.47 72.70 47.89
N ASN W 336 10.35 73.44 47.82
CA ASN W 336 9.90 74.26 48.93
C ASN W 336 8.42 74.00 49.17
N PRO W 337 8.01 73.73 50.42
CA PRO W 337 6.59 73.43 50.66
C PRO W 337 5.64 74.48 50.13
N TYR W 338 5.93 75.76 50.34
CA TYR W 338 5.04 76.84 49.94
C TYR W 338 5.15 77.20 48.47
N ALA W 339 5.86 76.39 47.67
CA ALA W 339 5.90 76.60 46.24
C ALA W 339 4.62 76.11 45.57
N SER W 340 4.31 74.84 45.76
CA SER W 340 3.07 74.28 45.24
C SER W 340 1.90 74.67 46.13
N GLY W 341 0.70 74.39 45.65
CA GLY W 341 -0.51 74.71 46.38
C GLY W 341 -1.49 73.56 46.33
N VAL W 342 -2.17 73.35 47.46
CA VAL W 342 -3.16 72.28 47.60
C VAL W 342 -4.47 72.89 48.07
N LEU W 343 -5.57 72.49 47.43
CA LEU W 343 -6.89 73.02 47.75
C LEU W 343 -7.84 71.84 47.92
N PHE W 344 -8.43 71.71 49.11
CA PHE W 344 -9.39 70.66 49.39
C PHE W 344 -10.78 71.13 48.97
N THR W 345 -11.77 70.27 49.20
CA THR W 345 -13.15 70.53 48.78
C THR W 345 -14.08 70.39 49.97
N ALA W 346 -15.15 71.18 49.95
CA ALA W 346 -16.19 71.16 50.98
C ALA W 346 -17.50 71.52 50.32
N ALA W 347 -18.58 71.39 51.09
CA ALA W 347 -19.92 71.67 50.56
C ALA W 347 -20.23 73.15 50.71
N GLY W 348 -21.37 73.58 50.18
CA GLY W 348 -21.77 74.97 50.27
C GLY W 348 -22.32 75.35 51.63
N LYS W 349 -22.95 76.51 51.72
CA LYS W 349 -23.61 76.94 52.94
C LYS W 349 -24.48 78.17 52.66
N ASN X 3 97.64 108.96 84.25
CA ASN X 3 97.92 108.36 82.91
C ASN X 3 98.58 106.99 83.06
N PRO X 4 97.80 106.00 83.50
CA PRO X 4 98.33 104.63 83.58
C PRO X 4 98.69 104.09 82.20
N THR X 5 99.72 103.25 82.15
CA THR X 5 100.16 102.64 80.90
C THR X 5 99.73 101.20 80.74
N LEU X 6 98.91 100.65 81.65
CA LEU X 6 98.46 99.28 81.55
C LEU X 6 97.10 99.13 80.88
N PHE X 7 96.09 99.88 81.32
CA PHE X 7 94.81 99.96 80.62
C PHE X 7 94.26 98.55 80.34
N VAL X 8 93.96 97.84 81.43
CA VAL X 8 93.65 96.41 81.34
C VAL X 8 92.18 96.13 81.63
N SER X 9 91.37 96.14 80.57
CA SER X 9 90.03 95.56 80.60
C SER X 9 89.10 96.20 81.61
N TYR X 10 89.54 97.26 82.27
CA TYR X 10 88.73 97.90 83.31
C TYR X 10 88.58 99.39 83.10
N ASP X 11 89.57 100.05 82.52
CA ASP X 11 89.47 101.48 82.22
C ASP X 11 88.77 101.75 80.90
N GLN X 12 88.33 100.73 80.19
CA GLN X 12 87.70 100.92 78.89
C GLN X 12 86.29 101.48 79.06
N ASN X 13 85.93 102.43 78.20
CA ASN X 13 84.59 103.01 78.17
C ASN X 13 83.97 102.70 76.82
N GLY X 14 82.89 101.93 76.82
CA GLY X 14 82.27 101.48 75.60
C GLY X 14 82.65 100.06 75.26
N LYS X 15 81.73 99.13 75.51
CA LYS X 15 81.97 97.71 75.25
C LYS X 15 80.73 97.09 74.62
N LYS X 16 80.94 95.95 73.95
CA LYS X 16 79.84 95.23 73.33
C LYS X 16 79.32 94.08 74.19
N LEU X 17 80.14 93.57 75.11
CA LEU X 17 79.82 92.54 76.09
C LEU X 17 79.73 91.14 75.48
N SER X 18 79.79 91.00 74.17
CA SER X 18 79.79 89.70 73.51
C SER X 18 78.73 88.77 74.09
N PHE X 19 77.47 89.17 73.92
CA PHE X 19 76.36 88.39 74.44
C PHE X 19 76.27 87.05 73.73
N ALA X 20 75.40 86.18 74.25
CA ALA X 20 75.17 84.86 73.69
C ALA X 20 74.16 84.95 72.56
N ASN X 21 74.17 83.93 71.70
CA ASN X 21 73.32 83.87 70.52
C ASN X 21 72.35 82.69 70.56
N TRP X 22 71.75 82.41 71.72
CA TRP X 22 70.78 81.33 71.81
C TRP X 22 69.76 81.68 72.89
N ILE X 23 68.78 80.79 73.05
CA ILE X 23 67.73 80.93 74.05
C ILE X 23 67.52 79.56 74.69
N SER X 24 67.68 79.50 76.01
CA SER X 24 67.58 78.25 76.77
C SER X 24 66.24 78.21 77.48
N VAL X 25 65.21 77.74 76.78
CA VAL X 25 63.90 77.48 77.39
C VAL X 25 63.95 76.04 77.88
N LEU X 26 64.52 75.86 79.07
CA LEU X 26 64.75 74.53 79.61
C LEU X 26 63.53 73.94 80.30
N SER X 27 62.43 74.68 80.38
CA SER X 27 61.22 74.15 80.97
C SER X 27 60.86 72.83 80.31
N PRO X 28 60.21 71.92 81.04
CA PRO X 28 59.85 70.61 80.43
C PRO X 28 58.99 70.78 79.20
N GLN X 29 59.51 70.33 78.05
CA GLN X 29 58.79 70.40 76.78
C GLN X 29 58.40 69.02 76.25
N ASP X 30 58.62 67.97 77.02
CA ASP X 30 58.33 66.62 76.55
C ASP X 30 56.87 66.51 76.13
N THR X 31 56.65 65.89 74.98
CA THR X 31 55.31 65.62 74.46
C THR X 31 55.35 64.27 73.75
N PRO X 32 55.61 63.20 74.49
CA PRO X 32 55.74 61.88 73.83
C PRO X 32 54.45 61.41 73.18
N PHE X 33 53.30 61.64 73.84
CA PHE X 33 52.04 61.14 73.29
C PHE X 33 51.74 61.78 71.94
N VAL X 34 51.93 63.09 71.83
CA VAL X 34 51.60 63.79 70.59
C VAL X 34 52.64 63.51 69.52
N SER X 35 53.92 63.64 69.87
CA SER X 35 54.98 63.36 68.90
C SER X 35 54.92 61.92 68.40
N MET X 36 54.35 61.02 69.21
CA MET X 36 54.20 59.62 68.84
C MET X 36 52.88 59.35 68.13
N THR X 37 51.80 59.98 68.59
CA THR X 37 50.50 59.82 67.96
C THR X 37 50.39 60.74 66.76
N GLY X 38 49.88 60.22 65.65
CA GLY X 38 49.72 61.00 64.46
C GLY X 38 48.69 62.10 64.65
N LYS X 39 48.48 62.85 63.57
CA LYS X 39 47.49 63.91 63.53
C LYS X 39 46.73 63.83 62.22
N GLU X 40 45.59 64.51 62.16
CA GLU X 40 44.71 64.39 61.02
C GLU X 40 43.80 65.61 60.94
N SER X 41 43.62 66.13 59.73
CA SER X 41 42.75 67.29 59.53
C SER X 41 41.30 66.84 59.46
N ILE X 42 40.43 67.54 60.17
CA ILE X 42 39.00 67.28 60.17
C ILE X 42 38.29 68.54 59.67
N ASN X 43 37.10 68.36 59.12
CA ASN X 43 36.34 69.46 58.54
C ASN X 43 35.28 70.00 59.50
N GLN X 44 34.49 69.14 60.11
CA GLN X 44 33.45 69.56 61.03
C GLN X 44 33.95 69.49 62.48
N THR X 45 33.25 70.20 63.36
CA THR X 45 33.64 70.24 64.76
C THR X 45 33.26 68.97 65.50
N ILE X 46 32.51 68.07 64.86
CA ILE X 46 32.06 66.82 65.47
C ILE X 46 32.42 65.68 64.52
N PHE X 47 33.00 64.61 65.07
CA PHE X 47 33.36 63.43 64.29
C PHE X 47 32.96 62.18 65.06
N SER X 48 33.05 61.05 64.38
CA SER X 48 32.71 59.77 64.98
C SER X 48 33.47 58.67 64.23
N TRP X 49 33.53 57.50 64.86
CA TRP X 49 34.19 56.35 64.25
C TRP X 49 33.42 55.09 64.62
N GLN X 50 33.34 54.16 63.68
CA GLN X 50 32.60 52.92 63.88
C GLN X 50 33.51 51.84 64.43
N THR X 51 32.92 50.94 65.21
CA THR X 51 33.61 49.79 65.75
C THR X 51 32.66 48.61 65.78
N ASP X 52 33.16 47.44 65.40
CA ASP X 52 32.35 46.24 65.30
C ASP X 52 33.14 45.06 65.85
N ALA X 53 32.40 44.01 66.22
CA ALA X 53 32.98 42.80 66.77
C ALA X 53 32.47 41.59 66.00
N LEU X 54 33.26 40.52 66.02
CA LEU X 54 32.89 39.28 65.36
C LEU X 54 31.81 38.56 66.16
N ALA X 55 31.31 37.46 65.61
CA ALA X 55 30.28 36.67 66.26
C ALA X 55 30.90 35.55 67.09
N SER X 56 30.07 34.87 67.85
CA SER X 56 30.55 33.81 68.72
C SER X 56 31.23 32.71 67.93
N VAL X 57 32.37 32.25 68.44
CA VAL X 57 33.09 31.16 67.78
C VAL X 57 32.24 29.88 67.86
N ASP X 58 32.63 28.91 67.04
CA ASP X 58 31.90 27.63 66.94
C ASP X 58 32.93 26.52 66.78
N GLY X 59 33.17 25.76 67.84
CA GLY X 59 34.07 24.64 67.78
C GLY X 59 33.38 23.36 67.36
N ASN X 60 32.15 23.49 66.85
CA ASN X 60 31.38 22.36 66.34
C ASN X 60 30.79 22.65 64.97
N ASN X 61 31.40 23.56 64.21
CA ASN X 61 30.91 23.93 62.89
C ASN X 61 31.29 22.84 61.89
N ALA X 62 30.46 21.78 61.88
CA ALA X 62 30.65 20.63 61.01
C ALA X 62 29.35 20.40 60.23
N HIS X 63 29.31 20.87 58.99
CA HIS X 63 28.14 20.72 58.15
C HIS X 63 28.29 19.53 57.21
N VAL X 64 27.17 18.88 56.93
CA VAL X 64 27.14 17.66 56.12
C VAL X 64 27.12 18.02 54.65
N GLU X 65 27.35 17.03 53.79
CA GLU X 65 27.37 17.25 52.35
C GLU X 65 25.95 17.39 51.83
N GLY X 66 25.73 18.37 50.96
CA GLY X 66 24.43 18.59 50.37
C GLY X 66 23.38 18.92 51.41
N SER X 67 23.55 20.04 52.10
CA SER X 67 22.66 20.47 53.16
C SER X 67 22.03 21.80 52.78
N ARG X 68 20.92 22.12 53.43
CA ARG X 68 20.26 23.39 53.20
C ARG X 68 20.96 24.50 53.98
N ALA X 69 21.13 25.64 53.33
CA ALA X 69 21.82 26.76 53.95
C ALA X 69 20.92 27.45 54.96
N GLU X 70 21.54 28.01 55.99
CA GLU X 70 20.83 28.74 57.02
C GLU X 70 21.00 30.24 56.83
N ASP X 71 20.25 31.01 57.61
CA ASP X 71 20.31 32.47 57.49
C ASP X 71 21.63 33.00 58.05
N GLY X 72 21.93 32.69 59.30
CA GLY X 72 23.15 33.14 59.94
C GLY X 72 22.90 34.24 60.95
N GLU X 73 23.99 34.91 61.30
CA GLU X 73 23.96 35.99 62.30
C GLU X 73 24.89 37.09 61.84
N MET X 74 24.50 38.34 62.11
CA MET X 74 25.28 39.50 61.71
C MET X 74 25.20 40.55 62.81
N LYS X 75 26.36 41.01 63.28
CA LYS X 75 26.39 42.06 64.27
C LYS X 75 26.45 43.43 63.59
N PRO X 76 25.74 44.42 64.11
CA PRO X 76 25.79 45.76 63.52
C PRO X 76 27.03 46.52 63.98
N THR X 77 27.11 47.77 63.55
CA THR X 77 28.24 48.64 63.87
C THR X 77 27.88 49.58 65.01
N VAL X 78 28.81 49.71 65.96
CA VAL X 78 28.64 50.61 67.08
C VAL X 78 29.42 51.89 66.78
N ILE X 79 28.94 53.01 67.31
CA ILE X 79 29.49 54.32 67.03
C ILE X 79 29.95 54.98 68.33
N LYS X 80 31.04 55.72 68.23
CA LYS X 80 31.53 56.57 69.31
C LYS X 80 31.81 57.96 68.74
N SER X 81 31.93 58.95 69.62
CA SER X 81 32.06 60.33 69.18
C SER X 81 32.83 61.12 70.22
N ASN X 82 33.38 62.24 69.79
CA ASN X 82 34.08 63.17 70.66
C ASN X 82 34.05 64.55 70.03
N VAL X 83 34.19 65.57 70.87
CA VAL X 83 34.17 66.96 70.44
C VAL X 83 35.57 67.54 70.59
N THR X 84 35.82 68.64 69.89
CA THR X 84 37.11 69.31 69.96
C THR X 84 37.16 70.25 71.16
N GLN X 85 38.37 70.72 71.46
CA GLN X 85 38.61 71.67 72.55
C GLN X 85 39.36 72.85 71.97
N ILE X 86 38.72 74.01 71.95
CA ILE X 86 39.32 75.21 71.40
C ILE X 86 40.35 75.76 72.37
N LEU X 87 41.57 75.97 71.89
CA LEU X 87 42.66 76.52 72.68
C LEU X 87 43.22 77.75 72.00
N ARG X 88 43.49 78.79 72.79
CA ARG X 88 44.08 80.01 72.25
C ARG X 88 44.96 80.63 73.32
N LYS X 89 45.72 81.65 72.90
CA LYS X 89 46.62 82.34 73.81
C LYS X 89 46.89 83.73 73.26
N VAL X 90 47.17 84.66 74.17
CA VAL X 90 47.42 86.06 73.83
C VAL X 90 48.90 86.36 74.02
N VAL X 91 49.47 87.07 73.05
CA VAL X 91 50.90 87.40 73.08
C VAL X 91 51.08 88.90 72.93
N ARG X 92 50.10 89.68 73.39
CA ARG X 92 50.16 91.13 73.31
C ARG X 92 51.51 91.63 73.83
N VAL X 93 51.89 92.82 73.37
CA VAL X 93 53.22 93.37 73.62
C VAL X 93 53.21 94.09 74.97
N SER X 94 54.35 94.06 75.64
CA SER X 94 54.53 94.65 76.96
C SER X 94 55.25 96.00 76.89
N ASP X 95 55.23 96.62 75.71
CA ASP X 95 55.78 97.96 75.45
C ASP X 95 57.30 97.98 75.45
N THR X 96 57.97 96.88 75.76
CA THR X 96 59.43 96.82 75.78
C THR X 96 60.00 96.04 74.59
N ALA X 97 59.14 95.57 73.69
CA ALA X 97 59.55 94.74 72.57
C ALA X 97 59.16 95.34 71.22
N ASN X 98 57.95 95.89 71.12
CA ASN X 98 57.43 96.30 69.81
C ASN X 98 58.39 97.24 69.09
N THR X 99 58.87 98.27 69.76
CA THR X 99 59.72 99.27 69.13
C THR X 99 61.20 98.98 69.34
N THR X 100 61.61 97.75 69.05
CA THR X 100 63.01 97.36 69.18
C THR X 100 63.31 96.22 68.21
N ALA X 101 64.61 95.98 68.01
CA ALA X 101 65.09 94.83 67.26
C ALA X 101 66.30 94.28 68.00
N ASN X 102 66.15 93.11 68.63
CA ASN X 102 67.18 92.54 69.46
C ASN X 102 68.01 91.53 68.66
N TYR X 103 68.94 90.87 69.34
CA TYR X 103 69.94 90.03 68.69
C TYR X 103 69.58 88.55 68.77
N GLY X 104 69.29 88.05 69.97
CA GLY X 104 68.94 86.66 70.15
C GLY X 104 67.60 86.47 70.83
N ARG X 105 67.00 87.58 71.27
CA ARG X 105 65.67 87.58 71.86
C ARG X 105 64.56 87.53 70.83
N GLY X 106 64.87 87.29 69.55
CA GLY X 106 63.88 87.36 68.50
C GLY X 106 63.77 88.75 67.92
N ARG X 107 63.11 88.85 66.77
CA ARG X 107 62.99 90.13 66.11
C ARG X 107 62.23 91.12 66.99
N GLU X 108 60.94 90.90 67.15
CA GLU X 108 60.15 91.60 68.16
C GLU X 108 59.24 90.67 68.95
N LEU X 109 58.65 89.67 68.29
CA LEU X 109 57.65 88.83 68.94
C LEU X 109 57.80 87.33 68.67
N MET X 110 58.60 86.91 67.69
CA MET X 110 58.72 85.49 67.39
C MET X 110 59.13 84.70 68.62
N TYR X 111 59.95 85.28 69.49
CA TYR X 111 60.32 84.62 70.74
C TYR X 111 59.08 84.33 71.57
N GLN X 112 58.30 85.38 71.87
CA GLN X 112 57.07 85.17 72.65
C GLN X 112 56.07 84.30 71.89
N LEU X 113 56.04 84.41 70.56
CA LEU X 113 55.12 83.58 69.79
C LEU X 113 55.44 82.09 69.98
N GLU X 114 56.71 81.71 69.82
CA GLU X 114 57.09 80.32 70.01
C GLU X 114 56.93 79.90 71.46
N LYS X 115 57.17 80.81 72.40
CA LYS X 115 56.95 80.49 73.81
C LYS X 115 55.50 80.11 74.06
N LYS X 116 54.57 80.93 73.56
CA LYS X 116 53.15 80.62 73.75
C LYS X 116 52.74 79.40 72.94
N GLY X 117 53.40 79.13 71.82
CA GLY X 117 53.14 77.90 71.10
C GLY X 117 53.51 76.68 71.92
N LYS X 118 54.69 76.70 72.53
CA LYS X 118 55.09 75.62 73.43
C LYS X 118 54.10 75.50 74.59
N GLU X 119 53.65 76.64 75.12
CA GLU X 119 52.69 76.61 76.22
C GLU X 119 51.40 75.93 75.79
N ILE X 120 50.88 76.29 74.62
CA ILE X 120 49.67 75.65 74.11
C ILE X 120 49.90 74.16 73.92
N LYS X 121 51.07 73.78 73.40
CA LYS X 121 51.35 72.38 73.15
C LYS X 121 51.35 71.58 74.44
N ARG X 122 52.07 72.06 75.46
CA ARG X 122 52.16 71.32 76.71
C ARG X 122 50.83 71.32 77.44
N ASP X 123 50.06 72.41 77.33
CA ASP X 123 48.74 72.43 77.94
C ASP X 123 47.82 71.40 77.28
N LEU X 124 47.89 71.28 75.95
CA LEU X 124 47.11 70.26 75.27
C LEU X 124 47.55 68.87 75.70
N GLU X 125 48.85 68.63 75.74
CA GLU X 125 49.36 67.34 76.20
C GLU X 125 48.83 67.00 77.58
N LYS X 126 48.78 68.00 78.47
CA LYS X 126 48.34 67.75 79.84
C LYS X 126 46.84 67.49 79.89
N ILE X 127 46.04 68.29 79.17
CA ILE X 127 44.59 68.19 79.27
C ILE X 127 44.10 66.90 78.63
N LEU X 128 44.73 66.49 77.53
CA LEU X 128 44.29 65.28 76.86
C LEU X 128 44.45 64.05 77.75
N LEU X 129 45.45 64.04 78.62
CA LEU X 129 45.70 62.91 79.51
C LEU X 129 45.25 63.17 80.94
N SER X 130 44.57 64.28 81.19
CA SER X 130 44.15 64.62 82.55
C SER X 130 43.02 63.71 83.02
N GLY X 131 42.19 63.25 82.10
CA GLY X 131 41.04 62.43 82.44
C GLY X 131 39.72 63.15 82.51
N GLN X 132 39.61 64.34 81.91
CA GLN X 132 38.36 65.08 81.92
C GLN X 132 37.30 64.33 81.12
N ALA X 133 36.08 64.86 81.17
CA ALA X 133 34.93 64.27 80.50
C ALA X 133 34.50 65.11 79.30
N ARG X 134 33.81 64.46 78.37
CA ARG X 134 33.25 65.12 77.20
C ARG X 134 32.08 65.99 77.67
N THR X 135 32.32 67.29 77.82
CA THR X 135 31.32 68.23 78.33
C THR X 135 30.95 69.18 77.19
N ASP X 136 29.83 68.91 76.54
CA ASP X 136 29.31 69.75 75.47
C ASP X 136 27.85 70.05 75.74
N VAL X 137 27.43 71.26 75.38
CA VAL X 137 26.05 71.67 75.58
C VAL X 137 25.08 70.78 74.80
N LEU X 138 25.58 70.07 73.79
CA LEU X 138 24.74 69.15 73.03
C LEU X 138 24.47 67.88 73.83
N ALA X 139 23.37 67.20 73.49
CA ALA X 139 23.01 65.94 74.12
C ALA X 139 23.72 64.79 73.40
N ASP X 140 23.32 63.56 73.73
CA ASP X 140 23.88 62.40 73.06
C ASP X 140 23.41 62.25 71.62
N GLN X 141 22.62 63.21 71.11
CA GLN X 141 22.11 63.20 69.74
C GLN X 141 22.95 64.04 68.80
N TYR X 142 24.29 64.03 68.95
CA TYR X 142 25.17 64.78 68.06
C TYR X 142 24.79 64.57 66.59
N LEU X 143 24.24 63.41 66.26
CA LEU X 143 23.94 63.04 64.89
C LEU X 143 22.59 63.56 64.41
N THR X 144 22.03 64.57 65.09
CA THR X 144 20.71 65.11 64.74
C THR X 144 20.81 66.30 63.79
N ASN X 145 21.98 66.91 63.63
CA ASN X 145 22.19 68.00 62.69
C ASN X 145 21.24 69.18 62.95
N SER X 146 20.62 69.21 64.12
CA SER X 146 19.72 70.31 64.47
C SER X 146 19.53 70.32 65.98
N ALA X 147 20.05 71.34 66.64
CA ALA X 147 19.87 71.47 68.08
C ALA X 147 18.67 72.37 68.38
N ALA X 148 18.36 72.50 69.67
CA ALA X 148 17.29 73.36 70.11
C ALA X 148 17.74 74.82 70.10
N ASP X 149 17.50 75.51 68.99
CA ASP X 149 17.88 76.90 68.79
C ASP X 149 17.58 77.75 70.03
N PRO X 150 16.33 77.77 70.52
CA PRO X 150 16.01 78.65 71.65
C PRO X 150 16.74 78.27 72.93
N ALA X 151 17.46 77.15 72.91
CA ALA X 151 18.25 76.71 74.05
C ALA X 151 19.75 76.79 73.82
N VAL X 152 20.21 76.83 72.57
CA VAL X 152 21.62 76.87 72.25
C VAL X 152 21.99 78.08 71.40
N ALA X 153 21.04 78.66 70.67
CA ALA X 153 21.35 79.78 69.79
C ALA X 153 21.28 81.10 70.55
N GLY X 154 20.23 81.28 71.34
CA GLY X 154 20.01 82.54 72.03
C GLY X 154 20.91 82.79 73.22
N LEU X 155 21.87 81.89 73.45
CA LEU X 155 22.82 82.05 74.56
C LEU X 155 23.83 83.13 74.17
N ASN X 156 23.39 84.38 74.25
CA ASN X 156 24.24 85.51 73.95
C ASN X 156 25.29 85.77 75.02
N ASP X 157 25.13 85.18 76.20
CA ASP X 157 26.06 85.34 77.31
C ASP X 157 26.07 84.04 78.09
N THR X 158 27.10 83.86 78.93
CA THR X 158 27.22 82.67 79.77
C THR X 158 27.10 81.39 78.94
N HIS X 159 27.78 81.38 77.80
CA HIS X 159 27.79 80.22 76.94
C HIS X 159 28.78 79.19 77.46
N ALA X 160 28.35 77.93 77.51
CA ALA X 160 29.20 76.88 78.07
C ALA X 160 30.40 76.61 77.19
N ALA X 161 31.54 76.39 77.83
CA ALA X 161 32.75 76.04 77.11
C ALA X 161 32.62 74.65 76.48
N ARG X 162 33.64 74.26 75.72
CA ARG X 162 33.68 72.97 75.04
C ARG X 162 34.88 72.18 75.54
N LYS X 163 34.62 71.10 76.27
CA LYS X 163 35.66 70.21 76.76
C LYS X 163 35.63 68.91 75.98
N THR X 164 36.78 68.51 75.44
CA THR X 164 36.89 67.29 74.67
C THR X 164 37.07 66.09 75.61
N GLY X 165 36.92 64.90 75.04
CA GLY X 165 37.10 63.68 75.82
C GLY X 165 38.57 63.40 76.10
N ALA X 166 38.83 62.93 77.31
CA ALA X 166 40.18 62.65 77.77
C ALA X 166 40.53 61.19 77.51
N PHE X 167 41.76 60.83 77.85
CA PHE X 167 42.22 59.45 77.65
C PHE X 167 41.34 58.47 78.42
N GLN X 168 41.00 58.80 79.67
CA GLN X 168 40.14 57.93 80.45
C GLN X 168 38.73 57.85 79.87
N PHE X 169 38.27 58.92 79.23
CA PHE X 169 36.89 58.98 78.77
C PHE X 169 36.65 58.07 77.58
N LEU X 170 37.48 58.19 76.53
CA LEU X 170 37.27 57.38 75.33
C LEU X 170 37.38 55.89 75.63
N CYS X 171 37.99 55.52 76.75
CA CYS X 171 37.99 54.14 77.19
C CYS X 171 36.66 53.82 77.87
N ALA X 172 36.51 52.58 78.33
CA ALA X 172 35.27 52.12 78.95
C ALA X 172 35.20 52.65 80.39
N HIS X 173 34.97 53.96 80.50
CA HIS X 173 34.86 54.58 81.82
C HIS X 173 33.79 53.90 82.65
N GLY X 174 32.58 53.77 82.10
CA GLY X 174 31.50 53.08 82.78
C GLY X 174 30.70 53.92 83.75
N GLY X 175 31.21 55.08 84.15
CA GLY X 175 30.50 55.90 85.11
C GLY X 175 31.10 57.29 85.22
N LEU X 176 30.54 58.06 86.13
CA LEU X 176 30.98 59.43 86.36
C LEU X 176 30.87 59.74 87.85
N ALA X 177 31.60 60.76 88.29
CA ALA X 177 31.58 61.16 89.68
C ALA X 177 31.99 62.63 89.77
N GLY X 178 31.17 63.43 90.45
CA GLY X 178 31.48 64.84 90.58
C GLY X 178 31.64 65.56 89.26
N GLY X 179 30.86 65.15 88.25
CA GLY X 179 30.93 65.77 86.94
C GLY X 179 32.13 65.38 86.11
N VAL X 180 32.96 64.45 86.58
CA VAL X 180 34.14 64.01 85.87
C VAL X 180 34.23 62.48 85.96
N VAL X 181 35.04 61.90 85.08
CA VAL X 181 35.16 60.45 85.02
C VAL X 181 35.59 59.91 86.39
N ASP X 182 34.85 58.91 86.88
CA ASP X 182 35.17 58.32 88.17
C ASP X 182 36.43 57.47 88.07
N LYS X 183 37.06 57.26 89.23
CA LYS X 183 38.30 56.49 89.35
C LYS X 183 38.18 55.39 90.40
N THR X 184 36.96 54.97 90.73
CA THR X 184 36.77 53.92 91.72
C THR X 184 35.79 52.85 91.24
N LYS X 185 35.40 52.87 89.97
CA LYS X 185 34.46 51.92 89.40
C LYS X 185 35.12 51.18 88.26
N ASN X 186 34.96 49.86 88.23
CA ASN X 186 35.40 49.09 87.08
C ASN X 186 34.47 49.34 85.90
N GLY X 187 35.01 49.17 84.71
CA GLY X 187 34.25 49.43 83.51
C GLY X 187 33.38 48.26 83.12
N PRO X 188 32.50 48.50 82.14
CA PRO X 188 31.66 47.40 81.64
C PRO X 188 32.46 46.41 80.81
N ALA X 189 32.12 45.14 80.99
CA ALA X 189 32.74 44.08 80.22
C ALA X 189 32.30 44.14 78.76
N ASP X 190 33.00 43.41 77.91
CA ASP X 190 32.68 43.45 76.49
C ASP X 190 31.41 42.66 76.22
N PRO X 191 30.55 43.11 75.31
CA PRO X 191 29.39 42.29 74.92
C PRO X 191 29.78 40.95 74.34
N ASP X 192 30.95 40.85 73.70
CA ASP X 192 31.42 39.60 73.11
C ASP X 192 32.46 38.91 73.98
N THR X 193 33.37 39.66 74.58
CA THR X 193 34.43 39.12 75.42
C THR X 193 34.09 39.33 76.89
N GLY X 194 34.63 38.44 77.73
CA GLY X 194 34.46 38.57 79.17
C GLY X 194 35.58 39.34 79.81
N ALA X 195 36.12 40.34 79.10
CA ALA X 195 37.24 41.13 79.57
C ALA X 195 36.82 42.58 79.77
N VAL X 196 37.43 43.22 80.77
CA VAL X 196 37.21 44.62 81.07
C VAL X 196 38.55 45.33 81.09
N THR X 197 38.67 46.39 80.30
CA THR X 197 39.93 47.14 80.20
C THR X 197 40.07 48.21 81.28
N VAL X 198 38.96 48.67 81.86
CA VAL X 198 38.97 49.65 82.93
C VAL X 198 38.63 48.96 84.23
N LYS X 199 39.51 49.10 85.23
CA LYS X 199 39.30 48.46 86.51
C LYS X 199 40.15 49.17 87.56
N VAL X 200 39.58 49.37 88.74
CA VAL X 200 40.31 50.00 89.84
C VAL X 200 41.29 48.99 90.44
N ALA X 201 42.50 49.44 90.72
CA ALA X 201 43.48 48.59 91.38
C ALA X 201 43.08 48.33 92.83
N GLN X 202 43.62 47.24 93.38
CA GLN X 202 43.40 46.87 94.77
C GLN X 202 44.74 46.78 95.48
N ASN X 203 44.82 47.38 96.67
CA ASN X 203 46.03 47.33 97.48
C ASN X 203 45.70 47.22 98.96
N ALA X 204 44.50 46.71 99.29
CA ALA X 204 44.10 46.60 100.69
C ALA X 204 45.09 45.75 101.46
N SER X 205 45.31 44.52 101.02
CA SER X 205 46.28 43.65 101.68
C SER X 205 47.65 44.33 101.77
N ASN X 206 48.04 45.03 100.71
CA ASN X 206 49.26 45.83 100.76
C ASN X 206 49.12 46.95 101.77
N PRO X 207 50.22 47.50 102.26
CA PRO X 207 50.14 48.54 103.30
C PRO X 207 49.28 49.70 102.84
N THR X 208 48.40 50.16 103.74
CA THR X 208 47.53 51.29 103.42
C THR X 208 48.35 52.53 103.05
N THR X 209 49.58 52.61 103.53
CA THR X 209 50.44 53.75 103.18
C THR X 209 50.86 53.72 101.72
N ASN X 210 50.89 52.53 101.11
CA ASN X 210 51.22 52.40 99.70
C ASN X 210 49.93 52.44 98.89
N ILE X 211 49.67 53.58 98.25
CA ILE X 211 48.46 53.82 97.49
C ILE X 211 48.77 53.54 96.03
N GLY X 212 48.32 52.41 95.54
CA GLY X 212 48.49 52.03 94.14
C GLY X 212 48.93 50.60 94.00
N PHE X 213 48.78 50.08 92.79
CA PHE X 213 49.19 48.72 92.47
C PHE X 213 50.65 48.50 92.84
N ASP X 214 50.98 47.27 93.21
CA ASP X 214 52.35 46.88 93.49
C ASP X 214 52.88 45.85 92.50
N GLU X 215 52.22 44.69 92.38
CA GLU X 215 52.71 43.64 91.49
C GLU X 215 51.62 42.93 90.69
N ALA X 216 50.36 42.94 91.10
CA ALA X 216 49.35 42.07 90.53
C ALA X 216 48.37 42.76 89.59
N ASP X 217 48.02 44.01 89.86
CA ASP X 217 47.03 44.68 89.02
C ASP X 217 47.51 44.78 87.58
N ILE X 218 48.81 44.99 87.39
CA ILE X 218 49.35 45.08 86.04
C ILE X 218 49.20 43.75 85.30
N PHE X 219 49.44 42.64 85.99
CA PHE X 219 49.33 41.34 85.34
C PHE X 219 47.89 41.03 84.97
N ASP X 220 46.95 41.30 85.88
CA ASP X 220 45.54 41.09 85.57
C ASP X 220 45.10 41.99 84.42
N MET X 221 45.56 43.23 84.40
CA MET X 221 45.24 44.13 83.31
C MET X 221 45.77 43.60 81.99
N THR X 222 47.01 43.11 81.97
CA THR X 222 47.56 42.55 80.74
C THR X 222 46.76 41.33 80.29
N LEU X 223 46.37 40.48 81.24
CA LEU X 223 45.60 39.28 80.87
C LEU X 223 44.27 39.69 80.26
N GLN X 224 43.55 40.61 80.90
CA GLN X 224 42.27 41.07 80.35
C GLN X 224 42.46 41.70 78.99
N LEU X 225 43.52 42.49 78.80
CA LEU X 225 43.75 43.15 77.53
C LEU X 225 44.02 42.14 76.43
N TYR X 226 44.89 41.16 76.70
CA TYR X 226 45.17 40.13 75.69
C TYR X 226 43.91 39.34 75.36
N THR X 227 43.13 38.96 76.38
CA THR X 227 41.90 38.24 76.12
C THR X 227 40.89 39.09 75.38
N ALA X 228 41.02 40.41 75.44
CA ALA X 228 40.18 41.33 74.68
C ALA X 228 40.65 41.51 73.25
N GLY X 229 41.63 40.72 72.80
CA GLY X 229 42.13 40.85 71.46
C GLY X 229 42.74 42.19 71.15
N SER X 230 43.19 42.93 72.17
CA SER X 230 43.76 44.25 71.97
C SER X 230 45.28 44.17 71.93
N GLU X 231 45.88 45.17 71.29
CA GLU X 231 47.32 45.29 71.19
C GLU X 231 47.79 46.49 72.00
N ALA X 232 48.97 46.36 72.61
CA ALA X 232 49.54 47.45 73.40
C ALA X 232 50.99 47.14 73.69
N ASP X 233 51.87 48.12 73.49
CA ASP X 233 53.31 47.91 73.68
C ASP X 233 53.94 49.05 74.47
N ILE X 234 53.14 49.92 75.09
CA ILE X 234 53.66 51.09 75.80
C ILE X 234 52.88 51.25 77.09
N ILE X 235 53.56 51.78 78.11
CA ILE X 235 52.95 52.05 79.41
C ILE X 235 53.33 53.47 79.82
N MET X 236 52.37 54.37 79.77
CA MET X 236 52.58 55.77 80.15
C MET X 236 52.18 55.95 81.61
N ILE X 237 53.11 56.45 82.41
CA ILE X 237 52.93 56.59 83.86
C ILE X 237 53.45 57.94 84.30
N ASN X 238 53.31 58.22 85.59
CA ASN X 238 53.82 59.41 86.25
C ASN X 238 55.10 59.08 87.00
N PRO X 239 56.09 59.99 87.02
CA PRO X 239 57.33 59.69 87.74
C PRO X 239 57.11 59.32 89.20
N ALA X 240 56.02 59.79 89.80
CA ALA X 240 55.72 59.47 91.19
C ALA X 240 55.39 57.99 91.38
N HIS X 241 55.05 57.27 90.32
CA HIS X 241 54.75 55.85 90.40
C HIS X 241 55.87 54.97 89.84
N ALA X 242 56.92 55.56 89.27
CA ALA X 242 58.01 54.76 88.72
C ALA X 242 58.66 53.88 89.78
N LYS X 243 58.52 54.23 91.06
CA LYS X 243 59.14 53.44 92.11
C LYS X 243 58.55 52.04 92.17
N ILE X 244 57.28 51.89 91.81
CA ILE X 244 56.67 50.55 91.79
C ILE X 244 57.37 49.68 90.76
N PHE X 245 57.50 50.18 89.53
CA PHE X 245 58.24 49.44 88.51
C PHE X 245 59.67 49.18 88.94
N ALA X 246 60.29 50.15 89.63
CA ALA X 246 61.66 49.96 90.10
C ALA X 246 61.74 48.76 91.04
N GLY X 247 60.88 48.74 92.05
CA GLY X 247 60.88 47.61 92.98
C GLY X 247 60.48 46.31 92.33
N LEU X 248 59.68 46.36 91.26
CA LEU X 248 59.22 45.13 90.62
C LEU X 248 60.28 44.53 89.73
N GLN X 249 60.99 45.36 88.96
CA GLN X 249 61.95 44.85 88.00
C GLN X 249 62.94 43.89 88.65
N GLU X 250 63.33 44.15 89.90
CA GLU X 250 64.29 43.28 90.58
C GLU X 250 63.69 41.94 90.94
N ASN X 251 62.36 41.80 90.88
CA ASN X 251 61.69 40.57 91.30
C ASN X 251 61.42 39.61 90.15
N THR X 252 61.51 40.07 88.89
CA THR X 252 61.20 39.25 87.74
C THR X 252 62.35 39.21 86.75
N GLN X 253 63.58 39.15 87.25
CA GLN X 253 64.75 39.21 86.39
C GLN X 253 64.75 38.11 85.33
N GLY X 254 64.15 36.95 85.64
CA GLY X 254 64.23 35.83 84.73
C GLY X 254 63.31 35.94 83.53
N SER X 255 62.24 36.71 83.63
CA SER X 255 61.26 36.83 82.56
C SER X 255 61.45 38.09 81.72
N ARG X 256 62.29 39.02 82.15
CA ARG X 256 62.49 40.27 81.42
C ARG X 256 63.15 39.98 80.07
N LYS X 257 62.39 40.17 78.99
CA LYS X 257 62.91 39.99 77.64
C LYS X 257 63.61 41.27 77.22
N ARG X 258 64.90 41.36 77.53
CA ARG X 258 65.68 42.55 77.21
C ARG X 258 65.78 42.72 75.71
N ILE X 259 65.28 43.84 75.21
CA ILE X 259 65.38 44.18 73.79
C ILE X 259 66.35 45.34 73.66
N PHE X 260 66.99 45.42 72.48
CA PHE X 260 68.02 46.41 72.21
C PHE X 260 67.66 47.19 70.96
N GLU X 261 68.37 48.30 70.76
CA GLU X 261 68.17 49.16 69.61
C GLU X 261 69.52 49.49 69.00
N ASN X 262 69.71 49.14 67.73
CA ASN X 262 70.94 49.43 67.02
C ASN X 262 70.92 50.84 66.47
N THR X 263 72.10 51.46 66.43
CA THR X 263 72.26 52.79 65.88
C THR X 263 73.47 52.92 64.97
N LYS X 264 74.22 51.83 64.74
CA LYS X 264 75.43 51.86 63.92
C LYS X 264 76.57 52.52 64.68
N GLN X 265 76.29 53.04 65.88
CA GLN X 265 77.33 53.60 66.74
C GLN X 265 77.20 53.21 68.19
N PHE X 266 76.05 52.70 68.65
CA PHE X 266 75.87 52.29 70.03
C PHE X 266 74.73 51.29 70.09
N ILE X 267 74.43 50.82 71.30
CA ILE X 267 73.31 49.91 71.53
C ILE X 267 72.48 50.44 72.69
N TYR X 268 71.34 51.04 72.37
CA TYR X 268 70.45 51.61 73.37
C TYR X 268 69.39 50.59 73.76
N GLU X 269 69.49 50.07 74.98
CA GLU X 269 68.48 49.19 75.51
C GLU X 269 67.21 49.98 75.81
N VAL X 270 66.09 49.27 75.91
CA VAL X 270 64.80 49.88 76.21
C VAL X 270 64.32 49.36 77.56
N ASN X 271 63.73 50.27 78.34
CA ASN X 271 63.18 49.93 79.65
C ASN X 271 61.78 49.37 79.44
N SER X 272 61.74 48.13 78.95
CA SER X 272 60.49 47.44 78.64
C SER X 272 60.21 46.41 79.71
N ILE X 273 58.93 46.29 80.08
CA ILE X 273 58.47 45.28 81.03
C ILE X 273 57.56 44.31 80.28
N THR X 274 57.84 43.02 80.42
CA THR X 274 57.08 41.98 79.76
C THR X 274 56.32 41.14 80.79
N ASP X 275 55.20 40.60 80.37
CA ASP X 275 54.33 39.80 81.20
C ASP X 275 54.45 38.33 80.84
N PRO X 276 54.03 37.42 81.72
CA PRO X 276 54.14 35.99 81.42
C PRO X 276 53.50 35.59 80.10
N LEU X 277 52.61 36.42 79.56
CA LEU X 277 52.00 36.14 78.26
C LEU X 277 52.93 36.46 77.10
N GLY X 278 54.14 36.94 77.36
CA GLY X 278 55.11 37.22 76.31
C GLY X 278 55.00 38.59 75.69
N GLN X 279 53.94 39.34 76.00
CA GLN X 279 53.76 40.68 75.43
C GLN X 279 54.72 41.65 76.11
N SER X 280 55.44 42.42 75.31
CA SER X 280 56.43 43.37 75.79
C SER X 280 55.80 44.76 75.86
N TYR X 281 55.93 45.42 77.00
CA TYR X 281 55.38 46.74 77.23
C TYR X 281 56.51 47.70 77.56
N LYS X 282 56.61 48.78 76.79
CA LYS X 282 57.63 49.77 77.04
C LYS X 282 57.20 50.72 78.16
N ILE X 283 58.18 51.22 78.90
CA ILE X 283 57.95 52.08 80.06
C ILE X 283 58.36 53.49 79.70
N ILE X 284 57.43 54.43 79.81
CA ILE X 284 57.67 55.83 79.50
C ILE X 284 57.14 56.66 80.66
N VAL X 285 57.91 57.68 81.03
CA VAL X 285 57.58 58.55 82.17
C VAL X 285 57.22 59.93 81.63
N ASN X 286 56.06 60.43 82.06
CA ASN X 286 55.58 61.73 81.63
C ASN X 286 55.18 62.55 82.86
N ARG X 287 55.53 63.83 82.85
CA ARG X 287 55.24 64.70 83.98
C ARG X 287 53.80 65.19 84.00
N TRP X 288 53.11 65.16 82.87
CA TRP X 288 51.77 65.72 82.76
C TRP X 288 50.67 64.69 83.01
N MET X 289 50.98 63.61 83.72
CA MET X 289 49.97 62.60 84.01
C MET X 289 49.14 63.01 85.23
N PRO X 290 47.96 62.41 85.39
CA PRO X 290 47.10 62.79 86.53
C PRO X 290 47.64 62.41 87.88
N THR X 291 48.71 61.61 87.95
CA THR X 291 49.37 61.16 89.18
C THR X 291 48.60 60.04 89.86
N ASP X 292 47.43 59.64 89.35
CA ASP X 292 46.63 58.58 89.96
C ASP X 292 46.07 57.64 88.89
N ALA X 293 46.88 57.31 87.89
CA ALA X 293 46.45 56.43 86.84
C ALA X 293 47.63 56.01 85.99
N VAL X 294 47.52 54.83 85.38
CA VAL X 294 48.51 54.33 84.45
C VAL X 294 47.78 53.84 83.20
N TYR X 295 48.36 54.10 82.03
CA TYR X 295 47.72 53.83 80.76
C TYR X 295 48.45 52.72 80.01
N PHE X 296 47.68 51.80 79.45
CA PHE X 296 48.19 50.78 78.54
C PHE X 296 47.55 51.00 77.18
N PHE X 297 48.38 51.26 76.17
CA PHE X 297 47.88 51.52 74.82
C PHE X 297 48.91 51.03 73.82
N ARG X 298 48.68 51.34 72.54
CA ARG X 298 49.49 50.82 71.45
C ARG X 298 50.13 51.91 70.60
N SER X 299 49.68 53.16 70.70
CA SER X 299 50.24 54.33 70.03
C SER X 299 49.82 54.42 68.57
N ALA X 300 49.01 53.50 68.07
CA ALA X 300 48.52 53.54 66.69
C ALA X 300 47.01 53.63 66.58
N ASP X 301 46.27 53.14 67.57
CA ASP X 301 44.81 53.28 67.57
C ASP X 301 44.36 54.68 67.96
N TRP X 302 45.30 55.60 68.18
CA TRP X 302 44.98 56.96 68.58
C TRP X 302 45.39 57.94 67.49
N THR X 303 44.64 59.04 67.41
CA THR X 303 44.93 60.11 66.47
C THR X 303 44.46 61.42 67.07
N GLN X 304 45.02 62.52 66.55
CA GLN X 304 44.67 63.86 66.98
C GLN X 304 44.01 64.58 65.81
N MET X 305 42.68 64.71 65.87
CA MET X 305 41.90 65.30 64.79
C MET X 305 41.99 66.82 64.90
N VAL X 306 42.61 67.44 63.91
CA VAL X 306 42.82 68.89 63.89
C VAL X 306 41.80 69.52 62.95
N LEU X 307 41.32 70.71 63.32
CA LEU X 307 40.34 71.44 62.52
C LEU X 307 40.85 72.80 62.06
N ARG X 308 41.44 73.57 62.97
CA ARG X 308 41.84 74.94 62.68
C ARG X 308 43.20 75.05 62.00
N ALA X 309 44.04 74.02 62.08
CA ALA X 309 45.38 74.09 61.50
C ALA X 309 46.10 75.32 62.05
N PRO X 310 46.58 75.27 63.31
CA PRO X 310 47.12 76.47 63.96
C PRO X 310 47.97 77.36 63.07
N LYS X 311 47.63 78.64 63.02
CA LYS X 311 48.39 79.63 62.27
C LYS X 311 48.28 80.96 62.99
N ARG X 312 49.42 81.65 63.11
CA ARG X 312 49.46 82.92 63.81
C ARG X 312 48.46 83.90 63.22
N THR X 313 47.55 84.39 64.05
CA THR X 313 46.48 85.30 63.60
C THR X 313 46.75 86.69 64.16
N GLU X 314 46.53 87.70 63.32
CA GLU X 314 46.78 89.08 63.68
C GLU X 314 45.48 89.78 64.07
N LEU X 315 45.62 90.81 64.91
CA LEU X 315 44.49 91.63 65.32
C LEU X 315 44.76 93.09 64.99
N ALA X 316 43.81 93.97 65.33
CA ALA X 316 43.97 95.38 65.04
C ALA X 316 45.20 95.94 65.75
N LYS X 317 45.82 96.94 65.14
CA LYS X 317 46.97 97.63 65.72
C LYS X 317 46.57 98.93 66.42
N ASP X 318 45.29 99.11 66.73
CA ASP X 318 44.86 100.30 67.44
C ASP X 318 45.59 100.41 68.76
N GLY X 319 45.74 101.65 69.24
CA GLY X 319 46.43 101.89 70.49
C GLY X 319 47.92 101.65 70.43
N SER X 320 48.49 101.54 69.23
CA SER X 320 49.94 101.37 69.06
C SER X 320 50.43 100.08 69.73
N TYR X 321 49.69 98.99 69.51
CA TYR X 321 50.04 97.71 70.07
C TYR X 321 49.37 96.60 69.26
N GLU X 322 50.07 95.49 69.10
CA GLU X 322 49.56 94.34 68.36
C GLU X 322 49.11 93.29 69.36
N LYS X 323 47.82 92.94 69.31
CA LYS X 323 47.26 91.91 70.19
C LYS X 323 47.16 90.59 69.44
N TRP X 324 48.32 90.04 69.11
CA TRP X 324 48.37 88.78 68.39
C TRP X 324 47.83 87.64 69.26
N MET X 325 47.23 86.67 68.60
CA MET X 325 46.77 85.45 69.25
C MET X 325 46.74 84.33 68.22
N ILE X 326 46.73 83.09 68.71
CA ILE X 326 46.72 81.91 67.86
C ILE X 326 45.73 80.91 68.45
N GLU X 327 44.76 80.49 67.65
CA GLU X 327 43.74 79.55 68.07
C GLU X 327 44.11 78.14 67.63
N MET X 328 43.50 77.16 68.28
CA MET X 328 43.72 75.76 67.95
C MET X 328 42.61 74.94 68.58
N GLU X 329 41.86 74.23 67.73
CA GLU X 329 40.77 73.36 68.19
C GLU X 329 40.98 71.98 67.58
N VAL X 330 41.19 70.98 68.43
CA VAL X 330 41.43 69.61 68.01
C VAL X 330 40.66 68.67 68.93
N GLY X 331 40.61 67.40 68.52
CA GLY X 331 39.89 66.40 69.29
C GLY X 331 40.55 65.04 69.27
N LEU X 332 40.49 64.33 70.39
CA LEU X 332 41.10 63.01 70.50
C LEU X 332 40.17 61.95 69.93
N ARG X 333 40.77 60.93 69.32
CA ARG X 333 40.04 59.81 68.76
C ARG X 333 40.70 58.51 69.16
N HIS X 334 39.89 57.46 69.23
CA HIS X 334 40.36 56.13 69.62
C HIS X 334 39.69 55.10 68.72
N ARG X 335 40.49 54.32 67.99
CA ARG X 335 39.92 53.40 67.02
C ARG X 335 38.98 52.39 67.68
N ASN X 336 39.11 52.18 68.99
CA ASN X 336 38.21 51.31 69.71
C ASN X 336 38.32 51.56 71.20
N PRO X 337 37.20 51.72 71.93
CA PRO X 337 37.31 51.97 73.37
C PRO X 337 38.01 50.84 74.12
N TYR X 338 37.65 49.59 73.85
CA TYR X 338 38.18 48.46 74.58
C TYR X 338 39.55 48.02 74.11
N ALA X 339 40.24 48.83 73.30
CA ALA X 339 41.59 48.48 72.89
C ALA X 339 42.59 48.75 74.00
N SER X 340 42.65 49.99 74.47
CA SER X 340 43.57 50.37 75.53
C SER X 340 42.97 50.02 76.89
N GLY X 341 43.77 50.22 77.94
CA GLY X 341 43.33 49.94 79.29
C GLY X 341 44.05 50.83 80.27
N VAL X 342 43.39 51.10 81.40
CA VAL X 342 43.90 52.01 82.41
C VAL X 342 43.59 51.45 83.79
N LEU X 343 44.36 51.90 84.78
CA LEU X 343 44.12 51.59 86.17
C LEU X 343 43.86 52.88 86.94
N PHE X 344 43.47 52.72 88.20
CA PHE X 344 43.26 53.85 89.09
C PHE X 344 43.81 53.49 90.46
N THR X 345 44.40 54.49 91.11
CA THR X 345 45.03 54.28 92.41
C THR X 345 44.02 54.58 93.52
N ALA X 346 44.05 53.75 94.55
CA ALA X 346 43.13 53.88 95.68
C ALA X 346 43.76 53.22 96.90
N ALA X 347 43.10 53.38 98.04
CA ALA X 347 43.54 52.82 99.30
C ALA X 347 42.73 51.60 99.67
N GLY X 348 43.16 50.92 100.73
CA GLY X 348 42.49 49.73 101.20
C GLY X 348 41.12 50.03 101.81
N ASN Y 3 -79.58 59.60 -24.67
CA ASN Y 3 -79.88 60.71 -25.62
C ASN Y 3 -79.51 62.05 -24.99
N PRO Y 4 -78.26 62.48 -25.15
CA PRO Y 4 -77.85 63.76 -24.59
C PRO Y 4 -78.10 64.92 -25.53
N THR Y 5 -78.61 66.02 -24.95
CA THR Y 5 -78.89 67.21 -25.74
C THR Y 5 -77.63 67.99 -26.06
N LEU Y 6 -76.63 67.99 -25.18
CA LEU Y 6 -75.38 68.69 -25.40
C LEU Y 6 -74.24 67.80 -24.91
N PHE Y 7 -73.27 67.57 -25.78
CA PHE Y 7 -72.14 66.70 -25.45
C PHE Y 7 -71.28 67.33 -24.38
N VAL Y 8 -70.84 66.51 -23.43
CA VAL Y 8 -70.00 66.95 -22.32
C VAL Y 8 -68.96 65.87 -22.04
N SER Y 9 -68.06 66.19 -21.11
CA SER Y 9 -67.01 65.24 -20.75
C SER Y 9 -67.58 63.97 -20.13
N TYR Y 10 -68.68 64.09 -19.39
CA TYR Y 10 -69.31 62.95 -18.76
C TYR Y 10 -69.99 62.01 -19.75
N ASP Y 11 -70.07 62.39 -21.02
CA ASP Y 11 -70.72 61.57 -22.04
C ASP Y 11 -69.76 60.95 -23.02
N GLN Y 12 -68.46 61.25 -22.94
CA GLN Y 12 -67.48 60.70 -23.87
C GLN Y 12 -67.39 59.19 -23.69
N ASN Y 13 -67.70 58.44 -24.73
CA ASN Y 13 -67.51 57.00 -24.71
C ASN Y 13 -66.04 56.62 -24.85
N GLY Y 14 -65.19 57.52 -25.32
CA GLY Y 14 -63.76 57.29 -25.42
C GLY Y 14 -63.02 58.15 -24.41
N LYS Y 15 -62.17 57.49 -23.62
CA LYS Y 15 -61.46 58.12 -22.52
C LYS Y 15 -59.99 58.27 -22.91
N LYS Y 16 -59.66 59.43 -23.50
CA LYS Y 16 -58.28 59.77 -23.83
C LYS Y 16 -57.61 60.43 -22.62
N LEU Y 17 -57.65 59.71 -21.51
CA LEU Y 17 -57.22 60.27 -20.24
C LEU Y 17 -55.74 60.62 -20.27
N SER Y 18 -55.35 61.51 -19.36
CA SER Y 18 -53.96 61.83 -19.14
C SER Y 18 -53.41 61.00 -17.99
N PHE Y 19 -52.09 60.97 -17.88
CA PHE Y 19 -51.44 60.15 -16.85
C PHE Y 19 -50.00 60.61 -16.70
N ALA Y 20 -49.58 60.83 -15.45
CA ALA Y 20 -48.23 61.29 -15.19
C ALA Y 20 -47.22 60.26 -15.66
N ASN Y 21 -46.16 60.74 -16.31
CA ASN Y 21 -45.11 59.87 -16.83
C ASN Y 21 -44.03 59.57 -15.79
N TRP Y 22 -44.36 59.68 -14.50
CA TRP Y 22 -43.41 59.42 -13.44
C TRP Y 22 -44.17 58.84 -12.24
N ILE Y 23 -43.42 58.53 -11.18
CA ILE Y 23 -43.99 58.10 -9.92
C ILE Y 23 -43.28 58.86 -8.80
N SER Y 24 -44.02 59.14 -7.73
CA SER Y 24 -43.49 59.90 -6.60
C SER Y 24 -43.17 58.91 -5.49
N VAL Y 25 -41.89 58.62 -5.30
CA VAL Y 25 -41.41 57.79 -4.21
C VAL Y 25 -40.48 58.63 -3.35
N LEU Y 26 -40.58 58.46 -2.04
CA LEU Y 26 -39.88 59.30 -1.09
C LEU Y 26 -39.29 58.56 0.10
N SER Y 27 -39.31 57.23 0.09
CA SER Y 27 -38.75 56.47 1.20
C SER Y 27 -37.24 56.72 1.28
N PRO Y 28 -36.72 57.21 2.40
CA PRO Y 28 -35.29 57.50 2.49
C PRO Y 28 -34.48 56.25 2.78
N GLN Y 29 -33.27 56.22 2.23
CA GLN Y 29 -32.37 55.07 2.35
C GLN Y 29 -30.94 55.54 2.57
N ASP Y 30 -30.76 56.53 3.47
CA ASP Y 30 -29.43 57.10 3.69
C ASP Y 30 -28.43 56.03 4.12
N THR Y 31 -28.68 55.39 5.26
CA THR Y 31 -27.79 54.35 5.79
C THR Y 31 -26.38 54.90 6.01
N PRO Y 32 -26.18 55.78 6.99
CA PRO Y 32 -24.83 56.33 7.23
C PRO Y 32 -23.92 55.37 8.00
N PHE Y 33 -24.50 54.58 8.88
CA PHE Y 33 -23.70 53.66 9.70
C PHE Y 33 -22.90 52.70 8.82
N VAL Y 34 -23.57 52.07 7.84
CA VAL Y 34 -22.89 51.13 6.97
C VAL Y 34 -21.82 51.84 6.16
N SER Y 35 -22.02 53.13 5.86
CA SER Y 35 -21.04 53.87 5.08
C SER Y 35 -19.82 54.23 5.92
N MET Y 36 -20.00 54.45 7.22
CA MET Y 36 -18.91 54.92 8.06
C MET Y 36 -18.14 53.79 8.73
N THR Y 37 -18.79 52.66 9.01
CA THR Y 37 -18.12 51.57 9.72
C THR Y 37 -17.07 50.90 8.83
N GLY Y 38 -17.50 50.35 7.70
CA GLY Y 38 -16.61 49.61 6.83
C GLY Y 38 -17.01 48.14 6.74
N LYS Y 39 -16.13 47.31 6.20
CA LYS Y 39 -16.43 45.88 6.08
C LYS Y 39 -15.13 45.12 5.91
N GLU Y 40 -15.24 43.79 6.01
CA GLU Y 40 -14.08 42.91 5.91
C GLU Y 40 -14.56 41.49 5.71
N SER Y 41 -13.94 40.77 4.78
CA SER Y 41 -14.38 39.42 4.46
C SER Y 41 -13.85 38.42 5.49
N ILE Y 42 -14.56 37.31 5.64
CA ILE Y 42 -14.20 36.24 6.56
C ILE Y 42 -14.42 34.91 5.85
N ASN Y 43 -14.16 33.81 6.56
CA ASN Y 43 -14.29 32.48 6.01
C ASN Y 43 -15.02 31.52 6.94
N GLN Y 44 -15.83 32.07 7.85
CA GLN Y 44 -16.60 31.25 8.79
C GLN Y 44 -17.87 32.00 9.16
N THR Y 45 -18.79 31.28 9.78
CA THR Y 45 -20.05 31.86 10.25
C THR Y 45 -19.97 32.36 11.67
N ILE Y 46 -19.10 31.78 12.50
CA ILE Y 46 -18.93 32.17 13.89
C ILE Y 46 -17.48 32.53 14.11
N PHE Y 47 -17.22 33.81 14.38
CA PHE Y 47 -15.87 34.32 14.60
C PHE Y 47 -15.79 34.89 16.01
N SER Y 48 -14.62 35.38 16.37
CA SER Y 48 -14.41 35.96 17.69
C SER Y 48 -13.06 36.66 17.70
N TRP Y 49 -12.85 37.45 18.75
CA TRP Y 49 -11.61 38.18 18.94
C TRP Y 49 -11.24 38.16 20.42
N GLN Y 50 -10.06 38.65 20.73
CA GLN Y 50 -9.55 38.69 22.09
C GLN Y 50 -9.58 40.12 22.63
N THR Y 51 -9.76 40.23 23.94
CA THR Y 51 -9.72 41.51 24.63
C THR Y 51 -8.94 41.35 25.92
N ASP Y 52 -8.20 42.39 26.31
CA ASP Y 52 -7.41 42.37 27.52
C ASP Y 52 -7.60 43.69 28.25
N ALA Y 53 -7.37 43.65 29.56
CA ALA Y 53 -7.49 44.83 30.40
C ALA Y 53 -6.50 44.73 31.54
N LEU Y 54 -5.81 45.83 31.82
CA LEU Y 54 -4.82 45.83 32.88
C LEU Y 54 -5.52 45.67 34.23
N ALA Y 55 -4.85 44.98 35.15
CA ALA Y 55 -5.40 44.78 36.48
C ALA Y 55 -5.63 46.13 37.15
N SER Y 56 -6.62 46.18 38.03
CA SER Y 56 -6.95 47.42 38.72
C SER Y 56 -5.75 47.93 39.50
N VAL Y 57 -5.54 49.25 39.44
CA VAL Y 57 -4.42 49.85 40.15
C VAL Y 57 -4.52 49.51 41.64
N ASP Y 58 -3.37 49.41 42.29
CA ASP Y 58 -3.31 48.99 43.69
C ASP Y 58 -3.45 50.18 44.63
N GLY Y 59 -2.55 51.16 44.50
CA GLY Y 59 -2.55 52.30 45.38
C GLY Y 59 -1.77 52.05 46.65
N ASN Y 60 -1.88 50.84 47.20
CA ASN Y 60 -1.13 50.42 48.38
C ASN Y 60 -0.04 49.44 48.01
N ASN Y 61 0.59 49.62 46.85
CA ASN Y 61 1.62 48.69 46.37
C ASN Y 61 2.91 48.86 47.16
N ALA Y 62 2.91 48.39 48.41
CA ALA Y 62 4.10 48.40 49.25
C ALA Y 62 4.53 46.97 49.54
N HIS Y 63 5.84 46.77 49.65
CA HIS Y 63 6.39 45.47 49.99
C HIS Y 63 7.53 45.67 50.98
N VAL Y 64 7.59 44.80 51.99
CA VAL Y 64 8.59 44.96 53.03
C VAL Y 64 9.97 44.63 52.48
N GLU Y 65 10.97 45.36 52.97
CA GLU Y 65 12.33 45.16 52.51
C GLU Y 65 12.84 43.78 52.92
N GLY Y 66 13.61 43.17 52.02
CA GLY Y 66 14.17 41.85 52.29
C GLY Y 66 13.13 40.77 52.51
N SER Y 67 11.93 40.96 51.96
CA SER Y 67 10.86 39.98 52.09
C SER Y 67 10.79 39.08 50.86
N ARG Y 68 10.12 37.94 51.03
CA ARG Y 68 9.95 37.00 49.93
C ARG Y 68 9.04 37.59 48.86
N ALA Y 69 9.24 37.13 47.63
CA ALA Y 69 8.46 37.59 46.49
C ALA Y 69 7.22 36.73 46.36
N GLU Y 70 6.06 37.37 46.28
CA GLU Y 70 4.81 36.64 46.19
C GLU Y 70 4.76 35.83 44.91
N ASP Y 71 3.76 34.95 44.80
CA ASP Y 71 3.63 34.13 43.62
C ASP Y 71 3.21 34.94 42.41
N GLY Y 72 2.55 36.07 42.62
CA GLY Y 72 2.16 36.94 41.53
C GLY Y 72 0.89 36.47 40.84
N GLU Y 73 -0.03 37.39 40.59
CA GLU Y 73 -1.30 37.06 39.96
C GLU Y 73 -1.29 37.44 38.50
N MET Y 74 -1.85 36.58 37.66
CA MET Y 74 -2.07 36.84 36.24
C MET Y 74 -3.56 36.83 35.97
N LYS Y 75 -3.92 37.29 34.77
CA LYS Y 75 -5.33 37.36 34.39
C LYS Y 75 -5.49 37.05 32.91
N PRO Y 76 -6.15 35.96 32.54
CA PRO Y 76 -6.31 35.62 31.12
C PRO Y 76 -7.07 36.70 30.39
N THR Y 77 -7.08 36.58 29.06
CA THR Y 77 -7.84 37.50 28.23
C THR Y 77 -9.31 37.08 28.21
N VAL Y 78 -10.12 37.82 27.46
CA VAL Y 78 -11.54 37.55 27.32
C VAL Y 78 -11.87 37.43 25.84
N ILE Y 79 -12.80 36.53 25.52
CA ILE Y 79 -13.16 36.22 24.14
C ILE Y 79 -14.63 36.54 23.94
N LYS Y 80 -14.90 37.52 23.09
CA LYS Y 80 -16.26 37.89 22.71
C LYS Y 80 -16.48 37.48 21.26
N SER Y 81 -17.35 36.49 21.05
CA SER Y 81 -17.65 35.96 19.73
C SER Y 81 -18.96 36.55 19.22
N ASN Y 82 -19.26 36.24 17.96
CA ASN Y 82 -20.48 36.72 17.32
C ASN Y 82 -20.85 35.76 16.19
N VAL Y 83 -22.13 35.70 15.91
CA VAL Y 83 -22.66 34.85 14.85
C VAL Y 83 -23.33 35.72 13.79
N THR Y 84 -23.25 35.26 12.55
CA THR Y 84 -23.80 36.01 11.43
C THR Y 84 -25.29 35.76 11.29
N GLN Y 85 -25.94 36.62 10.50
CA GLN Y 85 -27.36 36.51 10.21
C GLN Y 85 -27.57 36.54 8.71
N ILE Y 86 -28.63 35.89 8.26
CA ILE Y 86 -28.96 35.80 6.84
C ILE Y 86 -30.11 36.74 6.55
N LEU Y 87 -30.15 37.23 5.31
CA LEU Y 87 -31.19 38.14 4.85
C LEU Y 87 -31.70 37.64 3.51
N ARG Y 88 -33.02 37.55 3.37
CA ARG Y 88 -33.64 36.98 2.19
C ARG Y 88 -34.87 37.81 1.82
N LYS Y 89 -34.83 38.40 0.62
CA LYS Y 89 -35.96 39.14 0.07
C LYS Y 89 -36.31 38.52 -1.28
N VAL Y 90 -37.49 37.91 -1.35
CA VAL Y 90 -37.93 37.20 -2.54
C VAL Y 90 -39.12 37.93 -3.15
N VAL Y 91 -39.29 37.72 -4.46
CA VAL Y 91 -40.38 38.35 -5.20
C VAL Y 91 -40.83 37.38 -6.28
N ARG Y 92 -42.10 37.48 -6.67
CA ARG Y 92 -42.68 36.57 -7.66
C ARG Y 92 -43.75 37.31 -8.44
N VAL Y 93 -43.62 37.34 -9.76
CA VAL Y 93 -44.63 37.91 -10.64
C VAL Y 93 -44.75 37.02 -11.89
N SER Y 94 -45.98 36.86 -12.37
CA SER Y 94 -46.21 36.02 -13.54
C SER Y 94 -45.58 36.65 -14.77
N ASP Y 95 -45.35 35.80 -15.78
CA ASP Y 95 -44.78 36.31 -17.03
C ASP Y 95 -45.69 37.32 -17.70
N THR Y 96 -47.00 37.19 -17.49
CA THR Y 96 -47.94 38.16 -18.04
C THR Y 96 -47.61 39.56 -17.54
N ALA Y 97 -47.46 39.73 -16.23
CA ALA Y 97 -47.11 41.03 -15.68
C ALA Y 97 -45.75 41.50 -16.18
N ASN Y 98 -44.79 40.58 -16.28
CA ASN Y 98 -43.46 40.95 -16.75
C ASN Y 98 -43.49 41.47 -18.18
N THR Y 99 -44.38 40.94 -19.01
CA THR Y 99 -44.46 41.35 -20.40
C THR Y 99 -45.25 42.63 -20.62
N THR Y 100 -46.22 42.91 -19.75
CA THR Y 100 -46.99 44.14 -19.88
C THR Y 100 -46.09 45.36 -19.74
N ALA Y 101 -46.60 46.50 -20.16
CA ALA Y 101 -45.88 47.77 -20.11
C ALA Y 101 -46.78 48.78 -19.40
N ASN Y 102 -46.65 48.85 -18.07
CA ASN Y 102 -47.47 49.77 -17.30
C ASN Y 102 -47.09 51.21 -17.63
N TYR Y 103 -47.93 52.13 -17.16
CA TYR Y 103 -47.75 53.55 -17.40
C TYR Y 103 -46.94 54.14 -16.25
N GLY Y 104 -45.66 54.41 -16.50
CA GLY Y 104 -44.78 54.91 -15.48
C GLY Y 104 -43.64 53.96 -15.20
N ARG Y 105 -43.91 52.66 -15.27
CA ARG Y 105 -42.90 51.63 -15.14
C ARG Y 105 -42.43 51.17 -16.51
N GLY Y 106 -41.18 50.72 -16.58
CA GLY Y 106 -40.65 50.12 -17.77
C GLY Y 106 -40.84 48.62 -17.76
N ARG Y 107 -40.63 48.02 -16.59
CA ARG Y 107 -40.74 46.57 -16.44
C ARG Y 107 -40.99 46.27 -14.97
N GLU Y 108 -42.10 45.61 -14.67
CA GLU Y 108 -42.47 45.33 -13.28
C GLU Y 108 -41.43 44.50 -12.56
N LEU Y 109 -40.87 43.49 -13.22
CA LEU Y 109 -39.93 42.59 -12.55
C LEU Y 109 -38.74 43.35 -11.99
N MET Y 110 -38.01 44.08 -12.83
CA MET Y 110 -36.84 44.80 -12.37
C MET Y 110 -37.21 45.89 -11.37
N TYR Y 111 -38.37 46.51 -11.54
CA TYR Y 111 -38.80 47.54 -10.61
C TYR Y 111 -38.94 46.98 -9.20
N GLN Y 112 -39.71 45.89 -9.06
CA GLN Y 112 -39.84 45.27 -7.75
C GLN Y 112 -38.53 44.68 -7.25
N LEU Y 113 -37.68 44.22 -8.17
CA LEU Y 113 -36.37 43.70 -7.76
C LEU Y 113 -35.54 44.79 -7.09
N GLU Y 114 -35.50 45.97 -7.71
CA GLU Y 114 -34.76 47.08 -7.11
C GLU Y 114 -35.41 47.53 -5.80
N LYS Y 115 -36.74 47.56 -5.76
CA LYS Y 115 -37.42 47.90 -4.52
C LYS Y 115 -37.00 46.96 -3.40
N LYS Y 116 -36.94 45.67 -3.67
CA LYS Y 116 -36.55 44.71 -2.63
C LYS Y 116 -35.06 44.82 -2.32
N GLY Y 117 -34.23 45.13 -3.31
CA GLY Y 117 -32.81 45.29 -3.06
C GLY Y 117 -32.50 46.51 -2.22
N LYS Y 118 -33.40 47.49 -2.21
CA LYS Y 118 -33.27 48.63 -1.31
C LYS Y 118 -33.90 48.35 0.05
N GLU Y 119 -35.01 47.61 0.07
CA GLU Y 119 -35.64 47.25 1.33
C GLU Y 119 -34.75 46.37 2.17
N ILE Y 120 -33.97 45.48 1.54
CA ILE Y 120 -33.07 44.63 2.30
C ILE Y 120 -32.00 45.47 3.00
N LYS Y 121 -31.50 46.50 2.32
CA LYS Y 121 -30.51 47.37 2.94
C LYS Y 121 -31.11 48.19 4.07
N ARG Y 122 -32.36 48.66 3.88
CA ARG Y 122 -33.04 49.34 4.97
C ARG Y 122 -33.19 48.42 6.18
N ASP Y 123 -33.57 47.17 5.94
CA ASP Y 123 -33.70 46.22 7.04
C ASP Y 123 -32.35 45.97 7.72
N LEU Y 124 -31.28 45.86 6.92
CA LEU Y 124 -29.95 45.70 7.49
C LEU Y 124 -29.63 46.86 8.42
N GLU Y 125 -29.85 48.09 7.95
CA GLU Y 125 -29.56 49.25 8.78
C GLU Y 125 -30.41 49.26 10.04
N LYS Y 126 -31.65 48.80 9.94
CA LYS Y 126 -32.53 48.75 11.10
C LYS Y 126 -32.10 47.69 12.10
N ILE Y 127 -31.45 46.62 11.64
CA ILE Y 127 -31.08 45.53 12.53
C ILE Y 127 -29.84 45.88 13.34
N LEU Y 128 -28.82 46.47 12.70
CA LEU Y 128 -27.56 46.75 13.38
C LEU Y 128 -27.74 47.70 14.56
N LEU Y 129 -28.88 48.39 14.65
CA LEU Y 129 -29.15 49.31 15.74
C LEU Y 129 -30.30 48.86 16.63
N SER Y 130 -30.98 47.76 16.27
CA SER Y 130 -32.14 47.32 17.04
C SER Y 130 -31.77 46.78 18.41
N GLY Y 131 -30.51 46.47 18.64
CA GLY Y 131 -30.10 45.96 19.95
C GLY Y 131 -30.50 44.53 20.22
N GLN Y 132 -30.69 43.72 19.18
CA GLN Y 132 -31.06 42.33 19.40
C GLN Y 132 -29.93 41.57 20.08
N ALA Y 133 -30.23 40.35 20.48
CA ALA Y 133 -29.31 39.52 21.23
C ALA Y 133 -28.81 38.36 20.36
N ARG Y 134 -27.59 37.91 20.65
CA ARG Y 134 -27.04 36.75 19.96
C ARG Y 134 -27.93 35.54 20.20
N THR Y 135 -28.18 34.79 19.12
CA THR Y 135 -29.06 33.63 19.18
C THR Y 135 -28.43 32.49 18.40
N ASP Y 136 -28.22 31.36 19.07
CA ASP Y 136 -27.66 30.18 18.44
C ASP Y 136 -28.18 28.95 19.17
N VAL Y 137 -28.02 27.80 18.53
CA VAL Y 137 -28.49 26.52 19.06
C VAL Y 137 -27.33 25.70 19.62
N LEU Y 138 -26.24 26.35 20.00
CA LEU Y 138 -25.03 25.68 20.46
C LEU Y 138 -24.78 25.86 21.95
N ALA Y 139 -25.13 27.03 22.49
CA ALA Y 139 -25.00 27.29 23.93
C ALA Y 139 -23.54 27.17 24.38
N ASP Y 140 -22.73 28.08 23.84
CA ASP Y 140 -21.31 28.28 24.15
C ASP Y 140 -20.43 27.17 23.59
N GLN Y 141 -21.01 26.24 22.82
CA GLN Y 141 -20.25 25.15 22.21
C GLN Y 141 -19.87 25.48 20.77
N TYR Y 142 -19.67 26.77 20.48
CA TYR Y 142 -19.28 27.18 19.14
C TYR Y 142 -18.16 26.31 18.61
N LEU Y 143 -17.18 25.99 19.46
CA LEU Y 143 -16.03 25.19 19.07
C LEU Y 143 -16.05 23.91 19.89
N THR Y 144 -16.87 22.96 19.46
CA THR Y 144 -16.92 21.61 20.02
C THR Y 144 -16.72 20.53 18.98
N ASN Y 145 -17.34 20.68 17.80
CA ASN Y 145 -17.21 19.72 16.71
C ASN Y 145 -17.42 18.29 17.20
N SER Y 146 -18.23 18.12 18.24
CA SER Y 146 -18.47 16.82 18.87
C SER Y 146 -19.90 16.75 19.41
N ALA Y 147 -20.87 17.12 18.57
CA ALA Y 147 -22.27 17.01 18.96
C ALA Y 147 -22.56 15.62 19.53
N ALA Y 148 -23.04 15.59 20.76
CA ALA Y 148 -23.26 14.31 21.43
C ALA Y 148 -24.18 13.40 20.62
N ASP Y 149 -25.19 13.98 19.97
CA ASP Y 149 -26.16 13.22 19.22
C ASP Y 149 -26.65 14.07 18.07
N PRO Y 150 -27.45 13.49 17.16
CA PRO Y 150 -28.00 14.30 16.06
C PRO Y 150 -28.91 15.43 16.52
N ALA Y 151 -29.15 15.58 17.82
CA ALA Y 151 -29.95 16.69 18.32
C ALA Y 151 -29.37 18.06 17.97
N VAL Y 152 -28.09 18.12 17.60
CA VAL Y 152 -27.46 19.38 17.20
C VAL Y 152 -27.24 19.37 15.69
N ALA Y 153 -26.54 18.35 15.20
CA ALA Y 153 -26.24 18.19 13.79
C ALA Y 153 -27.21 17.20 13.15
N GLY Y 154 -27.48 17.40 11.87
CA GLY Y 154 -28.34 16.52 11.11
C GLY Y 154 -29.77 17.02 10.95
N LEU Y 155 -30.17 18.02 11.73
CA LEU Y 155 -31.49 18.61 11.56
C LEU Y 155 -31.56 19.31 10.21
N ASN Y 156 -32.57 18.97 9.43
CA ASN Y 156 -32.65 19.46 8.05
C ASN Y 156 -32.94 20.94 8.00
N ASP Y 157 -34.12 21.35 8.48
CA ASP Y 157 -34.52 22.75 8.52
C ASP Y 157 -35.10 23.18 9.85
N THR Y 158 -35.27 22.26 10.81
CA THR Y 158 -35.83 22.59 12.11
C THR Y 158 -34.92 23.45 12.95
N HIS Y 159 -33.73 23.79 12.45
CA HIS Y 159 -32.83 24.66 13.21
C HIS Y 159 -33.45 26.03 13.41
N ALA Y 160 -33.30 26.57 14.61
CA ALA Y 160 -33.83 27.89 14.91
C ALA Y 160 -33.05 28.96 14.16
N ALA Y 161 -33.56 30.18 14.22
CA ALA Y 161 -32.94 31.31 13.55
C ALA Y 161 -31.75 31.81 14.37
N ARG Y 162 -30.69 32.20 13.66
CA ARG Y 162 -29.50 32.75 14.31
C ARG Y 162 -29.56 34.27 14.25
N LYS Y 163 -29.14 34.92 15.33
CA LYS Y 163 -29.21 36.37 15.46
C LYS Y 163 -27.81 36.91 15.75
N THR Y 164 -27.47 38.04 15.15
CA THR Y 164 -26.16 38.63 15.34
C THR Y 164 -26.13 39.42 16.66
N GLY Y 165 -24.92 39.88 17.00
CA GLY Y 165 -24.74 40.74 18.14
C GLY Y 165 -24.93 42.20 17.77
N ALA Y 166 -26.02 42.80 18.22
CA ALA Y 166 -26.32 44.18 17.86
C ALA Y 166 -25.43 45.12 18.68
N PHE Y 167 -25.68 46.42 18.49
CA PHE Y 167 -24.92 47.43 19.22
C PHE Y 167 -25.03 47.23 20.73
N GLN Y 168 -26.27 47.17 21.23
CA GLN Y 168 -26.46 47.05 22.67
C GLN Y 168 -25.94 45.73 23.22
N PHE Y 169 -25.77 44.73 22.36
CA PHE Y 169 -25.29 43.43 22.83
C PHE Y 169 -23.76 43.40 22.87
N LEU Y 170 -23.11 43.89 21.81
CA LEU Y 170 -21.66 43.90 21.78
C LEU Y 170 -21.08 44.78 22.87
N CYS Y 171 -21.82 45.81 23.29
CA CYS Y 171 -21.38 46.68 24.36
C CYS Y 171 -21.65 46.02 25.72
N ALA Y 172 -21.48 46.79 26.79
CA ALA Y 172 -21.75 46.31 28.14
C ALA Y 172 -23.25 46.17 28.31
N HIS Y 173 -23.77 45.04 27.82
CA HIS Y 173 -25.21 44.82 27.79
C HIS Y 173 -25.83 45.05 29.17
N GLY Y 174 -25.22 44.47 30.21
CA GLY Y 174 -25.72 44.65 31.56
C GLY Y 174 -27.15 44.18 31.74
N GLY Y 175 -27.40 42.90 31.51
CA GLY Y 175 -28.71 42.34 31.71
C GLY Y 175 -29.55 42.28 30.45
N LEU Y 176 -30.16 41.12 30.19
CA LEU Y 176 -31.00 40.92 29.02
C LEU Y 176 -32.48 40.89 29.43
N ALA Y 177 -33.33 41.19 28.45
CA ALA Y 177 -34.77 41.17 28.63
C ALA Y 177 -35.45 40.34 27.55
N GLY Y 178 -34.83 39.24 27.15
CA GLY Y 178 -35.37 38.39 26.11
C GLY Y 178 -34.59 38.49 24.81
N GLY Y 179 -35.19 39.13 23.81
CA GLY Y 179 -34.54 39.29 22.52
C GLY Y 179 -33.70 40.54 22.41
N VAL Y 180 -34.07 41.58 23.17
CA VAL Y 180 -33.39 42.87 23.13
C VAL Y 180 -32.90 43.20 24.53
N VAL Y 181 -31.87 44.07 24.58
CA VAL Y 181 -31.29 44.45 25.86
C VAL Y 181 -32.29 45.30 26.65
N ASP Y 182 -32.16 45.26 27.97
CA ASP Y 182 -33.06 45.99 28.84
C ASP Y 182 -32.69 47.47 28.90
N LYS Y 183 -33.70 48.33 28.96
CA LYS Y 183 -33.52 49.78 29.02
C LYS Y 183 -33.67 50.33 30.44
N THR Y 184 -33.41 49.49 31.46
CA THR Y 184 -33.60 49.90 32.84
C THR Y 184 -32.44 49.48 33.73
N LYS Y 185 -31.34 48.99 33.17
CA LYS Y 185 -30.23 48.46 33.94
C LYS Y 185 -28.97 49.27 33.65
N ASN Y 186 -28.38 49.83 34.71
CA ASN Y 186 -27.08 50.47 34.58
C ASN Y 186 -26.03 49.42 34.29
N GLY Y 187 -25.19 49.69 33.29
CA GLY Y 187 -24.21 48.74 32.84
C GLY Y 187 -23.27 48.31 33.94
N PRO Y 188 -22.56 47.21 33.73
CA PRO Y 188 -21.56 46.77 34.70
C PRO Y 188 -20.31 47.65 34.64
N ALA Y 189 -19.54 47.61 35.72
CA ALA Y 189 -18.33 48.39 35.82
C ALA Y 189 -17.14 47.58 35.32
N ASP Y 190 -16.28 48.23 34.56
CA ASP Y 190 -15.09 47.57 34.05
C ASP Y 190 -14.21 47.14 35.22
N PRO Y 191 -13.59 45.95 35.16
CA PRO Y 191 -12.73 45.53 36.28
C PRO Y 191 -11.49 46.38 36.43
N ASP Y 192 -11.03 47.02 35.36
CA ASP Y 192 -9.82 47.83 35.44
C ASP Y 192 -10.08 49.13 36.18
N THR Y 193 -10.99 49.95 35.65
CA THR Y 193 -11.31 51.27 36.20
C THR Y 193 -12.79 51.30 36.57
N GLY Y 194 -13.18 52.35 37.28
CA GLY Y 194 -14.56 52.52 37.67
C GLY Y 194 -15.41 53.11 36.57
N ALA Y 195 -15.29 52.54 35.36
CA ALA Y 195 -16.04 53.02 34.21
C ALA Y 195 -17.38 52.30 34.11
N VAL Y 196 -18.40 53.07 33.71
CA VAL Y 196 -19.75 52.53 33.51
C VAL Y 196 -20.32 53.21 32.28
N THR Y 197 -20.34 52.49 31.16
CA THR Y 197 -20.80 53.04 29.89
C THR Y 197 -22.32 53.10 29.83
N VAL Y 198 -22.98 51.95 29.89
CA VAL Y 198 -24.44 51.89 29.78
C VAL Y 198 -25.04 52.48 31.05
N LYS Y 199 -25.78 53.58 30.88
CA LYS Y 199 -26.41 54.25 32.02
C LYS Y 199 -27.81 54.68 31.62
N VAL Y 200 -28.55 55.18 32.61
CA VAL Y 200 -29.92 55.65 32.43
C VAL Y 200 -30.05 56.96 33.20
N ALA Y 201 -30.57 57.99 32.54
CA ALA Y 201 -30.77 59.28 33.18
C ALA Y 201 -31.76 59.16 34.34
N GLN Y 202 -31.79 60.17 35.20
CA GLN Y 202 -32.65 60.16 36.36
C GLN Y 202 -34.03 60.75 36.10
N ASN Y 203 -34.18 61.58 35.06
CA ASN Y 203 -35.42 62.30 34.83
C ASN Y 203 -35.72 63.24 36.00
N ALA Y 204 -34.66 63.80 36.57
CA ALA Y 204 -34.78 64.70 37.71
C ALA Y 204 -34.87 66.16 37.25
N SER Y 205 -33.89 66.62 36.46
CA SER Y 205 -33.90 67.99 35.98
C SER Y 205 -35.07 68.22 35.03
N ASN Y 206 -35.09 67.49 33.92
CA ASN Y 206 -36.20 67.60 32.98
C ASN Y 206 -37.49 67.13 33.66
N PRO Y 207 -38.64 67.68 33.25
CA PRO Y 207 -39.91 67.29 33.88
C PRO Y 207 -40.32 65.87 33.57
N THR Y 208 -41.47 65.45 34.10
CA THR Y 208 -41.97 64.10 33.83
C THR Y 208 -42.51 63.97 32.41
N THR Y 209 -43.06 65.05 31.86
CA THR Y 209 -43.55 65.01 30.49
C THR Y 209 -42.44 64.62 29.53
N ASN Y 210 -41.29 65.29 29.62
CA ASN Y 210 -40.13 64.90 28.85
C ASN Y 210 -39.46 63.68 29.50
N ILE Y 211 -38.93 62.81 28.65
CA ILE Y 211 -38.20 61.64 29.12
C ILE Y 211 -36.77 61.59 28.62
N GLY Y 212 -36.34 62.53 27.78
CA GLY Y 212 -35.00 62.54 27.26
C GLY Y 212 -33.94 62.71 28.33
N PHE Y 213 -32.73 62.99 27.88
CA PHE Y 213 -31.57 63.12 28.74
C PHE Y 213 -31.27 64.60 28.98
N ASP Y 214 -30.20 64.88 29.70
CA ASP Y 214 -29.77 66.24 30.01
C ASP Y 214 -28.26 66.35 29.84
N GLU Y 215 -27.73 67.54 30.14
CA GLU Y 215 -26.29 67.76 29.99
C GLU Y 215 -25.49 66.97 31.02
N ALA Y 216 -26.02 66.85 32.23
CA ALA Y 216 -25.31 66.13 33.28
C ALA Y 216 -25.00 64.70 32.84
N ASP Y 217 -25.98 64.03 32.23
CA ASP Y 217 -25.78 62.65 31.79
C ASP Y 217 -24.79 62.60 30.64
N ILE Y 218 -24.91 63.52 29.68
CA ILE Y 218 -24.01 63.52 28.53
C ILE Y 218 -22.57 63.69 28.99
N PHE Y 219 -22.35 64.54 30.00
CA PHE Y 219 -20.99 64.78 30.46
C PHE Y 219 -20.49 63.68 31.37
N ASP Y 220 -21.36 63.07 32.18
CA ASP Y 220 -20.95 61.91 32.95
C ASP Y 220 -20.54 60.77 32.03
N MET Y 221 -21.24 60.62 30.90
CA MET Y 221 -20.87 59.59 29.94
C MET Y 221 -19.45 59.82 29.42
N THR Y 222 -19.14 61.07 29.05
CA THR Y 222 -17.80 61.38 28.58
C THR Y 222 -16.76 61.18 29.67
N LEU Y 223 -17.08 61.54 30.91
CA LEU Y 223 -16.17 61.29 32.01
C LEU Y 223 -15.85 59.81 32.14
N GLN Y 224 -16.90 58.97 32.10
CA GLN Y 224 -16.69 57.52 32.20
C GLN Y 224 -15.86 57.02 31.03
N LEU Y 225 -16.14 57.51 29.82
CA LEU Y 225 -15.36 57.08 28.66
C LEU Y 225 -13.89 57.46 28.81
N TYR Y 226 -13.62 58.69 29.25
CA TYR Y 226 -12.24 59.13 29.42
C TYR Y 226 -11.55 58.32 30.50
N THR Y 227 -12.27 57.98 31.57
CA THR Y 227 -11.69 57.15 32.62
C THR Y 227 -11.36 55.76 32.10
N ALA Y 228 -12.22 55.21 31.23
CA ALA Y 228 -11.93 53.92 30.61
C ALA Y 228 -10.83 54.04 29.58
N GLY Y 229 -10.77 55.16 28.87
CA GLY Y 229 -9.78 55.35 27.83
C GLY Y 229 -10.36 55.11 26.45
N SER Y 230 -11.62 55.52 26.26
CA SER Y 230 -12.30 55.39 24.99
C SER Y 230 -12.05 56.64 24.14
N GLU Y 231 -11.83 56.44 22.85
CA GLU Y 231 -11.48 57.52 21.93
C GLU Y 231 -12.65 57.90 21.03
N ALA Y 232 -13.88 57.68 21.50
CA ALA Y 232 -15.04 57.97 20.68
C ALA Y 232 -15.10 59.45 20.32
N ASP Y 233 -15.59 59.74 19.12
CA ASP Y 233 -15.70 61.11 18.64
C ASP Y 233 -16.97 61.34 17.84
N ILE Y 234 -17.92 60.42 17.87
CA ILE Y 234 -19.15 60.53 17.08
C ILE Y 234 -20.33 60.30 18.00
N ILE Y 235 -21.44 60.98 17.69
CA ILE Y 235 -22.68 60.87 18.46
C ILE Y 235 -23.81 60.70 17.46
N MET Y 236 -24.23 59.45 17.24
CA MET Y 236 -25.41 59.20 16.41
C MET Y 236 -26.65 59.39 17.25
N ILE Y 237 -27.55 60.26 16.78
CA ILE Y 237 -28.74 60.64 17.53
C ILE Y 237 -29.97 60.46 16.66
N ASN Y 238 -31.04 60.01 17.29
CA ASN Y 238 -32.32 59.94 16.58
C ASN Y 238 -32.89 61.34 16.41
N PRO Y 239 -33.48 61.64 15.25
CA PRO Y 239 -33.95 63.01 15.01
C PRO Y 239 -34.99 63.48 16.03
N ALA Y 240 -35.54 62.59 16.85
CA ALA Y 240 -36.52 62.97 17.84
C ALA Y 240 -35.91 63.50 19.12
N HIS Y 241 -34.58 63.61 19.19
CA HIS Y 241 -33.90 64.09 20.39
C HIS Y 241 -33.12 65.38 20.19
N ALA Y 242 -32.98 65.85 18.94
CA ALA Y 242 -32.22 67.08 18.70
C ALA Y 242 -32.88 68.29 19.33
N LYS Y 243 -34.18 68.21 19.66
CA LYS Y 243 -34.87 69.36 20.25
C LYS Y 243 -34.21 69.77 21.56
N ILE Y 244 -34.16 68.86 22.53
CA ILE Y 244 -33.49 69.17 23.79
C ILE Y 244 -32.00 69.38 23.56
N PHE Y 245 -31.42 68.64 22.62
CA PHE Y 245 -29.99 68.76 22.34
C PHE Y 245 -29.62 70.17 21.94
N ALA Y 246 -30.53 70.89 21.27
CA ALA Y 246 -30.27 72.28 20.91
C ALA Y 246 -30.74 73.23 22.01
N GLY Y 247 -31.87 72.94 22.64
CA GLY Y 247 -32.38 73.82 23.68
C GLY Y 247 -31.48 73.92 24.89
N LEU Y 248 -30.72 72.86 25.20
CA LEU Y 248 -29.82 72.90 26.35
C LEU Y 248 -28.71 73.92 26.15
N GLN Y 249 -28.47 74.34 24.91
CA GLN Y 249 -27.50 75.40 24.66
C GLN Y 249 -27.85 76.70 25.35
N GLU Y 250 -29.11 76.88 25.75
CA GLU Y 250 -29.58 78.12 26.33
C GLU Y 250 -30.68 77.79 27.34
N ASN Y 251 -31.43 78.81 27.75
CA ASN Y 251 -32.47 78.75 28.76
C ASN Y 251 -31.87 78.75 30.16
N THR Y 252 -30.54 78.72 30.28
CA THR Y 252 -29.88 78.83 31.58
C THR Y 252 -29.84 80.30 31.98
N GLN Y 253 -30.20 80.59 33.22
CA GLN Y 253 -30.32 81.97 33.66
C GLN Y 253 -29.00 82.70 33.52
N GLY Y 254 -28.91 83.60 32.56
CA GLY Y 254 -27.71 84.43 32.37
C GLY Y 254 -26.52 83.75 31.75
N SER Y 255 -26.22 82.51 32.13
CA SER Y 255 -24.99 81.86 31.69
C SER Y 255 -24.91 81.77 30.17
N ARG Y 256 -25.93 81.18 29.55
CA ARG Y 256 -25.93 80.95 28.11
C ARG Y 256 -27.16 81.57 27.47
N LYS Y 257 -26.99 82.01 26.23
CA LYS Y 257 -28.07 82.61 25.45
C LYS Y 257 -27.54 82.88 24.05
N ARG Y 258 -28.46 83.27 23.16
CA ARG Y 258 -28.13 83.61 21.78
C ARG Y 258 -28.17 85.13 21.60
N ILE Y 259 -27.66 85.58 20.46
CA ILE Y 259 -27.62 87.00 20.12
C ILE Y 259 -27.88 87.14 18.63
N PHE Y 260 -28.40 88.30 18.25
CA PHE Y 260 -28.76 88.61 16.87
C PHE Y 260 -28.31 90.01 16.49
N GLU Y 261 -27.01 90.27 16.68
CA GLU Y 261 -26.44 91.58 16.39
C GLU Y 261 -26.94 92.14 15.07
N ASN Y 262 -26.60 91.50 13.95
CA ASN Y 262 -27.03 91.95 12.63
C ASN Y 262 -27.30 90.72 11.78
N THR Y 263 -28.57 90.29 11.75
CA THR Y 263 -28.97 89.15 10.95
C THR Y 263 -30.48 88.96 10.95
N LYS Y 264 -31.00 88.34 9.89
CA LYS Y 264 -32.41 87.98 9.81
C LYS Y 264 -32.62 86.48 9.92
N GLN Y 265 -31.61 85.75 10.37
CA GLN Y 265 -31.63 84.29 10.40
C GLN Y 265 -31.70 83.82 11.84
N PHE Y 266 -32.72 83.03 12.15
CA PHE Y 266 -32.78 82.30 13.40
C PHE Y 266 -32.24 80.89 13.20
N ILE Y 267 -31.61 80.36 14.24
CA ILE Y 267 -31.00 79.04 14.16
C ILE Y 267 -31.19 78.34 15.50
N TYR Y 268 -31.57 77.07 15.45
CA TYR Y 268 -31.80 76.25 16.63
C TYR Y 268 -31.07 74.92 16.49
N GLU Y 269 -29.91 74.95 15.85
CA GLU Y 269 -29.18 73.74 15.50
C GLU Y 269 -27.86 73.67 16.24
N VAL Y 270 -27.41 72.45 16.50
CA VAL Y 270 -26.09 72.18 17.07
C VAL Y 270 -25.50 71.02 16.29
N ASN Y 271 -24.29 71.21 15.77
CA ASN Y 271 -23.63 70.21 14.95
C ASN Y 271 -22.38 69.64 15.58
N SER Y 272 -21.81 70.30 16.59
CA SER Y 272 -20.63 69.82 17.29
C SER Y 272 -20.80 70.10 18.77
N ILE Y 273 -19.84 69.61 19.56
CA ILE Y 273 -19.87 69.76 21.01
C ILE Y 273 -18.47 69.48 21.52
N THR Y 274 -18.10 70.16 22.59
CA THR Y 274 -16.77 70.00 23.18
C THR Y 274 -16.93 69.96 24.69
N ASP Y 275 -16.57 68.84 25.29
CA ASP Y 275 -16.69 68.66 26.72
C ASP Y 275 -15.51 69.32 27.44
N PRO Y 276 -15.66 69.61 28.73
CA PRO Y 276 -14.55 70.22 29.48
C PRO Y 276 -13.28 69.40 29.44
N LEU Y 277 -13.34 68.13 29.05
CA LEU Y 277 -12.15 67.30 28.95
C LEU Y 277 -11.42 67.49 27.63
N GLY Y 278 -12.04 68.19 26.67
CA GLY Y 278 -11.40 68.45 25.39
C GLY Y 278 -11.65 67.43 24.31
N GLN Y 279 -12.71 66.63 24.43
CA GLN Y 279 -13.05 65.60 23.45
C GLN Y 279 -14.15 66.15 22.55
N SER Y 280 -13.79 66.51 21.32
CA SER Y 280 -14.74 67.05 20.38
C SER Y 280 -15.55 65.93 19.75
N TYR Y 281 -16.88 66.03 19.83
CA TYR Y 281 -17.79 65.04 19.26
C TYR Y 281 -18.59 65.69 18.14
N LYS Y 282 -18.79 64.94 17.06
CA LYS Y 282 -19.65 65.36 15.96
C LYS Y 282 -21.03 64.71 16.10
N ILE Y 283 -22.04 65.39 15.58
CA ILE Y 283 -23.43 64.93 15.67
C ILE Y 283 -23.83 64.36 14.31
N ILE Y 284 -24.55 63.25 14.33
CA ILE Y 284 -25.04 62.60 13.13
C ILE Y 284 -26.45 62.11 13.38
N VAL Y 285 -27.39 62.54 12.54
CA VAL Y 285 -28.79 62.14 12.66
C VAL Y 285 -28.99 60.85 11.87
N ASN Y 286 -29.53 59.83 12.53
CA ASN Y 286 -29.83 58.55 11.91
C ASN Y 286 -31.29 58.24 12.13
N ARG Y 287 -32.05 58.18 11.04
CA ARG Y 287 -33.48 57.91 11.13
C ARG Y 287 -33.79 56.49 11.57
N TRP Y 288 -32.81 55.59 11.54
CA TRP Y 288 -33.05 54.18 11.79
C TRP Y 288 -32.61 53.73 13.18
N MET Y 289 -32.26 54.66 14.06
CA MET Y 289 -31.94 54.28 15.42
C MET Y 289 -33.23 54.16 16.25
N PRO Y 290 -33.17 53.46 17.38
CA PRO Y 290 -34.34 53.43 18.26
C PRO Y 290 -34.66 54.81 18.80
N THR Y 291 -35.90 54.98 19.23
CA THR Y 291 -36.39 56.26 19.74
C THR Y 291 -36.11 56.42 21.23
N ASP Y 292 -35.38 55.49 21.85
CA ASP Y 292 -35.08 55.54 23.27
C ASP Y 292 -33.64 55.11 23.52
N ALA Y 293 -32.72 55.62 22.69
CA ALA Y 293 -31.32 55.23 22.83
C ALA Y 293 -30.44 56.16 22.02
N VAL Y 294 -29.21 56.35 22.49
CA VAL Y 294 -28.20 57.15 21.81
C VAL Y 294 -26.87 56.45 21.94
N TYR Y 295 -26.08 56.48 20.88
CA TYR Y 295 -24.84 55.71 20.79
C TYR Y 295 -23.64 56.65 20.72
N PHE Y 296 -22.69 56.46 21.61
CA PHE Y 296 -21.41 57.16 21.59
C PHE Y 296 -20.34 56.14 21.22
N PHE Y 297 -19.73 56.31 20.05
CA PHE Y 297 -18.81 55.30 19.54
C PHE Y 297 -17.82 55.98 18.58
N ARG Y 298 -17.08 55.15 17.85
CA ARG Y 298 -16.06 55.62 16.92
C ARG Y 298 -16.22 54.90 15.59
N SER Y 299 -15.65 55.49 14.55
CA SER Y 299 -15.77 54.95 13.20
C SER Y 299 -14.86 53.77 12.93
N ALA Y 300 -13.87 53.51 13.79
CA ALA Y 300 -12.89 52.46 13.56
C ALA Y 300 -13.14 51.21 14.38
N ASP Y 301 -13.86 51.32 15.50
CA ASP Y 301 -14.11 50.17 16.35
C ASP Y 301 -15.20 49.25 15.81
N TRP Y 302 -15.74 49.52 14.62
CA TRP Y 302 -16.78 48.70 14.03
C TRP Y 302 -16.38 48.26 12.63
N THR Y 303 -16.90 47.09 12.23
CA THR Y 303 -16.64 46.56 10.91
C THR Y 303 -17.81 45.66 10.52
N GLN Y 304 -18.22 45.73 9.26
CA GLN Y 304 -19.32 44.93 8.73
C GLN Y 304 -18.73 43.63 8.20
N MET Y 305 -18.53 42.67 9.09
CA MET Y 305 -18.00 41.38 8.68
C MET Y 305 -18.98 40.69 7.74
N VAL Y 306 -18.47 40.24 6.60
CA VAL Y 306 -19.29 39.68 5.53
C VAL Y 306 -18.75 38.30 5.17
N LEU Y 307 -19.66 37.35 4.94
CA LEU Y 307 -19.33 36.03 4.45
C LEU Y 307 -19.86 35.76 3.05
N ARG Y 308 -21.07 36.20 2.75
CA ARG Y 308 -21.66 36.08 1.42
C ARG Y 308 -22.17 37.45 1.02
N ALA Y 309 -21.42 38.12 0.14
CA ALA Y 309 -21.77 39.47 -0.28
C ALA Y 309 -23.12 39.46 -0.98
N PRO Y 310 -23.78 40.62 -1.09
CA PRO Y 310 -25.08 40.66 -1.78
C PRO Y 310 -24.99 40.13 -3.20
N LYS Y 311 -25.72 39.05 -3.47
CA LYS Y 311 -25.74 38.43 -4.80
C LYS Y 311 -27.17 38.11 -5.17
N ARG Y 312 -27.57 38.52 -6.36
CA ARG Y 312 -28.89 38.18 -6.87
C ARG Y 312 -28.86 36.77 -7.46
N THR Y 313 -30.05 36.20 -7.60
CA THR Y 313 -30.15 34.81 -8.04
C THR Y 313 -31.50 34.60 -8.71
N GLU Y 314 -31.51 33.73 -9.72
CA GLU Y 314 -32.72 33.37 -10.46
C GLU Y 314 -33.07 31.94 -10.09
N LEU Y 315 -34.18 31.76 -9.38
CA LEU Y 315 -34.62 30.44 -8.95
C LEU Y 315 -35.35 29.73 -10.08
N ALA Y 316 -35.79 28.51 -9.81
CA ALA Y 316 -36.52 27.73 -10.79
C ALA Y 316 -37.83 28.45 -11.16
N LYS Y 317 -38.41 28.02 -12.28
CA LYS Y 317 -39.65 28.61 -12.77
C LYS Y 317 -40.86 27.75 -12.38
N ASP Y 318 -40.81 26.46 -12.71
CA ASP Y 318 -41.91 25.53 -12.41
C ASP Y 318 -43.21 25.99 -13.05
N GLY Y 319 -43.11 26.72 -14.16
CA GLY Y 319 -44.26 27.27 -14.82
C GLY Y 319 -43.98 28.66 -15.37
N SER Y 320 -44.89 29.60 -15.12
CA SER Y 320 -44.71 31.00 -15.49
C SER Y 320 -44.55 31.89 -14.26
N TYR Y 321 -43.90 31.36 -13.22
CA TYR Y 321 -43.79 32.09 -11.96
C TYR Y 321 -42.63 33.08 -11.99
N GLU Y 322 -41.44 32.62 -12.42
CA GLU Y 322 -40.26 33.46 -12.53
C GLU Y 322 -39.90 34.09 -11.17
N LYS Y 323 -39.51 33.23 -10.25
CA LYS Y 323 -39.13 33.65 -8.90
C LYS Y 323 -37.65 33.98 -8.86
N TRP Y 324 -37.30 35.03 -8.13
CA TRP Y 324 -35.92 35.45 -7.95
C TRP Y 324 -35.61 35.52 -6.46
N MET Y 325 -34.35 35.75 -6.13
CA MET Y 325 -33.92 35.75 -4.74
C MET Y 325 -32.69 36.62 -4.59
N ILE Y 326 -32.49 37.12 -3.38
CA ILE Y 326 -31.29 37.86 -3.00
C ILE Y 326 -30.84 37.33 -1.65
N GLU Y 327 -29.54 37.06 -1.52
CA GLU Y 327 -29.00 36.47 -0.31
C GLU Y 327 -27.89 37.36 0.25
N MET Y 328 -27.82 37.41 1.58
CA MET Y 328 -26.80 38.18 2.27
C MET Y 328 -26.49 37.51 3.59
N GLU Y 329 -25.21 37.49 3.95
CA GLU Y 329 -24.75 36.88 5.20
C GLU Y 329 -23.63 37.73 5.76
N VAL Y 330 -23.96 38.57 6.75
CA VAL Y 330 -23.01 39.48 7.37
C VAL Y 330 -23.05 39.29 8.88
N GLY Y 331 -22.27 40.10 9.59
CA GLY Y 331 -22.26 40.07 11.03
C GLY Y 331 -22.00 41.43 11.62
N LEU Y 332 -21.28 41.48 12.74
CA LEU Y 332 -20.94 42.74 13.38
C LEU Y 332 -19.89 42.48 14.44
N ARG Y 333 -18.94 43.40 14.57
CA ARG Y 333 -17.82 43.27 15.48
C ARG Y 333 -17.64 44.57 16.26
N HIS Y 334 -17.12 44.43 17.48
CA HIS Y 334 -16.82 45.57 18.34
C HIS Y 334 -15.55 45.26 19.10
N ARG Y 335 -14.51 46.07 18.91
CA ARG Y 335 -13.19 45.74 19.43
C ARG Y 335 -13.21 45.53 20.94
N ASN Y 336 -14.00 46.31 21.67
CA ASN Y 336 -14.09 46.16 23.11
C ASN Y 336 -15.40 46.73 23.63
N PRO Y 337 -16.16 45.98 24.42
CA PRO Y 337 -17.48 46.47 24.87
C PRO Y 337 -17.39 47.81 25.59
N TYR Y 338 -16.29 48.09 26.26
CA TYR Y 338 -16.10 49.36 26.96
C TYR Y 338 -15.49 50.43 26.06
N ALA Y 339 -15.36 50.17 24.76
CA ALA Y 339 -14.82 51.16 23.84
C ALA Y 339 -15.88 52.14 23.34
N SER Y 340 -17.13 51.97 23.74
CA SER Y 340 -18.20 52.85 23.29
C SER Y 340 -19.20 53.03 24.42
N GLY Y 341 -20.00 54.09 24.30
CA GLY Y 341 -20.95 54.43 25.33
C GLY Y 341 -22.37 54.48 24.79
N VAL Y 342 -23.32 54.19 25.68
CA VAL Y 342 -24.74 54.20 25.37
C VAL Y 342 -25.47 54.88 26.51
N LEU Y 343 -26.56 55.58 26.17
CA LEU Y 343 -27.36 56.32 27.15
C LEU Y 343 -28.83 56.08 26.85
N PHE Y 344 -29.53 55.50 27.81
CA PHE Y 344 -30.97 55.26 27.70
C PHE Y 344 -31.77 56.34 28.40
N THR Y 345 -33.02 56.47 28.01
CA THR Y 345 -33.92 57.48 28.55
C THR Y 345 -34.54 57.00 29.86
N ALA Y 346 -35.26 57.91 30.51
CA ALA Y 346 -35.89 57.63 31.80
C ALA Y 346 -37.15 58.46 31.94
N ALA Y 347 -38.26 57.82 32.26
CA ALA Y 347 -39.53 58.52 32.45
C ALA Y 347 -39.83 58.76 33.93
N GLY Y 348 -39.85 57.70 34.72
CA GLY Y 348 -40.12 57.81 36.14
C GLY Y 348 -39.09 57.08 36.99
#